data_7EGJ
#
_entry.id   7EGJ
#
_cell.length_a   1.00
_cell.length_b   1.00
_cell.length_c   1.00
_cell.angle_alpha   90.00
_cell.angle_beta   90.00
_cell.angle_gamma   90.00
#
_symmetry.space_group_name_H-M   'P 1'
#
loop_
_entity.id
_entity.type
_entity.pdbx_description
1 polymer 'Transcription initiation factor TFIID subunit 1'
2 polymer 'Transcription initiation factor TFIID subunit 2'
3 polymer 'Transcription initiation factor TFIID subunit 4'
4 polymer 'Transcription initiation factor TFIID subunit 5'
5 polymer 'Transcription initiation factor TFIID subunit 6'
6 polymer 'Transcription initiation factor TFIID subunit 7'
7 polymer 'Transcription initiation factor TFIID subunit 8'
8 polymer 'Transcription initiation factor TFIID subunit 9'
9 polymer 'Transcription initiation factor TFIID subunit 10'
10 polymer 'Transcription initiation factor TFIID subunit 12'
11 polymer 'Transcription initiation factor IIA subunit 2'
12 polymer 'TATA-box-binding protein'
13 polymer 'Transcription initiation factor IIA subunit 1'
14 polymer 'DNA (74-MER)'
15 polymer 'DNA (74-MER)'
16 polymer 'Transcription initiation factor TFIID subunit 3'
17 polymer 'Transcription initiation factor TFIID subunit 11'
18 polymer 'Transcription initiation factor TFIID subunit 13'
#
loop_
_entity_poly.entity_id
_entity_poly.type
_entity_poly.pdbx_seq_one_letter_code
_entity_poly.pdbx_strand_id
1 'polypeptide(L)'
;MGPGCDLLLRTAATITAAAIMSDTDSDEDSAGGGPFSLAGFLFGNINGAGQLEGESVLDDECKKHLAGLGALGLGSLITE
LTANEELTGTDGALVNDEGWVRSTEDAVDYSDINEVAEDESRRYQQTMGSLQPLCHSDYDEDDYDADCEDIDCKLMPPPP
PPPGPMKKDKDQDSITGEKVDFSSSSDSESEMGPQEATQAESEDGKLTLPLAGIMQHDATKLLPSVTELFPEFRPGKVLR
FLRLFGPGKNVPSVWRSARRKRKKKHRELIQEEQIQEVECSVESEVSQKSLWNYDYAPPPPPEQCLSDDEITMMAPVESK
FSQSTGDIDKVTDTKPRVAEWRYGPARLWYDMLGVPEDGSGFDYGFKLRKTEHEPVIKSRMIEEFRKLEENNGTDLLADE
NFLMVTQLHWEDDIIWDGEDVKHKGTKPQRASLAGWLPSSMTRNAMAYNVQQGFAATLDDDKPWYSIFPIDNEDLVYGRW
EDNIIWDAQAMPRLLEPPVLTLDPNDENLILEIPDEKEEATSNSPSKESKKESSLKKSRILLGKTGVIKEEPQQNMSQPE
VKDPWNLSNDEYYYPKQQGLRGTFGGNIIQHSIPAVELRQPFFPTHMGPIKLRQFHRPPLKKYSFGALSQPGPHSVQPLL
KHIKKKAKMREQERQASGGGEMFFMRTPQDLTGKDGDLILAEYSEENGPLMMQVGMATKIKNYYKRKPGKDPGAPDCKYG
ETVYCHTSPFLGSLHPGQLLQAFENNLFRAPIYLHKMPETDFLIIRTRQGYYIRELVDIFVVGQQCPLFEVPGPNSKRAN
THIRDFLQVFIYRLFWKSKDRPRRIRMEDIKKAFPSHSESSIRKRLKLCADFKRTGMDSNWWVLKSDFRLPTEEEIRAMV
SPEQCCAYYSMIAAEQRLKDAGYGEKSFFAPEEENEEDFQMKIDDEVRTAPWNTTRAFIAAMKGKCLLEVTGVADPTGCG
EGFSYVKIPNKPTQQKDDKEPQPVKKTVTGTDADLRRLSLKNAKQLLRKFGVPEEEIKKLSRWEVIDVVRTMSTEQARSG
EGPMSKFARGSRFSVAEHQERYKEECQRIFDLQNKVLSSTEVLSTDTDSSSAEDSDFEEMGKNIENMLQNKKTSSQLSRE
REEQERKELQRMLLAAGSAASGNNHRDDDTASVTSLNSSATGRCLKIYRTFRDEEGKEYVRCETVRKPAVIDAYVRIRTT
KDEEFIRKFALFDEQHREEMRKERRRIQEQLRRLKRNQEKEKLKGPPEKKPKKMKERPDLKLKCGACGAIGHMRTNKFCP
LYYQTNAPPSNPVAMTEEQEEELEKTVIHNDNEELIKVEGTKIVLGKQLIESADEVRRKSLVLKFPKQQLPPKKKRRVGT
TVHCDYLNRPHKSIHRRRTDPMVTLSSILESIINDMRDLPNTYPFHTPVNAKVVKDYYKIITRPMDLQTLRENVRKRLYP
SREEFREHLELIVKNSATYNGPKHSLTQISQSMLDLCDEKLKEKEDKLARLEKAINPLLDDDDQVAFSFILDNIVTQKMM
AVPDSWPFHHPVNKKFVPDYYKVIVNPMDLETIRKNISKHKYQSRESFLDDVNLILANSVKYNGPESQYTKTAQEIVNVC
YQTLTEYDEHLTQLEKDICTAKEAALEEAELESLDPMTPGPYTPQPPDLYDTNTSLSMSRDASVFQDESNMSVLDIPSAT
PEKQVTQEGEDGDGDLADEEEGTVQQPQASVLYEDLLMSEGEDDEEDAGSDEEGDNPFSAIQLSESGSDSDVGSGGIRPK
QPRMLQENTRMDMENEESMMSYEGDGGEASHGLEDSNISYGSYEEPDPKSNTQDTSFSSIGGYEVSEEEEDEEEEEQRSG
PSVLSQVHLSEDEEDSEDFHSIAGDSDLDSDE
;
A
2 'polypeptide(L)'
;MPLTGVEPARMNRKKGDKGFESPRPYKLTHQVVCINNINFQRKSVVGFVELTIFPTVANLNRIKLNSKQCRIYRVRINDL
EAAFIYNDPTLEVCHSESKQRNLNYFSNAYAAAVSAVDPDAGNGELCIKVPSELWKHVDELKVLKIHINFSLDQPKGGLH
FVVPSVEGSMAERGAHVFSCGYQNSTRFWFPCVDSYSELCTWKLEFTVDAAMVAVSNGDLVETVYTHDMRKKTFHYMLTI
PTAASNISLAIGPFEILVDPYMHEVTHFCLPQLLPLLKHTTSYLHEVFEFYEEILTCRYPYSCFKTVFIDEAYVEVAAYA
SMSIFSTNLLHSAMIIDETPLTRRCLAQSLAQQFFGCFISRMSWSDEWVLKGISGYIYGLWMKKTFGVNEYRHWIKEELD
KIVAYELKTGGVLLHPIFGGGKEKDNPASHLHFSIKHPHTLSWEYYSMFQCKAHLVMRLIENRISMEFMLQVFNKLLSLA
STASSQKFQSHMWSQMLVSTSGFLKSISNVSGKDIQPLIKQWVDQSGVVKFYGSFAFNRKRNVLELEIKQDYTSPGTQKY
VGPLKVTVQELDGSFNHTLQIEENSLKHDIPCHSKSRRNKKKKIPLMNGEEVDMDLSAMDADSPLLWIRIDPDMSVLRKV
EFEQADFMWQYQLRYERDVVAQQESILALEKFPTPASRLALTDILEQEQCFYRVRMSACFCLAKIANSMVSTWTGPPAMK
SLFTRMFCCKSCPNIVKTNNFMSFQSYFLQKTMPVAMALLRDVHNLCPKEVLTFILDLIKYNDNRKNKFSDNYYRAEMID
ALANSVTPAVSVNNEVRTLDNLNPDVRLILEEITRFLNMEKLLPSYRHTITVSCLRAIRVLQKNGHVPSDPALFKSYAEY
GHFVDIRIAALEAVVDYTKVDRSYEELQWLLNMIQNDPVPYVRHKILNMLTKNPPFTKNMESPLCNEALVDQLWKLMNSG
TSHDWRLRCGAVDLYFTLFGLSRPSCLPLPELGLVLNLKEKKAVLNPTIIPESVAGNQEAANNPSSHPQLVGFQNPFSSS
QDEEEIDMDTVHDSQAFISHHLNMLERPSTPGLSKYRPASSRSALIPQHSAGCDSTPTTKPQWSLELARKGTGKEQAPLE
MSMHPAASAPLSVFTKESTASKHSDHHHHHHHEHKKKKKKHKHKHKHKHKHDSKEKDKEPFTFSSPASGRSIRSPSLSD
;
B
3 'polypeptide(L)'
;MAAGSDLLDEVFFNSEVDEKVVSDLVGSLESQLAASAAHHHHLAPRTPEVRAAAAGALGNHVVSGSPAGAAGAGPAAPAE
GAPGAAPEPPPAGRARPGGGGPQRPGPPSPRRPLVPAGPAPPAAKLRPPPEGSAGSCAPVPAAAAVAAGPEPAPAGPAKP
AGPAALAARAGPGPGPGPGPGPGPGPGKPAGPGAAQTLNGSAALLNSHHAAAPAVSLVNNGPAALLPLPKPAAPGTVIQT
PPFVGAAAPPAPAAPSPPAAPAPAAPAAAPPPPPPAPATLARPPGHPAGPPTAAPAVPPPAAAQNGGSAGAAPAPAPAAG
GPAGVSGQPGPGAAAAAPAPGVKAESPKRVVQAAPPAAQTLAASGPASTAASMVIGPTMQGALPSPAAVPPPAPGTPTGL
PKGAAGAVTQSLSRTPTATTSGIRATLTPTVLAPRLPQPPQNPTNIQNFQLPPGMVLVRSENGQLLMIPQQALAQMQAQA
HAQPQTTMAPRPATPTSAPPVQISTVQAPGTPIIARQVTPTTIIKQVSQAQTTVQPSATLQRSPGVQPQLVLGGAAQTAS
LGTATAVQTGTPQRTVPGATTTSSAATETMENVKKCKNFLSTLIKLASSGKQSTETAANVKELVQNLLDGKIEAEDFTSR
LYRELNSSPQPYLVPFLKRSLPALRQLTPDSAAFIQQSQQQPPPPTSQATTALTAVVLSSSVQRTAGKTAATVTSALQPP
VLSLTQPTQVGVGKQGQPTPLVIQQPPKPGALIRPPQVTLTQTPMVALRQPHNRIMLTTPQQIQLNPLQPVPVVKPAVLP
GTKALSAVSAQAAAAQKNKLKEPGGGSFRDDDDINDVASMAGVNLSEESARILATNSELVGTLTRSCKDETFLLQAPLQR
RILEIGKKHGITELHPDVVSYVSHATQQRLQNLVEKISETAQQKNFSYKDDDRYEQASDVRAQLKFFEQLDQIEKQRKDE
QEREILMRAAKSRSRQEDPEQLRLKQKAKEMQQQELAQMRQRDANLTALAAIGPRKKRKVDCPGPGSGAEGSGPGSVVPG
SSGVGTPRQFTRQRITRVNLRDLIFCLENERETSHSLLLYKAFLK
;
D,d
4 'polypeptide(L)'
;MAALAEEQTEVAVKLEPEGPPTLLPPQAGDGAGEGSGGTTNNGPNGGGGNVAASSSTGGDGGTPKPTVAVSAAAPAGAAP
VPAAAPDAGAPHDRQTLLAVLQFLRQSKLREAEEALRREAGLLEEAVAGSGAPGEVDSAGAEVTSALLSRVTASAPGPAA
PDPPGTGASGATVVSGSASGPAAPGKVGSVAVEDQPDVSAVLSAYNQQGDPTMYEEYYSGLKHFIECSLDCHRAELSQLF
YPLFVHMYLELVYNQHENEAKSFFEKFHGDQECYYQDDLRVLSSLTKKEHMKGNETMLDFRTSKFVLRISRDSYQLLKRH
LQEKQNNQIWNIVQEHLYIDIFDGMPRSKQQIDAMVGSLAGEAKREANKSKVFFGLLKEPEIEVPLDDEDEEGENEEGKP
KKKKPKKDSIGSKSKKQDPNAPPQNRIPLPELKDSDKLDKIMNMKETTKRVRLGPDCLPSICFYTFLNAYQGLTAVDVTD
DSSLIAGGFADSTVRVWSVTPKKLRSVKQASDLSLIDKESDDVLERIMDEKTASELKILYGHSGPVYGASFSPDRNYLLS
SSEDGTVRLWSLQTFTCLVGYKGHNYPVWDTQFSPYGYYFVSGGHDRVARLWATDHYQPLRIFAGHLADVNCTRFHPNSN
YVATGSADRTVRLWDVLNGNCVRIFTGHKGPIHSLTFSPNGRFLATGATDGRVLLWDIGHGLMVGELKGHTDTVCSLRFS
RDGEILASGSMDNTVRLWDAIKAFEDLETDDFTTATGHINLPENSQELLLGTYMTKSTPVVHLHFTRRNLVLAAGAYSPQ
;
E,e
5 'polypeptide(L)'
;MAEEKKLKLSNTVLPSESMKVVAESMGIAQIQEETCQLLTDEVSYRIKEIAQDALKFMHMGKRQKLTTSDIDYALKLKNV
EPLYGFHAQEFIPFRFASGGGRELYFYEEKEVDLSDIINTPLPRVPLDVCLKAHWLSIEGCQPAIPENPPPAPKEQQKAE
ATEPLKSAKPGQEEDGPLKGKGQGATTADGKGKEKKAPPLLEGAPLRLKPRSIHELSVEQQLYYKEITEACVGSCEAKRA
EALQSIATDPGLYQMLPRFSTFISEGVRVNVVQNNLALLIYLMRMVKALMDNPTLYLEKYVHELIPAVMTCIVSRQLCLR
PDVDNHWALRDFAARLVAQICKHFSTTTNNIQSRITKTFTKSWVDEKTPWTTRYGSIAGLAELGHDVIKTLILPRLQQEG
ERIRSVLDGPVLSNIDRIGADHVQSLLLKHCAPVLAKLRPPPDNQDAYRAEFGSLGPLLCSQVVKARAQAALQAQQVNRT
TLTITQPRPTLTLSQAPQPGPRTPGLLKVPGSIALPVQTLVSARAAAPPQPSPPPTKFIVMSSSSSAPSTQQVLSLSTSA
PGSGSTTTSPVTTTVPSVQPIVKLVSTATTAPPSTAPSGPGSVQKYIVVSLPPTGEGKGGPTSHPSPVPPPASSPSPLSG
SALCGGKQEAGDSPPPAPGTPKANGSQPNSGSPQPAP
;
F,f
6 'polypeptide(L)'
;MSKSKDDAPHELESQFILRLPPEYASTVRRAVQSGHVNLKDRLTIELHPDGRHGIVRVDRVPLASKLVDLPCVMESLKTI
DKKTFYKTADICQMLVSTVDGDLYPPVEEPVASTDPKASKKKDKDKEKKFIWNHGITLPLKNVRKRRFRKTAKKKYIESP
DVEKEVKRLLSTDAEAVSTRWEIIAEDETKEAENQGLDISSPGMSGHRQGHDSLEHDELREIFNDLSSSSEDEDETQHQD
EEDINIIDTEEDLERQLQDKLNESDEQHQENEGTNQLVMGIQKQIDNMKGKLQETQDRAKRQEDLIMKVENLALKNRFQA
VLDELKQKEDREKEQLSSLQEELESLLEK
;
G
7 'polypeptide(L)'
;MADAAATAGAGGSGTRSGSKQSTNPADNYHLARRRTLQVVVSSLLTEAGFESAEKASVETLTEMLQSYISEIGRSAKSYC
EHTARTQPTLSDIVVTLVEMGFNVDTLPAYAKRSQRMVITAPPVTNQPVTPKALTAGQNRPHPPHIPSHFPEFPDPHTYI
KTPTYREPVSDYQVLREKAASQRRDVERALTRFMAKTGETQSLFKDDVSTFPLIAARPFTIPYLTALLPSELEMQQMEET
DSSEQDEQTDTENLALHISMEDSGAEKENTSVLQQNPSLSGSRNGEENIIDNPYLRPVKKPKIRRKKSLS
;
H
8 'polypeptide(L)'
;MESGKTASPKSMPKDAQMMAQILKDMGITEYEPRVINQMLEFAFRYVTTILDDAKIYSSHAKKATVDADDVRLAIQCRAD
QSFTSPPPRDFLLDIARQRNQTPLPLIKPYSGPRLPPDRYCLTAPNYRLKSLQKKASTSAGRITVPRLSVGSVTSRPSTP
TLGTPTPQTMSVSTKVGTPMSLTGQRFTVQMPTSQSPAVKASIPATSAVQNVLINPSLIGSKNILITTNMMSSQNTANES
SNALKRKREDDDDDDDDDDDYDNL
;
I,i
9 'polypeptide(L)'
;MSCSGSGADPEAAPASAASAPGPAPPVSAPAALPSSTAAENKASPAGTAGGPGAGAAAGGTGPLAARAGEPAERRGAAPV
SAGGAAPPEGAISNGVYVLPSAANGDVKPVVSSTPLVDFLMQLEDYTPTIPDAVTGYYLNRAGFEASDPRIIRLISLAAQ
KFISDIANDALQHCKMKGTASGSSRSKSKDRKYTLTMEDLTPALSEYGINVKKPHYFT
;
J,j
10 'polypeptide(L)'
;MNQFGPSALINLSNFSSIKPEPASTPPQGSMANSTAVVKIPGTPGAGGRLSPENNQVLTKKKLQDLVREVDPNEQLDEDV
EEMLLQIADDFIESVVTAACQLARHRKSSTLEVKDVQLHLERQWNMWIPGFGSEEIRPYKKACTTEAHKQRMALIRKTTK
K
;
L,l
11 'polypeptide(L)'
;MAYQLYRNTTLGNSLQESLDELIQSQQITPQLALQVLLQFDKAINAALAQRVRNRVNFRGSLNTYRFCDNVWTFVLNDVE
FREVTELIKVDKVKIVACDGKNTGSNTTE
;
O
12 'polypeptide(L)'
;MDQNNSLPPYAQGLASPQGAMTPGIPIFSPMMPYGTGLTPQPIQNTNSLSILEEQQRQQQQQQQQQQQQQQQQQQQQQQQ
QQQQQQQQQQQQQQQAVAAAAVQQSTSQQATQGTSGQAPQLFHSQTLTTAPLPGTTPLYPSPMTPMTPITPATPASESSG
IVPQLQNIVSTVNLGCKLDLKTIALRARNAEYNPKRFAAVIMRIREPRTTALIFSSGKMVCTGAKSEEQSRLAARKYARV
VQKLGFPAKFLDFKIQNMVGSCDVKFPIRLEGLVLTHQQFSSYEPELFPGLIYRMIKPRIVLLIFVSGKVVLTGAKVRAE
IYEAFENIYPILKGFRKTT
;
P
13 'polypeptide(L)'
;MANSANTNTVPKLYRSVIEDVINDVRDIFLDDGVDEQVLMELKTLWENKLMQSRAVDGFHSEEQQLLLQVQQQHQPQQQQ
HHHHHHHQQAQPQQTVPQQAQTQQVLIPASQQATAPQVIVPDSKLIQHMNASNMSAAATAATLALPAGVTPVQQILTNSG
QLLQVVRAANGAQYIFQPQQSVVLQQQVIPQMQPGGVQAPVIQQVLAPLPGGISPQTGVIIQPQQILFTGNKTQVIPTTV
AAPTPAQAQITATGQQQPQAQPAQTQAPLVLQVDGTGDTSSEEDEDEEEDYDDDEEEDKEKDGAEDGQVEEEPLNSEDDV
SDEEGQELFDTENVVVCQYDKIHRSKNKWKFHLKDGIMNLNGRDYIFSKAIGDAEW
;
Q
14 'polydeoxyribonucleotide'
;(DC)(DC)(DT)(DA)(DT)(DA)(DA)(DA)(DA)(DG)(DG)(DG)(DG)(DG)(DT)(DG)(DG)(DG)(DG)(DG)
(DC)(DG)(DC)(DG)(DT)(DT)(DC)(DG)(DT)(DC)(DC)(DT)(DC)(DA)(DG)(DT)(DC)(DG)(DC)(DG)
(DA)(DT)(DC)(DG)(DA)(DA)(DC)(DA)(DC)(DT)(DC)(DG)(DA)(DG)(DC)(DC)(DG)(DA)(DG)(DC)
(DA)(DG)(DA)(DC)(DG)(DT)(DG)(DC)(DC)(DT)(DA)(DC)(DG)(DG)
;
X
15 'polydeoxyribonucleotide'
;(DC)(DC)(DG)(DT)(DA)(DG)(DG)(DC)(DA)(DC)(DG)(DT)(DC)(DT)(DG)(DC)(DT)(DC)(DG)(DG)
(DC)(DT)(DC)(DG)(DA)(DG)(DT)(DG)(DT)(DT)(DC)(DG)(DA)(DT)(DC)(DG)(DC)(DG)(DA)(DC)
(DT)(DG)(DA)(DG)(DG)(DA)(DC)(DG)(DA)(DA)(DC)(DG)(DC)(DG)(DC)(DC)(DC)(DC)(DC)(DA)
(DC)(DC)(DC)(DC)(DC)(DT)(DT)(DT)(DT)(DA)(DT)(DA)(DG)(DG)
;
Y
16 'polypeptide(L)'
;MCESYSRSLLRVSVAQICQALGWDSVQLSACHLLTDVLQRYLQQLGRGCHRYSELYGRTDPILDDVGEAFQLMGVSLHEL
EDYIHNIEPVTFPHQIPSFPVSKNNVLQFPQPGSKDAEERKEYIPDYLPPIVSSQEEEEEEQVPTDGGTSAEAMQVPLEE
DDELEEEEIINDENFLGKRPLDSPEAEELPAMKRPRLLSTKGDTLDVVLLEAREPLSSINTQKIPPMLSPVHVQDSTDLA
PPSPEPPMLAPVAKSQMPTAKPLETKSFTPKTKTKTSSPGQKTKSPKTAQSPAMVGSPIRSPKTVSKEKKSPGRSKSPKS
PKSPKVTTHIPQTPVRPETPNRTPSATLSEKISKETIQVKQIQTPPDAGKLNSENQPKKAVVADKTIEASIDAVIARACA
EREPDPFEFSSGSESEGDIFTSPKRISGPECTTPKASTSANNFTKSGSTPLPLSGGTSSSDNSWTMDASIDEVVRKAKLG
TPSNMPPNFPYISSPSVSPPTPEPLHKVYEEKTKLPSSVEVKKKLKKELKTKMKKKEKQRDREREKDKNKDKSKEKDKVK
EKEKDKETGRETKYPWKEFLKEEEADPYKFKIKEFEDVDPKVKLKDGLVRKEKEKHKDKKKDREKGKKDKDKREKEKVKD
KGREDKMKAPAPPLVLPPKELALPLFSPATASRVPAMLPSLLPVLPEKLFEEKEKVKEKEKKKDKKEKKKKKEKEKEKKE
KEREKEKREREKREKEKEKHKHEKIKVEPVALAPSPVIPRLTLRVGAGQDKIVISKVVPAPEAKPAPSQNRPKTPPPAPA
PAPGPMLVSPAPVPLPLLAQAAAGPALLPSPGPAASGASAKAPVRSVVTETVSTYVIRDEWGNQIWICPGCNKPDDGSPM
IGCDDCDDWYHWPCVGIMTAPPEEMQWFCPKCANKKKDKKHKKRKHRAH
;
c
17 'polypeptide(L)'
;MDDAHESPSDKGGETGESDETAAVPGDPGATDTDGIPEETDGDADVDLKEAAAEEGELESQDVSDLTTVEREDSSLLNPA
AKKLKIDTKEKKEKKQKVDEDEIQKMQILVSSFSEEQLNRYEMYRRSAFPKAAIKRLIQSITGTSVSQNVVIAMSGISKV
FVGEVVEEALDVCEKWGEMPPLQPKHMREAVRRLKSKGQIPNSKHKKIIFF
;
k
18 'polypeptide(L)'
;MADEEEDPTFEEENEEIGGGAEGGQGKRKRLFSKELRCMMYGFGDDQNPYTESVDILEDLVIEFITEMTHKAMSIGRQGR
VQVEDIVFLIRKDPRKFARVKDLLTMNEELKRARKAFDEANYGS
;
m
#
loop_
_chem_comp.id
_chem_comp.type
_chem_comp.name
_chem_comp.formula
DA DNA linking 2'-DEOXYADENOSINE-5'-MONOPHOSPHATE 'C10 H14 N5 O6 P'
DC DNA linking 2'-DEOXYCYTIDINE-5'-MONOPHOSPHATE 'C9 H14 N3 O7 P'
DG DNA linking 2'-DEOXYGUANOSINE-5'-MONOPHOSPHATE 'C10 H14 N5 O7 P'
DT DNA linking THYMIDINE-5'-MONOPHOSPHATE 'C10 H15 N2 O8 P'
#
# COMPACT_ATOMS: atom_id res chain seq x y z
N TRP A 341 -21.77 -0.15 -9.75
CA TRP A 341 -21.48 1.29 -9.51
C TRP A 341 -22.74 2.12 -9.73
N ARG A 342 -23.23 2.78 -8.68
CA ARG A 342 -24.47 3.60 -8.77
C ARG A 342 -24.29 4.77 -9.73
N TYR A 343 -23.12 5.43 -9.72
CA TYR A 343 -22.95 6.66 -10.54
C TYR A 343 -22.45 6.37 -11.96
N GLY A 344 -22.18 5.10 -12.29
CA GLY A 344 -21.59 4.78 -13.61
C GLY A 344 -22.63 4.75 -14.73
N PRO A 345 -22.35 4.06 -15.87
CA PRO A 345 -23.34 3.91 -16.92
C PRO A 345 -24.51 3.16 -16.29
N ALA A 346 -25.76 3.51 -16.65
CA ALA A 346 -26.98 2.91 -16.04
C ALA A 346 -27.35 3.64 -14.75
N ARG A 347 -26.70 4.77 -14.44
CA ARG A 347 -27.08 5.59 -13.26
C ARG A 347 -28.55 5.99 -13.43
N LEU A 348 -29.01 6.23 -14.67
CA LEU A 348 -30.41 6.70 -14.84
C LEU A 348 -31.34 5.63 -14.29
N TRP A 349 -31.09 4.37 -14.65
CA TRP A 349 -31.93 3.25 -14.15
C TRP A 349 -31.80 3.21 -12.63
N TYR A 350 -30.58 3.35 -12.12
CA TYR A 350 -30.43 3.22 -10.64
C TYR A 350 -31.24 4.33 -9.94
N ASP A 351 -31.19 5.57 -10.44
CA ASP A 351 -31.92 6.71 -9.83
C ASP A 351 -33.43 6.48 -9.93
N MET A 352 -33.90 5.98 -11.06
CA MET A 352 -35.36 5.71 -11.24
C MET A 352 -35.77 4.68 -10.20
N LEU A 353 -34.92 3.66 -9.98
CA LEU A 353 -35.23 2.62 -8.96
C LEU A 353 -35.13 3.24 -7.56
N GLY A 354 -34.27 4.26 -7.39
CA GLY A 354 -34.00 4.77 -6.04
C GLY A 354 -33.17 3.84 -5.17
N VAL A 355 -31.99 3.38 -5.62
CA VAL A 355 -31.09 2.59 -4.74
C VAL A 355 -29.83 3.41 -4.50
N PRO A 356 -29.52 3.88 -3.27
CA PRO A 356 -28.37 4.79 -3.06
C PRO A 356 -27.03 4.38 -2.44
N GLU A 357 -26.79 3.10 -2.19
CA GLU A 357 -25.53 2.72 -1.49
C GLU A 357 -24.37 3.25 -2.33
N ASP A 358 -23.42 3.94 -1.70
CA ASP A 358 -22.32 4.61 -2.45
C ASP A 358 -22.92 5.82 -3.18
N ASP A 395 -34.04 -36.04 -27.90
CA ASP A 395 -33.55 -36.46 -29.23
C ASP A 395 -33.47 -35.26 -30.18
N LEU A 396 -34.18 -34.17 -29.87
CA LEU A 396 -34.06 -32.93 -30.68
C LEU A 396 -32.96 -32.14 -30.01
N LEU A 397 -32.45 -32.64 -28.90
CA LEU A 397 -31.35 -31.97 -28.18
C LEU A 397 -30.05 -32.69 -28.53
N ALA A 398 -30.09 -33.59 -29.49
CA ALA A 398 -28.89 -34.31 -29.96
C ALA A 398 -27.92 -33.29 -30.54
N ASP A 399 -26.62 -33.53 -30.42
CA ASP A 399 -25.65 -32.49 -30.85
C ASP A 399 -25.80 -32.19 -32.34
N GLU A 400 -26.10 -33.19 -33.16
CA GLU A 400 -26.13 -32.96 -34.61
C GLU A 400 -27.19 -31.92 -34.96
N ASN A 401 -28.31 -31.92 -34.26
CA ASN A 401 -29.38 -31.00 -34.69
C ASN A 401 -28.78 -29.60 -34.74
N PHE A 402 -27.88 -29.28 -33.81
CA PHE A 402 -27.33 -27.91 -33.70
C PHE A 402 -26.08 -27.64 -34.56
N LEU A 403 -25.58 -28.61 -35.31
CA LEU A 403 -24.44 -28.37 -36.23
C LEU A 403 -24.97 -27.52 -37.37
N MET A 404 -24.26 -26.47 -37.76
CA MET A 404 -24.84 -25.53 -38.73
C MET A 404 -24.94 -26.07 -40.13
N VAL A 405 -24.57 -27.30 -40.44
CA VAL A 405 -24.90 -27.86 -41.79
C VAL A 405 -26.39 -28.15 -41.82
N THR A 406 -26.97 -28.52 -40.67
CA THR A 406 -28.39 -28.93 -40.60
C THR A 406 -29.26 -27.76 -40.22
N GLN A 407 -28.74 -26.55 -40.18
CA GLN A 407 -29.50 -25.39 -39.68
C GLN A 407 -29.18 -24.19 -40.52
N LEU A 408 -28.58 -24.37 -41.67
CA LEU A 408 -28.21 -23.17 -42.43
C LEU A 408 -28.51 -23.39 -43.91
N HIS A 409 -29.08 -22.39 -44.55
CA HIS A 409 -29.40 -22.52 -45.99
C HIS A 409 -28.11 -22.21 -46.72
N TRP A 410 -27.16 -23.15 -46.69
CA TRP A 410 -25.84 -22.92 -47.28
C TRP A 410 -25.88 -23.04 -48.78
N GLU A 411 -27.01 -23.42 -49.33
CA GLU A 411 -27.16 -23.51 -50.78
C GLU A 411 -27.06 -22.10 -51.33
N ASP A 412 -27.55 -21.11 -50.59
CA ASP A 412 -27.57 -19.71 -51.10
C ASP A 412 -26.16 -19.23 -51.36
N ASP A 413 -25.21 -19.78 -50.63
CA ASP A 413 -23.79 -19.38 -50.80
C ASP A 413 -23.26 -19.81 -52.17
N ILE A 414 -23.64 -20.98 -52.70
CA ILE A 414 -23.01 -21.48 -53.96
C ILE A 414 -23.04 -20.36 -54.97
N ILE A 415 -21.90 -19.98 -55.55
CA ILE A 415 -21.87 -18.79 -56.47
C ILE A 415 -22.14 -19.27 -57.89
N TRP A 416 -23.26 -18.83 -58.47
CA TRP A 416 -23.64 -19.25 -59.85
C TRP A 416 -23.51 -18.00 -60.72
N ASP A 417 -22.75 -18.06 -61.81
CA ASP A 417 -22.71 -16.91 -62.77
C ASP A 417 -22.42 -15.63 -61.99
N GLY A 418 -21.45 -15.65 -61.10
CA GLY A 418 -21.28 -14.45 -60.27
C GLY A 418 -20.82 -13.29 -61.12
N GLU A 419 -21.09 -12.05 -60.67
CA GLU A 419 -20.74 -10.83 -61.44
C GLU A 419 -21.47 -9.68 -60.76
N PRO A 463 5.01 -15.14 -37.58
CA PRO A 463 3.95 -14.33 -37.03
C PRO A 463 4.17 -13.90 -35.57
N TRP A 464 5.16 -13.06 -35.30
CA TRP A 464 5.49 -12.66 -33.92
C TRP A 464 4.28 -12.00 -33.28
N TYR A 465 3.56 -11.15 -34.01
CA TYR A 465 2.28 -10.61 -33.49
C TYR A 465 1.18 -11.35 -34.25
N SER A 466 -0.04 -11.41 -33.75
CA SER A 466 -1.08 -12.25 -34.38
C SER A 466 -1.37 -11.89 -35.83
N ILE A 467 -1.49 -12.87 -36.71
CA ILE A 467 -1.89 -12.69 -38.14
C ILE A 467 -3.40 -12.63 -38.08
N PHE A 468 -4.04 -13.50 -37.30
CA PHE A 468 -5.52 -13.50 -37.17
C PHE A 468 -5.97 -12.61 -36.02
N PRO A 469 -7.23 -12.12 -36.03
CA PRO A 469 -7.79 -11.34 -34.93
C PRO A 469 -8.11 -12.16 -33.68
N ILE A 470 -8.22 -11.51 -32.53
CA ILE A 470 -8.43 -12.24 -31.25
C ILE A 470 -9.90 -12.09 -30.88
N ASP A 471 -10.59 -13.20 -30.63
CA ASP A 471 -12.07 -13.16 -30.43
C ASP A 471 -12.48 -12.74 -29.01
N ASN A 472 -13.74 -12.37 -28.80
CA ASN A 472 -14.16 -12.00 -27.44
C ASN A 472 -14.14 -13.26 -26.59
N GLU A 473 -13.25 -13.33 -25.60
CA GLU A 473 -13.11 -14.53 -24.74
C GLU A 473 -14.40 -14.76 -23.99
N ASP A 474 -15.07 -13.71 -23.57
CA ASP A 474 -16.36 -13.86 -22.86
C ASP A 474 -17.41 -14.51 -23.75
N LEU A 475 -17.54 -14.09 -25.01
CA LEU A 475 -18.53 -14.70 -25.94
C LEU A 475 -18.10 -16.11 -26.28
N VAL A 476 -16.84 -16.27 -26.63
CA VAL A 476 -16.31 -17.60 -27.02
C VAL A 476 -16.35 -18.56 -25.85
N TYR A 477 -16.02 -18.12 -24.64
CA TYR A 477 -15.89 -19.05 -23.49
C TYR A 477 -16.96 -18.89 -22.42
N GLY A 478 -17.27 -17.69 -21.97
CA GLY A 478 -18.20 -17.48 -20.85
C GLY A 478 -19.59 -18.03 -21.06
N ARG A 479 -20.31 -18.28 -19.96
CA ARG A 479 -21.69 -18.78 -20.05
C ARG A 479 -22.58 -17.58 -19.89
N TRP A 480 -22.74 -16.80 -20.95
CA TRP A 480 -23.59 -15.59 -20.91
C TRP A 480 -25.02 -16.08 -20.77
N GLU A 481 -25.26 -17.34 -21.07
CA GLU A 481 -26.64 -17.88 -21.02
C GLU A 481 -27.13 -17.75 -19.61
N ASP A 482 -26.22 -17.68 -18.64
CA ASP A 482 -26.57 -17.51 -17.20
C ASP A 482 -27.04 -16.10 -16.88
N ASN A 483 -26.97 -15.16 -17.83
CA ASN A 483 -27.60 -13.85 -17.56
C ASN A 483 -28.98 -13.78 -18.21
N ILE A 484 -29.49 -14.86 -18.83
CA ILE A 484 -30.89 -14.80 -19.35
C ILE A 484 -31.84 -14.94 -18.16
N ILE A 485 -32.79 -14.02 -17.99
CA ILE A 485 -33.78 -14.11 -16.89
C ILE A 485 -35.00 -14.88 -17.39
N TRP A 486 -35.04 -16.19 -17.15
CA TRP A 486 -36.14 -17.05 -17.63
C TRP A 486 -37.46 -16.74 -16.92
N ASP A 487 -37.42 -16.60 -15.59
CA ASP A 487 -38.63 -16.23 -14.81
C ASP A 487 -38.26 -15.07 -13.89
N ALA A 488 -39.00 -13.97 -13.96
CA ALA A 488 -38.61 -12.79 -13.17
C ALA A 488 -38.72 -13.10 -11.67
N GLN A 489 -39.85 -13.67 -11.23
CA GLN A 489 -40.07 -13.96 -9.78
C GLN A 489 -39.19 -15.12 -9.30
N ALA A 490 -39.17 -16.23 -10.07
CA ALA A 490 -38.39 -17.42 -9.69
C ALA A 490 -37.01 -17.38 -10.35
N MET A 491 -36.13 -16.49 -9.89
CA MET A 491 -34.82 -16.37 -10.58
C MET A 491 -33.84 -17.27 -9.83
N PRO A 492 -33.19 -18.26 -10.50
CA PRO A 492 -32.49 -19.32 -9.81
C PRO A 492 -31.35 -18.75 -8.95
N ARG A 493 -30.65 -17.74 -9.45
CA ARG A 493 -29.56 -17.10 -8.67
C ARG A 493 -29.88 -15.63 -8.43
N LEU A 494 -29.01 -14.93 -7.71
CA LEU A 494 -29.17 -13.47 -7.47
C LEU A 494 -28.17 -12.70 -8.32
N LEU A 495 -28.66 -11.86 -9.23
CA LEU A 495 -27.78 -11.06 -10.12
C LEU A 495 -27.21 -9.86 -9.36
N GLU A 496 -26.09 -9.30 -9.84
CA GLU A 496 -25.43 -8.17 -9.14
C GLU A 496 -25.20 -7.01 -10.12
N PRO A 497 -25.05 -5.76 -9.66
CA PRO A 497 -24.74 -4.65 -10.57
C PRO A 497 -23.40 -4.91 -11.28
N PRO A 498 -23.30 -4.54 -12.56
CA PRO A 498 -22.08 -4.82 -13.34
C PRO A 498 -21.25 -3.54 -13.49
N VAL A 499 -19.95 -3.62 -13.19
CA VAL A 499 -19.05 -2.43 -13.30
C VAL A 499 -18.53 -2.35 -14.74
N LEU A 500 -18.28 -1.14 -15.25
CA LEU A 500 -17.75 -0.98 -16.63
C LEU A 500 -16.30 -1.46 -16.63
N THR A 501 -15.95 -2.33 -17.59
CA THR A 501 -14.59 -2.94 -17.60
C THR A 501 -13.70 -2.41 -18.73
N LEU A 502 -14.23 -1.66 -19.69
CA LEU A 502 -13.36 -0.98 -20.70
C LEU A 502 -12.30 -1.90 -21.30
N ASP A 503 -12.69 -3.00 -21.94
CA ASP A 503 -11.70 -3.96 -22.50
C ASP A 503 -10.76 -3.20 -23.44
N PRO A 504 -9.42 -3.32 -23.29
CA PRO A 504 -8.46 -2.65 -24.18
C PRO A 504 -8.06 -3.50 -25.39
N ASN A 505 -8.53 -4.75 -25.47
CA ASN A 505 -8.26 -5.61 -26.66
C ASN A 505 -8.92 -4.98 -27.89
N ASP A 506 -10.09 -4.37 -27.69
CA ASP A 506 -10.84 -3.75 -28.81
C ASP A 506 -10.09 -2.50 -29.31
N GLU A 507 -9.88 -2.41 -30.62
CA GLU A 507 -9.30 -1.18 -31.20
C GLU A 507 -10.45 -0.18 -31.35
N ASN A 508 -10.16 1.07 -31.71
CA ASN A 508 -11.20 2.12 -31.84
C ASN A 508 -11.47 2.72 -30.47
N LEU A 509 -10.85 2.18 -29.42
CA LEU A 509 -10.96 2.80 -28.08
C LEU A 509 -9.59 3.41 -27.82
N ILE A 510 -9.53 4.70 -27.47
CA ILE A 510 -8.21 5.38 -27.35
C ILE A 510 -7.38 4.69 -26.27
N LEU A 511 -8.00 4.32 -25.15
CA LEU A 511 -7.29 3.62 -24.05
C LEU A 511 -7.94 2.24 -23.81
N PRO A 564 -1.02 38.38 -17.10
CA PRO A 564 -1.29 38.17 -15.68
C PRO A 564 -0.04 38.37 -14.85
N TRP A 565 1.05 38.65 -15.54
CA TRP A 565 2.36 38.81 -14.92
C TRP A 565 3.09 39.98 -15.57
N ASN A 566 4.40 40.01 -15.36
CA ASN A 566 5.23 41.10 -15.84
C ASN A 566 5.29 41.12 -17.36
N LEU A 567 5.85 40.06 -17.96
CA LEU A 567 5.92 39.81 -19.41
C LEU A 567 6.70 40.85 -20.20
N SER A 568 7.31 41.80 -19.54
CA SER A 568 8.20 42.75 -20.15
C SER A 568 9.61 42.26 -19.89
N ASN A 569 10.31 41.89 -20.95
CA ASN A 569 11.68 41.38 -20.81
C ASN A 569 12.57 42.58 -20.49
N ASP A 570 12.58 42.94 -19.21
CA ASP A 570 13.25 44.18 -18.80
C ASP A 570 14.72 43.99 -18.54
N GLU A 571 15.15 42.79 -18.17
CA GLU A 571 16.56 42.55 -17.90
C GLU A 571 17.41 42.54 -19.16
N TYR A 572 16.78 42.46 -20.33
CA TYR A 572 17.48 42.50 -21.60
C TYR A 572 17.44 43.87 -22.26
N TYR A 573 16.47 44.71 -21.89
CA TYR A 573 16.39 46.05 -22.43
C TYR A 573 17.04 47.08 -21.51
N TYR A 574 16.88 46.92 -20.21
CA TYR A 574 17.43 47.83 -19.21
C TYR A 574 18.15 46.95 -18.19
N PRO A 575 19.46 46.75 -18.34
CA PRO A 575 20.11 45.66 -17.60
C PRO A 575 20.40 45.95 -16.15
N LYS A 576 20.29 47.21 -15.72
CA LYS A 576 20.50 47.56 -14.31
C LYS A 576 19.25 48.17 -13.69
N ILE A 588 20.71 66.48 -8.99
CA ILE A 588 20.12 66.25 -7.68
C ILE A 588 20.39 67.46 -6.78
N ILE A 589 21.53 68.11 -6.99
CA ILE A 589 21.89 69.29 -6.20
C ILE A 589 21.16 70.49 -6.77
N GLN A 590 20.38 71.15 -5.90
CA GLN A 590 19.61 72.34 -6.33
C GLN A 590 20.24 73.59 -5.71
N HIS A 591 20.97 74.37 -6.50
CA HIS A 591 21.58 75.60 -6.03
C HIS A 591 20.53 76.68 -5.85
N SER A 592 20.93 77.78 -5.23
CA SER A 592 20.03 78.90 -5.06
C SER A 592 19.74 79.55 -6.41
N ILE A 593 18.60 80.22 -6.49
CA ILE A 593 18.18 80.94 -7.69
C ILE A 593 19.16 82.07 -8.06
N PRO A 594 19.85 82.74 -7.13
CA PRO A 594 21.01 83.54 -7.57
C PRO A 594 22.15 82.75 -8.17
N ALA A 595 22.31 81.48 -7.81
CA ALA A 595 23.46 80.74 -8.33
C ALA A 595 23.18 80.15 -9.70
N VAL A 596 22.00 79.59 -9.92
CA VAL A 596 21.67 79.03 -11.23
C VAL A 596 21.40 80.09 -12.27
N GLU A 597 21.19 81.33 -11.88
CA GLU A 597 21.01 82.42 -12.82
C GLU A 597 22.28 83.22 -13.02
N LEU A 598 23.37 82.82 -12.36
CA LEU A 598 24.73 83.34 -12.60
C LEU A 598 24.82 84.84 -12.34
N ARG A 599 24.19 85.28 -11.25
CA ARG A 599 24.12 86.70 -10.95
C ARG A 599 25.46 87.22 -10.47
N GLN A 600 25.81 88.41 -10.93
CA GLN A 600 27.18 88.92 -10.98
C GLN A 600 27.93 89.23 -9.68
N PRO A 601 27.30 89.49 -8.52
CA PRO A 601 28.12 89.46 -7.29
C PRO A 601 28.70 88.08 -7.00
N PHE A 602 27.88 87.04 -7.15
CA PHE A 602 28.27 85.70 -6.75
C PHE A 602 29.15 85.03 -7.79
N PHE A 603 28.89 85.27 -9.06
CA PHE A 603 29.67 84.71 -10.16
C PHE A 603 30.24 85.87 -10.97
N PRO A 604 31.50 86.26 -10.74
CA PRO A 604 32.02 87.45 -11.41
C PRO A 604 32.31 87.20 -12.88
N THR A 605 32.07 88.24 -13.68
CA THR A 605 32.31 88.17 -15.12
C THR A 605 33.80 88.23 -15.44
N HIS A 606 34.55 89.02 -14.67
CA HIS A 606 35.96 89.23 -14.93
C HIS A 606 36.70 89.31 -13.61
N MET A 607 37.85 88.63 -13.54
CA MET A 607 38.70 88.67 -12.37
C MET A 607 40.09 89.09 -12.82
N GLY A 608 40.56 90.21 -12.29
CA GLY A 608 41.87 90.72 -12.62
C GLY A 608 42.96 89.94 -11.91
N PRO A 609 44.21 90.38 -12.09
CA PRO A 609 45.33 89.65 -11.47
C PRO A 609 45.34 89.72 -9.96
N ILE A 610 45.09 90.90 -9.39
CA ILE A 610 45.07 91.02 -7.93
C ILE A 610 43.82 90.36 -7.35
N LYS A 611 42.77 90.18 -8.15
CA LYS A 611 41.61 89.44 -7.70
C LYS A 611 41.74 87.95 -7.96
N LEU A 612 42.66 87.55 -8.85
CA LEU A 612 42.93 86.13 -9.02
C LEU A 612 43.94 85.62 -8.01
N ARG A 613 44.82 86.49 -7.51
CA ARG A 613 45.69 86.09 -6.41
C ARG A 613 44.91 85.96 -5.12
N GLN A 614 43.92 86.82 -4.91
CA GLN A 614 43.01 86.69 -3.79
C GLN A 614 41.76 85.92 -4.18
N PHE A 615 41.94 84.76 -4.79
CA PHE A 615 40.81 83.93 -5.19
C PHE A 615 40.41 83.08 -4.00
N HIS A 616 39.15 83.19 -3.59
CA HIS A 616 38.53 82.58 -2.41
C HIS A 616 39.16 83.06 -1.10
N ARG A 617 39.96 84.12 -1.14
CA ARG A 617 40.47 84.77 0.06
C ARG A 617 40.22 86.27 -0.07
N PRO A 618 38.97 86.70 0.09
CA PRO A 618 38.64 88.10 -0.15
C PRO A 618 39.03 88.96 1.04
N PRO A 619 39.80 90.02 0.81
CA PRO A 619 40.26 90.85 1.93
C PRO A 619 39.12 91.68 2.50
N LEU A 620 39.38 92.26 3.66
CA LEU A 620 38.36 93.05 4.34
C LEU A 620 38.37 94.45 3.74
N LYS A 621 37.38 94.77 2.91
CA LYS A 621 37.43 96.04 2.20
C LYS A 621 36.94 97.17 3.09
N LYS A 622 37.53 98.34 2.86
CA LYS A 622 37.09 99.56 3.53
C LYS A 622 35.93 100.16 2.75
N TYR A 623 34.88 100.56 3.46
CA TYR A 623 33.74 101.17 2.82
C TYR A 623 33.98 102.65 2.61
N SER A 624 33.43 103.18 1.51
CA SER A 624 33.51 104.61 1.25
C SER A 624 32.29 105.35 1.78
N PHE A 625 31.10 104.80 1.58
CA PHE A 625 29.88 105.35 2.16
C PHE A 625 29.22 104.29 3.03
N GLY A 626 28.53 104.73 4.07
CA GLY A 626 27.84 103.86 4.99
C GLY A 626 28.14 104.22 6.43
N ALA A 627 27.61 103.41 7.34
CA ALA A 627 27.82 103.64 8.76
C ALA A 627 29.21 103.20 9.21
N LEU A 628 29.74 102.13 8.62
CA LEU A 628 31.08 101.69 8.97
C LEU A 628 32.16 102.49 8.25
N SER A 629 31.80 103.29 7.25
CA SER A 629 32.80 104.10 6.55
C SER A 629 33.28 105.25 7.43
N GLN A 630 32.45 105.71 8.36
CA GLN A 630 32.89 106.78 9.31
C GLN A 630 33.83 106.15 10.35
N PRO A 631 35.06 106.68 10.55
CA PRO A 631 36.02 106.08 11.46
C PRO A 631 35.58 106.20 12.93
N GLY A 632 35.84 105.16 13.74
CA GLY A 632 35.51 105.21 15.17
C GLY A 632 35.15 103.84 15.72
N PRO A 633 34.78 103.71 17.02
CA PRO A 633 34.32 102.43 17.56
C PRO A 633 32.92 102.13 17.00
N HIS A 634 32.60 100.84 16.79
CA HIS A 634 31.29 100.46 16.23
C HIS A 634 30.72 99.28 17.02
N SER A 635 29.49 99.41 17.54
CA SER A 635 28.92 98.34 18.34
C SER A 635 28.53 97.16 17.48
N VAL A 636 28.84 95.95 17.94
CA VAL A 636 28.34 94.77 17.27
C VAL A 636 26.94 94.51 17.80
N GLN A 637 26.11 93.85 16.99
CA GLN A 637 24.72 93.67 17.33
C GLN A 637 24.40 92.19 17.40
N PRO A 638 23.82 91.71 18.49
CA PRO A 638 23.45 90.30 18.56
C PRO A 638 22.29 90.00 17.64
N LEU A 639 22.28 88.81 17.04
CA LEU A 639 21.16 88.44 16.12
C LEU A 639 20.59 87.06 16.48
N LEU A 640 19.91 86.92 17.62
CA LEU A 640 19.30 85.68 18.05
C LEU A 640 17.79 85.78 18.02
N LYS A 641 17.24 86.98 18.17
CA LYS A 641 15.84 87.18 17.86
C LYS A 641 15.63 87.09 16.35
N HIS A 642 16.63 87.53 15.56
CA HIS A 642 16.50 87.48 14.12
C HIS A 642 16.56 86.04 13.61
N ILE A 643 17.44 85.23 14.23
CA ILE A 643 17.61 83.84 13.81
C ILE A 643 16.35 83.05 14.11
N LYS A 644 15.84 83.15 15.33
CA LYS A 644 14.66 82.38 15.68
C LYS A 644 13.39 82.92 15.05
N LYS A 645 13.31 84.22 14.77
CA LYS A 645 12.17 84.75 14.03
C LYS A 645 12.17 84.26 12.60
N LYS A 646 13.34 84.23 11.95
CA LYS A 646 13.40 83.72 10.59
C LYS A 646 13.16 82.22 10.53
N ALA A 647 13.60 81.47 11.53
CA ALA A 647 13.39 80.04 11.54
C ALA A 647 11.92 79.70 11.80
N LYS A 648 11.27 80.44 12.69
CA LYS A 648 9.85 80.27 12.93
C LYS A 648 9.03 80.66 11.70
N MET A 649 9.47 81.70 10.99
CA MET A 649 8.77 82.12 9.78
C MET A 649 8.92 81.09 8.65
N ARG A 650 10.11 80.50 8.50
CA ARG A 650 10.31 79.46 7.51
C ARG A 650 9.55 78.19 7.86
N GLU A 651 9.42 77.87 9.15
CA GLU A 651 8.61 76.72 9.53
C GLU A 651 7.12 76.97 9.29
N GLN A 652 6.66 78.21 9.46
CA GLN A 652 5.29 78.55 9.10
C GLN A 652 5.06 78.43 7.61
N GLU A 653 6.03 78.86 6.80
CA GLU A 653 5.94 78.71 5.35
C GLU A 653 5.91 77.25 4.95
N ARG A 654 6.69 76.41 5.62
CA ARG A 654 6.74 75.00 5.26
C ARG A 654 5.47 74.28 5.67
N GLN A 655 4.91 74.61 6.84
CA GLN A 655 3.66 74.00 7.26
C GLN A 655 2.45 74.56 6.54
N ALA A 656 2.56 75.74 5.96
CA ALA A 656 1.46 76.25 5.15
C ALA A 656 1.46 75.64 3.76
N SER A 657 2.60 75.13 3.32
CA SER A 657 2.73 74.56 1.98
C SER A 657 2.55 73.04 1.99
N GLY A 658 1.98 72.48 3.04
CA GLY A 658 1.70 71.07 3.09
C GLY A 658 2.63 70.25 3.95
N GLY A 659 3.68 70.84 4.49
CA GLY A 659 4.50 70.17 5.46
C GLY A 659 5.68 69.41 4.92
N GLY A 660 5.83 69.30 3.61
CA GLY A 660 6.95 68.58 3.03
C GLY A 660 8.24 69.37 3.09
N GLU A 661 9.21 68.94 2.29
CA GLU A 661 10.44 69.72 2.23
C GLU A 661 10.27 70.79 1.17
N MET A 662 10.78 71.98 1.46
CA MET A 662 10.54 73.17 0.66
C MET A 662 11.86 73.67 0.11
N PHE A 663 11.78 74.57 -0.86
CA PHE A 663 12.92 75.27 -1.41
C PHE A 663 12.83 76.73 -0.98
N PHE A 664 13.82 77.20 -0.23
CA PHE A 664 13.76 78.51 0.41
C PHE A 664 14.68 79.55 -0.21
N MET A 665 15.80 79.15 -0.79
CA MET A 665 16.81 80.09 -1.25
C MET A 665 16.44 80.62 -2.62
N ARG A 666 15.56 81.62 -2.63
CA ARG A 666 15.02 82.17 -3.86
C ARG A 666 15.47 83.59 -4.14
N THR A 667 16.10 84.25 -3.19
CA THR A 667 16.49 85.64 -3.24
C THR A 667 17.94 85.70 -2.81
N PRO A 668 18.68 86.76 -3.19
CA PRO A 668 20.02 86.93 -2.60
C PRO A 668 19.99 87.16 -1.10
N GLN A 669 18.95 87.78 -0.56
CA GLN A 669 18.82 88.01 0.86
C GLN A 669 18.53 86.75 1.66
N ASP A 670 18.27 85.63 0.99
CA ASP A 670 18.21 84.35 1.68
C ASP A 670 19.60 83.80 1.98
N LEU A 671 20.62 84.26 1.28
CA LEU A 671 21.96 83.70 1.43
C LEU A 671 22.80 84.45 2.43
N THR A 672 22.19 85.20 3.33
CA THR A 672 22.95 85.89 4.36
C THR A 672 23.34 84.91 5.46
N GLY A 673 24.38 85.28 6.20
CA GLY A 673 24.75 84.53 7.36
C GLY A 673 23.98 84.86 8.60
N LYS A 674 23.08 85.84 8.53
CA LYS A 674 22.32 86.30 9.68
C LYS A 674 21.23 85.34 10.11
N ASP A 675 20.95 84.26 9.37
CA ASP A 675 19.87 83.36 9.73
C ASP A 675 20.26 81.94 9.34
N GLY A 676 19.52 80.98 9.85
CA GLY A 676 19.79 79.58 9.58
C GLY A 676 20.93 79.05 10.43
N ASP A 677 21.10 77.73 10.37
CA ASP A 677 22.12 77.06 11.15
C ASP A 677 23.41 77.02 10.35
N LEU A 678 24.36 77.87 10.73
CA LEU A 678 25.65 77.92 10.06
C LEU A 678 26.60 76.89 10.65
N ILE A 679 27.35 76.22 9.77
CA ILE A 679 28.52 75.46 10.14
C ILE A 679 29.70 76.06 9.39
N LEU A 680 30.90 75.75 9.85
CA LEU A 680 32.08 76.19 9.10
C LEU A 680 32.75 74.98 8.48
N ALA A 681 33.47 75.20 7.38
CA ALA A 681 34.15 74.12 6.66
C ALA A 681 35.53 74.61 6.26
N GLU A 682 36.54 74.02 6.87
CA GLU A 682 37.94 74.38 6.64
C GLU A 682 38.53 73.42 5.63
N TYR A 683 39.46 73.88 4.81
CA TYR A 683 40.04 73.02 3.79
C TYR A 683 41.47 72.67 4.15
N SER A 684 41.86 71.43 3.85
CA SER A 684 43.21 71.00 4.16
C SER A 684 44.21 71.50 3.14
N GLU A 685 43.87 71.42 1.86
CA GLU A 685 44.75 71.91 0.81
C GLU A 685 44.71 73.43 0.75
N GLU A 686 45.79 74.01 0.24
CA GLU A 686 45.83 75.46 0.08
C GLU A 686 44.94 75.89 -1.08
N ASN A 687 45.19 75.37 -2.26
CA ASN A 687 44.40 75.67 -3.45
C ASN A 687 43.86 74.34 -4.00
N GLY A 688 42.57 74.10 -3.78
CA GLY A 688 41.93 72.91 -4.28
C GLY A 688 41.72 72.97 -5.78
N PRO A 689 41.50 71.82 -6.41
CA PRO A 689 41.25 71.83 -7.85
C PRO A 689 39.90 72.40 -8.21
N LEU A 690 38.91 72.28 -7.32
CA LEU A 690 37.59 72.83 -7.54
C LEU A 690 37.08 73.39 -6.22
N MET A 691 36.28 74.45 -6.31
CA MET A 691 35.80 75.10 -5.10
C MET A 691 34.49 75.81 -5.41
N MET A 692 33.55 75.72 -4.47
CA MET A 692 32.22 76.24 -4.68
C MET A 692 32.18 77.75 -4.59
N GLN A 693 31.34 78.36 -5.43
CA GLN A 693 31.08 79.78 -5.32
C GLN A 693 30.00 80.02 -4.28
N VAL A 694 29.78 81.30 -3.96
CA VAL A 694 28.77 81.66 -2.99
C VAL A 694 27.40 81.49 -3.61
N GLY A 695 26.54 80.75 -2.92
CA GLY A 695 25.19 80.50 -3.38
C GLY A 695 24.95 79.09 -3.84
N MET A 696 25.99 78.27 -3.92
CA MET A 696 25.86 76.91 -4.42
C MET A 696 25.63 75.94 -3.28
N ALA A 697 24.96 74.85 -3.58
CA ALA A 697 24.56 73.88 -2.57
C ALA A 697 25.49 72.68 -2.58
N THR A 698 25.55 72.01 -1.43
CA THR A 698 26.27 70.77 -1.28
C THR A 698 25.54 69.92 -0.26
N LYS A 699 25.78 68.63 -0.28
CA LYS A 699 25.10 67.70 0.61
C LYS A 699 26.12 67.01 1.50
N ILE A 700 25.69 66.57 2.67
CA ILE A 700 26.53 65.77 3.55
C ILE A 700 26.01 64.35 3.56
N LYS A 701 26.83 63.43 3.07
CA LYS A 701 26.51 62.02 3.01
C LYS A 701 27.39 61.28 4.01
N ASN A 702 26.77 60.47 4.86
CA ASN A 702 27.48 59.68 5.85
C ASN A 702 27.55 58.25 5.33
N TYR A 703 28.70 57.89 4.77
CA TYR A 703 28.91 56.55 4.25
C TYR A 703 29.23 55.61 5.40
N TYR A 704 28.46 54.53 5.54
CA TYR A 704 28.63 53.60 6.65
C TYR A 704 28.68 52.17 6.13
N LYS A 705 29.84 51.54 6.24
CA LYS A 705 30.00 50.13 5.91
C LYS A 705 29.61 49.29 7.11
N ARG A 706 28.66 48.37 6.89
CA ARG A 706 28.15 47.61 8.05
C ARG A 706 29.26 46.68 8.54
N LYS A 707 29.14 46.17 9.76
CA LYS A 707 30.13 45.16 10.24
C LYS A 707 29.83 43.83 9.55
N PRO A 708 30.77 42.88 9.48
CA PRO A 708 30.49 41.56 8.90
C PRO A 708 29.37 40.95 9.74
N GLY A 709 28.38 40.35 9.08
CA GLY A 709 27.23 39.82 9.81
C GLY A 709 26.46 40.87 10.57
N LYS A 710 26.22 40.66 11.88
CA LYS A 710 25.36 41.58 12.66
C LYS A 710 26.02 42.94 12.89
N ASP A 711 25.26 44.04 12.77
CA ASP A 711 25.79 45.39 13.11
C ASP A 711 24.69 46.18 13.83
N PRO A 712 25.03 47.02 14.83
CA PRO A 712 24.01 47.75 15.58
C PRO A 712 23.24 48.74 14.70
N GLY A 713 23.94 49.45 13.79
CA GLY A 713 23.32 50.49 12.96
C GLY A 713 24.29 51.66 12.83
N ALA A 714 24.09 52.56 11.87
CA ALA A 714 25.08 53.63 11.66
C ALA A 714 25.21 54.46 12.92
N PRO A 715 26.41 54.84 13.36
CA PRO A 715 26.52 55.71 14.51
C PRO A 715 25.74 56.92 14.00
N ASP A 716 24.81 57.43 14.78
CA ASP A 716 23.97 58.54 14.26
C ASP A 716 24.79 59.85 14.22
N CYS A 717 24.52 60.73 13.24
CA CYS A 717 25.28 61.99 13.11
C CYS A 717 24.34 63.17 12.99
N LYS A 718 24.73 64.33 13.52
CA LYS A 718 23.82 65.50 13.58
C LYS A 718 23.46 66.01 12.19
N TYR A 719 24.38 65.95 11.24
CA TYR A 719 24.18 66.56 9.91
C TYR A 719 24.35 65.55 8.81
N GLY A 720 23.56 65.65 7.76
CA GLY A 720 23.63 64.79 6.60
C GLY A 720 22.69 63.62 6.67
N GLU A 721 22.64 62.87 5.58
CA GLU A 721 21.88 61.63 5.53
C GLU A 721 22.82 60.45 5.43
N THR A 722 22.43 59.31 5.99
CA THR A 722 23.29 58.14 5.99
C THR A 722 23.00 57.25 4.80
N VAL A 723 24.06 56.71 4.21
CA VAL A 723 23.97 55.75 3.12
C VAL A 723 24.97 54.64 3.38
N TYR A 724 24.55 53.41 3.06
CA TYR A 724 25.40 52.23 3.33
C TYR A 724 26.24 51.92 2.11
N CYS A 725 27.55 52.14 2.18
CA CYS A 725 28.41 52.00 0.97
C CYS A 725 29.21 50.71 0.95
N HIS A 726 28.79 49.74 0.14
CA HIS A 726 29.60 48.52 -0.04
C HIS A 726 30.83 48.92 -0.88
N THR A 727 30.61 49.73 -1.91
CA THR A 727 31.72 50.15 -2.79
C THR A 727 32.18 51.53 -2.33
N SER A 728 33.41 51.62 -1.87
CA SER A 728 33.87 52.90 -1.29
C SER A 728 33.84 53.96 -2.38
N PRO A 729 33.28 55.14 -2.09
CA PRO A 729 33.32 56.21 -3.06
C PRO A 729 34.77 56.67 -3.22
N PHE A 730 35.51 56.84 -2.14
CA PHE A 730 36.88 57.41 -2.23
C PHE A 730 37.90 56.39 -2.72
N LEU A 731 39.19 56.75 -2.74
CA LEU A 731 40.23 55.89 -3.28
C LEU A 731 40.45 54.68 -2.36
N GLY A 732 40.52 54.90 -1.06
CA GLY A 732 40.59 53.79 -0.12
C GLY A 732 39.23 53.17 0.08
N SER A 733 39.21 52.13 0.92
CA SER A 733 37.98 51.41 1.23
C SER A 733 37.68 51.54 2.71
N LEU A 734 36.40 51.67 3.04
CA LEU A 734 35.98 51.84 4.42
C LEU A 734 36.20 50.56 5.21
N HIS A 735 36.55 50.71 6.48
CA HIS A 735 36.63 49.58 7.37
C HIS A 735 35.23 49.11 7.72
N PRO A 736 35.06 47.86 8.17
CA PRO A 736 33.75 47.43 8.67
C PRO A 736 33.39 48.17 9.95
N GLY A 737 32.21 48.78 9.95
CA GLY A 737 31.77 49.55 11.09
C GLY A 737 32.32 50.95 11.16
N GLN A 738 32.80 51.48 10.05
CA GLN A 738 33.37 52.83 10.01
C GLN A 738 32.43 53.75 9.24
N LEU A 739 31.97 54.80 9.90
CA LEU A 739 31.20 55.86 9.28
C LEU A 739 32.10 57.02 8.92
N LEU A 740 32.03 57.47 7.67
CA LEU A 740 32.80 58.59 7.18
C LEU A 740 31.84 59.59 6.55
N GLN A 741 31.82 60.81 7.06
CA GLN A 741 31.03 61.87 6.45
C GLN A 741 31.77 62.46 5.27
N ALA A 742 31.01 63.01 4.32
CA ALA A 742 31.63 63.59 3.14
C ALA A 742 30.73 64.66 2.53
N PHE A 743 31.36 65.75 2.08
CA PHE A 743 30.70 66.68 1.17
C PHE A 743 30.53 66.04 -0.19
N GLU A 744 29.29 66.02 -0.68
CA GLU A 744 28.97 65.50 -2.00
C GLU A 744 28.19 66.55 -2.75
N ASN A 745 28.67 66.93 -3.92
CA ASN A 745 27.96 67.79 -4.85
C ASN A 745 28.37 67.40 -6.26
N ASN A 746 28.08 68.27 -7.23
CA ASN A 746 28.48 68.00 -8.60
C ASN A 746 29.95 68.30 -8.85
N LEU A 747 30.57 69.11 -8.02
CA LEU A 747 31.94 69.52 -8.26
C LEU A 747 32.94 68.48 -7.78
N PHE A 748 32.87 68.09 -6.51
CA PHE A 748 33.81 67.14 -5.97
C PHE A 748 33.09 66.22 -5.00
N ARG A 749 33.87 65.39 -4.32
CA ARG A 749 33.39 64.63 -3.18
C ARG A 749 34.57 64.53 -2.22
N ALA A 750 34.39 64.98 -1.00
CA ALA A 750 35.56 65.06 -0.15
C ALA A 750 35.23 64.66 1.29
N PRO A 751 36.11 63.90 1.94
CA PRO A 751 35.83 63.46 3.31
C PRO A 751 35.97 64.62 4.30
N ILE A 752 34.95 64.79 5.12
CA ILE A 752 34.90 65.86 6.09
C ILE A 752 34.90 65.25 7.48
N TYR A 753 35.39 66.02 8.45
CA TYR A 753 35.58 65.53 9.81
C TYR A 753 35.09 66.59 10.78
N LEU A 754 34.10 66.26 11.58
CA LEU A 754 33.50 67.24 12.48
C LEU A 754 34.40 67.47 13.69
N HIS A 755 34.75 68.72 13.92
CA HIS A 755 35.46 69.15 15.11
C HIS A 755 34.63 70.21 15.81
N LYS A 756 34.78 70.29 17.12
CA LYS A 756 34.16 71.36 17.86
C LYS A 756 34.98 72.63 17.72
N MET A 757 34.29 73.76 17.78
CA MET A 757 34.94 75.05 17.59
C MET A 757 35.85 75.37 18.78
N PRO A 758 36.82 76.26 18.61
CA PRO A 758 37.56 76.77 19.76
C PRO A 758 36.63 77.56 20.68
N GLU A 759 37.02 77.66 21.95
CA GLU A 759 36.16 78.32 22.91
C GLU A 759 36.26 79.84 22.85
N THR A 760 37.18 80.38 22.04
CA THR A 760 37.44 81.80 21.98
C THR A 760 36.92 82.46 20.71
N ASP A 761 36.59 81.69 19.69
CA ASP A 761 36.30 82.26 18.38
C ASP A 761 34.80 82.43 18.18
N PHE A 762 34.42 83.62 17.70
CA PHE A 762 33.07 83.95 17.30
C PHE A 762 33.11 84.37 15.84
N LEU A 763 31.95 84.57 15.23
CA LEU A 763 31.87 84.91 13.82
C LEU A 763 31.23 86.28 13.66
N ILE A 764 31.98 87.24 13.14
CA ILE A 764 31.50 88.59 12.93
C ILE A 764 31.16 88.78 11.46
N ILE A 765 29.90 89.06 11.19
CA ILE A 765 29.41 89.37 9.86
C ILE A 765 29.34 90.88 9.78
N ARG A 766 30.22 91.48 8.99
CA ARG A 766 30.16 92.91 8.80
C ARG A 766 29.52 93.21 7.46
N THR A 767 28.64 94.19 7.46
CA THR A 767 28.04 94.78 6.28
C THR A 767 28.28 96.27 6.33
N ARG A 768 27.63 97.00 5.44
CA ARG A 768 27.81 98.45 5.39
C ARG A 768 27.21 99.14 6.60
N GLN A 769 26.18 98.52 7.20
CA GLN A 769 25.44 99.15 8.29
C GLN A 769 26.05 98.89 9.66
N GLY A 770 26.57 97.69 9.90
CA GLY A 770 27.18 97.44 11.19
C GLY A 770 27.72 96.03 11.28
N TYR A 771 28.23 95.72 12.46
CA TYR A 771 28.76 94.40 12.78
C TYR A 771 27.68 93.56 13.45
N TYR A 772 27.71 92.26 13.16
CA TYR A 772 26.78 91.31 13.76
C TYR A 772 27.59 90.11 14.22
N ILE A 773 27.20 89.47 15.32
CA ILE A 773 28.00 88.40 15.88
C ILE A 773 27.14 87.15 16.05
N ARG A 774 27.66 86.01 15.60
CA ARG A 774 27.12 84.71 15.91
C ARG A 774 28.16 83.90 16.66
N GLU A 775 27.71 82.93 17.44
CA GLU A 775 28.66 81.90 17.84
C GLU A 775 28.62 80.78 16.82
N LEU A 776 29.72 80.04 16.76
CA LEU A 776 29.77 78.81 16.02
C LEU A 776 30.09 77.68 16.97
N VAL A 777 29.53 76.51 16.69
CA VAL A 777 29.79 75.31 17.48
C VAL A 777 30.33 74.16 16.65
N ASP A 778 30.10 74.12 15.34
CA ASP A 778 30.49 73.01 14.49
C ASP A 778 31.41 73.49 13.36
N ILE A 779 32.57 72.86 13.25
CA ILE A 779 33.48 73.18 12.15
C ILE A 779 34.03 71.88 11.60
N PHE A 780 33.87 71.69 10.31
CA PHE A 780 34.34 70.50 9.63
C PHE A 780 35.71 70.77 9.05
N VAL A 781 36.53 69.74 8.98
CA VAL A 781 37.79 69.80 8.24
C VAL A 781 37.62 68.93 7.00
N VAL A 782 37.88 69.52 5.85
CA VAL A 782 37.63 68.87 4.58
C VAL A 782 38.95 68.29 4.10
N GLY A 783 38.97 66.99 3.84
CA GLY A 783 40.17 66.34 3.37
C GLY A 783 40.49 66.64 1.92
N GLN A 784 41.28 65.77 1.32
CA GLN A 784 41.65 65.95 -0.09
C GLN A 784 40.45 65.66 -0.97
N GLN A 785 40.15 66.59 -1.88
CA GLN A 785 38.97 66.45 -2.72
C GLN A 785 39.17 65.38 -3.77
N CYS A 786 38.09 64.67 -4.09
CA CYS A 786 38.04 63.75 -5.22
C CYS A 786 37.23 64.45 -6.30
N PRO A 787 37.87 64.95 -7.36
CA PRO A 787 37.14 65.80 -8.31
C PRO A 787 36.21 65.01 -9.21
N LEU A 788 34.99 65.50 -9.37
CA LEU A 788 34.02 64.90 -10.26
C LEU A 788 33.79 65.70 -11.52
N PHE A 789 34.33 66.90 -11.61
CA PHE A 789 34.24 67.75 -12.79
C PHE A 789 35.65 68.03 -13.29
N GLU A 790 35.83 68.00 -14.61
CA GLU A 790 37.15 68.21 -15.19
C GLU A 790 37.35 69.70 -15.45
N VAL A 791 38.35 70.28 -14.81
CA VAL A 791 38.74 71.66 -15.11
C VAL A 791 39.35 71.70 -16.50
N PRO A 792 38.91 72.59 -17.39
CA PRO A 792 39.53 72.66 -18.72
C PRO A 792 40.93 73.25 -18.64
N GLY A 793 41.68 73.03 -19.69
CA GLY A 793 42.98 73.64 -19.80
C GLY A 793 42.89 75.03 -20.38
N PRO A 794 43.99 75.76 -20.32
CA PRO A 794 44.01 77.09 -20.95
C PRO A 794 44.09 76.95 -22.46
N ASN A 795 43.38 77.86 -23.15
CA ASN A 795 43.14 77.85 -24.60
C ASN A 795 42.51 76.56 -25.10
N SER A 796 41.82 75.81 -24.26
CA SER A 796 41.17 74.58 -24.71
C SER A 796 39.93 74.93 -25.51
N LYS A 797 39.33 73.90 -26.11
CA LYS A 797 38.08 74.13 -26.82
C LYS A 797 36.94 74.33 -25.83
N ARG A 798 36.94 73.56 -24.74
CA ARG A 798 35.95 73.72 -23.68
C ARG A 798 36.10 75.07 -22.98
N ALA A 799 37.33 75.56 -22.86
CA ALA A 799 37.58 76.86 -22.24
C ALA A 799 36.99 77.99 -23.06
N ASN A 800 37.30 78.02 -24.37
CA ASN A 800 36.78 79.06 -25.25
C ASN A 800 35.28 78.95 -25.42
N THR A 801 34.75 77.73 -25.41
CA THR A 801 33.30 77.53 -25.45
C THR A 801 32.63 78.10 -24.21
N HIS A 802 33.25 77.92 -23.04
CA HIS A 802 32.64 78.48 -21.83
C HIS A 802 32.71 80.00 -21.82
N ILE A 803 33.81 80.58 -22.29
CA ILE A 803 33.90 82.05 -22.38
C ILE A 803 32.85 82.62 -23.30
N ARG A 804 32.67 82.00 -24.47
CA ARG A 804 31.66 82.47 -25.43
C ARG A 804 30.25 82.29 -24.88
N ASP A 805 29.96 81.17 -24.22
CA ASP A 805 28.61 80.93 -23.70
C ASP A 805 28.30 81.83 -22.51
N PHE A 806 29.30 82.13 -21.67
CA PHE A 806 29.11 83.04 -20.56
C PHE A 806 28.82 84.45 -21.05
N LEU A 807 29.54 84.90 -22.08
CA LEU A 807 29.28 86.22 -22.66
C LEU A 807 27.90 86.27 -23.29
N GLN A 808 27.48 85.18 -23.93
CA GLN A 808 26.15 85.15 -24.55
C GLN A 808 25.04 85.18 -23.51
N VAL A 809 25.23 84.46 -22.39
CA VAL A 809 24.24 84.45 -21.33
C VAL A 809 24.12 85.83 -20.68
N PHE A 810 25.26 86.49 -20.47
CA PHE A 810 25.24 87.86 -19.94
C PHE A 810 24.53 88.83 -20.88
N ILE A 811 24.72 88.65 -22.19
CA ILE A 811 24.08 89.53 -23.17
C ILE A 811 22.57 89.29 -23.19
N TYR A 812 22.14 88.03 -23.10
CA TYR A 812 20.71 87.72 -23.06
C TYR A 812 20.07 88.27 -21.80
N ARG A 813 20.75 88.18 -20.66
CA ARG A 813 20.17 88.69 -19.43
C ARG A 813 20.17 90.21 -19.38
N LEU A 814 21.09 90.86 -20.10
CA LEU A 814 20.97 92.32 -20.25
C LEU A 814 19.82 92.69 -21.16
N PHE A 815 19.52 91.86 -22.16
CA PHE A 815 18.37 92.15 -23.01
C PHE A 815 17.07 91.94 -22.26
N TRP A 816 17.02 90.95 -21.36
CA TRP A 816 15.83 90.71 -20.57
C TRP A 816 15.59 91.84 -19.58
N LYS A 817 16.65 92.42 -19.04
CA LYS A 817 16.53 93.51 -18.07
C LYS A 817 16.15 94.84 -18.72
N SER A 818 16.18 94.94 -20.05
CA SER A 818 15.92 96.20 -20.71
C SER A 818 14.43 96.52 -20.68
N LYS A 819 14.10 97.78 -20.36
CA LYS A 819 12.66 98.13 -20.20
C LYS A 819 12.11 98.68 -21.51
N ASP A 820 12.99 99.07 -22.43
CA ASP A 820 12.54 99.67 -23.72
C ASP A 820 11.75 98.63 -24.52
N ARG A 821 10.64 99.05 -25.14
CA ARG A 821 9.74 98.11 -25.87
C ARG A 821 10.41 97.42 -27.06
N PRO A 822 11.27 98.07 -27.88
CA PRO A 822 12.27 97.34 -28.64
C PRO A 822 13.43 97.19 -27.66
N ARG A 823 13.69 95.95 -27.19
CA ARG A 823 14.74 95.74 -26.16
C ARG A 823 16.07 96.22 -26.71
N ARG A 824 16.80 97.04 -25.95
CA ARG A 824 18.04 97.62 -26.41
C ARG A 824 19.03 97.67 -25.27
N ILE A 825 20.30 97.44 -25.59
CA ILE A 825 21.38 97.47 -24.62
C ILE A 825 22.46 98.42 -25.12
N ARG A 826 23.42 98.70 -24.26
CA ARG A 826 24.58 99.51 -24.60
C ARG A 826 25.83 98.63 -24.61
N MET A 827 26.77 98.98 -25.48
CA MET A 827 27.98 98.17 -25.64
C MET A 827 28.91 98.31 -24.44
N GLU A 828 29.03 99.51 -23.89
CA GLU A 828 29.97 99.71 -22.80
C GLU A 828 29.49 99.17 -21.46
N ASP A 829 28.25 98.71 -21.34
CA ASP A 829 27.89 97.85 -20.22
C ASP A 829 28.61 96.50 -20.32
N ILE A 830 28.63 95.92 -21.52
CA ILE A 830 29.34 94.68 -21.74
C ILE A 830 30.84 94.89 -21.67
N LYS A 831 31.31 96.08 -22.07
CA LYS A 831 32.73 96.36 -21.95
C LYS A 831 33.14 96.61 -20.50
N LYS A 832 32.21 97.04 -19.66
CA LYS A 832 32.49 97.14 -18.23
C LYS A 832 32.51 95.77 -17.59
N ALA A 833 31.66 94.85 -18.05
CA ALA A 833 31.63 93.52 -17.46
C ALA A 833 32.81 92.68 -17.89
N PHE A 834 33.08 92.64 -19.19
CA PHE A 834 34.17 91.85 -19.76
C PHE A 834 35.20 92.80 -20.37
N PRO A 835 36.11 93.38 -19.59
CA PRO A 835 37.03 94.35 -20.17
C PRO A 835 38.25 93.74 -20.82
N SER A 836 38.54 92.47 -20.56
CA SER A 836 39.64 91.81 -21.25
C SER A 836 39.26 91.34 -22.64
N HIS A 837 37.97 91.30 -22.94
CA HIS A 837 37.51 90.86 -24.25
C HIS A 837 37.82 91.92 -25.30
N SER A 838 38.35 91.47 -26.42
CA SER A 838 38.38 92.33 -27.60
C SER A 838 36.96 92.57 -28.06
N GLU A 839 36.70 93.78 -28.56
CA GLU A 839 35.35 94.15 -28.93
C GLU A 839 34.87 93.46 -30.20
N SER A 840 35.79 92.76 -30.88
CA SER A 840 35.43 91.96 -32.08
C SER A 840 34.62 90.75 -31.63
N SER A 841 34.94 90.19 -30.45
CA SER A 841 34.22 89.02 -29.95
C SER A 841 32.84 89.41 -29.43
N ILE A 842 32.75 90.56 -28.75
CA ILE A 842 31.47 91.05 -28.28
C ILE A 842 30.56 91.40 -29.44
N ARG A 843 31.12 92.04 -30.47
CA ARG A 843 30.33 92.32 -31.70
C ARG A 843 29.86 90.99 -32.28
N LYS A 844 30.74 89.98 -32.32
CA LYS A 844 30.37 88.69 -32.88
C LYS A 844 29.19 88.09 -32.13
N ARG A 845 29.14 88.27 -30.81
CA ARG A 845 27.99 87.75 -30.07
C ARG A 845 26.75 88.58 -30.33
N LEU A 846 26.90 89.87 -30.56
CA LEU A 846 25.77 90.75 -30.82
C LEU A 846 25.35 90.77 -32.29
N LYS A 847 26.13 90.14 -33.18
CA LYS A 847 25.85 90.23 -34.61
C LYS A 847 24.55 89.52 -34.96
N LEU A 848 24.49 88.22 -34.71
CA LEU A 848 23.21 87.59 -34.52
C LEU A 848 22.61 88.09 -33.22
N CYS A 849 21.29 88.28 -33.21
CA CYS A 849 20.35 88.70 -32.16
C CYS A 849 20.28 90.21 -31.90
N ALA A 850 21.06 91.05 -32.57
CA ALA A 850 20.97 92.48 -32.32
C ALA A 850 21.49 93.22 -33.54
N ASP A 851 21.13 94.50 -33.62
CA ASP A 851 21.70 95.38 -34.63
C ASP A 851 21.90 96.78 -34.07
N PHE A 852 22.89 97.46 -34.61
CA PHE A 852 23.31 98.77 -34.11
C PHE A 852 22.53 99.86 -34.82
N LYS A 853 21.90 100.75 -34.05
CA LYS A 853 21.24 101.91 -34.64
C LYS A 853 22.13 103.13 -34.42
N ARG A 854 22.54 103.75 -35.53
CA ARG A 854 23.40 104.92 -35.46
C ARG A 854 22.62 106.22 -35.38
N THR A 855 21.52 106.34 -36.13
CA THR A 855 20.81 107.60 -36.26
C THR A 855 19.35 107.41 -35.87
N GLY A 856 18.67 108.54 -35.69
CA GLY A 856 17.26 108.51 -35.33
C GLY A 856 17.05 108.10 -33.90
N MET A 857 15.91 107.46 -33.66
CA MET A 857 15.63 106.89 -32.35
C MET A 857 16.52 105.67 -32.13
N ASP A 858 16.73 105.34 -30.85
CA ASP A 858 17.57 104.23 -30.38
C ASP A 858 19.02 104.38 -30.84
N SER A 859 19.48 105.61 -31.02
CA SER A 859 20.81 105.84 -31.58
C SER A 859 21.88 105.50 -30.57
N ASN A 860 22.95 104.86 -31.06
CA ASN A 860 24.06 104.29 -30.28
C ASN A 860 23.58 103.20 -29.33
N TRP A 861 22.51 102.50 -29.69
CA TRP A 861 22.03 101.35 -28.96
C TRP A 861 22.04 100.12 -29.87
N TRP A 862 22.16 98.95 -29.22
CA TRP A 862 22.13 97.65 -29.94
C TRP A 862 20.72 97.07 -29.73
N VAL A 863 19.75 97.39 -30.60
CA VAL A 863 18.39 96.93 -30.41
C VAL A 863 18.30 95.46 -30.76
N LEU A 864 17.32 94.78 -30.18
CA LEU A 864 17.09 93.38 -30.46
C LEU A 864 16.35 93.25 -31.78
N LYS A 865 16.74 92.25 -32.57
CA LYS A 865 16.10 92.00 -33.85
C LYS A 865 14.67 91.54 -33.64
N SER A 866 13.77 92.00 -34.51
CA SER A 866 12.35 91.75 -34.33
C SER A 866 11.97 90.30 -34.59
N ASP A 867 12.72 89.61 -35.44
CA ASP A 867 12.46 88.20 -35.69
C ASP A 867 13.10 87.30 -34.64
N PHE A 868 14.03 87.82 -33.85
CA PHE A 868 14.73 87.00 -32.88
C PHE A 868 13.86 86.79 -31.65
N ARG A 869 13.61 85.53 -31.31
CA ARG A 869 12.95 85.20 -30.05
C ARG A 869 14.02 85.11 -28.97
N LEU A 870 13.94 86.01 -28.00
CA LEU A 870 14.83 85.96 -26.86
C LEU A 870 14.56 84.70 -26.07
N PRO A 871 15.59 83.92 -25.69
CA PRO A 871 15.36 82.64 -25.04
C PRO A 871 14.75 82.82 -23.65
N THR A 872 13.97 81.82 -23.25
CA THR A 872 13.31 81.83 -21.96
C THR A 872 14.32 81.60 -20.85
N GLU A 873 13.85 81.64 -19.60
CA GLU A 873 14.75 81.56 -18.46
C GLU A 873 15.38 80.18 -18.34
N GLU A 874 14.62 79.13 -18.63
CA GLU A 874 15.16 77.78 -18.54
C GLU A 874 16.16 77.47 -19.65
N GLU A 875 16.00 78.07 -20.83
CA GLU A 875 16.99 77.89 -21.90
C GLU A 875 18.30 78.58 -21.54
N ILE A 876 18.23 79.78 -20.98
CA ILE A 876 19.41 80.50 -20.53
C ILE A 876 20.10 79.74 -19.39
N ARG A 877 19.30 79.10 -18.53
CA ARG A 877 19.89 78.26 -17.50
C ARG A 877 20.53 77.01 -18.08
N ALA A 878 19.97 76.48 -19.17
CA ALA A 878 20.56 75.31 -19.80
C ALA A 878 21.79 75.65 -20.62
N MET A 879 22.04 76.92 -20.91
CA MET A 879 23.23 77.30 -21.66
C MET A 879 24.50 77.07 -20.83
N VAL A 880 24.64 77.76 -19.70
CA VAL A 880 25.79 77.62 -18.81
C VAL A 880 25.30 77.16 -17.44
N SER A 881 25.97 76.20 -16.87
CA SER A 881 25.89 75.59 -15.56
C SER A 881 26.84 76.29 -14.59
N PRO A 882 26.51 76.36 -13.30
CA PRO A 882 27.42 77.01 -12.35
C PRO A 882 28.71 76.25 -12.11
N GLU A 883 28.69 74.92 -12.24
CA GLU A 883 29.90 74.13 -12.05
C GLU A 883 30.92 74.37 -13.15
N GLN A 884 30.44 74.67 -14.37
CA GLN A 884 31.34 75.06 -15.44
C GLN A 884 32.02 76.40 -15.13
N CYS A 885 31.29 77.31 -14.49
CA CYS A 885 31.89 78.57 -14.06
C CYS A 885 32.92 78.36 -12.98
N CYS A 886 32.68 77.42 -12.04
CA CYS A 886 33.68 77.12 -11.03
C CYS A 886 34.92 76.47 -11.62
N ALA A 887 34.74 75.60 -12.62
CA ALA A 887 35.89 75.00 -13.29
C ALA A 887 36.69 76.04 -14.07
N TYR A 888 36.00 77.00 -14.69
CA TYR A 888 36.71 78.07 -15.38
C TYR A 888 37.46 78.98 -14.43
N TYR A 889 36.87 79.26 -13.25
CA TYR A 889 37.54 80.09 -12.27
C TYR A 889 38.75 79.40 -11.69
N SER A 890 38.67 78.09 -11.49
CA SER A 890 39.82 77.31 -11.05
C SER A 890 40.93 77.34 -12.09
N MET A 891 40.57 77.24 -13.37
CA MET A 891 41.57 77.28 -14.44
C MET A 891 42.27 78.63 -14.50
N ILE A 892 41.52 79.73 -14.40
CA ILE A 892 42.17 81.02 -14.56
C ILE A 892 42.96 81.40 -13.30
N ALA A 893 42.52 80.95 -12.12
CA ALA A 893 43.30 81.18 -10.91
C ALA A 893 44.60 80.40 -10.94
N ALA A 894 44.56 79.16 -11.44
CA ALA A 894 45.79 78.37 -11.54
C ALA A 894 46.71 78.89 -12.62
N GLU A 895 46.14 79.41 -13.72
CA GLU A 895 46.90 80.13 -14.73
C GLU A 895 47.67 81.29 -14.14
N GLN A 896 47.01 82.07 -13.27
CA GLN A 896 47.70 83.24 -12.63
C GLN A 896 48.80 82.75 -11.71
N ARG A 897 48.54 81.74 -10.88
CA ARG A 897 49.55 81.27 -9.90
C ARG A 897 50.76 80.72 -10.64
N LEU A 898 50.54 79.91 -11.68
CA LEU A 898 51.66 79.37 -12.50
C LEU A 898 52.39 80.51 -13.19
N LYS A 899 51.64 81.47 -13.73
CA LYS A 899 52.28 82.61 -14.48
C LYS A 899 53.16 83.39 -13.51
N ASP A 900 52.67 83.66 -12.31
CA ASP A 900 53.45 84.42 -11.29
C ASP A 900 54.70 83.63 -10.91
N ALA A 901 54.57 82.31 -10.73
CA ALA A 901 55.74 81.46 -10.39
C ALA A 901 56.42 81.00 -11.69
N GLY A 902 57.04 81.94 -12.43
CA GLY A 902 57.73 81.60 -13.69
C GLY A 902 56.86 80.77 -14.62
N ASP A 924 58.29 71.62 -14.89
CA ASP A 924 57.11 70.86 -15.36
C ASP A 924 56.36 70.27 -14.15
N ASP A 925 57.03 70.22 -13.00
CA ASP A 925 56.40 69.63 -11.78
C ASP A 925 55.18 70.48 -11.41
N GLU A 926 55.32 71.79 -11.43
CA GLU A 926 54.20 72.70 -11.08
C GLU A 926 53.07 72.52 -12.09
N VAL A 927 53.40 72.35 -13.38
CA VAL A 927 52.38 72.18 -14.45
C VAL A 927 51.59 70.90 -14.19
N ARG A 928 52.23 69.85 -13.69
CA ARG A 928 51.51 68.60 -13.33
C ARG A 928 50.50 68.88 -12.22
N THR A 929 50.83 69.78 -11.28
CA THR A 929 49.92 70.10 -10.15
C THR A 929 48.80 71.05 -10.58
N ALA A 930 48.72 71.40 -11.87
CA ALA A 930 47.66 72.26 -12.35
C ALA A 930 46.36 71.47 -12.42
N PRO A 931 45.22 72.08 -12.06
CA PRO A 931 43.98 71.33 -11.89
C PRO A 931 43.42 70.71 -13.15
N TRP A 932 43.78 71.18 -14.34
CA TRP A 932 43.30 70.47 -15.54
C TRP A 932 43.95 69.11 -15.65
N ASN A 933 45.25 69.05 -15.36
CA ASN A 933 45.98 67.78 -15.37
C ASN A 933 45.50 66.84 -14.26
N THR A 934 45.33 67.36 -13.04
CA THR A 934 44.96 66.50 -11.92
C THR A 934 43.51 66.03 -12.02
N THR A 935 42.62 66.90 -12.53
CA THR A 935 41.23 66.48 -12.70
C THR A 935 41.09 65.46 -13.81
N ARG A 936 41.83 65.64 -14.92
CA ARG A 936 41.83 64.65 -15.98
C ARG A 936 42.38 63.31 -15.48
N ALA A 937 43.44 63.36 -14.67
CA ALA A 937 44.05 62.15 -14.12
C ALA A 937 43.10 61.41 -13.20
N PHE A 938 42.40 62.13 -12.32
CA PHE A 938 41.51 61.46 -11.38
C PHE A 938 40.28 60.90 -12.07
N ILE A 939 39.70 61.64 -13.01
CA ILE A 939 38.51 61.13 -13.66
C ILE A 939 38.84 59.95 -14.56
N ALA A 940 40.02 59.98 -15.20
CA ALA A 940 40.48 58.83 -15.98
C ALA A 940 40.77 57.63 -15.10
N ALA A 941 41.29 57.85 -13.89
CA ALA A 941 41.49 56.75 -12.96
C ALA A 941 40.18 56.17 -12.47
N MET A 942 39.15 57.00 -12.36
CA MET A 942 37.86 56.47 -11.93
C MET A 942 37.17 55.67 -13.03
N LYS A 943 37.41 56.00 -14.31
CA LYS A 943 36.86 55.08 -15.31
C LYS A 943 37.69 53.82 -15.46
N GLY A 944 38.90 53.77 -14.90
CA GLY A 944 39.78 52.64 -15.08
C GLY A 944 40.70 52.72 -16.28
N LYS A 945 40.74 53.87 -16.96
CA LYS A 945 41.71 54.11 -18.03
C LYS A 945 43.14 53.87 -17.56
N CYS A 946 43.53 54.51 -16.47
CA CYS A 946 44.92 54.53 -16.06
C CYS A 946 45.00 54.54 -14.55
N LEU A 947 46.21 54.41 -14.04
CA LEU A 947 46.45 54.48 -12.61
C LEU A 947 47.19 55.76 -12.26
N LEU A 948 47.21 56.07 -10.97
CA LEU A 948 47.86 57.27 -10.47
C LEU A 948 48.96 56.88 -9.52
N GLU A 949 50.11 57.54 -9.64
CA GLU A 949 51.11 57.44 -8.60
C GLU A 949 50.63 58.19 -7.37
N VAL A 950 50.37 57.47 -6.29
CA VAL A 950 49.79 58.12 -5.12
C VAL A 950 50.82 58.87 -4.29
N THR A 951 52.10 58.60 -4.50
CA THR A 951 53.17 59.42 -3.96
C THR A 951 53.87 60.12 -5.12
N GLY A 952 53.93 61.44 -5.06
CA GLY A 952 54.50 62.20 -6.14
C GLY A 952 54.67 63.65 -5.75
N VAL A 953 54.66 64.52 -6.76
CA VAL A 953 54.80 65.95 -6.52
C VAL A 953 53.48 66.71 -6.61
N ALA A 954 52.42 66.08 -7.14
CA ALA A 954 51.11 66.72 -7.17
C ALA A 954 50.39 66.65 -5.83
N ASP A 955 50.99 66.00 -4.85
CA ASP A 955 50.61 65.88 -3.45
C ASP A 955 50.41 67.27 -2.83
N PRO A 956 49.18 67.65 -2.47
CA PRO A 956 48.96 69.02 -1.96
C PRO A 956 49.47 69.24 -0.55
N THR A 957 49.83 68.18 0.17
CA THR A 957 50.39 68.34 1.51
C THR A 957 51.86 68.71 1.45
N GLY A 958 52.62 68.09 0.56
CA GLY A 958 54.05 68.24 0.57
C GLY A 958 54.76 67.24 1.44
N CYS A 959 54.01 66.37 2.13
CA CYS A 959 54.54 65.25 2.88
C CYS A 959 53.85 63.98 2.44
N GLY A 960 54.00 62.90 3.20
CA GLY A 960 53.42 61.62 2.82
C GLY A 960 51.91 61.55 2.91
N GLU A 961 51.29 62.47 3.64
CA GLU A 961 49.83 62.50 3.73
C GLU A 961 49.25 63.03 2.42
N GLY A 962 48.07 62.54 2.06
CA GLY A 962 47.42 62.99 0.84
C GLY A 962 47.92 62.28 -0.40
N PHE A 963 47.11 62.33 -1.44
CA PHE A 963 47.36 61.66 -2.71
C PHE A 963 47.95 62.64 -3.71
N SER A 964 48.44 62.09 -4.83
CA SER A 964 48.83 62.89 -5.98
C SER A 964 48.11 62.35 -7.21
N TYR A 965 47.38 63.20 -7.90
CA TYR A 965 46.58 62.77 -9.04
C TYR A 965 47.31 63.12 -10.33
N VAL A 966 48.27 62.27 -10.70
CA VAL A 966 48.92 62.36 -12.00
C VAL A 966 48.98 60.95 -12.60
N LYS A 967 48.79 60.87 -13.91
CA LYS A 967 48.57 59.61 -14.59
C LYS A 967 49.84 58.78 -14.65
N ILE A 968 49.70 57.48 -14.39
CA ILE A 968 50.76 56.52 -14.64
C ILE A 968 50.10 55.48 -15.54
N PRO A 969 50.84 54.81 -16.43
CA PRO A 969 50.22 53.73 -17.20
C PRO A 969 49.89 52.55 -16.30
N ASN A 970 48.87 51.84 -16.75
CA ASN A 970 48.47 50.60 -16.02
C ASN A 970 49.47 49.47 -16.32
N LYS A 971 50.59 49.76 -16.99
CA LYS A 971 51.64 48.72 -17.27
C LYS A 971 53.03 49.30 -17.02
N ASP A 992 67.30 30.57 -17.14
CA ASP A 992 67.05 29.12 -17.35
C ASP A 992 68.25 28.50 -18.08
N ALA A 993 69.11 29.34 -18.67
CA ALA A 993 70.30 28.84 -19.40
C ALA A 993 71.22 28.13 -18.41
N ASP A 994 71.43 28.72 -17.23
CA ASP A 994 72.28 28.08 -16.19
C ASP A 994 71.63 26.78 -15.75
N LEU A 995 70.30 26.78 -15.59
CA LEU A 995 69.56 25.57 -15.12
C LEU A 995 69.75 24.44 -16.13
N ARG A 996 69.71 24.74 -17.42
CA ARG A 996 69.95 23.71 -18.47
C ARG A 996 71.38 23.16 -18.32
N ARG A 997 72.35 24.05 -18.05
CA ARG A 997 73.78 23.62 -17.94
C ARG A 997 74.04 22.85 -16.63
N LEU A 998 73.12 22.88 -15.67
CA LEU A 998 73.33 22.21 -14.36
C LEU A 998 73.46 20.69 -14.53
N SER A 999 72.90 20.14 -15.62
CA SER A 999 72.96 18.68 -15.89
C SER A 999 72.30 17.89 -14.75
N LEU A 1000 71.17 18.39 -14.22
CA LEU A 1000 70.41 17.67 -13.17
C LEU A 1000 71.17 17.54 -11.84
N LYS A 1001 72.42 17.09 -11.85
CA LYS A 1001 73.10 16.86 -10.56
C LYS A 1001 73.31 18.16 -9.77
N ASN A 1002 73.77 19.21 -10.45
CA ASN A 1002 73.96 20.48 -9.77
C ASN A 1002 72.63 21.14 -9.41
N ALA A 1003 71.59 20.88 -10.18
CA ALA A 1003 70.25 21.36 -9.83
C ALA A 1003 69.72 20.66 -8.59
N LYS A 1004 70.03 19.36 -8.46
CA LYS A 1004 69.72 18.61 -7.23
C LYS A 1004 70.40 19.23 -6.02
N GLN A 1005 71.69 19.55 -6.15
CA GLN A 1005 72.40 20.22 -5.06
C GLN A 1005 71.84 21.62 -4.77
N LEU A 1006 71.39 22.32 -5.79
CA LEU A 1006 70.79 23.64 -5.57
C LEU A 1006 69.45 23.54 -4.85
N LEU A 1007 68.62 22.56 -5.23
CA LEU A 1007 67.36 22.32 -4.52
C LEU A 1007 67.61 21.92 -3.07
N ARG A 1008 68.68 21.17 -2.81
CA ARG A 1008 69.08 20.89 -1.43
C ARG A 1008 69.49 22.17 -0.71
N LYS A 1009 70.17 23.09 -1.41
CA LYS A 1009 70.63 24.32 -0.79
C LYS A 1009 69.47 25.27 -0.44
N PHE A 1010 68.47 25.37 -1.32
CA PHE A 1010 67.34 26.27 -1.05
C PHE A 1010 66.44 25.80 0.08
N GLY A 1011 66.47 24.51 0.41
CA GLY A 1011 65.54 23.97 1.39
C GLY A 1011 64.30 23.36 0.81
N VAL A 1012 64.32 22.98 -0.47
CA VAL A 1012 63.22 22.25 -1.10
C VAL A 1012 63.09 20.88 -0.44
N PRO A 1013 61.87 20.42 -0.13
CA PRO A 1013 61.70 19.11 0.52
C PRO A 1013 62.21 17.94 -0.32
N GLU A 1014 62.63 16.87 0.37
CA GLU A 1014 63.36 15.76 -0.24
C GLU A 1014 62.53 14.94 -1.22
N GLU A 1015 61.21 15.08 -1.23
CA GLU A 1015 60.38 14.37 -2.21
C GLU A 1015 60.64 14.88 -3.62
N GLU A 1016 60.66 16.20 -3.80
CA GLU A 1016 60.91 16.81 -5.10
C GLU A 1016 62.35 16.56 -5.56
N ILE A 1017 63.29 16.59 -4.62
CA ILE A 1017 64.67 16.20 -4.92
C ILE A 1017 64.75 14.72 -5.28
N LYS A 1018 63.86 13.91 -4.70
CA LYS A 1018 63.93 12.46 -4.81
C LYS A 1018 63.40 11.97 -6.15
N LYS A 1019 62.27 12.51 -6.61
CA LYS A 1019 61.65 11.98 -7.86
C LYS A 1019 62.72 11.81 -8.95
N LEU A 1020 63.88 12.46 -8.80
CA LEU A 1020 65.02 12.29 -9.75
C LEU A 1020 64.55 12.53 -11.19
N SER A 1021 63.70 13.53 -11.38
CA SER A 1021 63.17 13.83 -12.74
C SER A 1021 63.75 15.16 -13.20
N ARG A 1022 64.37 15.18 -14.38
CA ARG A 1022 65.00 16.43 -14.87
C ARG A 1022 63.91 17.49 -14.99
N TRP A 1023 62.74 17.10 -15.51
CA TRP A 1023 61.66 18.09 -15.73
C TRP A 1023 61.22 18.68 -14.39
N GLU A 1024 60.95 17.83 -13.41
CA GLU A 1024 60.43 18.33 -12.12
C GLU A 1024 61.51 19.16 -11.40
N VAL A 1025 62.75 18.65 -11.39
CA VAL A 1025 63.82 19.35 -10.61
C VAL A 1025 64.07 20.74 -11.20
N ILE A 1026 64.20 20.84 -12.53
CA ILE A 1026 64.52 22.16 -13.15
C ILE A 1026 63.36 23.13 -12.97
N ASP A 1027 62.12 22.67 -13.14
CA ASP A 1027 60.96 23.59 -13.05
C ASP A 1027 60.89 24.15 -11.63
N VAL A 1028 61.06 23.29 -10.62
CA VAL A 1028 61.02 23.73 -9.20
C VAL A 1028 62.20 24.67 -8.88
N VAL A 1029 63.39 24.36 -9.39
CA VAL A 1029 64.57 25.27 -9.17
C VAL A 1029 64.30 26.62 -9.84
N ARG A 1030 63.67 26.63 -11.01
CA ARG A 1030 63.31 27.90 -11.68
C ARG A 1030 62.31 28.67 -10.80
N THR A 1031 61.32 27.97 -10.26
CA THR A 1031 60.32 28.62 -9.37
C THR A 1031 61.03 29.15 -8.13
N MET A 1032 61.94 28.36 -7.55
CA MET A 1032 62.66 28.77 -6.32
C MET A 1032 63.51 30.01 -6.63
N SER A 1033 64.20 30.02 -7.78
CA SER A 1033 65.03 31.19 -8.17
C SER A 1033 64.14 32.43 -8.35
N THR A 1034 62.96 32.25 -8.96
CA THR A 1034 62.03 33.38 -9.21
C THR A 1034 61.61 33.98 -7.85
N GLU A 1035 61.32 33.13 -6.87
CA GLU A 1035 60.92 33.61 -5.52
C GLU A 1035 61.99 34.57 -4.99
N ARG A 1052 57.55 38.44 -13.20
CA ARG A 1052 57.64 39.70 -13.97
C ARG A 1052 56.23 40.25 -14.16
N PHE A 1053 55.44 40.32 -13.08
CA PHE A 1053 54.01 40.71 -13.25
C PHE A 1053 53.87 42.10 -13.84
N SER A 1054 53.03 42.24 -14.86
CA SER A 1054 52.73 43.58 -15.43
C SER A 1054 51.25 43.89 -15.18
N VAL A 1055 50.52 43.03 -14.44
CA VAL A 1055 49.04 43.20 -14.31
C VAL A 1055 48.55 43.23 -12.85
N ALA A 1056 48.46 42.08 -12.16
CA ALA A 1056 47.85 42.10 -10.82
C ALA A 1056 48.84 42.81 -9.91
N GLU A 1057 50.15 42.63 -10.10
CA GLU A 1057 51.10 43.24 -9.13
C GLU A 1057 50.90 44.76 -9.11
N HIS A 1058 50.93 45.41 -10.28
CA HIS A 1058 50.82 46.89 -10.32
C HIS A 1058 49.45 47.26 -9.77
N GLN A 1059 48.40 46.56 -10.21
CA GLN A 1059 47.07 47.03 -9.76
C GLN A 1059 46.96 46.92 -8.23
N GLU A 1060 47.38 45.81 -7.63
CA GLU A 1060 47.22 45.59 -6.17
C GLU A 1060 48.10 46.56 -5.42
N ARG A 1061 49.29 46.81 -5.94
CA ARG A 1061 50.21 47.73 -5.25
C ARG A 1061 49.55 49.11 -5.21
N TYR A 1062 48.99 49.55 -6.32
CA TYR A 1062 48.34 50.88 -6.34
C TYR A 1062 47.18 50.85 -5.34
N LYS A 1063 46.40 49.78 -5.34
CA LYS A 1063 45.22 49.73 -4.47
C LYS A 1063 45.66 49.83 -3.01
N GLU A 1064 46.68 49.09 -2.62
CA GLU A 1064 47.04 49.08 -1.19
C GLU A 1064 47.62 50.44 -0.86
N GLU A 1065 48.40 51.04 -1.74
CA GLU A 1065 48.93 52.37 -1.35
C GLU A 1065 47.75 53.33 -1.18
N CYS A 1066 46.74 53.21 -2.03
CA CYS A 1066 45.54 54.05 -1.88
C CYS A 1066 44.89 53.79 -0.52
N GLN A 1067 44.67 52.53 -0.10
CA GLN A 1067 44.01 52.38 1.22
C GLN A 1067 44.92 52.92 2.32
N ARG A 1068 46.20 52.69 2.20
CA ARG A 1068 47.04 53.20 3.29
C ARG A 1068 46.92 54.71 3.36
N ILE A 1069 47.01 55.44 2.24
CA ILE A 1069 46.99 56.93 2.35
C ILE A 1069 45.62 57.35 2.85
N PHE A 1070 44.56 56.70 2.38
CA PHE A 1070 43.21 57.16 2.80
C PHE A 1070 43.19 57.05 4.32
N ASP A 1071 43.61 55.89 4.86
CA ASP A 1071 43.55 55.65 6.33
C ASP A 1071 44.51 56.54 7.13
N LEU A 1072 45.67 56.95 6.58
CA LEU A 1072 46.53 57.87 7.33
C LEU A 1072 45.85 59.23 7.36
N GLN A 1073 45.29 59.67 6.25
CA GLN A 1073 44.67 61.03 6.24
C GLN A 1073 43.50 61.02 7.19
N ASN A 1074 42.67 59.96 7.19
CA ASN A 1074 41.52 60.03 8.09
C ASN A 1074 42.04 60.20 9.52
N LYS A 1075 43.02 59.38 9.90
CA LYS A 1075 43.44 59.49 11.30
C LYS A 1075 44.00 60.86 11.61
N VAL A 1076 44.91 61.36 10.78
CA VAL A 1076 45.56 62.63 11.17
C VAL A 1076 44.50 63.71 11.26
N LEU A 1077 43.59 63.75 10.29
CA LEU A 1077 42.63 64.87 10.29
C LEU A 1077 41.69 64.74 11.48
N SER A 1078 41.18 63.56 11.81
CA SER A 1078 40.23 63.53 12.93
C SER A 1078 40.91 63.61 14.31
N SER A 1079 42.26 63.56 14.35
CA SER A 1079 42.97 63.76 15.65
C SER A 1079 42.57 65.00 16.47
N THR A 1080 42.10 64.81 17.70
CA THR A 1080 41.82 65.97 18.59
C THR A 1080 43.04 66.17 19.49
N GLU A 1081 44.15 65.50 19.18
CA GLU A 1081 45.40 65.69 19.96
C GLU A 1081 45.92 67.11 19.73
N VAL A 1082 46.35 67.80 20.78
CA VAL A 1082 46.95 69.15 20.62
C VAL A 1082 48.31 69.01 19.94
N LEU A 1083 48.63 69.89 18.98
CA LEU A 1083 49.95 69.86 18.31
C LEU A 1083 50.77 71.07 18.79
N SER A 1084 52.00 70.84 19.24
CA SER A 1084 52.84 71.94 19.79
C SER A 1084 53.21 72.94 18.70
N THR A 1085 53.17 74.23 19.01
CA THR A 1085 53.62 75.26 18.03
C THR A 1085 55.11 75.02 17.78
N ASP A 1086 55.56 75.12 16.54
CA ASP A 1086 56.98 74.81 16.22
C ASP A 1086 57.74 76.11 15.98
N ALA A 1160 71.04 79.56 -9.90
CA ALA A 1160 71.94 78.49 -10.34
C ALA A 1160 73.36 79.04 -10.51
N THR A 1161 73.44 80.25 -11.05
CA THR A 1161 74.71 80.93 -11.32
C THR A 1161 75.32 81.57 -10.07
N GLY A 1162 74.54 81.70 -8.98
CA GLY A 1162 75.05 82.40 -7.79
C GLY A 1162 75.43 83.82 -8.17
N ARG A 1163 74.61 84.48 -8.99
CA ARG A 1163 74.96 85.85 -9.48
C ARG A 1163 73.89 86.87 -9.10
N CYS A 1164 74.28 87.98 -8.46
CA CYS A 1164 73.33 89.07 -8.13
C CYS A 1164 73.19 90.02 -9.32
N LEU A 1165 72.24 90.96 -9.26
CA LEU A 1165 72.02 91.91 -10.39
C LEU A 1165 72.31 93.34 -9.91
N LYS A 1166 73.13 94.09 -10.66
CA LYS A 1166 73.41 95.50 -10.30
C LYS A 1166 73.02 96.44 -11.46
N ILE A 1167 72.29 97.53 -11.16
CA ILE A 1167 71.80 98.46 -12.22
C ILE A 1167 72.38 99.86 -12.01
N TYR A 1168 72.91 100.48 -13.06
CA TYR A 1168 73.39 101.88 -12.97
C TYR A 1168 72.37 102.80 -13.63
N ARG A 1169 71.92 103.85 -12.93
CA ARG A 1169 70.87 104.74 -13.47
C ARG A 1169 71.38 106.17 -13.59
N THR A 1170 71.19 106.82 -14.75
CA THR A 1170 71.65 108.21 -14.97
C THR A 1170 70.43 109.13 -15.02
N PHE A 1171 70.40 110.16 -14.16
CA PHE A 1171 69.24 111.10 -14.13
C PHE A 1171 69.72 112.55 -14.06
N ARG A 1172 68.84 113.50 -14.35
CA ARG A 1172 69.19 114.94 -14.24
C ARG A 1172 68.46 115.57 -13.07
N ASP A 1173 69.20 116.20 -12.13
CA ASP A 1173 68.60 116.85 -10.94
C ASP A 1173 68.06 118.24 -11.32
N GLU A 1174 67.29 118.87 -10.42
CA GLU A 1174 66.77 120.25 -10.66
C GLU A 1174 67.93 121.20 -10.98
N GLU A 1175 67.66 122.34 -11.62
CA GLU A 1175 68.78 123.22 -12.10
C GLU A 1175 69.62 122.39 -13.07
N GLY A 1176 70.93 122.30 -12.85
CA GLY A 1176 71.74 121.43 -13.72
C GLY A 1176 72.59 120.43 -12.93
N LYS A 1177 72.35 119.13 -13.14
CA LYS A 1177 73.20 118.08 -12.50
C LYS A 1177 73.07 116.77 -13.29
N GLU A 1178 74.07 115.88 -13.22
CA GLU A 1178 73.96 114.55 -13.88
C GLU A 1178 74.44 113.46 -12.92
N TYR A 1179 73.69 113.22 -11.84
CA TYR A 1179 74.08 112.17 -10.86
C TYR A 1179 73.80 110.76 -11.43
N VAL A 1180 74.61 109.78 -11.05
CA VAL A 1180 74.41 108.38 -11.52
C VAL A 1180 74.19 107.48 -10.29
N ARG A 1181 73.15 106.64 -10.31
CA ARG A 1181 72.83 105.78 -9.12
C ARG A 1181 73.14 104.31 -9.45
N CYS A 1182 74.03 103.67 -8.69
CA CYS A 1182 74.30 102.23 -8.91
C CYS A 1182 73.53 101.45 -7.84
N GLU A 1183 72.57 100.61 -8.25
CA GLU A 1183 71.71 99.89 -7.27
C GLU A 1183 71.89 98.38 -7.47
N THR A 1184 72.15 97.64 -6.39
CA THR A 1184 72.41 96.19 -6.50
C THR A 1184 71.22 95.41 -5.97
N VAL A 1185 70.67 94.49 -6.77
CA VAL A 1185 69.52 93.64 -6.34
C VAL A 1185 70.04 92.25 -5.96
N ARG A 1186 69.96 91.89 -4.68
CA ARG A 1186 70.48 90.58 -4.21
C ARG A 1186 69.33 89.56 -4.12
N LYS A 1187 68.09 89.99 -4.37
CA LYS A 1187 66.93 89.11 -4.36
C LYS A 1187 66.75 88.42 -5.70
N PRO A 1188 67.01 87.10 -5.75
CA PRO A 1188 67.02 86.34 -7.01
C PRO A 1188 65.62 86.27 -7.64
N ALA A 1189 64.60 86.57 -6.84
CA ALA A 1189 63.22 86.64 -7.32
C ALA A 1189 62.98 87.92 -8.12
N VAL A 1190 63.45 89.05 -7.57
CA VAL A 1190 63.40 90.34 -8.24
C VAL A 1190 64.22 90.29 -9.53
N ILE A 1191 65.39 89.64 -9.44
CA ILE A 1191 66.25 89.42 -10.60
C ILE A 1191 65.50 88.80 -11.78
N ASP A 1192 64.91 87.64 -11.56
CA ASP A 1192 64.24 86.87 -12.61
C ASP A 1192 63.16 87.69 -13.33
N ALA A 1193 62.31 88.36 -12.56
CA ALA A 1193 61.22 89.16 -13.13
C ALA A 1193 61.73 90.40 -13.86
N TYR A 1194 62.78 90.99 -13.33
CA TYR A 1194 63.40 92.17 -13.95
C TYR A 1194 63.98 91.82 -15.33
N VAL A 1195 64.94 90.90 -15.34
CA VAL A 1195 65.60 90.46 -16.57
C VAL A 1195 64.63 89.98 -17.65
N ARG A 1196 63.59 89.23 -17.23
CA ARG A 1196 62.62 88.65 -18.20
C ARG A 1196 61.93 89.76 -19.02
N ILE A 1197 61.70 90.94 -18.42
CA ILE A 1197 61.09 92.05 -19.15
C ILE A 1197 62.06 92.62 -20.18
N ARG A 1198 63.31 92.85 -19.76
CA ARG A 1198 64.35 93.37 -20.69
C ARG A 1198 64.47 92.42 -21.87
N THR A 1199 64.74 91.13 -21.63
CA THR A 1199 64.86 90.13 -22.68
C THR A 1199 63.64 90.13 -23.60
N THR A 1200 62.47 90.42 -23.03
CA THR A 1200 61.25 90.53 -23.80
C THR A 1200 61.20 91.84 -24.57
N LYS A 1201 61.54 92.94 -23.89
CA LYS A 1201 61.58 94.25 -24.52
C LYS A 1201 62.72 94.35 -25.54
N ASP A 1202 63.76 93.54 -25.35
CA ASP A 1202 64.85 93.45 -26.32
C ASP A 1202 64.39 92.77 -27.60
N GLU A 1203 63.43 91.85 -27.46
CA GLU A 1203 62.84 91.16 -28.61
C GLU A 1203 61.58 91.87 -29.08
N GLU A 1204 61.09 92.80 -28.27
CA GLU A 1204 59.85 93.51 -28.57
C GLU A 1204 60.07 94.58 -29.64
N PHE A 1205 61.33 94.86 -29.95
CA PHE A 1205 61.67 95.77 -31.04
C PHE A 1205 61.22 95.18 -32.38
N HIS A 1216 51.62 100.59 -28.52
CA HIS A 1216 52.41 101.83 -28.29
C HIS A 1216 51.52 103.05 -28.54
N ARG A 1217 51.55 104.03 -27.65
CA ARG A 1217 50.74 105.26 -27.83
C ARG A 1217 51.23 105.99 -29.08
N GLU A 1218 52.54 106.02 -29.29
CA GLU A 1218 53.11 106.68 -30.49
C GLU A 1218 52.61 105.94 -31.73
N GLU A 1219 52.59 104.62 -31.69
CA GLU A 1219 52.13 103.83 -32.87
C GLU A 1219 50.63 104.11 -33.12
N MET A 1220 49.85 104.25 -32.06
CA MET A 1220 48.40 104.54 -32.19
C MET A 1220 48.24 105.91 -32.84
N ARG A 1221 49.06 106.87 -32.43
CA ARG A 1221 49.00 108.23 -33.03
C ARG A 1221 49.36 108.12 -34.52
N LYS A 1222 50.35 107.28 -34.84
CA LYS A 1222 50.78 107.11 -36.25
C LYS A 1222 49.62 106.52 -37.04
N GLU A 1223 48.91 105.56 -36.45
CA GLU A 1223 47.76 104.91 -37.12
C GLU A 1223 46.67 105.96 -37.35
N ARG A 1224 46.45 106.87 -36.40
CA ARG A 1224 45.41 107.94 -36.56
C ARG A 1224 45.85 108.92 -37.65
N ARG A 1225 47.17 109.14 -37.81
CA ARG A 1225 47.72 110.05 -38.87
C ARG A 1225 47.67 109.34 -40.22
N ARG A 1226 47.64 108.00 -40.23
CA ARG A 1226 47.46 107.22 -41.47
C ARG A 1226 45.99 107.26 -41.86
N ILE A 1227 45.10 107.11 -40.89
CA ILE A 1227 43.63 107.11 -41.20
C ILE A 1227 43.27 108.49 -41.73
N GLN A 1228 43.82 109.53 -41.12
CA GLN A 1228 43.57 110.94 -41.52
C GLN A 1228 43.99 111.15 -42.96
N GLU A 1229 45.11 110.58 -43.35
CA GLU A 1229 45.64 110.75 -44.73
C GLU A 1229 44.75 109.96 -45.68
N GLN A 1230 44.37 108.74 -45.29
CA GLN A 1230 43.56 107.87 -46.18
C GLN A 1230 42.22 108.54 -46.43
N LEU A 1231 41.62 109.13 -45.40
CA LEU A 1231 40.29 109.78 -45.53
C LEU A 1231 40.41 110.98 -46.47
N ARG A 1232 41.50 111.75 -46.32
CA ARG A 1232 41.70 112.93 -47.20
C ARG A 1232 41.84 112.44 -48.65
N ARG A 1233 42.57 111.35 -48.85
CA ARG A 1233 42.76 110.82 -50.21
C ARG A 1233 41.40 110.38 -50.75
N LEU A 1234 40.57 109.76 -49.92
CA LEU A 1234 39.22 109.29 -50.35
C LEU A 1234 38.36 110.49 -50.74
N LYS A 1235 38.41 111.57 -49.94
CA LYS A 1235 37.64 112.79 -50.24
C LYS A 1235 38.14 113.41 -51.55
N ARG A 1236 39.45 113.36 -51.82
CA ARG A 1236 40.02 113.87 -53.10
C ARG A 1236 39.48 113.01 -54.23
N ASN A 1237 39.39 111.69 -54.01
CA ASN A 1237 38.86 110.76 -55.03
C ASN A 1237 37.41 111.11 -55.31
N GLN A 1238 36.64 111.42 -54.26
CA GLN A 1238 35.21 111.79 -54.42
C GLN A 1238 35.13 113.07 -55.25
N GLU A 1239 36.00 114.05 -54.96
CA GLU A 1239 35.99 115.33 -55.70
C GLU A 1239 36.30 115.04 -57.16
N LYS A 1240 37.28 114.17 -57.42
CA LYS A 1240 37.68 113.84 -58.82
C LYS A 1240 36.47 113.20 -59.53
N GLU A 1241 35.77 112.31 -58.86
CA GLU A 1241 34.58 111.63 -59.46
C GLU A 1241 33.49 112.65 -59.77
N LYS A 1242 33.24 113.60 -58.85
CA LYS A 1242 32.11 114.54 -59.07
C LYS A 1242 32.50 115.62 -60.07
N GLY B 19 -7.29 80.45 -3.02
CA GLY B 19 -8.49 80.96 -2.39
C GLY B 19 -9.75 80.55 -3.11
N PHE B 20 -10.71 80.01 -2.37
CA PHE B 20 -11.98 79.54 -2.92
C PHE B 20 -13.10 80.37 -2.32
N GLU B 21 -13.84 81.07 -3.18
CA GLU B 21 -15.06 81.78 -2.83
C GLU B 21 -16.23 81.08 -3.51
N SER B 22 -17.28 80.82 -2.75
CA SER B 22 -18.40 80.02 -3.26
C SER B 22 -19.21 80.82 -4.26
N PRO B 23 -19.69 80.17 -5.33
CA PRO B 23 -20.71 80.81 -6.18
C PRO B 23 -22.09 80.82 -5.56
N ARG B 24 -22.34 79.92 -4.60
CA ARG B 24 -23.59 79.86 -3.86
C ARG B 24 -23.56 80.88 -2.72
N PRO B 25 -24.69 81.50 -2.39
CA PRO B 25 -24.73 82.43 -1.25
C PRO B 25 -24.88 81.77 0.10
N TYR B 26 -24.94 80.44 0.16
CA TYR B 26 -25.01 79.69 1.40
C TYR B 26 -23.87 78.70 1.44
N LYS B 27 -23.57 78.19 2.64
CA LYS B 27 -22.59 77.15 2.81
C LYS B 27 -23.25 75.94 3.47
N LEU B 28 -23.15 74.79 2.83
CA LEU B 28 -23.79 73.59 3.30
C LEU B 28 -22.84 72.83 4.23
N THR B 29 -23.32 72.47 5.41
CA THR B 29 -22.51 71.88 6.47
C THR B 29 -22.70 70.37 6.58
N HIS B 30 -23.94 69.91 6.59
CA HIS B 30 -24.29 68.54 6.88
C HIS B 30 -25.49 68.19 6.03
N GLN B 31 -25.55 66.94 5.58
CA GLN B 31 -26.73 66.49 4.87
C GLN B 31 -27.11 65.08 5.33
N VAL B 32 -28.39 64.90 5.61
CA VAL B 32 -28.95 63.60 5.96
C VAL B 32 -29.74 63.10 4.77
N VAL B 33 -29.41 61.92 4.28
CA VAL B 33 -30.14 61.26 3.22
C VAL B 33 -30.74 60.00 3.79
N CYS B 34 -32.06 59.96 3.90
CA CYS B 34 -32.77 58.80 4.40
C CYS B 34 -33.63 58.24 3.28
N ILE B 35 -33.50 56.94 3.05
CA ILE B 35 -34.24 56.25 1.99
C ILE B 35 -35.04 55.15 2.66
N ASN B 36 -36.35 55.19 2.45
CA ASN B 36 -37.27 54.14 2.89
C ASN B 36 -37.89 53.50 1.66
N ASN B 37 -38.54 52.36 1.88
CA ASN B 37 -39.52 51.77 0.95
C ASN B 37 -38.98 51.55 -0.46
N ILE B 38 -37.79 50.96 -0.55
CA ILE B 38 -37.25 50.63 -1.87
C ILE B 38 -38.08 49.48 -2.42
N ASN B 39 -38.99 49.79 -3.32
CA ASN B 39 -39.89 48.81 -3.89
C ASN B 39 -39.31 48.34 -5.21
N PHE B 40 -39.01 47.06 -5.31
CA PHE B 40 -38.39 46.54 -6.51
C PHE B 40 -39.38 46.14 -7.57
N GLN B 41 -40.59 45.75 -7.17
CA GLN B 41 -41.65 45.45 -8.13
C GLN B 41 -42.08 46.70 -8.87
N ARG B 42 -42.28 47.79 -8.15
CA ARG B 42 -42.78 49.03 -8.73
C ARG B 42 -41.68 49.99 -9.13
N LYS B 43 -40.42 49.68 -8.79
CA LYS B 43 -39.22 50.47 -9.09
C LYS B 43 -39.36 51.90 -8.54
N SER B 44 -39.44 51.97 -7.22
CA SER B 44 -39.84 53.20 -6.55
C SER B 44 -39.12 53.33 -5.23
N VAL B 45 -38.63 54.54 -4.94
CA VAL B 45 -38.11 54.81 -3.60
C VAL B 45 -38.81 56.03 -3.04
N VAL B 46 -38.91 56.07 -1.71
CA VAL B 46 -39.45 57.21 -0.97
C VAL B 46 -38.35 57.63 0.00
N GLY B 47 -38.25 58.93 0.29
CA GLY B 47 -37.31 59.30 1.30
C GLY B 47 -37.41 60.76 1.65
N PHE B 48 -36.49 61.19 2.50
CA PHE B 48 -36.30 62.61 2.72
C PHE B 48 -34.82 62.96 2.68
N VAL B 49 -34.58 64.25 2.73
CA VAL B 49 -33.27 64.89 2.68
C VAL B 49 -33.33 66.08 3.60
N GLU B 50 -32.39 66.19 4.51
CA GLU B 50 -32.34 67.32 5.42
C GLU B 50 -30.97 67.97 5.35
N LEU B 51 -30.95 69.20 4.83
CA LEU B 51 -29.74 69.99 4.65
C LEU B 51 -29.61 71.03 5.74
N THR B 52 -28.37 71.35 6.10
CA THR B 52 -28.05 72.27 7.17
C THR B 52 -27.18 73.36 6.57
N ILE B 53 -27.79 74.47 6.17
CA ILE B 53 -27.07 75.52 5.47
C ILE B 53 -26.88 76.71 6.40
N PHE B 54 -25.74 77.39 6.23
CA PHE B 54 -25.45 78.66 6.86
C PHE B 54 -25.43 79.73 5.79
N PRO B 55 -26.32 80.71 5.82
CA PRO B 55 -26.27 81.77 4.82
C PRO B 55 -25.06 82.66 5.01
N THR B 56 -24.38 82.97 3.91
CA THR B 56 -23.23 83.85 3.97
C THR B 56 -23.57 85.29 3.64
N VAL B 57 -24.67 85.47 2.92
CA VAL B 57 -25.15 86.83 2.59
C VAL B 57 -26.49 86.95 3.27
N ALA B 58 -26.80 88.12 3.79
CA ALA B 58 -28.13 88.34 4.39
C ALA B 58 -29.16 88.53 3.28
N ASN B 59 -30.44 88.51 3.63
CA ASN B 59 -31.51 88.60 2.60
C ASN B 59 -31.38 87.41 1.65
N LEU B 60 -31.13 86.22 2.17
CA LEU B 60 -30.91 85.07 1.27
C LEU B 60 -32.18 84.89 0.47
N ASN B 61 -33.37 84.94 1.09
CA ASN B 61 -34.57 84.70 0.26
C ASN B 61 -34.40 83.36 -0.45
N ARG B 62 -34.54 83.26 -1.76
CA ARG B 62 -34.53 81.93 -2.43
C ARG B 62 -33.26 81.11 -2.20
N ILE B 63 -33.38 79.78 -2.05
CA ILE B 63 -32.22 78.84 -1.96
C ILE B 63 -32.38 77.91 -3.16
N LYS B 64 -31.38 77.73 -4.00
CA LYS B 64 -31.53 76.97 -5.27
C LYS B 64 -30.80 75.63 -5.22
N LEU B 65 -31.51 74.50 -5.20
CA LEU B 65 -30.95 73.17 -5.10
C LEU B 65 -31.14 72.43 -6.42
N ASN B 66 -30.43 71.32 -6.54
CA ASN B 66 -30.45 70.52 -7.77
C ASN B 66 -31.31 69.28 -7.57
N SER B 67 -32.18 69.01 -8.52
CA SER B 67 -33.05 67.84 -8.45
C SER B 67 -33.51 67.49 -9.85
N LYS B 68 -33.37 66.22 -10.21
CA LYS B 68 -33.94 65.68 -11.43
C LYS B 68 -34.68 64.40 -11.09
N GLN B 69 -35.82 64.19 -11.73
CA GLN B 69 -36.68 63.01 -11.69
C GLN B 69 -37.36 62.76 -10.35
N CYS B 70 -37.09 63.54 -9.32
CA CYS B 70 -37.68 63.32 -8.03
C CYS B 70 -38.96 64.16 -7.92
N ARG B 71 -40.01 63.52 -7.44
CA ARG B 71 -41.27 64.23 -7.20
C ARG B 71 -41.15 64.83 -5.81
N ILE B 72 -41.12 66.13 -5.67
CA ILE B 72 -40.94 66.80 -4.38
C ILE B 72 -42.29 66.95 -3.70
N TYR B 73 -42.47 66.26 -2.57
CA TYR B 73 -43.75 66.30 -1.89
C TYR B 73 -43.91 67.57 -1.05
N ARG B 74 -43.06 67.74 -0.04
CA ARG B 74 -43.11 68.92 0.79
C ARG B 74 -41.71 69.35 1.18
N VAL B 75 -41.57 70.64 1.46
CA VAL B 75 -40.32 71.26 1.88
C VAL B 75 -40.63 72.10 3.11
N ARG B 76 -39.91 71.85 4.20
CA ARG B 76 -40.05 72.63 5.43
C ARG B 76 -38.72 73.22 5.81
N ILE B 77 -38.66 74.53 5.96
CA ILE B 77 -37.43 75.22 6.38
C ILE B 77 -37.60 75.63 7.83
N ASN B 78 -36.75 75.06 8.71
CA ASN B 78 -36.80 75.24 10.16
C ASN B 78 -38.17 74.86 10.72
N ASP B 79 -38.71 73.74 10.23
CA ASP B 79 -40.04 73.19 10.53
C ASP B 79 -41.17 74.16 10.19
N LEU B 80 -40.95 75.09 9.27
CA LEU B 80 -41.99 75.97 8.76
C LEU B 80 -42.20 75.65 7.29
N GLU B 81 -43.46 75.60 6.88
CA GLU B 81 -43.79 75.19 5.52
C GLU B 81 -43.38 76.26 4.53
N ALA B 82 -42.61 75.86 3.52
CA ALA B 82 -42.08 76.76 2.52
C ALA B 82 -42.60 76.39 1.14
N ALA B 83 -42.53 77.36 0.23
CA ALA B 83 -43.02 77.19 -1.13
C ALA B 83 -41.85 77.03 -2.09
N PHE B 84 -41.93 76.02 -2.94
CA PHE B 84 -40.89 75.74 -3.92
C PHE B 84 -41.50 75.82 -5.32
N ILE B 85 -40.65 76.11 -6.29
CA ILE B 85 -41.02 76.00 -7.70
C ILE B 85 -39.94 75.22 -8.43
N TYR B 86 -40.37 74.28 -9.26
CA TYR B 86 -39.47 73.39 -9.98
C TYR B 86 -39.63 73.68 -11.48
N ASN B 87 -38.49 73.87 -12.15
CA ASN B 87 -38.47 73.85 -13.61
C ASN B 87 -37.11 73.37 -14.09
N ASP B 88 -37.13 72.45 -15.05
CA ASP B 88 -35.92 71.90 -15.64
C ASP B 88 -35.85 72.31 -17.09
N PRO B 89 -34.98 73.25 -17.47
CA PRO B 89 -34.86 73.63 -18.88
C PRO B 89 -34.18 72.61 -19.74
N THR B 90 -33.52 71.61 -19.17
CA THR B 90 -32.83 70.59 -19.95
C THR B 90 -33.73 69.40 -20.28
N LEU B 91 -35.01 69.47 -20.00
CA LEU B 91 -35.91 68.39 -20.39
C LEU B 91 -36.22 68.45 -21.87
N GLU B 92 -36.63 69.62 -22.36
CA GLU B 92 -36.79 69.89 -23.78
C GLU B 92 -35.98 71.14 -24.07
N VAL B 93 -34.83 70.97 -24.73
CA VAL B 93 -33.84 72.04 -24.81
C VAL B 93 -34.35 73.18 -25.70
N CYS B 94 -34.75 72.86 -26.92
CA CYS B 94 -35.42 73.81 -27.80
C CYS B 94 -36.90 73.48 -27.85
N HIS B 95 -37.69 74.48 -28.23
CA HIS B 95 -39.13 74.33 -28.32
C HIS B 95 -39.51 73.36 -29.43
N SER B 96 -40.68 72.74 -29.28
CA SER B 96 -41.11 71.77 -30.28
C SER B 96 -41.54 72.45 -31.57
N GLU B 97 -42.02 73.69 -31.49
CA GLU B 97 -42.55 74.40 -32.64
C GLU B 97 -41.55 75.37 -33.24
N SER B 98 -40.26 75.20 -32.97
CA SER B 98 -39.23 75.94 -33.69
C SER B 98 -38.74 75.09 -34.84
N LYS B 99 -38.64 75.69 -36.01
CA LYS B 99 -38.27 74.97 -37.22
C LYS B 99 -36.77 74.97 -37.47
N GLN B 100 -35.96 75.34 -36.48
CA GLN B 100 -34.52 75.25 -36.60
C GLN B 100 -34.09 73.80 -36.63
N ARG B 101 -33.11 73.48 -37.49
CA ARG B 101 -32.60 72.12 -37.59
C ARG B 101 -31.08 72.07 -37.66
N ASN B 102 -30.39 73.19 -37.49
CA ASN B 102 -28.94 73.17 -37.44
C ASN B 102 -28.45 72.82 -36.04
N LEU B 103 -27.22 72.33 -35.97
CA LEU B 103 -26.67 71.81 -34.73
C LEU B 103 -26.03 72.87 -33.86
N ASN B 104 -25.54 73.97 -34.46
CA ASN B 104 -24.96 75.04 -33.64
C ASN B 104 -26.00 75.69 -32.75
N TYR B 105 -27.24 75.81 -33.25
CA TYR B 105 -28.35 76.30 -32.45
C TYR B 105 -28.62 75.39 -31.27
N PHE B 106 -28.63 74.07 -31.50
CA PHE B 106 -28.88 73.14 -30.40
C PHE B 106 -27.73 73.12 -29.41
N SER B 107 -26.50 73.28 -29.88
CA SER B 107 -25.36 73.25 -28.97
C SER B 107 -25.34 74.48 -28.09
N ASN B 108 -25.69 75.64 -28.64
CA ASN B 108 -25.76 76.85 -27.82
C ASN B 108 -26.94 76.79 -26.86
N ALA B 109 -28.09 76.26 -27.31
CA ALA B 109 -29.25 76.16 -26.43
C ALA B 109 -29.03 75.12 -25.33
N TYR B 110 -28.33 74.04 -25.66
CA TYR B 110 -28.04 72.99 -24.68
C TYR B 110 -27.01 73.47 -23.67
N ALA B 111 -26.02 74.25 -24.10
CA ALA B 111 -25.07 74.83 -23.17
C ALA B 111 -25.74 75.85 -22.26
N ALA B 112 -26.68 76.64 -22.80
CA ALA B 112 -27.38 77.60 -21.97
C ALA B 112 -28.33 76.91 -20.98
N ALA B 113 -28.93 75.80 -21.40
CA ALA B 113 -29.82 75.06 -20.52
C ALA B 113 -29.06 74.38 -19.39
N VAL B 114 -27.91 73.80 -19.69
CA VAL B 114 -27.08 73.19 -18.66
C VAL B 114 -26.48 74.25 -17.75
N SER B 115 -26.16 75.43 -18.29
CA SER B 115 -25.68 76.51 -17.44
C SER B 115 -26.78 77.12 -16.60
N ALA B 116 -28.05 76.94 -16.97
CA ALA B 116 -29.16 77.45 -16.17
C ALA B 116 -29.51 76.55 -15.01
N VAL B 117 -29.08 75.29 -15.02
CA VAL B 117 -29.23 74.40 -13.87
C VAL B 117 -27.91 74.14 -13.18
N ASP B 118 -26.88 74.89 -13.52
CA ASP B 118 -25.54 74.63 -13.03
C ASP B 118 -25.43 75.04 -11.57
N PRO B 119 -25.02 74.14 -10.68
CA PRO B 119 -24.68 74.56 -9.30
C PRO B 119 -23.32 75.20 -9.19
N ASP B 120 -22.53 75.20 -10.26
CA ASP B 120 -21.25 75.89 -10.26
C ASP B 120 -21.41 77.38 -10.52
N ALA B 121 -22.53 77.78 -11.07
CA ALA B 121 -23.03 79.14 -10.93
C ALA B 121 -23.93 79.16 -9.70
N GLY B 122 -24.69 80.23 -9.52
CA GLY B 122 -25.58 80.21 -8.38
C GLY B 122 -26.85 79.41 -8.55
N ASN B 123 -27.06 78.83 -9.72
CA ASN B 123 -28.38 78.37 -10.13
C ASN B 123 -28.68 76.98 -9.60
N GLY B 124 -29.79 76.43 -10.08
CA GLY B 124 -30.31 75.17 -9.61
C GLY B 124 -31.72 75.05 -10.12
N GLU B 125 -32.25 73.83 -10.01
CA GLU B 125 -33.51 73.50 -10.66
C GLU B 125 -34.69 73.68 -9.72
N LEU B 126 -34.50 73.40 -8.44
CA LEU B 126 -35.53 73.55 -7.43
C LEU B 126 -35.26 74.85 -6.68
N CYS B 127 -36.20 75.80 -6.76
CA CYS B 127 -36.05 77.10 -6.13
C CYS B 127 -37.01 77.17 -4.95
N ILE B 128 -36.46 77.16 -3.74
CA ILE B 128 -37.24 77.18 -2.51
C ILE B 128 -37.23 78.59 -1.96
N LYS B 129 -38.39 79.08 -1.56
CA LYS B 129 -38.52 80.42 -1.02
C LYS B 129 -38.51 80.37 0.50
N VAL B 130 -37.64 81.17 1.10
CA VAL B 130 -37.55 81.23 2.56
C VAL B 130 -38.80 81.90 3.11
N PRO B 131 -39.45 81.33 4.13
CA PRO B 131 -40.61 81.97 4.72
C PRO B 131 -40.27 83.32 5.36
N SER B 132 -41.31 84.13 5.54
CA SER B 132 -41.10 85.52 5.92
C SER B 132 -40.57 85.67 7.35
N GLU B 133 -41.10 84.86 8.28
CA GLU B 133 -40.71 84.94 9.68
C GLU B 133 -39.27 84.52 9.95
N LEU B 134 -38.61 83.89 9.00
CA LEU B 134 -37.22 83.52 9.13
C LEU B 134 -36.27 84.57 8.56
N TRP B 135 -36.79 85.70 8.08
CA TRP B 135 -35.88 86.70 7.52
C TRP B 135 -35.04 87.35 8.61
N LYS B 136 -35.61 87.56 9.79
CA LYS B 136 -34.83 87.97 10.95
C LYS B 136 -33.90 86.86 11.45
N HIS B 137 -34.11 85.62 11.02
CA HIS B 137 -33.16 84.55 11.29
C HIS B 137 -32.10 84.44 10.20
N VAL B 138 -32.32 85.05 9.04
CA VAL B 138 -31.35 84.86 7.96
C VAL B 138 -30.46 86.09 7.79
N ASP B 139 -30.90 87.26 8.26
CA ASP B 139 -30.11 88.47 8.05
C ASP B 139 -28.90 88.50 8.98
N GLU B 140 -29.10 88.25 10.27
CA GLU B 140 -28.01 87.88 11.15
C GLU B 140 -27.80 86.38 11.02
N LEU B 141 -26.67 86.00 10.43
CA LEU B 141 -26.51 84.77 9.67
C LEU B 141 -26.52 83.53 10.57
N LYS B 142 -27.71 82.93 10.72
CA LYS B 142 -27.90 81.78 11.58
C LYS B 142 -28.43 80.61 10.75
N VAL B 143 -28.44 79.44 11.36
CA VAL B 143 -28.55 78.19 10.63
C VAL B 143 -29.97 77.99 10.11
N LEU B 144 -30.07 77.29 8.97
CA LEU B 144 -31.34 76.94 8.37
C LEU B 144 -31.32 75.45 8.07
N LYS B 145 -32.36 74.73 8.50
CA LYS B 145 -32.46 73.29 8.29
C LYS B 145 -33.63 73.00 7.36
N ILE B 146 -33.32 72.57 6.15
CA ILE B 146 -34.29 72.37 5.09
C ILE B 146 -34.59 70.89 4.98
N HIS B 147 -35.87 70.53 5.16
CA HIS B 147 -36.33 69.15 5.15
C HIS B 147 -37.22 68.98 3.94
N ILE B 148 -36.67 68.40 2.89
CA ILE B 148 -37.41 68.04 1.70
C ILE B 148 -37.74 66.56 1.81
N ASN B 149 -38.94 66.15 1.48
CA ASN B 149 -39.19 64.73 1.30
C ASN B 149 -39.70 64.47 -0.10
N PHE B 150 -39.18 63.42 -0.71
CA PHE B 150 -39.32 63.20 -2.14
C PHE B 150 -39.64 61.73 -2.40
N SER B 151 -39.79 61.42 -3.69
CA SER B 151 -40.12 60.09 -4.15
C SER B 151 -39.72 59.90 -5.60
N LEU B 152 -39.01 58.83 -5.90
CA LEU B 152 -38.73 58.46 -7.29
C LEU B 152 -39.74 57.39 -7.68
N ASP B 153 -40.58 57.72 -8.66
CA ASP B 153 -41.74 56.91 -8.98
C ASP B 153 -41.36 55.73 -9.87
N GLN B 154 -40.55 55.98 -10.89
CA GLN B 154 -40.00 54.89 -11.76
C GLN B 154 -38.81 55.52 -12.46
N PRO B 155 -37.63 55.61 -11.83
CA PRO B 155 -36.51 56.36 -12.41
C PRO B 155 -35.96 55.93 -13.77
N LYS B 156 -35.75 56.88 -14.67
CA LYS B 156 -35.14 56.60 -15.99
C LYS B 156 -33.65 56.90 -15.94
N GLY B 157 -33.17 57.41 -14.80
CA GLY B 157 -31.74 57.73 -14.64
C GLY B 157 -31.34 57.75 -13.18
N GLY B 158 -30.05 57.73 -12.88
CA GLY B 158 -29.63 57.83 -11.47
C GLY B 158 -29.62 56.47 -10.84
N LEU B 159 -30.73 56.07 -10.22
CA LEU B 159 -30.81 54.70 -9.66
C LEU B 159 -31.22 53.75 -10.78
N HIS B 160 -30.44 52.68 -11.00
CA HIS B 160 -30.82 51.65 -12.00
C HIS B 160 -31.30 50.41 -11.27
N PHE B 161 -32.54 49.98 -11.53
CA PHE B 161 -33.08 48.78 -10.87
C PHE B 161 -32.90 47.58 -11.80
N VAL B 162 -32.00 46.65 -11.44
CA VAL B 162 -31.85 45.41 -12.19
C VAL B 162 -32.72 44.37 -11.48
N VAL B 163 -33.89 44.10 -12.05
CA VAL B 163 -34.81 43.13 -11.49
C VAL B 163 -34.98 41.99 -12.48
N PRO B 164 -34.43 40.82 -12.21
CA PRO B 164 -34.59 39.69 -13.13
C PRO B 164 -36.00 39.14 -13.04
N SER B 165 -36.38 38.36 -14.04
CA SER B 165 -37.73 37.84 -14.14
C SER B 165 -37.85 36.39 -13.67
N VAL B 166 -36.91 35.91 -12.85
CA VAL B 166 -37.11 34.67 -12.12
C VAL B 166 -38.05 34.92 -10.95
N GLU B 167 -38.93 33.96 -10.66
CA GLU B 167 -39.81 34.10 -9.51
C GLU B 167 -39.10 33.71 -8.22
N GLY B 168 -39.75 34.05 -7.12
CA GLY B 168 -39.15 33.99 -5.80
C GLY B 168 -39.13 35.36 -5.16
N SER B 169 -38.52 35.42 -3.99
CA SER B 169 -38.28 36.69 -3.32
C SER B 169 -37.23 37.49 -4.11
N MET B 170 -37.19 38.79 -3.83
CA MET B 170 -36.28 39.68 -4.55
C MET B 170 -34.81 39.37 -4.27
N ALA B 171 -34.50 38.80 -3.12
CA ALA B 171 -33.15 38.29 -2.89
C ALA B 171 -32.94 36.92 -3.53
N GLU B 172 -34.00 36.15 -3.75
CA GLU B 172 -33.85 34.84 -4.36
C GLU B 172 -33.72 34.91 -5.88
N ARG B 173 -34.16 35.99 -6.50
CA ARG B 173 -34.03 36.16 -7.93
C ARG B 173 -32.84 37.03 -8.32
N GLY B 174 -32.27 37.80 -7.38
CA GLY B 174 -31.06 38.53 -7.64
C GLY B 174 -31.27 39.95 -8.11
N ALA B 175 -32.21 40.65 -7.50
CA ALA B 175 -32.58 42.00 -7.88
C ALA B 175 -31.79 43.00 -7.07
N HIS B 176 -31.31 44.06 -7.73
CA HIS B 176 -30.46 45.02 -7.03
C HIS B 176 -30.62 46.40 -7.65
N VAL B 177 -30.18 47.41 -6.90
CA VAL B 177 -30.22 48.80 -7.31
C VAL B 177 -28.79 49.32 -7.19
N PHE B 178 -28.41 50.21 -8.11
CA PHE B 178 -27.15 50.94 -7.93
C PHE B 178 -27.27 52.31 -8.56
N SER B 179 -26.52 53.26 -8.02
CA SER B 179 -26.51 54.62 -8.55
C SER B 179 -25.57 54.70 -9.75
N CYS B 180 -26.12 55.05 -10.91
CA CYS B 180 -25.32 55.13 -12.16
C CYS B 180 -25.20 56.59 -12.59
N GLY B 181 -24.38 56.86 -13.60
CA GLY B 181 -24.18 58.23 -14.09
C GLY B 181 -22.73 58.66 -13.99
N TYR B 182 -22.39 59.82 -14.55
CA TYR B 182 -21.00 60.32 -14.52
C TYR B 182 -20.99 61.78 -14.06
N GLN B 183 -19.89 62.21 -13.43
CA GLN B 183 -19.78 63.61 -12.93
C GLN B 183 -20.90 63.93 -11.94
N ASN B 184 -21.57 65.06 -12.12
CA ASN B 184 -22.63 65.51 -11.19
C ASN B 184 -23.97 64.88 -11.57
N SER B 185 -24.23 63.64 -11.13
CA SER B 185 -25.47 62.94 -11.50
C SER B 185 -26.15 62.38 -10.25
N THR B 186 -25.84 62.94 -9.08
CA THR B 186 -26.48 62.59 -7.84
C THR B 186 -27.77 63.36 -7.65
N ARG B 187 -28.00 64.40 -8.46
CA ARG B 187 -29.28 65.10 -8.51
C ARG B 187 -30.38 64.21 -9.05
N PHE B 188 -30.04 63.11 -9.70
CA PHE B 188 -30.98 62.19 -10.30
C PHE B 188 -31.63 61.27 -9.30
N TRP B 189 -31.15 61.20 -8.05
CA TRP B 189 -31.83 60.36 -7.08
C TRP B 189 -32.04 60.97 -5.70
N PHE B 190 -31.41 62.09 -5.34
CA PHE B 190 -31.93 62.88 -4.23
C PHE B 190 -31.60 64.34 -4.47
N PRO B 191 -32.39 65.27 -3.91
CA PRO B 191 -32.08 66.70 -4.07
C PRO B 191 -30.86 67.10 -3.26
N CYS B 192 -29.95 67.81 -3.91
CA CYS B 192 -28.67 68.15 -3.29
C CYS B 192 -28.12 69.42 -3.93
N VAL B 193 -26.93 69.79 -3.51
CA VAL B 193 -26.13 70.80 -4.21
C VAL B 193 -25.08 70.00 -4.97
N ASP B 194 -25.39 69.68 -6.23
CA ASP B 194 -24.64 68.67 -6.97
C ASP B 194 -23.43 69.27 -7.68
N SER B 195 -22.54 69.85 -6.89
CA SER B 195 -21.27 70.36 -7.37
C SER B 195 -20.16 69.69 -6.60
N TYR B 196 -18.98 69.66 -7.22
CA TYR B 196 -17.81 69.09 -6.57
C TYR B 196 -17.17 70.01 -5.54
N SER B 197 -17.66 71.24 -5.42
CA SER B 197 -17.08 72.24 -4.54
C SER B 197 -17.86 72.44 -3.26
N GLU B 198 -19.04 71.84 -3.15
CA GLU B 198 -19.86 71.96 -1.95
C GLU B 198 -19.62 70.73 -1.10
N LEU B 199 -18.62 70.80 -0.24
CA LEU B 199 -18.24 69.70 0.62
C LEU B 199 -19.00 69.80 1.95
N CYS B 200 -19.51 68.67 2.42
CA CYS B 200 -20.25 68.62 3.67
C CYS B 200 -20.08 67.25 4.28
N THR B 201 -20.44 67.12 5.55
CA THR B 201 -20.45 65.79 6.15
C THR B 201 -21.82 65.15 5.97
N TRP B 202 -21.86 63.83 6.05
CA TRP B 202 -23.00 63.08 5.57
C TRP B 202 -23.50 62.09 6.59
N LYS B 203 -24.81 61.85 6.55
CA LYS B 203 -25.45 60.83 7.37
C LYS B 203 -26.47 60.11 6.50
N LEU B 204 -26.25 58.82 6.25
CA LEU B 204 -26.98 58.10 5.21
C LEU B 204 -27.69 56.89 5.82
N GLU B 205 -29.02 56.88 5.75
CA GLU B 205 -29.80 55.76 6.27
C GLU B 205 -30.58 55.12 5.14
N PHE B 206 -30.54 53.79 5.07
CA PHE B 206 -31.23 53.05 4.01
C PHE B 206 -32.00 51.90 4.65
N THR B 207 -33.32 51.89 4.52
CA THR B 207 -34.17 50.84 5.08
C THR B 207 -34.46 49.84 3.98
N VAL B 208 -33.75 48.71 3.99
CA VAL B 208 -33.85 47.72 2.93
C VAL B 208 -34.47 46.45 3.49
N ASP B 209 -34.68 45.46 2.62
CA ASP B 209 -35.17 44.16 3.02
C ASP B 209 -34.17 43.46 3.93
N ALA B 210 -34.66 42.49 4.69
CA ALA B 210 -33.81 41.83 5.67
C ALA B 210 -32.78 40.92 5.04
N ALA B 211 -33.03 40.44 3.82
CA ALA B 211 -32.10 39.57 3.12
C ALA B 211 -31.15 40.34 2.22
N MET B 212 -31.24 41.66 2.19
CA MET B 212 -30.40 42.50 1.35
C MET B 212 -29.45 43.33 2.20
N VAL B 213 -28.42 43.86 1.54
CA VAL B 213 -27.42 44.70 2.16
C VAL B 213 -27.32 45.98 1.34
N ALA B 214 -27.18 47.12 2.04
CA ALA B 214 -27.09 48.45 1.45
C ALA B 214 -25.68 48.97 1.64
N VAL B 215 -24.95 49.15 0.55
CA VAL B 215 -23.57 49.60 0.56
C VAL B 215 -23.56 51.05 0.14
N SER B 216 -22.82 51.89 0.85
CA SER B 216 -22.77 53.30 0.53
C SER B 216 -21.48 53.89 1.08
N ASN B 217 -21.38 55.21 1.05
CA ASN B 217 -20.16 55.89 1.43
C ASN B 217 -20.13 56.15 2.94
N GLY B 218 -18.93 56.15 3.49
CA GLY B 218 -18.73 56.33 4.90
C GLY B 218 -18.41 55.02 5.58
N ASP B 219 -18.58 55.00 6.90
CA ASP B 219 -18.52 53.72 7.61
C ASP B 219 -19.85 53.45 8.27
N LEU B 220 -20.23 52.17 8.23
CA LEU B 220 -21.48 51.68 8.76
C LEU B 220 -21.42 51.70 10.27
N VAL B 221 -22.18 52.60 10.89
CA VAL B 221 -22.10 52.71 12.34
C VAL B 221 -22.96 51.64 13.01
N GLU B 222 -24.11 51.31 12.44
CA GLU B 222 -24.95 50.26 13.00
C GLU B 222 -25.88 49.72 11.92
N THR B 223 -26.61 48.67 12.28
CA THR B 223 -27.65 48.08 11.43
C THR B 223 -28.75 47.57 12.34
N VAL B 224 -29.83 48.33 12.44
CA VAL B 224 -30.93 47.98 13.33
C VAL B 224 -32.03 47.33 12.53
N TYR B 225 -32.77 46.44 13.18
CA TYR B 225 -33.97 45.83 12.62
C TYR B 225 -35.18 46.74 12.77
N THR B 226 -36.20 46.45 11.97
CA THR B 226 -37.50 47.07 12.09
C THR B 226 -38.33 46.22 13.05
N HIS B 227 -39.43 46.79 13.56
CA HIS B 227 -40.22 46.13 14.60
C HIS B 227 -40.92 44.86 14.14
N ASP B 228 -41.08 44.67 12.83
CA ASP B 228 -41.57 43.40 12.32
C ASP B 228 -40.45 42.44 11.96
N MET B 229 -39.20 42.89 12.03
CA MET B 229 -38.00 42.15 11.64
C MET B 229 -38.03 41.68 10.19
N ARG B 230 -38.74 42.40 9.33
CA ARG B 230 -38.75 42.09 7.91
C ARG B 230 -37.87 43.02 7.11
N LYS B 231 -37.49 44.15 7.68
CA LYS B 231 -36.61 45.13 7.05
C LYS B 231 -35.55 45.55 8.06
N LYS B 232 -34.43 46.04 7.56
CA LYS B 232 -33.43 46.59 8.45
C LYS B 232 -32.86 47.87 7.88
N THR B 233 -32.44 48.76 8.77
CA THR B 233 -31.93 50.07 8.41
C THR B 233 -30.42 50.08 8.56
N PHE B 234 -29.72 50.41 7.49
CA PHE B 234 -28.27 50.59 7.52
C PHE B 234 -27.98 52.07 7.74
N HIS B 235 -27.22 52.37 8.78
CA HIS B 235 -26.79 53.72 9.10
C HIS B 235 -25.33 53.88 8.73
N TYR B 236 -25.04 54.81 7.83
CA TYR B 236 -23.70 55.17 7.43
C TYR B 236 -23.40 56.58 7.89
N MET B 237 -22.15 56.83 8.22
CA MET B 237 -21.75 58.18 8.59
C MET B 237 -20.48 58.52 7.85
N LEU B 238 -20.40 59.72 7.29
CA LEU B 238 -19.23 60.17 6.54
C LEU B 238 -18.76 61.46 7.18
N THR B 239 -17.68 61.37 7.94
CA THR B 239 -17.11 62.51 8.63
C THR B 239 -16.07 63.25 7.81
N ILE B 240 -15.47 62.59 6.82
CA ILE B 240 -14.63 63.29 5.85
C ILE B 240 -15.56 64.07 4.93
N PRO B 241 -15.40 65.39 4.82
CA PRO B 241 -16.33 66.17 4.00
C PRO B 241 -16.18 65.96 2.51
N THR B 242 -17.13 65.23 1.93
CA THR B 242 -17.18 64.98 0.51
C THR B 242 -18.26 65.82 -0.14
N ALA B 243 -18.23 65.87 -1.46
CA ALA B 243 -19.27 66.52 -2.24
C ALA B 243 -20.45 65.58 -2.41
N ALA B 244 -21.57 66.15 -2.87
CA ALA B 244 -22.75 65.34 -3.15
C ALA B 244 -22.54 64.44 -4.35
N SER B 245 -21.67 64.83 -5.27
CA SER B 245 -21.44 64.07 -6.48
C SER B 245 -20.66 62.78 -6.23
N ASN B 246 -20.03 62.65 -5.07
CA ASN B 246 -19.25 61.47 -4.72
C ASN B 246 -20.03 60.49 -3.83
N ILE B 247 -21.33 60.69 -3.67
CA ILE B 247 -22.15 59.86 -2.79
C ILE B 247 -22.83 58.82 -3.66
N SER B 248 -22.71 57.55 -3.26
CA SER B 248 -23.28 56.47 -4.05
C SER B 248 -24.11 55.50 -3.21
N LEU B 249 -24.59 54.44 -3.85
CA LEU B 249 -25.52 53.50 -3.25
C LEU B 249 -25.57 52.21 -4.05
N ALA B 250 -25.54 51.07 -3.37
CA ALA B 250 -25.72 49.78 -4.01
C ALA B 250 -26.49 48.89 -3.03
N ILE B 251 -27.73 48.57 -3.36
CA ILE B 251 -28.60 47.78 -2.52
C ILE B 251 -28.86 46.47 -3.23
N GLY B 252 -28.53 45.35 -2.58
CA GLY B 252 -28.76 44.08 -3.21
C GLY B 252 -28.49 42.90 -2.32
N PRO B 253 -28.71 41.69 -2.82
CA PRO B 253 -28.45 40.49 -2.02
C PRO B 253 -27.00 40.02 -2.15
N PHE B 254 -26.07 40.92 -1.82
CA PHE B 254 -24.67 40.72 -2.13
C PHE B 254 -24.03 39.70 -1.20
N GLU B 255 -23.14 38.90 -1.75
CA GLU B 255 -22.26 38.04 -0.99
C GLU B 255 -21.11 38.89 -0.49
N ILE B 256 -20.95 38.95 0.82
CA ILE B 256 -19.93 39.75 1.48
C ILE B 256 -18.65 38.93 1.62
N LEU B 257 -17.51 39.56 1.34
CA LEU B 257 -16.21 38.93 1.53
C LEU B 257 -15.27 39.96 2.12
N VAL B 258 -14.82 39.72 3.33
CA VAL B 258 -13.81 40.58 3.92
C VAL B 258 -12.45 40.21 3.33
N ASP B 259 -11.65 41.21 2.99
CA ASP B 259 -10.32 40.98 2.45
C ASP B 259 -9.44 40.29 3.49
N PRO B 260 -8.85 39.15 3.18
CA PRO B 260 -8.04 38.45 4.19
C PRO B 260 -6.71 39.12 4.47
N TYR B 261 -6.28 40.09 3.66
CA TYR B 261 -5.02 40.82 3.88
C TYR B 261 -5.25 42.17 4.56
N MET B 262 -6.16 42.98 4.04
CA MET B 262 -6.45 44.31 4.60
C MET B 262 -7.84 44.14 5.17
N HIS B 263 -8.09 44.56 6.39
CA HIS B 263 -9.38 44.20 7.02
C HIS B 263 -10.39 45.33 7.07
N GLU B 264 -10.14 46.46 6.45
CA GLU B 264 -11.18 47.48 6.39
C GLU B 264 -11.77 47.41 4.99
N VAL B 265 -11.34 46.47 4.17
CA VAL B 265 -11.81 46.42 2.76
C VAL B 265 -12.76 45.25 2.62
N THR B 266 -14.02 45.52 2.27
CA THR B 266 -15.05 44.49 2.06
C THR B 266 -15.40 44.47 0.58
N HIS B 267 -15.55 43.31 -0.02
CA HIS B 267 -15.89 43.08 -1.41
C HIS B 267 -17.27 42.46 -1.48
N PHE B 268 -18.15 43.05 -2.29
CA PHE B 268 -19.52 42.59 -2.43
C PHE B 268 -19.71 42.09 -3.85
N CYS B 269 -20.28 40.91 -3.99
CA CYS B 269 -20.57 40.40 -5.32
C CYS B 269 -22.01 39.94 -5.40
N LEU B 270 -22.45 39.65 -6.61
CA LEU B 270 -23.77 39.08 -6.80
C LEU B 270 -23.75 37.62 -6.38
N PRO B 271 -24.90 37.04 -6.02
CA PRO B 271 -24.91 35.64 -5.56
C PRO B 271 -24.46 34.66 -6.63
N GLN B 272 -23.83 33.58 -6.15
CA GLN B 272 -23.15 32.49 -6.86
C GLN B 272 -21.84 32.90 -7.50
N LEU B 273 -21.32 34.11 -7.22
CA LEU B 273 -20.07 34.55 -7.80
C LEU B 273 -19.00 34.81 -6.76
N LEU B 274 -19.10 34.19 -5.59
CA LEU B 274 -18.09 34.32 -4.54
C LEU B 274 -16.71 33.75 -4.87
N PRO B 275 -16.54 32.59 -5.53
CA PRO B 275 -15.15 32.16 -5.85
C PRO B 275 -14.46 33.06 -6.86
N LEU B 276 -15.21 33.58 -7.82
CA LEU B 276 -14.66 34.53 -8.77
C LEU B 276 -14.25 35.82 -8.07
N LEU B 277 -15.02 36.23 -7.06
CA LEU B 277 -14.69 37.43 -6.30
C LEU B 277 -13.44 37.22 -5.46
N LYS B 278 -13.32 36.04 -4.84
CA LYS B 278 -12.14 35.67 -4.08
C LYS B 278 -10.88 35.71 -4.94
N HIS B 279 -10.94 35.14 -6.14
CA HIS B 279 -9.75 35.14 -6.98
C HIS B 279 -9.46 36.52 -7.56
N THR B 280 -10.50 37.25 -7.95
CA THR B 280 -10.32 38.51 -8.66
C THR B 280 -9.78 39.59 -7.74
N THR B 281 -10.39 39.76 -6.57
CA THR B 281 -9.99 40.82 -5.66
C THR B 281 -8.89 40.42 -4.70
N SER B 282 -8.07 39.44 -5.08
CA SER B 282 -6.96 39.01 -4.24
C SER B 282 -5.69 39.79 -4.48
N TYR B 283 -5.64 40.61 -5.52
CA TYR B 283 -4.46 41.40 -5.84
C TYR B 283 -4.50 42.79 -5.22
N LEU B 284 -5.68 43.26 -4.79
CA LEU B 284 -5.92 44.67 -4.50
C LEU B 284 -5.08 45.21 -3.34
N HIS B 285 -4.60 44.34 -2.44
CA HIS B 285 -3.77 44.82 -1.34
C HIS B 285 -2.42 45.30 -1.83
N GLU B 286 -1.92 44.74 -2.94
CA GLU B 286 -0.68 45.23 -3.52
C GLU B 286 -0.87 46.58 -4.19
N VAL B 287 -2.06 46.84 -4.72
CA VAL B 287 -2.36 48.14 -5.29
C VAL B 287 -2.45 49.19 -4.19
N PHE B 288 -3.06 48.82 -3.05
CA PHE B 288 -3.10 49.68 -1.87
C PHE B 288 -1.70 50.01 -1.37
N GLU B 289 -0.84 48.99 -1.29
CA GLU B 289 0.52 49.18 -0.80
C GLU B 289 1.35 50.04 -1.72
N PHE B 290 1.16 49.90 -3.04
CA PHE B 290 1.86 50.77 -3.98
C PHE B 290 1.42 52.22 -3.83
N TYR B 291 0.11 52.47 -3.86
CA TYR B 291 -0.37 53.85 -3.83
C TYR B 291 -0.12 54.52 -2.49
N GLU B 292 0.07 53.75 -1.43
CA GLU B 292 0.47 54.32 -0.17
C GLU B 292 1.98 54.34 0.04
N GLU B 293 2.77 53.78 -0.85
CA GLU B 293 4.21 54.02 -0.64
C GLU B 293 4.81 54.98 -1.66
N ILE B 294 4.20 55.21 -2.82
CA ILE B 294 4.75 56.27 -3.68
C ILE B 294 4.31 57.64 -3.19
N LEU B 295 3.03 57.83 -2.92
CA LEU B 295 2.59 58.88 -2.02
C LEU B 295 2.90 58.43 -0.60
N THR B 296 3.02 59.37 0.31
CA THR B 296 3.28 58.99 1.69
C THR B 296 2.07 59.13 2.59
N CYS B 297 0.92 59.49 2.04
CA CYS B 297 -0.31 59.48 2.80
C CYS B 297 -0.91 58.08 2.80
N ARG B 298 -1.47 57.68 3.93
CA ARG B 298 -2.30 56.48 3.97
C ARG B 298 -3.62 56.74 3.24
N TYR B 299 -4.37 55.68 3.04
CA TYR B 299 -5.68 55.77 2.41
C TYR B 299 -6.60 56.61 3.27
N PRO B 300 -7.21 57.67 2.74
CA PRO B 300 -7.83 58.68 3.60
C PRO B 300 -9.12 58.22 4.26
N TYR B 301 -9.88 57.34 3.62
CA TYR B 301 -11.14 56.90 4.18
C TYR B 301 -10.93 55.72 5.11
N SER B 302 -11.90 55.52 5.99
CA SER B 302 -11.79 54.50 7.02
C SER B 302 -12.15 53.10 6.53
N CYS B 303 -12.88 52.99 5.42
CA CYS B 303 -13.18 51.71 4.81
C CYS B 303 -12.99 51.81 3.31
N PHE B 304 -13.01 50.65 2.66
CA PHE B 304 -13.07 50.59 1.21
C PHE B 304 -14.02 49.46 0.82
N LYS B 305 -14.90 49.73 -0.14
CA LYS B 305 -15.91 48.78 -0.54
C LYS B 305 -15.92 48.66 -2.06
N THR B 306 -15.78 47.44 -2.57
CA THR B 306 -15.86 47.17 -3.99
C THR B 306 -17.13 46.37 -4.27
N VAL B 307 -18.02 46.93 -5.08
CA VAL B 307 -19.29 46.31 -5.41
C VAL B 307 -19.25 45.89 -6.87
N PHE B 308 -19.63 44.64 -7.14
CA PHE B 308 -19.68 44.10 -8.49
C PHE B 308 -21.14 43.83 -8.83
N ILE B 309 -21.62 44.44 -9.91
CA ILE B 309 -23.03 44.53 -10.23
C ILE B 309 -23.24 44.15 -11.70
N ASP B 310 -24.51 44.05 -12.06
CA ASP B 310 -24.91 43.72 -13.42
C ASP B 310 -25.51 44.94 -14.11
N GLU B 311 -25.31 44.99 -15.43
CA GLU B 311 -25.77 46.09 -16.30
C GLU B 311 -25.22 47.43 -15.84
N ALA B 312 -23.90 47.49 -15.67
CA ALA B 312 -23.26 48.68 -15.14
C ALA B 312 -23.24 49.79 -16.17
N TYR B 313 -23.16 51.02 -15.67
CA TYR B 313 -23.07 52.20 -16.54
C TYR B 313 -21.72 52.25 -17.22
N VAL B 314 -20.67 52.41 -16.42
CA VAL B 314 -19.30 52.32 -16.91
C VAL B 314 -18.68 51.05 -16.33
N GLU B 315 -17.54 50.67 -16.88
CA GLU B 315 -16.86 49.46 -16.43
C GLU B 315 -16.31 49.61 -15.02
N VAL B 316 -15.95 50.83 -14.64
CA VAL B 316 -15.47 51.11 -13.30
C VAL B 316 -15.84 52.54 -12.90
N ALA B 317 -16.57 52.69 -11.81
CA ALA B 317 -16.92 53.99 -11.26
C ALA B 317 -16.34 54.10 -9.86
N ALA B 318 -15.82 55.28 -9.52
CA ALA B 318 -15.17 55.48 -8.24
C ALA B 318 -15.87 56.63 -7.52
N TYR B 319 -16.36 56.35 -6.33
CA TYR B 319 -16.99 57.32 -5.46
C TYR B 319 -16.16 57.44 -4.19
N ALA B 320 -16.66 58.21 -3.24
CA ALA B 320 -15.96 58.37 -1.97
C ALA B 320 -16.07 57.08 -1.16
N SER B 321 -14.92 56.45 -0.90
CA SER B 321 -14.78 55.24 -0.08
C SER B 321 -15.50 54.05 -0.69
N MET B 322 -15.66 54.01 -2.00
CA MET B 322 -16.49 53.00 -2.64
C MET B 322 -16.17 52.97 -4.12
N SER B 323 -16.24 51.79 -4.72
CA SER B 323 -16.08 51.66 -6.16
C SER B 323 -17.11 50.65 -6.65
N ILE B 324 -17.67 50.92 -7.82
CA ILE B 324 -18.69 50.08 -8.42
C ILE B 324 -18.14 49.58 -9.74
N PHE B 325 -17.85 48.28 -9.81
CA PHE B 325 -17.38 47.62 -11.01
C PHE B 325 -18.50 46.76 -11.56
N SER B 326 -18.37 46.38 -12.83
CA SER B 326 -19.32 45.42 -13.39
C SER B 326 -18.85 44.01 -13.08
N THR B 327 -19.81 43.08 -13.06
CA THR B 327 -19.46 41.68 -12.78
C THR B 327 -18.69 41.03 -13.92
N ASN B 328 -18.68 41.63 -15.11
CA ASN B 328 -17.96 41.07 -16.24
C ASN B 328 -16.45 41.15 -16.09
N LEU B 329 -15.94 41.81 -15.05
CA LEU B 329 -14.54 41.78 -14.70
C LEU B 329 -14.15 40.55 -13.88
N LEU B 330 -15.12 39.84 -13.32
CA LEU B 330 -14.83 38.71 -12.45
C LEU B 330 -14.43 37.51 -13.29
N HIS B 331 -13.23 37.00 -13.04
CA HIS B 331 -12.69 35.84 -13.72
C HIS B 331 -12.24 34.83 -12.69
N SER B 332 -11.95 33.62 -13.12
CA SER B 332 -11.46 32.60 -12.22
C SER B 332 -9.95 32.47 -12.38
N ALA B 333 -9.37 31.46 -11.75
CA ALA B 333 -7.92 31.28 -11.78
C ALA B 333 -7.41 30.77 -13.11
N MET B 334 -8.25 30.14 -13.91
CA MET B 334 -7.85 29.55 -15.17
C MET B 334 -8.12 30.47 -16.35
N ILE B 335 -8.42 31.73 -16.11
CA ILE B 335 -8.71 32.69 -17.16
C ILE B 335 -7.52 33.65 -17.27
N ILE B 336 -6.83 33.58 -18.39
CA ILE B 336 -5.82 34.55 -18.74
C ILE B 336 -6.40 35.42 -19.85
N ASP B 337 -5.66 36.48 -20.21
CA ASP B 337 -6.03 37.58 -21.10
C ASP B 337 -7.12 38.48 -20.51
N GLU B 338 -7.58 38.19 -19.29
CA GLU B 338 -8.52 39.02 -18.54
C GLU B 338 -7.94 39.48 -17.21
N THR B 339 -6.96 38.75 -16.65
CA THR B 339 -6.27 39.19 -15.44
C THR B 339 -5.62 40.57 -15.51
N PRO B 340 -4.87 40.97 -16.56
CA PRO B 340 -4.31 42.33 -16.55
C PRO B 340 -5.36 43.41 -16.71
N LEU B 341 -6.43 43.16 -17.44
CA LEU B 341 -7.44 44.19 -17.65
C LEU B 341 -8.23 44.48 -16.39
N THR B 342 -8.67 43.43 -15.69
CA THR B 342 -9.33 43.61 -14.40
C THR B 342 -8.39 44.20 -13.37
N ARG B 343 -7.12 43.79 -13.41
CA ARG B 343 -6.12 44.31 -12.48
C ARG B 343 -5.93 45.82 -12.66
N ARG B 344 -5.87 46.28 -13.90
CA ARG B 344 -5.70 47.71 -14.10
C ARG B 344 -6.98 48.49 -13.91
N CYS B 345 -8.17 47.87 -14.05
CA CYS B 345 -9.39 48.55 -13.66
C CYS B 345 -9.44 48.80 -12.15
N LEU B 346 -9.06 47.80 -11.35
CA LEU B 346 -8.94 48.00 -9.90
C LEU B 346 -7.94 49.09 -9.56
N ALA B 347 -6.82 49.11 -10.29
CA ALA B 347 -5.78 50.11 -10.01
C ALA B 347 -6.23 51.53 -10.34
N GLN B 348 -6.93 51.73 -11.44
CA GLN B 348 -7.35 53.09 -11.73
C GLN B 348 -8.54 53.53 -10.87
N SER B 349 -9.35 52.58 -10.39
CA SER B 349 -10.35 52.96 -9.40
C SER B 349 -9.71 53.43 -8.10
N LEU B 350 -8.62 52.78 -7.68
CA LEU B 350 -7.94 53.23 -6.47
C LEU B 350 -7.21 54.56 -6.66
N ALA B 351 -6.65 54.78 -7.86
CA ALA B 351 -6.03 56.07 -8.15
C ALA B 351 -7.05 57.20 -8.12
N GLN B 352 -8.25 56.94 -8.63
CA GLN B 352 -9.31 57.93 -8.53
C GLN B 352 -9.86 58.06 -7.12
N GLN B 353 -9.72 57.02 -6.28
CA GLN B 353 -10.05 57.17 -4.87
C GLN B 353 -9.13 58.18 -4.20
N PHE B 354 -7.86 58.14 -4.55
CA PHE B 354 -6.92 59.10 -3.97
C PHE B 354 -7.14 60.50 -4.51
N PHE B 355 -7.24 60.65 -5.84
CA PHE B 355 -7.14 61.97 -6.44
C PHE B 355 -8.34 62.36 -7.29
N GLY B 356 -9.51 61.80 -7.03
CA GLY B 356 -10.70 62.35 -7.62
C GLY B 356 -11.80 62.56 -6.61
N CYS B 357 -11.69 61.84 -5.50
CA CYS B 357 -12.71 61.78 -4.46
C CYS B 357 -12.26 62.41 -3.15
N PHE B 358 -10.98 62.30 -2.81
CA PHE B 358 -10.50 62.96 -1.61
C PHE B 358 -10.12 64.40 -1.93
N ILE B 359 -9.18 64.60 -2.84
CA ILE B 359 -8.92 65.93 -3.39
C ILE B 359 -9.84 66.11 -4.59
N SER B 360 -10.71 67.10 -4.50
CA SER B 360 -11.71 67.36 -5.51
C SER B 360 -11.36 68.60 -6.31
N ARG B 361 -12.30 69.03 -7.12
CA ARG B 361 -12.14 70.04 -8.15
C ARG B 361 -12.65 71.37 -7.66
N MET B 362 -11.94 72.44 -7.99
CA MET B 362 -12.42 73.75 -7.58
C MET B 362 -13.39 74.38 -8.58
N SER B 363 -13.20 74.13 -9.88
CA SER B 363 -14.10 74.61 -10.91
C SER B 363 -14.32 73.46 -11.89
N TRP B 364 -14.93 73.74 -13.05
CA TRP B 364 -14.85 72.72 -14.09
C TRP B 364 -13.52 72.78 -14.80
N SER B 365 -12.97 73.97 -14.98
CA SER B 365 -11.53 74.09 -15.15
C SER B 365 -10.86 73.58 -13.88
N ASP B 366 -9.59 73.18 -14.00
CA ASP B 366 -8.77 72.45 -13.02
C ASP B 366 -9.22 71.00 -12.91
N GLU B 367 -9.97 70.49 -13.89
CA GLU B 367 -10.28 69.07 -13.95
C GLU B 367 -9.11 68.30 -14.53
N TRP B 368 -8.34 68.95 -15.41
CA TRP B 368 -7.16 68.35 -16.00
C TRP B 368 -6.13 67.99 -14.94
N VAL B 369 -6.09 68.74 -13.83
CA VAL B 369 -5.17 68.45 -12.75
C VAL B 369 -5.50 67.09 -12.13
N LEU B 370 -6.77 66.88 -11.79
CA LEU B 370 -7.15 65.64 -11.12
C LEU B 370 -7.07 64.45 -12.05
N LYS B 371 -7.56 64.60 -13.29
CA LYS B 371 -7.48 63.52 -14.26
C LYS B 371 -6.03 63.18 -14.60
N GLY B 372 -5.16 64.20 -14.63
CA GLY B 372 -3.77 63.94 -14.92
C GLY B 372 -3.04 63.26 -13.78
N ILE B 373 -3.36 63.62 -12.53
CA ILE B 373 -2.70 62.98 -11.40
C ILE B 373 -3.17 61.54 -11.27
N SER B 374 -4.47 61.28 -11.48
CA SER B 374 -4.99 59.92 -11.45
C SER B 374 -4.36 59.06 -12.52
N GLY B 375 -4.36 59.53 -13.77
CA GLY B 375 -3.75 58.76 -14.84
C GLY B 375 -2.25 58.60 -14.71
N TYR B 376 -1.58 59.60 -14.14
CA TYR B 376 -0.12 59.52 -14.00
C TYR B 376 0.28 58.52 -12.92
N ILE B 377 -0.39 58.54 -11.76
CA ILE B 377 -0.02 57.55 -10.73
C ILE B 377 -0.49 56.16 -11.12
N TYR B 378 -1.54 56.05 -11.95
CA TYR B 378 -1.91 54.74 -12.46
C TYR B 378 -0.89 54.23 -13.47
N GLY B 379 -0.27 55.14 -14.23
CA GLY B 379 0.83 54.73 -15.09
C GLY B 379 2.08 54.34 -14.33
N LEU B 380 2.33 54.98 -13.19
CA LEU B 380 3.43 54.55 -12.33
C LEU B 380 3.19 53.16 -11.75
N TRP B 381 1.92 52.88 -11.40
CA TRP B 381 1.56 51.53 -10.98
C TRP B 381 1.77 50.52 -12.09
N MET B 382 1.38 50.87 -13.31
CA MET B 382 1.57 49.98 -14.43
C MET B 382 3.05 49.74 -14.72
N LYS B 383 3.87 50.78 -14.53
CA LYS B 383 5.32 50.64 -14.70
C LYS B 383 5.89 49.66 -13.70
N LYS B 384 5.59 49.82 -12.41
CA LYS B 384 6.10 48.88 -11.40
C LYS B 384 5.55 47.47 -11.58
N THR B 385 4.26 47.34 -11.90
CA THR B 385 3.64 46.02 -11.96
C THR B 385 4.03 45.27 -13.23
N PHE B 386 3.76 45.86 -14.40
CA PHE B 386 3.96 45.16 -15.65
C PHE B 386 5.27 45.50 -16.34
N GLY B 387 6.17 46.25 -15.71
CA GLY B 387 7.42 46.52 -16.36
C GLY B 387 7.45 47.84 -17.11
N VAL B 388 8.68 48.37 -17.23
CA VAL B 388 8.95 49.58 -17.97
C VAL B 388 8.60 49.45 -19.45
N ASN B 389 8.75 48.27 -20.04
CA ASN B 389 8.45 48.09 -21.46
C ASN B 389 6.96 48.19 -21.73
N GLU B 390 6.14 47.59 -20.86
CA GLU B 390 4.69 47.77 -20.96
C GLU B 390 4.28 49.20 -20.70
N TYR B 391 4.99 49.90 -19.81
CA TYR B 391 4.76 51.33 -19.61
C TYR B 391 5.03 52.15 -20.86
N ARG B 392 6.17 51.89 -21.54
CA ARG B 392 6.50 52.62 -22.76
C ARG B 392 5.51 52.32 -23.88
N HIS B 393 5.07 51.07 -23.99
CA HIS B 393 4.10 50.70 -25.01
C HIS B 393 2.76 51.36 -24.75
N TRP B 394 2.36 51.44 -23.48
CA TRP B 394 1.10 52.10 -23.13
C TRP B 394 1.16 53.60 -23.40
N ILE B 395 2.28 54.24 -23.04
CA ILE B 395 2.44 55.67 -23.27
C ILE B 395 2.45 55.98 -24.77
N LYS B 396 3.08 55.12 -25.57
CA LYS B 396 3.07 55.33 -27.01
C LYS B 396 1.68 55.12 -27.61
N GLU B 397 0.91 54.16 -27.11
CA GLU B 397 -0.43 53.98 -27.69
C GLU B 397 -1.36 55.11 -27.28
N GLU B 398 -1.17 55.70 -26.09
CA GLU B 398 -1.98 56.85 -25.70
C GLU B 398 -1.60 58.08 -26.52
N LEU B 399 -0.31 58.25 -26.79
CA LEU B 399 0.14 59.39 -27.59
C LEU B 399 -0.33 59.28 -29.04
N ASP B 400 -0.31 58.07 -29.60
CA ASP B 400 -0.84 57.87 -30.94
C ASP B 400 -2.35 58.12 -30.99
N LYS B 401 -3.06 57.71 -29.94
CA LYS B 401 -4.49 57.98 -29.80
C LYS B 401 -4.80 59.47 -29.83
N ILE B 402 -4.04 60.27 -29.08
CA ILE B 402 -4.34 61.70 -29.02
C ILE B 402 -3.91 62.41 -30.29
N VAL B 403 -2.81 62.01 -30.91
CA VAL B 403 -2.45 62.72 -32.14
C VAL B 403 -3.42 62.35 -33.26
N ALA B 404 -3.95 61.13 -33.26
CA ALA B 404 -5.00 60.78 -34.22
C ALA B 404 -6.27 61.58 -33.98
N TYR B 405 -6.68 61.74 -32.71
CA TYR B 405 -7.90 62.48 -32.42
C TYR B 405 -7.75 63.98 -32.67
N GLU B 406 -6.61 64.55 -32.31
CA GLU B 406 -6.42 65.99 -32.47
C GLU B 406 -6.18 66.38 -33.92
N LEU B 407 -5.56 65.52 -34.72
CA LEU B 407 -5.50 65.80 -36.15
C LEU B 407 -6.82 65.49 -36.84
N LYS B 408 -7.65 64.62 -36.26
CA LYS B 408 -8.95 64.34 -36.86
C LYS B 408 -9.91 65.52 -36.69
N THR B 409 -10.08 66.00 -35.47
CA THR B 409 -11.03 67.08 -35.19
C THR B 409 -10.46 68.05 -34.16
N GLY B 410 -9.90 69.15 -34.65
CA GLY B 410 -9.58 70.29 -33.81
C GLY B 410 -8.49 70.05 -32.78
N GLY B 411 -8.90 69.90 -31.53
CA GLY B 411 -7.96 69.57 -30.47
C GLY B 411 -8.60 69.56 -29.11
N VAL B 412 -7.95 68.89 -28.16
CA VAL B 412 -8.41 68.86 -26.78
C VAL B 412 -7.75 70.01 -26.03
N LEU B 413 -8.57 70.81 -25.36
CA LEU B 413 -8.08 71.98 -24.62
C LEU B 413 -8.23 71.70 -23.13
N LEU B 414 -7.13 71.31 -22.49
CA LEU B 414 -7.10 71.28 -21.04
C LEU B 414 -7.05 72.70 -20.53
N HIS B 415 -7.76 72.95 -19.42
CA HIS B 415 -7.89 74.27 -18.78
C HIS B 415 -8.33 75.37 -19.75
N PRO B 416 -9.59 75.40 -20.15
CA PRO B 416 -10.08 76.56 -20.90
C PRO B 416 -10.46 77.69 -19.96
N ILE B 417 -10.61 78.87 -20.53
CA ILE B 417 -10.88 80.09 -19.77
C ILE B 417 -12.18 80.67 -20.28
N PHE B 418 -13.15 80.80 -19.39
CA PHE B 418 -14.43 81.39 -19.73
C PHE B 418 -14.58 82.76 -19.10
N ASN B 426 -16.67 81.40 -27.02
CA ASN B 426 -16.15 80.16 -26.47
C ASN B 426 -14.65 79.99 -26.74
N PRO B 427 -13.93 79.36 -25.81
CA PRO B 427 -12.48 79.18 -26.00
C PRO B 427 -12.13 78.20 -27.09
N ALA B 428 -12.94 77.18 -27.31
CA ALA B 428 -12.73 76.21 -28.37
C ALA B 428 -13.97 76.21 -29.26
N SER B 429 -13.85 76.83 -30.43
CA SER B 429 -14.95 76.97 -31.36
C SER B 429 -14.77 76.14 -32.62
N HIS B 430 -13.76 75.28 -32.64
CA HIS B 430 -13.51 74.41 -33.77
C HIS B 430 -14.28 73.10 -33.69
N LEU B 431 -15.13 72.93 -32.68
CA LEU B 431 -15.75 71.64 -32.42
C LEU B 431 -17.18 71.88 -31.97
N HIS B 432 -18.04 70.91 -32.26
CA HIS B 432 -19.48 71.14 -32.36
C HIS B 432 -20.21 71.13 -31.03
N PHE B 433 -19.51 71.13 -29.90
CA PHE B 433 -20.15 71.15 -28.59
C PHE B 433 -19.45 72.19 -27.73
N SER B 434 -20.03 72.49 -26.58
CA SER B 434 -19.43 73.48 -25.70
C SER B 434 -18.68 72.76 -24.60
N ILE B 435 -17.50 73.27 -24.27
CA ILE B 435 -16.63 72.65 -23.30
C ILE B 435 -16.72 73.34 -21.94
N LYS B 436 -17.82 74.06 -21.69
CA LYS B 436 -17.99 74.75 -20.42
C LYS B 436 -18.47 73.83 -19.32
N HIS B 437 -19.06 72.70 -19.66
CA HIS B 437 -19.66 71.80 -18.68
C HIS B 437 -19.33 70.37 -19.08
N PRO B 438 -19.17 69.47 -18.11
CA PRO B 438 -18.86 68.07 -18.45
C PRO B 438 -19.99 67.34 -19.14
N HIS B 439 -21.23 67.79 -18.99
CA HIS B 439 -22.37 67.08 -19.52
C HIS B 439 -22.74 67.51 -20.92
N THR B 440 -21.99 68.43 -21.50
CA THR B 440 -22.12 68.75 -22.91
C THR B 440 -20.99 68.20 -23.75
N LEU B 441 -19.98 67.61 -23.12
CA LEU B 441 -18.86 67.06 -23.86
C LEU B 441 -19.26 65.77 -24.56
N SER B 442 -18.68 65.56 -25.74
CA SER B 442 -18.77 64.26 -26.38
C SER B 442 -17.98 63.25 -25.56
N TRP B 443 -18.37 61.98 -25.68
CA TRP B 443 -17.73 60.95 -24.86
C TRP B 443 -16.31 60.66 -25.34
N GLU B 444 -16.08 60.75 -26.65
CA GLU B 444 -14.73 60.61 -27.17
C GLU B 444 -13.85 61.77 -26.75
N TYR B 445 -14.43 62.97 -26.63
CA TYR B 445 -13.67 64.11 -26.13
C TYR B 445 -13.34 63.94 -24.65
N TYR B 446 -14.24 63.34 -23.88
CA TYR B 446 -13.97 63.10 -22.46
C TYR B 446 -12.85 62.08 -22.29
N SER B 447 -12.85 61.04 -23.11
CA SER B 447 -11.80 60.02 -23.08
C SER B 447 -10.45 60.61 -23.47
N MET B 448 -10.43 61.40 -24.55
CA MET B 448 -9.18 62.03 -24.96
C MET B 448 -8.74 63.13 -24.01
N PHE B 449 -9.67 63.74 -23.28
CA PHE B 449 -9.33 64.70 -22.24
C PHE B 449 -8.53 64.05 -21.13
N GLN B 450 -9.02 62.90 -20.62
CA GLN B 450 -8.28 62.21 -19.57
C GLN B 450 -6.94 61.69 -20.07
N CYS B 451 -6.90 61.25 -21.33
CA CYS B 451 -5.67 60.74 -21.93
C CYS B 451 -4.61 61.84 -22.06
N LYS B 452 -5.00 63.01 -22.57
CA LYS B 452 -4.08 64.13 -22.71
C LYS B 452 -3.66 64.68 -21.37
N ALA B 453 -4.53 64.63 -20.36
CA ALA B 453 -4.17 65.12 -19.04
C ALA B 453 -3.06 64.28 -18.42
N HIS B 454 -3.14 62.96 -18.54
CA HIS B 454 -2.07 62.18 -17.95
C HIS B 454 -0.79 62.24 -18.77
N LEU B 455 -0.87 62.48 -20.08
CA LEU B 455 0.38 62.65 -20.82
C LEU B 455 1.05 63.99 -20.53
N VAL B 456 0.26 65.05 -20.32
CA VAL B 456 0.84 66.33 -19.92
C VAL B 456 1.45 66.25 -18.52
N MET B 457 0.86 65.43 -17.63
CA MET B 457 1.50 65.23 -16.32
C MET B 457 2.81 64.45 -16.43
N ARG B 458 2.91 63.53 -17.38
CA ARG B 458 4.20 62.90 -17.66
C ARG B 458 5.22 63.91 -18.18
N LEU B 459 4.76 64.89 -18.95
CA LEU B 459 5.65 65.96 -19.43
C LEU B 459 6.15 66.83 -18.28
N ILE B 460 5.27 67.15 -17.33
CA ILE B 460 5.67 67.91 -16.15
C ILE B 460 6.65 67.11 -15.30
N GLU B 461 6.49 65.78 -15.24
CA GLU B 461 7.51 64.95 -14.59
C GLU B 461 8.82 64.97 -15.36
N ASN B 462 8.77 65.07 -16.69
CA ASN B 462 10.01 65.15 -17.46
C ASN B 462 10.75 66.45 -17.18
N ARG B 463 10.03 67.56 -17.02
CA ARG B 463 10.74 68.80 -16.72
C ARG B 463 11.19 68.87 -15.26
N ILE B 464 10.33 68.48 -14.34
CA ILE B 464 10.62 68.50 -12.90
C ILE B 464 10.53 67.08 -12.40
N SER B 465 11.64 66.57 -11.85
CA SER B 465 11.89 65.14 -11.68
C SER B 465 10.84 64.44 -10.82
N MET B 466 10.82 63.11 -10.93
CA MET B 466 9.71 62.31 -10.41
C MET B 466 9.59 62.37 -8.89
N GLU B 467 10.70 62.49 -8.18
CA GLU B 467 10.64 62.61 -6.73
C GLU B 467 10.06 63.95 -6.28
N PHE B 468 10.33 65.03 -7.02
CA PHE B 468 9.67 66.29 -6.75
C PHE B 468 8.19 66.24 -7.09
N MET B 469 7.83 65.46 -8.10
CA MET B 469 6.43 65.30 -8.47
C MET B 469 5.64 64.58 -7.39
N LEU B 470 6.22 63.49 -6.87
CA LEU B 470 5.59 62.78 -5.75
C LEU B 470 5.55 63.63 -4.50
N GLN B 471 6.51 64.54 -4.33
CA GLN B 471 6.44 65.48 -3.22
C GLN B 471 5.32 66.49 -3.39
N VAL B 472 5.05 66.92 -4.63
CA VAL B 472 3.89 67.78 -4.91
C VAL B 472 2.61 67.09 -4.51
N PHE B 473 2.47 65.82 -4.93
CA PHE B 473 1.25 65.07 -4.66
C PHE B 473 1.07 64.83 -3.16
N ASN B 474 2.17 64.55 -2.47
CA ASN B 474 2.12 64.37 -1.03
C ASN B 474 1.78 65.66 -0.31
N LYS B 475 2.22 66.81 -0.83
CA LYS B 475 1.86 68.08 -0.21
C LYS B 475 0.38 68.39 -0.38
N LEU B 476 -0.18 68.07 -1.55
CA LEU B 476 -1.62 68.24 -1.78
C LEU B 476 -2.44 67.35 -0.86
N LEU B 477 -2.06 66.07 -0.79
CA LEU B 477 -2.73 65.11 0.11
C LEU B 477 -2.59 65.50 1.57
N SER B 478 -1.46 66.06 1.98
CA SER B 478 -1.27 66.42 3.38
C SER B 478 -2.06 67.67 3.76
N LEU B 479 -2.16 68.64 2.85
CA LEU B 479 -3.05 69.78 3.08
C LEU B 479 -4.49 69.32 3.18
N ALA B 480 -4.90 68.40 2.31
CA ALA B 480 -6.26 67.88 2.34
C ALA B 480 -6.56 67.10 3.61
N SER B 481 -5.59 66.34 4.13
CA SER B 481 -5.85 65.55 5.31
C SER B 481 -5.73 66.34 6.60
N THR B 482 -4.98 67.45 6.62
CA THR B 482 -5.13 68.37 7.74
C THR B 482 -6.45 69.12 7.66
N ALA B 483 -6.93 69.37 6.44
CA ALA B 483 -8.23 70.00 6.25
C ALA B 483 -9.38 69.09 6.59
N SER B 484 -9.21 67.78 6.37
CA SER B 484 -10.31 66.83 6.47
C SER B 484 -10.73 66.53 7.90
N SER B 485 -9.95 66.93 8.90
CA SER B 485 -10.25 66.65 10.29
C SER B 485 -10.80 67.85 11.03
N GLN B 486 -10.74 69.05 10.48
CA GLN B 486 -11.32 70.23 11.15
C GLN B 486 -12.83 70.10 11.16
N LYS B 487 -13.52 70.91 11.95
CA LYS B 487 -15.00 70.91 12.00
C LYS B 487 -15.51 72.23 11.45
N PHE B 488 -14.62 73.20 11.24
CA PHE B 488 -15.06 74.54 10.79
C PHE B 488 -15.72 74.35 9.45
N GLN B 489 -16.84 74.99 9.24
CA GLN B 489 -17.62 74.69 8.03
C GLN B 489 -16.96 75.35 6.83
N SER B 490 -15.88 74.78 6.32
CA SER B 490 -15.21 75.29 5.10
C SER B 490 -14.29 76.47 5.35
N HIS B 491 -14.04 76.86 6.62
CA HIS B 491 -12.99 77.87 6.78
C HIS B 491 -11.78 77.13 6.24
N MET B 492 -11.67 75.84 6.55
CA MET B 492 -10.49 75.08 6.14
C MET B 492 -10.83 73.89 5.26
N TRP B 493 -12.09 73.68 4.86
CA TRP B 493 -12.46 72.46 4.11
C TRP B 493 -12.21 72.70 2.63
N SER B 494 -11.77 73.88 2.26
CA SER B 494 -11.54 74.21 0.84
C SER B 494 -10.08 74.02 0.54
N GLN B 495 -9.34 73.43 1.46
CA GLN B 495 -7.95 73.11 1.18
C GLN B 495 -7.99 71.72 0.62
N MET B 496 -9.15 71.08 0.62
CA MET B 496 -9.33 69.80 -0.04
C MET B 496 -9.67 69.95 -1.51
N LEU B 497 -9.83 71.17 -2.00
CA LEU B 497 -10.12 71.45 -3.39
C LEU B 497 -8.86 72.02 -4.04
N VAL B 498 -8.42 71.39 -5.12
CA VAL B 498 -7.23 71.83 -5.84
C VAL B 498 -7.65 72.70 -7.02
N SER B 499 -6.78 73.62 -7.40
CA SER B 499 -6.98 74.44 -8.59
C SER B 499 -5.72 74.35 -9.44
N THR B 500 -5.72 75.03 -10.59
CA THR B 500 -4.53 75.07 -11.40
C THR B 500 -3.47 75.96 -10.78
N SER B 501 -3.88 77.14 -10.28
CA SER B 501 -2.94 78.07 -9.69
C SER B 501 -2.33 77.52 -8.40
N GLY B 502 -3.13 76.81 -7.61
CA GLY B 502 -2.60 76.17 -6.43
C GLY B 502 -1.65 75.03 -6.73
N PHE B 503 -1.93 74.28 -7.80
CA PHE B 503 -1.05 73.19 -8.21
C PHE B 503 0.27 73.70 -8.73
N LEU B 504 0.25 74.76 -9.56
CA LEU B 504 1.48 75.37 -10.03
C LEU B 504 2.25 76.05 -8.91
N LYS B 505 1.54 76.60 -7.93
CA LYS B 505 2.23 77.21 -6.80
C LYS B 505 2.89 76.15 -5.91
N SER B 506 2.26 75.00 -5.74
CA SER B 506 2.89 73.93 -4.96
C SER B 506 4.08 73.34 -5.69
N ILE B 507 4.01 73.27 -7.03
CA ILE B 507 5.15 72.85 -7.84
C ILE B 507 6.31 73.81 -7.69
N SER B 508 6.01 75.12 -7.75
CA SER B 508 7.04 76.15 -7.57
C SER B 508 7.57 76.18 -6.15
N ASN B 509 6.77 75.75 -5.18
CA ASN B 509 7.26 75.67 -3.80
C ASN B 509 8.24 74.52 -3.64
N VAL B 510 7.96 73.37 -4.22
CA VAL B 510 8.82 72.23 -3.95
C VAL B 510 10.07 72.25 -4.83
N SER B 511 10.04 72.90 -5.99
CA SER B 511 11.14 72.74 -6.94
C SER B 511 11.92 74.02 -7.18
N GLY B 512 11.29 75.18 -7.10
CA GLY B 512 11.95 76.43 -7.43
C GLY B 512 11.93 76.77 -8.89
N LYS B 513 11.54 75.84 -9.75
CA LYS B 513 11.30 76.08 -11.16
C LYS B 513 9.81 76.21 -11.38
N ASP B 514 9.40 77.14 -12.24
CA ASP B 514 8.00 77.17 -12.67
C ASP B 514 7.89 76.66 -14.10
N ILE B 515 6.75 76.05 -14.39
CA ILE B 515 6.54 75.32 -15.62
C ILE B 515 5.65 76.08 -16.58
N GLN B 516 5.48 77.38 -16.36
CA GLN B 516 4.60 78.26 -17.11
C GLN B 516 4.80 78.27 -18.63
N PRO B 517 6.01 78.11 -19.20
CA PRO B 517 6.07 77.85 -20.65
C PRO B 517 5.48 76.50 -21.05
N LEU B 518 5.72 75.46 -20.26
CA LEU B 518 5.17 74.15 -20.59
C LEU B 518 3.67 74.12 -20.40
N ILE B 519 3.18 74.81 -19.37
CA ILE B 519 1.74 74.95 -19.15
C ILE B 519 1.12 75.77 -20.26
N LYS B 520 1.79 76.83 -20.69
CA LYS B 520 1.27 77.67 -21.77
C LYS B 520 1.26 76.94 -23.10
N GLN B 521 2.20 76.03 -23.32
CA GLN B 521 2.23 75.34 -24.61
C GLN B 521 1.28 74.16 -24.65
N TRP B 522 1.31 73.28 -23.66
CA TRP B 522 0.58 72.03 -23.79
C TRP B 522 -0.76 72.02 -23.08
N VAL B 523 -1.06 73.01 -22.26
CA VAL B 523 -2.35 73.03 -21.60
C VAL B 523 -3.23 74.08 -22.24
N ASP B 524 -2.82 75.35 -22.18
CA ASP B 524 -3.64 76.46 -22.64
C ASP B 524 -3.81 76.58 -24.15
N GLN B 525 -3.17 75.74 -24.96
CA GLN B 525 -3.08 76.07 -26.38
C GLN B 525 -3.72 75.08 -27.35
N SER B 526 -3.95 73.83 -26.94
CA SER B 526 -4.77 72.84 -27.66
C SER B 526 -4.22 72.52 -29.06
N GLY B 527 -3.07 71.87 -29.08
CA GLY B 527 -2.55 71.32 -30.33
C GLY B 527 -1.38 70.39 -30.09
N VAL B 528 -1.13 69.53 -31.08
CA VAL B 528 0.03 68.66 -31.11
C VAL B 528 0.92 69.11 -32.26
N VAL B 529 2.16 68.61 -32.27
CA VAL B 529 3.12 69.04 -33.28
C VAL B 529 3.42 67.88 -34.22
N LYS B 530 3.81 68.23 -35.45
CA LYS B 530 4.13 67.28 -36.50
C LYS B 530 5.55 67.56 -36.98
N PHE B 531 6.40 66.54 -36.96
CA PHE B 531 7.80 66.69 -37.33
C PHE B 531 8.08 65.87 -38.58
N TYR B 532 8.68 66.50 -39.59
CA TYR B 532 9.16 65.83 -40.78
C TYR B 532 10.67 65.99 -40.80
N GLY B 533 11.38 64.88 -40.67
CA GLY B 533 12.83 64.90 -40.60
C GLY B 533 13.47 64.14 -41.73
N SER B 534 14.60 64.66 -42.19
CA SER B 534 15.44 63.96 -43.16
C SER B 534 16.88 64.37 -42.92
N PHE B 535 17.80 63.44 -43.09
CA PHE B 535 19.19 63.70 -42.78
C PHE B 535 20.04 63.61 -44.03
N ALA B 536 21.26 64.13 -43.93
CA ALA B 536 22.29 63.92 -44.93
C ALA B 536 23.64 63.95 -44.24
N PHE B 537 24.49 62.98 -44.54
CA PHE B 537 25.79 62.89 -43.89
C PHE B 537 26.85 63.57 -44.75
N ASN B 538 27.48 64.61 -44.20
CA ASN B 538 28.58 65.28 -44.87
C ASN B 538 29.87 64.53 -44.52
N ARG B 539 30.43 63.86 -45.53
CA ARG B 539 31.62 63.03 -45.37
C ARG B 539 32.87 63.89 -45.22
N LYS B 540 32.87 65.10 -45.79
CA LYS B 540 34.07 65.93 -45.81
C LYS B 540 34.38 66.49 -44.42
N ARG B 541 33.35 67.11 -43.79
CA ARG B 541 33.44 67.73 -42.45
C ARG B 541 32.95 66.79 -41.36
N ASN B 542 32.59 65.56 -41.70
CA ASN B 542 32.17 64.52 -40.75
C ASN B 542 30.99 64.96 -39.90
N VAL B 543 30.01 65.62 -40.51
CA VAL B 543 28.86 66.09 -39.74
C VAL B 543 27.60 65.42 -40.26
N LEU B 544 26.55 65.50 -39.45
CA LEU B 544 25.23 64.99 -39.78
C LEU B 544 24.29 66.18 -39.86
N GLU B 545 23.80 66.47 -41.06
CA GLU B 545 22.95 67.62 -41.31
C GLU B 545 21.51 67.13 -41.27
N LEU B 546 20.83 67.38 -40.15
CA LEU B 546 19.42 67.08 -40.04
C LEU B 546 18.61 68.21 -40.63
N GLU B 547 17.40 67.88 -41.05
CA GLU B 547 16.48 68.82 -41.68
C GLU B 547 15.11 68.49 -41.11
N ILE B 548 14.67 69.29 -40.14
CA ILE B 548 13.42 69.08 -39.43
C ILE B 548 12.50 70.24 -39.72
N LYS B 549 11.38 69.95 -40.36
CA LYS B 549 10.38 70.96 -40.68
C LYS B 549 9.05 70.55 -40.10
N GLN B 550 8.28 71.53 -39.65
CA GLN B 550 7.00 71.26 -39.01
C GLN B 550 5.85 71.64 -39.93
N ASP B 551 4.79 70.83 -39.87
CA ASP B 551 3.53 71.18 -40.52
C ASP B 551 2.66 71.84 -39.46
N TYR B 552 2.58 73.16 -39.53
CA TYR B 552 1.85 73.95 -38.54
C TYR B 552 0.62 74.61 -39.12
N THR B 553 0.25 74.26 -40.35
CA THR B 553 -0.92 74.82 -41.02
C THR B 553 -2.07 73.84 -41.12
N SER B 554 -1.90 72.62 -40.63
CA SER B 554 -2.99 71.68 -40.50
C SER B 554 -3.94 72.15 -39.41
N PRO B 555 -5.20 71.70 -39.41
CA PRO B 555 -6.16 72.22 -38.42
C PRO B 555 -5.87 71.84 -36.98
N GLY B 556 -5.21 70.72 -36.72
CA GLY B 556 -4.97 70.31 -35.36
C GLY B 556 -3.64 70.68 -34.78
N THR B 557 -2.76 71.31 -35.54
CA THR B 557 -1.36 71.44 -35.20
C THR B 557 -1.03 72.78 -34.58
N GLN B 558 0.15 72.85 -33.97
CA GLN B 558 0.70 74.08 -33.44
C GLN B 558 2.21 74.08 -33.64
N LYS B 559 2.83 75.23 -33.40
CA LYS B 559 4.26 75.36 -33.72
C LYS B 559 5.11 75.22 -32.47
N TYR B 560 6.10 74.37 -32.53
CA TYR B 560 7.00 74.08 -31.42
C TYR B 560 8.27 74.91 -31.60
N VAL B 561 8.71 75.56 -30.53
CA VAL B 561 9.91 76.40 -30.60
C VAL B 561 10.91 76.06 -29.50
N GLY B 562 10.65 75.01 -28.74
CA GLY B 562 11.52 74.65 -27.64
C GLY B 562 12.75 73.89 -28.06
N PRO B 563 13.39 73.20 -27.13
CA PRO B 563 14.46 72.26 -27.48
C PRO B 563 13.92 70.90 -27.83
N LEU B 564 14.75 70.11 -28.51
CA LEU B 564 14.35 68.83 -29.05
C LEU B 564 15.51 67.86 -28.93
N LYS B 565 15.30 66.71 -28.30
CA LYS B 565 16.34 65.72 -28.16
C LYS B 565 16.35 64.81 -29.39
N VAL B 566 17.54 64.45 -29.84
CA VAL B 566 17.72 63.49 -30.92
C VAL B 566 18.82 62.52 -30.51
N THR B 567 18.62 61.24 -30.77
CA THR B 567 19.56 60.20 -30.38
C THR B 567 20.12 59.56 -31.64
N VAL B 568 21.43 59.65 -31.82
CA VAL B 568 22.10 59.08 -32.98
C VAL B 568 22.95 57.91 -32.54
N GLN B 569 22.70 56.74 -33.11
CA GLN B 569 23.53 55.57 -32.91
C GLN B 569 24.52 55.48 -34.05
N GLU B 570 25.79 55.74 -33.75
CA GLU B 570 26.91 55.58 -34.63
C GLU B 570 27.70 54.36 -34.19
N LEU B 571 28.76 54.04 -34.94
CA LEU B 571 29.60 52.90 -34.62
C LEU B 571 30.32 53.05 -33.29
N ASP B 572 30.58 54.28 -32.85
CA ASP B 572 31.21 54.47 -31.56
C ASP B 572 30.24 54.45 -30.40
N GLY B 573 28.93 54.40 -30.66
CA GLY B 573 27.98 54.29 -29.57
C GLY B 573 26.76 55.14 -29.82
N SER B 574 25.99 55.35 -28.76
CA SER B 574 24.75 56.12 -28.81
C SER B 574 24.98 57.47 -28.15
N PHE B 575 24.73 58.54 -28.89
CA PHE B 575 24.95 59.89 -28.41
C PHE B 575 23.66 60.70 -28.53
N ASN B 576 23.36 61.47 -27.48
CA ASN B 576 22.20 62.34 -27.45
C ASN B 576 22.62 63.76 -27.78
N HIS B 577 21.78 64.48 -28.51
CA HIS B 577 22.01 65.86 -28.88
C HIS B 577 20.74 66.66 -28.66
N THR B 578 20.88 67.88 -28.18
CA THR B 578 19.75 68.78 -28.01
C THR B 578 19.80 69.83 -29.11
N LEU B 579 18.70 69.97 -29.83
CA LEU B 579 18.56 70.88 -30.96
C LEU B 579 17.61 71.99 -30.58
N GLN B 580 17.93 73.21 -30.96
CA GLN B 580 17.06 74.35 -30.72
C GLN B 580 16.35 74.69 -32.02
N ILE B 581 15.05 74.38 -31.97
CA ILE B 581 14.19 74.46 -33.17
C ILE B 581 13.35 75.71 -33.17
N GLU B 582 13.95 76.85 -33.46
CA GLU B 582 13.24 78.14 -33.54
C GLU B 582 12.42 78.18 -34.83
N GLU B 583 11.59 79.19 -35.02
CA GLU B 583 10.66 79.27 -36.16
C GLU B 583 11.37 79.25 -37.51
N ASN B 584 12.48 79.95 -37.63
CA ASN B 584 13.17 80.08 -38.93
C ASN B 584 14.20 78.97 -39.13
N SER B 585 14.26 77.99 -38.23
CA SER B 585 15.30 76.93 -38.29
C SER B 585 14.95 75.84 -39.28
N LEU B 586 15.93 75.37 -40.06
CA LEU B 586 15.67 74.19 -40.87
C LEU B 586 16.80 73.19 -40.84
N LYS B 587 18.05 73.64 -40.91
CA LYS B 587 19.18 72.68 -40.97
C LYS B 587 19.94 72.71 -39.68
N HIS B 588 20.14 71.56 -39.06
CA HIS B 588 20.83 71.40 -37.78
C HIS B 588 22.04 70.50 -38.01
N ASP B 589 23.23 71.05 -37.88
CA ASP B 589 24.46 70.29 -38.09
C ASP B 589 24.95 69.78 -36.75
N ILE B 590 24.96 68.45 -36.58
CA ILE B 590 25.48 67.86 -35.36
C ILE B 590 26.76 67.11 -35.72
N PRO B 591 27.72 66.97 -34.82
CA PRO B 591 28.97 66.29 -35.17
C PRO B 591 28.89 64.78 -35.03
N CYS B 592 29.67 64.10 -35.87
CA CYS B 592 29.74 62.65 -35.87
C CYS B 592 31.12 62.18 -35.43
N HIS B 593 31.15 60.96 -34.90
CA HIS B 593 32.35 60.36 -34.33
C HIS B 593 33.06 59.51 -35.37
N SER B 594 34.01 58.68 -34.92
CA SER B 594 34.86 57.89 -35.79
C SER B 594 34.12 56.72 -36.40
N LYS B 595 34.83 55.95 -37.21
CA LYS B 595 34.38 54.67 -37.74
C LYS B 595 35.45 53.62 -37.57
N SER B 596 36.12 53.63 -36.41
CA SER B 596 37.22 52.71 -36.14
C SER B 596 36.74 51.38 -35.57
N ARG B 597 35.44 51.22 -35.33
CA ARG B 597 34.89 49.91 -35.01
C ARG B 597 34.47 49.15 -36.25
N ARG B 598 34.74 49.70 -37.43
CA ARG B 598 34.66 48.94 -38.67
C ARG B 598 36.05 48.54 -39.16
N ASN B 599 37.10 49.25 -38.72
CA ASN B 599 38.47 48.83 -38.99
C ASN B 599 38.79 47.52 -38.28
N LYS B 600 38.75 47.51 -36.95
CA LYS B 600 38.72 46.25 -36.23
C LYS B 600 37.27 45.83 -36.04
N LYS B 601 37.02 44.53 -36.07
CA LYS B 601 35.79 44.00 -35.48
C LYS B 601 35.83 44.14 -33.98
N LYS B 602 35.16 45.17 -33.48
CA LYS B 602 34.82 45.32 -32.08
C LYS B 602 33.30 45.38 -31.97
N LYS B 603 32.83 45.19 -30.75
CA LYS B 603 31.37 45.24 -30.51
C LYS B 603 30.96 46.72 -30.47
N ILE B 604 29.78 47.04 -30.97
CA ILE B 604 29.27 48.41 -31.02
C ILE B 604 28.44 48.64 -29.76
N PRO B 605 28.75 49.65 -28.94
CA PRO B 605 28.02 49.84 -27.69
C PRO B 605 26.67 50.50 -27.91
N LEU B 606 25.69 50.04 -27.14
CA LEU B 606 24.29 50.37 -27.35
C LEU B 606 23.86 51.54 -26.46
N MET B 607 22.54 51.77 -26.41
CA MET B 607 21.98 52.82 -25.59
C MET B 607 22.15 52.51 -24.10
N ASN B 608 21.98 51.25 -23.72
CA ASN B 608 22.31 50.82 -22.37
C ASN B 608 23.81 50.49 -22.33
N GLY B 609 24.28 49.91 -21.24
CA GLY B 609 25.70 49.67 -21.10
C GLY B 609 26.25 48.52 -21.93
N GLU B 610 25.39 47.71 -22.55
CA GLU B 610 25.85 46.52 -23.23
C GLU B 610 26.38 46.86 -24.62
N GLU B 611 26.92 45.84 -25.28
CA GLU B 611 27.42 45.97 -26.64
C GLU B 611 27.18 44.66 -27.37
N VAL B 612 26.97 44.74 -28.68
CA VAL B 612 26.60 43.58 -29.48
C VAL B 612 27.44 43.51 -30.74
N ASP B 613 27.40 42.34 -31.38
CA ASP B 613 27.98 42.13 -32.69
C ASP B 613 26.93 42.46 -33.74
N MET B 614 27.25 43.38 -34.63
CA MET B 614 26.35 43.76 -35.70
C MET B 614 26.95 43.33 -37.04
N ASP B 615 26.08 42.96 -37.98
CA ASP B 615 26.53 42.63 -39.33
C ASP B 615 26.55 43.94 -40.10
N LEU B 616 27.74 44.48 -40.34
CA LEU B 616 27.87 45.80 -40.94
C LEU B 616 27.97 45.75 -42.46
N SER B 617 27.50 44.67 -43.09
CA SER B 617 27.60 44.56 -44.54
C SER B 617 26.58 45.44 -45.25
N ALA B 618 25.46 45.74 -44.59
CA ALA B 618 24.43 46.56 -45.20
C ALA B 618 24.69 48.04 -45.01
N MET B 619 25.55 48.41 -44.09
CA MET B 619 25.82 49.82 -43.79
C MET B 619 26.62 50.45 -44.92
N ASP B 620 26.47 51.77 -45.05
CA ASP B 620 27.28 52.52 -45.99
C ASP B 620 28.74 52.54 -45.53
N ALA B 621 29.64 52.62 -46.49
CA ALA B 621 31.05 52.61 -46.15
C ALA B 621 31.51 53.95 -45.60
N ASP B 622 30.88 55.05 -46.01
CA ASP B 622 31.35 56.38 -45.67
C ASP B 622 30.72 56.96 -44.41
N SER B 623 29.56 56.45 -43.99
CA SER B 623 28.87 57.02 -42.85
C SER B 623 29.01 56.11 -41.63
N PRO B 624 29.31 56.65 -40.45
CA PRO B 624 29.37 55.80 -39.27
C PRO B 624 28.02 55.57 -38.63
N LEU B 625 27.02 56.38 -38.94
CA LEU B 625 25.80 56.40 -38.16
C LEU B 625 24.86 55.29 -38.60
N LEU B 626 24.37 54.55 -37.61
CA LEU B 626 23.54 53.36 -37.81
C LEU B 626 22.06 53.67 -37.76
N TRP B 627 21.60 54.50 -36.83
CA TRP B 627 20.22 54.97 -36.90
C TRP B 627 20.08 56.29 -36.15
N ILE B 628 19.01 57.02 -36.45
CA ILE B 628 18.70 58.30 -35.82
C ILE B 628 17.27 58.23 -35.32
N ARG B 629 17.04 58.74 -34.10
CA ARG B 629 15.69 58.83 -33.55
C ARG B 629 15.44 60.26 -33.08
N ILE B 630 14.44 60.90 -33.68
CA ILE B 630 14.04 62.24 -33.29
C ILE B 630 13.02 62.14 -32.18
N ASP B 631 13.29 62.81 -31.05
CA ASP B 631 12.54 62.79 -29.81
C ASP B 631 12.31 61.36 -29.31
N PRO B 632 13.33 60.71 -28.77
CA PRO B 632 13.15 59.30 -28.36
C PRO B 632 12.32 59.14 -27.11
N ASP B 633 12.39 60.08 -26.17
CA ASP B 633 11.76 59.91 -24.87
C ASP B 633 10.31 60.37 -24.85
N MET B 634 9.75 60.73 -26.02
CA MET B 634 8.39 61.23 -26.19
C MET B 634 8.12 62.45 -25.31
N SER B 635 9.08 63.36 -25.29
CA SER B 635 9.03 64.51 -24.40
C SER B 635 8.15 65.64 -24.92
N VAL B 636 7.57 65.50 -26.10
CA VAL B 636 6.56 66.42 -26.60
C VAL B 636 5.40 65.60 -27.12
N LEU B 637 4.28 66.26 -27.37
CA LEU B 637 3.10 65.60 -27.93
C LEU B 637 3.20 65.69 -29.45
N ARG B 638 3.78 64.68 -30.06
CA ARG B 638 4.32 64.81 -31.40
C ARG B 638 3.99 63.62 -32.27
N LYS B 639 4.13 63.82 -33.58
CA LYS B 639 4.03 62.77 -34.58
C LYS B 639 5.22 62.92 -35.51
N VAL B 640 6.12 61.96 -35.49
CA VAL B 640 7.40 62.09 -36.19
C VAL B 640 7.31 61.31 -37.50
N GLU B 641 7.85 61.89 -38.58
CA GLU B 641 7.93 61.24 -39.88
C GLU B 641 9.36 61.35 -40.35
N PHE B 642 10.20 60.42 -39.93
CA PHE B 642 11.62 60.47 -40.25
C PHE B 642 11.92 59.60 -41.46
N GLU B 643 12.84 60.06 -42.30
CA GLU B 643 13.21 59.40 -43.53
C GLU B 643 14.61 58.82 -43.37
N GLN B 644 14.69 57.61 -42.85
CA GLN B 644 15.94 56.88 -42.78
C GLN B 644 16.10 56.02 -44.03
N ALA B 645 17.18 55.28 -44.09
CA ALA B 645 17.36 54.29 -45.12
C ALA B 645 16.88 52.96 -44.54
N ASP B 646 16.54 51.99 -45.41
CA ASP B 646 15.91 50.77 -44.95
C ASP B 646 16.82 49.93 -44.07
N PHE B 647 18.15 49.98 -44.31
CA PHE B 647 19.05 49.24 -43.44
C PHE B 647 19.12 49.87 -42.06
N MET B 648 18.91 51.18 -41.96
CA MET B 648 18.89 51.84 -40.66
C MET B 648 17.65 51.43 -39.87
N TRP B 649 16.51 51.28 -40.57
CA TRP B 649 15.32 50.76 -39.92
C TRP B 649 15.49 49.30 -39.51
N GLN B 650 16.25 48.52 -40.27
CA GLN B 650 16.45 47.13 -39.88
C GLN B 650 17.41 47.01 -38.70
N TYR B 651 18.44 47.84 -38.65
CA TYR B 651 19.33 47.89 -37.49
C TYR B 651 18.60 48.38 -36.26
N GLN B 652 17.73 49.37 -36.42
CA GLN B 652 16.92 49.84 -35.30
C GLN B 652 15.90 48.82 -34.86
N LEU B 653 15.42 47.96 -35.75
CA LEU B 653 14.54 46.90 -35.31
C LEU B 653 15.31 45.83 -34.55
N ARG B 654 16.49 45.48 -35.02
CA ARG B 654 17.21 44.37 -34.40
C ARG B 654 17.85 44.76 -33.07
N TYR B 655 18.70 45.79 -33.07
CA TYR B 655 19.63 45.97 -31.96
C TYR B 655 19.27 47.10 -31.02
N GLU B 656 18.07 47.66 -31.12
CA GLU B 656 17.68 48.73 -30.22
C GLU B 656 17.23 48.17 -28.88
N ARG B 657 17.45 48.95 -27.82
CA ARG B 657 16.99 48.59 -26.49
C ARG B 657 15.90 49.55 -26.04
N ASP B 658 14.95 49.80 -26.94
CA ASP B 658 13.78 50.61 -26.69
C ASP B 658 12.62 50.03 -27.48
N VAL B 659 11.49 49.78 -26.81
CA VAL B 659 10.40 49.10 -27.49
C VAL B 659 9.64 50.01 -28.43
N VAL B 660 9.62 51.32 -28.16
CA VAL B 660 8.90 52.23 -29.04
C VAL B 660 9.67 52.43 -30.34
N ALA B 661 10.99 52.31 -30.29
CA ALA B 661 11.78 52.38 -31.51
C ALA B 661 11.69 51.12 -32.33
N GLN B 662 11.60 49.96 -31.68
CA GLN B 662 11.34 48.72 -32.40
C GLN B 662 9.95 48.73 -33.04
N GLN B 663 8.96 49.30 -32.35
CA GLN B 663 7.62 49.39 -32.92
C GLN B 663 7.58 50.36 -34.09
N GLU B 664 8.25 51.49 -33.99
CA GLU B 664 8.24 52.43 -35.11
C GLU B 664 9.09 51.93 -36.27
N SER B 665 10.08 51.08 -36.03
CA SER B 665 10.81 50.49 -37.15
C SER B 665 10.00 49.39 -37.82
N ILE B 666 9.20 48.64 -37.05
CA ILE B 666 8.25 47.71 -37.66
C ILE B 666 7.25 48.47 -38.51
N LEU B 667 6.76 49.60 -38.01
CA LEU B 667 5.79 50.41 -38.74
C LEU B 667 6.38 51.03 -39.99
N ALA B 668 7.68 51.34 -39.98
CA ALA B 668 8.32 51.92 -41.15
C ALA B 668 8.91 50.89 -42.10
N LEU B 669 9.01 49.63 -41.70
CA LEU B 669 9.51 48.60 -42.61
C LEU B 669 8.45 48.10 -43.58
N GLU B 670 7.19 48.49 -43.41
CA GLU B 670 6.16 48.08 -44.35
C GLU B 670 6.31 48.75 -45.71
N LYS B 671 7.03 49.87 -45.77
CA LYS B 671 7.28 50.55 -47.03
C LYS B 671 8.49 49.98 -47.77
N PHE B 672 9.32 49.19 -47.10
CA PHE B 672 10.49 48.57 -47.73
C PHE B 672 10.31 47.06 -47.74
N PRO B 673 9.78 46.47 -48.81
CA PRO B 673 9.54 45.02 -48.84
C PRO B 673 10.74 44.17 -49.26
N THR B 674 11.95 44.70 -49.14
CA THR B 674 13.15 43.95 -49.50
C THR B 674 13.33 42.70 -48.62
N PRO B 675 14.03 41.67 -49.11
CA PRO B 675 14.21 40.46 -48.30
C PRO B 675 15.07 40.64 -47.05
N ALA B 676 15.87 41.71 -46.98
CA ALA B 676 16.58 42.00 -45.74
C ALA B 676 15.61 42.40 -44.64
N SER B 677 14.54 43.10 -44.99
CA SER B 677 13.52 43.43 -43.99
C SER B 677 12.74 42.20 -43.55
N ARG B 678 12.56 41.25 -44.45
CA ARG B 678 11.89 39.96 -44.11
C ARG B 678 12.80 39.21 -43.16
N LEU B 679 14.10 39.22 -43.40
CA LEU B 679 15.04 38.58 -42.49
C LEU B 679 15.07 39.28 -41.13
N ALA B 680 14.94 40.61 -41.12
CA ALA B 680 14.91 41.36 -39.86
C ALA B 680 13.68 41.03 -39.02
N LEU B 681 12.50 41.02 -39.65
CA LEU B 681 11.29 40.68 -38.91
C LEU B 681 11.24 39.23 -38.50
N THR B 682 11.81 38.33 -39.31
CA THR B 682 11.84 36.92 -38.93
C THR B 682 12.81 36.68 -37.79
N ASP B 683 13.92 37.43 -37.75
CA ASP B 683 14.83 37.33 -36.61
C ASP B 683 14.22 37.94 -35.35
N ILE B 684 13.36 38.94 -35.50
CA ILE B 684 12.63 39.46 -34.35
C ILE B 684 11.61 38.45 -33.85
N LEU B 685 10.94 37.74 -34.78
CA LEU B 685 9.91 36.78 -34.39
C LEU B 685 10.48 35.58 -33.67
N GLU B 686 11.58 35.02 -34.17
CA GLU B 686 12.30 33.93 -33.51
C GLU B 686 12.92 34.28 -32.16
N GLN B 687 13.01 35.55 -31.80
CA GLN B 687 13.83 35.96 -30.69
C GLN B 687 12.96 36.11 -29.44
N GLU B 688 13.06 35.14 -28.54
CA GLU B 688 12.76 35.44 -27.15
C GLU B 688 13.82 36.38 -26.62
N GLN B 689 13.46 37.10 -25.55
CA GLN B 689 14.12 38.25 -24.89
C GLN B 689 13.87 39.51 -25.70
N CYS B 690 13.04 39.45 -26.72
CA CYS B 690 12.34 40.60 -27.26
C CYS B 690 11.00 40.72 -26.55
N PHE B 691 10.54 41.95 -26.38
CA PHE B 691 9.24 42.22 -25.78
C PHE B 691 8.15 41.66 -26.69
N TYR B 692 7.14 41.01 -26.07
CA TYR B 692 6.25 40.15 -26.83
C TYR B 692 5.33 40.95 -27.74
N ARG B 693 4.98 42.18 -27.36
CA ARG B 693 4.14 43.01 -28.20
C ARG B 693 4.87 43.57 -29.41
N VAL B 694 6.18 43.42 -29.48
CA VAL B 694 6.92 43.76 -30.69
C VAL B 694 6.85 42.61 -31.68
N ARG B 695 6.92 41.38 -31.18
CA ARG B 695 6.80 40.20 -32.04
C ARG B 695 5.39 40.05 -32.57
N MET B 696 4.39 40.39 -31.76
CA MET B 696 3.01 40.38 -32.23
C MET B 696 2.75 41.39 -33.32
N SER B 697 3.51 42.50 -33.35
CA SER B 697 3.42 43.45 -34.44
C SER B 697 4.21 42.98 -35.65
N ALA B 698 5.31 42.27 -35.41
CA ALA B 698 6.15 41.77 -36.50
C ALA B 698 5.45 40.69 -37.29
N CYS B 699 4.50 39.97 -36.67
CA CYS B 699 3.66 39.02 -37.40
C CYS B 699 2.87 39.73 -38.51
N PHE B 700 2.16 40.80 -38.17
CA PHE B 700 1.34 41.50 -39.14
C PHE B 700 2.19 42.25 -40.16
N CYS B 701 3.33 42.79 -39.73
CA CYS B 701 4.25 43.43 -40.68
C CYS B 701 4.82 42.42 -41.67
N LEU B 702 5.14 41.21 -41.20
CA LEU B 702 5.63 40.16 -42.07
C LEU B 702 4.57 39.68 -43.04
N ALA B 703 3.31 39.66 -42.61
CA ALA B 703 2.21 39.33 -43.50
C ALA B 703 2.04 40.37 -44.61
N LYS B 704 2.14 41.65 -44.27
CA LYS B 704 2.00 42.70 -45.28
C LYS B 704 3.16 42.67 -46.27
N ILE B 705 4.39 42.49 -45.77
CA ILE B 705 5.55 42.41 -46.64
C ILE B 705 5.47 41.18 -47.55
N ALA B 706 5.00 40.05 -47.02
CA ALA B 706 4.84 38.84 -47.81
C ALA B 706 3.79 39.01 -48.90
N ASN B 707 2.71 39.74 -48.60
CA ASN B 707 1.72 40.04 -49.64
C ASN B 707 2.27 40.96 -50.72
N SER B 708 3.20 41.84 -50.36
CA SER B 708 3.73 42.76 -51.36
C SER B 708 4.83 42.16 -52.23
N MET B 709 5.54 41.12 -51.79
CA MET B 709 6.57 40.48 -52.62
C MET B 709 6.14 39.09 -53.09
N VAL B 710 4.87 38.95 -53.49
CA VAL B 710 4.48 37.77 -54.27
C VAL B 710 5.15 37.83 -55.65
N SER B 711 5.27 36.65 -56.26
CA SER B 711 6.10 36.36 -57.44
C SER B 711 7.58 36.64 -57.22
N THR B 712 7.99 36.69 -55.95
CA THR B 712 9.38 36.71 -55.53
C THR B 712 9.65 35.76 -54.37
N TRP B 713 8.62 35.44 -53.59
CA TRP B 713 8.73 34.58 -52.42
C TRP B 713 9.12 33.16 -52.81
N THR B 714 10.15 32.66 -52.13
CA THR B 714 10.81 31.41 -52.53
C THR B 714 10.10 30.17 -51.99
N GLY B 715 10.08 30.02 -50.66
CA GLY B 715 9.69 28.77 -50.05
C GLY B 715 8.24 28.71 -49.65
N PRO B 716 7.99 28.27 -48.41
CA PRO B 716 6.61 28.16 -47.92
C PRO B 716 6.02 29.53 -47.62
N PRO B 717 4.73 29.62 -47.29
CA PRO B 717 4.18 30.88 -46.80
C PRO B 717 4.84 31.35 -45.52
N ALA B 718 4.72 32.65 -45.26
CA ALA B 718 5.38 33.28 -44.13
C ALA B 718 4.83 32.76 -42.81
N MET B 719 5.71 32.61 -41.83
CA MET B 719 5.49 32.21 -40.45
C MET B 719 5.02 30.77 -40.29
N LYS B 720 4.89 30.00 -41.38
CA LYS B 720 4.33 28.63 -41.21
C LYS B 720 5.43 27.76 -40.68
N SER B 721 6.57 27.73 -41.36
CA SER B 721 7.71 26.97 -40.86
C SER B 721 8.13 27.44 -39.49
N LEU B 722 7.98 28.73 -39.21
CA LEU B 722 8.30 29.26 -37.90
C LEU B 722 7.30 28.81 -36.85
N PHE B 723 6.01 28.69 -37.22
CA PHE B 723 5.02 28.14 -36.32
C PHE B 723 5.28 26.67 -36.03
N THR B 724 5.65 25.90 -37.05
CA THR B 724 5.93 24.49 -36.82
C THR B 724 7.23 24.28 -36.05
N ARG B 725 8.15 25.24 -36.15
CA ARG B 725 9.39 25.16 -35.39
C ARG B 725 9.17 25.52 -33.92
N MET B 726 8.26 26.46 -33.66
CA MET B 726 8.10 26.95 -32.29
C MET B 726 7.02 26.21 -31.52
N PHE B 727 5.88 25.89 -32.14
CA PHE B 727 4.70 25.45 -31.41
C PHE B 727 4.18 24.08 -31.79
N CYS B 728 4.81 23.37 -32.72
CA CYS B 728 4.35 22.04 -33.10
C CYS B 728 5.34 20.97 -32.63
N CYS B 729 4.97 19.72 -32.84
CA CYS B 729 5.78 18.59 -32.41
C CYS B 729 7.02 18.44 -33.29
N LYS B 730 8.08 17.86 -32.72
CA LYS B 730 9.29 17.64 -33.52
C LYS B 730 9.10 16.48 -34.50
N SER B 731 8.27 15.50 -34.15
CA SER B 731 8.13 14.34 -35.02
C SER B 731 7.00 14.53 -36.02
N CYS B 732 5.99 15.33 -35.69
CA CYS B 732 4.88 15.61 -36.58
C CYS B 732 4.81 17.10 -36.84
N PRO B 733 5.07 17.59 -38.05
CA PRO B 733 5.07 19.04 -38.26
C PRO B 733 3.68 19.63 -38.35
N ASN B 734 2.71 18.89 -38.88
CA ASN B 734 1.38 19.41 -39.08
C ASN B 734 0.44 19.18 -37.89
N ILE B 735 0.88 18.41 -36.88
CA ILE B 735 0.13 18.27 -35.64
C ILE B 735 0.69 19.27 -34.64
N VAL B 736 -0.17 20.10 -34.09
CA VAL B 736 0.23 21.10 -33.12
C VAL B 736 0.43 20.40 -31.77
N LYS B 737 1.31 20.96 -30.94
CA LYS B 737 1.51 20.45 -29.60
C LYS B 737 0.25 20.69 -28.77
N THR B 738 0.04 19.83 -27.78
CA THR B 738 -1.07 20.01 -26.86
C THR B 738 -0.86 21.27 -26.04
N ASN B 739 -1.97 21.93 -25.71
CA ASN B 739 -1.93 23.29 -25.21
C ASN B 739 -1.35 23.32 -23.80
N ASN B 740 -0.26 24.05 -23.64
CA ASN B 740 0.29 24.38 -22.33
C ASN B 740 0.56 25.88 -22.35
N PHE B 741 -0.32 26.64 -21.73
CA PHE B 741 -0.31 28.10 -21.81
C PHE B 741 0.36 28.75 -20.62
N MET B 742 1.38 28.11 -20.04
CA MET B 742 1.96 28.58 -18.80
C MET B 742 3.10 29.57 -19.00
N SER B 743 3.43 29.92 -20.23
CA SER B 743 4.53 30.84 -20.48
C SER B 743 4.07 32.29 -20.65
N PHE B 744 2.85 32.51 -21.11
CA PHE B 744 2.15 33.79 -21.28
C PHE B 744 2.80 34.74 -22.29
N GLN B 745 3.89 34.36 -22.93
CA GLN B 745 4.40 35.14 -24.04
C GLN B 745 4.40 34.35 -25.33
N SER B 746 4.68 33.06 -25.26
CA SER B 746 4.45 32.22 -26.43
C SER B 746 2.98 31.83 -26.55
N TYR B 747 2.18 32.02 -25.49
CA TYR B 747 0.73 31.88 -25.63
C TYR B 747 0.16 33.01 -26.48
N PHE B 748 0.58 34.25 -26.20
CA PHE B 748 0.08 35.39 -26.97
C PHE B 748 0.60 35.36 -28.40
N LEU B 749 1.86 34.95 -28.57
CA LEU B 749 2.43 34.85 -29.91
C LEU B 749 1.81 33.70 -30.70
N GLN B 750 1.51 32.59 -30.02
CA GLN B 750 0.86 31.46 -30.67
C GLN B 750 -0.56 31.80 -31.08
N LYS B 751 -1.28 32.56 -30.27
CA LYS B 751 -2.64 32.90 -30.65
C LYS B 751 -2.70 34.09 -31.60
N THR B 752 -1.62 34.85 -31.78
CA THR B 752 -1.62 35.92 -32.77
C THR B 752 -0.97 35.54 -34.10
N MET B 753 -0.23 34.42 -34.17
CA MET B 753 0.44 34.16 -35.43
C MET B 753 -0.44 33.62 -36.58
N PRO B 754 -1.42 32.73 -36.37
CA PRO B 754 -2.31 32.39 -37.49
C PRO B 754 -3.23 33.53 -37.91
N VAL B 755 -3.54 34.47 -37.02
CA VAL B 755 -4.41 35.58 -37.36
C VAL B 755 -3.71 36.48 -38.38
N ALA B 756 -2.40 36.66 -38.23
CA ALA B 756 -1.62 37.37 -39.22
C ALA B 756 -1.31 36.50 -40.43
N MET B 757 -1.13 35.20 -40.22
CA MET B 757 -0.84 34.27 -41.31
C MET B 757 -1.99 34.13 -42.28
N ALA B 758 -3.21 34.38 -41.83
CA ALA B 758 -4.38 34.29 -42.70
C ALA B 758 -4.53 35.49 -43.63
N LEU B 759 -3.76 36.55 -43.43
CA LEU B 759 -3.77 37.69 -44.34
C LEU B 759 -2.85 37.49 -45.53
N LEU B 760 -2.25 36.31 -45.65
CA LEU B 760 -1.48 35.96 -46.83
C LEU B 760 -2.41 35.83 -48.04
N ARG B 761 -1.94 36.29 -49.19
CA ARG B 761 -2.72 36.21 -50.42
C ARG B 761 -1.81 35.71 -51.53
N ASP B 762 -2.42 34.98 -52.47
CA ASP B 762 -1.64 34.45 -53.62
C ASP B 762 -1.65 35.48 -54.75
N VAL B 763 -1.15 35.08 -55.92
CA VAL B 763 -1.11 35.97 -57.12
C VAL B 763 -2.53 36.21 -57.60
N HIS B 764 -3.47 35.34 -57.23
CA HIS B 764 -4.88 35.45 -57.66
C HIS B 764 -5.70 36.21 -56.62
N ASN B 765 -5.08 36.72 -55.57
CA ASN B 765 -5.74 37.55 -54.54
C ASN B 765 -6.60 36.68 -53.65
N LEU B 766 -6.42 35.37 -53.70
CA LEU B 766 -7.14 34.45 -52.80
C LEU B 766 -6.17 33.90 -51.78
N CYS B 767 -6.62 33.73 -50.56
CA CYS B 767 -5.81 33.14 -49.51
C CYS B 767 -5.38 31.74 -49.94
N PRO B 768 -4.12 31.36 -49.72
CA PRO B 768 -3.65 30.06 -50.20
C PRO B 768 -4.28 28.90 -49.45
N LYS B 769 -4.37 27.76 -50.09
CA LYS B 769 -5.04 26.62 -49.43
C LYS B 769 -4.03 25.90 -48.56
N GLU B 770 -2.83 26.45 -48.43
CA GLU B 770 -1.82 25.84 -47.55
C GLU B 770 -1.92 26.46 -46.18
N VAL B 771 -2.39 27.70 -46.09
CA VAL B 771 -2.53 28.41 -44.83
C VAL B 771 -3.90 28.14 -44.24
N LEU B 772 -4.93 28.07 -45.08
CA LEU B 772 -6.26 27.72 -44.62
C LEU B 772 -6.32 26.30 -44.08
N THR B 773 -5.65 25.36 -44.77
CA THR B 773 -5.55 23.98 -44.28
C THR B 773 -4.77 23.92 -42.98
N PHE B 774 -3.74 24.75 -42.84
CA PHE B 774 -2.95 24.82 -41.62
C PHE B 774 -3.79 25.33 -40.44
N ILE B 775 -4.63 26.33 -40.69
CA ILE B 775 -5.49 26.87 -39.64
C ILE B 775 -6.56 25.86 -39.24
N LEU B 776 -7.10 25.14 -40.22
CA LEU B 776 -8.09 24.10 -39.92
C LEU B 776 -7.48 22.92 -39.18
N ASP B 777 -6.22 22.60 -39.45
CA ASP B 777 -5.54 21.57 -38.68
C ASP B 777 -5.17 22.06 -37.29
N LEU B 778 -4.95 23.36 -37.13
CA LEU B 778 -4.78 23.92 -35.80
C LEU B 778 -6.06 23.84 -35.00
N ILE B 779 -7.20 23.97 -35.67
CA ILE B 779 -8.48 23.86 -35.00
C ILE B 779 -8.78 22.41 -34.63
N LYS B 780 -8.57 21.45 -35.55
CA LYS B 780 -8.89 20.02 -35.30
C LYS B 780 -8.02 19.42 -34.23
N TYR B 781 -6.72 19.62 -34.26
CA TYR B 781 -5.82 18.95 -33.34
C TYR B 781 -5.62 19.70 -32.04
N ASN B 782 -6.59 20.52 -31.62
CA ASN B 782 -6.48 21.31 -30.41
C ASN B 782 -6.90 20.49 -29.21
N ASP B 783 -5.99 20.29 -28.27
CA ASP B 783 -6.25 19.49 -27.07
C ASP B 783 -5.89 20.34 -25.85
N ASN B 784 -6.87 20.60 -25.01
CA ASN B 784 -6.71 21.49 -23.86
C ASN B 784 -7.04 20.81 -22.54
N ARG B 785 -6.84 19.50 -22.46
CA ARG B 785 -7.18 18.76 -21.25
C ARG B 785 -6.04 18.69 -20.25
N LYS B 786 -5.00 19.50 -20.44
CA LYS B 786 -3.72 19.28 -19.76
C LYS B 786 -3.14 20.56 -19.18
N ASN B 787 -3.55 21.71 -19.70
CA ASN B 787 -3.10 22.97 -19.11
C ASN B 787 -4.05 23.42 -18.00
N LYS B 788 -3.53 24.29 -17.14
CA LYS B 788 -4.31 24.83 -16.04
C LYS B 788 -5.06 26.09 -16.43
N PHE B 789 -5.11 26.43 -17.72
CA PHE B 789 -5.73 27.65 -18.20
C PHE B 789 -6.76 27.33 -19.26
N SER B 790 -7.68 28.25 -19.47
CA SER B 790 -8.76 28.03 -20.41
C SER B 790 -8.32 28.34 -21.83
N ASP B 791 -9.13 27.90 -22.78
CA ASP B 791 -8.79 27.91 -24.19
C ASP B 791 -9.67 28.84 -24.99
N ASN B 792 -10.47 29.69 -24.34
CA ASN B 792 -11.53 30.41 -25.02
C ASN B 792 -10.98 31.51 -25.91
N TYR B 793 -9.91 32.17 -25.46
CA TYR B 793 -9.33 33.24 -26.26
C TYR B 793 -8.52 32.70 -27.43
N TYR B 794 -7.85 31.57 -27.25
CA TYR B 794 -7.11 30.96 -28.35
C TYR B 794 -8.05 30.42 -29.43
N ARG B 795 -9.14 29.80 -29.02
CA ARG B 795 -10.13 29.32 -29.99
C ARG B 795 -10.86 30.48 -30.66
N ALA B 796 -11.11 31.55 -29.91
CA ALA B 796 -11.73 32.74 -30.50
C ALA B 796 -10.82 33.40 -31.51
N GLU B 797 -9.51 33.44 -31.23
CA GLU B 797 -8.56 33.92 -32.23
C GLU B 797 -8.43 32.98 -33.42
N MET B 798 -8.67 31.69 -33.23
CA MET B 798 -8.71 30.78 -34.38
C MET B 798 -9.88 31.09 -35.29
N ILE B 799 -11.04 31.42 -34.71
CA ILE B 799 -12.18 31.84 -35.52
C ILE B 799 -11.88 33.17 -36.21
N ASP B 800 -11.16 34.07 -35.54
CA ASP B 800 -10.74 35.32 -36.18
C ASP B 800 -9.79 35.09 -37.34
N ALA B 801 -8.90 34.10 -37.21
CA ALA B 801 -8.01 33.73 -38.29
C ALA B 801 -8.78 33.11 -39.45
N LEU B 802 -9.81 32.30 -39.15
CA LEU B 802 -10.66 31.77 -40.21
C LEU B 802 -11.42 32.89 -40.92
N ALA B 803 -11.81 33.93 -40.19
CA ALA B 803 -12.52 35.04 -40.80
C ALA B 803 -11.59 35.92 -41.63
N ASN B 804 -10.30 35.97 -41.29
CA ASN B 804 -9.37 36.79 -42.06
C ASN B 804 -9.09 36.23 -43.44
N SER B 805 -9.27 34.93 -43.64
CA SER B 805 -8.93 34.30 -44.92
C SER B 805 -9.99 34.49 -45.98
N VAL B 806 -11.14 35.06 -45.64
CA VAL B 806 -12.26 35.14 -46.57
C VAL B 806 -12.03 36.29 -47.56
N THR B 807 -11.88 35.94 -48.81
CA THR B 807 -11.79 36.84 -49.95
C THR B 807 -13.16 36.98 -50.59
N PRO B 808 -13.43 38.09 -51.29
CA PRO B 808 -14.76 38.27 -51.90
C PRO B 808 -15.04 37.27 -53.01
N ALA B 809 -16.25 36.74 -52.99
CA ALA B 809 -16.66 35.66 -53.89
C ALA B 809 -16.95 36.19 -55.28
N VAL B 810 -16.85 35.29 -56.27
CA VAL B 810 -17.02 35.71 -57.69
C VAL B 810 -18.48 35.48 -58.13
N SER B 811 -19.40 36.31 -57.64
CA SER B 811 -20.83 36.19 -58.05
C SER B 811 -20.95 36.48 -59.55
N VAL B 812 -21.75 35.68 -60.26
CA VAL B 812 -21.95 35.90 -61.72
C VAL B 812 -23.40 36.37 -61.94
N ASN B 813 -23.58 37.52 -62.60
CA ASN B 813 -24.95 38.05 -62.90
C ASN B 813 -25.77 38.16 -61.61
N ASN B 814 -25.13 38.59 -60.51
CA ASN B 814 -25.85 38.75 -59.21
C ASN B 814 -26.57 37.45 -58.86
N GLU B 815 -25.89 36.30 -59.04
CA GLU B 815 -26.54 34.99 -58.75
C GLU B 815 -26.89 34.94 -57.27
N VAL B 816 -28.08 34.43 -56.95
CA VAL B 816 -28.50 34.32 -55.52
C VAL B 816 -27.52 33.37 -54.83
N ARG B 817 -27.04 33.74 -53.65
CA ARG B 817 -26.07 32.90 -52.90
C ARG B 817 -26.85 31.75 -52.25
N THR B 818 -26.75 30.54 -52.81
CA THR B 818 -27.48 29.40 -52.24
C THR B 818 -26.44 28.42 -51.73
N LEU B 819 -26.89 27.27 -51.26
CA LEU B 819 -25.98 26.30 -50.68
C LEU B 819 -25.15 25.56 -51.72
N ASP B 820 -25.70 25.32 -52.91
CA ASP B 820 -24.96 24.56 -53.91
C ASP B 820 -23.84 25.36 -54.55
N ASN B 821 -24.07 26.65 -54.83
CA ASN B 821 -23.00 27.47 -55.41
C ASN B 821 -22.19 28.18 -54.33
N LEU B 822 -21.77 27.42 -53.33
CA LEU B 822 -20.89 27.92 -52.29
C LEU B 822 -19.46 27.63 -52.69
N ASN B 823 -18.54 28.44 -52.19
CA ASN B 823 -17.13 28.21 -52.44
C ASN B 823 -16.70 26.93 -51.72
N PRO B 824 -15.82 26.12 -52.32
CA PRO B 824 -15.35 24.91 -51.64
C PRO B 824 -14.46 25.21 -50.45
N ASP B 825 -13.87 26.40 -50.39
CA ASP B 825 -13.08 26.87 -49.27
C ASP B 825 -13.98 27.31 -48.12
N VAL B 826 -15.04 28.04 -48.46
CA VAL B 826 -15.92 28.66 -47.47
C VAL B 826 -16.86 27.63 -46.84
N ARG B 827 -17.08 26.48 -47.49
CA ARG B 827 -17.91 25.45 -46.88
C ARG B 827 -17.22 24.84 -45.65
N LEU B 828 -15.90 24.71 -45.69
CA LEU B 828 -15.16 24.23 -44.52
C LEU B 828 -15.17 25.24 -43.39
N ILE B 829 -15.00 26.52 -43.72
CA ILE B 829 -15.04 27.59 -42.74
C ILE B 829 -16.42 27.68 -42.11
N LEU B 830 -17.46 27.53 -42.92
CA LEU B 830 -18.82 27.64 -42.44
C LEU B 830 -19.20 26.45 -41.58
N GLU B 831 -18.69 25.26 -41.92
CA GLU B 831 -18.88 24.08 -41.08
C GLU B 831 -18.18 24.26 -39.73
N GLU B 832 -16.99 24.85 -39.73
CA GLU B 832 -16.27 25.04 -38.48
C GLU B 832 -16.94 26.07 -37.58
N ILE B 833 -17.41 27.19 -38.15
CA ILE B 833 -18.04 28.19 -37.29
C ILE B 833 -19.43 27.73 -36.86
N THR B 834 -20.09 26.88 -37.63
CA THR B 834 -21.35 26.29 -37.19
C THR B 834 -21.13 25.33 -36.03
N ARG B 835 -20.08 24.50 -36.12
CA ARG B 835 -19.72 23.59 -35.03
C ARG B 835 -19.34 24.36 -33.78
N PHE B 836 -18.59 25.45 -33.93
CA PHE B 836 -18.14 26.22 -32.77
C PHE B 836 -19.29 26.96 -32.10
N LEU B 837 -20.19 27.55 -32.88
CA LEU B 837 -21.31 28.28 -32.30
C LEU B 837 -22.30 27.33 -31.64
N ASN B 838 -22.55 26.17 -32.25
CA ASN B 838 -23.46 25.19 -31.65
C ASN B 838 -22.85 24.58 -30.40
N MET B 839 -21.53 24.36 -30.37
CA MET B 839 -20.92 23.84 -29.16
C MET B 839 -20.86 24.89 -28.07
N GLU B 840 -20.83 26.17 -28.45
CA GLU B 840 -20.95 27.22 -27.45
C GLU B 840 -22.34 27.27 -26.85
N LYS B 841 -23.36 26.89 -27.62
CA LYS B 841 -24.72 26.81 -27.08
C LYS B 841 -24.87 25.73 -26.00
N LEU B 842 -24.00 24.73 -25.96
CA LEU B 842 -24.06 23.66 -24.96
C LEU B 842 -22.96 23.73 -23.91
N LEU B 843 -21.73 24.08 -24.31
CA LEU B 843 -20.62 24.30 -23.39
C LEU B 843 -20.09 25.71 -23.60
N PRO B 844 -20.58 26.68 -22.83
CA PRO B 844 -20.24 28.08 -23.08
C PRO B 844 -18.84 28.42 -22.61
N SER B 845 -18.31 29.50 -23.19
CA SER B 845 -16.97 29.98 -22.90
C SER B 845 -17.01 30.95 -21.73
N TYR B 846 -15.93 31.70 -21.52
CA TYR B 846 -15.83 32.55 -20.34
C TYR B 846 -16.72 33.79 -20.48
N ARG B 847 -16.66 34.47 -21.60
CA ARG B 847 -17.54 35.61 -21.77
C ARG B 847 -18.19 35.55 -23.12
N HIS B 848 -18.49 34.32 -23.55
CA HIS B 848 -19.00 33.98 -24.87
C HIS B 848 -18.09 34.56 -25.95
N THR B 849 -16.78 34.34 -25.77
CA THR B 849 -15.81 34.87 -26.71
C THR B 849 -15.91 34.19 -28.06
N ILE B 850 -16.32 32.92 -28.07
CA ILE B 850 -16.49 32.23 -29.32
C ILE B 850 -17.81 32.62 -29.98
N THR B 851 -18.82 33.02 -29.21
CA THR B 851 -20.04 33.58 -29.82
C THR B 851 -19.73 34.89 -30.51
N VAL B 852 -18.94 35.75 -29.88
CA VAL B 852 -18.58 37.03 -30.46
C VAL B 852 -17.73 36.83 -31.70
N SER B 853 -16.79 35.89 -31.66
CA SER B 853 -15.95 35.62 -32.81
C SER B 853 -16.71 34.97 -33.95
N CYS B 854 -17.67 34.10 -33.65
CA CYS B 854 -18.45 33.47 -34.70
C CYS B 854 -19.48 34.42 -35.31
N LEU B 855 -20.06 35.32 -34.51
CA LEU B 855 -20.94 36.34 -35.08
C LEU B 855 -20.16 37.30 -35.97
N ARG B 856 -18.95 37.66 -35.54
CA ARG B 856 -18.06 38.49 -36.33
C ARG B 856 -17.67 37.80 -37.64
N ALA B 857 -17.45 36.49 -37.59
CA ALA B 857 -17.09 35.75 -38.79
C ALA B 857 -18.27 35.55 -39.74
N ILE B 858 -19.48 35.38 -39.21
CA ILE B 858 -20.66 35.32 -40.07
C ILE B 858 -20.89 36.66 -40.74
N ARG B 859 -20.61 37.76 -40.04
CA ARG B 859 -20.71 39.07 -40.67
C ARG B 859 -19.62 39.26 -41.72
N VAL B 860 -18.45 38.67 -41.52
CA VAL B 860 -17.39 38.70 -42.54
C VAL B 860 -17.82 37.92 -43.78
N LEU B 861 -18.42 36.75 -43.60
CA LEU B 861 -18.91 35.96 -44.72
C LEU B 861 -20.08 36.63 -45.42
N GLN B 862 -20.89 37.40 -44.70
CA GLN B 862 -21.99 38.12 -45.32
C GLN B 862 -21.52 39.37 -46.04
N LYS B 863 -20.42 39.97 -45.58
CA LYS B 863 -19.89 41.17 -46.21
C LYS B 863 -19.34 40.88 -47.60
N ASN B 864 -18.74 39.71 -47.79
CA ASN B 864 -18.47 39.18 -49.10
C ASN B 864 -19.70 38.41 -49.58
N GLY B 865 -19.66 37.94 -50.82
CA GLY B 865 -20.86 37.33 -51.36
C GLY B 865 -20.99 35.85 -51.09
N HIS B 866 -20.93 35.44 -49.81
CA HIS B 866 -20.95 34.02 -49.50
C HIS B 866 -22.25 33.57 -48.83
N VAL B 867 -22.62 34.22 -47.73
CA VAL B 867 -23.84 33.90 -46.99
C VAL B 867 -24.86 34.97 -47.42
N PRO B 868 -26.15 34.67 -47.51
CA PRO B 868 -27.14 35.71 -47.82
C PRO B 868 -27.17 36.83 -46.80
N SER B 869 -27.31 38.05 -47.29
CA SER B 869 -27.24 39.25 -46.46
C SER B 869 -28.57 39.38 -45.73
N ASP B 870 -28.67 38.73 -44.58
CA ASP B 870 -29.89 38.66 -43.80
C ASP B 870 -29.54 39.02 -42.36
N PRO B 871 -30.16 40.04 -41.77
CA PRO B 871 -29.82 40.44 -40.41
C PRO B 871 -30.61 39.72 -39.32
N ALA B 872 -31.36 38.67 -39.63
CA ALA B 872 -32.28 38.08 -38.65
C ALA B 872 -31.55 37.32 -37.56
N LEU B 873 -30.40 36.72 -37.88
CA LEU B 873 -29.61 36.03 -36.87
C LEU B 873 -29.05 37.02 -35.85
N PHE B 874 -28.44 38.10 -36.34
CA PHE B 874 -27.92 39.13 -35.45
C PHE B 874 -29.02 39.86 -34.72
N LYS B 875 -30.20 39.98 -35.34
CA LYS B 875 -31.32 40.57 -34.63
C LYS B 875 -31.86 39.64 -33.54
N SER B 876 -31.67 38.34 -33.67
CA SER B 876 -32.05 37.45 -32.58
C SER B 876 -31.00 37.41 -31.48
N TYR B 877 -29.74 37.65 -31.81
CA TYR B 877 -28.71 37.69 -30.79
C TYR B 877 -28.63 39.03 -30.07
N ALA B 878 -29.31 40.06 -30.56
CA ALA B 878 -29.31 41.37 -29.96
C ALA B 878 -30.51 41.61 -29.06
N GLU B 879 -31.18 40.55 -28.62
CA GLU B 879 -32.30 40.69 -27.71
C GLU B 879 -31.78 40.98 -26.31
N TYR B 880 -32.71 41.21 -25.37
CA TYR B 880 -32.32 41.71 -24.06
C TYR B 880 -31.69 40.62 -23.20
N GLY B 881 -32.17 39.39 -23.28
CA GLY B 881 -31.70 38.38 -22.35
C GLY B 881 -30.32 37.82 -22.59
N HIS B 882 -29.61 38.25 -23.61
CA HIS B 882 -28.30 37.72 -23.89
C HIS B 882 -27.23 38.46 -23.10
N PHE B 883 -26.03 37.87 -23.09
CA PHE B 883 -24.88 38.53 -22.49
C PHE B 883 -24.53 39.78 -23.30
N VAL B 884 -23.93 40.76 -22.63
CA VAL B 884 -23.78 42.08 -23.23
C VAL B 884 -22.71 42.10 -24.33
N ASP B 885 -21.76 41.16 -24.30
CA ASP B 885 -20.77 41.10 -25.36
C ASP B 885 -21.38 40.55 -26.65
N ILE B 886 -22.24 39.54 -26.52
CA ILE B 886 -23.01 39.02 -27.64
C ILE B 886 -23.91 40.11 -28.21
N ARG B 887 -24.51 40.91 -27.32
CA ARG B 887 -25.41 41.96 -27.76
C ARG B 887 -24.68 43.03 -28.54
N ILE B 888 -23.50 43.45 -28.08
CA ILE B 888 -22.83 44.51 -28.81
C ILE B 888 -22.17 43.99 -30.09
N ALA B 889 -21.79 42.70 -30.14
CA ALA B 889 -21.30 42.13 -31.39
C ALA B 889 -22.41 42.01 -32.42
N ALA B 890 -23.60 41.59 -31.98
CA ALA B 890 -24.73 41.48 -32.89
C ALA B 890 -25.20 42.85 -33.35
N LEU B 891 -25.17 43.84 -32.47
CA LEU B 891 -25.57 45.18 -32.88
C LEU B 891 -24.54 45.83 -33.78
N GLU B 892 -23.26 45.48 -33.62
CA GLU B 892 -22.25 45.93 -34.57
C GLU B 892 -22.49 45.34 -35.95
N ALA B 893 -22.90 44.06 -35.99
CA ALA B 893 -23.24 43.45 -37.27
C ALA B 893 -24.47 44.08 -37.91
N VAL B 894 -25.47 44.45 -37.10
CA VAL B 894 -26.66 45.11 -37.65
C VAL B 894 -26.35 46.52 -38.13
N VAL B 895 -25.46 47.24 -37.45
CA VAL B 895 -25.04 48.57 -37.90
C VAL B 895 -24.27 48.47 -39.21
N ASP B 896 -23.41 47.46 -39.35
CA ASP B 896 -22.68 47.27 -40.60
C ASP B 896 -23.63 46.88 -41.74
N TYR B 897 -24.65 46.06 -41.43
CA TYR B 897 -25.64 45.70 -42.44
C TYR B 897 -26.44 46.90 -42.91
N THR B 898 -26.92 47.73 -41.99
CA THR B 898 -27.70 48.88 -42.40
C THR B 898 -26.84 49.99 -43.00
N LYS B 899 -25.52 49.94 -42.84
CA LYS B 899 -24.69 50.82 -43.67
C LYS B 899 -24.56 50.26 -45.08
N VAL B 900 -24.32 48.97 -45.25
CA VAL B 900 -24.06 48.40 -46.61
C VAL B 900 -25.34 48.23 -47.40
N ASP B 901 -26.42 47.77 -46.78
CA ASP B 901 -27.67 47.49 -47.53
C ASP B 901 -28.64 48.66 -47.51
N ARG B 902 -28.27 49.78 -46.91
CA ARG B 902 -29.12 50.99 -46.91
C ARG B 902 -30.51 50.61 -46.41
N SER B 903 -30.61 49.84 -45.34
CA SER B 903 -31.91 49.35 -44.85
C SER B 903 -32.59 50.43 -44.05
N TYR B 904 -33.82 50.78 -44.39
CA TYR B 904 -34.58 51.75 -43.61
C TYR B 904 -35.13 51.13 -42.33
N GLU B 905 -35.68 49.92 -42.43
CA GLU B 905 -36.32 49.30 -41.28
C GLU B 905 -35.29 48.86 -40.24
N GLU B 906 -34.07 48.53 -40.65
CA GLU B 906 -33.04 48.23 -39.67
C GLU B 906 -32.55 49.48 -38.96
N LEU B 907 -32.52 50.63 -39.63
CA LEU B 907 -32.18 51.87 -38.96
C LEU B 907 -33.27 52.29 -37.99
N GLN B 908 -34.55 52.05 -38.36
CA GLN B 908 -35.62 52.32 -37.42
C GLN B 908 -35.61 51.36 -36.25
N TRP B 909 -35.17 50.11 -36.48
CA TRP B 909 -34.99 49.15 -35.40
C TRP B 909 -33.90 49.62 -34.44
N LEU B 910 -32.79 50.14 -34.97
CA LEU B 910 -31.70 50.60 -34.13
C LEU B 910 -32.07 51.85 -33.36
N LEU B 911 -32.81 52.76 -33.97
CA LEU B 911 -33.22 53.98 -33.29
C LEU B 911 -34.27 53.69 -32.21
N ASN B 912 -35.15 52.73 -32.48
CA ASN B 912 -36.08 52.28 -31.46
C ASN B 912 -35.35 51.61 -30.30
N MET B 913 -34.30 50.84 -30.59
CA MET B 913 -33.53 50.22 -29.52
C MET B 913 -32.73 51.25 -28.73
N ILE B 914 -32.35 52.35 -29.36
CA ILE B 914 -31.74 53.47 -28.63
C ILE B 914 -32.76 54.09 -27.69
N GLN B 915 -34.00 54.21 -28.13
CA GLN B 915 -35.00 54.90 -27.31
C GLN B 915 -35.43 54.06 -26.11
N ASN B 916 -35.79 52.78 -26.31
CA ASN B 916 -36.26 51.96 -25.20
C ASN B 916 -35.53 50.61 -25.15
N ASP B 917 -34.36 50.61 -24.51
CA ASP B 917 -33.65 49.43 -24.09
C ASP B 917 -33.43 49.50 -22.59
N PRO B 918 -33.47 48.37 -21.87
CA PRO B 918 -33.27 48.44 -20.41
C PRO B 918 -31.86 48.82 -19.99
N VAL B 919 -30.83 48.34 -20.70
CA VAL B 919 -29.45 48.62 -20.35
C VAL B 919 -29.03 49.92 -21.01
N PRO B 920 -28.64 50.95 -20.26
CA PRO B 920 -28.22 52.21 -20.89
C PRO B 920 -26.84 52.16 -21.51
N TYR B 921 -25.99 51.24 -21.07
CA TYR B 921 -24.70 51.04 -21.71
C TYR B 921 -24.86 50.55 -23.13
N VAL B 922 -25.88 49.73 -23.38
CA VAL B 922 -26.14 49.24 -24.72
C VAL B 922 -26.65 50.36 -25.62
N ARG B 923 -27.48 51.25 -25.08
CA ARG B 923 -27.94 52.41 -25.85
C ARG B 923 -26.80 53.33 -26.23
N HIS B 924 -25.89 53.58 -25.27
CA HIS B 924 -24.71 54.39 -25.55
C HIS B 924 -23.81 53.72 -26.57
N LYS B 925 -23.72 52.38 -26.52
CA LYS B 925 -22.89 51.67 -27.47
C LYS B 925 -23.49 51.65 -28.87
N ILE B 926 -24.82 51.61 -28.98
CA ILE B 926 -25.47 51.66 -30.29
C ILE B 926 -25.27 53.02 -30.92
N LEU B 927 -25.41 54.10 -30.14
CA LEU B 927 -25.13 55.44 -30.66
C LEU B 927 -23.67 55.60 -31.04
N ASN B 928 -22.76 55.00 -30.26
CA ASN B 928 -21.34 55.03 -30.55
C ASN B 928 -21.00 54.31 -31.84
N MET B 929 -21.56 53.11 -32.04
CA MET B 929 -21.28 52.35 -33.25
C MET B 929 -21.93 52.97 -34.46
N LEU B 930 -23.07 53.63 -34.28
CA LEU B 930 -23.71 54.29 -35.40
C LEU B 930 -23.06 55.62 -35.72
N THR B 931 -22.26 56.15 -34.81
CA THR B 931 -21.40 57.29 -35.12
C THR B 931 -20.11 56.85 -35.81
N LYS B 932 -19.50 55.74 -35.36
CA LYS B 932 -18.25 55.28 -35.95
C LYS B 932 -18.45 54.75 -37.36
N ASN B 933 -19.52 54.00 -37.58
CA ASN B 933 -19.84 53.40 -38.86
C ASN B 933 -21.20 53.94 -39.32
N PRO B 934 -21.24 55.18 -39.80
CA PRO B 934 -22.54 55.82 -40.00
C PRO B 934 -23.24 55.28 -41.22
N PRO B 935 -24.58 55.29 -41.26
CA PRO B 935 -25.29 54.76 -42.43
C PRO B 935 -25.12 55.62 -43.67
N PHE B 936 -24.79 56.89 -43.48
CA PHE B 936 -24.49 57.85 -44.53
C PHE B 936 -23.77 59.00 -43.87
N THR B 937 -22.97 59.70 -44.64
CA THR B 937 -22.33 60.90 -44.15
C THR B 937 -23.03 62.11 -44.78
N LYS B 938 -22.51 63.31 -44.51
CA LYS B 938 -23.13 64.51 -45.06
C LYS B 938 -22.87 64.64 -46.56
N ASN B 939 -21.80 64.01 -47.06
CA ASN B 939 -21.49 64.14 -48.49
C ASN B 939 -22.37 63.23 -49.32
N MET B 940 -22.80 62.10 -48.76
CA MET B 940 -23.52 61.09 -49.51
C MET B 940 -24.94 61.52 -49.80
N GLU B 941 -25.39 61.28 -51.03
CA GLU B 941 -26.82 61.16 -51.31
C GLU B 941 -27.24 59.73 -50.99
N SER B 942 -28.20 59.59 -50.09
CA SER B 942 -28.74 58.30 -49.71
C SER B 942 -30.25 58.34 -49.77
N PRO B 943 -30.90 57.18 -49.92
CA PRO B 943 -32.35 57.13 -49.73
C PRO B 943 -32.80 57.43 -48.31
N LEU B 944 -31.92 57.27 -47.33
CA LEU B 944 -32.23 57.55 -45.92
C LEU B 944 -31.84 58.96 -45.52
N CYS B 945 -32.28 59.94 -46.32
CA CYS B 945 -32.01 61.36 -46.01
C CYS B 945 -33.36 62.07 -46.06
N ASN B 946 -34.36 61.58 -45.32
CA ASN B 946 -35.66 62.21 -45.39
C ASN B 946 -35.71 63.43 -44.46
N GLU B 947 -36.84 64.13 -44.53
CA GLU B 947 -37.17 65.05 -43.44
C GLU B 947 -37.63 64.27 -42.22
N ALA B 948 -38.13 63.05 -42.41
CA ALA B 948 -38.57 62.21 -41.31
C ALA B 948 -37.39 61.79 -40.42
N LEU B 949 -36.25 61.46 -41.03
CA LEU B 949 -35.09 61.08 -40.22
C LEU B 949 -34.48 62.29 -39.53
N VAL B 950 -34.49 63.46 -40.18
CA VAL B 950 -34.01 64.68 -39.53
C VAL B 950 -34.90 65.04 -38.35
N ASP B 951 -36.20 64.87 -38.49
CA ASP B 951 -37.13 65.15 -37.39
C ASP B 951 -36.98 64.13 -36.26
N GLN B 952 -36.73 62.86 -36.60
CA GLN B 952 -36.50 61.86 -35.56
C GLN B 952 -35.23 62.12 -34.78
N LEU B 953 -34.14 62.47 -35.47
CA LEU B 953 -32.90 62.70 -34.74
C LEU B 953 -32.91 64.02 -34.00
N TRP B 954 -33.63 65.02 -34.49
CA TRP B 954 -33.78 66.26 -33.73
C TRP B 954 -34.66 66.04 -32.51
N LYS B 955 -35.68 65.19 -32.61
CA LYS B 955 -36.48 64.85 -31.45
C LYS B 955 -35.69 63.99 -30.46
N LEU B 956 -34.72 63.22 -30.95
CA LEU B 956 -33.89 62.42 -30.06
C LEU B 956 -32.85 63.27 -29.36
N MET B 957 -32.36 64.33 -30.00
CA MET B 957 -31.49 65.26 -29.29
C MET B 957 -32.29 66.10 -28.29
N ASN B 958 -33.44 66.60 -28.71
CA ASN B 958 -34.21 67.54 -27.91
C ASN B 958 -34.87 66.86 -26.71
N SER B 959 -35.80 65.95 -26.99
CA SER B 959 -36.44 65.12 -25.98
C SER B 959 -35.83 63.73 -26.06
N GLY B 960 -36.41 62.77 -25.36
CA GLY B 960 -36.06 61.39 -25.59
C GLY B 960 -34.79 60.89 -24.95
N THR B 961 -33.71 61.66 -25.09
CA THR B 961 -32.44 61.37 -24.44
C THR B 961 -32.19 62.32 -23.27
N SER B 962 -33.26 62.84 -22.67
CA SER B 962 -33.16 63.88 -21.66
C SER B 962 -32.77 63.36 -20.28
N HIS B 963 -32.57 62.05 -20.13
CA HIS B 963 -32.41 61.44 -18.82
C HIS B 963 -31.03 60.84 -18.60
N ASP B 964 -30.07 61.05 -19.51
CA ASP B 964 -28.83 60.29 -19.36
C ASP B 964 -27.55 61.11 -19.39
N TRP B 965 -27.55 62.25 -20.11
CA TRP B 965 -26.43 63.14 -20.37
C TRP B 965 -25.32 62.53 -21.23
N ARG B 966 -25.41 61.25 -21.54
CA ARG B 966 -24.46 60.55 -22.38
C ARG B 966 -25.11 60.07 -23.65
N LEU B 967 -26.41 59.78 -23.58
CA LEU B 967 -27.18 59.55 -24.78
C LEU B 967 -27.44 60.85 -25.52
N ARG B 968 -27.51 61.97 -24.81
CA ARG B 968 -27.77 63.23 -25.51
C ARG B 968 -26.54 63.72 -26.25
N CYS B 969 -25.37 63.55 -25.64
CA CYS B 969 -24.13 63.87 -26.35
C CYS B 969 -23.86 62.90 -27.48
N GLY B 970 -24.28 61.64 -27.32
CA GLY B 970 -24.16 60.70 -28.42
C GLY B 970 -25.11 60.99 -29.56
N ALA B 971 -26.30 61.50 -29.26
CA ALA B 971 -27.22 61.93 -30.30
C ALA B 971 -26.72 63.18 -31.00
N VAL B 972 -26.07 64.09 -30.26
CA VAL B 972 -25.46 65.26 -30.88
C VAL B 972 -24.32 64.83 -31.81
N ASP B 973 -23.52 63.86 -31.38
CA ASP B 973 -22.46 63.33 -32.24
C ASP B 973 -23.01 62.64 -33.48
N LEU B 974 -24.12 61.94 -33.34
CA LEU B 974 -24.72 61.26 -34.49
C LEU B 974 -25.31 62.26 -35.48
N TYR B 975 -25.96 63.31 -34.96
CA TYR B 975 -26.49 64.36 -35.84
C TYR B 975 -25.36 65.13 -36.52
N PHE B 976 -24.23 65.31 -35.84
CA PHE B 976 -23.09 65.96 -36.46
C PHE B 976 -22.46 65.10 -37.54
N THR B 977 -22.36 63.80 -37.30
CA THR B 977 -21.78 62.89 -38.27
C THR B 977 -22.68 62.76 -39.50
N LEU B 978 -23.98 62.74 -39.30
CA LEU B 978 -24.91 62.52 -40.41
C LEU B 978 -25.24 63.80 -41.17
N PHE B 979 -25.45 64.92 -40.49
CA PHE B 979 -25.94 66.12 -41.15
C PHE B 979 -25.03 67.32 -41.05
N GLY B 980 -24.01 67.30 -40.22
CA GLY B 980 -23.07 68.40 -40.16
C GLY B 980 -23.54 69.54 -39.28
N LEU B 981 -22.72 70.59 -39.27
CA LEU B 981 -22.94 71.71 -38.36
C LEU B 981 -23.98 72.70 -38.87
N SER B 982 -24.31 72.67 -40.16
CA SER B 982 -25.24 73.60 -40.75
C SER B 982 -26.63 72.96 -40.81
N ARG B 983 -27.50 73.55 -41.63
CA ARG B 983 -28.89 73.06 -41.73
C ARG B 983 -28.87 71.76 -42.51
N PRO B 984 -29.65 70.74 -42.12
CA PRO B 984 -29.61 69.51 -42.81
C PRO B 984 -29.96 69.91 -44.24
N SER B 985 -29.15 69.48 -45.21
CA SER B 985 -29.37 69.82 -46.64
C SER B 985 -30.61 69.12 -47.20
N CYS B 986 -30.76 67.82 -46.94
CA CYS B 986 -31.90 67.05 -47.47
C CYS B 986 -33.20 67.52 -46.81
N LEU B 987 -33.56 68.80 -46.96
CA LEU B 987 -34.77 69.31 -46.26
C LEU B 987 -35.37 70.46 -47.08
N PRO B 988 -36.69 70.72 -47.02
CA PRO B 988 -37.27 71.91 -47.67
C PRO B 988 -36.58 73.18 -47.18
N VAL C 837 4.93 -105.75 -35.85
CA VAL C 837 4.48 -107.03 -36.39
C VAL C 837 3.00 -106.93 -36.74
N ALA C 838 2.25 -106.12 -35.98
CA ALA C 838 0.85 -105.90 -36.29
C ALA C 838 0.69 -105.05 -37.55
N SER C 839 1.65 -104.18 -37.81
CA SER C 839 1.68 -103.35 -39.01
C SER C 839 2.64 -103.95 -40.02
N MET C 840 2.14 -104.22 -41.23
CA MET C 840 2.97 -104.89 -42.23
C MET C 840 3.97 -103.92 -42.86
N ALA C 841 3.58 -102.66 -43.04
CA ALA C 841 4.48 -101.62 -43.52
C ALA C 841 4.94 -100.70 -42.41
N GLY C 842 5.24 -101.27 -41.24
CA GLY C 842 5.49 -100.46 -40.05
C GLY C 842 6.77 -99.66 -40.19
N VAL C 843 6.79 -98.50 -39.52
CA VAL C 843 7.82 -97.50 -39.78
C VAL C 843 9.04 -97.73 -38.91
N ASN C 844 8.88 -98.40 -37.76
CA ASN C 844 10.04 -98.81 -36.98
C ASN C 844 10.65 -100.11 -37.48
N LEU C 845 9.98 -100.79 -38.41
CA LEU C 845 10.59 -101.92 -39.08
C LEU C 845 11.71 -101.45 -40.02
N SER C 846 11.45 -100.37 -40.76
CA SER C 846 12.44 -99.87 -41.70
C SER C 846 13.53 -99.08 -41.00
N GLU C 847 13.27 -98.64 -39.76
CA GLU C 847 14.31 -97.93 -39.01
C GLU C 847 15.45 -98.85 -38.60
N GLU C 848 15.15 -99.90 -37.84
CA GLU C 848 16.19 -100.77 -37.31
C GLU C 848 16.73 -101.75 -38.34
N SER C 849 16.15 -101.80 -39.54
CA SER C 849 16.76 -102.53 -40.64
C SER C 849 17.73 -101.68 -41.43
N ALA C 850 17.52 -100.36 -41.46
CA ALA C 850 18.47 -99.47 -42.11
C ALA C 850 19.49 -98.93 -41.12
N ARG C 851 19.19 -99.02 -39.82
CA ARG C 851 20.16 -98.63 -38.80
C ARG C 851 21.29 -99.66 -38.72
N ILE C 852 20.94 -100.94 -38.85
CA ILE C 852 21.94 -102.01 -38.77
C ILE C 852 22.89 -101.93 -39.96
N LEU C 853 22.37 -101.62 -41.15
CA LEU C 853 23.23 -101.44 -42.32
C LEU C 853 24.02 -100.14 -42.24
N ALA C 854 23.59 -99.20 -41.40
CA ALA C 854 24.40 -98.01 -41.16
C ALA C 854 25.54 -98.31 -40.19
N THR C 855 25.32 -99.21 -39.24
CA THR C 855 26.40 -99.61 -38.34
C THR C 855 27.30 -100.64 -39.00
N ASN C 856 26.78 -101.38 -39.98
CA ASN C 856 27.63 -102.24 -40.78
C ASN C 856 28.48 -101.44 -41.76
N SER C 857 28.00 -100.27 -42.15
CA SER C 857 28.78 -99.34 -42.97
C SER C 857 29.62 -98.39 -42.14
N GLU C 858 29.66 -98.59 -40.82
CA GLU C 858 30.49 -97.85 -39.86
C GLU C 858 30.27 -96.33 -39.88
N THR C 871 20.47 -109.66 -23.24
CA THR C 871 20.96 -109.56 -21.88
C THR C 871 20.87 -110.90 -21.17
N PHE C 872 19.71 -111.56 -21.30
CA PHE C 872 19.41 -112.87 -20.71
C PHE C 872 19.61 -112.83 -19.19
N LEU C 873 18.70 -112.10 -18.55
CA LEU C 873 18.73 -111.85 -17.11
C LEU C 873 18.76 -113.15 -16.31
N LEU C 874 19.40 -113.08 -15.14
CA LEU C 874 19.59 -114.25 -14.31
C LEU C 874 18.26 -114.67 -13.68
N GLN C 875 17.91 -115.95 -13.84
CA GLN C 875 16.56 -116.40 -13.54
C GLN C 875 16.28 -116.47 -12.04
N ALA C 876 17.31 -116.68 -11.23
CA ALA C 876 17.08 -116.80 -9.79
C ALA C 876 16.89 -115.46 -9.07
N PRO C 877 17.69 -114.39 -9.28
CA PRO C 877 17.35 -113.13 -8.62
C PRO C 877 16.20 -112.38 -9.28
N LEU C 878 15.85 -112.71 -10.52
CA LEU C 878 14.72 -112.04 -11.16
C LEU C 878 13.40 -112.57 -10.60
N GLN C 879 13.34 -113.88 -10.32
CA GLN C 879 12.10 -114.47 -9.81
C GLN C 879 11.75 -113.96 -8.41
N ARG C 880 12.76 -113.62 -7.61
CA ARG C 880 12.50 -112.94 -6.35
C ARG C 880 12.12 -111.49 -6.57
N ARG C 881 12.56 -110.90 -7.68
CA ARG C 881 12.29 -109.49 -7.95
C ARG C 881 10.84 -109.27 -8.40
N ILE C 882 10.31 -110.18 -9.21
CA ILE C 882 8.92 -110.08 -9.64
C ILE C 882 7.98 -110.29 -8.46
N LEU C 883 8.31 -111.23 -7.57
CA LEU C 883 7.41 -111.62 -6.49
C LEU C 883 7.29 -110.54 -5.42
N GLU C 884 8.32 -109.74 -5.21
CA GLU C 884 8.24 -108.70 -4.18
C GLU C 884 7.37 -107.54 -4.64
N ILE C 885 7.42 -107.18 -5.91
CA ILE C 885 6.49 -106.20 -6.45
C ILE C 885 5.07 -106.77 -6.52
N GLY C 886 4.94 -108.10 -6.58
CA GLY C 886 3.64 -108.73 -6.59
C GLY C 886 2.94 -108.73 -5.25
N LYS C 887 3.67 -108.45 -4.17
CA LYS C 887 3.03 -108.35 -2.86
C LYS C 887 2.17 -107.11 -2.75
N LYS C 888 2.52 -106.05 -3.50
CA LYS C 888 1.76 -104.80 -3.47
C LYS C 888 0.49 -104.85 -4.29
N HIS C 889 0.27 -105.93 -5.05
CA HIS C 889 -0.95 -106.07 -5.84
C HIS C 889 -1.73 -107.34 -5.56
N GLY C 890 -1.12 -108.34 -4.91
CA GLY C 890 -1.80 -109.60 -4.64
C GLY C 890 -1.63 -110.59 -5.77
N ILE C 891 -0.39 -110.77 -6.22
CA ILE C 891 -0.03 -111.56 -7.39
C ILE C 891 0.91 -112.66 -6.91
N THR C 892 0.55 -113.26 -5.77
CA THR C 892 1.38 -114.13 -4.91
C THR C 892 2.29 -115.14 -5.59
N GLU C 893 1.90 -115.68 -6.74
CA GLU C 893 2.79 -116.56 -7.50
C GLU C 893 2.73 -116.20 -8.97
N LEU C 894 3.79 -116.59 -9.70
CA LEU C 894 3.93 -116.23 -11.11
C LEU C 894 4.05 -117.48 -11.97
N HIS C 895 3.68 -117.32 -13.23
CA HIS C 895 3.72 -118.41 -14.19
C HIS C 895 5.18 -118.73 -14.55
N PRO C 896 5.53 -120.01 -14.74
CA PRO C 896 6.94 -120.37 -14.97
C PRO C 896 7.51 -119.91 -16.30
N ASP C 897 6.69 -119.46 -17.25
CA ASP C 897 7.17 -118.95 -18.52
C ASP C 897 7.26 -117.44 -18.55
N VAL C 898 7.10 -116.77 -17.40
CA VAL C 898 7.10 -115.32 -17.34
C VAL C 898 8.48 -114.77 -17.01
N VAL C 899 9.19 -115.42 -16.09
CA VAL C 899 10.51 -114.95 -15.65
C VAL C 899 11.54 -115.07 -16.77
N SER C 900 11.32 -115.94 -17.75
CA SER C 900 12.13 -115.96 -18.96
C SER C 900 11.53 -115.11 -20.08
N TYR C 901 10.27 -114.70 -19.95
CA TYR C 901 9.69 -113.78 -20.92
C TYR C 901 10.07 -112.34 -20.62
N VAL C 902 10.16 -111.99 -19.32
CA VAL C 902 10.62 -110.66 -18.94
C VAL C 902 12.09 -110.51 -19.26
N SER C 903 12.86 -111.60 -19.15
CA SER C 903 14.27 -111.57 -19.53
C SER C 903 14.45 -111.40 -21.04
N HIS C 904 13.55 -111.98 -21.84
CA HIS C 904 13.57 -111.71 -23.28
C HIS C 904 13.03 -110.33 -23.60
N ALA C 905 12.20 -109.76 -22.73
CA ALA C 905 11.67 -108.42 -22.94
C ALA C 905 12.67 -107.36 -22.51
N THR C 906 13.50 -107.65 -21.51
CA THR C 906 14.54 -106.72 -21.09
C THR C 906 15.68 -106.72 -22.10
N GLN C 907 15.91 -107.84 -22.77
CA GLN C 907 16.95 -107.92 -23.78
C GLN C 907 16.60 -107.08 -25.00
N GLN C 908 15.38 -107.21 -25.50
CA GLN C 908 14.95 -106.41 -26.65
C GLN C 908 14.71 -104.95 -26.30
N ARG C 909 14.68 -104.59 -25.02
CA ARG C 909 14.68 -103.18 -24.65
C ARG C 909 16.08 -102.59 -24.72
N LEU C 910 17.08 -103.34 -24.23
CA LEU C 910 18.44 -102.80 -24.22
C LEU C 910 19.14 -103.01 -25.56
N GLN C 911 18.80 -104.07 -26.30
CA GLN C 911 19.38 -104.23 -27.63
C GLN C 911 18.82 -103.20 -28.61
N ASN C 912 17.59 -102.75 -28.39
CA ASN C 912 17.07 -101.62 -29.15
C ASN C 912 17.71 -100.31 -28.72
N LEU C 913 18.35 -100.28 -27.56
CA LEU C 913 19.05 -99.09 -27.08
C LEU C 913 20.56 -99.17 -27.27
N VAL C 914 21.14 -100.38 -27.30
CA VAL C 914 22.56 -100.51 -27.61
C VAL C 914 22.80 -100.25 -29.09
N GLU C 915 21.92 -100.76 -29.96
CA GLU C 915 22.00 -100.45 -31.38
C GLU C 915 21.75 -98.98 -31.67
N LYS C 916 20.92 -98.33 -30.87
CA LYS C 916 20.61 -96.92 -31.09
C LYS C 916 21.76 -96.03 -30.66
N ILE C 917 22.47 -96.37 -29.59
CA ILE C 917 23.61 -95.55 -29.18
C ILE C 917 24.87 -95.90 -29.97
N SER C 918 24.90 -97.05 -30.65
CA SER C 918 26.05 -97.38 -31.49
C SER C 918 26.04 -96.63 -32.81
N GLU C 919 24.87 -96.30 -33.34
CA GLU C 919 24.81 -95.55 -34.58
C GLU C 919 24.98 -94.05 -34.38
N THR C 920 25.00 -93.59 -33.12
CA THR C 920 25.39 -92.22 -32.84
C THR C 920 26.77 -92.12 -32.20
N ALA C 921 27.34 -93.23 -31.73
CA ALA C 921 28.74 -93.25 -31.32
C ALA C 921 29.67 -93.43 -32.52
N GLN C 922 29.16 -93.91 -33.64
CA GLN C 922 29.91 -93.94 -34.89
C GLN C 922 29.62 -92.73 -35.76
N GLN C 923 28.69 -91.87 -35.34
CA GLN C 923 28.44 -90.63 -36.05
C GLN C 923 29.59 -89.64 -35.85
N LYS C 924 30.30 -89.74 -34.72
CA LYS C 924 31.43 -88.88 -34.44
C LYS C 924 32.74 -89.39 -35.02
N ASN C 925 32.80 -90.65 -35.45
CA ASN C 925 34.01 -91.24 -36.01
C ASN C 925 34.01 -91.19 -37.54
N PHE C 926 33.30 -90.25 -38.12
CA PHE C 926 33.33 -90.03 -39.57
C PHE C 926 34.19 -88.80 -39.84
N SER C 927 35.45 -89.03 -40.22
CA SER C 927 36.36 -87.93 -40.52
C SER C 927 36.13 -87.47 -41.94
N TYR C 928 35.70 -86.21 -42.10
CA TYR C 928 35.46 -85.66 -43.42
C TYR C 928 36.76 -85.28 -44.12
N LYS C 929 37.81 -84.94 -43.37
CA LYS C 929 39.00 -84.35 -43.95
C LYS C 929 39.86 -85.36 -44.71
N ASP C 930 39.66 -86.66 -44.48
CA ASP C 930 40.34 -87.64 -45.31
C ASP C 930 39.72 -87.71 -46.71
N ASP C 931 38.40 -87.58 -46.78
CA ASP C 931 37.72 -87.49 -48.07
C ASP C 931 37.94 -86.12 -48.69
N ASP C 932 37.98 -86.09 -50.02
CA ASP C 932 38.09 -84.84 -50.77
C ASP C 932 36.88 -84.62 -51.67
N ARG C 933 35.77 -85.26 -51.34
CA ARG C 933 34.47 -84.84 -51.85
C ARG C 933 33.85 -83.74 -51.02
N TYR C 934 34.35 -83.55 -49.80
CA TYR C 934 33.87 -82.51 -48.90
C TYR C 934 34.84 -81.35 -48.84
N GLU C 935 34.30 -80.16 -48.56
CA GLU C 935 35.07 -78.94 -48.45
C GLU C 935 34.79 -78.29 -47.11
N GLN C 936 35.82 -77.74 -46.49
CA GLN C 936 35.66 -77.05 -45.22
C GLN C 936 34.95 -75.71 -45.42
N ALA C 937 34.03 -75.39 -44.52
CA ALA C 937 33.23 -74.19 -44.65
C ALA C 937 33.45 -73.16 -43.56
N SER C 938 33.60 -73.59 -42.30
CA SER C 938 33.77 -72.64 -41.20
C SER C 938 34.47 -73.34 -40.05
N ASP C 939 35.73 -72.99 -39.82
CA ASP C 939 36.45 -73.59 -38.66
C ASP C 939 36.60 -72.55 -37.55
N VAL C 940 35.93 -72.76 -36.41
CA VAL C 940 36.12 -71.82 -35.26
C VAL C 940 37.39 -72.27 -34.49
N ARG C 941 37.78 -73.55 -34.60
CA ARG C 941 38.92 -74.11 -33.81
C ARG C 941 40.29 -73.56 -34.24
N ALA C 942 40.53 -73.34 -35.54
CA ALA C 942 41.80 -72.70 -35.98
C ALA C 942 41.81 -71.24 -35.52
N GLN C 943 40.62 -70.62 -35.48
CA GLN C 943 40.52 -69.24 -34.95
C GLN C 943 40.95 -69.32 -33.48
N LEU C 944 40.56 -70.38 -32.77
CA LEU C 944 41.02 -70.60 -31.37
C LEU C 944 42.54 -70.83 -31.29
N LYS C 945 43.14 -71.53 -32.25
CA LYS C 945 44.63 -71.65 -32.24
C LYS C 945 45.23 -70.24 -32.39
N PHE C 946 44.63 -69.42 -33.25
CA PHE C 946 45.10 -68.02 -33.40
C PHE C 946 44.95 -67.29 -32.06
N PHE C 947 43.81 -67.46 -31.38
CA PHE C 947 43.60 -66.83 -30.05
C PHE C 947 44.67 -67.28 -29.06
N GLU C 948 45.06 -68.56 -29.07
CA GLU C 948 46.07 -69.07 -28.11
C GLU C 948 47.41 -68.38 -28.40
N GLN C 949 47.76 -68.28 -29.68
CA GLN C 949 49.02 -67.55 -30.00
C GLN C 949 48.92 -66.09 -29.53
N LEU C 950 47.77 -65.45 -29.75
CA LEU C 950 47.59 -64.02 -29.37
C LEU C 950 47.70 -63.88 -27.86
N ASP C 951 47.15 -64.81 -27.08
CA ASP C 951 47.21 -64.78 -25.59
C ASP C 951 48.66 -64.96 -25.13
N GLN C 952 49.42 -65.84 -25.77
CA GLN C 952 50.86 -65.93 -25.39
C GLN C 952 51.53 -64.58 -25.65
N ILE C 953 51.22 -63.96 -26.80
CA ILE C 953 51.86 -62.65 -27.12
C ILE C 953 51.45 -61.62 -26.05
N GLU C 954 50.18 -61.60 -25.66
CA GLU C 954 49.67 -60.63 -24.64
C GLU C 954 50.40 -60.85 -23.31
N LYS C 955 50.57 -62.11 -22.89
CA LYS C 955 51.27 -62.41 -21.62
C LYS C 955 52.72 -61.89 -21.71
N GLN C 956 53.39 -62.09 -22.84
CA GLN C 956 54.75 -61.52 -23.04
C GLN C 956 54.69 -59.99 -22.87
N ARG C 957 53.72 -59.33 -23.53
CA ARG C 957 53.56 -57.86 -23.43
C ARG C 957 53.37 -57.44 -21.96
N LYS C 958 52.52 -58.16 -21.21
CA LYS C 958 52.25 -57.83 -19.79
C LYS C 958 53.54 -57.95 -18.98
N ASP C 959 54.32 -59.01 -19.22
CA ASP C 959 55.62 -59.18 -18.52
C ASP C 959 56.52 -57.98 -18.84
N GLU C 960 56.57 -57.55 -20.11
CA GLU C 960 57.40 -56.38 -20.49
C GLU C 960 56.92 -55.12 -19.76
N GLN C 961 55.59 -54.90 -19.71
CA GLN C 961 55.01 -53.74 -19.01
C GLN C 961 55.43 -53.77 -17.53
N GLU C 962 55.31 -54.93 -16.87
CA GLU C 962 55.70 -55.07 -15.45
C GLU C 962 57.18 -54.70 -15.27
N ARG C 963 58.05 -55.18 -16.17
CA ARG C 963 59.50 -54.85 -16.08
C ARG C 963 59.68 -53.34 -16.20
N GLU C 964 58.97 -52.70 -17.14
CA GLU C 964 59.08 -51.24 -17.33
C GLU C 964 58.63 -50.51 -16.06
N ILE C 965 57.54 -50.97 -15.44
CA ILE C 965 57.04 -50.33 -14.18
C ILE C 965 58.09 -50.47 -13.07
N LEU C 966 58.72 -51.65 -12.97
CA LEU C 966 59.76 -51.87 -11.93
C LEU C 966 60.92 -50.89 -12.18
N MET C 967 61.31 -50.75 -13.46
CA MET C 967 62.43 -49.83 -13.81
C MET C 967 62.06 -48.40 -13.40
N ARG C 968 60.82 -47.99 -13.67
CA ARG C 968 60.37 -46.61 -13.34
C ARG C 968 60.37 -46.42 -11.82
N ALA C 969 59.95 -47.42 -11.05
CA ALA C 969 59.84 -47.31 -9.58
C ALA C 969 61.05 -46.62 -8.92
N ALA C 970 62.25 -46.66 -9.50
CA ALA C 970 63.44 -45.94 -8.98
C ALA C 970 64.35 -45.53 -10.15
N LYS C 971 63.90 -44.59 -10.98
CA LYS C 971 64.70 -44.18 -12.16
C LYS C 971 65.69 -43.09 -11.75
N SER C 972 67.00 -43.38 -11.82
CA SER C 972 68.05 -42.40 -11.42
C SER C 972 69.39 -42.81 -12.04
N ARG C 973 70.39 -41.93 -11.94
CA ARG C 973 71.75 -42.28 -12.44
C ARG C 973 72.25 -43.49 -11.63
N SER C 974 71.95 -43.52 -10.33
CA SER C 974 72.38 -44.65 -9.45
C SER C 974 71.15 -45.35 -8.87
N ARG C 975 71.32 -46.59 -8.39
CA ARG C 975 70.17 -47.39 -7.86
C ARG C 975 69.56 -46.64 -6.67
N GLN C 976 68.22 -46.61 -6.56
CA GLN C 976 67.59 -45.74 -5.52
C GLN C 976 66.79 -46.50 -4.45
N GLU C 977 67.38 -46.71 -3.26
CA GLU C 977 66.66 -47.28 -2.08
C GLU C 977 65.99 -48.64 -2.33
N ASP C 978 64.80 -48.84 -1.75
CA ASP C 978 64.02 -50.10 -1.91
C ASP C 978 63.52 -50.32 -3.35
N PRO C 979 63.01 -49.30 -4.08
CA PRO C 979 62.43 -49.52 -5.42
C PRO C 979 63.44 -49.81 -6.55
N GLU C 980 64.74 -49.91 -6.20
CA GLU C 980 65.81 -50.21 -7.18
C GLU C 980 65.64 -51.66 -7.65
N GLN C 981 64.41 -52.06 -7.99
CA GLN C 981 64.15 -53.45 -8.47
C GLN C 981 64.86 -53.65 -9.81
N LEU C 982 65.22 -52.56 -10.49
CA LEU C 982 65.96 -52.65 -11.78
C LEU C 982 67.33 -53.28 -11.52
N ARG C 983 68.01 -52.91 -10.43
CA ARG C 983 69.40 -53.42 -10.24
C ARG C 983 69.41 -54.94 -10.14
N LEU C 984 68.49 -55.55 -9.37
CA LEU C 984 68.55 -57.01 -9.17
C LEU C 984 67.71 -57.76 -10.21
N LYS C 985 66.47 -57.35 -10.44
CA LYS C 985 65.57 -58.11 -11.35
C LYS C 985 66.07 -58.08 -12.81
N GLN C 986 66.61 -56.95 -13.27
CA GLN C 986 67.15 -56.89 -14.66
C GLN C 986 68.32 -57.88 -14.80
N LYS C 987 69.16 -58.00 -13.76
CA LYS C 987 70.25 -59.03 -13.80
C LYS C 987 69.58 -60.40 -13.91
N ALA C 988 68.50 -60.62 -13.17
CA ALA C 988 67.76 -61.91 -13.25
C ALA C 988 67.20 -62.12 -14.66
N LYS C 989 66.67 -61.05 -15.29
CA LYS C 989 66.19 -61.18 -16.69
C LYS C 989 67.33 -61.72 -17.55
N GLU C 990 68.54 -61.14 -17.42
CA GLU C 990 69.72 -61.61 -18.19
C GLU C 990 69.99 -63.07 -17.83
N MET C 991 69.86 -63.43 -16.55
CA MET C 991 70.05 -64.85 -16.13
C MET C 991 69.00 -65.75 -16.83
N GLN C 992 67.74 -65.29 -16.92
CA GLN C 992 66.67 -66.06 -17.60
C GLN C 992 66.97 -66.23 -19.10
N GLN C 993 67.52 -65.19 -19.74
CA GLN C 993 67.93 -65.29 -21.16
C GLN C 993 69.04 -66.34 -21.29
N GLN C 994 69.98 -66.34 -20.34
CA GLN C 994 71.06 -67.37 -20.34
C GLN C 994 70.43 -68.76 -20.19
N GLU C 995 69.40 -68.89 -19.35
CA GLU C 995 68.67 -70.18 -19.17
C GLU C 995 67.99 -70.60 -20.49
N LEU C 996 67.36 -69.68 -21.22
CA LEU C 996 66.77 -70.02 -22.54
C LEU C 996 67.83 -70.71 -23.40
N ALA C 997 69.01 -70.13 -23.59
CA ALA C 997 70.18 -70.67 -24.32
C ALA C 997 70.28 -72.17 -24.03
N GLN C 998 70.03 -72.59 -22.79
CA GLN C 998 70.07 -74.03 -22.43
C GLN C 998 69.02 -74.79 -23.24
N MET C 999 67.79 -74.24 -23.33
CA MET C 999 66.71 -74.97 -24.06
C MET C 999 67.09 -75.05 -25.54
N ARG C 1000 68.18 -74.42 -25.99
CA ARG C 1000 68.54 -74.41 -27.43
C ARG C 1000 69.83 -75.21 -27.69
N GLN C 1001 70.71 -75.35 -26.69
CA GLN C 1001 71.95 -76.15 -26.82
C GLN C 1001 71.68 -77.62 -26.48
N ARG C 1002 70.63 -77.87 -25.69
CA ARG C 1002 70.23 -79.27 -25.44
C ARG C 1002 69.68 -79.78 -26.77
N ASP C 1003 68.97 -78.92 -27.50
CA ASP C 1003 68.54 -79.37 -28.86
C ASP C 1003 69.74 -79.51 -29.81
N ALA C 1004 70.95 -79.10 -29.42
CA ALA C 1004 72.11 -79.07 -30.36
C ALA C 1004 73.12 -80.15 -29.95
N ASN C 1005 73.40 -80.29 -28.66
CA ASN C 1005 74.37 -81.31 -28.18
C ASN C 1005 73.84 -82.70 -28.51
N LEU C 1006 72.54 -82.94 -28.35
CA LEU C 1006 72.02 -84.30 -28.61
C LEU C 1006 72.03 -84.55 -30.13
N THR C 1007 71.80 -83.53 -30.95
CA THR C 1007 71.89 -83.69 -32.43
C THR C 1007 73.33 -84.04 -32.80
N ALA C 1008 74.31 -83.39 -32.17
CA ALA C 1008 75.74 -83.69 -32.43
C ALA C 1008 76.04 -85.14 -32.04
N LEU C 1009 75.51 -85.59 -30.89
CA LEU C 1009 75.72 -87.00 -30.46
C LEU C 1009 75.10 -87.94 -31.49
N ALA C 1010 73.90 -87.61 -32.00
CA ALA C 1010 73.22 -88.46 -33.01
C ALA C 1010 74.07 -88.53 -34.28
N ALA C 1011 74.65 -87.41 -34.70
CA ALA C 1011 75.51 -87.38 -35.91
C ALA C 1011 76.73 -88.28 -35.66
N GLN C 1053 40.23 -100.10 -38.41
CA GLN C 1053 40.45 -100.64 -37.05
C GLN C 1053 40.04 -99.57 -36.02
N ARG C 1054 39.23 -98.60 -36.43
CA ARG C 1054 38.83 -97.50 -35.52
C ARG C 1054 38.11 -98.09 -34.31
N ILE C 1055 38.46 -97.64 -33.11
CA ILE C 1055 37.84 -98.17 -31.86
C ILE C 1055 36.73 -97.21 -31.42
N THR C 1056 35.50 -97.71 -31.26
CA THR C 1056 34.36 -96.82 -30.94
C THR C 1056 34.08 -96.82 -29.42
N ARG C 1057 34.18 -95.65 -28.78
CA ARG C 1057 33.84 -95.55 -27.37
C ARG C 1057 32.57 -94.73 -27.20
N VAL C 1058 31.62 -95.30 -26.46
CA VAL C 1058 30.32 -94.68 -26.26
C VAL C 1058 30.36 -93.84 -24.99
N ASN C 1059 30.15 -92.54 -25.13
CA ASN C 1059 30.12 -91.64 -23.99
C ASN C 1059 28.74 -91.61 -23.38
N LEU C 1060 28.59 -90.85 -22.29
CA LEU C 1060 27.28 -90.61 -21.71
C LEU C 1060 26.45 -89.66 -22.56
N ARG C 1061 27.09 -88.87 -23.43
CA ARG C 1061 26.35 -88.02 -24.36
C ARG C 1061 25.58 -88.85 -25.37
N ASP C 1062 26.17 -89.97 -25.83
CA ASP C 1062 25.51 -90.82 -26.81
C ASP C 1062 24.32 -91.56 -26.20
N LEU C 1063 24.36 -91.82 -24.89
CA LEU C 1063 23.21 -92.42 -24.23
C LEU C 1063 22.13 -91.37 -23.96
N ILE C 1064 22.54 -90.15 -23.58
CA ILE C 1064 21.59 -89.08 -23.33
C ILE C 1064 20.90 -88.66 -24.63
N PHE C 1065 21.64 -88.67 -25.73
CA PHE C 1065 21.08 -88.31 -27.04
C PHE C 1065 20.02 -89.32 -27.50
N CYS C 1066 20.13 -90.56 -27.07
CA CYS C 1066 19.15 -91.58 -27.41
C CYS C 1066 18.05 -91.71 -26.36
N LEU C 1067 17.98 -90.81 -25.41
CA LEU C 1067 16.92 -90.80 -24.40
C LEU C 1067 15.93 -89.66 -24.59
N GLU C 1068 16.41 -88.47 -24.94
CA GLU C 1068 15.50 -87.35 -25.14
C GLU C 1068 14.78 -87.41 -26.49
N ASN C 1069 15.15 -88.34 -27.36
CA ASN C 1069 14.48 -88.48 -28.65
C ASN C 1069 13.30 -89.44 -28.57
N GLU C 1070 13.46 -90.56 -27.89
CA GLU C 1070 12.35 -91.50 -27.74
C GLU C 1070 11.32 -90.97 -26.75
N ARG C 1071 10.08 -91.45 -26.89
CA ARG C 1071 8.97 -90.88 -26.14
C ARG C 1071 9.03 -91.25 -24.68
N GLU C 1072 9.25 -92.53 -24.39
CA GLU C 1072 9.63 -92.92 -23.05
C GLU C 1072 11.02 -92.38 -22.74
N THR C 1073 11.27 -92.09 -21.47
CA THR C 1073 12.51 -91.52 -20.93
C THR C 1073 12.89 -90.18 -21.57
N SER C 1074 11.94 -89.43 -22.11
CA SER C 1074 12.23 -88.07 -22.56
C SER C 1074 12.00 -87.06 -21.45
N HIS C 1075 10.87 -87.18 -20.74
CA HIS C 1075 10.64 -86.44 -19.50
C HIS C 1075 10.62 -87.46 -18.39
N SER C 1076 11.81 -87.82 -17.90
CA SER C 1076 11.96 -88.83 -16.88
C SER C 1076 13.05 -88.39 -15.91
N LEU C 1077 12.98 -88.93 -14.69
CA LEU C 1077 13.96 -88.62 -13.67
C LEU C 1077 15.30 -89.31 -13.91
N LEU C 1078 15.36 -90.26 -14.84
CA LEU C 1078 16.62 -90.92 -15.12
C LEU C 1078 17.43 -90.16 -16.16
N LEU C 1079 16.77 -89.45 -17.07
CA LEU C 1079 17.47 -88.55 -17.99
C LEU C 1079 17.80 -87.22 -17.31
N TYR C 1080 16.91 -86.76 -16.43
CA TYR C 1080 17.13 -85.50 -15.71
C TYR C 1080 18.33 -85.61 -14.78
N LYS C 1081 18.51 -86.76 -14.13
CA LYS C 1081 19.68 -86.96 -13.29
C LYS C 1081 20.93 -87.20 -14.13
N ALA C 1082 20.77 -87.74 -15.33
CA ALA C 1082 21.90 -88.02 -16.21
C ALA C 1082 22.55 -86.75 -16.75
N PHE C 1083 21.84 -85.63 -16.71
CA PHE C 1083 22.41 -84.34 -17.07
C PHE C 1083 23.43 -83.83 -16.06
N LEU C 1084 23.52 -84.45 -14.89
CA LEU C 1084 24.44 -84.04 -13.84
C LEU C 1084 25.47 -85.11 -13.52
N LYS C 1085 25.49 -86.22 -14.24
CA LYS C 1085 26.45 -87.29 -13.98
C LYS C 1085 27.71 -87.14 -14.82
N ASP D 210 -14.54 -87.91 10.57
CA ASP D 210 -13.79 -86.72 10.17
C ASP D 210 -14.23 -86.03 8.84
N PRO D 211 -14.23 -86.72 7.68
CA PRO D 211 -14.31 -85.97 6.41
C PRO D 211 -15.66 -85.36 6.12
N THR D 212 -16.75 -85.91 6.67
CA THR D 212 -18.07 -85.37 6.38
C THR D 212 -18.39 -84.11 7.20
N MET D 213 -17.54 -83.76 8.17
CA MET D 213 -17.78 -82.61 9.03
C MET D 213 -16.71 -81.54 8.86
N TYR D 214 -16.07 -81.48 7.69
CA TYR D 214 -15.11 -80.41 7.44
C TYR D 214 -15.81 -79.09 7.17
N GLU D 215 -17.06 -79.13 6.70
CA GLU D 215 -17.84 -77.91 6.58
C GLU D 215 -18.43 -77.46 7.90
N GLU D 216 -18.27 -78.24 8.96
CA GLU D 216 -18.61 -77.84 10.32
C GLU D 216 -17.41 -77.32 11.09
N TYR D 217 -16.21 -77.85 10.80
CA TYR D 217 -15.00 -77.35 11.45
C TYR D 217 -14.62 -75.98 10.89
N TYR D 218 -14.64 -75.83 9.57
CA TYR D 218 -14.19 -74.59 8.94
C TYR D 218 -15.19 -73.46 9.18
N SER D 219 -16.49 -73.78 9.15
CA SER D 219 -17.49 -72.75 9.38
C SER D 219 -17.58 -72.34 10.84
N GLY D 220 -17.10 -73.19 11.76
CA GLY D 220 -17.03 -72.78 13.15
C GLY D 220 -15.91 -71.77 13.38
N LEU D 221 -14.74 -72.01 12.79
CA LEU D 221 -13.65 -71.05 12.90
C LEU D 221 -13.92 -69.81 12.07
N LYS D 222 -14.68 -69.93 10.98
CA LYS D 222 -15.12 -68.76 10.24
C LYS D 222 -16.10 -67.92 11.06
N HIS D 223 -16.88 -68.56 11.93
CA HIS D 223 -17.79 -67.84 12.80
C HIS D 223 -17.06 -67.17 13.97
N PHE D 224 -15.95 -67.76 14.43
CA PHE D 224 -15.20 -67.17 15.52
C PHE D 224 -14.45 -65.92 15.08
N ILE D 225 -13.89 -65.95 13.87
CA ILE D 225 -13.02 -64.86 13.43
C ILE D 225 -13.84 -63.63 13.06
N GLU D 226 -14.95 -63.83 12.35
CA GLU D 226 -15.79 -62.70 11.97
C GLU D 226 -16.58 -62.12 13.14
N CYS D 227 -16.68 -62.84 14.26
CA CYS D 227 -17.28 -62.30 15.47
C CYS D 227 -16.27 -61.69 16.41
N SER D 228 -15.00 -61.62 16.01
CA SER D 228 -13.99 -61.01 16.86
C SER D 228 -14.00 -59.49 16.69
N LEU D 229 -13.26 -58.81 17.56
CA LEU D 229 -13.07 -57.38 17.43
C LEU D 229 -12.22 -57.06 16.21
N ASP D 230 -12.40 -55.86 15.68
CA ASP D 230 -11.89 -55.53 14.35
C ASP D 230 -10.37 -55.40 14.29
N CYS D 231 -9.70 -55.21 15.43
CA CYS D 231 -8.24 -55.14 15.41
C CYS D 231 -7.63 -56.52 15.17
N HIS D 232 -8.20 -57.54 15.78
CA HIS D 232 -7.74 -58.92 15.61
C HIS D 232 -8.43 -59.65 14.47
N ARG D 233 -9.52 -59.10 13.95
CA ARG D 233 -10.26 -59.78 12.89
C ARG D 233 -9.50 -59.75 11.57
N ALA D 234 -8.85 -58.62 11.28
CA ALA D 234 -8.12 -58.49 10.03
C ALA D 234 -6.86 -59.35 10.02
N GLU D 235 -6.29 -59.62 11.20
CA GLU D 235 -5.11 -60.48 11.25
C GLU D 235 -5.48 -61.95 11.32
N LEU D 236 -6.62 -62.27 11.93
CA LEU D 236 -7.08 -63.65 12.00
C LEU D 236 -7.77 -64.11 10.73
N SER D 237 -7.99 -63.21 9.76
CA SER D 237 -8.50 -63.62 8.47
C SER D 237 -7.42 -64.21 7.57
N GLN D 238 -6.17 -64.28 8.04
CA GLN D 238 -5.09 -64.81 7.23
C GLN D 238 -5.17 -66.32 7.08
N LEU D 239 -5.69 -67.02 8.10
CA LEU D 239 -5.79 -68.47 8.06
C LEU D 239 -7.11 -68.97 7.48
N PHE D 240 -7.82 -68.13 6.74
CA PHE D 240 -8.94 -68.63 5.96
C PHE D 240 -8.46 -69.41 4.74
N TYR D 241 -7.53 -68.83 3.98
CA TYR D 241 -7.07 -69.47 2.75
C TYR D 241 -6.26 -70.74 2.98
N PRO D 242 -5.24 -70.81 3.87
CA PRO D 242 -4.53 -72.09 4.00
C PRO D 242 -5.34 -73.19 4.67
N LEU D 243 -6.29 -72.85 5.53
CA LEU D 243 -7.15 -73.88 6.09
C LEU D 243 -8.21 -74.32 5.10
N PHE D 244 -8.55 -73.49 4.12
CA PHE D 244 -9.47 -73.92 3.08
C PHE D 244 -8.80 -74.88 2.11
N VAL D 245 -7.54 -74.63 1.76
CA VAL D 245 -6.87 -75.49 0.79
C VAL D 245 -6.40 -76.79 1.44
N HIS D 246 -5.87 -76.71 2.66
CA HIS D 246 -5.37 -77.93 3.30
C HIS D 246 -6.48 -78.87 3.71
N MET D 247 -7.68 -78.35 3.95
CA MET D 247 -8.82 -79.24 4.18
C MET D 247 -9.38 -79.77 2.87
N TYR D 248 -9.33 -78.97 1.80
CA TYR D 248 -9.82 -79.43 0.51
C TYR D 248 -8.88 -80.44 -0.12
N LEU D 249 -7.57 -80.22 -0.01
CA LEU D 249 -6.61 -81.15 -0.62
C LEU D 249 -6.51 -82.44 0.16
N GLU D 250 -6.79 -82.41 1.46
CA GLU D 250 -6.82 -83.64 2.24
C GLU D 250 -8.07 -84.45 1.98
N LEU D 251 -9.18 -83.79 1.60
CA LEU D 251 -10.37 -84.52 1.18
C LEU D 251 -10.15 -85.25 -0.14
N VAL D 252 -9.51 -84.58 -1.11
CA VAL D 252 -9.31 -85.20 -2.42
C VAL D 252 -8.15 -86.18 -2.43
N TYR D 253 -7.27 -86.14 -1.43
CA TYR D 253 -6.20 -87.13 -1.36
C TYR D 253 -6.66 -88.42 -0.70
N ASN D 254 -7.68 -88.33 0.17
CA ASN D 254 -8.26 -89.50 0.80
C ASN D 254 -9.48 -90.02 0.06
N GLN D 255 -9.66 -89.56 -1.19
CA GLN D 255 -10.71 -90.01 -2.12
C GLN D 255 -12.10 -89.78 -1.55
N HIS D 256 -12.39 -88.52 -1.20
CA HIS D 256 -13.72 -88.10 -0.66
C HIS D 256 -14.23 -87.01 -1.59
N GLU D 257 -14.38 -87.32 -2.87
CA GLU D 257 -14.69 -86.30 -3.91
C GLU D 257 -15.98 -85.55 -3.67
N ASN D 258 -17.09 -86.20 -3.31
CA ASN D 258 -18.35 -85.42 -3.19
C ASN D 258 -18.20 -84.40 -2.06
N GLU D 259 -17.62 -84.83 -0.94
CA GLU D 259 -17.49 -83.91 0.21
C GLU D 259 -16.53 -82.80 -0.17
N ALA D 260 -15.49 -83.13 -0.93
CA ALA D 260 -14.54 -82.09 -1.37
C ALA D 260 -15.28 -81.07 -2.22
N LYS D 261 -16.10 -81.52 -3.15
CA LYS D 261 -16.80 -80.61 -4.08
C LYS D 261 -17.74 -79.71 -3.27
N SER D 262 -18.44 -80.28 -2.30
CA SER D 262 -19.36 -79.48 -1.45
C SER D 262 -18.61 -78.43 -0.64
N PHE D 263 -17.47 -78.79 -0.06
CA PHE D 263 -16.64 -77.84 0.71
C PHE D 263 -16.21 -76.73 -0.22
N PHE D 264 -15.77 -77.09 -1.42
CA PHE D 264 -15.27 -76.06 -2.33
C PHE D 264 -16.40 -75.10 -2.64
N GLU D 265 -17.59 -75.62 -2.90
CA GLU D 265 -18.71 -74.73 -3.28
C GLU D 265 -19.10 -73.83 -2.12
N LYS D 266 -19.11 -74.35 -0.89
CA LYS D 266 -19.59 -73.53 0.25
C LYS D 266 -18.62 -72.41 0.61
N PHE D 267 -17.32 -72.65 0.56
CA PHE D 267 -16.32 -71.70 1.10
C PHE D 267 -15.44 -71.01 0.07
N HIS D 268 -15.52 -71.35 -1.20
CA HIS D 268 -14.56 -70.74 -2.16
C HIS D 268 -14.78 -69.25 -2.32
N GLY D 269 -15.98 -68.75 -2.08
CA GLY D 269 -16.28 -67.34 -2.38
C GLY D 269 -16.04 -66.40 -1.24
N ASP D 270 -15.59 -66.92 -0.11
CA ASP D 270 -15.24 -66.06 1.03
C ASP D 270 -13.73 -65.90 1.06
N GLN D 271 -13.06 -66.47 0.05
CA GLN D 271 -11.60 -66.35 -0.04
C GLN D 271 -11.25 -65.00 -0.63
N GLU D 272 -10.06 -64.49 -0.33
CA GLU D 272 -9.64 -63.14 -0.77
C GLU D 272 -9.56 -63.12 -2.29
N CYS D 273 -9.88 -61.96 -2.88
CA CYS D 273 -9.96 -61.86 -4.36
C CYS D 273 -8.64 -62.18 -5.04
N TYR D 274 -7.52 -61.98 -4.37
CA TYR D 274 -6.20 -62.19 -4.99
C TYR D 274 -5.93 -63.66 -5.21
N TYR D 275 -6.79 -64.54 -4.73
CA TYR D 275 -6.47 -65.99 -4.78
C TYR D 275 -7.25 -66.72 -5.88
N GLN D 276 -7.90 -65.99 -6.78
CA GLN D 276 -8.79 -66.61 -7.80
C GLN D 276 -8.03 -67.61 -8.65
N ASP D 277 -6.79 -67.34 -9.06
CA ASP D 277 -6.12 -68.30 -9.95
C ASP D 277 -5.90 -69.65 -9.25
N ASP D 278 -5.43 -69.61 -8.02
CA ASP D 278 -5.17 -70.87 -7.27
C ASP D 278 -6.52 -71.54 -7.07
N LEU D 279 -7.55 -70.74 -6.78
CA LEU D 279 -8.87 -71.33 -6.55
C LEU D 279 -9.34 -72.05 -7.80
N ARG D 280 -9.14 -71.50 -9.00
CA ARG D 280 -9.51 -72.21 -10.26
C ARG D 280 -8.68 -73.48 -10.49
N VAL D 281 -7.38 -73.42 -10.23
CA VAL D 281 -6.64 -74.70 -10.37
C VAL D 281 -7.25 -75.73 -9.41
N LEU D 282 -7.61 -75.34 -8.19
CA LEU D 282 -8.17 -76.29 -7.19
C LEU D 282 -9.54 -76.80 -7.61
N SER D 283 -10.38 -75.96 -8.18
CA SER D 283 -11.72 -76.38 -8.65
C SER D 283 -11.50 -77.46 -9.71
N SER D 284 -10.51 -77.31 -10.56
CA SER D 284 -10.27 -78.45 -11.49
C SER D 284 -9.93 -79.72 -10.72
N LEU D 285 -9.08 -79.69 -9.68
CA LEU D 285 -8.59 -80.85 -8.91
C LEU D 285 -9.73 -81.41 -8.10
N THR D 286 -10.24 -82.58 -8.46
CA THR D 286 -11.32 -83.22 -7.72
C THR D 286 -10.95 -84.67 -7.40
N LYS D 287 -10.10 -85.26 -8.23
CA LYS D 287 -9.63 -86.63 -8.00
C LYS D 287 -8.31 -86.63 -7.26
N LYS D 288 -7.89 -87.81 -6.84
CA LYS D 288 -6.60 -87.96 -6.19
C LYS D 288 -5.47 -88.00 -7.22
N GLU D 289 -5.66 -88.77 -8.30
CA GLU D 289 -4.64 -88.90 -9.33
C GLU D 289 -4.49 -87.64 -10.16
N HIS D 290 -5.49 -86.75 -10.15
CA HIS D 290 -5.30 -85.44 -10.75
C HIS D 290 -4.30 -84.61 -9.97
N MET D 291 -4.30 -84.76 -8.64
CA MET D 291 -3.39 -84.03 -7.78
C MET D 291 -2.05 -84.72 -7.63
N LYS D 292 -1.98 -86.04 -7.89
CA LYS D 292 -0.72 -86.76 -7.79
C LYS D 292 0.26 -86.43 -8.91
N GLY D 293 -0.15 -85.69 -9.93
CA GLY D 293 0.75 -85.28 -10.98
C GLY D 293 0.75 -83.78 -11.21
N ASN D 294 0.37 -83.01 -10.20
CA ASN D 294 0.37 -81.55 -10.31
C ASN D 294 1.70 -80.94 -9.89
N GLU D 295 2.31 -81.47 -8.83
CA GLU D 295 3.63 -81.15 -8.29
C GLU D 295 3.76 -79.75 -7.70
N THR D 296 2.72 -78.93 -7.76
CA THR D 296 2.65 -77.67 -7.03
C THR D 296 1.73 -77.76 -5.83
N MET D 297 0.56 -78.38 -5.99
CA MET D 297 -0.28 -78.74 -4.86
C MET D 297 0.24 -79.98 -4.14
N LEU D 298 1.13 -80.75 -4.74
CA LEU D 298 1.79 -81.84 -4.04
C LEU D 298 2.84 -81.31 -3.07
N ASP D 299 3.49 -80.20 -3.43
CA ASP D 299 4.44 -79.56 -2.53
C ASP D 299 3.76 -78.60 -1.58
N PHE D 300 2.54 -78.16 -1.90
CA PHE D 300 1.76 -77.37 -0.95
C PHE D 300 1.21 -78.22 0.17
N ARG D 301 0.91 -79.49 -0.11
CA ARG D 301 0.32 -80.35 0.90
C ARG D 301 1.36 -80.81 1.93
N THR D 302 2.63 -80.87 1.53
CA THR D 302 3.68 -81.33 2.41
C THR D 302 4.40 -80.20 3.14
N SER D 303 4.35 -78.98 2.63
CA SER D 303 4.97 -77.86 3.29
C SER D 303 4.04 -77.30 4.37
N LYS D 304 4.49 -76.24 5.03
CA LYS D 304 3.73 -75.58 6.09
C LYS D 304 3.52 -74.13 5.73
N PHE D 305 2.26 -73.68 5.79
CA PHE D 305 1.97 -72.26 5.63
C PHE D 305 2.50 -71.51 6.84
N VAL D 306 3.16 -70.38 6.60
CA VAL D 306 3.96 -69.77 7.65
C VAL D 306 3.11 -68.90 8.57
N LEU D 307 2.28 -68.03 7.98
CA LEU D 307 1.16 -67.35 8.66
C LEU D 307 1.64 -66.48 9.83
N ARG D 308 2.35 -65.41 9.48
CA ARG D 308 2.85 -64.48 10.49
C ARG D 308 1.71 -63.75 11.19
N ILE D 309 1.54 -63.99 12.49
CA ILE D 309 0.50 -63.39 13.29
C ILE D 309 1.14 -62.74 14.51
N SER D 310 0.43 -61.79 15.11
CA SER D 310 0.91 -61.12 16.30
C SER D 310 0.52 -61.92 17.55
N ARG D 311 1.20 -61.61 18.66
CA ARG D 311 0.92 -62.29 19.91
C ARG D 311 -0.37 -61.79 20.56
N ASP D 312 -0.83 -60.58 20.20
CA ASP D 312 -2.09 -60.09 20.73
C ASP D 312 -3.27 -60.81 20.10
N SER D 313 -3.14 -61.24 18.84
CA SER D 313 -4.19 -62.00 18.17
C SER D 313 -4.03 -63.51 18.34
N TYR D 314 -2.81 -63.98 18.61
CA TYR D 314 -2.61 -65.42 18.80
C TYR D 314 -3.17 -65.90 20.12
N GLN D 315 -3.28 -65.01 21.12
CA GLN D 315 -3.86 -65.38 22.40
C GLN D 315 -5.35 -65.63 22.27
N LEU D 316 -6.04 -64.87 21.41
CA LEU D 316 -7.45 -65.15 21.16
C LEU D 316 -7.63 -66.40 20.31
N LEU D 317 -6.67 -66.69 19.43
CA LEU D 317 -6.76 -67.90 18.61
C LEU D 317 -6.51 -69.14 19.44
N LYS D 318 -5.50 -69.11 20.31
CA LYS D 318 -5.18 -70.29 21.12
C LYS D 318 -6.15 -70.49 22.26
N ARG D 319 -6.90 -69.46 22.65
CA ARG D 319 -7.98 -69.63 23.61
C ARG D 319 -9.26 -70.15 22.97
N HIS D 320 -9.28 -70.28 21.64
CA HIS D 320 -10.38 -70.89 20.92
C HIS D 320 -10.01 -72.24 20.32
N LEU D 321 -8.76 -72.67 20.44
CA LEU D 321 -8.31 -73.93 19.86
C LEU D 321 -7.79 -74.92 20.88
N GLN D 322 -7.26 -74.47 22.02
CA GLN D 322 -6.77 -75.39 23.04
C GLN D 322 -7.90 -76.09 23.77
N GLU D 323 -9.13 -75.58 23.61
CA GLU D 323 -10.33 -76.22 24.22
C GLU D 323 -10.74 -77.42 23.36
N LYS D 324 -11.40 -78.41 23.96
CA LYS D 324 -11.78 -79.66 23.22
C LYS D 324 -12.93 -79.39 22.24
N GLN D 325 -13.63 -78.27 22.40
CA GLN D 325 -14.79 -77.94 21.53
C GLN D 325 -14.29 -77.87 20.08
N ASN D 326 -13.10 -77.32 19.86
CA ASN D 326 -12.51 -77.26 18.49
C ASN D 326 -11.12 -77.89 18.53
N ASN D 327 -11.04 -79.19 18.77
CA ASN D 327 -9.74 -79.90 18.84
C ASN D 327 -9.42 -80.53 17.48
N GLN D 328 -10.34 -80.43 16.52
CA GLN D 328 -10.12 -81.03 15.18
C GLN D 328 -9.50 -79.98 14.27
N ILE D 329 -10.05 -78.77 14.25
CA ILE D 329 -9.48 -77.69 13.46
C ILE D 329 -8.19 -77.21 14.11
N TRP D 330 -8.03 -77.39 15.42
CA TRP D 330 -6.75 -77.18 16.07
C TRP D 330 -5.75 -78.25 15.67
N ASN D 331 -6.23 -79.46 15.39
CA ASN D 331 -5.32 -80.52 14.93
C ASN D 331 -4.87 -80.28 13.50
N ILE D 332 -5.71 -79.65 12.67
CA ILE D 332 -5.31 -79.33 11.30
C ILE D 332 -4.33 -78.15 11.29
N VAL D 333 -4.53 -77.19 12.20
CA VAL D 333 -3.66 -76.02 12.29
C VAL D 333 -2.25 -76.43 12.71
N GLN D 334 -2.12 -77.23 13.75
CA GLN D 334 -0.80 -77.61 14.23
C GLN D 334 -0.16 -78.74 13.42
N GLU D 335 -0.83 -79.23 12.39
CA GLU D 335 -0.26 -80.20 11.47
C GLU D 335 0.17 -79.57 10.14
N HIS D 336 -0.62 -78.64 9.61
CA HIS D 336 -0.37 -78.08 8.30
C HIS D 336 0.09 -76.64 8.30
N LEU D 337 -0.05 -75.92 9.41
CA LEU D 337 0.30 -74.51 9.47
C LEU D 337 1.40 -74.28 10.48
N TYR D 338 2.49 -73.66 10.04
CA TYR D 338 3.35 -72.95 10.96
C TYR D 338 2.64 -71.67 11.41
N ILE D 339 3.03 -71.16 12.57
CA ILE D 339 2.61 -69.85 13.03
C ILE D 339 3.85 -69.14 13.57
N ASP D 340 4.22 -68.04 12.93
CA ASP D 340 5.38 -67.25 13.29
C ASP D 340 4.90 -66.01 14.04
N ILE D 341 5.22 -65.92 15.31
CA ILE D 341 4.67 -64.90 16.18
C ILE D 341 5.65 -63.75 16.32
N PHE D 342 5.15 -62.53 16.16
CA PHE D 342 5.91 -61.32 16.43
C PHE D 342 5.22 -60.54 17.54
N ASP D 343 6.01 -59.86 18.34
CA ASP D 343 5.50 -59.05 19.44
C ASP D 343 5.34 -57.62 18.95
N GLY D 344 4.11 -57.21 18.71
CA GLY D 344 3.85 -55.87 18.24
C GLY D 344 2.39 -55.63 18.02
N MET D 345 2.10 -54.55 17.28
CA MET D 345 0.75 -54.20 16.92
C MET D 345 0.20 -55.17 15.89
N PRO D 346 -1.09 -55.50 15.97
CA PRO D 346 -1.72 -56.25 14.87
C PRO D 346 -1.81 -55.40 13.62
N ARG D 347 -1.44 -55.98 12.49
CA ARG D 347 -1.36 -55.22 11.25
C ARG D 347 -2.75 -54.86 10.73
N SER D 348 -2.81 -53.80 9.94
CA SER D 348 -4.06 -53.40 9.32
C SER D 348 -4.40 -54.32 8.16
N LYS D 349 -5.62 -54.18 7.64
CA LYS D 349 -6.04 -55.03 6.53
C LYS D 349 -5.36 -54.65 5.22
N GLN D 350 -5.09 -53.37 5.00
CA GLN D 350 -4.39 -52.95 3.80
C GLN D 350 -2.87 -53.08 3.92
N GLN D 351 -2.37 -53.47 5.09
CA GLN D 351 -0.98 -53.87 5.26
C GLN D 351 -0.80 -55.37 5.18
N ILE D 352 -1.78 -56.14 5.64
CA ILE D 352 -1.77 -57.59 5.44
C ILE D 352 -1.97 -57.92 3.96
N ASP D 353 -2.79 -57.11 3.27
CA ASP D 353 -3.02 -57.30 1.84
C ASP D 353 -1.77 -57.03 1.02
N ALA D 354 -0.85 -56.23 1.57
CA ALA D 354 0.34 -55.87 0.80
C ALA D 354 1.38 -56.99 0.83
N MET D 355 1.37 -57.83 1.87
CA MET D 355 2.48 -58.81 2.05
C MET D 355 2.06 -60.28 1.95
N VAL D 356 0.78 -60.57 1.66
CA VAL D 356 0.38 -61.95 1.45
C VAL D 356 0.09 -62.14 -0.02
N GLY D 357 -0.20 -63.38 -0.41
CA GLY D 357 -0.61 -63.65 -1.77
C GLY D 357 0.00 -64.90 -2.37
N SER D 358 1.02 -65.43 -1.71
CA SER D 358 1.72 -66.59 -2.23
C SER D 358 1.16 -67.88 -1.64
N LEU D 359 1.53 -69.00 -2.27
CA LEU D 359 1.26 -70.32 -1.73
C LEU D 359 2.46 -70.74 -0.89
N ALA D 360 2.18 -71.25 0.32
CA ALA D 360 3.14 -71.39 1.42
C ALA D 360 3.87 -70.07 1.65
N GLY D 361 3.08 -69.02 1.85
CA GLY D 361 3.56 -67.66 1.77
C GLY D 361 3.80 -67.00 3.13
N GLU D 362 4.30 -65.78 3.05
CA GLU D 362 4.63 -64.90 4.18
C GLU D 362 5.62 -65.58 5.14
N ALA D 363 6.81 -65.86 4.61
CA ALA D 363 7.80 -66.74 5.22
C ALA D 363 8.32 -66.18 6.55
N LYS D 364 9.01 -67.06 7.28
CA LYS D 364 9.47 -66.76 8.64
C LYS D 364 10.51 -65.66 8.64
N ARG D 365 10.61 -64.97 9.78
CA ARG D 365 11.67 -63.98 9.94
C ARG D 365 13.02 -64.63 10.16
N GLU D 366 13.07 -65.90 10.58
CA GLU D 366 14.35 -66.59 10.73
C GLU D 366 15.01 -66.88 9.40
N ALA D 367 14.27 -66.83 8.29
CA ALA D 367 14.88 -66.92 6.98
C ALA D 367 15.47 -65.60 6.53
N ASN D 368 14.86 -64.48 6.92
CA ASN D 368 15.29 -63.15 6.51
C ASN D 368 16.23 -62.49 7.51
N LYS D 369 16.95 -63.28 8.30
CA LYS D 369 17.90 -62.74 9.27
C LYS D 369 19.34 -63.14 8.99
N SER D 370 19.61 -63.86 7.89
CA SER D 370 20.97 -64.21 7.55
C SER D 370 21.73 -62.98 7.07
N LYS D 371 23.05 -63.01 7.23
CA LYS D 371 23.90 -61.89 6.84
C LYS D 371 24.09 -61.91 5.33
N VAL D 372 23.68 -60.85 4.66
CA VAL D 372 23.77 -60.74 3.21
C VAL D 372 24.76 -59.62 2.88
N PHE D 373 25.75 -59.96 2.06
CA PHE D 373 26.75 -58.99 1.61
C PHE D 373 26.20 -58.24 0.40
N PHE D 374 25.35 -57.25 0.67
CA PHE D 374 24.65 -56.52 -0.36
C PHE D 374 25.41 -55.30 -0.87
N GLY D 375 26.69 -55.18 -0.55
CA GLY D 375 27.47 -54.05 -0.99
C GLY D 375 28.21 -54.31 -2.28
N LEU D 376 28.70 -53.24 -2.89
CA LEU D 376 29.40 -53.35 -4.16
C LEU D 376 30.88 -53.65 -3.95
N LEU D 377 31.48 -54.27 -4.96
CA LEU D 377 32.90 -54.53 -4.93
C LEU D 377 33.69 -53.28 -5.35
N LYS D 378 35.00 -53.37 -5.23
CA LYS D 378 35.88 -52.25 -5.55
C LYS D 378 36.42 -52.37 -6.97
N GLN D 417 35.93 -48.10 3.03
CA GLN D 417 35.51 -49.42 2.62
C GLN D 417 34.10 -49.74 3.12
N ASP D 418 33.37 -50.54 2.35
CA ASP D 418 32.00 -50.89 2.69
C ASP D 418 31.99 -52.12 3.59
N PRO D 419 31.42 -52.04 4.80
CA PRO D 419 31.32 -53.25 5.63
C PRO D 419 30.34 -54.28 5.10
N ASN D 420 29.37 -53.87 4.29
CA ASN D 420 28.43 -54.78 3.65
C ASN D 420 28.96 -55.36 2.34
N ALA D 421 30.21 -55.08 2.01
CA ALA D 421 30.73 -55.61 0.75
C ALA D 421 31.40 -56.96 0.98
N PRO D 422 31.22 -57.92 0.08
CA PRO D 422 31.95 -59.18 0.20
C PRO D 422 33.40 -59.00 -0.23
N PRO D 423 34.30 -59.88 0.21
CA PRO D 423 35.66 -59.84 -0.31
C PRO D 423 35.71 -60.23 -1.77
N GLN D 424 36.81 -59.83 -2.43
CA GLN D 424 36.97 -60.12 -3.85
C GLN D 424 37.22 -61.59 -4.10
N ASN D 425 37.78 -62.31 -3.14
CA ASN D 425 38.06 -63.72 -3.28
C ASN D 425 36.98 -64.60 -2.65
N ARG D 426 35.81 -64.04 -2.34
CA ARG D 426 34.70 -64.85 -1.87
C ARG D 426 34.15 -65.71 -3.00
N ILE D 427 33.68 -65.08 -4.06
CA ILE D 427 33.33 -65.75 -5.30
C ILE D 427 34.52 -65.60 -6.24
N PRO D 428 35.02 -66.68 -6.84
CA PRO D 428 36.17 -66.56 -7.74
C PRO D 428 35.79 -65.92 -9.05
N LEU D 429 35.81 -64.59 -9.08
CA LEU D 429 35.48 -63.78 -10.24
C LEU D 429 36.66 -63.71 -11.21
N PRO D 430 36.40 -63.53 -12.50
CA PRO D 430 37.50 -63.52 -13.47
C PRO D 430 38.34 -62.25 -13.40
N GLU D 431 39.51 -62.32 -14.02
CA GLU D 431 40.44 -61.21 -14.08
C GLU D 431 39.89 -60.09 -14.95
N LEU D 432 40.46 -58.90 -14.77
CA LEU D 432 40.11 -57.73 -15.57
C LEU D 432 41.22 -57.53 -16.60
N LYS D 433 40.92 -57.84 -17.85
CA LYS D 433 41.91 -57.78 -18.92
C LYS D 433 42.12 -56.33 -19.36
N ASP D 434 43.15 -56.14 -20.20
CA ASP D 434 43.46 -54.79 -20.67
C ASP D 434 42.45 -54.29 -21.68
N SER D 435 41.77 -55.20 -22.40
CA SER D 435 40.64 -54.78 -23.22
C SER D 435 39.41 -54.51 -22.38
N ASP D 436 39.26 -55.20 -21.25
CA ASP D 436 38.18 -54.90 -20.33
C ASP D 436 38.48 -53.65 -19.51
N LYS D 437 39.76 -53.38 -19.23
CA LYS D 437 40.12 -52.11 -18.61
C LYS D 437 40.03 -50.96 -19.61
N LEU D 438 40.17 -51.24 -20.90
CA LEU D 438 39.96 -50.22 -21.92
C LEU D 438 38.48 -49.87 -22.06
N ASP D 439 37.58 -50.79 -21.71
CA ASP D 439 36.16 -50.50 -21.77
C ASP D 439 35.74 -49.49 -20.71
N LYS D 440 36.25 -49.65 -19.48
CA LYS D 440 35.89 -48.74 -18.40
C LYS D 440 36.49 -47.35 -18.56
N ILE D 441 37.51 -47.20 -19.42
CA ILE D 441 38.06 -45.88 -19.70
C ILE D 441 37.08 -45.07 -20.55
N MET D 442 36.49 -45.69 -21.58
CA MET D 442 35.48 -45.01 -22.35
C MET D 442 34.10 -45.04 -21.70
N ASN D 443 33.91 -45.85 -20.65
CA ASN D 443 32.67 -45.83 -19.90
C ASN D 443 32.56 -44.60 -19.02
N MET D 444 33.67 -44.16 -18.44
CA MET D 444 33.66 -42.96 -17.61
C MET D 444 33.67 -41.68 -18.43
N LYS D 445 33.95 -41.76 -19.73
CA LYS D 445 33.70 -40.62 -20.60
C LYS D 445 32.21 -40.44 -20.84
N GLU D 446 31.44 -41.53 -20.83
CA GLU D 446 29.98 -41.43 -20.92
C GLU D 446 29.40 -40.93 -19.61
N THR D 447 30.00 -41.32 -18.49
CA THR D 447 29.57 -40.86 -17.17
C THR D 447 29.80 -39.36 -16.98
N THR D 448 30.72 -38.77 -17.74
CA THR D 448 30.94 -37.33 -17.70
C THR D 448 29.72 -36.57 -18.23
N LYS D 449 29.08 -37.08 -19.28
CA LYS D 449 27.89 -36.47 -19.84
C LYS D 449 26.61 -36.96 -19.18
N ARG D 450 26.71 -37.76 -18.12
CA ARG D 450 25.53 -38.32 -17.47
C ARG D 450 24.78 -37.26 -16.70
N VAL D 451 23.48 -37.14 -16.96
CA VAL D 451 22.65 -36.13 -16.32
C VAL D 451 22.10 -36.69 -15.01
N ARG D 452 21.95 -35.81 -14.03
CA ARG D 452 21.27 -36.16 -12.79
C ARG D 452 19.77 -36.05 -13.04
N LEU D 453 19.04 -37.17 -12.89
CA LEU D 453 17.65 -37.19 -13.35
C LEU D 453 16.72 -36.54 -12.34
N GLY D 454 16.56 -37.16 -11.17
CA GLY D 454 15.70 -36.65 -10.13
C GLY D 454 14.24 -36.51 -10.50
N PRO D 455 13.46 -35.82 -9.68
CA PRO D 455 12.06 -35.56 -10.02
C PRO D 455 11.85 -34.34 -10.91
N ASP D 456 12.90 -33.60 -11.23
CA ASP D 456 12.78 -32.39 -12.05
C ASP D 456 13.26 -32.60 -13.48
N CYS D 457 14.47 -33.11 -13.66
CA CYS D 457 15.02 -33.36 -14.99
C CYS D 457 14.62 -34.76 -15.41
N LEU D 458 13.38 -34.87 -15.90
CA LEU D 458 12.86 -36.17 -16.31
C LEU D 458 13.56 -36.64 -17.58
N PRO D 459 13.92 -37.92 -17.66
CA PRO D 459 14.73 -38.40 -18.79
C PRO D 459 13.91 -38.50 -20.07
N SER D 460 14.63 -38.46 -21.18
CA SER D 460 14.04 -38.68 -22.49
C SER D 460 14.05 -40.17 -22.81
N ILE D 461 12.94 -40.66 -23.33
CA ILE D 461 12.76 -42.08 -23.64
C ILE D 461 12.82 -42.25 -25.15
N CYS D 462 13.73 -43.10 -25.60
CA CYS D 462 13.86 -43.42 -27.02
C CYS D 462 13.36 -44.85 -27.22
N PHE D 463 12.16 -44.97 -27.78
CA PHE D 463 11.56 -46.28 -27.98
C PHE D 463 12.07 -46.90 -29.27
N TYR D 464 12.65 -48.10 -29.16
CA TYR D 464 13.16 -48.85 -30.30
C TYR D 464 12.14 -49.93 -30.67
N THR D 465 11.12 -49.54 -31.41
CA THR D 465 10.04 -50.45 -31.72
C THR D 465 10.42 -51.41 -32.84
N PHE D 466 9.97 -52.66 -32.71
CA PHE D 466 10.09 -53.65 -33.77
C PHE D 466 8.82 -53.56 -34.60
N LEU D 467 8.96 -53.17 -35.88
CA LEU D 467 7.78 -52.74 -36.63
C LEU D 467 6.97 -53.92 -37.13
N ASN D 468 7.59 -54.81 -37.91
CA ASN D 468 6.78 -55.87 -38.52
C ASN D 468 6.50 -56.98 -37.53
N ALA D 469 7.55 -57.71 -37.12
CA ALA D 469 7.57 -58.62 -35.97
C ALA D 469 6.42 -59.63 -35.97
N TYR D 470 6.15 -60.21 -37.13
CA TYR D 470 5.03 -61.13 -37.23
C TYR D 470 5.38 -62.50 -36.69
N GLN D 471 6.66 -62.81 -36.57
CA GLN D 471 7.12 -63.77 -35.59
C GLN D 471 7.18 -63.03 -34.25
N GLY D 472 6.62 -63.64 -33.20
CA GLY D 472 6.40 -62.91 -31.97
C GLY D 472 7.70 -62.67 -31.23
N LEU D 473 7.98 -61.42 -30.89
CA LEU D 473 9.19 -61.09 -30.15
C LEU D 473 9.02 -61.48 -28.69
N THR D 474 9.93 -62.32 -28.19
CA THR D 474 9.77 -62.85 -26.81
C THR D 474 10.92 -62.44 -25.91
N ALA D 475 12.00 -61.86 -26.44
CA ALA D 475 13.16 -61.52 -25.61
C ALA D 475 13.92 -60.37 -26.23
N VAL D 476 14.26 -59.37 -25.43
CA VAL D 476 15.11 -58.26 -25.84
C VAL D 476 16.25 -58.14 -24.84
N ASP D 477 17.44 -57.81 -25.32
CA ASP D 477 18.49 -57.31 -24.46
C ASP D 477 19.30 -56.25 -25.20
N VAL D 478 19.79 -55.29 -24.43
CA VAL D 478 20.68 -54.25 -24.93
C VAL D 478 22.00 -54.41 -24.17
N THR D 479 23.11 -54.12 -24.84
CA THR D 479 24.40 -54.09 -24.17
C THR D 479 24.47 -52.92 -23.20
N ASP D 480 25.51 -52.93 -22.36
CA ASP D 480 25.64 -51.94 -21.29
C ASP D 480 25.90 -50.55 -21.86
N ASP D 481 26.80 -50.45 -22.84
CA ASP D 481 26.77 -49.31 -23.75
C ASP D 481 25.77 -49.58 -24.84
N SER D 482 24.97 -48.57 -25.17
CA SER D 482 23.85 -48.74 -26.10
C SER D 482 24.40 -48.90 -27.52
N SER D 483 24.85 -50.11 -27.83
CA SER D 483 25.47 -50.39 -29.11
C SER D 483 24.82 -51.55 -29.85
N LEU D 484 24.37 -52.58 -29.14
CA LEU D 484 23.69 -53.70 -29.74
C LEU D 484 22.31 -53.85 -29.10
N ILE D 485 21.37 -54.39 -29.87
CA ILE D 485 20.05 -54.76 -29.39
C ILE D 485 19.76 -56.16 -29.91
N ALA D 486 19.53 -57.09 -29.01
CA ALA D 486 19.18 -58.45 -29.41
C ALA D 486 17.67 -58.62 -29.38
N GLY D 487 17.20 -59.52 -30.22
CA GLY D 487 15.79 -59.85 -30.24
C GLY D 487 15.58 -61.34 -30.29
N GLY D 488 14.89 -61.88 -29.27
CA GLY D 488 14.49 -63.28 -29.29
C GLY D 488 13.08 -63.36 -29.82
N PHE D 489 12.86 -64.25 -30.78
CA PHE D 489 11.61 -64.29 -31.50
C PHE D 489 11.01 -65.69 -31.42
N ALA D 490 9.72 -65.77 -31.73
CA ALA D 490 8.98 -67.03 -31.67
C ALA D 490 9.28 -67.96 -32.85
N ASP D 491 9.91 -67.47 -33.91
CA ASP D 491 10.34 -68.32 -35.01
C ASP D 491 11.73 -68.91 -34.78
N SER D 492 12.15 -69.00 -33.52
CA SER D 492 13.33 -69.73 -33.05
C SER D 492 14.63 -69.06 -33.51
N THR D 493 14.61 -67.74 -33.60
CA THR D 493 15.76 -66.98 -34.06
C THR D 493 16.15 -65.93 -33.04
N VAL D 494 17.46 -65.63 -33.01
CA VAL D 494 17.99 -64.47 -32.31
C VAL D 494 18.55 -63.53 -33.37
N ARG D 495 18.21 -62.26 -33.27
CA ARG D 495 18.59 -61.27 -34.27
C ARG D 495 19.28 -60.10 -33.58
N VAL D 496 20.54 -59.89 -33.88
CA VAL D 496 21.33 -58.81 -33.31
C VAL D 496 21.26 -57.61 -34.25
N TRP D 497 20.93 -56.44 -33.71
CA TRP D 497 20.92 -55.20 -34.45
C TRP D 497 21.97 -54.26 -33.88
N SER D 498 22.74 -53.64 -34.77
CA SER D 498 23.60 -52.54 -34.36
C SER D 498 22.80 -51.24 -34.40
N VAL D 499 22.86 -50.46 -33.33
CA VAL D 499 22.13 -49.21 -33.26
C VAL D 499 23.04 -48.00 -33.46
N THR D 500 24.33 -48.13 -33.20
CA THR D 500 25.32 -47.13 -33.54
C THR D 500 25.62 -47.21 -35.04
N PRO D 501 26.17 -46.13 -35.66
CA PRO D 501 26.46 -46.27 -37.11
C PRO D 501 27.75 -47.04 -37.36
N LYS D 502 27.69 -48.34 -37.09
CA LYS D 502 28.85 -49.22 -37.15
C LYS D 502 28.30 -50.62 -37.38
N LYS D 503 28.50 -51.15 -38.58
CA LYS D 503 27.87 -52.40 -38.97
C LYS D 503 28.46 -53.58 -38.22
N LEU D 504 27.67 -54.63 -38.09
CA LEU D 504 28.09 -55.83 -37.39
C LEU D 504 29.02 -56.64 -38.28
N ARG D 505 30.26 -56.80 -37.86
CA ARG D 505 31.24 -57.55 -38.63
C ARG D 505 31.64 -58.80 -37.87
N SER D 506 31.86 -59.88 -38.62
CA SER D 506 32.48 -61.07 -38.09
C SER D 506 33.99 -60.95 -38.24
N VAL D 507 34.71 -61.72 -37.42
CA VAL D 507 36.15 -61.77 -37.58
C VAL D 507 36.50 -62.64 -38.78
N LYS D 508 37.71 -62.47 -39.29
CA LYS D 508 38.15 -63.18 -40.48
C LYS D 508 38.32 -64.67 -40.19
N GLN D 509 38.33 -65.45 -41.27
CA GLN D 509 38.51 -66.89 -41.14
C GLN D 509 39.95 -67.21 -40.78
N ALA D 510 40.18 -68.47 -40.39
CA ALA D 510 41.47 -68.89 -39.85
C ALA D 510 42.59 -68.84 -40.88
N SER D 511 42.26 -68.92 -42.17
CA SER D 511 43.29 -68.75 -43.19
C SER D 511 43.74 -67.30 -43.29
N ASP D 512 42.81 -66.36 -43.12
CA ASP D 512 43.15 -64.94 -43.19
C ASP D 512 43.88 -64.46 -41.94
N LEU D 513 43.61 -65.08 -40.78
CA LEU D 513 44.31 -64.71 -39.56
C LEU D 513 45.70 -65.30 -39.48
N SER D 514 45.96 -66.39 -40.21
CA SER D 514 47.27 -67.01 -40.16
C SER D 514 48.31 -66.22 -40.96
N LEU D 515 47.86 -65.44 -41.95
CA LEU D 515 48.82 -64.67 -42.74
C LEU D 515 49.12 -63.31 -42.11
N ILE D 516 48.21 -62.76 -41.30
CA ILE D 516 48.49 -61.52 -40.61
C ILE D 516 49.32 -61.84 -39.37
N ASP D 517 49.89 -60.81 -38.76
CA ASP D 517 50.69 -60.98 -37.55
C ASP D 517 49.93 -60.46 -36.34
N LYS D 518 50.24 -61.02 -35.18
CA LYS D 518 49.77 -60.51 -33.91
C LYS D 518 50.72 -59.41 -33.44
N GLU D 519 50.64 -59.07 -32.15
CA GLU D 519 51.55 -58.05 -31.54
C GLU D 519 51.38 -56.67 -32.19
N SER D 520 50.61 -56.56 -33.27
CA SER D 520 50.34 -55.23 -33.89
C SER D 520 49.39 -54.42 -33.00
N ASP D 521 49.47 -53.09 -33.04
CA ASP D 521 48.53 -52.24 -32.27
C ASP D 521 47.10 -52.43 -32.80
N ASP D 522 46.93 -52.45 -34.13
CA ASP D 522 45.58 -52.56 -34.73
C ASP D 522 44.95 -53.92 -34.39
N VAL D 523 45.70 -55.02 -34.53
CA VAL D 523 45.21 -56.40 -34.24
C VAL D 523 43.69 -56.55 -34.38
N LEU D 524 42.87 -56.03 -33.46
CA LEU D 524 41.40 -56.28 -33.55
C LEU D 524 40.87 -55.69 -34.86
N GLU D 525 41.34 -54.48 -35.17
CA GLU D 525 40.90 -53.84 -36.42
C GLU D 525 41.37 -54.72 -37.56
N ARG D 526 42.63 -55.17 -37.57
CA ARG D 526 43.16 -56.05 -38.65
C ARG D 526 42.25 -57.28 -38.83
N ILE D 527 41.88 -57.93 -37.74
CA ILE D 527 41.04 -59.18 -37.78
C ILE D 527 39.64 -58.94 -38.35
N MET D 528 38.98 -57.81 -38.06
CA MET D 528 37.58 -57.71 -38.60
C MET D 528 37.38 -58.05 -40.11
N ASP D 529 36.34 -58.82 -40.47
CA ASP D 529 36.09 -58.99 -41.90
C ASP D 529 35.11 -57.93 -42.38
N GLU D 530 35.47 -57.24 -43.46
CA GLU D 530 34.58 -56.25 -44.05
C GLU D 530 33.67 -56.85 -45.12
N LYS D 531 33.99 -58.05 -45.60
CA LYS D 531 33.10 -58.77 -46.52
C LYS D 531 31.79 -59.13 -45.85
N THR D 532 31.81 -59.40 -44.55
CA THR D 532 30.63 -59.66 -43.75
C THR D 532 30.38 -58.43 -42.88
N ALA D 533 29.44 -57.58 -43.29
CA ALA D 533 29.14 -56.35 -42.57
C ALA D 533 27.69 -56.00 -42.82
N SER D 534 26.83 -56.26 -41.84
CA SER D 534 25.41 -55.98 -41.94
C SER D 534 24.97 -55.14 -40.74
N GLU D 535 23.77 -54.58 -40.86
CA GLU D 535 23.10 -53.95 -39.74
C GLU D 535 22.23 -54.93 -38.97
N LEU D 536 22.30 -56.22 -39.31
CA LEU D 536 21.43 -57.23 -38.73
C LEU D 536 22.08 -58.60 -38.97
N LYS D 537 22.22 -59.37 -37.90
CA LYS D 537 22.71 -60.74 -37.99
C LYS D 537 21.69 -61.66 -37.35
N ILE D 538 21.22 -62.66 -38.10
CA ILE D 538 20.25 -63.62 -37.62
C ILE D 538 20.98 -64.88 -37.16
N LEU D 539 20.60 -65.38 -35.99
CA LEU D 539 21.24 -66.54 -35.38
C LEU D 539 20.23 -67.67 -35.31
N TYR D 540 20.56 -68.80 -35.94
CA TYR D 540 19.71 -69.98 -35.99
C TYR D 540 20.30 -71.08 -35.13
N GLY D 541 19.42 -71.93 -34.60
CA GLY D 541 19.87 -73.09 -33.85
C GLY D 541 18.99 -73.52 -32.70
N HIS D 542 18.16 -72.64 -32.18
CA HIS D 542 17.15 -73.05 -31.22
C HIS D 542 16.01 -73.73 -31.95
N SER D 543 15.50 -74.82 -31.38
CA SER D 543 14.28 -75.46 -31.90
C SER D 543 13.08 -75.09 -31.05
N GLY D 544 12.81 -73.79 -30.93
CA GLY D 544 11.73 -73.32 -30.10
C GLY D 544 11.85 -71.82 -29.85
N PRO D 545 10.78 -71.19 -29.35
CA PRO D 545 10.79 -69.74 -29.13
C PRO D 545 11.78 -69.32 -28.05
N VAL D 546 12.69 -68.41 -28.48
CA VAL D 546 13.77 -67.92 -27.57
C VAL D 546 13.17 -67.00 -26.52
N TYR D 547 13.26 -67.39 -25.25
CA TYR D 547 12.62 -66.64 -24.18
C TYR D 547 13.56 -65.73 -23.41
N GLY D 548 14.83 -66.09 -23.29
CA GLY D 548 15.81 -65.27 -22.62
C GLY D 548 16.82 -64.73 -23.61
N ALA D 549 17.35 -63.55 -23.33
CA ALA D 549 18.41 -62.96 -24.13
C ALA D 549 19.28 -62.13 -23.21
N SER D 550 20.59 -62.35 -23.26
CA SER D 550 21.50 -61.69 -22.33
C SER D 550 22.85 -61.47 -22.99
N PHE D 551 23.30 -60.23 -23.01
CA PHE D 551 24.62 -59.90 -23.50
C PHE D 551 25.67 -60.07 -22.39
N SER D 552 26.86 -60.26 -22.80
CA SER D 552 27.96 -60.24 -21.85
C SER D 552 28.51 -58.81 -21.73
N PRO D 553 29.08 -58.44 -20.58
CA PRO D 553 29.55 -57.05 -20.42
C PRO D 553 30.73 -56.67 -21.30
N ASP D 554 31.46 -57.62 -21.89
CA ASP D 554 32.51 -57.31 -22.85
C ASP D 554 32.00 -57.25 -24.28
N ARG D 555 30.68 -57.28 -24.48
CA ARG D 555 29.96 -57.17 -25.74
C ARG D 555 30.24 -58.31 -26.72
N ASN D 556 30.86 -59.39 -26.27
CA ASN D 556 30.80 -60.66 -26.98
C ASN D 556 29.70 -61.48 -26.33
N TYR D 557 29.60 -62.76 -26.68
CA TYR D 557 28.95 -63.81 -25.88
C TYR D 557 27.48 -63.50 -25.61
N LEU D 558 26.67 -63.51 -26.66
CA LEU D 558 25.23 -63.44 -26.45
C LEU D 558 24.75 -64.75 -25.86
N LEU D 559 23.77 -64.66 -24.96
CA LEU D 559 23.14 -65.82 -24.36
C LEU D 559 21.68 -65.88 -24.77
N SER D 560 21.18 -67.08 -25.00
CA SER D 560 19.78 -67.23 -25.33
C SER D 560 19.27 -68.56 -24.81
N SER D 561 18.05 -68.54 -24.29
CA SER D 561 17.38 -69.72 -23.79
C SER D 561 16.02 -69.82 -24.45
N SER D 562 15.49 -71.03 -24.56
CA SER D 562 14.29 -71.22 -25.35
C SER D 562 13.44 -72.35 -24.79
N GLU D 563 12.36 -72.66 -25.51
CA GLU D 563 11.42 -73.69 -25.13
C GLU D 563 12.00 -75.09 -25.20
N ASP D 564 13.03 -75.31 -26.01
CA ASP D 564 13.58 -76.64 -26.21
C ASP D 564 14.46 -77.11 -25.06
N GLY D 565 14.66 -76.29 -24.03
CA GLY D 565 15.38 -76.73 -22.85
C GLY D 565 16.87 -76.51 -22.88
N THR D 566 17.38 -75.75 -23.83
CA THR D 566 18.80 -75.48 -23.93
C THR D 566 19.06 -74.00 -23.74
N VAL D 567 20.22 -73.71 -23.17
CA VAL D 567 20.77 -72.35 -23.13
C VAL D 567 21.92 -72.33 -24.12
N ARG D 568 21.96 -71.31 -24.97
CA ARG D 568 22.95 -71.25 -26.04
C ARG D 568 23.82 -70.02 -25.89
N LEU D 569 25.11 -70.21 -26.13
CA LEU D 569 26.11 -69.15 -26.04
C LEU D 569 26.55 -68.82 -27.46
N TRP D 570 26.06 -67.71 -27.99
CA TRP D 570 26.42 -67.25 -29.32
C TRP D 570 27.61 -66.32 -29.23
N SER D 571 28.61 -66.55 -30.07
CA SER D 571 29.68 -65.58 -30.18
C SER D 571 29.21 -64.37 -30.94
N LEU D 572 29.81 -63.22 -30.64
CA LEU D 572 29.55 -61.99 -31.37
C LEU D 572 30.78 -61.54 -32.13
N GLN D 573 31.82 -62.36 -32.16
CA GLN D 573 32.98 -62.16 -33.04
C GLN D 573 32.94 -63.05 -34.26
N THR D 574 32.40 -64.26 -34.12
CA THR D 574 32.21 -65.17 -35.25
C THR D 574 30.75 -65.28 -35.67
N PHE D 575 29.83 -64.85 -34.81
CA PHE D 575 28.37 -64.89 -35.04
C PHE D 575 27.86 -66.30 -35.31
N THR D 576 28.45 -67.27 -34.63
CA THR D 576 27.98 -68.65 -34.62
C THR D 576 27.63 -69.04 -33.20
N CYS D 577 27.07 -70.23 -33.05
CA CYS D 577 26.84 -70.80 -31.74
C CYS D 577 28.10 -71.49 -31.24
N LEU D 578 28.37 -71.36 -29.96
CA LEU D 578 29.52 -72.01 -29.36
C LEU D 578 29.13 -73.22 -28.52
N VAL D 579 28.27 -73.04 -27.52
CA VAL D 579 27.92 -74.11 -26.58
C VAL D 579 26.40 -74.19 -26.51
N GLY D 580 25.89 -75.40 -26.31
CA GLY D 580 24.51 -75.61 -25.93
C GLY D 580 24.42 -76.26 -24.56
N TYR D 581 23.92 -75.52 -23.57
CA TYR D 581 23.90 -75.99 -22.19
C TYR D 581 22.57 -76.71 -21.94
N LYS D 582 22.62 -78.05 -21.90
CA LYS D 582 21.44 -78.87 -21.74
C LYS D 582 21.39 -79.39 -20.31
N GLY D 583 20.73 -78.64 -19.43
CA GLY D 583 20.47 -79.16 -18.10
C GLY D 583 19.00 -79.30 -17.80
N HIS D 584 18.18 -78.39 -18.34
CA HIS D 584 16.74 -78.53 -18.25
C HIS D 584 16.23 -79.40 -19.37
N ASN D 585 15.21 -80.20 -19.10
CA ASN D 585 14.42 -80.82 -20.15
C ASN D 585 13.20 -80.00 -20.52
N TYR D 586 13.10 -78.79 -19.97
CA TYR D 586 11.87 -78.03 -19.93
C TYR D 586 12.19 -76.60 -20.35
N PRO D 587 11.16 -75.80 -20.79
CA PRO D 587 11.40 -74.42 -21.22
C PRO D 587 12.13 -73.53 -20.23
N VAL D 588 13.31 -73.05 -20.63
CA VAL D 588 14.10 -72.13 -19.82
C VAL D 588 13.55 -70.73 -20.05
N TRP D 589 12.91 -70.17 -19.02
CA TRP D 589 12.17 -68.93 -19.19
C TRP D 589 13.05 -67.69 -19.17
N ASP D 590 14.25 -67.78 -18.59
CA ASP D 590 15.13 -66.62 -18.51
C ASP D 590 16.56 -67.08 -18.36
N THR D 591 17.47 -66.21 -18.77
CA THR D 591 18.89 -66.37 -18.52
C THR D 591 19.49 -64.98 -18.38
N GLN D 592 20.61 -64.89 -17.65
CA GLN D 592 21.34 -63.64 -17.57
C GLN D 592 22.80 -63.94 -17.26
N PHE D 593 23.70 -63.25 -17.95
CA PHE D 593 25.11 -63.26 -17.58
C PHE D 593 25.34 -62.53 -16.27
N SER D 594 26.43 -62.88 -15.60
CA SER D 594 26.89 -62.11 -14.46
C SER D 594 27.35 -60.74 -14.94
N PRO D 595 27.29 -59.71 -14.08
CA PRO D 595 27.83 -58.39 -14.46
C PRO D 595 29.34 -58.36 -14.59
N TYR D 596 30.05 -59.44 -14.24
CA TYR D 596 31.46 -59.60 -14.52
C TYR D 596 31.72 -60.59 -15.65
N GLY D 597 30.70 -61.34 -16.06
CA GLY D 597 30.69 -61.98 -17.37
C GLY D 597 31.14 -63.42 -17.43
N TYR D 598 31.41 -64.07 -16.32
CA TYR D 598 31.85 -65.47 -16.35
C TYR D 598 30.71 -66.44 -16.07
N TYR D 599 30.05 -66.27 -14.92
CA TYR D 599 28.93 -67.12 -14.58
C TYR D 599 27.66 -66.63 -15.25
N PHE D 600 26.71 -67.54 -15.40
CA PHE D 600 25.37 -67.12 -15.78
C PHE D 600 24.35 -68.04 -15.14
N VAL D 601 23.18 -67.49 -14.88
CA VAL D 601 22.09 -68.20 -14.22
C VAL D 601 20.94 -68.34 -15.21
N SER D 602 20.31 -69.52 -15.23
CA SER D 602 19.18 -69.80 -16.09
C SER D 602 18.10 -70.48 -15.28
N GLY D 603 16.88 -69.94 -15.34
CA GLY D 603 15.74 -70.49 -14.64
C GLY D 603 14.74 -71.06 -15.62
N GLY D 604 14.19 -72.22 -15.30
CA GLY D 604 13.33 -72.91 -16.23
C GLY D 604 12.01 -73.40 -15.67
N HIS D 605 11.29 -74.20 -16.47
CA HIS D 605 10.01 -74.74 -16.07
C HIS D 605 10.14 -75.83 -15.01
N ASP D 606 11.32 -76.42 -14.87
CA ASP D 606 11.54 -77.51 -13.91
C ASP D 606 11.74 -77.02 -12.48
N ARG D 607 11.36 -75.78 -12.18
CA ARG D 607 11.29 -75.18 -10.84
C ARG D 607 12.64 -75.05 -10.16
N VAL D 608 13.74 -75.07 -10.91
CA VAL D 608 15.05 -74.75 -10.37
C VAL D 608 15.64 -73.60 -11.19
N ALA D 609 16.72 -73.04 -10.66
CA ALA D 609 17.58 -72.14 -11.40
C ALA D 609 19.00 -72.67 -11.28
N ARG D 610 19.67 -72.84 -12.41
CA ARG D 610 21.01 -73.38 -12.42
C ARG D 610 22.03 -72.26 -12.54
N LEU D 611 23.19 -72.46 -11.94
CA LEU D 611 24.33 -71.56 -12.09
C LEU D 611 25.38 -72.24 -12.94
N TRP D 612 25.71 -71.63 -14.07
CA TRP D 612 26.67 -72.17 -15.00
C TRP D 612 27.90 -71.27 -15.00
N ALA D 613 28.95 -71.68 -15.72
CA ALA D 613 30.18 -70.91 -15.69
C ALA D 613 30.85 -70.70 -17.05
N THR D 614 30.19 -71.08 -18.15
CA THR D 614 30.70 -71.06 -19.53
C THR D 614 31.96 -71.91 -19.72
N ASP D 615 32.33 -72.75 -18.75
CA ASP D 615 33.47 -73.64 -18.86
C ASP D 615 33.11 -75.08 -18.61
N HIS D 616 31.96 -75.35 -18.05
CA HIS D 616 31.54 -76.69 -17.72
C HIS D 616 30.23 -76.98 -18.42
N TYR D 617 30.08 -78.21 -18.91
CA TYR D 617 28.83 -78.63 -19.51
C TYR D 617 27.73 -78.85 -18.49
N GLN D 618 28.08 -78.98 -17.21
CA GLN D 618 27.21 -79.16 -16.07
C GLN D 618 27.19 -77.91 -15.21
N PRO D 619 26.09 -77.63 -14.51
CA PRO D 619 26.04 -76.43 -13.66
C PRO D 619 26.90 -76.56 -12.42
N LEU D 620 27.06 -75.44 -11.72
CA LEU D 620 27.78 -75.40 -10.46
C LEU D 620 26.85 -75.34 -9.26
N ARG D 621 25.80 -74.53 -9.33
CA ARG D 621 24.83 -74.41 -8.25
C ARG D 621 23.44 -74.64 -8.82
N ILE D 622 22.63 -75.41 -8.08
CA ILE D 622 21.23 -75.64 -8.40
C ILE D 622 20.40 -75.00 -7.30
N PHE D 623 19.60 -74.01 -7.67
CA PHE D 623 18.77 -73.27 -6.71
C PHE D 623 17.37 -73.85 -6.79
N ALA D 624 17.06 -74.78 -5.88
CA ALA D 624 15.93 -75.67 -6.06
C ALA D 624 14.88 -75.57 -4.94
N GLY D 625 14.48 -74.36 -4.58
CA GLY D 625 13.54 -74.21 -3.50
C GLY D 625 12.16 -73.67 -3.89
N HIS D 626 12.02 -73.24 -5.14
CA HIS D 626 10.73 -72.73 -5.60
C HIS D 626 9.75 -73.88 -5.81
N LEU D 627 8.46 -73.55 -5.73
CA LEU D 627 7.40 -74.53 -5.92
C LEU D 627 6.73 -74.42 -7.28
N ALA D 628 7.11 -73.45 -8.09
CA ALA D 628 6.61 -73.30 -9.44
C ALA D 628 7.78 -72.89 -10.34
N ASP D 629 7.45 -72.46 -11.56
CA ASP D 629 8.47 -72.14 -12.55
C ASP D 629 9.29 -70.92 -12.12
N VAL D 630 10.61 -71.02 -12.30
CA VAL D 630 11.50 -69.89 -12.05
C VAL D 630 11.40 -68.98 -13.27
N ASN D 631 10.59 -67.93 -13.17
CA ASN D 631 10.34 -67.06 -14.31
C ASN D 631 11.53 -66.15 -14.58
N CYS D 632 12.06 -65.51 -13.54
CA CYS D 632 13.16 -64.57 -13.66
C CYS D 632 14.37 -65.06 -12.90
N THR D 633 15.55 -64.65 -13.36
CA THR D 633 16.81 -64.92 -12.68
C THR D 633 17.69 -63.69 -12.86
N ARG D 634 18.00 -63.00 -11.76
CA ARG D 634 18.84 -61.81 -11.83
C ARG D 634 20.00 -61.91 -10.87
N PHE D 635 21.16 -61.48 -11.33
CA PHE D 635 22.36 -61.41 -10.51
C PHE D 635 22.40 -60.12 -9.71
N HIS D 636 23.04 -60.18 -8.54
CA HIS D 636 23.33 -58.98 -7.78
C HIS D 636 24.44 -58.20 -8.49
N PRO D 637 24.52 -56.88 -8.28
CA PRO D 637 25.66 -56.11 -8.82
C PRO D 637 27.03 -56.54 -8.34
N ASN D 638 27.16 -57.26 -7.23
CA ASN D 638 28.44 -57.86 -6.87
C ASN D 638 28.55 -59.31 -7.32
N SER D 639 27.48 -59.88 -7.88
CA SER D 639 27.40 -61.24 -8.42
C SER D 639 27.68 -62.33 -7.39
N ASN D 640 27.49 -62.03 -6.11
CA ASN D 640 27.53 -63.04 -5.07
C ASN D 640 26.16 -63.58 -4.73
N TYR D 641 25.11 -62.96 -5.24
CA TYR D 641 23.73 -63.31 -4.92
C TYR D 641 22.91 -63.33 -6.20
N VAL D 642 21.99 -64.28 -6.28
CA VAL D 642 21.10 -64.43 -7.43
C VAL D 642 19.67 -64.33 -6.93
N ALA D 643 18.92 -63.38 -7.47
CA ALA D 643 17.50 -63.26 -7.18
C ALA D 643 16.71 -64.01 -8.25
N THR D 644 15.83 -64.90 -7.81
CA THR D 644 14.99 -65.68 -8.72
C THR D 644 13.53 -65.44 -8.35
N GLY D 645 12.85 -64.61 -9.13
CA GLY D 645 11.40 -64.55 -9.04
C GLY D 645 10.76 -65.76 -9.68
N SER D 646 9.51 -66.02 -9.34
CA SER D 646 8.89 -67.26 -9.76
C SER D 646 7.38 -67.12 -9.87
N ALA D 647 6.74 -68.22 -10.27
CA ALA D 647 5.30 -68.25 -10.52
C ALA D 647 4.49 -68.61 -9.28
N ASP D 648 5.14 -69.02 -8.19
CA ASP D 648 4.47 -69.22 -6.91
C ASP D 648 4.47 -67.96 -6.05
N ARG D 649 4.61 -66.79 -6.69
CA ARG D 649 4.46 -65.47 -6.08
C ARG D 649 5.50 -65.17 -5.01
N THR D 650 6.68 -65.78 -5.11
CA THR D 650 7.78 -65.49 -4.21
C THR D 650 9.01 -65.06 -4.99
N VAL D 651 9.78 -64.17 -4.39
CA VAL D 651 11.11 -63.79 -4.87
C VAL D 651 12.12 -64.27 -3.84
N ARG D 652 13.16 -64.95 -4.31
CA ARG D 652 14.15 -65.55 -3.41
C ARG D 652 15.55 -65.15 -3.82
N LEU D 653 16.33 -64.66 -2.86
CA LEU D 653 17.75 -64.43 -3.06
C LEU D 653 18.51 -65.71 -2.71
N TRP D 654 19.50 -66.03 -3.53
CA TRP D 654 20.28 -67.24 -3.36
C TRP D 654 21.75 -66.87 -3.29
N ASP D 655 22.45 -67.34 -2.27
CA ASP D 655 23.88 -67.13 -2.20
C ASP D 655 24.57 -68.07 -3.17
N VAL D 656 25.55 -67.55 -3.90
CA VAL D 656 26.27 -68.35 -4.88
C VAL D 656 27.17 -69.36 -4.17
N LEU D 657 27.81 -68.96 -3.07
CA LEU D 657 28.35 -69.94 -2.15
C LEU D 657 27.22 -70.69 -1.47
N ASN D 658 27.37 -72.02 -1.37
CA ASN D 658 26.53 -72.97 -0.62
C ASN D 658 25.14 -73.17 -1.21
N GLY D 659 24.76 -72.38 -2.22
CA GLY D 659 23.44 -72.46 -2.84
C GLY D 659 22.27 -72.21 -1.92
N ASN D 660 22.47 -71.51 -0.81
CA ASN D 660 21.42 -71.35 0.19
C ASN D 660 20.54 -70.16 -0.13
N CYS D 661 19.24 -70.33 0.12
CA CYS D 661 18.31 -69.23 0.04
C CYS D 661 18.47 -68.35 1.27
N VAL D 662 18.86 -67.08 1.06
CA VAL D 662 19.13 -66.19 2.17
C VAL D 662 18.00 -65.19 2.40
N ARG D 663 17.11 -64.98 1.43
CA ARG D 663 15.98 -64.09 1.57
C ARG D 663 14.79 -64.70 0.83
N ILE D 664 13.59 -64.50 1.37
CA ILE D 664 12.36 -64.90 0.71
C ILE D 664 11.41 -63.71 0.75
N PHE D 665 11.07 -63.19 -0.42
CA PHE D 665 10.24 -61.99 -0.55
C PHE D 665 8.87 -62.40 -1.08
N THR D 666 7.86 -62.33 -0.24
CA THR D 666 6.49 -62.66 -0.61
C THR D 666 5.61 -61.43 -0.48
N GLY D 667 4.56 -61.38 -1.29
CA GLY D 667 3.67 -60.23 -1.28
C GLY D 667 3.14 -59.88 -2.65
N HIS D 668 3.55 -60.62 -3.66
CA HIS D 668 2.98 -60.47 -4.99
C HIS D 668 1.76 -61.36 -5.14
N LYS D 669 0.83 -60.93 -5.98
CA LYS D 669 -0.41 -61.66 -6.21
C LYS D 669 -0.38 -62.46 -7.51
N GLY D 670 0.57 -62.20 -8.39
CA GLY D 670 0.70 -62.95 -9.60
C GLY D 670 2.13 -63.41 -9.80
N PRO D 671 2.38 -64.19 -10.85
CA PRO D 671 3.75 -64.62 -11.16
C PRO D 671 4.66 -63.46 -11.48
N ILE D 672 5.85 -63.46 -10.87
CA ILE D 672 6.78 -62.35 -11.02
C ILE D 672 7.42 -62.41 -12.40
N HIS D 673 7.28 -61.33 -13.16
CA HIS D 673 7.77 -61.29 -14.53
C HIS D 673 8.90 -60.29 -14.75
N SER D 674 9.38 -59.64 -13.71
CA SER D 674 10.49 -58.70 -13.83
C SER D 674 11.14 -58.50 -12.47
N LEU D 675 12.47 -58.52 -12.45
CA LEU D 675 13.26 -58.14 -11.28
C LEU D 675 14.35 -57.18 -11.73
N THR D 676 14.71 -56.26 -10.84
CA THR D 676 15.90 -55.46 -11.04
C THR D 676 16.49 -55.10 -9.68
N PHE D 677 17.79 -54.82 -9.66
CA PHE D 677 18.48 -54.42 -8.46
C PHE D 677 18.78 -52.92 -8.52
N SER D 678 18.85 -52.30 -7.35
CA SER D 678 19.34 -50.95 -7.26
C SER D 678 20.85 -50.95 -7.54
N PRO D 679 21.38 -49.87 -8.10
CA PRO D 679 22.84 -49.80 -8.31
C PRO D 679 23.63 -49.69 -7.03
N ASN D 680 23.00 -49.29 -5.91
CA ASN D 680 23.63 -49.40 -4.61
C ASN D 680 23.83 -50.86 -4.21
N GLY D 681 22.93 -51.73 -4.64
CA GLY D 681 22.87 -53.09 -4.14
C GLY D 681 22.03 -53.24 -2.90
N ARG D 682 21.45 -52.16 -2.40
CA ARG D 682 20.66 -52.23 -1.18
C ARG D 682 19.22 -52.64 -1.43
N PHE D 683 18.69 -52.41 -2.62
CA PHE D 683 17.27 -52.57 -2.86
C PHE D 683 17.04 -53.46 -4.08
N LEU D 684 15.79 -53.90 -4.20
CA LEU D 684 15.38 -54.82 -5.25
C LEU D 684 13.93 -54.50 -5.62
N ALA D 685 13.70 -54.20 -6.89
CA ALA D 685 12.35 -53.95 -7.39
C ALA D 685 11.86 -55.16 -8.16
N THR D 686 10.65 -55.61 -7.85
CA THR D 686 10.05 -56.76 -8.50
C THR D 686 8.68 -56.38 -9.05
N GLY D 687 8.36 -56.89 -10.23
CA GLY D 687 7.05 -56.68 -10.82
C GLY D 687 6.41 -57.99 -11.21
N ALA D 688 5.08 -58.00 -11.21
CA ALA D 688 4.34 -59.23 -11.48
C ALA D 688 3.06 -58.86 -12.23
N THR D 689 2.19 -59.86 -12.41
CA THR D 689 0.99 -59.69 -13.21
C THR D 689 -0.09 -58.86 -12.53
N ASP D 690 0.05 -58.58 -11.24
CA ASP D 690 -0.92 -57.74 -10.54
C ASP D 690 -0.68 -56.26 -10.76
N GLY D 691 0.31 -55.88 -11.57
CA GLY D 691 0.61 -54.49 -11.79
C GLY D 691 1.29 -53.78 -10.64
N ARG D 692 1.80 -54.52 -9.67
CA ARG D 692 2.43 -53.95 -8.50
C ARG D 692 3.94 -54.05 -8.62
N VAL D 693 4.62 -52.95 -8.34
CA VAL D 693 6.08 -52.92 -8.24
C VAL D 693 6.41 -52.80 -6.77
N LEU D 694 6.96 -53.86 -6.19
CA LEU D 694 7.26 -53.90 -4.76
C LEU D 694 8.76 -53.71 -4.57
N LEU D 695 9.12 -52.73 -3.76
CA LEU D 695 10.52 -52.37 -3.51
C LEU D 695 10.95 -53.01 -2.20
N TRP D 696 11.94 -53.90 -2.26
CA TRP D 696 12.38 -54.68 -1.13
C TRP D 696 13.73 -54.20 -0.64
N ASP D 697 13.92 -54.19 0.67
CA ASP D 697 15.25 -54.08 1.22
C ASP D 697 15.93 -55.44 1.19
N ILE D 698 17.26 -55.46 1.15
CA ILE D 698 17.96 -56.77 1.02
C ILE D 698 18.69 -57.07 2.33
N GLY D 699 19.27 -56.05 2.96
CA GLY D 699 19.89 -56.26 4.29
C GLY D 699 18.86 -56.59 5.35
N HIS D 700 17.74 -55.88 5.35
CA HIS D 700 16.69 -56.10 6.38
C HIS D 700 15.70 -57.17 5.94
N GLY D 701 15.71 -57.54 4.65
CA GLY D 701 14.72 -58.49 4.13
C GLY D 701 13.31 -58.00 4.32
N LEU D 702 13.06 -56.70 4.12
CA LEU D 702 11.72 -56.11 4.36
C LEU D 702 11.30 -55.34 3.11
N MET D 703 10.03 -55.43 2.70
CA MET D 703 9.59 -54.57 1.57
C MET D 703 9.56 -53.12 2.05
N VAL D 704 10.07 -52.19 1.25
CA VAL D 704 10.17 -50.77 1.70
C VAL D 704 9.16 -49.89 0.97
N GLY D 705 8.56 -50.36 -0.12
CA GLY D 705 7.49 -49.61 -0.78
C GLY D 705 6.68 -50.42 -1.78
N GLU D 706 5.49 -49.92 -2.16
CA GLU D 706 4.64 -50.60 -3.16
C GLU D 706 4.19 -49.57 -4.19
N LEU D 707 4.51 -49.81 -5.47
CA LEU D 707 4.14 -48.92 -6.56
C LEU D 707 3.01 -49.60 -7.35
N LYS D 708 1.82 -49.00 -7.32
CA LYS D 708 0.62 -49.64 -7.84
C LYS D 708 -0.06 -48.77 -8.88
N GLY D 709 0.72 -48.26 -9.82
CA GLY D 709 0.17 -47.48 -10.91
C GLY D 709 -0.22 -48.29 -12.14
N HIS D 710 0.54 -49.35 -12.42
CA HIS D 710 0.33 -50.13 -13.63
C HIS D 710 -0.92 -50.99 -13.52
N THR D 711 -1.50 -51.29 -14.69
CA THR D 711 -2.73 -52.08 -14.76
C THR D 711 -2.46 -53.55 -15.06
N ASP D 712 -1.70 -53.84 -16.11
CA ASP D 712 -1.44 -55.21 -16.53
C ASP D 712 -0.05 -55.61 -16.06
N THR D 713 0.43 -56.75 -16.57
CA THR D 713 1.70 -57.37 -16.15
C THR D 713 2.88 -56.46 -16.37
N VAL D 714 3.60 -56.16 -15.29
CA VAL D 714 4.81 -55.34 -15.36
C VAL D 714 5.96 -56.25 -15.80
N CYS D 715 6.39 -56.10 -17.04
CA CYS D 715 7.34 -57.02 -17.65
C CYS D 715 8.76 -56.48 -17.76
N SER D 716 9.00 -55.24 -17.34
CA SER D 716 10.34 -54.68 -17.40
C SER D 716 10.51 -53.61 -16.34
N LEU D 717 11.60 -53.73 -15.57
CA LEU D 717 12.01 -52.72 -14.60
C LEU D 717 13.48 -52.42 -14.77
N ARG D 718 13.86 -51.17 -14.52
CA ARG D 718 15.25 -50.81 -14.39
C ARG D 718 15.36 -49.54 -13.57
N PHE D 719 16.40 -49.47 -12.74
CA PHE D 719 16.77 -48.24 -12.06
C PHE D 719 17.67 -47.41 -12.96
N SER D 720 17.85 -46.15 -12.60
CA SER D 720 18.76 -45.28 -13.33
C SER D 720 20.21 -45.69 -13.08
N ARG D 721 21.12 -45.04 -13.80
CA ARG D 721 22.54 -45.28 -13.57
C ARG D 721 23.00 -44.69 -12.25
N ASP D 722 22.40 -43.57 -11.84
CA ASP D 722 22.66 -43.02 -10.51
C ASP D 722 21.81 -43.71 -9.45
N GLY D 723 20.66 -44.25 -9.83
CA GLY D 723 19.68 -44.74 -8.88
C GLY D 723 18.55 -43.77 -8.61
N GLU D 724 18.44 -42.70 -9.38
CA GLU D 724 17.50 -41.62 -9.09
C GLU D 724 16.08 -41.97 -9.48
N ILE D 725 15.89 -42.81 -10.49
CA ILE D 725 14.58 -43.11 -11.05
C ILE D 725 14.50 -44.59 -11.37
N LEU D 726 13.41 -45.23 -10.96
CA LEU D 726 13.06 -46.57 -11.41
C LEU D 726 12.05 -46.46 -12.54
N ALA D 727 12.36 -47.08 -13.68
CA ALA D 727 11.49 -47.08 -14.84
C ALA D 727 10.76 -48.39 -14.92
N SER D 728 9.45 -48.34 -15.15
CA SER D 728 8.60 -49.53 -15.19
C SER D 728 7.86 -49.59 -16.51
N GLY D 729 7.91 -50.73 -17.16
CA GLY D 729 7.18 -50.94 -18.41
C GLY D 729 6.32 -52.18 -18.32
N SER D 730 5.07 -52.01 -18.75
CA SER D 730 4.13 -53.13 -18.61
C SER D 730 3.33 -53.34 -19.89
N MET D 731 2.39 -54.27 -19.84
CA MET D 731 1.52 -54.59 -20.96
C MET D 731 0.36 -53.59 -21.11
N ASP D 732 0.30 -52.53 -20.30
CA ASP D 732 -0.74 -51.50 -20.55
C ASP D 732 -0.16 -50.45 -21.51
N ASN D 733 1.00 -50.75 -22.13
CA ASN D 733 1.68 -49.89 -23.09
C ASN D 733 2.02 -48.54 -22.47
N THR D 734 2.59 -48.58 -21.27
CA THR D 734 3.00 -47.38 -20.56
C THR D 734 4.41 -47.58 -19.99
N VAL D 735 5.20 -46.52 -19.99
CA VAL D 735 6.49 -46.49 -19.33
C VAL D 735 6.38 -45.51 -18.17
N ARG D 736 6.14 -46.04 -16.97
CA ARG D 736 6.03 -45.19 -15.80
C ARG D 736 7.39 -44.97 -15.16
N LEU D 737 7.62 -43.76 -14.69
CA LEU D 737 8.84 -43.40 -13.99
C LEU D 737 8.53 -43.14 -12.53
N TRP D 738 9.28 -43.78 -11.64
CA TRP D 738 9.08 -43.67 -10.20
C TRP D 738 10.29 -43.02 -9.56
N ASP D 739 10.03 -42.20 -8.54
CA ASP D 739 11.10 -41.53 -7.80
C ASP D 739 11.77 -42.54 -6.89
N ALA D 740 12.95 -43.01 -7.30
CA ALA D 740 13.68 -44.04 -6.56
C ALA D 740 14.64 -43.44 -5.53
N ILE D 741 14.46 -42.18 -5.17
CA ILE D 741 15.16 -41.57 -4.05
C ILE D 741 14.21 -41.27 -2.91
N LYS D 742 13.04 -40.71 -3.22
CA LYS D 742 12.00 -40.50 -2.22
C LYS D 742 11.34 -41.79 -1.76
N ALA D 743 11.53 -42.89 -2.49
CA ALA D 743 11.01 -44.18 -2.09
C ALA D 743 11.90 -44.90 -1.07
N PHE D 744 13.13 -44.45 -0.90
CA PHE D 744 14.11 -45.08 -0.01
C PHE D 744 14.71 -44.06 0.94
N GLU D 745 13.86 -43.21 1.53
CA GLU D 745 14.35 -42.18 2.44
C GLU D 745 14.63 -42.70 3.84
N ASP D 746 14.01 -43.79 4.25
CA ASP D 746 14.18 -44.34 5.59
C ASP D 746 14.88 -45.69 5.51
N LEU D 747 15.96 -45.84 6.25
CA LEU D 747 16.71 -47.09 6.30
C LEU D 747 16.93 -47.53 7.74
N THR D 754 14.43 -54.29 13.71
CA THR D 754 12.96 -54.27 13.58
C THR D 754 12.36 -55.28 14.55
N ALA D 755 12.40 -56.57 14.22
CA ALA D 755 11.91 -57.62 15.14
C ALA D 755 10.41 -57.80 14.97
N THR D 756 9.74 -56.88 14.28
CA THR D 756 8.32 -57.08 13.95
C THR D 756 8.36 -57.62 12.54
N GLY D 757 9.49 -57.43 11.85
CA GLY D 757 9.69 -58.01 10.52
C GLY D 757 8.90 -57.34 9.45
N HIS D 758 8.44 -56.14 9.72
CA HIS D 758 7.64 -55.40 8.72
C HIS D 758 7.72 -53.92 9.07
N ILE D 759 7.44 -53.07 8.10
CA ILE D 759 7.46 -51.61 8.34
C ILE D 759 6.12 -51.11 7.83
N ASN D 760 5.67 -49.95 8.27
CA ASN D 760 4.31 -49.54 7.84
C ASN D 760 4.50 -48.89 6.48
N LEU D 761 4.07 -49.57 5.42
CA LEU D 761 4.28 -49.07 4.05
C LEU D 761 3.46 -47.81 3.90
N PRO D 762 3.93 -46.78 3.17
CA PRO D 762 3.25 -45.50 3.14
C PRO D 762 2.03 -45.20 2.25
N GLU D 763 1.65 -46.07 1.30
CA GLU D 763 0.56 -45.74 0.33
C GLU D 763 0.93 -44.44 -0.38
N ASN D 764 2.16 -44.29 -0.86
CA ASN D 764 2.62 -43.01 -1.42
C ASN D 764 2.82 -43.08 -2.93
N SER D 765 2.22 -44.05 -3.62
CA SER D 765 2.51 -44.22 -5.06
C SER D 765 2.26 -42.92 -5.83
N GLN D 766 1.21 -42.17 -5.49
CA GLN D 766 0.86 -40.96 -6.27
C GLN D 766 2.00 -39.94 -6.22
N GLU D 767 2.71 -39.85 -5.10
CA GLU D 767 3.81 -38.87 -4.96
C GLU D 767 5.08 -39.40 -5.60
N LEU D 768 5.15 -40.70 -5.87
CA LEU D 768 6.40 -41.27 -6.41
C LEU D 768 6.31 -41.43 -7.93
N LEU D 769 5.18 -41.09 -8.53
CA LEU D 769 5.04 -41.13 -10.01
C LEU D 769 5.48 -39.81 -10.62
N LEU D 770 6.55 -39.87 -11.38
CA LEU D 770 7.09 -38.63 -11.96
C LEU D 770 6.40 -38.48 -13.30
N GLY D 771 6.15 -39.58 -13.98
CA GLY D 771 5.35 -39.50 -15.20
C GLY D 771 4.92 -40.83 -15.75
N THR D 772 3.87 -40.83 -16.57
CA THR D 772 3.43 -42.05 -17.30
C THR D 772 3.37 -41.72 -18.79
N TYR D 773 4.04 -42.50 -19.64
CA TYR D 773 4.11 -42.25 -21.09
C TYR D 773 3.52 -43.47 -21.79
N MET D 774 2.51 -43.28 -22.63
CA MET D 774 1.79 -44.41 -23.28
C MET D 774 2.38 -44.75 -24.64
N THR D 775 2.66 -46.02 -24.90
CA THR D 775 3.15 -46.47 -26.22
C THR D 775 1.97 -46.69 -27.16
N LYS D 776 2.21 -46.57 -28.46
CA LYS D 776 1.15 -46.81 -29.47
C LYS D 776 0.96 -48.29 -29.61
N SER D 777 0.07 -48.86 -28.82
CA SER D 777 -0.29 -50.28 -29.04
C SER D 777 0.91 -51.21 -28.93
N THR D 778 1.85 -50.89 -28.05
CA THR D 778 3.15 -51.55 -28.03
C THR D 778 3.54 -51.92 -26.61
N PRO D 779 3.56 -53.20 -26.25
CA PRO D 779 3.94 -53.58 -24.88
C PRO D 779 5.44 -53.42 -24.67
N VAL D 780 5.81 -52.78 -23.56
CA VAL D 780 7.19 -52.40 -23.31
C VAL D 780 7.95 -53.61 -22.76
N VAL D 781 8.62 -54.34 -23.65
CA VAL D 781 9.25 -55.60 -23.27
C VAL D 781 10.55 -55.35 -22.52
N HIS D 782 11.33 -54.37 -22.94
CA HIS D 782 12.62 -54.07 -22.31
C HIS D 782 12.68 -52.61 -21.90
N LEU D 783 13.44 -52.36 -20.84
CA LEU D 783 13.79 -51.00 -20.43
C LEU D 783 15.28 -50.98 -20.16
N HIS D 784 15.95 -49.98 -20.71
CA HIS D 784 17.40 -49.86 -20.60
C HIS D 784 17.74 -48.41 -20.29
N PHE D 785 18.81 -48.21 -19.53
CA PHE D 785 19.29 -46.88 -19.21
C PHE D 785 20.67 -46.69 -19.82
N THR D 786 20.79 -45.72 -20.72
CA THR D 786 22.07 -45.33 -21.28
C THR D 786 22.96 -44.79 -20.16
N ARG D 787 24.27 -44.89 -20.35
CA ARG D 787 25.20 -44.40 -19.34
C ARG D 787 25.21 -42.88 -19.21
N ARG D 788 24.61 -42.16 -20.15
CA ARG D 788 24.31 -40.75 -19.99
C ARG D 788 22.88 -40.52 -19.51
N ASN D 789 22.26 -41.55 -18.91
CA ASN D 789 20.91 -41.51 -18.32
C ASN D 789 19.85 -41.14 -19.36
N LEU D 790 19.77 -41.96 -20.39
CA LEU D 790 18.73 -41.87 -21.40
C LEU D 790 18.00 -43.21 -21.44
N VAL D 791 16.68 -43.17 -21.36
CA VAL D 791 15.90 -44.40 -21.31
C VAL D 791 15.76 -44.96 -22.72
N LEU D 792 16.09 -46.24 -22.88
CA LEU D 792 15.81 -47.00 -24.09
C LEU D 792 14.74 -48.03 -23.79
N ALA D 793 13.84 -48.24 -24.74
CA ALA D 793 12.80 -49.23 -24.60
C ALA D 793 12.54 -49.89 -25.95
N ALA D 794 12.28 -51.19 -25.85
CA ALA D 794 12.09 -51.99 -27.06
C ALA D 794 10.81 -52.79 -26.90
N GLY D 795 9.99 -52.82 -27.94
CA GLY D 795 8.75 -53.61 -27.90
C GLY D 795 8.26 -53.80 -29.31
N ALA D 796 7.77 -54.99 -29.63
CA ALA D 796 7.18 -55.22 -30.96
C ALA D 796 5.88 -54.42 -31.03
N TYR D 797 5.65 -53.73 -32.15
CA TYR D 797 4.36 -53.02 -32.30
C TYR D 797 3.32 -54.07 -32.68
N SER D 798 2.32 -54.26 -31.82
CA SER D 798 1.24 -55.21 -32.15
C SER D 798 -0.06 -54.42 -32.28
N PRO D 799 -0.64 -54.28 -33.49
CA PRO D 799 -1.83 -53.44 -33.66
C PRO D 799 -2.97 -53.99 -32.80
N GLN D 800 -3.14 -55.31 -32.76
CA GLN D 800 -4.21 -55.94 -31.93
C GLN D 800 -5.48 -55.09 -32.01
N LYS E 6 -17.33 -61.61 -3.81
CA LYS E 6 -18.24 -62.50 -4.51
C LYS E 6 -17.56 -63.21 -5.67
N LEU E 7 -17.59 -64.54 -5.63
CA LEU E 7 -17.04 -65.35 -6.73
C LEU E 7 -17.85 -66.63 -6.81
N LYS E 8 -18.69 -66.75 -7.82
CA LYS E 8 -19.41 -67.99 -8.09
C LYS E 8 -18.72 -68.79 -9.19
N LEU E 9 -17.49 -69.20 -8.89
CA LEU E 9 -16.71 -70.00 -9.82
C LEU E 9 -17.19 -71.46 -9.79
N SER E 10 -17.36 -72.04 -10.97
CA SER E 10 -17.86 -73.40 -11.10
C SER E 10 -16.81 -74.29 -11.74
N ASN E 11 -17.16 -75.56 -11.93
CA ASN E 11 -16.33 -76.54 -12.60
C ASN E 11 -17.11 -77.08 -13.78
N THR E 12 -16.84 -76.55 -14.97
CA THR E 12 -17.56 -76.94 -16.18
C THR E 12 -16.80 -78.07 -16.87
N VAL E 13 -17.51 -79.17 -17.16
CA VAL E 13 -16.92 -80.30 -17.85
C VAL E 13 -17.64 -80.48 -19.18
N LEU E 14 -17.04 -81.28 -20.05
CA LEU E 14 -17.65 -81.61 -21.33
C LEU E 14 -18.89 -82.47 -21.11
N PRO E 15 -19.89 -82.38 -21.98
CA PRO E 15 -21.12 -83.15 -21.77
C PRO E 15 -20.92 -84.64 -22.01
N SER E 16 -21.59 -85.45 -21.19
CA SER E 16 -21.51 -86.89 -21.31
C SER E 16 -22.25 -87.43 -22.53
N GLU E 17 -23.28 -86.72 -23.00
CA GLU E 17 -24.00 -87.17 -24.19
C GLU E 17 -23.20 -86.99 -25.48
N SER E 18 -22.05 -86.31 -25.41
CA SER E 18 -21.11 -86.34 -26.52
C SER E 18 -20.14 -87.50 -26.40
N MET E 19 -19.93 -88.01 -25.18
CA MET E 19 -18.98 -89.11 -25.00
C MET E 19 -19.58 -90.46 -25.36
N LYS E 20 -20.91 -90.60 -25.28
CA LYS E 20 -21.54 -91.84 -25.71
C LYS E 20 -21.63 -91.94 -27.23
N VAL E 21 -21.75 -90.79 -27.90
CA VAL E 21 -21.74 -90.75 -29.37
C VAL E 21 -20.38 -91.21 -29.89
N VAL E 22 -19.30 -90.77 -29.24
CA VAL E 22 -17.95 -91.16 -29.64
C VAL E 22 -17.72 -92.65 -29.37
N ALA E 23 -18.27 -93.16 -28.27
CA ALA E 23 -18.03 -94.56 -27.90
C ALA E 23 -18.75 -95.53 -28.81
N GLU E 24 -20.02 -95.25 -29.13
CA GLU E 24 -20.79 -96.12 -30.01
C GLU E 24 -20.42 -95.97 -31.48
N SER E 25 -19.75 -94.89 -31.86
CA SER E 25 -19.19 -94.76 -33.21
C SER E 25 -17.81 -95.37 -33.33
N MET E 26 -17.37 -96.12 -32.32
CA MET E 26 -16.06 -96.76 -32.32
C MET E 26 -16.13 -98.27 -32.21
N GLY E 27 -17.28 -98.83 -31.83
CA GLY E 27 -17.42 -100.25 -31.58
C GLY E 27 -17.65 -100.61 -30.14
N ILE E 28 -17.65 -99.63 -29.23
CA ILE E 28 -17.88 -99.88 -27.81
C ILE E 28 -19.33 -99.46 -27.54
N ALA E 29 -20.22 -100.44 -27.58
CA ALA E 29 -21.63 -100.21 -27.32
C ALA E 29 -21.98 -100.63 -25.89
N GLN E 30 -23.17 -100.18 -25.45
CA GLN E 30 -23.76 -100.48 -24.14
C GLN E 30 -22.83 -100.05 -23.00
N ILE E 31 -22.56 -98.74 -22.94
CA ILE E 31 -21.76 -98.17 -21.87
C ILE E 31 -22.70 -97.54 -20.85
N GLN E 32 -22.38 -97.71 -19.57
CA GLN E 32 -23.19 -97.19 -18.48
C GLN E 32 -22.97 -95.69 -18.34
N GLU E 33 -23.84 -95.04 -17.56
CA GLU E 33 -23.71 -93.61 -17.34
C GLU E 33 -22.54 -93.28 -16.43
N GLU E 34 -22.29 -94.12 -15.42
CA GLU E 34 -21.13 -93.94 -14.56
C GLU E 34 -19.83 -94.24 -15.31
N THR E 35 -19.89 -95.14 -16.29
CA THR E 35 -18.75 -95.36 -17.18
C THR E 35 -18.53 -94.15 -18.07
N CYS E 36 -19.63 -93.53 -18.51
CA CYS E 36 -19.54 -92.39 -19.43
C CYS E 36 -19.21 -91.10 -18.71
N GLN E 37 -19.68 -90.93 -17.47
CA GLN E 37 -19.29 -89.78 -16.66
C GLN E 37 -17.82 -89.86 -16.26
N LEU E 38 -17.27 -91.09 -16.18
CA LEU E 38 -15.87 -91.28 -15.87
C LEU E 38 -14.96 -90.80 -17.00
N LEU E 39 -15.47 -90.74 -18.23
CA LEU E 39 -14.66 -90.28 -19.35
C LEU E 39 -14.62 -88.77 -19.40
N THR E 40 -15.72 -88.11 -19.06
CA THR E 40 -15.84 -86.67 -19.29
C THR E 40 -15.31 -85.83 -18.13
N ASP E 41 -14.91 -86.44 -17.02
CA ASP E 41 -14.19 -85.65 -16.01
C ASP E 41 -12.69 -85.85 -16.13
N GLU E 42 -12.27 -86.93 -16.77
CA GLU E 42 -10.85 -87.14 -17.04
C GLU E 42 -10.38 -86.23 -18.17
N VAL E 43 -11.14 -86.16 -19.25
CA VAL E 43 -10.68 -85.38 -20.41
C VAL E 43 -10.93 -83.88 -20.18
N SER E 44 -11.92 -83.52 -19.37
CA SER E 44 -12.12 -82.12 -19.04
C SER E 44 -11.07 -81.60 -18.09
N TYR E 45 -10.41 -82.48 -17.33
CA TYR E 45 -9.26 -82.06 -16.54
C TYR E 45 -8.05 -81.83 -17.42
N ARG E 46 -7.85 -82.69 -18.42
CA ARG E 46 -6.69 -82.55 -19.31
C ARG E 46 -6.81 -81.32 -20.20
N ILE E 47 -8.03 -80.91 -20.54
CA ILE E 47 -8.21 -79.64 -21.24
C ILE E 47 -7.92 -78.48 -20.29
N LYS E 48 -8.36 -78.59 -19.03
CA LYS E 48 -8.07 -77.56 -18.05
C LYS E 48 -6.61 -77.56 -17.65
N GLU E 49 -5.95 -78.72 -17.66
CA GLU E 49 -4.53 -78.77 -17.31
C GLU E 49 -3.68 -78.15 -18.41
N ILE E 50 -4.11 -78.28 -19.66
CA ILE E 50 -3.31 -77.77 -20.77
C ILE E 50 -3.57 -76.29 -20.99
N ALA E 51 -4.83 -75.85 -20.88
CA ALA E 51 -5.14 -74.44 -21.06
C ALA E 51 -4.58 -73.58 -19.93
N GLN E 52 -4.40 -74.15 -18.73
CA GLN E 52 -3.66 -73.45 -17.70
C GLN E 52 -2.17 -73.46 -17.99
N ASP E 53 -1.70 -74.49 -18.68
CA ASP E 53 -0.29 -74.61 -19.05
C ASP E 53 0.03 -73.89 -20.35
N ALA E 54 -0.96 -73.70 -21.21
CA ALA E 54 -0.77 -72.89 -22.40
C ALA E 54 -0.83 -71.40 -22.10
N LEU E 55 -1.40 -71.02 -20.95
CA LEU E 55 -1.39 -69.64 -20.52
C LEU E 55 -0.03 -69.22 -19.99
N LYS E 56 0.85 -70.17 -19.67
CA LYS E 56 2.22 -69.85 -19.30
C LYS E 56 3.01 -69.38 -20.52
N PHE E 57 2.79 -70.01 -21.67
CA PHE E 57 3.47 -69.60 -22.88
C PHE E 57 2.89 -68.29 -23.42
N MET E 58 1.63 -68.02 -23.17
CA MET E 58 1.08 -66.72 -23.61
C MET E 58 1.78 -65.59 -22.85
N HIS E 59 1.87 -65.70 -21.52
CA HIS E 59 2.49 -64.66 -20.68
C HIS E 59 3.98 -64.51 -20.99
N MET E 60 4.69 -65.63 -21.17
CA MET E 60 6.15 -65.61 -21.46
C MET E 60 6.45 -64.99 -22.82
N GLY E 61 5.57 -65.18 -23.80
CA GLY E 61 5.74 -64.59 -25.13
C GLY E 61 5.25 -63.16 -25.15
N LYS E 62 4.76 -62.66 -24.00
CA LYS E 62 4.28 -61.26 -23.88
C LYS E 62 3.10 -60.98 -24.82
N ARG E 63 2.17 -61.93 -24.92
CA ARG E 63 0.95 -61.71 -25.75
C ARG E 63 -0.26 -61.76 -24.82
N GLN E 64 -1.40 -61.19 -25.23
CA GLN E 64 -2.65 -61.27 -24.44
C GLN E 64 -3.63 -62.21 -25.15
N LYS E 65 -3.22 -62.76 -26.29
CA LYS E 65 -4.10 -63.69 -27.06
C LYS E 65 -3.44 -65.07 -27.09
N LEU E 66 -4.16 -66.09 -26.64
CA LEU E 66 -3.62 -67.47 -26.70
C LEU E 66 -3.57 -67.87 -28.17
N THR E 67 -2.39 -67.95 -28.78
CA THR E 67 -2.39 -68.40 -30.16
C THR E 67 -2.49 -69.93 -30.24
N THR E 68 -2.59 -70.41 -31.48
CA THR E 68 -2.73 -71.83 -31.75
C THR E 68 -1.44 -72.60 -31.45
N SER E 69 -0.30 -71.91 -31.44
CA SER E 69 0.98 -72.55 -31.16
C SER E 69 1.25 -72.72 -29.67
N ASP E 70 0.51 -72.01 -28.81
CA ASP E 70 0.69 -72.15 -27.36
C ASP E 70 0.26 -73.53 -26.89
N ILE E 71 -0.80 -74.08 -27.48
CA ILE E 71 -1.25 -75.42 -27.13
C ILE E 71 -0.31 -76.47 -27.69
N ASP E 72 0.42 -76.14 -28.76
CA ASP E 72 1.41 -77.08 -29.29
C ASP E 72 2.60 -77.22 -28.36
N TYR E 73 2.99 -76.16 -27.67
CA TYR E 73 4.07 -76.23 -26.70
C TYR E 73 3.58 -76.70 -25.34
N ALA E 74 2.32 -76.43 -25.00
CA ALA E 74 1.76 -76.93 -23.76
C ALA E 74 1.55 -78.44 -23.81
N LEU E 75 1.27 -78.98 -24.99
CA LEU E 75 1.14 -80.42 -25.14
C LEU E 75 2.50 -81.10 -25.07
N LYS E 76 3.50 -80.52 -25.76
CA LYS E 76 4.86 -81.04 -25.74
C LYS E 76 5.47 -80.98 -24.34
N LEU E 77 5.05 -80.00 -23.53
CA LEU E 77 5.52 -79.90 -22.16
C LEU E 77 4.97 -81.03 -21.29
N LYS E 78 3.75 -81.49 -21.57
CA LYS E 78 3.15 -82.59 -20.84
C LYS E 78 3.45 -83.94 -21.47
N ASN E 79 4.49 -84.02 -22.32
CA ASN E 79 4.96 -85.25 -22.97
C ASN E 79 3.90 -85.91 -23.85
N VAL E 80 2.98 -85.11 -24.37
CA VAL E 80 1.98 -85.58 -25.33
C VAL E 80 2.31 -84.93 -26.65
N GLU E 81 2.22 -85.71 -27.74
CA GLU E 81 2.60 -85.20 -29.07
C GLU E 81 1.63 -84.07 -29.47
N PRO E 82 2.14 -82.95 -30.03
CA PRO E 82 1.30 -81.83 -30.46
C PRO E 82 0.41 -82.19 -31.67
N LEU E 83 0.66 -83.33 -32.31
CA LEU E 83 -0.17 -83.79 -33.48
C LEU E 83 -1.63 -83.94 -33.03
N TYR E 84 -2.58 -83.41 -33.79
CA TYR E 84 -4.02 -83.45 -33.41
C TYR E 84 -4.79 -84.38 -34.36
N GLY E 85 -4.54 -84.25 -35.66
CA GLY E 85 -5.23 -85.07 -36.67
C GLY E 85 -4.92 -86.55 -36.58
N PHE E 86 -3.69 -86.91 -36.26
CA PHE E 86 -3.31 -88.33 -36.27
C PHE E 86 -2.50 -88.69 -35.02
N HIS E 87 -2.41 -89.98 -34.70
CA HIS E 87 -1.57 -90.40 -33.59
C HIS E 87 -0.70 -91.58 -34.04
N ALA E 88 0.61 -91.41 -33.96
CA ALA E 88 1.55 -92.44 -34.39
C ALA E 88 2.01 -93.23 -33.17
N GLN E 89 1.63 -94.50 -33.13
CA GLN E 89 1.99 -95.38 -32.00
C GLN E 89 3.52 -95.45 -31.89
N GLU E 90 4.22 -95.74 -32.99
CA GLU E 90 5.70 -95.83 -32.97
C GLU E 90 6.29 -94.48 -32.59
N PHE E 91 5.75 -93.37 -33.13
CA PHE E 91 6.19 -91.99 -32.75
C PHE E 91 7.50 -91.60 -33.45
N ILE E 92 8.07 -92.48 -34.27
CA ILE E 92 9.39 -92.19 -34.90
C ILE E 92 9.28 -91.29 -36.15
N PRO E 93 8.24 -91.36 -37.02
CA PRO E 93 8.18 -90.45 -38.17
C PRO E 93 8.11 -88.99 -37.72
N PHE E 94 7.28 -88.68 -36.70
CA PHE E 94 7.20 -87.30 -36.16
C PHE E 94 7.32 -87.41 -34.64
N ARG E 95 8.41 -86.88 -34.07
CA ARG E 95 8.62 -87.02 -32.61
C ARG E 95 8.37 -85.67 -31.95
N PHE E 96 7.21 -85.47 -31.34
CA PHE E 96 6.87 -84.18 -30.69
C PHE E 96 7.07 -83.04 -31.68
N ALA E 97 6.67 -83.23 -32.94
CA ALA E 97 6.80 -82.15 -33.95
C ALA E 97 5.39 -81.63 -34.28
N SER E 98 5.17 -80.33 -34.09
CA SER E 98 3.83 -79.75 -34.32
C SER E 98 3.61 -79.58 -35.83
N GLY E 99 2.46 -80.04 -36.32
CA GLY E 99 2.13 -79.84 -37.72
C GLY E 99 1.25 -78.63 -37.93
N GLY E 100 1.09 -77.80 -36.90
CA GLY E 100 0.33 -76.58 -37.03
C GLY E 100 -1.18 -76.73 -36.99
N GLY E 101 -1.69 -77.89 -36.56
CA GLY E 101 -3.12 -78.08 -36.48
C GLY E 101 -3.76 -78.32 -37.82
N ARG E 102 -5.09 -78.36 -37.80
CA ARG E 102 -5.89 -78.58 -39.00
C ARG E 102 -6.79 -77.38 -39.23
N GLU E 103 -6.67 -76.77 -40.40
CA GLU E 103 -7.51 -75.63 -40.77
C GLU E 103 -8.89 -76.15 -41.15
N LEU E 104 -9.73 -76.33 -40.14
CA LEU E 104 -11.08 -76.84 -40.34
C LEU E 104 -12.09 -75.91 -39.67
N TYR E 105 -13.32 -75.93 -40.19
CA TYR E 105 -14.37 -75.02 -39.74
C TYR E 105 -15.62 -75.81 -39.40
N PHE E 106 -16.55 -75.11 -38.72
CA PHE E 106 -17.88 -75.66 -38.49
C PHE E 106 -18.76 -75.49 -39.72
N TYR E 107 -18.67 -74.34 -40.39
CA TYR E 107 -19.46 -74.04 -41.57
C TYR E 107 -18.74 -74.38 -42.87
N GLU E 108 -17.86 -75.37 -42.85
CA GLU E 108 -17.08 -75.72 -44.03
C GLU E 108 -17.91 -76.56 -45.00
N GLU E 109 -17.35 -76.76 -46.19
CA GLU E 109 -18.03 -77.48 -47.26
C GLU E 109 -17.83 -78.99 -47.18
N LYS E 110 -16.72 -79.42 -46.54
CA LYS E 110 -16.32 -80.81 -46.31
C LYS E 110 -16.01 -81.57 -47.59
N GLU E 111 -15.89 -80.88 -48.73
CA GLU E 111 -15.47 -81.47 -49.99
C GLU E 111 -15.08 -80.33 -50.92
N VAL E 112 -13.85 -80.38 -51.44
CA VAL E 112 -13.35 -79.39 -52.39
C VAL E 112 -12.82 -80.10 -53.61
N ASP E 113 -12.68 -79.35 -54.70
CA ASP E 113 -12.05 -79.87 -55.91
C ASP E 113 -10.55 -79.66 -55.80
N LEU E 114 -9.78 -80.64 -56.27
CA LEU E 114 -8.35 -80.68 -56.05
C LEU E 114 -7.57 -79.71 -56.92
N SER E 115 -8.20 -79.13 -57.94
CA SER E 115 -7.58 -78.08 -58.75
C SER E 115 -8.05 -76.69 -58.35
N ASP E 116 -9.01 -76.59 -57.42
CA ASP E 116 -9.36 -75.29 -56.87
C ASP E 116 -8.27 -74.79 -55.93
N ILE E 117 -7.63 -75.69 -55.19
CA ILE E 117 -6.58 -75.31 -54.27
C ILE E 117 -5.29 -74.94 -55.02
N ILE E 118 -5.08 -75.50 -56.21
CA ILE E 118 -3.86 -75.19 -56.95
C ILE E 118 -3.98 -73.83 -57.63
N ASN E 119 -5.14 -73.52 -58.21
CA ASN E 119 -5.29 -72.32 -59.04
C ASN E 119 -5.48 -71.04 -58.24
N THR E 120 -5.66 -71.12 -56.92
CA THR E 120 -5.82 -69.90 -56.16
C THR E 120 -4.45 -69.25 -55.90
N PRO E 121 -4.39 -67.91 -55.88
CA PRO E 121 -3.09 -67.26 -55.64
C PRO E 121 -2.68 -67.35 -54.18
N LEU E 122 -1.38 -67.59 -53.97
CA LEU E 122 -0.84 -67.72 -52.63
C LEU E 122 -0.78 -66.35 -51.93
N PRO E 123 -0.98 -66.31 -50.62
CA PRO E 123 -0.94 -65.03 -49.91
C PRO E 123 0.47 -64.47 -49.84
N ARG E 124 0.53 -63.14 -49.70
CA ARG E 124 1.84 -62.44 -49.75
C ARG E 124 2.57 -62.56 -48.43
N VAL E 125 3.81 -63.07 -48.46
CA VAL E 125 4.68 -63.16 -47.30
C VAL E 125 4.94 -61.74 -46.82
N PRO E 126 4.67 -61.41 -45.56
CA PRO E 126 4.77 -60.03 -45.10
C PRO E 126 6.23 -59.62 -44.90
N LEU E 127 6.40 -58.37 -44.50
CA LEU E 127 7.74 -57.79 -44.36
C LEU E 127 8.47 -58.38 -43.17
N ASP E 128 9.80 -58.45 -43.28
CA ASP E 128 10.61 -58.98 -42.19
C ASP E 128 10.75 -57.94 -41.10
N VAL E 129 11.19 -58.40 -39.92
CA VAL E 129 11.23 -57.56 -38.73
C VAL E 129 12.38 -56.56 -38.85
N CYS E 130 12.07 -55.29 -38.60
CA CYS E 130 13.05 -54.21 -38.65
C CYS E 130 12.96 -53.41 -37.35
N LEU E 131 14.00 -52.63 -37.08
CA LEU E 131 14.13 -51.88 -35.84
C LEU E 131 14.11 -50.39 -36.15
N LYS E 132 13.01 -49.73 -35.83
CA LYS E 132 12.90 -48.28 -35.95
C LYS E 132 12.84 -47.65 -34.56
N ALA E 133 13.49 -46.51 -34.42
CA ALA E 133 13.52 -45.78 -33.15
C ALA E 133 12.75 -44.47 -33.29
N HIS E 134 12.13 -44.06 -32.20
CA HIS E 134 11.42 -42.78 -32.14
C HIS E 134 11.52 -42.27 -30.70
N TRP E 135 10.69 -41.30 -30.36
CA TRP E 135 10.77 -40.62 -29.06
C TRP E 135 9.44 -40.73 -28.35
N LEU E 136 9.43 -41.41 -27.19
CA LEU E 136 8.25 -41.34 -26.34
C LEU E 136 8.20 -40.03 -25.55
N SER E 137 9.33 -39.55 -25.09
CA SER E 137 9.34 -38.38 -24.23
C SER E 137 10.55 -37.51 -24.57
N ILE E 138 10.31 -36.21 -24.71
CA ILE E 138 11.36 -35.22 -24.84
C ILE E 138 11.33 -34.39 -23.56
N GLU E 139 12.34 -34.61 -22.71
CA GLU E 139 12.53 -34.03 -21.37
C GLU E 139 11.27 -33.97 -20.50
N GLY E 140 10.40 -34.97 -20.64
CA GLY E 140 9.18 -35.06 -19.87
C GLY E 140 7.90 -34.96 -20.67
N CYS E 141 7.95 -34.38 -21.87
CA CYS E 141 6.76 -34.16 -22.69
C CYS E 141 6.72 -35.16 -23.82
N GLN E 142 5.53 -35.71 -24.07
CA GLN E 142 5.33 -36.69 -25.13
C GLN E 142 5.06 -35.97 -26.43
N PRO E 143 5.84 -36.20 -27.48
CA PRO E 143 5.59 -35.52 -28.76
C PRO E 143 4.41 -36.12 -29.52
N ALA E 144 3.80 -35.29 -30.35
CA ALA E 144 2.66 -35.69 -31.18
C ALA E 144 3.13 -36.14 -32.56
N ILE E 145 3.99 -37.15 -32.56
CA ILE E 145 4.48 -37.77 -33.80
C ILE E 145 3.53 -38.93 -34.11
N PRO E 146 3.49 -39.45 -35.35
CA PRO E 146 2.55 -40.56 -35.64
C PRO E 146 2.90 -41.89 -34.98
N GLU E 147 4.08 -42.01 -34.36
CA GLU E 147 4.41 -43.21 -33.57
C GLU E 147 3.87 -43.13 -32.15
N ASN E 148 3.22 -42.04 -31.78
CA ASN E 148 2.61 -41.80 -30.49
C ASN E 148 1.08 -41.77 -30.63
N PRO E 149 0.33 -42.21 -29.62
CA PRO E 149 -1.13 -42.42 -29.77
C PRO E 149 -1.94 -41.16 -30.02
N PRO E 150 -1.79 -40.06 -29.24
CA PRO E 150 -2.87 -39.08 -29.45
C PRO E 150 -2.63 -38.13 -30.63
N ARG E 207 -10.89 0.08 -14.42
CA ARG E 207 -10.71 -1.38 -14.58
C ARG E 207 -10.52 -1.68 -16.07
N LEU E 208 -9.43 -2.33 -16.46
CA LEU E 208 -9.23 -2.74 -17.87
C LEU E 208 -9.11 -4.26 -17.90
N LYS E 209 -9.88 -4.93 -18.76
CA LYS E 209 -9.84 -6.42 -18.86
C LYS E 209 -8.47 -6.82 -19.41
N PRO E 210 -7.88 -7.97 -19.04
CA PRO E 210 -6.51 -8.30 -19.45
C PRO E 210 -6.39 -8.50 -20.96
N ARG E 211 -5.23 -8.16 -21.48
CA ARG E 211 -4.96 -8.27 -22.91
C ARG E 211 -4.92 -9.75 -23.30
N SER E 212 -5.87 -10.16 -24.15
CA SER E 212 -5.98 -11.59 -24.40
C SER E 212 -4.97 -12.04 -25.43
N ILE E 213 -4.76 -13.35 -25.48
CA ILE E 213 -3.82 -13.97 -26.38
C ILE E 213 -4.60 -14.80 -27.38
N HIS E 214 -4.06 -14.92 -28.60
CA HIS E 214 -4.69 -15.78 -29.59
C HIS E 214 -4.56 -17.24 -29.16
N GLU E 215 -5.55 -18.04 -29.54
CA GLU E 215 -5.58 -19.43 -29.13
C GLU E 215 -4.60 -20.32 -29.89
N LEU E 216 -3.89 -19.76 -30.88
CA LEU E 216 -2.81 -20.47 -31.54
C LEU E 216 -1.46 -19.98 -31.01
N SER E 217 -0.50 -20.90 -30.97
CA SER E 217 0.87 -20.52 -30.64
C SER E 217 1.53 -19.87 -31.85
N VAL E 218 2.70 -19.26 -31.62
CA VAL E 218 3.38 -18.62 -32.74
C VAL E 218 4.09 -19.67 -33.61
N GLU E 219 4.36 -20.85 -33.05
CA GLU E 219 4.89 -21.95 -33.87
C GLU E 219 3.69 -22.42 -34.72
N GLN E 220 2.50 -22.56 -34.11
CA GLN E 220 1.31 -23.00 -34.84
C GLN E 220 0.88 -21.97 -35.87
N GLN E 221 0.99 -20.68 -35.55
CA GLN E 221 0.61 -19.64 -36.49
C GLN E 221 1.61 -19.57 -37.64
N LEU E 222 2.90 -19.75 -37.34
CA LEU E 222 3.91 -19.83 -38.40
C LEU E 222 3.72 -21.08 -39.25
N TYR E 223 3.30 -22.20 -38.63
CA TYR E 223 2.99 -23.41 -39.37
C TYR E 223 1.82 -23.21 -40.31
N TYR E 224 0.78 -22.51 -39.83
CA TYR E 224 -0.38 -22.21 -40.66
C TYR E 224 0.03 -21.33 -41.85
N LYS E 225 0.90 -20.34 -41.60
CA LYS E 225 1.33 -19.46 -42.68
C LYS E 225 2.17 -20.21 -43.71
N GLU E 226 3.07 -21.10 -43.25
CA GLU E 226 3.89 -21.87 -44.19
C GLU E 226 3.05 -22.86 -44.99
N ILE E 227 2.09 -23.52 -44.34
CA ILE E 227 1.26 -24.52 -45.02
C ILE E 227 0.34 -23.84 -46.03
N THR E 228 -0.22 -22.68 -45.69
CA THR E 228 -1.08 -21.98 -46.64
C THR E 228 -0.28 -21.36 -47.78
N GLU E 229 0.94 -20.88 -47.52
CA GLU E 229 1.74 -20.34 -48.61
C GLU E 229 2.38 -21.44 -49.46
N ALA E 230 2.45 -22.67 -48.95
CA ALA E 230 2.87 -23.79 -49.76
C ALA E 230 1.72 -24.40 -50.54
N CYS E 231 0.50 -24.32 -50.01
CA CYS E 231 -0.66 -24.92 -50.64
C CYS E 231 -1.25 -24.08 -51.76
N VAL E 232 -0.69 -22.90 -52.04
CA VAL E 232 -1.12 -22.10 -53.18
C VAL E 232 -0.23 -22.45 -54.37
N GLY E 233 0.58 -23.48 -54.21
CA GLY E 233 1.21 -24.20 -55.31
C GLY E 233 2.21 -23.43 -56.16
N SER E 234 3.13 -22.71 -55.52
CA SER E 234 4.22 -22.12 -56.28
C SER E 234 5.24 -23.17 -56.71
N CYS E 235 5.50 -24.13 -55.83
CA CYS E 235 6.36 -25.27 -56.14
C CYS E 235 5.62 -26.55 -55.82
N GLU E 236 5.81 -27.57 -56.64
CA GLU E 236 4.97 -28.76 -56.55
C GLU E 236 5.37 -29.67 -55.39
N ALA E 237 6.67 -29.77 -55.08
CA ALA E 237 7.09 -30.60 -53.96
C ALA E 237 6.66 -29.99 -52.63
N LYS E 238 6.71 -28.66 -52.54
CA LYS E 238 6.18 -27.93 -51.40
C LYS E 238 4.69 -28.20 -51.22
N ARG E 239 3.94 -28.12 -52.31
CA ARG E 239 2.51 -28.44 -52.21
C ARG E 239 2.41 -29.85 -51.67
N ALA E 240 2.97 -30.83 -52.36
CA ALA E 240 2.73 -32.23 -51.99
C ALA E 240 3.07 -32.50 -50.53
N GLU E 241 4.12 -31.89 -49.99
CA GLU E 241 4.39 -32.16 -48.56
C GLU E 241 3.30 -31.46 -47.78
N ALA E 242 3.02 -30.20 -48.09
CA ALA E 242 2.00 -29.53 -47.30
C ALA E 242 0.68 -30.28 -47.32
N LEU E 243 0.35 -30.92 -48.45
CA LEU E 243 -0.87 -31.70 -48.53
C LEU E 243 -0.79 -32.96 -47.67
N GLN E 244 0.37 -33.62 -47.65
CA GLN E 244 0.53 -34.76 -46.74
C GLN E 244 0.55 -34.32 -45.28
N SER E 245 1.09 -33.13 -45.01
CA SER E 245 1.08 -32.58 -43.65
C SER E 245 -0.34 -32.29 -43.19
N ILE E 246 -1.18 -31.76 -44.07
CA ILE E 246 -2.60 -31.60 -43.77
C ILE E 246 -3.26 -32.96 -43.60
N ALA E 247 -2.87 -33.94 -44.42
CA ALA E 247 -3.50 -35.24 -44.39
C ALA E 247 -3.15 -36.06 -43.15
N THR E 248 -2.05 -35.75 -42.43
CA THR E 248 -1.78 -36.58 -41.25
C THR E 248 -1.27 -35.84 -40.02
N ASP E 249 -1.45 -34.52 -39.91
CA ASP E 249 -1.10 -33.84 -38.66
C ASP E 249 -2.16 -34.15 -37.61
N PRO E 250 -1.80 -34.74 -36.47
CA PRO E 250 -2.82 -34.99 -35.43
C PRO E 250 -3.27 -33.72 -34.72
N GLY E 251 -2.41 -32.71 -34.62
CA GLY E 251 -2.78 -31.50 -33.91
C GLY E 251 -3.37 -30.43 -34.81
N LEU E 252 -3.96 -30.83 -35.93
CA LEU E 252 -4.48 -29.86 -36.87
C LEU E 252 -5.89 -29.42 -36.50
N TYR E 253 -6.51 -30.06 -35.51
CA TYR E 253 -7.67 -29.44 -34.88
C TYR E 253 -7.21 -28.20 -34.11
N GLN E 254 -8.17 -27.31 -33.83
CA GLN E 254 -8.04 -26.02 -33.14
C GLN E 254 -7.32 -24.99 -34.04
N MET E 255 -6.90 -25.42 -35.23
CA MET E 255 -6.51 -24.58 -36.35
C MET E 255 -7.48 -24.69 -37.50
N LEU E 256 -8.40 -25.65 -37.42
CA LEU E 256 -9.32 -25.94 -38.52
C LEU E 256 -10.34 -24.84 -38.87
N PRO E 257 -10.84 -23.99 -37.93
CA PRO E 257 -11.63 -22.84 -38.39
C PRO E 257 -10.92 -21.92 -39.36
N ARG E 258 -9.62 -21.71 -39.12
CA ARG E 258 -8.84 -20.77 -39.94
C ARG E 258 -8.53 -21.39 -41.29
N PHE E 259 -8.44 -22.71 -41.40
CA PHE E 259 -8.27 -23.40 -42.68
C PHE E 259 -9.56 -23.43 -43.47
N SER E 260 -10.69 -23.70 -42.80
CA SER E 260 -11.98 -23.69 -43.49
C SER E 260 -12.33 -22.30 -43.99
N THR E 261 -12.03 -21.27 -43.20
CA THR E 261 -12.31 -19.91 -43.60
C THR E 261 -11.42 -19.50 -44.75
N PHE E 262 -10.16 -19.97 -44.76
CA PHE E 262 -9.24 -19.66 -45.84
C PHE E 262 -9.65 -20.32 -47.15
N ILE E 263 -10.15 -21.56 -47.06
CA ILE E 263 -10.68 -22.23 -48.25
C ILE E 263 -11.90 -21.50 -48.77
N SER E 264 -12.95 -21.40 -47.94
CA SER E 264 -14.24 -20.79 -48.33
C SER E 264 -14.00 -19.41 -48.89
N GLU E 265 -13.33 -18.56 -48.13
CA GLU E 265 -13.17 -17.17 -48.58
C GLU E 265 -12.39 -17.20 -49.89
N GLY E 266 -11.41 -18.10 -49.99
CA GLY E 266 -10.59 -18.09 -51.21
C GLY E 266 -11.39 -18.42 -52.45
N VAL E 267 -12.19 -19.48 -52.41
CA VAL E 267 -12.88 -19.85 -53.67
C VAL E 267 -13.78 -18.70 -54.08
N ARG E 268 -14.48 -18.07 -53.15
CA ARG E 268 -15.46 -17.01 -53.53
C ARG E 268 -14.80 -15.78 -54.14
N VAL E 269 -13.61 -15.39 -53.68
CA VAL E 269 -12.88 -14.24 -54.33
C VAL E 269 -11.94 -14.81 -55.39
N ASN E 270 -11.93 -16.14 -55.55
CA ASN E 270 -11.12 -16.72 -56.66
C ASN E 270 -12.01 -17.16 -57.81
N VAL E 271 -13.31 -16.92 -57.74
CA VAL E 271 -14.14 -17.21 -58.94
C VAL E 271 -14.55 -15.87 -59.51
N VAL E 272 -14.18 -14.79 -58.83
CA VAL E 272 -14.42 -13.41 -59.38
C VAL E 272 -13.57 -13.35 -60.66
N GLN E 273 -12.35 -13.86 -60.61
CA GLN E 273 -11.55 -14.04 -61.86
C GLN E 273 -11.33 -15.55 -61.86
N ASN E 274 -11.67 -16.28 -62.92
CA ASN E 274 -11.68 -17.76 -62.82
C ASN E 274 -10.27 -18.32 -62.81
N ASN E 275 -9.57 -18.25 -61.66
CA ASN E 275 -8.15 -18.67 -61.60
C ASN E 275 -8.08 -20.15 -61.36
N LEU E 276 -7.93 -20.95 -62.41
CA LEU E 276 -8.04 -22.41 -62.25
C LEU E 276 -7.02 -23.03 -61.27
N ALA E 277 -5.76 -22.63 -61.30
CA ALA E 277 -4.84 -23.31 -60.36
C ALA E 277 -5.27 -22.98 -58.95
N LEU E 278 -5.58 -21.70 -58.70
CA LEU E 278 -5.91 -21.32 -57.32
C LEU E 278 -7.00 -22.28 -56.85
N LEU E 279 -7.88 -22.67 -57.75
CA LEU E 279 -9.02 -23.52 -57.39
C LEU E 279 -8.63 -24.98 -57.32
N ILE E 280 -7.72 -25.43 -58.17
CA ILE E 280 -7.34 -26.83 -58.17
C ILE E 280 -6.53 -27.13 -56.92
N TYR E 281 -5.75 -26.13 -56.46
CA TYR E 281 -4.98 -26.26 -55.23
C TYR E 281 -5.88 -26.26 -54.01
N LEU E 282 -6.92 -25.43 -54.02
CA LEU E 282 -7.87 -25.40 -52.90
C LEU E 282 -8.68 -26.69 -52.82
N MET E 283 -9.06 -27.26 -53.96
CA MET E 283 -9.78 -28.53 -53.94
C MET E 283 -8.90 -29.66 -53.46
N ARG E 284 -7.60 -29.65 -53.81
CA ARG E 284 -6.68 -30.62 -53.26
C ARG E 284 -6.48 -30.41 -51.76
N MET E 285 -6.54 -29.15 -51.29
CA MET E 285 -6.50 -28.87 -49.86
C MET E 285 -7.73 -29.42 -49.15
N VAL E 286 -8.89 -29.35 -49.79
CA VAL E 286 -10.12 -29.92 -49.22
C VAL E 286 -10.01 -31.43 -49.12
N LYS E 287 -9.50 -32.06 -50.18
CA LYS E 287 -9.31 -33.52 -50.19
C LYS E 287 -8.28 -33.95 -49.13
N ALA E 288 -7.25 -33.13 -48.93
CA ALA E 288 -6.27 -33.42 -47.89
C ALA E 288 -6.84 -33.17 -46.49
N LEU E 289 -7.81 -32.28 -46.37
CA LEU E 289 -8.46 -32.06 -45.09
C LEU E 289 -9.39 -33.22 -44.74
N MET E 290 -9.96 -33.87 -45.75
CA MET E 290 -11.01 -34.85 -45.48
C MET E 290 -10.46 -36.17 -44.99
N ASP E 291 -9.38 -36.66 -45.59
CA ASP E 291 -8.86 -37.98 -45.25
C ASP E 291 -8.00 -37.98 -43.99
N ASN E 292 -7.82 -36.85 -43.33
CA ASN E 292 -7.20 -36.82 -42.02
C ASN E 292 -8.14 -37.48 -41.01
N PRO E 293 -7.70 -38.52 -40.30
CA PRO E 293 -8.62 -39.23 -39.41
C PRO E 293 -8.83 -38.58 -38.06
N THR E 294 -7.94 -37.67 -37.63
CA THR E 294 -8.01 -37.17 -36.26
C THR E 294 -9.06 -36.08 -36.11
N LEU E 295 -9.14 -35.16 -37.07
CA LEU E 295 -9.96 -33.98 -36.93
C LEU E 295 -11.44 -34.25 -37.18
N TYR E 296 -12.27 -33.44 -36.53
CA TYR E 296 -13.73 -33.53 -36.59
C TYR E 296 -14.24 -32.51 -37.59
N LEU E 297 -14.75 -32.98 -38.73
CA LEU E 297 -15.00 -32.09 -39.86
C LEU E 297 -16.43 -31.61 -40.00
N GLU E 298 -17.43 -32.34 -39.51
CA GLU E 298 -18.81 -31.96 -39.84
C GLU E 298 -19.31 -30.74 -39.05
N LYS E 299 -18.48 -30.11 -38.22
CA LYS E 299 -18.79 -28.77 -37.77
C LYS E 299 -18.46 -27.72 -38.82
N TYR E 300 -17.61 -28.05 -39.78
CA TYR E 300 -17.11 -27.09 -40.76
C TYR E 300 -17.59 -27.40 -42.16
N VAL E 301 -18.44 -28.41 -42.34
CA VAL E 301 -18.81 -28.85 -43.67
C VAL E 301 -19.81 -27.89 -44.30
N HIS E 302 -20.46 -27.05 -43.48
CA HIS E 302 -21.36 -26.03 -43.97
C HIS E 302 -20.63 -24.91 -44.69
N GLU E 303 -19.33 -24.77 -44.48
CA GLU E 303 -18.49 -23.92 -45.31
C GLU E 303 -17.83 -24.68 -46.44
N LEU E 304 -17.60 -25.98 -46.27
CA LEU E 304 -16.86 -26.75 -47.25
C LEU E 304 -17.72 -27.07 -48.47
N ILE E 305 -18.98 -27.44 -48.27
CA ILE E 305 -19.85 -27.90 -49.35
C ILE E 305 -20.22 -26.79 -50.36
N PRO E 306 -20.64 -25.57 -49.98
CA PRO E 306 -20.89 -24.56 -51.04
C PRO E 306 -19.65 -24.14 -51.81
N ALA E 307 -18.45 -24.33 -51.26
CA ALA E 307 -17.23 -24.09 -52.02
C ALA E 307 -17.06 -25.10 -53.14
N VAL E 308 -17.28 -26.39 -52.87
CA VAL E 308 -17.13 -27.39 -53.92
C VAL E 308 -18.30 -27.29 -54.91
N MET E 309 -19.51 -26.98 -54.44
CA MET E 309 -20.58 -26.87 -55.44
C MET E 309 -20.20 -25.76 -56.42
N THR E 310 -19.62 -24.67 -55.92
CA THR E 310 -19.24 -23.54 -56.81
C THR E 310 -18.17 -23.97 -57.82
N CYS E 311 -17.21 -24.80 -57.41
CA CYS E 311 -16.21 -25.29 -58.40
C CYS E 311 -16.92 -26.07 -59.51
N ILE E 312 -17.94 -26.87 -59.17
CA ILE E 312 -18.61 -27.75 -60.18
C ILE E 312 -19.64 -26.98 -60.99
N VAL E 313 -20.48 -26.16 -60.37
CA VAL E 313 -21.62 -25.55 -61.11
C VAL E 313 -21.30 -24.13 -61.59
N SER E 314 -20.05 -23.74 -61.64
CA SER E 314 -19.84 -22.33 -62.03
C SER E 314 -19.31 -22.11 -63.46
N ARG E 315 -19.50 -20.91 -64.01
CA ARG E 315 -18.97 -20.54 -65.35
C ARG E 315 -17.48 -20.21 -65.20
N GLN E 316 -16.74 -20.31 -66.31
CA GLN E 316 -15.29 -20.07 -66.23
C GLN E 316 -14.98 -18.70 -66.85
N LEU E 317 -14.56 -17.71 -66.02
CA LEU E 317 -14.27 -16.33 -66.48
C LEU E 317 -13.01 -16.27 -67.35
N CYS E 318 -12.10 -17.23 -67.20
CA CYS E 318 -10.83 -17.27 -68.00
C CYS E 318 -11.08 -17.92 -69.37
N LEU E 319 -10.01 -18.19 -70.14
CA LEU E 319 -10.20 -18.68 -71.54
C LEU E 319 -11.11 -19.90 -71.52
N ARG E 320 -12.16 -19.88 -72.35
CA ARG E 320 -13.15 -21.00 -72.34
C ARG E 320 -12.52 -22.34 -72.76
N PRO E 321 -11.77 -22.48 -73.88
CA PRO E 321 -11.28 -23.80 -74.28
C PRO E 321 -9.90 -24.07 -73.66
N ASP E 322 -9.19 -25.10 -74.14
CA ASP E 322 -7.81 -25.41 -73.68
C ASP E 322 -7.81 -25.93 -72.25
N VAL E 323 -8.11 -25.08 -71.26
CA VAL E 323 -7.99 -25.56 -69.84
C VAL E 323 -9.35 -26.17 -69.46
N ASP E 324 -10.28 -26.21 -70.40
CA ASP E 324 -11.57 -26.88 -70.15
C ASP E 324 -11.23 -28.32 -69.82
N ASN E 325 -10.09 -28.80 -70.36
CA ASN E 325 -9.65 -30.17 -70.03
C ASN E 325 -9.40 -30.20 -68.53
N HIS E 326 -8.70 -29.20 -68.01
CA HIS E 326 -8.55 -29.14 -66.54
C HIS E 326 -9.91 -28.80 -65.92
N TRP E 327 -10.71 -28.00 -66.62
CA TRP E 327 -12.00 -27.58 -66.03
C TRP E 327 -12.80 -28.85 -65.77
N ALA E 328 -12.73 -29.81 -66.68
CA ALA E 328 -13.44 -31.08 -66.46
C ALA E 328 -12.86 -31.71 -65.22
N LEU E 329 -11.54 -31.69 -65.08
CA LEU E 329 -10.94 -32.23 -63.82
C LEU E 329 -11.31 -31.36 -62.61
N ARG E 330 -11.39 -30.02 -62.77
CA ARG E 330 -11.83 -29.19 -61.63
C ARG E 330 -13.21 -29.71 -61.26
N ASP E 331 -14.05 -30.02 -62.25
CA ASP E 331 -15.38 -30.61 -61.98
C ASP E 331 -15.24 -32.09 -61.63
N PHE E 332 -14.14 -32.75 -62.02
CA PHE E 332 -13.90 -34.17 -61.65
C PHE E 332 -13.46 -34.23 -60.18
N ALA E 333 -12.51 -33.36 -59.77
CA ALA E 333 -12.08 -33.34 -58.38
C ALA E 333 -13.19 -32.87 -57.46
N ALA E 334 -14.00 -31.91 -57.93
CA ALA E 334 -15.10 -31.41 -57.12
C ALA E 334 -16.22 -32.44 -56.98
N ARG E 335 -16.52 -33.20 -58.04
CA ARG E 335 -17.56 -34.21 -57.93
C ARG E 335 -17.09 -35.41 -57.10
N LEU E 336 -15.78 -35.71 -57.13
CA LEU E 336 -15.22 -36.73 -56.26
C LEU E 336 -15.38 -36.35 -54.79
N VAL E 337 -14.94 -35.14 -54.44
CA VAL E 337 -15.03 -34.73 -53.04
C VAL E 337 -16.49 -34.50 -52.65
N ALA E 338 -17.37 -34.18 -53.60
CA ALA E 338 -18.79 -34.00 -53.29
C ALA E 338 -19.46 -35.32 -52.93
N GLN E 339 -19.19 -36.38 -53.71
CA GLN E 339 -19.80 -37.64 -53.33
C GLN E 339 -19.09 -38.28 -52.14
N ILE E 340 -17.85 -37.87 -51.86
CA ILE E 340 -17.18 -38.36 -50.61
C ILE E 340 -17.82 -37.65 -49.42
N CYS E 341 -18.21 -36.37 -49.57
CA CYS E 341 -18.91 -35.67 -48.50
C CYS E 341 -20.32 -36.16 -48.31
N LYS E 342 -20.99 -36.64 -49.37
CA LYS E 342 -22.28 -37.25 -49.11
C LYS E 342 -22.15 -38.66 -48.57
N HIS E 343 -20.98 -39.29 -48.74
CA HIS E 343 -20.77 -40.61 -48.14
C HIS E 343 -20.58 -40.50 -46.63
N PHE E 344 -19.74 -39.57 -46.19
CA PHE E 344 -19.60 -39.28 -44.77
C PHE E 344 -20.68 -38.29 -44.35
N SER E 345 -20.65 -37.93 -43.07
CA SER E 345 -21.42 -36.82 -42.48
C SER E 345 -22.93 -36.96 -42.65
N THR E 346 -23.42 -38.19 -42.82
CA THR E 346 -24.78 -38.42 -43.29
C THR E 346 -25.75 -38.58 -42.12
N THR E 347 -26.81 -37.78 -42.12
CA THR E 347 -27.90 -37.91 -41.16
C THR E 347 -29.17 -37.94 -42.02
N THR E 348 -30.37 -37.84 -41.43
CA THR E 348 -31.58 -38.04 -42.21
C THR E 348 -31.88 -36.76 -43.01
N ASN E 349 -31.90 -36.90 -44.34
CA ASN E 349 -32.53 -35.94 -45.26
C ASN E 349 -31.96 -34.53 -45.18
N ASN E 350 -30.68 -34.39 -44.89
CA ASN E 350 -30.10 -33.06 -44.80
C ASN E 350 -29.08 -32.77 -45.89
N ILE E 351 -28.09 -33.64 -46.09
CA ILE E 351 -26.94 -33.28 -46.92
C ILE E 351 -27.05 -33.85 -48.32
N GLN E 352 -27.21 -35.17 -48.43
CA GLN E 352 -27.22 -35.82 -49.73
C GLN E 352 -28.44 -35.44 -50.56
N SER E 353 -29.61 -35.38 -49.91
CA SER E 353 -30.82 -35.04 -50.63
C SER E 353 -30.85 -33.57 -51.04
N ARG E 354 -30.16 -32.71 -50.27
CA ARG E 354 -30.10 -31.26 -50.53
C ARG E 354 -29.25 -30.99 -51.76
N ILE E 355 -28.10 -31.65 -51.89
CA ILE E 355 -27.23 -31.49 -53.04
C ILE E 355 -27.82 -32.23 -54.25
N THR E 356 -28.59 -33.29 -54.01
CA THR E 356 -29.26 -33.98 -55.10
C THR E 356 -30.37 -33.10 -55.69
N LYS E 357 -31.10 -32.39 -54.83
CA LYS E 357 -32.16 -31.50 -55.29
C LYS E 357 -31.59 -30.31 -56.05
N THR E 358 -30.47 -29.76 -55.59
CA THR E 358 -29.85 -28.65 -56.32
C THR E 358 -29.27 -29.10 -57.65
N PHE E 359 -28.72 -30.32 -57.71
CA PHE E 359 -28.24 -30.86 -58.98
C PHE E 359 -29.37 -31.11 -59.97
N THR E 360 -30.49 -31.64 -59.49
CA THR E 360 -31.62 -31.88 -60.40
C THR E 360 -32.27 -30.58 -60.86
N LYS E 361 -32.37 -29.55 -60.01
CA LYS E 361 -32.95 -28.32 -60.54
C LYS E 361 -31.94 -27.54 -61.35
N SER E 362 -30.64 -27.85 -61.22
CA SER E 362 -29.66 -27.38 -62.18
C SER E 362 -29.87 -28.05 -63.53
N TRP E 363 -30.26 -29.33 -63.53
CA TRP E 363 -30.43 -30.06 -64.79
C TRP E 363 -31.71 -29.64 -65.50
N VAL E 364 -32.85 -29.60 -64.81
CA VAL E 364 -34.14 -29.37 -65.45
C VAL E 364 -34.37 -27.91 -65.80
N ASP E 365 -33.42 -27.06 -65.39
CA ASP E 365 -33.48 -25.61 -65.70
C ASP E 365 -33.28 -25.44 -67.20
N GLU E 366 -34.16 -24.67 -67.83
CA GLU E 366 -34.11 -24.42 -69.26
C GLU E 366 -33.03 -23.43 -69.60
N LYS E 367 -32.23 -23.77 -70.63
CA LYS E 367 -31.35 -22.85 -71.32
C LYS E 367 -30.24 -22.35 -70.38
N THR E 368 -29.49 -23.35 -69.91
CA THR E 368 -28.48 -23.21 -68.87
C THR E 368 -27.20 -22.66 -69.51
N PRO E 369 -26.26 -22.16 -68.71
CA PRO E 369 -24.88 -22.12 -69.18
C PRO E 369 -24.36 -23.54 -69.34
N TRP E 370 -23.65 -23.79 -70.43
CA TRP E 370 -23.23 -25.15 -70.74
C TRP E 370 -22.07 -25.61 -69.87
N THR E 371 -21.30 -24.67 -69.32
CA THR E 371 -20.30 -25.01 -68.32
C THR E 371 -20.97 -25.51 -67.04
N THR E 372 -21.96 -24.75 -66.56
CA THR E 372 -22.79 -25.16 -65.43
C THR E 372 -23.51 -26.46 -65.71
N ARG E 373 -23.97 -26.64 -66.94
CA ARG E 373 -24.65 -27.86 -67.36
C ARG E 373 -23.72 -29.06 -67.27
N TYR E 374 -22.50 -28.93 -67.81
CA TYR E 374 -21.52 -30.01 -67.79
C TYR E 374 -21.09 -30.36 -66.37
N GLY E 375 -20.87 -29.34 -65.54
CA GLY E 375 -20.49 -29.58 -64.15
C GLY E 375 -21.58 -30.27 -63.35
N SER E 376 -22.83 -29.82 -63.51
CA SER E 376 -23.94 -30.46 -62.80
C SER E 376 -24.18 -31.88 -63.29
N ILE E 377 -23.99 -32.12 -64.59
CA ILE E 377 -24.10 -33.46 -65.17
C ILE E 377 -23.08 -34.41 -64.53
N ALA E 378 -21.82 -33.95 -64.42
CA ALA E 378 -20.78 -34.73 -63.76
C ALA E 378 -21.11 -35.00 -62.29
N GLY E 379 -21.63 -33.97 -61.62
CA GLY E 379 -21.96 -34.08 -60.20
C GLY E 379 -23.03 -35.10 -59.92
N LEU E 380 -24.09 -35.10 -60.75
CA LEU E 380 -25.19 -36.09 -60.62
C LEU E 380 -24.70 -37.47 -61.10
N ALA E 381 -23.66 -37.51 -61.94
CA ALA E 381 -23.19 -38.76 -62.50
C ALA E 381 -22.40 -39.57 -61.48
N GLU E 382 -21.61 -38.92 -60.64
CA GLU E 382 -20.71 -39.65 -59.72
C GLU E 382 -21.42 -39.98 -58.40
N LEU E 383 -22.74 -40.12 -58.37
CA LEU E 383 -23.38 -40.32 -57.07
C LEU E 383 -23.58 -41.78 -56.69
N GLY E 384 -23.23 -42.72 -57.56
CA GLY E 384 -23.23 -44.11 -57.15
C GLY E 384 -24.00 -44.98 -58.12
N HIS E 385 -24.41 -46.15 -57.60
CA HIS E 385 -25.02 -47.17 -58.45
C HIS E 385 -26.47 -46.82 -58.77
N ASP E 386 -27.33 -46.74 -57.74
CA ASP E 386 -28.76 -46.48 -57.90
C ASP E 386 -29.14 -45.10 -58.37
N VAL E 387 -28.29 -44.09 -58.18
CA VAL E 387 -28.71 -42.72 -58.47
C VAL E 387 -28.85 -42.52 -59.97
N ILE E 388 -27.90 -43.06 -60.74
CA ILE E 388 -28.04 -43.03 -62.19
C ILE E 388 -29.06 -44.07 -62.66
N LYS E 389 -29.33 -45.09 -61.84
CA LYS E 389 -30.36 -46.08 -62.16
C LYS E 389 -31.75 -45.47 -62.07
N THR E 390 -31.95 -44.47 -61.20
CA THR E 390 -33.27 -43.90 -61.01
C THR E 390 -33.44 -42.48 -61.57
N LEU E 391 -32.35 -41.78 -61.89
CA LEU E 391 -32.48 -40.34 -62.26
C LEU E 391 -32.18 -40.09 -63.74
N ILE E 392 -31.11 -40.70 -64.29
CA ILE E 392 -30.74 -40.37 -65.66
C ILE E 392 -31.70 -41.02 -66.67
N LEU E 393 -32.60 -41.90 -66.20
CA LEU E 393 -33.48 -42.66 -67.10
C LEU E 393 -34.46 -41.81 -67.90
N PRO E 394 -35.35 -41.00 -67.32
CA PRO E 394 -36.38 -40.36 -68.15
C PRO E 394 -35.92 -39.12 -68.91
N ARG E 395 -34.59 -38.88 -69.11
CA ARG E 395 -34.07 -37.56 -69.65
C ARG E 395 -33.23 -37.64 -70.96
N LEU E 396 -33.12 -38.83 -71.55
CA LEU E 396 -32.25 -39.00 -72.74
C LEU E 396 -32.70 -38.10 -73.90
N GLN E 397 -34.01 -37.95 -74.09
CA GLN E 397 -34.53 -37.15 -75.23
C GLN E 397 -34.08 -35.69 -75.11
N GLN E 398 -34.15 -35.12 -73.90
CA GLN E 398 -33.69 -33.71 -73.70
C GLN E 398 -32.20 -33.66 -74.00
N GLU E 399 -31.43 -34.65 -73.53
CA GLU E 399 -29.97 -34.54 -73.78
C GLU E 399 -29.74 -34.52 -75.31
N GLY E 400 -30.44 -35.41 -76.03
CA GLY E 400 -30.25 -35.49 -77.49
C GLY E 400 -30.64 -34.19 -78.19
N GLU E 401 -31.74 -33.59 -77.76
CA GLU E 401 -32.22 -32.31 -78.37
C GLU E 401 -31.18 -31.21 -78.16
N ARG E 402 -30.59 -31.14 -76.95
CA ARG E 402 -29.55 -30.11 -76.68
C ARG E 402 -28.37 -30.35 -77.64
N ILE E 403 -27.97 -31.62 -77.79
CA ILE E 403 -26.81 -31.92 -78.69
C ILE E 403 -27.17 -31.48 -80.11
N ARG E 404 -28.40 -31.75 -80.55
CA ARG E 404 -28.82 -31.40 -81.93
C ARG E 404 -28.79 -29.88 -82.14
N SER E 405 -29.24 -29.10 -81.15
CA SER E 405 -29.19 -27.62 -81.27
C SER E 405 -27.73 -27.15 -81.38
N VAL E 406 -26.85 -27.69 -80.54
CA VAL E 406 -25.45 -27.17 -80.66
C VAL E 406 -24.99 -27.49 -82.07
N LEU E 407 -25.29 -28.70 -82.56
CA LEU E 407 -24.81 -29.14 -83.90
C LEU E 407 -25.35 -28.21 -84.99
N ASP E 408 -26.65 -27.90 -84.98
CA ASP E 408 -27.26 -27.11 -86.09
C ASP E 408 -26.71 -25.69 -86.12
N GLY E 409 -26.78 -24.96 -85.00
CA GLY E 409 -26.34 -23.55 -85.05
C GLY E 409 -24.87 -23.47 -85.40
N PRO E 410 -24.47 -22.65 -86.41
CA PRO E 410 -23.09 -22.63 -86.89
C PRO E 410 -22.13 -22.17 -85.78
N VAL E 411 -22.57 -21.22 -84.94
CA VAL E 411 -21.70 -20.63 -83.88
C VAL E 411 -20.68 -21.65 -83.35
N LEU E 412 -19.40 -21.45 -83.68
CA LEU E 412 -18.34 -22.38 -83.24
C LEU E 412 -17.37 -21.68 -82.27
N SER E 413 -17.30 -20.34 -82.32
CA SER E 413 -16.35 -19.64 -81.47
C SER E 413 -16.80 -19.51 -80.02
N ASN E 414 -18.02 -19.95 -79.69
CA ASN E 414 -18.44 -19.99 -78.30
C ASN E 414 -18.03 -21.31 -77.66
N ILE E 415 -18.42 -21.55 -76.40
CA ILE E 415 -17.93 -22.80 -75.75
C ILE E 415 -19.06 -23.84 -75.77
N ASP E 416 -20.18 -23.49 -76.41
CA ASP E 416 -21.37 -24.38 -76.37
C ASP E 416 -21.01 -25.74 -76.98
N ARG E 417 -20.32 -25.77 -78.12
CA ARG E 417 -20.03 -27.07 -78.79
C ARG E 417 -19.15 -27.95 -77.89
N ILE E 418 -18.13 -27.37 -77.27
CA ILE E 418 -17.21 -28.16 -76.39
C ILE E 418 -18.02 -28.71 -75.21
N GLY E 419 -18.88 -27.85 -74.65
CA GLY E 419 -19.67 -28.30 -73.49
C GLY E 419 -20.54 -29.46 -73.91
N ALA E 420 -21.16 -29.35 -75.08
CA ALA E 420 -22.06 -30.41 -75.57
C ALA E 420 -21.28 -31.71 -75.75
N ASP E 421 -20.11 -31.64 -76.38
CA ASP E 421 -19.39 -32.93 -76.63
C ASP E 421 -19.06 -33.55 -75.27
N HIS E 422 -18.57 -32.74 -74.32
CA HIS E 422 -18.17 -33.39 -73.04
C HIS E 422 -19.39 -34.02 -72.37
N VAL E 423 -20.51 -33.29 -72.37
CA VAL E 423 -21.73 -33.79 -71.67
C VAL E 423 -22.16 -35.09 -72.33
N GLN E 424 -22.19 -35.12 -73.67
CA GLN E 424 -22.68 -36.33 -74.36
C GLN E 424 -21.75 -37.49 -74.03
N SER E 425 -20.43 -37.28 -74.07
CA SER E 425 -19.54 -38.43 -73.81
C SER E 425 -19.80 -38.97 -72.39
N LEU E 426 -19.87 -38.06 -71.41
CA LEU E 426 -20.03 -38.54 -70.01
C LEU E 426 -21.36 -39.29 -69.88
N LEU E 427 -22.43 -38.74 -70.44
CA LEU E 427 -23.77 -39.37 -70.29
C LEU E 427 -23.74 -40.75 -70.94
N LEU E 428 -23.11 -40.86 -72.11
CA LEU E 428 -23.06 -42.15 -72.84
C LEU E 428 -22.27 -43.18 -72.01
N LYS E 429 -21.13 -42.78 -71.43
CA LYS E 429 -20.43 -43.81 -70.60
C LYS E 429 -21.34 -44.22 -69.42
N HIS E 430 -21.99 -43.26 -68.77
CA HIS E 430 -22.80 -43.73 -67.61
C HIS E 430 -23.90 -44.68 -68.10
N CYS E 431 -24.55 -44.34 -69.21
CA CYS E 431 -25.67 -45.17 -69.73
C CYS E 431 -25.16 -46.58 -70.06
N ALA E 432 -23.94 -46.70 -70.61
CA ALA E 432 -23.36 -48.03 -70.95
C ALA E 432 -23.42 -49.03 -69.78
N PRO E 433 -22.69 -48.92 -68.64
CA PRO E 433 -22.86 -49.83 -67.50
C PRO E 433 -24.28 -49.82 -66.90
N VAL E 434 -24.92 -48.66 -66.77
CA VAL E 434 -26.34 -48.65 -66.29
C VAL E 434 -27.07 -49.75 -67.08
N LEU E 435 -26.65 -49.99 -68.33
CA LEU E 435 -27.25 -51.05 -69.19
C LEU E 435 -26.53 -52.37 -68.94
N ALA E 436 -25.19 -52.32 -68.87
CA ALA E 436 -24.42 -53.57 -68.66
C ALA E 436 -24.87 -54.16 -67.33
N LYS E 437 -25.09 -53.29 -66.33
CA LYS E 437 -25.56 -53.72 -65.00
C LYS E 437 -26.96 -54.37 -64.97
N LEU E 438 -27.98 -53.84 -65.68
CA LEU E 438 -29.34 -54.48 -65.45
C LEU E 438 -30.02 -55.19 -66.64
N ARG E 439 -29.26 -55.89 -67.48
CA ARG E 439 -29.87 -56.62 -68.61
C ARG E 439 -28.79 -57.47 -69.24
N PRO E 440 -29.16 -58.47 -70.06
CA PRO E 440 -28.15 -59.23 -70.79
C PRO E 440 -27.61 -58.43 -71.96
N PRO E 441 -26.46 -58.81 -72.50
CA PRO E 441 -25.90 -58.09 -73.66
C PRO E 441 -26.44 -58.64 -74.97
N PRO E 442 -27.74 -58.87 -75.07
CA PRO E 442 -28.33 -59.28 -76.34
C PRO E 442 -28.87 -58.09 -77.12
N ASP E 443 -28.75 -58.21 -78.46
CA ASP E 443 -29.18 -57.20 -79.43
C ASP E 443 -28.51 -55.86 -79.17
N ASN E 444 -27.19 -55.86 -79.27
CA ASN E 444 -26.37 -54.67 -79.03
C ASN E 444 -26.10 -53.87 -80.29
N GLN E 445 -26.86 -54.10 -81.36
CA GLN E 445 -26.61 -53.45 -82.64
C GLN E 445 -27.54 -52.27 -82.89
N ASP E 446 -28.85 -52.50 -82.83
CA ASP E 446 -29.82 -51.46 -83.19
C ASP E 446 -30.97 -51.34 -82.21
N ALA E 447 -30.94 -52.05 -81.08
CA ALA E 447 -31.98 -51.88 -80.07
C ALA E 447 -31.86 -50.55 -79.35
N TYR E 448 -30.64 -50.01 -79.22
CA TYR E 448 -30.40 -48.71 -78.62
C TYR E 448 -30.96 -47.55 -79.47
N ARG E 449 -31.36 -47.81 -80.71
CA ARG E 449 -32.11 -46.83 -81.49
C ARG E 449 -33.51 -46.57 -80.94
N ALA E 450 -34.00 -47.43 -80.04
CA ALA E 450 -35.20 -47.08 -79.28
C ALA E 450 -34.93 -46.04 -78.20
N GLU E 451 -33.66 -45.74 -77.91
CA GLU E 451 -33.26 -44.70 -76.98
C GLU E 451 -32.54 -43.58 -77.72
N PHE E 452 -33.10 -43.18 -78.87
CA PHE E 452 -32.67 -42.11 -79.77
C PHE E 452 -31.34 -42.37 -80.48
N GLY E 453 -30.74 -43.53 -80.29
CA GLY E 453 -29.54 -43.92 -81.02
C GLY E 453 -28.32 -43.07 -80.72
N SER E 454 -28.10 -42.73 -79.45
CA SER E 454 -27.00 -41.84 -79.09
C SER E 454 -25.67 -42.58 -79.15
N LEU E 455 -25.54 -43.62 -78.31
CA LEU E 455 -24.24 -44.34 -78.23
C LEU E 455 -24.31 -45.64 -79.04
N GLY E 456 -25.46 -46.32 -79.10
CA GLY E 456 -25.63 -47.47 -80.00
C GLY E 456 -24.53 -48.52 -79.94
N PRO E 457 -23.94 -48.88 -81.10
CA PRO E 457 -22.89 -49.91 -81.16
C PRO E 457 -21.63 -49.56 -80.35
N LEU E 458 -21.21 -48.30 -80.35
CA LEU E 458 -20.07 -47.85 -79.49
C LEU E 458 -20.43 -48.06 -78.01
N LEU E 459 -21.68 -47.78 -77.62
CA LEU E 459 -22.11 -48.07 -76.22
C LEU E 459 -22.00 -49.58 -76.01
N CYS E 460 -22.41 -50.36 -77.00
CA CYS E 460 -22.35 -51.84 -76.89
C CYS E 460 -20.89 -52.27 -76.72
N SER E 461 -19.96 -51.64 -77.45
CA SER E 461 -18.51 -51.96 -77.34
C SER E 461 -18.01 -51.60 -75.95
N GLN E 462 -18.46 -50.47 -75.38
CA GLN E 462 -18.07 -50.11 -74.00
C GLN E 462 -18.58 -51.17 -73.04
N VAL E 463 -19.82 -51.64 -73.24
CA VAL E 463 -20.40 -52.70 -72.37
C VAL E 463 -19.56 -53.97 -72.51
N VAL E 464 -19.12 -54.30 -73.73
CA VAL E 464 -18.29 -55.51 -73.99
C VAL E 464 -16.94 -55.36 -73.27
N LYS E 465 -16.35 -54.17 -73.28
CA LYS E 465 -15.07 -53.91 -72.57
C LYS E 465 -15.30 -54.11 -71.07
N ALA E 466 -16.44 -53.63 -70.56
CA ALA E 466 -16.75 -53.82 -69.13
C ALA E 466 -16.88 -55.30 -68.83
N ARG E 467 -17.51 -56.07 -69.72
CA ARG E 467 -17.68 -57.54 -69.54
C ARG E 467 -16.31 -58.20 -69.54
N ALA E 468 -15.39 -57.76 -70.41
CA ALA E 468 -14.02 -58.31 -70.46
C ALA E 468 -13.30 -58.02 -69.14
N GLN E 469 -13.48 -56.81 -68.60
CA GLN E 469 -12.87 -56.45 -67.29
C GLN E 469 -13.44 -57.37 -66.21
N ALA E 470 -14.75 -57.64 -66.25
CA ALA E 470 -15.40 -58.53 -65.27
C ALA E 470 -14.81 -59.95 -65.39
N ALA E 471 -14.58 -60.42 -66.63
CA ALA E 471 -13.99 -61.76 -66.85
C ALA E 471 -12.58 -61.78 -66.27
N LEU E 472 -11.81 -60.70 -66.46
CA LEU E 472 -10.43 -60.62 -65.92
C LEU E 472 -10.50 -60.68 -64.39
N GLN E 473 -11.47 -59.99 -63.78
CA GLN E 473 -11.62 -60.02 -62.30
C GLN E 473 -11.83 -61.46 -61.82
N PRO F 9 21.88 97.00 -6.08
CA PRO F 9 22.74 95.84 -6.28
C PRO F 9 22.93 95.03 -4.98
N HIS F 10 23.64 93.91 -5.06
CA HIS F 10 23.92 93.10 -3.84
C HIS F 10 25.43 93.06 -3.62
N GLU F 11 25.87 93.28 -2.38
CA GLU F 11 27.32 93.19 -2.07
C GLU F 11 27.55 91.97 -1.19
N LEU F 12 28.51 91.12 -1.58
CA LEU F 12 28.76 89.86 -0.83
C LEU F 12 29.14 90.24 0.60
N GLU F 13 28.55 89.56 1.59
CA GLU F 13 28.81 89.91 3.01
C GLU F 13 30.24 89.51 3.36
N SER F 14 30.87 90.23 4.29
CA SER F 14 32.25 89.93 4.61
C SER F 14 32.31 89.43 6.04
N GLN F 15 32.46 88.12 6.21
CA GLN F 15 32.53 87.50 7.52
C GLN F 15 33.99 87.25 7.88
N PHE F 16 34.33 87.49 9.13
CA PHE F 16 35.64 87.12 9.66
C PHE F 16 35.46 86.51 11.03
N ILE F 17 36.55 85.99 11.59
CA ILE F 17 36.48 85.33 12.89
C ILE F 17 37.11 86.26 13.92
N LEU F 18 36.49 86.40 15.09
CA LEU F 18 37.05 87.19 16.18
C LEU F 18 37.50 86.27 17.29
N ARG F 19 38.80 86.31 17.62
CA ARG F 19 39.36 85.53 18.71
C ARG F 19 39.67 86.46 19.88
N LEU F 20 39.17 86.10 21.04
CA LEU F 20 39.27 86.91 22.25
C LEU F 20 40.08 86.17 23.30
N PRO F 21 40.60 86.87 24.31
CA PRO F 21 41.18 86.18 25.45
C PRO F 21 40.12 85.37 26.17
N PRO F 22 40.51 84.28 26.86
CA PRO F 22 39.51 83.27 27.27
C PRO F 22 38.49 83.74 28.29
N GLU F 23 38.88 84.58 29.24
CA GLU F 23 37.91 85.15 30.17
C GLU F 23 36.97 86.12 29.46
N TYR F 24 37.52 86.98 28.61
CA TYR F 24 36.70 87.88 27.82
C TYR F 24 35.87 87.14 26.80
N ALA F 25 36.38 86.00 26.30
CA ALA F 25 35.57 85.16 25.41
C ALA F 25 34.40 84.55 26.15
N SER F 26 34.59 84.21 27.42
CA SER F 26 33.49 83.64 28.20
C SER F 26 32.42 84.69 28.48
N THR F 27 32.83 85.92 28.79
CA THR F 27 31.84 86.98 29.02
C THR F 27 31.08 87.33 27.74
N VAL F 28 31.79 87.41 26.60
CA VAL F 28 31.14 87.68 25.33
C VAL F 28 30.23 86.53 24.92
N ARG F 29 30.61 85.29 25.22
CA ARG F 29 29.77 84.15 24.87
C ARG F 29 28.49 84.13 25.70
N ARG F 30 28.60 84.42 26.99
CA ARG F 30 27.42 84.50 27.86
C ARG F 30 26.50 85.63 27.43
N ALA F 31 27.07 86.76 27.02
CA ALA F 31 26.23 87.88 26.57
C ALA F 31 25.61 87.62 25.21
N VAL F 32 26.25 86.83 24.34
CA VAL F 32 25.68 86.51 23.05
C VAL F 32 24.53 85.52 23.22
N GLN F 33 24.76 84.46 24.00
CA GLN F 33 23.71 83.47 24.24
C GLN F 33 22.57 83.99 25.08
N SER F 34 22.79 85.08 25.84
CA SER F 34 21.66 85.72 26.51
C SER F 34 20.72 86.37 25.50
N GLY F 35 21.24 87.24 24.64
CA GLY F 35 20.50 87.73 23.50
C GLY F 35 19.94 89.13 23.60
N HIS F 36 20.15 89.81 24.74
CA HIS F 36 19.67 91.20 24.90
C HIS F 36 20.52 92.17 24.07
N VAL F 37 20.07 93.42 23.94
CA VAL F 37 20.86 94.45 23.19
C VAL F 37 21.87 95.05 24.16
N ASN F 38 21.90 94.57 25.40
CA ASN F 38 22.91 95.03 26.40
C ASN F 38 24.28 94.70 25.84
N LEU F 39 24.40 93.55 25.16
CA LEU F 39 25.69 93.13 24.55
C LEU F 39 26.13 94.20 23.55
N LYS F 40 25.19 94.81 22.83
CA LYS F 40 25.57 95.78 21.76
C LYS F 40 26.40 96.90 22.37
N ASP F 41 25.97 97.46 23.50
CA ASP F 41 26.75 98.52 24.19
C ASP F 41 28.07 97.94 24.70
N ARG F 42 28.05 96.73 25.24
CA ARG F 42 29.27 96.14 25.87
C ARG F 42 30.38 95.84 24.85
N LEU F 43 30.03 95.34 23.65
CA LEU F 43 31.05 94.91 22.71
C LEU F 43 31.14 95.88 21.54
N THR F 44 32.29 96.53 21.38
CA THR F 44 32.53 97.40 20.23
C THR F 44 33.83 96.99 19.54
N ILE F 45 33.98 97.41 18.28
CA ILE F 45 35.14 97.08 17.44
C ILE F 45 35.57 98.34 16.70
N GLU F 46 36.81 98.76 16.95
CA GLU F 46 37.38 99.94 16.25
C GLU F 46 38.55 99.46 15.39
N LEU F 47 38.46 99.61 14.07
CA LEU F 47 39.50 99.18 13.16
C LEU F 47 40.30 100.40 12.70
N HIS F 48 41.61 100.35 12.90
CA HIS F 48 42.47 101.48 12.65
C HIS F 48 42.76 101.64 11.15
N PRO F 49 43.15 102.83 10.69
CA PRO F 49 43.41 103.02 9.26
C PRO F 49 44.67 102.33 8.75
N ASP F 50 45.44 101.67 9.61
CA ASP F 50 46.43 100.71 9.12
C ASP F 50 45.76 99.59 8.34
N GLY F 51 44.60 99.14 8.81
CA GLY F 51 43.91 98.02 8.22
C GLY F 51 44.21 96.70 8.88
N ARG F 52 45.31 96.60 9.61
CA ARG F 52 45.69 95.38 10.31
C ARG F 52 45.86 95.61 11.80
N HIS F 53 45.15 96.59 12.36
CA HIS F 53 45.27 96.86 13.79
C HIS F 53 43.92 97.34 14.29
N GLY F 54 43.61 97.02 15.54
CA GLY F 54 42.33 97.44 16.06
C GLY F 54 42.28 97.43 17.57
N ILE F 55 41.15 97.88 18.09
CA ILE F 55 40.75 97.64 19.47
C ILE F 55 39.43 96.89 19.44
N VAL F 56 39.33 95.83 20.21
CA VAL F 56 38.04 95.28 20.57
C VAL F 56 37.79 95.65 22.02
N ARG F 57 36.66 96.30 22.29
CA ARG F 57 36.37 96.76 23.67
C ARG F 57 35.29 95.87 24.28
N VAL F 58 35.66 95.01 25.22
CA VAL F 58 34.68 94.11 25.89
C VAL F 58 34.33 94.74 27.24
N ASP F 59 33.05 95.07 27.45
CA ASP F 59 32.63 95.75 28.71
C ASP F 59 33.44 97.04 28.88
N ARG F 60 33.70 97.76 27.79
CA ARG F 60 34.45 99.04 27.85
C ARG F 60 35.90 98.81 28.30
N VAL F 61 36.41 97.58 28.17
CA VAL F 61 37.85 97.34 28.49
C VAL F 61 38.58 97.15 27.16
N PRO F 62 39.54 98.04 26.79
CA PRO F 62 40.21 97.95 25.49
C PRO F 62 41.16 96.74 25.37
N LEU F 63 41.14 96.06 24.22
CA LEU F 63 42.07 94.91 23.97
C LEU F 63 42.75 95.19 22.64
N ALA F 64 44.02 94.79 22.47
CA ALA F 64 44.73 95.16 21.25
C ALA F 64 44.57 94.06 20.21
N SER F 65 44.26 94.46 18.98
CA SER F 65 43.86 93.50 17.98
C SER F 65 44.71 93.60 16.73
N LYS F 66 44.82 92.46 16.05
CA LYS F 66 45.52 92.39 14.78
C LYS F 66 44.67 91.55 13.83
N LEU F 67 44.44 92.07 12.62
CA LEU F 67 43.73 91.31 11.61
C LEU F 67 44.73 90.51 10.79
N VAL F 68 44.68 89.19 10.91
CA VAL F 68 45.67 88.31 10.34
C VAL F 68 45.03 87.47 9.24
N ASP F 69 45.87 86.95 8.36
CA ASP F 69 45.45 86.11 7.24
C ASP F 69 45.58 84.66 7.62
N LEU F 70 44.60 83.91 7.36
CA LEU F 70 44.55 82.52 7.74
C LEU F 70 45.10 81.63 6.62
N PRO F 71 45.77 80.52 6.97
CA PRO F 71 46.47 79.76 5.93
C PRO F 71 45.55 78.94 5.05
N CYS F 72 44.47 78.42 5.60
CA CYS F 72 43.46 77.69 4.85
C CYS F 72 42.34 78.65 4.48
N VAL F 73 41.36 78.14 3.75
CA VAL F 73 40.18 78.91 3.38
C VAL F 73 38.97 78.25 4.04
N MET F 74 38.22 79.03 4.83
CA MET F 74 36.99 78.52 5.40
C MET F 74 35.81 79.05 4.65
N GLU F 75 34.69 78.34 4.76
CA GLU F 75 33.46 78.77 4.06
C GLU F 75 32.28 78.57 4.99
N SER F 76 31.46 79.60 5.20
CA SER F 76 30.27 79.46 6.01
C SER F 76 29.17 78.82 5.19
N LEU F 77 28.50 77.84 5.78
CA LEU F 77 27.52 77.03 5.08
C LEU F 77 26.24 77.00 5.91
N LYS F 78 25.18 77.60 5.40
CA LYS F 78 23.92 77.64 6.12
C LYS F 78 23.00 76.51 5.65
N THR F 79 22.05 76.17 6.49
CA THR F 79 21.13 75.10 6.16
C THR F 79 19.78 75.35 6.82
N ILE F 80 18.76 74.74 6.26
CA ILE F 80 17.41 74.81 6.79
C ILE F 80 16.94 73.43 7.27
N ASP F 81 17.43 72.35 6.67
CA ASP F 81 17.03 71.00 6.99
C ASP F 81 18.15 70.12 7.51
N LYS F 82 19.38 70.64 7.59
CA LYS F 82 20.61 69.92 7.98
C LYS F 82 20.94 68.76 7.06
N LYS F 83 20.48 68.80 5.81
CA LYS F 83 20.88 67.83 4.81
C LYS F 83 21.50 68.46 3.57
N THR F 84 21.05 69.65 3.18
CA THR F 84 21.63 70.41 2.08
C THR F 84 22.14 71.73 2.64
N PHE F 85 23.37 72.09 2.28
CA PHE F 85 24.07 73.22 2.85
C PHE F 85 24.45 74.18 1.75
N TYR F 86 24.17 75.47 1.95
CA TYR F 86 24.40 76.49 0.94
C TYR F 86 25.54 77.37 1.40
N LYS F 87 26.52 77.58 0.54
CA LYS F 87 27.67 78.39 0.89
C LYS F 87 27.30 79.87 0.93
N THR F 88 27.61 80.53 2.05
CA THR F 88 27.22 81.92 2.22
C THR F 88 28.37 82.90 2.07
N ALA F 89 29.57 82.54 2.52
CA ALA F 89 30.72 83.44 2.41
C ALA F 89 32.00 82.64 2.55
N ASP F 90 33.10 83.30 2.19
CA ASP F 90 34.46 82.79 2.38
C ASP F 90 35.14 83.58 3.49
N ILE F 91 35.71 82.85 4.45
CA ILE F 91 36.42 83.44 5.57
C ILE F 91 37.91 83.16 5.39
N CYS F 92 38.70 84.23 5.46
CA CYS F 92 40.15 84.12 5.37
C CYS F 92 40.87 84.99 6.39
N GLN F 93 40.16 85.68 7.27
CA GLN F 93 40.79 86.64 8.16
C GLN F 93 40.26 86.50 9.57
N MET F 94 41.13 86.80 10.51
CA MET F 94 40.81 86.67 11.92
C MET F 94 41.32 87.86 12.68
N LEU F 95 40.48 88.42 13.55
CA LEU F 95 40.86 89.61 14.37
C LEU F 95 41.28 89.12 15.76
N VAL F 96 42.46 88.52 15.86
CA VAL F 96 42.97 88.00 17.16
C VAL F 96 43.15 89.19 18.09
N SER F 97 42.76 89.04 19.36
CA SER F 97 42.85 90.15 20.33
C SER F 97 43.57 89.67 21.58
N THR F 98 44.27 90.58 22.29
CA THR F 98 44.97 90.21 23.54
C THR F 98 45.12 91.46 24.42
N GLU F 127 51.98 91.90 5.94
CA GLU F 127 53.39 91.64 6.36
C GLU F 127 53.50 90.24 6.96
N LYS F 128 54.70 89.85 7.37
CA LYS F 128 54.93 88.50 7.96
C LYS F 128 54.12 88.40 9.26
N LYS F 129 54.08 89.47 10.06
CA LYS F 129 53.35 89.47 11.35
C LYS F 129 51.84 89.28 11.13
N PHE F 130 51.32 89.73 9.98
CA PHE F 130 49.85 89.67 9.74
C PHE F 130 49.48 88.34 9.07
N ILE F 131 50.44 87.41 8.98
CA ILE F 131 50.12 86.06 8.44
C ILE F 131 50.08 85.07 9.59
N TRP F 132 48.97 84.32 9.73
CA TRP F 132 48.84 83.31 10.81
C TRP F 132 49.28 81.95 10.25
N ASN F 133 50.15 81.24 10.97
CA ASN F 133 50.67 79.97 10.45
C ASN F 133 49.74 78.81 10.73
N HIS F 134 49.02 78.85 11.84
CA HIS F 134 48.17 77.74 12.26
C HIS F 134 46.76 77.89 11.70
N GLY F 135 46.04 76.78 11.66
CA GLY F 135 44.65 76.80 11.26
C GLY F 135 43.75 76.77 12.49
N ILE F 136 42.44 76.97 12.31
CA ILE F 136 41.55 77.12 13.45
C ILE F 136 41.33 75.79 14.16
N THR F 137 41.14 74.71 13.40
CA THR F 137 40.90 73.41 14.01
C THR F 137 42.17 72.85 14.63
N LEU F 138 41.96 71.94 15.58
CA LEU F 138 43.07 71.23 16.21
C LEU F 138 43.97 70.41 15.28
N PRO F 139 43.49 69.66 14.27
CA PRO F 139 44.44 68.92 13.42
C PRO F 139 45.32 69.81 12.57
N LEU F 140 44.82 71.00 12.26
CA LEU F 140 45.55 71.97 11.45
C LEU F 140 46.31 72.88 12.39
N LYS F 141 47.57 72.54 12.65
CA LYS F 141 48.46 73.36 13.45
C LYS F 141 49.81 73.29 12.77
N ASN F 142 50.43 74.46 12.54
CA ASN F 142 51.68 74.51 11.75
C ASN F 142 51.36 74.01 10.34
N VAL F 143 50.15 74.30 9.84
CA VAL F 143 49.72 73.85 8.47
C VAL F 143 50.60 74.53 7.44
N ARG F 144 50.83 75.83 7.58
CA ARG F 144 51.59 76.57 6.54
C ARG F 144 52.99 75.97 6.45
N LYS F 145 53.63 75.72 7.58
CA LYS F 145 54.99 75.11 7.60
C LYS F 145 55.00 73.63 7.17
N ARG F 146 54.08 72.80 7.67
CA ARG F 146 54.20 71.34 7.40
C ARG F 146 53.21 70.79 6.36
N ARG F 147 51.92 71.10 6.49
CA ARG F 147 50.92 70.47 5.58
C ARG F 147 50.71 71.31 4.32
N PHE F 148 51.54 72.31 4.07
CA PHE F 148 51.37 73.06 2.78
C PHE F 148 52.54 72.83 1.84
N ARG F 149 52.25 72.36 0.61
CA ARG F 149 53.30 72.15 -0.41
C ARG F 149 53.78 73.52 -0.90
N LYS F 150 55.09 73.74 -0.93
CA LYS F 150 55.60 75.09 -1.30
C LYS F 150 56.28 75.03 -2.67
N THR F 151 55.81 75.84 -3.62
CA THR F 151 56.45 75.90 -4.96
C THR F 151 56.91 77.34 -5.20
N ALA F 152 58.20 77.53 -5.53
CA ALA F 152 58.75 78.88 -5.74
C ALA F 152 59.71 78.89 -6.93
N LYS F 153 59.93 80.06 -7.53
CA LYS F 153 60.87 80.17 -8.68
C LYS F 153 62.31 80.24 -8.16
N ASP F 161 54.42 91.77 -4.12
CA ASP F 161 55.54 92.47 -3.42
C ASP F 161 56.76 92.53 -4.36
N VAL F 162 57.31 91.37 -4.71
CA VAL F 162 58.51 91.32 -5.61
C VAL F 162 58.12 91.90 -6.97
N GLU F 163 56.93 91.57 -7.47
CA GLU F 163 56.47 92.09 -8.78
C GLU F 163 56.33 93.61 -8.69
N LYS F 164 55.80 94.13 -7.58
CA LYS F 164 55.64 95.60 -7.39
C LYS F 164 57.03 96.25 -7.37
N GLU F 165 58.00 95.62 -6.70
CA GLU F 165 59.39 96.17 -6.65
C GLU F 165 59.96 96.21 -8.06
N VAL F 166 59.73 95.15 -8.85
CA VAL F 166 60.24 95.10 -10.26
C VAL F 166 59.58 96.23 -11.06
N LYS F 167 58.28 96.48 -10.85
CA LYS F 167 57.57 97.57 -11.57
C LYS F 167 58.19 98.91 -11.19
N ARG F 168 58.50 99.11 -9.90
CA ARG F 168 59.13 100.38 -9.43
C ARG F 168 60.49 100.52 -10.11
N LEU F 169 61.26 99.44 -10.20
CA LEU F 169 62.60 99.48 -10.84
C LEU F 169 62.44 99.86 -12.31
N LEU F 170 61.44 99.29 -13.00
CA LEU F 170 61.20 99.61 -14.44
C LEU F 170 60.84 101.09 -14.57
N SER F 171 60.02 101.61 -13.65
CA SER F 171 59.63 103.04 -13.68
C SER F 171 60.87 103.92 -13.49
N THR F 172 61.76 103.55 -12.56
CA THR F 172 63.01 104.32 -12.34
C THR F 172 63.87 104.28 -13.62
N ASP F 173 63.96 103.12 -14.28
CA ASP F 173 64.74 102.99 -15.53
C ASP F 173 64.15 103.93 -16.59
N ALA F 174 62.82 103.97 -16.68
CA ALA F 174 62.13 104.86 -17.65
C ALA F 174 62.43 106.33 -17.35
N GLU F 175 62.40 106.72 -16.08
CA GLU F 175 62.60 108.17 -15.72
C GLU F 175 64.07 108.54 -15.92
N ALA F 176 64.92 107.54 -16.19
CA ALA F 176 66.37 107.79 -16.30
C ALA F 176 66.76 108.19 -17.72
N VAL F 177 68.07 108.16 -17.98
CA VAL F 177 68.58 108.48 -19.35
C VAL F 177 69.42 107.29 -19.83
N SER F 178 70.44 106.90 -19.06
CA SER F 178 71.33 105.78 -19.45
C SER F 178 71.28 104.67 -18.38
N THR F 179 71.08 103.41 -18.79
CA THR F 179 71.04 102.27 -17.83
C THR F 179 72.17 101.28 -18.14
N ARG F 180 72.98 100.93 -17.13
CA ARG F 180 74.08 99.95 -17.31
C ARG F 180 73.82 98.73 -16.41
N TRP F 181 73.87 97.53 -16.98
CA TRP F 181 73.55 96.30 -16.20
C TRP F 181 74.61 95.22 -16.37
N GLU F 182 74.93 94.49 -15.29
CA GLU F 182 75.81 93.29 -15.43
C GLU F 182 75.41 92.25 -14.37
N ILE F 183 75.24 90.98 -14.74
CA ILE F 183 75.01 89.94 -13.71
C ILE F 183 76.35 89.88 -12.97
N ILE F 184 76.35 89.86 -11.64
CA ILE F 184 77.67 90.01 -11.01
C ILE F 184 78.19 88.73 -10.35
N ALA F 185 79.34 88.83 -9.70
CA ALA F 185 79.85 87.77 -8.84
C ALA F 185 80.01 88.31 -7.42
N GLU F 186 80.75 87.59 -6.58
CA GLU F 186 80.99 88.02 -5.20
C GLU F 186 81.76 89.34 -5.13
N ASP F 187 81.15 90.35 -4.52
CA ASP F 187 81.76 91.67 -4.41
C ASP F 187 81.12 92.48 -3.28
N ASN G 24 -4.43 -59.46 -40.52
CA ASN G 24 -4.18 -59.91 -41.91
C ASN G 24 -2.72 -60.31 -42.06
N PRO G 25 -1.70 -59.44 -41.91
CA PRO G 25 -0.31 -59.83 -42.13
C PRO G 25 0.26 -60.94 -41.25
N ALA G 26 -0.09 -60.98 -39.96
CA ALA G 26 0.39 -62.04 -39.03
C ALA G 26 -0.23 -63.38 -39.46
N ASP G 27 -1.48 -63.38 -39.92
CA ASP G 27 -2.18 -64.59 -40.40
C ASP G 27 -1.40 -64.94 -41.63
N ASN G 28 -1.07 -63.97 -42.49
CA ASN G 28 -0.40 -64.21 -43.78
C ASN G 28 0.99 -64.79 -43.59
N TYR G 29 1.72 -64.33 -42.57
CA TYR G 29 3.06 -64.87 -42.25
C TYR G 29 2.98 -66.40 -42.13
N HIS G 30 2.02 -66.90 -41.35
CA HIS G 30 1.85 -68.37 -41.18
C HIS G 30 1.15 -68.98 -42.40
N LEU G 31 0.15 -68.30 -42.93
CA LEU G 31 -0.70 -68.87 -44.00
C LEU G 31 0.04 -68.97 -45.31
N ALA G 32 0.92 -68.07 -45.65
CA ALA G 32 1.58 -68.15 -46.95
C ALA G 32 2.30 -69.46 -46.86
N ARG G 33 3.06 -69.71 -45.78
CA ARG G 33 3.82 -70.98 -45.75
C ARG G 33 2.90 -72.21 -45.56
N ARG G 34 1.67 -72.08 -45.02
CA ARG G 34 0.79 -73.27 -44.97
C ARG G 34 0.08 -73.53 -46.27
N ARG G 35 -0.32 -72.45 -46.97
CA ARG G 35 -1.06 -72.56 -48.24
C ARG G 35 -0.13 -73.13 -49.30
N THR G 36 1.16 -72.75 -49.29
CA THR G 36 2.07 -73.42 -50.24
C THR G 36 2.09 -74.90 -49.85
N LEU G 37 2.12 -75.23 -48.57
CA LEU G 37 2.17 -76.67 -48.24
C LEU G 37 0.92 -77.37 -48.74
N GLN G 38 -0.25 -76.74 -48.62
CA GLN G 38 -1.52 -77.33 -49.11
C GLN G 38 -1.51 -77.51 -50.61
N VAL G 39 -0.99 -76.56 -51.38
CA VAL G 39 -0.92 -76.69 -52.85
C VAL G 39 0.03 -77.83 -53.19
N VAL G 40 1.12 -77.97 -52.45
CA VAL G 40 2.05 -79.09 -52.69
C VAL G 40 1.27 -80.39 -52.46
N VAL G 41 0.50 -80.45 -51.39
CA VAL G 41 -0.26 -81.69 -51.11
C VAL G 41 -1.25 -81.94 -52.23
N SER G 42 -1.97 -80.93 -52.69
CA SER G 42 -3.00 -81.11 -53.73
C SER G 42 -2.31 -81.62 -54.98
N SER G 43 -1.16 -81.08 -55.33
CA SER G 43 -0.40 -81.51 -56.53
C SER G 43 0.07 -82.96 -56.42
N LEU G 44 0.60 -83.36 -55.29
CA LEU G 44 0.98 -84.80 -55.14
C LEU G 44 -0.25 -85.71 -55.21
N LEU G 45 -1.37 -85.27 -54.65
CA LEU G 45 -2.63 -86.07 -54.75
C LEU G 45 -3.06 -86.19 -56.21
N THR G 46 -2.97 -85.11 -56.99
CA THR G 46 -3.34 -85.16 -58.41
C THR G 46 -2.40 -86.12 -59.13
N GLU G 47 -1.12 -86.09 -58.81
CA GLU G 47 -0.15 -86.95 -59.51
C GLU G 47 -0.53 -88.39 -59.22
N ALA G 48 -0.93 -88.68 -57.99
CA ALA G 48 -1.39 -90.05 -57.64
C ALA G 48 -2.55 -90.49 -58.52
N GLY G 49 -3.57 -89.66 -58.73
CA GLY G 49 -4.78 -90.03 -59.47
C GLY G 49 -6.02 -89.44 -58.86
N PHE G 50 -5.90 -88.80 -57.73
CA PHE G 50 -7.09 -88.26 -57.04
C PHE G 50 -7.48 -86.93 -57.66
N GLU G 51 -8.73 -86.74 -58.03
CA GLU G 51 -9.24 -85.44 -58.51
C GLU G 51 -10.37 -85.15 -57.55
N SER G 52 -10.41 -84.00 -56.90
CA SER G 52 -11.44 -83.72 -55.88
C SER G 52 -11.29 -84.61 -54.66
N ALA G 53 -10.63 -84.15 -53.63
CA ALA G 53 -10.48 -84.83 -52.35
C ALA G 53 -11.38 -84.21 -51.29
N GLU G 54 -11.59 -84.97 -50.21
CA GLU G 54 -12.31 -84.44 -49.05
C GLU G 54 -11.49 -83.35 -48.38
N LYS G 55 -12.19 -82.40 -47.76
CA LYS G 55 -11.51 -81.23 -47.21
C LYS G 55 -10.68 -81.58 -45.98
N ALA G 56 -11.24 -82.40 -45.08
CA ALA G 56 -10.51 -82.80 -43.88
C ALA G 56 -9.33 -83.70 -44.18
N SER G 57 -9.34 -84.37 -45.33
CA SER G 57 -8.23 -85.22 -45.74
C SER G 57 -7.07 -84.44 -46.33
N VAL G 58 -7.30 -83.20 -46.74
CA VAL G 58 -6.22 -82.35 -47.23
C VAL G 58 -5.52 -81.63 -46.09
N GLU G 59 -6.28 -81.06 -45.14
CA GLU G 59 -5.67 -80.48 -43.95
C GLU G 59 -5.06 -81.53 -43.02
N THR G 60 -5.44 -82.80 -43.16
CA THR G 60 -4.72 -83.85 -42.45
C THR G 60 -3.34 -84.06 -43.07
N LEU G 61 -3.29 -84.22 -44.39
CA LEU G 61 -2.05 -84.59 -45.05
C LEU G 61 -1.05 -83.44 -45.11
N THR G 62 -1.53 -82.19 -45.15
CA THR G 62 -0.61 -81.06 -45.09
C THR G 62 -0.17 -80.75 -43.67
N GLU G 63 -0.82 -81.35 -42.67
CA GLU G 63 -0.33 -81.28 -41.30
C GLU G 63 0.74 -82.33 -41.04
N MET G 64 0.63 -83.48 -41.70
CA MET G 64 1.70 -84.47 -41.66
C MET G 64 2.90 -84.05 -42.50
N LEU G 65 2.70 -83.14 -43.46
CA LEU G 65 3.81 -82.65 -44.27
C LEU G 65 4.60 -81.58 -43.53
N GLN G 66 3.92 -80.67 -42.83
CA GLN G 66 4.61 -79.67 -42.03
C GLN G 66 5.31 -80.31 -40.84
N SER G 67 4.69 -81.30 -40.22
CA SER G 67 5.31 -82.03 -39.11
C SER G 67 6.47 -82.90 -39.56
N TYR G 68 6.57 -83.20 -40.86
CA TYR G 68 7.68 -83.99 -41.36
C TYR G 68 8.89 -83.12 -41.69
N ILE G 69 8.67 -81.93 -42.24
CA ILE G 69 9.78 -81.02 -42.48
C ILE G 69 10.33 -80.49 -41.16
N SER G 70 9.44 -80.26 -40.19
CA SER G 70 9.88 -79.80 -38.87
C SER G 70 10.56 -80.90 -38.06
N GLU G 71 10.46 -82.16 -38.47
CA GLU G 71 11.11 -83.24 -37.74
C GLU G 71 12.49 -83.57 -38.29
N ILE G 72 12.71 -83.39 -39.60
CA ILE G 72 14.07 -83.43 -40.12
C ILE G 72 14.81 -82.14 -39.77
N GLY G 73 14.09 -81.07 -39.46
CA GLY G 73 14.75 -79.87 -38.98
C GLY G 73 15.32 -80.05 -37.58
N ARG G 74 14.53 -80.66 -36.69
CA ARG G 74 14.96 -80.78 -35.31
C ARG G 74 15.93 -81.94 -35.11
N SER G 75 15.84 -82.98 -35.94
CA SER G 75 16.66 -84.17 -35.69
C SER G 75 17.99 -84.14 -36.43
N ALA G 76 18.04 -83.53 -37.62
CA ALA G 76 19.33 -83.41 -38.29
C ALA G 76 20.18 -82.30 -37.69
N LYS G 77 19.53 -81.31 -37.06
CA LYS G 77 20.27 -80.35 -36.26
C LYS G 77 20.80 -81.01 -34.99
N SER G 78 20.03 -81.95 -34.43
CA SER G 78 20.49 -82.64 -33.23
C SER G 78 21.62 -83.62 -33.52
N TYR G 79 21.60 -84.24 -34.71
CA TYR G 79 22.66 -85.19 -35.03
C TYR G 79 23.97 -84.49 -35.38
N CYS G 80 23.90 -83.30 -35.96
CA CYS G 80 25.14 -82.59 -36.27
C CYS G 80 25.72 -81.92 -35.02
N GLU G 81 24.86 -81.33 -34.18
CA GLU G 81 25.32 -80.71 -32.95
C GLU G 81 25.80 -81.71 -31.92
N HIS G 82 25.37 -82.97 -32.02
CA HIS G 82 25.98 -84.02 -31.22
C HIS G 82 27.41 -84.27 -31.63
N THR G 83 27.72 -84.07 -32.91
CA THR G 83 29.08 -84.17 -33.44
C THR G 83 29.79 -82.83 -33.47
N ALA G 84 29.40 -81.91 -32.59
CA ALA G 84 30.04 -80.62 -32.33
C ALA G 84 30.01 -79.67 -33.53
N ARG G 85 29.13 -79.88 -34.49
CA ARG G 85 29.02 -79.00 -35.65
C ARG G 85 27.76 -78.14 -35.54
N THR G 86 27.66 -77.16 -36.44
CA THR G 86 26.52 -76.25 -36.44
C THR G 86 25.66 -76.32 -37.69
N GLN G 87 26.21 -76.68 -38.84
CA GLN G 87 25.33 -76.85 -39.99
C GLN G 87 25.43 -78.28 -40.52
N PRO G 88 24.30 -78.88 -40.88
CA PRO G 88 24.29 -80.32 -41.18
C PRO G 88 24.70 -80.65 -42.61
N THR G 89 25.47 -81.72 -42.72
CA THR G 89 25.95 -82.21 -44.01
C THR G 89 24.97 -83.25 -44.56
N LEU G 90 25.40 -83.98 -45.59
CA LEU G 90 24.57 -85.06 -46.12
C LEU G 90 24.55 -86.26 -45.18
N SER G 91 25.67 -86.51 -44.48
CA SER G 91 25.76 -87.68 -43.61
C SER G 91 24.92 -87.53 -42.35
N ASP G 92 24.43 -86.33 -42.04
CA ASP G 92 23.56 -86.11 -40.90
C ASP G 92 22.09 -86.29 -41.25
N ILE G 93 21.73 -86.26 -42.53
CA ILE G 93 20.34 -86.38 -42.94
C ILE G 93 20.07 -87.81 -43.35
N VAL G 94 21.06 -88.49 -43.93
CA VAL G 94 20.92 -89.91 -44.25
C VAL G 94 20.99 -90.79 -43.01
N VAL G 95 21.37 -90.25 -41.86
CA VAL G 95 21.15 -90.92 -40.60
C VAL G 95 19.86 -90.43 -39.94
N THR G 96 19.41 -89.20 -40.22
CA THR G 96 18.14 -88.70 -39.74
C THR G 96 16.97 -89.41 -40.42
N LEU G 97 17.07 -89.63 -41.73
CA LEU G 97 16.00 -90.28 -42.46
C LEU G 97 15.97 -91.78 -42.17
N VAL G 98 17.11 -92.37 -41.83
CA VAL G 98 17.14 -93.76 -41.39
C VAL G 98 16.40 -93.91 -40.06
N GLU G 99 16.59 -92.96 -39.14
CA GLU G 99 15.90 -93.02 -37.85
C GLU G 99 14.43 -92.66 -37.95
N MET G 100 13.94 -92.26 -39.12
CA MET G 100 12.50 -92.14 -39.37
C MET G 100 11.97 -93.23 -40.28
N GLY G 101 12.82 -94.17 -40.69
CA GLY G 101 12.38 -95.27 -41.54
C GLY G 101 12.00 -94.84 -42.93
N PHE G 102 12.95 -94.38 -43.73
CA PHE G 102 12.64 -93.79 -45.02
C PHE G 102 13.06 -94.63 -46.22
N ASN G 103 14.12 -95.44 -46.11
CA ASN G 103 14.74 -96.19 -47.21
C ASN G 103 15.18 -95.24 -48.32
N VAL G 104 16.22 -94.47 -47.97
CA VAL G 104 16.74 -93.32 -48.73
C VAL G 104 17.09 -93.65 -50.18
N ASP G 105 17.45 -94.90 -50.47
CA ASP G 105 17.89 -95.30 -51.81
C ASP G 105 16.79 -95.17 -52.87
N THR G 106 15.52 -95.18 -52.47
CA THR G 106 14.43 -95.02 -53.43
C THR G 106 14.20 -93.58 -53.86
N LEU G 107 14.91 -92.62 -53.26
CA LEU G 107 14.75 -91.20 -53.57
C LEU G 107 15.35 -90.72 -54.90
N PRO G 108 16.49 -91.24 -55.40
CA PRO G 108 16.88 -90.87 -56.78
C PRO G 108 15.90 -91.28 -57.86
N ALA G 109 15.11 -92.34 -57.65
CA ALA G 109 14.11 -92.71 -58.63
C ALA G 109 12.86 -91.84 -58.53
N TYR G 110 12.54 -91.34 -57.33
CA TYR G 110 11.37 -90.48 -57.16
C TYR G 110 11.61 -89.10 -57.73
N ALA G 111 12.86 -88.62 -57.70
CA ALA G 111 13.14 -87.26 -58.15
C ALA G 111 13.07 -87.12 -59.66
N LYS G 112 13.22 -88.21 -60.41
CA LYS G 112 13.27 -88.19 -61.86
C LYS G 112 11.95 -88.65 -62.48
N ARG G 113 10.83 -88.27 -61.86
CA ARG G 113 9.53 -88.56 -62.43
C ARG G 113 9.28 -87.73 -63.67
N SER G 114 8.33 -88.19 -64.49
CA SER G 114 7.83 -87.41 -65.61
C SER G 114 6.49 -86.74 -65.30
N GLN G 115 5.89 -87.07 -64.17
CA GLN G 115 4.57 -86.57 -63.79
C GLN G 115 4.64 -85.39 -62.84
N ARG G 116 5.81 -84.97 -62.42
CA ARG G 116 5.98 -84.04 -61.32
C ARG G 116 5.62 -82.62 -61.72
N MET G 117 5.16 -81.85 -60.74
CA MET G 117 4.83 -80.45 -60.88
C MET G 117 5.83 -79.61 -60.09
N VAL G 118 5.71 -78.29 -60.25
CA VAL G 118 6.54 -77.33 -59.51
C VAL G 118 5.63 -76.19 -59.04
N ILE G 119 5.49 -76.08 -57.72
CA ILE G 119 4.67 -75.02 -57.12
C ILE G 119 5.62 -73.87 -56.82
N THR G 120 5.39 -72.72 -57.44
CA THR G 120 6.19 -71.51 -57.23
C THR G 120 5.92 -70.96 -55.84
N ALA G 121 6.96 -70.40 -55.22
CA ALA G 121 6.99 -70.06 -53.79
C ALA G 121 6.05 -68.91 -53.50
N PRO G 122 5.59 -68.71 -52.25
CA PRO G 122 4.60 -67.68 -51.97
C PRO G 122 5.10 -66.27 -52.30
N PRO G 123 4.26 -65.38 -52.86
CA PRO G 123 4.77 -64.07 -53.24
C PRO G 123 5.27 -63.29 -52.01
N VAL G 124 6.37 -62.54 -52.13
CA VAL G 124 6.99 -61.84 -50.96
C VAL G 124 6.72 -60.33 -51.00
N THR G 125 6.32 -59.73 -49.87
CA THR G 125 6.04 -58.28 -49.77
C THR G 125 7.35 -57.57 -49.50
N ASN G 126 8.40 -58.33 -49.24
CA ASN G 126 9.74 -57.72 -49.05
C ASN G 126 10.20 -57.05 -50.35
N GLN G 127 9.85 -57.60 -51.52
CA GLN G 127 10.36 -56.95 -52.75
C GLN G 127 9.86 -55.51 -52.68
N PRO G 128 8.57 -55.22 -52.36
CA PRO G 128 8.16 -53.85 -52.07
C PRO G 128 8.47 -53.57 -50.58
N VAL G 129 9.75 -53.63 -50.18
CA VAL G 129 10.18 -53.35 -48.78
C VAL G 129 9.98 -51.88 -48.38
N THR G 130 10.38 -50.94 -49.22
CA THR G 130 10.34 -49.53 -48.76
C THR G 130 9.72 -48.59 -49.78
N PRO G 131 8.50 -48.06 -49.55
CA PRO G 131 7.92 -47.06 -50.44
C PRO G 131 8.57 -45.66 -50.44
N LYS G 132 8.85 -45.08 -49.26
CA LYS G 132 9.40 -43.69 -49.23
C LYS G 132 10.23 -43.41 -47.96
N ALA G 133 11.44 -42.87 -48.12
CA ALA G 133 12.30 -42.50 -46.97
C ALA G 133 12.84 -41.07 -47.15
N LEU G 134 12.72 -40.23 -46.12
CA LEU G 134 13.12 -38.79 -46.24
C LEU G 134 13.59 -38.21 -44.89
N THR G 135 14.16 -37.00 -44.91
CA THR G 135 14.69 -36.35 -43.68
C THR G 135 14.06 -34.96 -43.50
N ALA G 136 14.24 -34.32 -42.34
CA ALA G 136 13.64 -32.99 -42.06
C ALA G 136 14.63 -32.07 -41.36
N GLY G 137 14.39 -30.74 -41.38
CA GLY G 137 15.24 -29.74 -40.71
C GLY G 137 14.44 -28.86 -39.76
N GLN G 138 15.09 -28.09 -38.88
CA GLN G 138 14.44 -27.23 -37.83
C GLN G 138 14.25 -27.99 -36.51
N ASN G 139 14.62 -29.27 -36.48
CA ASN G 139 14.56 -30.05 -35.22
C ASN G 139 15.54 -29.41 -34.23
N ARG G 140 15.15 -29.29 -32.97
CA ARG G 140 16.02 -28.65 -31.95
C ARG G 140 17.25 -29.53 -31.74
N PRO G 141 18.41 -28.97 -31.35
CA PRO G 141 19.64 -29.76 -31.22
C PRO G 141 19.61 -30.86 -30.17
N HIS G 142 20.53 -31.83 -30.24
CA HIS G 142 20.58 -32.83 -29.18
C HIS G 142 21.32 -32.28 -27.96
N PRO G 143 20.79 -32.51 -26.77
CA PRO G 143 21.55 -32.24 -25.55
C PRO G 143 22.71 -33.23 -25.43
N PRO G 144 23.77 -32.90 -24.68
CA PRO G 144 24.98 -33.74 -24.71
C PRO G 144 24.85 -35.12 -24.08
N HIS G 145 23.73 -35.44 -23.42
CA HIS G 145 23.51 -36.79 -22.95
C HIS G 145 22.84 -37.68 -23.99
N ILE G 146 22.56 -37.14 -25.18
CA ILE G 146 22.01 -37.91 -26.29
C ILE G 146 23.03 -37.86 -27.43
N PRO G 147 23.60 -39.00 -27.83
CA PRO G 147 24.54 -38.99 -28.96
C PRO G 147 23.84 -38.73 -30.28
N SER G 148 24.66 -38.58 -31.33
CA SER G 148 24.17 -38.18 -32.64
C SER G 148 23.42 -39.29 -33.37
N HIS G 149 23.63 -40.55 -32.98
CA HIS G 149 23.03 -41.66 -33.71
C HIS G 149 21.60 -41.95 -33.31
N PHE G 150 21.11 -41.34 -32.23
CA PHE G 150 19.70 -41.42 -31.91
C PHE G 150 18.92 -40.54 -32.87
N PRO G 151 17.61 -40.80 -33.05
CA PRO G 151 16.82 -39.99 -33.98
C PRO G 151 16.74 -38.52 -33.57
N GLU G 152 16.58 -37.67 -34.56
CA GLU G 152 16.56 -36.24 -34.34
C GLU G 152 15.29 -35.83 -33.60
N PHE G 153 15.39 -34.74 -32.86
CA PHE G 153 14.22 -34.19 -32.20
C PHE G 153 13.24 -33.68 -33.24
N PRO G 154 11.94 -33.92 -33.06
CA PRO G 154 10.98 -33.57 -34.12
C PRO G 154 10.71 -32.08 -34.22
N ASP G 155 9.77 -31.73 -35.09
CA ASP G 155 9.29 -30.36 -35.21
C ASP G 155 8.65 -29.95 -33.88
N PRO G 156 9.02 -28.79 -33.31
CA PRO G 156 8.38 -28.38 -32.05
C PRO G 156 7.00 -27.74 -32.22
N HIS G 157 6.16 -28.35 -33.06
CA HIS G 157 4.72 -28.31 -32.91
C HIS G 157 4.23 -29.45 -32.03
N THR G 158 5.11 -30.39 -31.72
CA THR G 158 4.76 -31.67 -31.13
C THR G 158 5.01 -31.73 -29.62
N TYR G 159 6.05 -31.03 -29.14
CA TYR G 159 6.40 -31.06 -27.69
C TYR G 159 6.42 -29.67 -27.03
N ILE G 160 6.45 -28.57 -27.79
CA ILE G 160 6.59 -27.20 -27.17
C ILE G 160 5.55 -26.17 -27.66
N LYS G 161 5.31 -25.05 -26.91
CA LYS G 161 4.32 -23.97 -27.28
C LYS G 161 4.64 -22.58 -26.66
N THR G 162 4.06 -21.46 -27.15
CA THR G 162 4.31 -20.03 -26.65
C THR G 162 3.19 -19.06 -27.09
N PRO G 163 2.72 -18.05 -26.30
CA PRO G 163 1.58 -17.24 -26.71
C PRO G 163 1.99 -16.02 -27.52
N THR G 164 1.03 -15.52 -28.30
CA THR G 164 1.19 -14.31 -29.08
C THR G 164 0.13 -13.29 -28.67
N TYR G 165 0.38 -12.03 -29.05
CA TYR G 165 -0.50 -10.94 -28.69
C TYR G 165 -0.92 -10.20 -29.95
N ARG G 166 -1.85 -9.26 -29.79
CA ARG G 166 -2.29 -8.43 -30.90
C ARG G 166 -1.32 -7.28 -31.10
N GLU G 167 -1.25 -6.81 -32.35
CA GLU G 167 -0.37 -5.74 -32.77
C GLU G 167 -0.75 -4.43 -32.06
N PRO G 168 0.13 -3.88 -31.22
CA PRO G 168 -0.21 -2.63 -30.54
C PRO G 168 0.16 -1.40 -31.36
N VAL G 169 -0.75 -0.43 -31.43
CA VAL G 169 -0.50 0.81 -32.15
C VAL G 169 -0.07 1.86 -31.14
N SER G 170 1.23 1.90 -30.86
CA SER G 170 1.86 3.00 -30.11
C SER G 170 2.55 3.95 -31.07
N ASP G 171 1.75 4.76 -31.75
CA ASP G 171 2.27 5.82 -32.60
C ASP G 171 1.56 7.11 -32.22
N TYR G 172 2.35 8.16 -31.93
CA TYR G 172 1.77 9.41 -31.48
C TYR G 172 0.96 10.10 -32.56
N GLN G 173 1.38 9.95 -33.82
CA GLN G 173 0.67 10.58 -34.93
C GLN G 173 -0.73 10.01 -35.09
N VAL G 174 -0.84 8.68 -35.14
CA VAL G 174 -2.15 8.08 -35.36
C VAL G 174 -3.00 8.15 -34.10
N LEU G 175 -2.39 8.24 -32.92
CA LEU G 175 -3.18 8.43 -31.70
C LEU G 175 -3.76 9.83 -31.63
N ARG G 176 -2.96 10.84 -32.02
CA ARG G 176 -3.49 12.20 -32.12
C ARG G 176 -4.60 12.29 -33.15
N GLU G 177 -4.43 11.60 -34.30
CA GLU G 177 -5.46 11.60 -35.33
C GLU G 177 -6.74 10.90 -34.87
N LYS G 178 -6.60 9.78 -34.15
CA LYS G 178 -7.77 9.05 -33.67
C LYS G 178 -8.54 9.87 -32.63
N ALA G 179 -7.83 10.44 -31.65
CA ALA G 179 -8.51 11.23 -30.63
C ALA G 179 -9.13 12.50 -31.20
N ALA G 180 -8.45 13.13 -32.17
CA ALA G 180 -8.99 14.32 -32.80
C ALA G 180 -10.25 14.01 -33.60
N SER G 181 -10.21 12.96 -34.43
CA SER G 181 -11.36 12.66 -35.27
C SER G 181 -12.53 12.15 -34.44
N GLN G 182 -12.26 11.42 -33.36
CA GLN G 182 -13.37 10.96 -32.51
C GLN G 182 -14.02 12.11 -31.76
N ARG G 183 -13.20 13.08 -31.30
CA ARG G 183 -13.77 14.26 -30.64
C ARG G 183 -14.58 15.12 -31.61
N ARG G 184 -14.07 15.31 -32.83
CA ARG G 184 -14.80 16.08 -33.84
C ARG G 184 -16.11 15.39 -34.24
N ASP G 185 -16.08 14.07 -34.36
CA ASP G 185 -17.29 13.35 -34.77
C ASP G 185 -18.33 13.33 -33.66
N VAL G 186 -17.91 13.20 -32.40
CA VAL G 186 -18.90 13.17 -31.34
C VAL G 186 -19.47 14.56 -31.10
N GLU G 187 -18.67 15.62 -31.30
CA GLU G 187 -19.25 16.95 -31.13
C GLU G 187 -20.13 17.35 -32.31
N ARG G 188 -19.83 16.84 -33.50
CA ARG G 188 -20.71 17.09 -34.64
C ARG G 188 -22.03 16.34 -34.47
N ALA G 189 -21.98 15.09 -34.02
CA ALA G 189 -23.20 14.32 -33.78
C ALA G 189 -24.06 14.94 -32.68
N LEU G 190 -23.41 15.44 -31.61
CA LEU G 190 -24.14 16.08 -30.54
C LEU G 190 -24.81 17.37 -30.99
N THR G 191 -24.10 18.20 -31.76
CA THR G 191 -24.69 19.47 -32.16
C THR G 191 -25.78 19.29 -33.22
N ARG G 192 -25.65 18.29 -34.10
CA ARG G 192 -26.72 18.03 -35.05
C ARG G 192 -27.95 17.45 -34.37
N PHE G 193 -27.75 16.60 -33.35
CA PHE G 193 -28.89 16.07 -32.60
C PHE G 193 -29.60 17.16 -31.82
N MET G 194 -28.84 18.09 -31.23
CA MET G 194 -29.48 19.15 -30.46
C MET G 194 -30.10 20.22 -31.34
N ALA G 195 -29.59 20.43 -32.54
CA ALA G 195 -30.23 21.38 -33.43
C ALA G 195 -31.45 20.78 -34.12
N LYS G 196 -31.50 19.46 -34.26
CA LYS G 196 -32.66 18.86 -34.90
C LYS G 196 -33.85 18.72 -33.96
N THR G 197 -33.61 18.52 -32.66
CA THR G 197 -34.68 18.32 -31.69
C THR G 197 -34.98 19.58 -30.89
N GLY G 198 -34.87 20.75 -31.51
CA GLY G 198 -35.19 21.98 -30.85
C GLY G 198 -35.48 23.06 -31.85
N GLU G 199 -35.57 24.29 -31.36
CA GLU G 199 -35.70 25.43 -32.24
C GLU G 199 -34.38 25.65 -32.97
N THR G 200 -34.48 25.93 -34.26
CA THR G 200 -33.29 26.02 -35.10
C THR G 200 -33.31 27.31 -35.90
N GLN G 201 -32.12 27.79 -36.22
CA GLN G 201 -31.89 28.89 -37.12
C GLN G 201 -31.11 28.39 -38.31
N SER G 202 -30.85 29.28 -39.28
CA SER G 202 -30.18 28.87 -40.50
C SER G 202 -29.57 30.10 -41.15
N LEU G 203 -28.34 29.94 -41.64
CA LEU G 203 -27.70 31.03 -42.37
C LEU G 203 -28.31 31.17 -43.76
N PHE G 204 -28.80 30.08 -44.33
CA PHE G 204 -29.40 30.07 -45.65
C PHE G 204 -30.91 29.85 -45.52
N LYS G 205 -31.63 30.21 -46.57
CA LYS G 205 -33.08 30.03 -46.57
C LYS G 205 -33.49 28.56 -46.57
N ASP G 206 -34.17 28.16 -45.48
CA ASP G 206 -34.70 26.82 -45.26
C ASP G 206 -33.59 25.77 -45.32
N ASP G 207 -32.66 25.90 -44.39
CA ASP G 207 -31.43 25.11 -44.36
C ASP G 207 -31.33 24.43 -43.00
N VAL G 208 -31.93 23.24 -42.90
CA VAL G 208 -31.91 22.48 -41.65
C VAL G 208 -31.02 21.25 -41.76
N SER G 209 -30.94 20.62 -42.93
CA SER G 209 -30.10 19.44 -43.11
C SER G 209 -28.62 19.80 -43.04
N THR G 210 -28.21 20.82 -43.79
CA THR G 210 -26.82 21.27 -43.81
C THR G 210 -26.68 22.53 -42.98
N PHE G 211 -25.68 22.54 -42.10
CA PHE G 211 -25.39 23.59 -41.11
C PHE G 211 -26.60 24.00 -40.29
N PRO G 212 -27.11 23.15 -39.39
CA PRO G 212 -28.20 23.62 -38.51
C PRO G 212 -27.64 24.33 -37.29
N LEU G 213 -28.22 25.48 -36.96
CA LEU G 213 -27.80 26.23 -35.79
C LEU G 213 -28.82 26.05 -34.68
N ILE G 214 -28.35 25.75 -33.47
CA ILE G 214 -29.22 25.80 -32.30
C ILE G 214 -29.64 27.25 -32.10
N ALA G 215 -30.94 27.46 -31.92
CA ALA G 215 -31.46 28.82 -31.82
C ALA G 215 -31.05 29.46 -30.52
N ALA G 216 -30.88 30.78 -30.57
CA ALA G 216 -30.39 31.53 -29.43
C ALA G 216 -31.51 31.73 -28.42
N ARG G 217 -31.33 31.19 -27.21
CA ARG G 217 -32.38 31.49 -26.25
C ARG G 217 -31.87 32.49 -25.22
N PRO G 218 -32.71 33.45 -24.82
CA PRO G 218 -32.31 34.41 -23.80
C PRO G 218 -32.34 33.78 -22.42
N PHE G 219 -31.37 34.15 -21.60
CA PHE G 219 -31.35 33.75 -20.21
C PHE G 219 -31.97 34.84 -19.35
N THR G 220 -32.51 34.43 -18.20
CA THR G 220 -33.02 35.41 -17.26
C THR G 220 -31.89 36.10 -16.51
N ILE G 221 -30.81 35.37 -16.25
CA ILE G 221 -29.61 35.91 -15.61
C ILE G 221 -28.43 35.44 -16.45
N PRO G 222 -27.89 36.29 -17.33
CA PRO G 222 -26.86 35.81 -18.27
C PRO G 222 -25.45 35.75 -17.72
N TYR G 223 -25.15 36.48 -16.64
CA TYR G 223 -23.78 36.44 -16.12
C TYR G 223 -23.47 35.10 -15.46
N LEU G 224 -24.50 34.39 -15.00
CA LEU G 224 -24.27 33.11 -14.34
C LEU G 224 -23.83 32.05 -15.34
N THR G 225 -24.40 32.04 -16.54
CA THR G 225 -23.92 31.12 -17.55
C THR G 225 -22.72 31.64 -18.30
N ALA G 226 -22.43 32.95 -18.25
CA ALA G 226 -21.22 33.43 -18.90
C ALA G 226 -20.01 33.22 -18.00
N LEU G 227 -19.96 33.92 -16.87
CA LEU G 227 -18.74 34.05 -16.09
C LEU G 227 -18.37 32.81 -15.29
N LEU G 228 -19.32 31.94 -14.99
CA LEU G 228 -18.99 30.87 -14.07
C LEU G 228 -18.25 29.74 -14.77
N PRO G 229 -17.23 29.16 -14.14
CA PRO G 229 -16.55 28.00 -14.73
C PRO G 229 -17.39 26.75 -14.55
N SER G 230 -17.30 25.85 -15.54
CA SER G 230 -18.09 24.63 -15.45
C SER G 230 -17.27 23.41 -15.07
N GLU G 231 -15.97 23.38 -15.40
CA GLU G 231 -15.08 22.31 -14.98
C GLU G 231 -14.09 22.85 -13.96
N LEU G 232 -14.22 22.43 -12.71
CA LEU G 232 -13.37 22.90 -11.64
C LEU G 232 -13.31 21.87 -10.51
N PRO H 13 -22.05 -74.68 -31.94
CA PRO H 13 -22.17 -76.13 -31.81
C PRO H 13 -22.36 -76.57 -30.36
N LYS H 14 -22.58 -77.85 -30.13
CA LYS H 14 -22.83 -78.34 -28.78
C LYS H 14 -21.53 -78.44 -27.98
N ASP H 15 -20.59 -79.25 -28.47
CA ASP H 15 -19.35 -79.49 -27.74
C ASP H 15 -18.37 -78.32 -27.88
N ALA H 16 -18.57 -77.45 -28.86
CA ALA H 16 -17.72 -76.28 -29.03
C ALA H 16 -18.15 -75.11 -28.17
N GLN H 17 -19.41 -75.07 -27.72
CA GLN H 17 -19.84 -74.04 -26.79
C GLN H 17 -19.45 -74.37 -25.36
N MET H 18 -19.25 -75.65 -25.04
CA MET H 18 -18.72 -76.01 -23.74
C MET H 18 -17.23 -75.74 -23.65
N MET H 19 -16.54 -75.76 -24.79
CA MET H 19 -15.11 -75.49 -24.81
C MET H 19 -14.82 -74.03 -24.57
N ALA H 20 -15.71 -73.14 -24.98
CA ALA H 20 -15.58 -71.73 -24.68
C ALA H 20 -15.92 -71.39 -23.24
N GLN H 21 -16.55 -72.32 -22.52
CA GLN H 21 -16.81 -72.14 -21.09
C GLN H 21 -15.72 -72.75 -20.21
N ILE H 22 -14.97 -73.73 -20.72
CA ILE H 22 -13.81 -74.22 -20.00
C ILE H 22 -12.70 -73.17 -20.02
N LEU H 23 -12.57 -72.44 -21.13
CA LEU H 23 -11.57 -71.38 -21.21
C LEU H 23 -11.99 -70.17 -20.39
N LYS H 24 -13.27 -69.82 -20.39
CA LYS H 24 -13.73 -68.68 -19.63
C LYS H 24 -13.74 -68.95 -18.14
N ASP H 25 -13.85 -70.21 -17.73
CA ASP H 25 -13.70 -70.54 -16.31
C ASP H 25 -12.24 -70.50 -15.88
N MET H 26 -11.30 -70.60 -16.83
CA MET H 26 -9.89 -70.42 -16.56
C MET H 26 -9.43 -69.00 -16.81
N GLY H 27 -10.37 -68.07 -17.00
CA GLY H 27 -10.04 -66.66 -17.16
C GLY H 27 -9.46 -66.28 -18.49
N ILE H 28 -9.45 -67.17 -19.47
CA ILE H 28 -8.91 -66.88 -20.80
C ILE H 28 -9.97 -66.08 -21.55
N THR H 29 -9.83 -64.75 -21.55
CA THR H 29 -10.79 -63.90 -22.24
C THR H 29 -10.54 -63.89 -23.74
N GLU H 30 -9.29 -63.72 -24.15
CA GLU H 30 -8.92 -63.57 -25.55
C GLU H 30 -8.25 -64.83 -26.04
N TYR H 31 -8.76 -65.38 -27.14
CA TYR H 31 -8.15 -66.55 -27.77
C TYR H 31 -8.47 -66.54 -29.25
N GLU H 32 -7.65 -67.25 -30.02
CA GLU H 32 -7.88 -67.41 -31.45
C GLU H 32 -9.07 -68.33 -31.69
N PRO H 33 -9.75 -68.19 -32.83
CA PRO H 33 -10.85 -69.12 -33.14
C PRO H 33 -10.41 -70.54 -33.40
N ARG H 34 -9.14 -70.76 -33.77
CA ARG H 34 -8.62 -72.10 -33.99
C ARG H 34 -8.21 -72.80 -32.70
N VAL H 35 -8.37 -72.13 -31.56
CA VAL H 35 -8.00 -72.71 -30.27
C VAL H 35 -9.05 -73.72 -29.83
N ILE H 36 -10.34 -73.39 -30.01
CA ILE H 36 -11.43 -74.28 -29.64
C ILE H 36 -11.42 -75.52 -30.55
N ASN H 37 -11.10 -75.33 -31.82
CA ASN H 37 -11.18 -76.41 -32.80
C ASN H 37 -10.15 -77.50 -32.54
N GLN H 38 -8.99 -77.15 -31.97
CA GLN H 38 -7.95 -78.13 -31.76
C GLN H 38 -7.87 -78.63 -30.32
N MET H 39 -8.55 -77.98 -29.38
CA MET H 39 -8.75 -78.62 -28.09
C MET H 39 -9.85 -79.68 -28.17
N LEU H 40 -10.83 -79.47 -29.05
CA LEU H 40 -11.78 -80.53 -29.36
C LEU H 40 -11.11 -81.66 -30.14
N GLU H 41 -10.12 -81.34 -30.96
CA GLU H 41 -9.39 -82.37 -31.70
C GLU H 41 -8.49 -83.17 -30.77
N PHE H 42 -8.01 -82.55 -29.68
CA PHE H 42 -7.24 -83.28 -28.69
C PHE H 42 -8.16 -84.10 -27.79
N ALA H 43 -9.30 -83.52 -27.41
CA ALA H 43 -10.26 -84.24 -26.55
C ALA H 43 -10.85 -85.44 -27.27
N PHE H 44 -11.05 -85.34 -28.59
CA PHE H 44 -11.48 -86.50 -29.35
C PHE H 44 -10.36 -87.52 -29.48
N ARG H 45 -9.12 -87.06 -29.65
CA ARG H 45 -7.99 -87.98 -29.74
C ARG H 45 -7.74 -88.68 -28.41
N TYR H 46 -8.04 -88.01 -27.30
CA TYR H 46 -7.81 -88.62 -25.98
C TYR H 46 -8.88 -89.63 -25.61
N VAL H 47 -10.13 -89.44 -26.04
CA VAL H 47 -11.16 -90.39 -25.64
C VAL H 47 -11.19 -91.60 -26.58
N THR H 48 -10.73 -91.47 -27.82
CA THR H 48 -10.62 -92.60 -28.72
C THR H 48 -9.30 -93.34 -28.58
N THR H 49 -8.48 -92.99 -27.58
CA THR H 49 -7.37 -93.82 -27.19
C THR H 49 -7.51 -94.37 -25.78
N ILE H 50 -8.43 -93.82 -24.98
CA ILE H 50 -8.81 -94.48 -23.74
C ILE H 50 -9.75 -95.64 -24.04
N LEU H 51 -10.78 -95.39 -24.86
CA LEU H 51 -11.78 -96.40 -25.16
C LEU H 51 -11.24 -97.46 -26.11
N ASP H 52 -10.25 -97.11 -26.93
CA ASP H 52 -9.60 -98.12 -27.75
C ASP H 52 -8.81 -99.08 -26.88
N ASP H 53 -8.10 -98.55 -25.88
CA ASP H 53 -7.40 -99.39 -24.92
C ASP H 53 -8.34 -100.03 -23.92
N ALA H 54 -9.55 -99.49 -23.74
CA ALA H 54 -10.48 -100.08 -22.77
C ALA H 54 -11.04 -101.39 -23.29
N LYS H 55 -11.31 -101.50 -24.59
CA LYS H 55 -11.80 -102.76 -25.13
C LYS H 55 -10.67 -103.75 -25.36
N ILE H 56 -9.43 -103.29 -25.42
CA ILE H 56 -8.30 -104.21 -25.39
C ILE H 56 -8.17 -104.84 -24.01
N TYR H 57 -8.41 -104.04 -22.96
CA TYR H 57 -8.37 -104.56 -21.60
C TYR H 57 -9.61 -105.38 -21.27
N SER H 58 -10.73 -105.11 -21.94
CA SER H 58 -11.94 -105.91 -21.73
C SER H 58 -11.79 -107.29 -22.36
N SER H 59 -11.17 -107.36 -23.55
CA SER H 59 -10.90 -108.63 -24.19
C SER H 59 -9.83 -109.43 -23.45
N HIS H 60 -8.96 -108.74 -22.69
CA HIS H 60 -8.02 -109.44 -21.83
C HIS H 60 -8.74 -110.10 -20.67
N ALA H 61 -9.70 -109.42 -20.07
CA ALA H 61 -10.50 -109.96 -18.98
C ALA H 61 -11.66 -110.82 -19.46
N LYS H 62 -11.90 -110.86 -20.78
CA LYS H 62 -12.92 -111.68 -21.44
C LYS H 62 -14.33 -111.35 -20.92
N LYS H 63 -14.73 -110.11 -21.19
CA LYS H 63 -16.10 -109.67 -20.94
C LYS H 63 -16.59 -108.89 -22.15
N ALA H 64 -17.84 -109.16 -22.55
CA ALA H 64 -18.38 -108.56 -23.77
C ALA H 64 -18.79 -107.10 -23.59
N THR H 65 -18.96 -106.64 -22.35
CA THR H 65 -19.34 -105.27 -22.07
C THR H 65 -18.15 -104.54 -21.46
N VAL H 66 -17.77 -103.41 -22.05
CA VAL H 66 -16.73 -102.56 -21.50
C VAL H 66 -17.35 -101.76 -20.36
N ASP H 67 -17.06 -102.17 -19.12
CA ASP H 67 -17.63 -101.53 -17.95
C ASP H 67 -16.64 -100.54 -17.36
N ALA H 68 -16.97 -100.01 -16.17
CA ALA H 68 -16.26 -98.86 -15.63
C ALA H 68 -14.87 -99.18 -15.12
N ASP H 69 -14.59 -100.44 -14.77
CA ASP H 69 -13.25 -100.78 -14.34
C ASP H 69 -12.28 -100.84 -15.51
N ASP H 70 -12.79 -101.10 -16.72
CA ASP H 70 -11.96 -101.08 -17.92
C ASP H 70 -11.51 -99.66 -18.25
N VAL H 71 -12.40 -98.68 -18.06
CA VAL H 71 -12.04 -97.30 -18.28
C VAL H 71 -11.20 -96.77 -17.13
N ARG H 72 -11.40 -97.30 -15.91
CA ARG H 72 -10.50 -96.96 -14.82
C ARG H 72 -9.10 -97.50 -15.04
N LEU H 73 -8.98 -98.65 -15.70
CA LEU H 73 -7.67 -99.20 -16.01
C LEU H 73 -7.03 -98.46 -17.18
N ALA H 74 -7.81 -98.13 -18.20
CA ALA H 74 -7.25 -97.49 -19.40
C ALA H 74 -6.90 -96.04 -19.16
N ILE H 75 -7.50 -95.39 -18.16
CA ILE H 75 -7.12 -94.02 -17.84
C ILE H 75 -5.78 -94.00 -17.10
N GLN H 76 -5.65 -94.83 -16.07
CA GLN H 76 -4.46 -94.80 -15.24
C GLN H 76 -3.26 -95.50 -15.87
N CYS H 77 -3.46 -96.27 -16.95
CA CYS H 77 -2.33 -96.80 -17.71
C CYS H 77 -1.97 -95.91 -18.89
N ARG H 78 -2.82 -94.95 -19.25
CA ARG H 78 -2.45 -93.94 -20.23
C ARG H 78 -1.88 -92.70 -19.55
N ALA H 79 -2.34 -92.37 -18.35
CA ALA H 79 -1.77 -91.28 -17.58
C ALA H 79 -0.43 -91.63 -16.93
N ASP H 80 -0.06 -92.90 -16.92
CA ASP H 80 1.25 -93.32 -16.44
C ASP H 80 2.32 -93.15 -17.50
N GLN H 81 1.93 -93.01 -18.77
CA GLN H 81 2.88 -92.82 -19.86
C GLN H 81 2.78 -91.45 -20.52
N SER H 82 1.57 -90.93 -20.73
CA SER H 82 1.43 -89.72 -21.53
C SER H 82 1.74 -88.45 -20.73
N PHE H 83 0.93 -88.17 -19.71
CA PHE H 83 0.99 -86.89 -19.01
C PHE H 83 2.02 -86.97 -17.90
N THR H 84 3.23 -86.50 -18.17
CA THR H 84 4.27 -86.44 -17.15
C THR H 84 4.25 -85.08 -16.47
N SER H 85 5.22 -84.86 -15.59
CA SER H 85 5.29 -83.68 -14.76
C SER H 85 6.75 -83.33 -14.55
N PRO H 86 7.05 -82.11 -14.07
CA PRO H 86 8.42 -81.80 -13.64
C PRO H 86 8.84 -82.65 -12.44
N PRO H 87 10.15 -82.73 -12.17
CA PRO H 87 10.61 -83.54 -11.04
C PRO H 87 10.14 -82.98 -9.71
N PRO H 88 9.96 -83.83 -8.70
CA PRO H 88 9.35 -83.38 -7.44
C PRO H 88 10.35 -82.66 -6.56
N ARG H 89 9.83 -82.06 -5.48
CA ARG H 89 10.62 -81.18 -4.63
C ARG H 89 11.63 -81.94 -3.79
N ASP H 90 11.32 -83.18 -3.40
CA ASP H 90 12.28 -83.96 -2.65
C ASP H 90 13.39 -84.51 -3.54
N PHE H 91 13.16 -84.56 -4.85
CA PHE H 91 14.18 -84.94 -5.81
C PHE H 91 15.04 -83.74 -6.22
N LEU H 92 14.43 -82.56 -6.30
CA LEU H 92 15.18 -81.37 -6.68
C LEU H 92 16.08 -80.89 -5.55
N LEU H 93 15.65 -81.07 -4.31
CA LEU H 93 16.44 -80.64 -3.16
C LEU H 93 17.56 -81.62 -2.84
N ASP H 94 17.48 -82.85 -3.33
CA ASP H 94 18.55 -83.81 -3.10
C ASP H 94 19.67 -83.61 -4.12
N ILE H 95 19.33 -83.35 -5.38
CA ILE H 95 20.35 -83.08 -6.39
C ILE H 95 20.92 -81.68 -6.24
N ALA H 96 20.22 -80.78 -5.54
CA ALA H 96 20.78 -79.46 -5.28
C ALA H 96 21.90 -79.54 -4.24
N ARG H 97 21.61 -80.15 -3.09
CA ARG H 97 22.60 -80.26 -2.02
C ARG H 97 23.75 -81.19 -2.37
N GLN H 98 23.56 -82.09 -3.34
CA GLN H 98 24.68 -82.88 -3.85
C GLN H 98 25.56 -82.06 -4.78
N ARG H 99 24.99 -81.04 -5.42
CA ARG H 99 25.72 -80.18 -6.35
C ARG H 99 26.25 -78.92 -5.68
N ASN H 100 25.49 -78.34 -4.75
CA ASN H 100 25.90 -77.10 -4.09
C ASN H 100 26.95 -77.31 -3.01
N GLN H 101 27.32 -78.55 -2.70
CA GLN H 101 28.39 -78.79 -1.75
C GLN H 101 29.76 -78.61 -2.37
N THR H 102 29.87 -78.85 -3.68
CA THR H 102 31.15 -78.73 -4.36
C THR H 102 31.55 -77.26 -4.47
N PRO H 103 32.75 -76.88 -4.02
CA PRO H 103 33.14 -75.47 -4.04
C PRO H 103 33.41 -74.98 -5.46
N LEU H 104 33.32 -73.66 -5.61
CA LEU H 104 33.52 -73.05 -6.92
C LEU H 104 34.99 -73.13 -7.33
N PRO H 105 35.27 -73.49 -8.58
CA PRO H 105 36.67 -73.58 -9.02
C PRO H 105 37.25 -72.20 -9.29
N LEU H 106 38.57 -72.12 -9.17
CA LEU H 106 39.28 -70.90 -9.51
C LEU H 106 39.41 -70.78 -11.02
N ILE H 107 39.76 -69.58 -11.48
CA ILE H 107 39.80 -69.27 -12.90
C ILE H 107 41.25 -69.03 -13.31
N LYS H 108 41.66 -69.65 -14.40
CA LYS H 108 42.96 -69.36 -14.98
C LYS H 108 42.93 -67.95 -15.57
N PRO H 109 43.99 -67.16 -15.38
CA PRO H 109 43.89 -65.72 -15.66
C PRO H 109 43.88 -65.33 -17.14
N TYR H 110 44.60 -66.07 -17.99
CA TYR H 110 44.68 -65.74 -19.40
C TYR H 110 44.51 -66.99 -20.26
N SER H 111 43.45 -67.75 -19.96
CA SER H 111 43.19 -68.97 -20.72
C SER H 111 42.65 -68.67 -22.12
N GLY H 112 42.03 -67.52 -22.31
CA GLY H 112 41.50 -67.15 -23.59
C GLY H 112 39.99 -67.04 -23.58
N PRO H 113 39.30 -67.43 -24.68
CA PRO H 113 37.84 -67.52 -24.67
C PRO H 113 37.51 -68.73 -23.79
N ARG H 114 36.83 -68.51 -22.67
CA ARG H 114 36.49 -69.55 -21.70
C ARG H 114 35.35 -70.39 -22.22
N LEU H 115 35.64 -71.64 -22.56
CA LEU H 115 34.70 -72.56 -23.18
C LEU H 115 34.84 -73.93 -22.52
N PRO H 116 33.83 -74.79 -22.66
CA PRO H 116 33.97 -76.19 -22.25
C PRO H 116 34.97 -76.94 -23.11
N PRO H 117 35.28 -78.20 -22.77
CA PRO H 117 36.04 -79.04 -23.71
C PRO H 117 35.35 -79.17 -25.07
N ASP H 118 36.17 -79.38 -26.10
CA ASP H 118 35.73 -79.20 -27.48
C ASP H 118 34.72 -80.24 -27.94
N ARG H 119 34.59 -81.35 -27.22
CA ARG H 119 33.52 -82.30 -27.50
C ARG H 119 32.20 -81.91 -26.85
N TYR H 120 32.15 -80.81 -26.10
CA TYR H 120 30.92 -80.29 -25.53
C TYR H 120 30.51 -78.97 -26.16
N CYS H 121 31.33 -78.41 -27.04
CA CYS H 121 31.02 -77.17 -27.73
C CYS H 121 30.53 -77.48 -29.15
N LEU H 122 30.17 -76.43 -29.87
CA LEU H 122 29.73 -76.53 -31.26
C LEU H 122 30.71 -75.87 -32.20
N THR H 123 32.01 -76.09 -31.97
CA THR H 123 33.07 -75.46 -32.74
C THR H 123 33.91 -76.56 -33.39
N ALA H 124 33.53 -76.96 -34.60
CA ALA H 124 34.20 -77.97 -35.39
C ALA H 124 34.44 -77.39 -36.77
N PRO H 125 35.32 -77.99 -37.59
CA PRO H 125 35.59 -77.44 -38.93
C PRO H 125 34.40 -77.36 -39.88
N ASN H 126 33.32 -78.11 -39.64
CA ASN H 126 31.97 -77.86 -40.17
C ASN H 126 31.93 -77.88 -41.71
N TYR H 127 32.16 -79.08 -42.24
CA TYR H 127 32.42 -79.28 -43.67
C TYR H 127 31.15 -79.16 -44.50
N ARG H 128 31.32 -79.19 -45.83
CA ARG H 128 30.24 -79.14 -46.80
C ARG H 128 30.71 -79.79 -48.09
N LEU H 129 29.76 -80.19 -48.93
CA LEU H 129 30.10 -80.89 -50.17
C LEU H 129 30.61 -79.94 -51.24
N LYS H 130 31.57 -80.43 -52.02
CA LYS H 130 32.09 -79.69 -53.16
C LYS H 130 31.05 -79.66 -54.27
N SER H 131 30.74 -78.48 -54.78
CA SER H 131 29.81 -78.34 -55.89
C SER H 131 30.50 -78.73 -57.18
N LEU H 132 29.99 -79.77 -57.84
CA LEU H 132 30.53 -80.20 -59.13
C LEU H 132 29.43 -80.86 -59.95
N THR I 114 28.91 -94.05 -53.80
CA THR I 114 28.24 -92.90 -53.13
C THR I 114 26.99 -92.51 -53.91
N PRO I 115 25.94 -93.35 -54.02
CA PRO I 115 24.81 -93.01 -54.86
C PRO I 115 24.10 -91.73 -54.41
N LEU I 116 23.84 -91.60 -53.12
CA LEU I 116 23.17 -90.39 -52.57
C LEU I 116 24.08 -89.19 -52.66
N VAL I 117 25.39 -89.32 -52.47
CA VAL I 117 26.26 -88.13 -52.65
C VAL I 117 26.15 -87.69 -54.10
N ASP I 118 26.14 -88.63 -55.04
CA ASP I 118 25.96 -88.25 -56.47
C ASP I 118 24.62 -87.55 -56.66
N PHE I 119 23.55 -88.06 -56.05
CA PHE I 119 22.22 -87.47 -56.23
C PHE I 119 22.22 -86.07 -55.66
N LEU I 120 22.84 -85.85 -54.51
CA LEU I 120 22.77 -84.50 -53.93
C LEU I 120 23.57 -83.55 -54.81
N MET I 121 24.67 -84.04 -55.37
CA MET I 121 25.45 -83.19 -56.29
C MET I 121 24.62 -82.86 -57.53
N GLN I 122 23.79 -83.78 -58.02
CA GLN I 122 22.86 -83.47 -59.14
C GLN I 122 21.74 -82.52 -58.70
N LEU I 123 21.35 -82.51 -57.42
CA LEU I 123 20.23 -81.68 -56.91
C LEU I 123 20.40 -80.18 -57.18
N GLU I 124 21.58 -79.67 -57.49
CA GLU I 124 21.73 -78.29 -58.01
C GLU I 124 21.18 -78.34 -59.44
N ASP I 125 20.37 -77.36 -59.85
CA ASP I 125 19.71 -77.37 -61.19
C ASP I 125 18.42 -78.20 -61.14
N TYR I 126 18.03 -78.68 -59.97
CA TYR I 126 16.75 -79.42 -59.84
C TYR I 126 15.78 -78.56 -59.04
N THR I 127 14.57 -78.36 -59.53
CA THR I 127 13.55 -77.60 -58.75
C THR I 127 12.56 -78.61 -58.19
N PRO I 128 12.41 -78.70 -56.85
CA PRO I 128 11.45 -79.61 -56.26
C PRO I 128 10.03 -79.05 -56.21
N THR I 129 9.03 -79.91 -55.98
CA THR I 129 7.62 -79.53 -55.95
C THR I 129 7.35 -78.52 -54.83
N ILE I 130 8.01 -78.66 -53.70
CA ILE I 130 7.92 -77.69 -52.61
C ILE I 130 9.00 -76.64 -52.86
N PRO I 131 8.70 -75.35 -52.74
CA PRO I 131 9.74 -74.34 -52.90
C PRO I 131 10.73 -74.38 -51.74
N ASP I 132 11.93 -73.85 -52.00
CA ASP I 132 12.94 -73.75 -50.96
C ASP I 132 12.71 -72.57 -50.04
N ALA I 133 11.86 -71.62 -50.42
CA ALA I 133 11.45 -70.56 -49.51
C ALA I 133 10.43 -71.06 -48.49
N VAL I 134 9.78 -72.19 -48.76
CA VAL I 134 8.79 -72.76 -47.85
C VAL I 134 9.38 -73.94 -47.08
N THR I 135 10.17 -74.78 -47.75
CA THR I 135 10.89 -75.83 -47.04
C THR I 135 11.94 -75.23 -46.11
N GLY I 136 12.63 -74.17 -46.56
CA GLY I 136 13.59 -73.49 -45.72
C GLY I 136 12.96 -72.71 -44.58
N TYR I 137 11.68 -72.37 -44.69
CA TYR I 137 11.01 -71.67 -43.59
C TYR I 137 10.76 -72.61 -42.42
N TYR I 138 10.26 -73.81 -42.71
CA TYR I 138 10.02 -74.80 -41.67
C TYR I 138 11.29 -75.47 -41.18
N LEU I 139 12.39 -75.31 -41.89
CA LEU I 139 13.68 -75.77 -41.37
C LEU I 139 14.28 -74.72 -40.45
N ASN I 140 14.14 -73.44 -40.79
CA ASN I 140 14.60 -72.36 -39.92
C ASN I 140 13.81 -72.30 -38.62
N ARG I 141 12.57 -72.78 -38.65
CA ARG I 141 11.74 -72.83 -37.46
C ARG I 141 12.28 -73.85 -36.45
N ALA I 142 13.02 -74.85 -36.91
CA ALA I 142 13.57 -75.88 -36.05
C ALA I 142 15.08 -75.77 -35.86
N GLY I 143 15.69 -74.67 -36.26
CA GLY I 143 17.11 -74.46 -36.07
C GLY I 143 17.97 -74.81 -37.27
N PHE I 144 17.45 -75.57 -38.22
CA PHE I 144 18.16 -75.92 -39.44
C PHE I 144 18.30 -74.68 -40.32
N GLU I 145 19.52 -74.21 -40.53
CA GLU I 145 19.72 -73.00 -41.33
C GLU I 145 20.26 -73.38 -42.71
N ALA I 146 19.91 -72.56 -43.70
CA ALA I 146 20.16 -72.84 -45.11
C ALA I 146 21.63 -72.56 -45.43
N SER I 147 22.48 -73.54 -45.14
CA SER I 147 23.87 -73.46 -45.55
C SER I 147 24.03 -73.79 -47.02
N ASP I 148 23.34 -74.90 -47.42
CA ASP I 148 23.39 -75.41 -48.82
C ASP I 148 21.97 -75.68 -49.38
N PRO I 149 21.60 -75.11 -50.55
CA PRO I 149 20.33 -75.31 -51.23
C PRO I 149 20.03 -76.76 -51.57
N ARG I 150 21.03 -77.51 -51.96
CA ARG I 150 20.86 -78.92 -52.37
C ARG I 150 20.35 -79.72 -51.18
N ILE I 151 20.85 -79.46 -49.98
CA ILE I 151 20.37 -80.14 -48.75
C ILE I 151 18.93 -79.74 -48.51
N ILE I 152 18.62 -78.46 -48.67
CA ILE I 152 17.17 -78.15 -48.50
C ILE I 152 16.34 -78.97 -49.50
N ARG I 153 16.79 -79.07 -50.75
CA ARG I 153 16.04 -79.78 -51.81
C ARG I 153 15.90 -81.27 -51.51
N LEU I 154 16.92 -81.93 -50.99
CA LEU I 154 16.78 -83.36 -50.59
C LEU I 154 15.75 -83.48 -49.47
N ILE I 155 15.77 -82.60 -48.49
CA ILE I 155 14.74 -82.67 -47.43
C ILE I 155 13.34 -82.49 -48.03
N SER I 156 13.19 -81.55 -48.95
CA SER I 156 11.89 -81.33 -49.61
C SER I 156 11.45 -82.59 -50.34
N LEU I 157 12.33 -83.22 -51.10
CA LEU I 157 12.00 -84.46 -51.85
C LEU I 157 11.64 -85.59 -50.89
N ALA I 158 12.32 -85.73 -49.77
CA ALA I 158 11.96 -86.78 -48.79
C ALA I 158 10.55 -86.54 -48.23
N ALA I 159 10.24 -85.31 -47.90
CA ALA I 159 8.86 -85.06 -47.43
C ALA I 159 7.86 -85.39 -48.54
N GLN I 160 8.19 -85.03 -49.77
CA GLN I 160 7.27 -85.27 -50.88
C GLN I 160 7.06 -86.77 -50.99
N LYS I 161 8.12 -87.57 -50.89
CA LYS I 161 7.98 -89.03 -51.07
C LYS I 161 7.09 -89.53 -49.97
N PHE I 162 7.25 -89.05 -48.74
CA PHE I 162 6.35 -89.60 -47.70
C PHE I 162 4.90 -89.31 -48.06
N ILE I 163 4.60 -88.05 -48.39
CA ILE I 163 3.16 -87.77 -48.63
C ILE I 163 2.68 -88.57 -49.84
N SER I 164 3.49 -88.68 -50.89
CA SER I 164 3.11 -89.38 -52.13
C SER I 164 2.86 -90.85 -51.89
N ASP I 165 3.69 -91.50 -51.10
CA ASP I 165 3.49 -92.93 -50.76
C ASP I 165 2.18 -93.09 -49.99
N ILE I 166 1.94 -92.22 -49.02
CA ILE I 166 0.63 -92.37 -48.32
C ILE I 166 -0.50 -92.21 -49.35
N ALA I 167 -0.40 -91.23 -50.24
CA ALA I 167 -1.48 -90.97 -51.21
C ALA I 167 -1.69 -92.15 -52.13
N ASN I 168 -0.63 -92.77 -52.62
CA ASN I 168 -0.73 -93.90 -53.55
C ASN I 168 -1.37 -95.10 -52.84
N ASP I 169 -1.02 -95.36 -51.58
CA ASP I 169 -1.67 -96.45 -50.83
C ASP I 169 -3.16 -96.14 -50.68
N ALA I 170 -3.49 -94.88 -50.39
CA ALA I 170 -4.89 -94.49 -50.25
C ALA I 170 -5.62 -94.70 -51.57
N LEU I 171 -5.00 -94.40 -52.69
CA LEU I 171 -5.62 -94.62 -54.03
C LEU I 171 -5.82 -96.10 -54.28
N GLN I 172 -4.87 -96.96 -53.91
CA GLN I 172 -5.16 -98.39 -54.09
C GLN I 172 -6.39 -98.75 -53.26
N HIS I 173 -6.50 -98.25 -52.02
CA HIS I 173 -7.73 -98.55 -51.25
C HIS I 173 -8.99 -98.00 -51.95
N CYS I 174 -8.97 -96.78 -52.47
CA CYS I 174 -10.15 -96.19 -53.16
C CYS I 174 -10.51 -97.02 -54.39
N LYS I 175 -9.53 -97.45 -55.18
CA LYS I 175 -9.78 -98.27 -56.40
C LYS I 175 -10.39 -99.61 -55.99
N MET I 176 -9.90 -100.19 -54.89
CA MET I 176 -10.48 -101.46 -54.38
C MET I 176 -11.93 -101.25 -53.94
N LYS I 177 -12.23 -100.18 -53.23
CA LYS I 177 -13.63 -100.06 -52.74
C LYS I 177 -14.52 -99.69 -53.93
N LYS I 192 -11.05 -94.77 -58.43
CA LYS I 192 -10.07 -93.73 -58.09
C LYS I 192 -10.80 -92.48 -57.59
N TYR I 193 -10.56 -91.32 -58.20
CA TYR I 193 -11.31 -90.09 -57.88
C TYR I 193 -11.16 -89.56 -56.45
N THR I 194 -12.24 -89.32 -55.70
CA THR I 194 -12.21 -88.61 -54.39
C THR I 194 -11.44 -89.29 -53.25
N LEU I 195 -10.65 -88.51 -52.50
CA LEU I 195 -9.88 -89.05 -51.36
C LEU I 195 -10.69 -88.76 -50.13
N THR I 196 -11.05 -89.81 -49.42
CA THR I 196 -11.89 -89.59 -48.24
C THR I 196 -11.13 -90.08 -47.02
N MET I 197 -11.50 -89.61 -45.86
CA MET I 197 -10.91 -90.00 -44.59
C MET I 197 -11.01 -91.50 -44.35
N GLU I 198 -11.97 -92.17 -44.96
CA GLU I 198 -12.05 -93.63 -44.89
C GLU I 198 -11.13 -94.31 -45.90
N ASP I 199 -10.40 -93.54 -46.71
CA ASP I 199 -9.29 -94.05 -47.48
C ASP I 199 -7.95 -93.80 -46.81
N LEU I 200 -7.82 -92.67 -46.11
CA LEU I 200 -6.62 -92.39 -45.32
C LEU I 200 -6.54 -93.27 -44.08
N THR I 201 -7.68 -93.77 -43.59
CA THR I 201 -7.67 -94.57 -42.37
C THR I 201 -7.00 -95.94 -42.54
N PRO I 202 -7.31 -96.76 -43.57
CA PRO I 202 -6.53 -97.99 -43.72
C PRO I 202 -5.18 -97.77 -44.36
N ALA I 203 -4.95 -96.64 -45.03
CA ALA I 203 -3.66 -96.38 -45.66
C ALA I 203 -2.59 -96.08 -44.63
N LEU I 204 -2.95 -95.34 -43.58
CA LEU I 204 -2.01 -95.03 -42.51
C LEU I 204 -2.00 -96.09 -41.42
N SER I 205 -2.87 -97.10 -41.49
CA SER I 205 -2.92 -98.12 -40.47
C SER I 205 -1.77 -99.12 -40.61
N GLU I 206 -1.29 -99.35 -41.83
CA GLU I 206 -0.07 -100.15 -41.97
C GLU I 206 1.16 -99.36 -41.59
N TYR I 207 1.08 -98.02 -41.61
CA TYR I 207 2.17 -97.19 -41.12
C TYR I 207 2.19 -97.10 -39.60
N GLY I 208 1.16 -97.60 -38.93
CA GLY I 208 1.05 -97.47 -37.49
C GLY I 208 0.51 -96.14 -37.03
N ILE I 209 -0.18 -95.41 -37.90
CA ILE I 209 -0.71 -94.08 -37.61
C ILE I 209 -2.22 -94.17 -37.61
N ASN I 210 -2.84 -93.92 -36.47
CA ASN I 210 -4.29 -93.89 -36.36
C ASN I 210 -4.79 -92.48 -36.60
N VAL I 211 -5.37 -92.25 -37.78
CA VAL I 211 -5.90 -90.93 -38.11
C VAL I 211 -7.24 -90.75 -37.43
N LYS I 212 -7.60 -89.50 -37.13
CA LYS I 212 -8.80 -89.19 -36.37
C LYS I 212 -9.79 -88.45 -37.25
N LYS I 213 -11.06 -88.85 -37.15
CA LYS I 213 -12.13 -88.09 -37.77
C LYS I 213 -12.35 -86.79 -36.99
N PRO I 214 -12.85 -85.74 -37.64
CA PRO I 214 -13.16 -84.50 -36.90
C PRO I 214 -14.25 -84.65 -35.85
N HIS I 215 -15.46 -85.03 -36.28
CA HIS I 215 -16.57 -85.51 -35.45
C HIS I 215 -17.13 -84.47 -34.47
N TYR I 216 -16.57 -83.25 -34.44
CA TYR I 216 -16.97 -82.23 -33.48
C TYR I 216 -17.34 -80.91 -34.15
N PHE I 217 -17.51 -80.91 -35.47
CA PHE I 217 -17.84 -79.67 -36.18
C PHE I 217 -19.25 -79.73 -36.76
N ASN J 55 20.95 -109.65 -5.71
CA ASN J 55 19.81 -108.79 -6.00
C ASN J 55 19.89 -108.23 -7.42
N GLN J 56 21.11 -108.04 -7.90
CA GLN J 56 21.33 -107.54 -9.26
C GLN J 56 20.96 -108.60 -10.29
N VAL J 57 20.08 -108.24 -11.22
CA VAL J 57 19.59 -109.20 -12.22
C VAL J 57 20.40 -109.19 -13.50
N LEU J 58 21.15 -108.12 -13.78
CA LEU J 58 21.99 -108.05 -14.98
C LEU J 58 23.44 -107.97 -14.53
N THR J 59 24.25 -108.92 -14.99
CA THR J 59 25.53 -109.25 -14.37
C THR J 59 26.71 -108.46 -14.93
N LYS J 60 26.46 -107.45 -15.78
CA LYS J 60 27.42 -106.47 -16.32
C LYS J 60 28.41 -107.10 -17.31
N LYS J 61 28.41 -108.42 -17.45
CA LYS J 61 29.21 -109.11 -18.45
C LYS J 61 28.37 -109.60 -19.62
N LYS J 62 27.13 -110.01 -19.36
CA LYS J 62 26.21 -110.30 -20.45
C LYS J 62 25.75 -109.04 -21.16
N LEU J 63 25.83 -107.88 -20.50
CA LEU J 63 25.59 -106.61 -21.18
C LEU J 63 26.72 -106.31 -22.17
N GLN J 64 27.95 -106.70 -21.83
CA GLN J 64 29.05 -106.51 -22.75
C GLN J 64 28.99 -107.48 -23.94
N ASP J 65 28.29 -108.60 -23.79
CA ASP J 65 28.02 -109.47 -24.93
C ASP J 65 26.87 -108.95 -25.77
N LEU J 66 26.00 -108.10 -25.21
CA LEU J 66 24.99 -107.43 -26.02
C LEU J 66 25.60 -106.35 -26.90
N VAL J 67 26.76 -105.84 -26.53
CA VAL J 67 27.46 -104.86 -27.37
C VAL J 67 28.37 -105.54 -28.38
N ARG J 68 28.99 -106.66 -28.00
CA ARG J 68 29.86 -107.41 -28.91
C ARG J 68 29.10 -108.00 -30.08
N GLU J 69 27.83 -108.35 -29.88
CA GLU J 69 27.01 -108.87 -30.97
C GLU J 69 26.69 -107.78 -31.99
N VAL J 70 26.50 -106.55 -31.53
CA VAL J 70 26.22 -105.44 -32.45
C VAL J 70 27.50 -105.00 -33.14
N ASP J 71 28.50 -104.57 -32.35
CA ASP J 71 29.81 -104.19 -32.88
C ASP J 71 30.88 -105.03 -32.19
N PRO J 72 31.72 -105.75 -32.94
CA PRO J 72 32.83 -106.46 -32.31
C PRO J 72 33.91 -105.52 -31.79
N ASN J 73 33.95 -104.28 -32.27
CA ASN J 73 34.90 -103.27 -31.81
C ASN J 73 34.11 -102.10 -31.23
N GLU J 74 33.75 -102.21 -29.95
CA GLU J 74 33.09 -101.12 -29.24
C GLU J 74 33.24 -101.36 -27.75
N GLN J 75 33.51 -100.28 -27.02
CA GLN J 75 33.66 -100.32 -25.57
C GLN J 75 32.84 -99.21 -24.95
N LEU J 76 31.90 -99.57 -24.07
CA LEU J 76 31.13 -98.56 -23.36
C LEU J 76 31.98 -97.94 -22.24
N ASP J 77 31.46 -96.87 -21.69
CA ASP J 77 32.13 -96.26 -20.52
C ASP J 77 31.47 -96.87 -19.29
N GLU J 78 32.13 -96.79 -18.15
CA GLU J 78 31.55 -97.32 -16.90
C GLU J 78 30.27 -96.54 -16.55
N ASP J 79 30.25 -95.23 -16.76
CA ASP J 79 29.00 -94.47 -16.50
C ASP J 79 27.89 -94.99 -17.41
N VAL J 80 28.21 -95.22 -18.68
CA VAL J 80 27.18 -95.66 -19.65
C VAL J 80 26.68 -97.02 -19.16
N GLU J 81 27.57 -97.91 -18.75
CA GLU J 81 27.12 -99.26 -18.34
C GLU J 81 26.21 -99.13 -17.13
N GLU J 82 26.57 -98.31 -16.15
CA GLU J 82 25.73 -98.20 -14.94
C GLU J 82 24.38 -97.61 -15.30
N MET J 83 24.31 -96.59 -16.15
CA MET J 83 23.00 -96.04 -16.56
C MET J 83 22.18 -97.08 -17.30
N LEU J 84 22.81 -97.88 -18.15
CA LEU J 84 22.09 -98.95 -18.88
C LEU J 84 21.52 -99.94 -17.88
N LEU J 85 22.28 -100.29 -16.85
CA LEU J 85 21.77 -101.20 -15.80
C LEU J 85 20.59 -100.56 -15.07
N GLN J 86 20.66 -99.27 -14.78
CA GLN J 86 19.51 -98.58 -14.14
C GLN J 86 18.30 -98.59 -15.07
N ILE J 87 18.48 -98.36 -16.35
CA ILE J 87 17.36 -98.36 -17.34
C ILE J 87 16.75 -99.76 -17.34
N ALA J 88 17.56 -100.81 -17.32
CA ALA J 88 17.04 -102.18 -17.29
C ALA J 88 16.23 -102.39 -16.02
N ASP J 89 16.74 -101.93 -14.89
CA ASP J 89 16.04 -102.19 -13.61
C ASP J 89 14.71 -101.46 -13.66
N ASP J 90 14.72 -100.25 -14.17
CA ASP J 90 13.49 -99.45 -14.20
C ASP J 90 12.49 -100.12 -15.13
N PHE J 91 12.94 -100.65 -16.25
CA PHE J 91 12.05 -101.31 -17.22
C PHE J 91 11.42 -102.49 -16.51
N ILE J 92 12.23 -103.27 -15.83
CA ILE J 92 11.64 -104.48 -15.22
C ILE J 92 10.58 -103.98 -14.26
N GLU J 93 10.89 -103.00 -13.44
CA GLU J 93 9.88 -102.60 -12.44
C GLU J 93 8.60 -102.11 -13.09
N SER J 94 8.68 -101.21 -14.06
CA SER J 94 7.45 -100.63 -14.64
C SER J 94 6.63 -101.74 -15.31
N VAL J 95 7.31 -102.60 -16.05
CA VAL J 95 6.58 -103.63 -16.82
C VAL J 95 5.86 -104.51 -15.81
N VAL J 96 6.57 -104.95 -14.76
CA VAL J 96 5.92 -105.88 -13.82
C VAL J 96 4.78 -105.15 -13.14
N THR J 97 4.94 -103.90 -12.72
CA THR J 97 3.81 -103.28 -12.00
C THR J 97 2.60 -103.23 -12.93
N ALA J 98 2.76 -102.79 -14.17
CA ALA J 98 1.56 -102.67 -14.99
C ALA J 98 0.95 -104.02 -15.35
N ALA J 99 1.78 -105.01 -15.56
CA ALA J 99 1.30 -106.37 -15.90
C ALA J 99 0.49 -106.88 -14.72
N CYS J 100 0.96 -106.63 -13.51
CA CYS J 100 0.26 -107.02 -12.28
C CYS J 100 -1.07 -106.26 -12.18
N GLN J 101 -1.13 -105.00 -12.62
CA GLN J 101 -2.42 -104.26 -12.65
C GLN J 101 -3.39 -104.94 -13.61
N LEU J 102 -2.93 -105.39 -14.77
CA LEU J 102 -3.76 -106.14 -15.75
C LEU J 102 -4.20 -107.46 -15.16
N ALA J 103 -3.35 -108.15 -14.41
CA ALA J 103 -3.68 -109.45 -13.79
C ALA J 103 -4.71 -109.29 -12.69
N ARG J 104 -4.59 -108.27 -11.85
CA ARG J 104 -5.64 -108.02 -10.82
C ARG J 104 -6.93 -107.73 -11.57
N HIS J 105 -6.84 -107.01 -12.68
CA HIS J 105 -8.01 -106.68 -13.52
C HIS J 105 -8.65 -107.95 -14.05
N ARG J 106 -7.86 -108.95 -14.40
CA ARG J 106 -8.38 -110.23 -14.93
C ARG J 106 -8.75 -111.11 -13.73
N LYS J 107 -8.74 -110.53 -12.53
CA LYS J 107 -9.10 -111.25 -11.28
C LYS J 107 -8.21 -112.47 -11.06
N SER J 108 -6.89 -112.29 -11.19
CA SER J 108 -5.96 -113.45 -11.08
C SER J 108 -4.83 -113.20 -10.10
N SER J 109 -4.30 -114.28 -9.55
CA SER J 109 -3.12 -114.19 -8.66
C SER J 109 -1.94 -114.84 -9.38
N THR J 110 -2.03 -115.05 -10.69
CA THR J 110 -0.99 -115.83 -11.39
C THR J 110 0.00 -115.04 -12.25
N LEU J 111 -0.23 -113.79 -12.62
CA LEU J 111 0.77 -113.10 -13.51
C LEU J 111 1.22 -113.96 -14.68
N GLU J 112 0.32 -114.43 -15.53
CA GLU J 112 0.68 -115.19 -16.76
C GLU J 112 1.25 -114.21 -17.80
N VAL J 113 1.93 -114.70 -18.84
CA VAL J 113 2.60 -113.81 -19.82
C VAL J 113 1.57 -112.95 -20.56
N LYS J 114 0.44 -113.51 -20.94
CA LYS J 114 -0.60 -112.70 -21.59
C LYS J 114 -0.59 -111.32 -20.93
N ASP J 115 -0.37 -111.25 -19.61
CA ASP J 115 -0.40 -109.96 -18.94
C ASP J 115 0.86 -109.16 -19.24
N VAL J 116 2.01 -109.82 -19.26
CA VAL J 116 3.26 -109.14 -19.59
C VAL J 116 3.30 -108.80 -21.08
N GLN J 117 2.76 -109.67 -21.93
CA GLN J 117 2.77 -109.43 -23.36
C GLN J 117 1.86 -108.28 -23.76
N LEU J 118 0.76 -108.08 -23.03
CA LEU J 118 -0.16 -106.99 -23.36
C LEU J 118 0.41 -105.63 -23.04
N HIS J 119 1.21 -105.53 -21.97
CA HIS J 119 1.78 -104.24 -21.60
C HIS J 119 2.91 -103.82 -22.54
N LEU J 120 3.63 -104.79 -23.10
CA LEU J 120 4.65 -104.48 -24.09
C LEU J 120 4.04 -103.97 -25.39
N GLU J 121 2.93 -104.57 -25.82
CA GLU J 121 2.37 -104.21 -27.13
C GLU J 121 1.64 -102.86 -27.09
N ARG J 122 1.06 -102.51 -25.95
CA ARG J 122 0.23 -101.32 -25.87
C ARG J 122 0.99 -100.08 -25.42
N GLN J 123 2.01 -100.22 -24.58
CA GLN J 123 2.75 -99.08 -24.08
C GLN J 123 4.18 -98.99 -24.58
N TRP J 124 4.78 -100.11 -25.00
CA TRP J 124 6.15 -100.11 -25.46
C TRP J 124 6.34 -100.51 -26.91
N ASN J 125 5.35 -101.17 -27.52
CA ASN J 125 5.36 -101.64 -28.91
C ASN J 125 6.56 -102.54 -29.19
N MET J 126 6.65 -103.62 -28.42
CA MET J 126 7.78 -104.55 -28.52
C MET J 126 7.45 -105.79 -29.35
N TRP J 127 6.28 -106.36 -29.08
CA TRP J 127 5.82 -107.51 -29.90
C TRP J 127 6.83 -108.64 -29.82
N ILE J 128 7.23 -109.00 -28.61
CA ILE J 128 8.14 -110.16 -28.43
C ILE J 128 7.32 -111.40 -28.75
N PRO J 129 7.85 -112.34 -29.55
CA PRO J 129 7.14 -113.58 -29.81
C PRO J 129 6.98 -114.27 -28.44
N GLY J 130 5.81 -114.84 -28.17
CA GLY J 130 5.56 -115.48 -26.86
C GLY J 130 5.94 -116.95 -26.85
N TYR K 3 64.23 -81.00 -18.99
CA TYR K 3 65.43 -80.97 -19.87
C TYR K 3 65.15 -81.76 -21.16
N GLN K 4 65.26 -81.10 -22.31
CA GLN K 4 65.05 -81.75 -23.58
C GLN K 4 66.25 -82.58 -23.98
N LEU K 5 67.02 -83.01 -22.98
CA LEU K 5 68.30 -83.68 -23.24
C LEU K 5 68.09 -85.14 -23.60
N TYR K 6 67.09 -85.78 -23.01
CA TYR K 6 66.96 -87.23 -23.06
C TYR K 6 66.35 -87.74 -24.36
N ARG K 7 66.08 -86.86 -25.33
CA ARG K 7 65.48 -87.29 -26.58
C ARG K 7 66.45 -88.04 -27.47
N ASN K 8 67.77 -87.90 -27.22
CA ASN K 8 68.78 -88.65 -28.02
C ASN K 8 69.16 -89.96 -27.32
N THR K 9 68.19 -90.59 -26.66
CA THR K 9 68.38 -91.88 -26.01
C THR K 9 67.69 -92.91 -26.87
N THR K 10 67.57 -94.15 -26.37
CA THR K 10 66.90 -95.17 -27.19
C THR K 10 65.39 -95.03 -27.10
N LEU K 11 64.88 -94.53 -25.97
CA LEU K 11 63.46 -94.28 -25.84
C LEU K 11 63.06 -93.05 -26.65
N GLY K 12 63.92 -92.02 -26.62
CA GLY K 12 63.70 -90.87 -27.47
C GLY K 12 63.82 -91.20 -28.94
N ASN K 13 64.72 -92.11 -29.29
CA ASN K 13 64.85 -92.55 -30.68
C ASN K 13 63.60 -93.27 -31.16
N SER K 14 63.14 -94.25 -30.37
CA SER K 14 61.93 -94.99 -30.72
C SER K 14 60.70 -94.07 -30.79
N LEU K 15 60.60 -93.12 -29.87
CA LEU K 15 59.47 -92.20 -29.86
C LEU K 15 59.51 -91.26 -31.06
N GLN K 16 60.67 -90.70 -31.38
CA GLN K 16 60.72 -89.71 -32.46
C GLN K 16 60.52 -90.39 -33.80
N GLU K 17 61.00 -91.62 -33.97
CA GLU K 17 60.82 -92.26 -35.27
C GLU K 17 59.43 -92.86 -35.40
N SER K 18 58.80 -93.26 -34.28
CA SER K 18 57.41 -93.70 -34.38
C SER K 18 56.47 -92.51 -34.59
N LEU K 19 56.83 -91.35 -34.04
CA LEU K 19 56.08 -90.13 -34.32
C LEU K 19 56.21 -89.71 -35.78
N ASP K 20 57.39 -89.93 -36.39
CA ASP K 20 57.50 -89.65 -37.82
C ASP K 20 56.78 -90.71 -38.65
N GLU K 21 56.69 -91.93 -38.14
CA GLU K 21 55.91 -92.96 -38.82
C GLU K 21 54.42 -92.61 -38.82
N LEU K 22 53.95 -92.00 -37.75
CA LEU K 22 52.54 -91.61 -37.74
C LEU K 22 52.34 -90.24 -38.38
N ILE K 23 53.40 -89.46 -38.55
CA ILE K 23 53.26 -88.21 -39.31
C ILE K 23 53.25 -88.52 -40.80
N GLN K 24 53.76 -89.69 -41.19
CA GLN K 24 53.75 -90.04 -42.61
C GLN K 24 52.36 -90.51 -43.05
N SER K 25 51.61 -91.12 -42.14
CA SER K 25 50.27 -91.61 -42.45
C SER K 25 49.17 -90.58 -42.16
N GLN K 26 49.56 -89.31 -41.95
CA GLN K 26 48.73 -88.13 -41.67
C GLN K 26 47.63 -88.35 -40.63
N GLN K 27 47.84 -89.27 -39.69
CA GLN K 27 46.89 -89.43 -38.60
C GLN K 27 47.13 -88.38 -37.52
N ILE K 28 48.39 -88.03 -37.30
CA ILE K 28 48.76 -86.97 -36.37
C ILE K 28 49.23 -85.77 -37.19
N THR K 29 49.44 -84.65 -36.50
CA THR K 29 49.78 -83.41 -37.19
C THR K 29 51.00 -82.74 -36.55
N PRO K 30 51.72 -81.91 -37.29
CA PRO K 30 52.67 -80.98 -36.66
C PRO K 30 51.91 -79.93 -35.86
N GLN K 31 52.64 -79.32 -34.90
CA GLN K 31 52.16 -78.52 -33.78
C GLN K 31 51.28 -79.35 -32.84
N LEU K 32 51.43 -80.67 -32.91
CA LEU K 32 50.85 -81.56 -31.92
C LEU K 32 51.93 -82.45 -31.34
N ALA K 33 52.87 -82.86 -32.19
CA ALA K 33 54.01 -83.67 -31.76
C ALA K 33 54.91 -82.88 -30.83
N LEU K 34 54.87 -81.55 -30.93
CA LEU K 34 55.54 -80.70 -29.94
C LEU K 34 54.94 -80.91 -28.55
N GLN K 35 53.62 -81.03 -28.46
CA GLN K 35 52.99 -81.32 -27.19
C GLN K 35 53.29 -82.73 -26.72
N VAL K 36 53.40 -83.68 -27.66
CA VAL K 36 53.75 -85.06 -27.30
C VAL K 36 55.14 -85.13 -26.69
N LEU K 37 56.11 -84.47 -27.34
CA LEU K 37 57.48 -84.46 -26.82
C LEU K 37 57.58 -83.68 -25.52
N LEU K 38 56.81 -82.60 -25.37
CA LEU K 38 56.86 -81.83 -24.13
C LEU K 38 56.32 -82.64 -22.96
N GLN K 39 55.21 -83.36 -23.18
CA GLN K 39 54.65 -84.17 -22.10
C GLN K 39 55.54 -85.36 -21.79
N PHE K 40 56.17 -85.93 -22.82
CA PHE K 40 57.11 -87.04 -22.62
C PHE K 40 58.33 -86.59 -21.83
N ASP K 41 58.85 -85.39 -22.13
CA ASP K 41 60.03 -84.89 -21.44
C ASP K 41 59.72 -84.54 -20.00
N LYS K 42 58.55 -83.97 -19.74
CA LYS K 42 58.13 -83.73 -18.35
C LYS K 42 57.93 -85.05 -17.60
N ALA K 43 57.41 -86.07 -18.30
CA ALA K 43 57.20 -87.37 -17.69
C ALA K 43 58.52 -88.04 -17.30
N ILE K 44 59.52 -87.99 -18.18
CA ILE K 44 60.78 -88.66 -17.85
C ILE K 44 61.61 -87.82 -16.88
N ASN K 45 61.39 -86.51 -16.86
CA ASN K 45 61.98 -85.66 -15.83
C ASN K 45 61.45 -86.05 -14.46
N ALA K 46 60.15 -86.32 -14.37
CA ALA K 46 59.59 -86.80 -13.11
C ALA K 46 60.05 -88.22 -12.81
N ALA K 47 60.21 -89.06 -13.84
CA ALA K 47 60.38 -90.49 -13.59
C ALA K 47 61.83 -90.85 -13.27
N LEU K 48 62.79 -90.19 -13.92
CA LEU K 48 64.18 -90.64 -13.83
C LEU K 48 64.84 -90.25 -12.50
N ALA K 49 64.23 -89.33 -11.76
CA ALA K 49 64.77 -88.94 -10.46
C ALA K 49 63.86 -89.44 -9.33
N GLN K 50 63.11 -90.50 -9.65
CA GLN K 50 62.16 -91.04 -8.69
C GLN K 50 62.29 -92.55 -8.50
N ARG K 51 62.64 -93.28 -9.55
CA ARG K 51 62.41 -94.73 -9.54
C ARG K 51 63.65 -95.56 -9.24
N VAL K 52 64.79 -95.25 -9.88
CA VAL K 52 65.90 -96.20 -10.00
C VAL K 52 66.62 -96.45 -8.68
N ARG K 53 67.22 -95.39 -8.11
CA ARG K 53 68.08 -95.46 -6.91
C ARG K 53 69.21 -96.47 -7.05
N ASN K 54 70.13 -96.20 -7.97
CA ASN K 54 71.33 -97.01 -8.18
C ASN K 54 72.50 -96.07 -8.40
N ARG K 55 73.72 -96.60 -8.32
CA ARG K 55 74.91 -95.76 -8.52
C ARG K 55 76.06 -96.59 -9.08
N VAL K 56 76.76 -95.98 -10.04
CA VAL K 56 77.86 -96.63 -10.77
C VAL K 56 79.08 -95.70 -10.64
N ASN K 57 80.24 -96.28 -10.38
CA ASN K 57 81.46 -95.50 -10.21
C ASN K 57 82.49 -95.89 -11.28
N PHE K 58 83.31 -94.93 -11.69
CA PHE K 58 84.35 -95.20 -12.67
C PHE K 58 85.58 -94.34 -12.42
N ARG K 59 86.70 -94.78 -13.01
CA ARG K 59 88.00 -94.12 -12.91
C ARG K 59 88.52 -93.84 -14.31
N GLY K 60 88.70 -92.56 -14.62
CA GLY K 60 88.84 -92.20 -16.02
C GLY K 60 90.17 -91.58 -16.39
N SER K 61 90.40 -91.57 -17.71
CA SER K 61 91.60 -91.02 -18.33
C SER K 61 91.12 -90.12 -19.47
N LEU K 62 90.95 -88.84 -19.17
CA LEU K 62 90.20 -87.92 -20.03
C LEU K 62 91.05 -87.55 -21.25
N ASN K 63 90.35 -87.35 -22.37
CA ASN K 63 91.06 -86.86 -23.57
C ASN K 63 90.68 -85.39 -23.65
N THR K 64 89.49 -85.07 -24.18
CA THR K 64 89.02 -83.72 -24.38
C THR K 64 87.80 -83.44 -23.52
N TYR K 65 87.55 -82.15 -23.32
CA TYR K 65 86.36 -81.73 -22.53
C TYR K 65 85.90 -80.39 -23.11
N ARG K 66 84.64 -80.01 -22.87
CA ARG K 66 84.10 -78.77 -23.38
C ARG K 66 82.94 -78.35 -22.48
N PHE K 67 82.74 -77.04 -22.36
CA PHE K 67 81.67 -76.51 -21.52
C PHE K 67 81.08 -75.30 -22.20
N CYS K 68 79.77 -75.32 -22.46
CA CYS K 68 79.11 -74.17 -23.02
C CYS K 68 77.63 -74.21 -22.66
N ASP K 69 77.10 -73.05 -22.26
CA ASP K 69 75.68 -72.84 -21.95
C ASP K 69 75.18 -73.81 -20.88
N ASN K 70 75.97 -73.96 -19.82
CA ASN K 70 75.76 -74.91 -18.71
C ASN K 70 75.64 -76.36 -19.19
N VAL K 71 76.29 -76.70 -20.29
CA VAL K 71 76.37 -78.08 -20.77
C VAL K 71 77.83 -78.49 -20.74
N TRP K 72 78.13 -79.56 -20.02
CA TRP K 72 79.45 -80.18 -20.04
C TRP K 72 79.42 -81.34 -21.01
N THR K 73 80.51 -81.55 -21.74
CA THR K 73 80.65 -82.73 -22.58
C THR K 73 82.11 -83.17 -22.59
N PHE K 74 82.34 -84.41 -22.18
CA PHE K 74 83.67 -85.00 -22.05
C PHE K 74 83.82 -86.15 -23.03
N VAL K 75 85.05 -86.39 -23.47
CA VAL K 75 85.36 -87.59 -24.23
C VAL K 75 86.47 -88.33 -23.50
N LEU K 76 86.12 -89.44 -22.86
CA LEU K 76 87.10 -90.22 -22.14
C LEU K 76 87.62 -91.37 -23.00
N ASN K 77 88.82 -91.85 -22.67
CA ASN K 77 89.43 -92.96 -23.38
C ASN K 77 89.84 -94.06 -22.41
N ASP K 78 89.54 -95.30 -22.81
CA ASP K 78 89.93 -96.54 -22.17
C ASP K 78 89.50 -96.61 -20.72
N VAL K 79 88.22 -96.35 -20.45
CA VAL K 79 87.71 -96.27 -19.09
C VAL K 79 87.12 -97.63 -18.72
N GLU K 80 87.23 -97.95 -17.44
CA GLU K 80 86.53 -99.08 -16.86
C GLU K 80 85.42 -98.54 -15.96
N PHE K 81 84.29 -99.21 -15.95
CA PHE K 81 83.20 -98.85 -15.07
C PHE K 81 83.24 -99.76 -13.85
N ARG K 82 82.38 -99.48 -12.88
CA ARG K 82 82.28 -100.38 -11.74
C ARG K 82 80.85 -100.40 -11.23
N GLU K 83 80.29 -101.60 -11.22
CA GLU K 83 79.22 -101.93 -10.28
C GLU K 83 79.78 -103.11 -9.47
N VAL K 84 79.21 -103.39 -8.30
CA VAL K 84 79.63 -104.48 -7.43
C VAL K 84 79.50 -105.79 -8.19
N THR K 85 80.65 -106.45 -8.42
CA THR K 85 80.84 -107.65 -9.24
C THR K 85 80.35 -107.46 -10.68
N GLU K 86 80.31 -106.22 -11.15
CA GLU K 86 79.99 -105.97 -12.55
C GLU K 86 80.93 -104.91 -13.13
N LEU K 87 81.87 -105.36 -13.94
CA LEU K 87 82.92 -104.52 -14.49
C LEU K 87 82.68 -104.33 -15.98
N ILE K 88 82.71 -103.08 -16.44
CA ILE K 88 82.49 -102.73 -17.83
C ILE K 88 83.74 -102.05 -18.36
N LYS K 89 84.53 -102.77 -19.14
CA LYS K 89 85.64 -102.19 -19.87
C LYS K 89 85.19 -101.74 -21.24
N VAL K 90 85.56 -100.50 -21.59
CA VAL K 90 85.15 -99.91 -22.87
C VAL K 90 86.26 -98.94 -23.28
N ASP K 91 86.27 -98.55 -24.56
CA ASP K 91 87.43 -97.87 -25.12
C ASP K 91 87.29 -96.35 -25.25
N LYS K 92 86.10 -95.82 -25.56
CA LYS K 92 85.98 -94.39 -25.82
C LYS K 92 84.55 -93.96 -25.54
N VAL K 93 84.37 -93.09 -24.55
CA VAL K 93 83.04 -92.70 -24.07
C VAL K 93 82.84 -91.20 -24.31
N LYS K 94 81.62 -90.82 -24.65
CA LYS K 94 81.20 -89.42 -24.67
C LYS K 94 80.16 -89.20 -23.58
N ILE K 95 80.45 -88.29 -22.66
CA ILE K 95 79.58 -88.04 -21.53
C ILE K 95 79.02 -86.63 -21.67
N VAL K 96 77.69 -86.52 -21.76
CA VAL K 96 77.00 -85.23 -21.85
C VAL K 96 76.24 -85.03 -20.56
N ALA K 97 76.26 -83.80 -20.04
CA ALA K 97 75.61 -83.52 -18.76
C ALA K 97 75.16 -82.07 -18.71
N CYS K 98 73.88 -81.85 -18.44
CA CYS K 98 73.42 -80.51 -18.13
C CYS K 98 73.13 -80.38 -16.63
N ASP K 99 72.72 -79.18 -16.23
CA ASP K 99 72.51 -78.90 -14.81
C ASP K 99 71.26 -79.58 -14.29
N ILE L 161 126.44 -74.78 -7.61
CA ILE L 161 124.99 -74.86 -7.68
C ILE L 161 124.52 -74.11 -8.91
N VAL L 162 123.53 -74.65 -9.61
CA VAL L 162 122.91 -73.98 -10.74
C VAL L 162 121.40 -73.97 -10.52
N PRO L 163 120.71 -72.87 -10.81
CA PRO L 163 119.25 -72.88 -10.72
C PRO L 163 118.63 -73.39 -12.00
N GLN L 164 117.75 -74.38 -11.87
CA GLN L 164 117.03 -74.94 -13.00
C GLN L 164 115.70 -74.24 -13.13
N LEU L 165 115.30 -73.94 -14.35
CA LEU L 165 114.04 -73.26 -14.58
C LEU L 165 112.87 -74.22 -14.40
N GLN L 166 111.81 -73.74 -13.79
CA GLN L 166 110.61 -74.53 -13.62
C GLN L 166 109.41 -74.01 -14.39
N ASN L 167 109.36 -72.72 -14.71
CA ASN L 167 108.16 -72.20 -15.34
C ASN L 167 108.50 -71.02 -16.23
N ILE L 168 107.95 -71.00 -17.46
CA ILE L 168 108.17 -69.92 -18.41
C ILE L 168 106.81 -69.42 -18.88
N VAL L 169 106.55 -68.12 -18.69
CA VAL L 169 105.30 -67.51 -19.10
C VAL L 169 105.57 -66.59 -20.27
N SER L 170 104.94 -66.87 -21.41
CA SER L 170 105.13 -66.08 -22.62
C SER L 170 103.80 -65.61 -23.17
N THR L 171 103.87 -64.69 -24.13
CA THR L 171 102.69 -64.06 -24.73
C THR L 171 102.93 -63.89 -26.22
N VAL L 172 101.90 -64.06 -27.03
CA VAL L 172 102.03 -64.00 -28.48
C VAL L 172 100.76 -63.44 -29.09
N ASN L 173 100.91 -62.49 -30.02
CA ASN L 173 99.78 -61.89 -30.73
C ASN L 173 99.54 -62.66 -32.01
N LEU L 174 98.32 -63.13 -32.20
CA LEU L 174 97.97 -63.80 -33.44
C LEU L 174 97.48 -62.83 -34.49
N GLY L 175 96.98 -61.67 -34.08
CA GLY L 175 96.58 -60.61 -34.99
C GLY L 175 95.17 -60.70 -35.54
N CYS L 176 94.46 -61.79 -35.28
CA CYS L 176 93.13 -61.95 -35.84
C CYS L 176 92.13 -62.13 -34.71
N LYS L 177 91.00 -61.45 -34.82
CA LYS L 177 89.98 -61.53 -33.77
C LYS L 177 89.25 -62.86 -33.85
N LEU L 178 89.02 -63.48 -32.70
CA LEU L 178 88.46 -64.82 -32.63
C LEU L 178 87.15 -64.80 -31.89
N ASP L 179 86.17 -65.54 -32.42
CA ASP L 179 84.96 -65.88 -31.67
C ASP L 179 85.20 -67.23 -31.00
N LEU L 180 84.97 -67.27 -29.69
CA LEU L 180 85.55 -68.35 -28.89
C LEU L 180 84.71 -69.61 -28.93
N LYS L 181 83.47 -69.51 -29.40
CA LYS L 181 82.57 -70.65 -29.29
C LYS L 181 82.91 -71.72 -30.31
N THR L 182 83.33 -71.32 -31.51
CA THR L 182 83.72 -72.31 -32.50
C THR L 182 85.05 -72.96 -32.15
N ILE L 183 85.95 -72.23 -31.49
CA ILE L 183 87.20 -72.83 -31.05
C ILE L 183 86.95 -73.78 -29.89
N ALA L 184 85.99 -73.44 -29.04
CA ALA L 184 85.67 -74.32 -27.91
C ALA L 184 84.93 -75.57 -28.38
N LEU L 185 84.18 -75.47 -29.47
CA LEU L 185 83.40 -76.61 -29.92
C LEU L 185 84.18 -77.49 -30.88
N ARG L 186 85.13 -76.93 -31.61
CA ARG L 186 85.87 -77.71 -32.59
C ARG L 186 87.19 -78.28 -32.06
N ALA L 187 87.97 -77.49 -31.35
CA ALA L 187 89.29 -77.94 -30.91
C ALA L 187 89.19 -78.82 -29.69
N ARG L 188 90.15 -79.71 -29.54
CA ARG L 188 90.16 -80.66 -28.43
C ARG L 188 90.73 -80.02 -27.18
N ASN L 189 90.50 -80.67 -26.02
CA ASN L 189 91.05 -80.18 -24.73
C ASN L 189 90.98 -78.66 -24.61
N ALA L 190 89.89 -78.05 -25.11
CA ALA L 190 89.72 -76.59 -24.98
C ALA L 190 88.61 -76.32 -23.97
N GLU L 191 88.93 -75.53 -22.94
CA GLU L 191 87.96 -75.21 -21.85
C GLU L 191 87.51 -73.75 -21.99
N TYR L 192 86.20 -73.52 -22.09
CA TYR L 192 85.72 -72.12 -22.08
C TYR L 192 84.67 -71.97 -20.97
N ASN L 193 84.91 -71.05 -20.03
CA ASN L 193 83.95 -70.82 -18.91
C ASN L 193 83.74 -69.31 -18.79
N PRO L 194 82.94 -68.66 -19.67
CA PRO L 194 82.81 -67.19 -19.66
C PRO L 194 82.26 -66.59 -18.36
N LYS L 195 81.23 -67.21 -17.77
CA LYS L 195 80.66 -66.71 -16.50
C LYS L 195 81.75 -66.75 -15.42
N ARG L 196 82.92 -67.30 -15.75
CA ARG L 196 84.01 -67.38 -14.79
C ARG L 196 85.22 -66.58 -15.28
N PHE L 197 85.69 -66.87 -16.49
CA PHE L 197 86.79 -66.12 -17.07
C PHE L 197 86.63 -66.12 -18.60
N ALA L 198 87.13 -65.06 -19.23
CA ALA L 198 86.79 -64.74 -20.60
C ALA L 198 87.81 -65.26 -21.62
N ALA L 199 88.39 -66.43 -21.42
CA ALA L 199 89.37 -66.96 -22.35
C ALA L 199 89.17 -68.45 -22.52
N VAL L 200 89.83 -68.99 -23.54
CA VAL L 200 89.74 -70.42 -23.82
C VAL L 200 91.02 -71.09 -23.31
N ILE L 201 90.87 -72.10 -22.49
CA ILE L 201 91.99 -72.74 -21.79
C ILE L 201 92.29 -74.06 -22.46
N MET L 202 93.26 -74.08 -23.37
CA MET L 202 93.58 -75.29 -24.12
C MET L 202 94.94 -75.82 -23.68
N ARG L 203 94.97 -77.13 -23.37
CA ARG L 203 96.23 -77.74 -22.86
C ARG L 203 96.73 -78.82 -23.82
N ILE L 204 98.03 -78.82 -24.12
CA ILE L 204 98.64 -79.84 -24.99
C ILE L 204 99.31 -80.85 -24.09
N ARG L 205 99.87 -81.89 -24.70
CA ARG L 205 100.35 -82.99 -23.88
C ARG L 205 101.84 -83.25 -24.02
N GLU L 206 102.34 -83.26 -25.26
CA GLU L 206 103.79 -83.56 -25.50
C GLU L 206 104.60 -82.63 -24.61
N PRO L 207 104.56 -81.29 -24.76
CA PRO L 207 105.20 -80.39 -23.80
C PRO L 207 103.99 -80.05 -22.90
N ARG L 208 104.08 -80.31 -21.59
CA ARG L 208 102.95 -80.08 -20.70
C ARG L 208 102.73 -78.58 -20.54
N THR L 209 101.81 -78.04 -21.35
CA THR L 209 101.70 -76.60 -21.57
C THR L 209 100.24 -76.19 -21.68
N THR L 210 99.90 -74.98 -21.21
CA THR L 210 98.54 -74.48 -21.16
C THR L 210 98.47 -73.09 -21.80
N ALA L 211 97.46 -72.85 -22.64
CA ALA L 211 97.30 -71.56 -23.29
C ALA L 211 95.93 -70.98 -22.96
N LEU L 212 95.93 -69.72 -22.57
CA LEU L 212 94.71 -68.92 -22.52
C LEU L 212 94.64 -68.11 -23.81
N ILE L 213 93.68 -68.43 -24.65
CA ILE L 213 93.46 -67.73 -25.92
C ILE L 213 92.35 -66.72 -25.69
N PHE L 214 92.60 -65.48 -26.07
CA PHE L 214 91.62 -64.44 -25.85
C PHE L 214 90.91 -64.09 -27.15
N SER L 215 89.81 -63.34 -27.02
CA SER L 215 88.96 -63.08 -28.18
C SER L 215 89.56 -62.03 -29.09
N SER L 216 90.51 -61.26 -28.59
CA SER L 216 91.18 -60.25 -29.40
C SER L 216 92.41 -60.80 -30.11
N GLY L 217 92.66 -62.09 -30.02
CA GLY L 217 93.77 -62.70 -30.73
C GLY L 217 95.08 -62.73 -30.01
N LYS L 218 95.12 -62.41 -28.71
CA LYS L 218 96.32 -62.49 -27.91
C LYS L 218 96.29 -63.77 -27.08
N MET L 219 97.44 -64.42 -26.94
CA MET L 219 97.52 -65.73 -26.33
C MET L 219 98.59 -65.74 -25.26
N VAL L 220 98.25 -66.25 -24.07
CA VAL L 220 99.19 -66.43 -22.98
C VAL L 220 99.53 -67.91 -22.88
N CYS L 221 100.81 -68.23 -22.90
CA CYS L 221 101.28 -69.60 -22.93
C CYS L 221 102.16 -69.87 -21.71
N THR L 222 101.75 -70.81 -20.87
CA THR L 222 102.40 -71.05 -19.59
C THR L 222 102.74 -72.52 -19.45
N GLY L 223 103.81 -72.81 -18.71
CA GLY L 223 104.06 -74.16 -18.25
C GLY L 223 105.34 -74.80 -18.73
N ALA L 224 105.95 -74.32 -19.80
CA ALA L 224 107.14 -74.96 -20.34
C ALA L 224 108.36 -74.63 -19.48
N LYS L 225 109.49 -75.26 -19.80
CA LYS L 225 110.66 -75.20 -18.93
C LYS L 225 111.92 -74.76 -19.64
N SER L 226 111.80 -74.12 -20.80
CA SER L 226 112.92 -73.45 -21.46
C SER L 226 112.32 -72.42 -22.42
N GLU L 227 113.21 -71.68 -23.09
CA GLU L 227 112.72 -70.69 -24.05
C GLU L 227 112.31 -71.36 -25.36
N GLU L 228 113.09 -72.33 -25.82
CA GLU L 228 112.79 -72.99 -27.08
C GLU L 228 111.55 -73.86 -26.97
N GLN L 229 111.34 -74.50 -25.81
CA GLN L 229 110.14 -75.29 -25.61
C GLN L 229 108.89 -74.41 -25.54
N SER L 230 109.00 -73.24 -24.92
CA SER L 230 107.87 -72.33 -24.87
C SER L 230 107.54 -71.79 -26.25
N ARG L 231 108.56 -71.49 -27.05
CA ARG L 231 108.34 -71.02 -28.41
C ARG L 231 107.73 -72.12 -29.28
N LEU L 232 108.15 -73.37 -29.08
CA LEU L 232 107.61 -74.47 -29.87
C LEU L 232 106.17 -74.78 -29.49
N ALA L 233 105.84 -74.68 -28.21
CA ALA L 233 104.45 -74.87 -27.79
C ALA L 233 103.58 -73.73 -28.28
N ALA L 234 104.11 -72.51 -28.32
CA ALA L 234 103.33 -71.38 -28.85
C ALA L 234 103.06 -71.54 -30.34
N ARG L 235 104.05 -72.04 -31.09
CA ARG L 235 103.84 -72.34 -32.50
C ARG L 235 102.79 -73.43 -32.70
N LYS L 236 102.79 -74.45 -31.83
CA LYS L 236 101.78 -75.51 -31.92
C LYS L 236 100.39 -74.98 -31.66
N TYR L 237 100.25 -74.08 -30.68
CA TYR L 237 98.95 -73.48 -30.40
C TYR L 237 98.49 -72.59 -31.56
N ALA L 238 99.41 -71.87 -32.18
CA ALA L 238 99.05 -71.03 -33.32
C ALA L 238 98.60 -71.87 -34.51
N ARG L 239 99.24 -73.03 -34.73
CA ARG L 239 98.83 -73.83 -35.88
C ARG L 239 97.54 -74.60 -35.59
N VAL L 240 97.24 -74.91 -34.33
CA VAL L 240 95.97 -75.58 -34.07
C VAL L 240 94.82 -74.58 -34.13
N VAL L 241 95.11 -73.30 -33.88
CA VAL L 241 94.10 -72.28 -34.16
C VAL L 241 93.95 -72.09 -35.67
N GLN L 242 95.08 -72.11 -36.40
CA GLN L 242 95.09 -71.89 -37.84
C GLN L 242 94.30 -72.95 -38.60
N LYS L 243 94.50 -74.22 -38.27
CA LYS L 243 93.89 -75.30 -39.04
C LYS L 243 92.40 -75.41 -38.81
N LEU L 244 91.84 -74.71 -37.82
CA LEU L 244 90.40 -74.63 -37.70
C LEU L 244 89.81 -73.71 -38.75
N GLY L 245 90.56 -72.69 -39.17
CA GLY L 245 90.10 -71.84 -40.24
C GLY L 245 90.43 -70.38 -40.11
N PHE L 246 90.91 -69.96 -38.94
CA PHE L 246 91.21 -68.55 -38.75
C PHE L 246 92.56 -68.21 -39.36
N PRO L 247 92.69 -67.08 -40.05
CA PRO L 247 93.99 -66.68 -40.56
C PRO L 247 94.86 -66.08 -39.45
N ALA L 248 95.80 -66.87 -38.98
CA ALA L 248 96.54 -66.54 -37.77
C ALA L 248 98.01 -66.36 -38.08
N LYS L 249 98.52 -65.13 -37.85
CA LYS L 249 99.95 -64.85 -38.09
C LYS L 249 100.70 -64.83 -36.74
N PHE L 250 101.93 -65.35 -36.71
CA PHE L 250 102.75 -65.31 -35.47
C PHE L 250 103.41 -63.93 -35.43
N LEU L 251 102.64 -62.88 -35.11
CA LEU L 251 103.17 -61.49 -35.11
C LEU L 251 104.31 -61.32 -34.11
N ASP L 252 104.00 -61.18 -32.82
CA ASP L 252 105.07 -60.92 -31.81
C ASP L 252 105.03 -61.97 -30.70
N PHE L 253 106.16 -62.61 -30.41
CA PHE L 253 106.21 -63.57 -29.28
C PHE L 253 107.17 -63.01 -28.21
N LYS L 254 106.65 -62.78 -27.00
CA LYS L 254 107.49 -62.23 -25.89
C LYS L 254 107.30 -63.10 -24.65
N ILE L 255 108.40 -63.45 -23.97
CA ILE L 255 108.29 -64.23 -22.70
C ILE L 255 108.09 -63.25 -21.54
N GLN L 256 106.90 -63.23 -20.95
CA GLN L 256 106.62 -62.30 -19.83
C GLN L 256 107.47 -62.64 -18.60
N ASN L 257 107.57 -63.92 -18.25
CA ASN L 257 108.31 -64.25 -16.99
C ASN L 257 109.05 -65.58 -17.07
N MET L 258 110.16 -65.70 -16.32
CA MET L 258 110.91 -66.98 -16.23
C MET L 258 111.08 -67.29 -14.73
N VAL L 259 110.73 -68.51 -14.30
CA VAL L 259 110.79 -68.84 -12.84
C VAL L 259 111.78 -69.99 -12.62
N GLY L 260 112.71 -69.82 -11.68
CA GLY L 260 113.68 -70.89 -11.36
C GLY L 260 113.78 -71.14 -9.86
N SER L 261 114.18 -72.35 -9.47
CA SER L 261 114.33 -72.69 -8.03
C SER L 261 115.62 -73.49 -7.81
N CYS L 262 116.18 -73.46 -6.59
CA CYS L 262 117.45 -74.17 -6.31
C CYS L 262 117.58 -74.50 -4.82
N ASP L 263 118.49 -75.42 -4.48
CA ASP L 263 118.74 -75.78 -3.04
C ASP L 263 120.18 -75.41 -2.71
N VAL L 264 120.39 -74.62 -1.64
CA VAL L 264 121.74 -74.16 -1.32
C VAL L 264 122.42 -75.08 -0.32
N LYS L 265 121.82 -76.23 -0.03
CA LYS L 265 122.39 -77.38 0.71
C LYS L 265 122.72 -77.15 2.18
N PHE L 266 122.14 -76.15 2.85
CA PHE L 266 122.29 -76.04 4.29
C PHE L 266 121.06 -75.34 4.86
N PRO L 267 120.74 -75.56 6.13
CA PRO L 267 119.65 -74.78 6.75
C PRO L 267 120.05 -73.33 6.92
N ILE L 268 119.08 -72.44 6.76
CA ILE L 268 119.31 -71.00 6.81
C ILE L 268 118.54 -70.42 7.99
N ARG L 269 119.16 -69.47 8.69
CA ARG L 269 118.57 -68.83 9.88
C ARG L 269 118.08 -67.45 9.46
N LEU L 270 116.76 -67.28 9.43
CA LEU L 270 116.18 -66.14 8.72
C LEU L 270 116.12 -64.90 9.59
N GLU L 271 116.27 -65.04 10.90
CA GLU L 271 116.12 -63.91 11.80
C GLU L 271 117.31 -62.96 11.71
N GLY L 272 118.51 -63.49 11.59
CA GLY L 272 119.66 -62.63 11.31
C GLY L 272 119.58 -62.02 9.93
N LEU L 273 118.94 -62.72 9.00
CA LEU L 273 118.83 -62.23 7.63
C LEU L 273 117.86 -61.06 7.55
N VAL L 274 116.81 -61.05 8.38
CA VAL L 274 115.94 -59.89 8.41
C VAL L 274 116.53 -58.82 9.32
N LEU L 275 117.41 -59.21 10.24
CA LEU L 275 118.02 -58.23 11.13
C LEU L 275 119.06 -57.38 10.41
N THR L 276 119.82 -57.97 9.49
CA THR L 276 120.88 -57.21 8.84
C THR L 276 120.49 -56.63 7.49
N HIS L 277 119.36 -57.04 6.92
CA HIS L 277 118.94 -56.54 5.61
C HIS L 277 117.47 -56.16 5.63
N GLN L 278 117.03 -55.41 6.64
CA GLN L 278 115.61 -55.13 6.79
C GLN L 278 115.12 -54.09 5.78
N GLN L 279 116.02 -53.49 5.01
CA GLN L 279 115.59 -52.55 3.98
C GLN L 279 115.00 -53.30 2.79
N PHE L 280 115.54 -54.47 2.47
CA PHE L 280 115.09 -55.15 1.23
C PHE L 280 114.30 -56.43 1.52
N SER L 281 114.22 -56.84 2.79
CA SER L 281 113.55 -58.13 3.08
C SER L 281 112.29 -57.92 3.93
N SER L 282 111.15 -58.44 3.47
CA SER L 282 109.92 -58.38 4.29
C SER L 282 109.60 -59.81 4.76
N TYR L 283 109.65 -60.06 6.06
CA TYR L 283 109.45 -61.46 6.54
C TYR L 283 108.35 -61.50 7.60
N GLU L 284 107.27 -62.21 7.32
CA GLU L 284 106.22 -62.40 8.35
C GLU L 284 105.93 -63.89 8.42
N PRO L 285 106.29 -64.61 9.50
CA PRO L 285 106.13 -66.06 9.55
C PRO L 285 104.69 -66.56 9.47
N GLU L 286 103.76 -65.90 10.17
CA GLU L 286 102.36 -66.42 10.22
C GLU L 286 101.73 -66.39 8.83
N LEU L 287 101.88 -65.28 8.11
CA LEU L 287 101.19 -65.16 6.78
C LEU L 287 101.75 -66.16 5.78
N PHE L 288 103.08 -66.29 5.70
CA PHE L 288 103.73 -67.20 4.73
C PHE L 288 105.02 -67.73 5.36
N PRO L 289 105.39 -69.02 5.24
CA PRO L 289 106.58 -69.52 5.93
C PRO L 289 107.84 -69.26 5.10
N GLY L 290 108.04 -68.02 4.67
CA GLY L 290 109.19 -67.70 3.80
C GLY L 290 109.56 -66.23 3.88
N LEU L 291 110.77 -65.89 3.45
CA LEU L 291 111.23 -64.48 3.51
C LEU L 291 111.29 -63.94 2.09
N ILE L 292 110.62 -62.81 1.83
CA ILE L 292 110.67 -62.18 0.48
C ILE L 292 111.84 -61.19 0.49
N TYR L 293 112.89 -61.47 -0.27
CA TYR L 293 114.03 -60.52 -0.37
C TYR L 293 114.03 -59.93 -1.77
N ARG L 294 113.96 -58.60 -1.86
CA ARG L 294 113.86 -57.96 -3.19
C ARG L 294 115.26 -57.46 -3.57
N MET L 295 115.82 -58.01 -4.66
CA MET L 295 117.13 -57.52 -5.12
C MET L 295 116.88 -56.24 -5.93
N ILE L 296 117.58 -55.15 -5.61
CA ILE L 296 117.30 -53.85 -6.27
C ILE L 296 117.88 -53.79 -7.68
N LYS L 297 119.02 -54.43 -7.93
CA LYS L 297 119.67 -54.24 -9.26
C LYS L 297 119.20 -55.28 -10.29
N PRO L 298 119.18 -56.59 -9.99
CA PRO L 298 118.60 -57.59 -10.91
C PRO L 298 117.08 -57.38 -11.10
N ARG L 299 116.37 -56.96 -10.03
CA ARG L 299 114.89 -56.77 -10.07
C ARG L 299 114.24 -58.14 -9.98
N ILE L 300 114.67 -58.96 -9.02
CA ILE L 300 114.15 -60.31 -8.87
C ILE L 300 113.53 -60.39 -7.48
N VAL L 301 112.56 -61.29 -7.29
CA VAL L 301 111.99 -61.57 -5.99
C VAL L 301 112.40 -62.98 -5.60
N LEU L 302 112.97 -63.14 -4.41
CA LEU L 302 113.45 -64.43 -3.95
C LEU L 302 112.72 -64.84 -2.69
N LEU L 303 112.07 -65.98 -2.73
CA LEU L 303 111.51 -66.59 -1.54
C LEU L 303 112.56 -67.52 -0.96
N ILE L 304 113.05 -67.19 0.22
CA ILE L 304 114.10 -67.94 0.90
C ILE L 304 113.47 -68.72 2.04
N PHE L 305 113.62 -70.03 2.02
CA PHE L 305 113.00 -70.85 3.05
C PHE L 305 114.05 -71.35 4.04
N VAL L 306 113.56 -71.85 5.18
CA VAL L 306 114.46 -72.27 6.25
C VAL L 306 115.12 -73.59 5.90
N SER L 307 114.47 -74.39 5.05
CA SER L 307 115.00 -75.71 4.74
C SER L 307 116.16 -75.63 3.76
N GLY L 308 116.32 -74.51 3.08
CA GLY L 308 117.43 -74.35 2.17
C GLY L 308 117.00 -74.13 0.74
N LYS L 309 115.71 -74.21 0.48
CA LYS L 309 115.22 -74.05 -0.88
C LYS L 309 114.93 -72.58 -1.15
N VAL L 310 115.45 -72.06 -2.26
CA VAL L 310 115.25 -70.69 -2.69
C VAL L 310 114.51 -70.71 -4.01
N VAL L 311 113.53 -69.83 -4.15
CA VAL L 311 112.74 -69.71 -5.39
C VAL L 311 112.92 -68.32 -5.96
N LEU L 312 113.40 -68.22 -7.19
CA LEU L 312 113.66 -66.95 -7.85
C LEU L 312 112.58 -66.70 -8.89
N THR L 313 111.88 -65.58 -8.77
CA THR L 313 110.79 -65.27 -9.67
C THR L 313 110.85 -63.81 -10.09
N GLY L 314 110.24 -63.52 -11.23
CA GLY L 314 110.09 -62.14 -11.68
C GLY L 314 111.15 -61.69 -12.65
N ALA L 315 111.61 -62.59 -13.51
CA ALA L 315 112.73 -62.35 -14.41
C ALA L 315 112.28 -62.48 -15.84
N LYS L 316 112.93 -61.74 -16.73
CA LYS L 316 112.63 -61.90 -18.15
C LYS L 316 113.61 -62.83 -18.83
N VAL L 317 114.89 -62.75 -18.48
CA VAL L 317 115.93 -63.54 -19.12
C VAL L 317 116.52 -64.53 -18.13
N ARG L 318 117.37 -65.43 -18.65
CA ARG L 318 117.98 -66.44 -17.81
C ARG L 318 119.13 -65.87 -17.00
N ALA L 319 119.86 -64.92 -17.60
CA ALA L 319 121.06 -64.40 -16.97
C ALA L 319 120.74 -63.55 -15.75
N GLU L 320 119.52 -63.01 -15.69
CA GLU L 320 119.09 -62.28 -14.51
C GLU L 320 118.90 -63.21 -13.32
N ILE L 321 118.35 -64.40 -13.58
CA ILE L 321 118.20 -65.40 -12.53
C ILE L 321 119.57 -65.88 -12.06
N TYR L 322 120.50 -66.05 -13.01
CA TYR L 322 121.83 -66.54 -12.64
C TYR L 322 122.59 -65.49 -11.84
N GLU L 323 122.50 -64.22 -12.24
CA GLU L 323 123.20 -63.16 -11.54
C GLU L 323 122.57 -62.88 -10.17
N ALA L 324 121.25 -63.04 -10.05
CA ALA L 324 120.61 -62.86 -8.76
C ALA L 324 121.00 -63.96 -7.79
N PHE L 325 121.13 -65.21 -8.27
CA PHE L 325 121.55 -66.28 -7.38
C PHE L 325 123.00 -66.13 -6.98
N GLU L 326 123.87 -65.70 -7.91
CA GLU L 326 125.27 -65.48 -7.54
C GLU L 326 125.42 -64.27 -6.64
N ASN L 327 124.46 -63.35 -6.68
CA ASN L 327 124.47 -62.24 -5.74
C ASN L 327 124.07 -62.70 -4.35
N ILE L 328 123.03 -63.53 -4.25
CA ILE L 328 122.48 -63.82 -2.93
C ILE L 328 123.13 -65.03 -2.29
N TYR L 329 123.98 -65.74 -3.01
CA TYR L 329 124.67 -66.86 -2.39
C TYR L 329 125.65 -66.53 -1.25
N PRO L 330 126.51 -65.49 -1.33
CA PRO L 330 127.43 -65.26 -0.19
C PRO L 330 126.73 -64.80 1.08
N ILE L 331 125.61 -64.10 0.96
CA ILE L 331 124.83 -63.71 2.14
C ILE L 331 124.26 -64.94 2.83
N LEU L 332 123.73 -65.88 2.03
CA LEU L 332 123.15 -67.08 2.60
C LEU L 332 124.22 -67.98 3.22
N LYS L 333 125.42 -68.01 2.63
CA LYS L 333 126.49 -68.77 3.26
C LYS L 333 126.97 -68.09 4.53
N GLY L 334 126.91 -66.76 4.57
CA GLY L 334 127.27 -66.05 5.78
C GLY L 334 126.27 -66.24 6.90
N PHE L 335 125.02 -66.54 6.56
CA PHE L 335 124.02 -66.78 7.59
C PHE L 335 123.63 -68.24 7.74
N ARG L 336 124.58 -69.17 7.62
CA ARG L 336 124.32 -70.58 7.84
C ARG L 336 124.01 -70.81 9.31
N LYS L 337 123.17 -71.81 9.59
CA LYS L 337 122.80 -72.13 10.97
C LYS L 337 123.97 -72.73 11.74
N THR M 9 65.61 -104.10 -14.59
CA THR M 9 65.83 -102.75 -14.07
C THR M 9 65.57 -101.68 -15.12
N VAL M 10 65.95 -101.94 -16.37
CA VAL M 10 65.56 -101.09 -17.50
C VAL M 10 64.13 -101.31 -18.03
N PRO M 11 63.60 -102.55 -18.22
CA PRO M 11 62.26 -102.62 -18.81
C PRO M 11 61.17 -102.23 -17.85
N LYS M 12 61.40 -102.34 -16.54
CA LYS M 12 60.42 -101.88 -15.57
C LYS M 12 60.19 -100.37 -15.69
N LEU M 13 61.29 -99.61 -15.75
CA LEU M 13 61.20 -98.16 -15.93
C LEU M 13 60.61 -97.82 -17.28
N TYR M 14 60.95 -98.59 -18.32
CA TYR M 14 60.43 -98.30 -19.66
C TYR M 14 58.93 -98.54 -19.76
N ARG M 15 58.44 -99.64 -19.17
CA ARG M 15 57.00 -99.92 -19.15
C ARG M 15 56.25 -98.88 -18.35
N SER M 16 56.78 -98.50 -17.17
CA SER M 16 56.09 -97.54 -16.33
C SER M 16 56.01 -96.16 -16.99
N VAL M 17 57.09 -95.72 -17.62
CA VAL M 17 57.06 -94.37 -18.18
C VAL M 17 56.32 -94.36 -19.53
N ILE M 18 56.25 -95.49 -20.24
CA ILE M 18 55.52 -95.48 -21.51
C ILE M 18 54.02 -95.53 -21.23
N GLU M 19 53.61 -96.20 -20.15
CA GLU M 19 52.20 -96.17 -19.79
C GLU M 19 51.84 -94.85 -19.12
N ASP M 20 52.81 -94.22 -18.46
CA ASP M 20 52.60 -92.90 -17.89
C ASP M 20 52.37 -91.87 -18.98
N VAL M 21 53.20 -91.88 -20.03
CA VAL M 21 53.05 -90.89 -21.09
C VAL M 21 51.83 -91.20 -21.95
N ILE M 22 51.44 -92.49 -22.04
CA ILE M 22 50.22 -92.84 -22.78
C ILE M 22 48.98 -92.31 -22.04
N ASN M 23 48.90 -92.57 -20.72
CA ASN M 23 47.74 -92.15 -19.97
C ASN M 23 47.75 -90.64 -19.72
N ASP M 24 48.88 -89.98 -19.95
CA ASP M 24 48.85 -88.52 -19.95
C ASP M 24 48.50 -87.93 -21.31
N VAL M 25 48.94 -88.55 -22.41
CA VAL M 25 48.74 -87.99 -23.74
C VAL M 25 47.40 -88.37 -24.33
N ARG M 26 46.64 -89.24 -23.65
CA ARG M 26 45.26 -89.52 -24.04
C ARG M 26 44.40 -88.26 -24.09
N ASP M 27 44.43 -87.46 -23.01
CA ASP M 27 43.66 -86.22 -22.99
C ASP M 27 44.28 -85.17 -23.89
N ILE M 28 45.60 -85.23 -24.11
CA ILE M 28 46.25 -84.27 -24.99
C ILE M 28 45.80 -84.49 -26.44
N PHE M 29 45.68 -85.74 -26.87
CA PHE M 29 45.25 -85.99 -28.24
C PHE M 29 43.74 -85.83 -28.40
N LEU M 30 42.97 -86.20 -27.38
CA LEU M 30 41.52 -86.08 -27.51
C LEU M 30 41.05 -84.65 -27.25
N ASP M 31 41.95 -83.80 -26.73
CA ASP M 31 41.69 -82.37 -26.76
C ASP M 31 42.26 -81.73 -28.01
N ASP M 32 43.06 -82.48 -28.78
CA ASP M 32 43.50 -82.07 -30.11
C ASP M 32 42.78 -82.87 -31.20
N GLY M 33 41.79 -83.67 -30.81
CA GLY M 33 40.83 -84.23 -31.73
C GLY M 33 41.32 -85.32 -32.67
N VAL M 34 41.58 -86.52 -32.14
CA VAL M 34 41.95 -87.65 -32.99
C VAL M 34 41.41 -88.91 -32.33
N ASP M 35 41.30 -89.98 -33.13
CA ASP M 35 40.71 -91.25 -32.63
C ASP M 35 41.66 -91.94 -31.65
N GLU M 36 41.11 -92.77 -30.77
CA GLU M 36 41.91 -93.56 -29.83
C GLU M 36 42.74 -94.63 -30.54
N GLN M 37 42.31 -95.06 -31.74
CA GLN M 37 43.12 -96.03 -32.52
C GLN M 37 44.42 -95.35 -32.98
N VAL M 38 44.43 -94.02 -33.09
CA VAL M 38 45.67 -93.31 -33.40
C VAL M 38 46.63 -93.34 -32.21
N LEU M 39 46.09 -93.22 -30.99
CA LEU M 39 46.88 -93.42 -29.78
C LEU M 39 47.42 -94.85 -29.69
N MET M 40 46.58 -95.82 -30.05
CA MET M 40 47.00 -97.22 -30.07
C MET M 40 48.08 -97.46 -31.12
N GLU M 41 47.98 -96.78 -32.27
CA GLU M 41 49.02 -96.90 -33.29
C GLU M 41 50.33 -96.28 -32.81
N LEU M 42 50.24 -95.19 -32.03
CA LEU M 42 51.42 -94.59 -31.41
C LEU M 42 52.15 -95.58 -30.50
N LYS M 43 51.41 -96.16 -29.54
CA LYS M 43 52.03 -97.08 -28.59
C LYS M 43 52.49 -98.38 -29.27
N THR M 44 51.71 -98.86 -30.24
CA THR M 44 52.04 -100.12 -30.90
C THR M 44 53.30 -100.00 -31.74
N LEU M 45 53.41 -98.94 -32.55
CA LEU M 45 54.61 -98.78 -33.36
C LEU M 45 55.79 -98.34 -32.50
N TRP M 46 55.52 -97.71 -31.37
CA TRP M 46 56.59 -97.33 -30.44
C TRP M 46 57.23 -98.56 -29.81
N GLU M 47 56.43 -99.56 -29.45
CA GLU M 47 57.02 -100.81 -28.96
C GLU M 47 57.59 -101.64 -30.09
N ASN M 48 57.06 -101.45 -31.32
CA ASN M 48 57.70 -102.05 -32.50
C ASN M 48 59.12 -101.52 -32.69
N LYS M 49 59.34 -100.24 -32.43
CA LYS M 49 60.70 -99.70 -32.58
C LYS M 49 61.60 -100.17 -31.45
N LEU M 50 61.04 -100.44 -30.27
CA LEU M 50 61.85 -101.01 -29.20
C LEU M 50 62.21 -102.47 -29.50
N MET M 51 61.35 -103.16 -30.26
CA MET M 51 61.76 -104.44 -30.84
C MET M 51 62.89 -104.23 -31.83
N GLN M 52 62.70 -103.31 -32.78
CA GLN M 52 63.67 -103.14 -33.90
C GLN M 52 65.07 -102.67 -33.45
N SER M 53 65.18 -101.90 -32.37
CA SER M 53 66.52 -101.52 -31.93
C SER M 53 67.28 -102.73 -31.38
N ARG M 54 66.56 -103.71 -30.81
CA ARG M 54 67.18 -104.99 -30.36
C ARG M 54 68.32 -104.75 -29.37
N ALA M 55 68.02 -104.14 -28.22
CA ALA M 55 69.02 -103.97 -27.17
C ALA M 55 68.54 -104.44 -25.82
N VAL M 56 67.28 -104.19 -25.48
CA VAL M 56 66.71 -104.62 -24.21
C VAL M 56 65.60 -105.63 -24.52
N ASP M 57 65.54 -106.71 -23.75
CA ASP M 57 64.53 -107.74 -23.95
C ASP M 57 63.31 -107.53 -23.04
N GLY M 58 62.13 -107.60 -23.64
CA GLY M 58 60.91 -107.24 -22.95
C GLY M 58 59.71 -107.92 -23.56
N PHE M 59 58.64 -107.12 -23.72
CA PHE M 59 57.29 -107.69 -23.89
C PHE M 59 56.90 -107.83 -25.36
N HIS M 60 56.96 -106.75 -26.14
CA HIS M 60 56.45 -106.79 -27.51
C HIS M 60 57.34 -107.63 -28.42
N SER M 61 58.60 -107.85 -28.00
CA SER M 61 59.47 -108.80 -28.70
C SER M 61 58.99 -110.24 -28.49
N GLU M 62 58.53 -110.58 -27.29
CA GLU M 62 58.04 -111.93 -27.05
C GLU M 62 56.66 -112.14 -27.67
N GLU M 63 55.90 -111.08 -27.84
CA GLU M 63 54.62 -111.14 -28.55
C GLU M 63 54.82 -111.04 -30.06
N THR M 331 77.04 -93.83 -33.20
CA THR M 331 76.71 -95.14 -32.67
C THR M 331 77.50 -95.42 -31.40
N GLU M 332 78.30 -94.46 -30.93
CA GLU M 332 79.31 -94.75 -29.91
C GLU M 332 78.70 -94.91 -28.53
N ASN M 333 79.57 -95.18 -27.56
CA ASN M 333 79.17 -95.39 -26.18
C ASN M 333 78.92 -94.05 -25.51
N VAL M 334 77.66 -93.65 -25.38
CA VAL M 334 77.30 -92.33 -24.87
C VAL M 334 76.62 -92.51 -23.52
N VAL M 335 77.01 -91.68 -22.56
CA VAL M 335 76.33 -91.60 -21.28
C VAL M 335 75.74 -90.20 -21.16
N VAL M 336 74.42 -90.11 -21.08
CA VAL M 336 73.75 -88.84 -20.87
C VAL M 336 73.28 -88.80 -19.42
N CYS M 337 73.36 -87.64 -18.78
CA CYS M 337 73.12 -87.53 -17.35
C CYS M 337 72.89 -86.08 -16.96
N GLN M 338 72.90 -85.83 -15.65
CA GLN M 338 72.99 -84.50 -15.09
C GLN M 338 74.13 -84.46 -14.10
N TYR M 339 74.59 -83.25 -13.74
CA TYR M 339 75.73 -83.10 -12.86
C TYR M 339 75.36 -82.33 -11.59
N ASP M 340 76.16 -82.52 -10.55
CA ASP M 340 76.05 -81.72 -9.33
C ASP M 340 77.18 -80.69 -9.37
N LYS M 341 78.42 -81.17 -9.45
CA LYS M 341 79.58 -80.30 -9.57
C LYS M 341 80.72 -81.01 -10.29
N ILE M 342 81.44 -80.25 -11.11
CA ILE M 342 82.66 -80.70 -11.76
C ILE M 342 83.81 -79.91 -11.15
N HIS M 343 84.79 -80.61 -10.60
CA HIS M 343 85.83 -79.99 -9.80
C HIS M 343 87.19 -80.29 -10.44
N ARG M 344 88.05 -79.27 -10.55
CA ARG M 344 89.30 -79.51 -11.32
C ARG M 344 90.57 -79.21 -10.52
N SER M 345 91.38 -80.24 -10.26
CA SER M 345 92.70 -80.01 -9.61
C SER M 345 93.73 -79.79 -10.73
N LYS M 346 95.02 -79.68 -10.38
CA LYS M 346 96.03 -79.37 -11.41
C LYS M 346 96.03 -80.49 -12.48
N ASN M 347 95.99 -81.75 -12.06
CA ASN M 347 96.08 -82.87 -13.05
C ASN M 347 94.86 -83.80 -12.99
N LYS M 348 93.91 -83.57 -12.09
CA LYS M 348 92.79 -84.55 -11.96
C LYS M 348 91.42 -83.85 -11.95
N TRP M 349 90.37 -84.56 -12.39
CA TRP M 349 88.99 -84.01 -12.44
C TRP M 349 88.07 -84.87 -11.57
N LYS M 350 87.14 -84.24 -10.84
CA LYS M 350 86.18 -84.97 -10.04
C LYS M 350 84.77 -84.62 -10.51
N PHE M 351 84.04 -85.62 -11.01
CA PHE M 351 82.71 -85.45 -11.55
C PHE M 351 81.70 -85.96 -10.54
N HIS M 352 80.69 -85.14 -10.25
CA HIS M 352 79.54 -85.55 -9.44
C HIS M 352 78.32 -85.64 -10.35
N LEU M 353 78.15 -86.79 -10.98
CA LEU M 353 77.10 -87.00 -11.96
C LEU M 353 75.91 -87.66 -11.30
N LYS M 354 74.73 -87.46 -11.86
CA LYS M 354 73.51 -88.01 -11.27
C LYS M 354 72.43 -88.18 -12.33
N ASP M 355 71.56 -89.17 -12.09
CA ASP M 355 70.36 -89.48 -12.88
C ASP M 355 70.63 -89.70 -14.36
N GLY M 356 71.39 -90.74 -14.69
CA GLY M 356 71.88 -90.92 -16.04
C GLY M 356 71.51 -92.25 -16.66
N ILE M 357 71.51 -92.30 -17.99
CA ILE M 357 71.20 -93.50 -18.76
C ILE M 357 72.40 -93.81 -19.64
N MET M 358 73.13 -94.86 -19.28
CA MET M 358 74.34 -95.28 -19.96
C MET M 358 74.00 -96.25 -21.08
N ASN M 359 74.72 -96.13 -22.19
CA ASN M 359 74.66 -97.11 -23.27
C ASN M 359 76.08 -97.62 -23.50
N LEU M 360 76.37 -98.79 -22.96
CA LEU M 360 77.71 -99.37 -23.01
C LEU M 360 77.65 -100.78 -23.59
N ASN M 361 78.62 -101.10 -24.46
CA ASN M 361 78.80 -102.39 -25.11
C ASN M 361 77.56 -102.85 -25.87
N GLY M 362 76.74 -101.91 -26.35
CA GLY M 362 75.46 -102.21 -26.94
C GLY M 362 74.30 -102.12 -25.98
N ARG M 363 74.45 -102.63 -24.76
CA ARG M 363 73.35 -102.66 -23.82
C ARG M 363 73.20 -101.30 -23.14
N ASP M 364 72.17 -101.20 -22.30
CA ASP M 364 71.87 -99.97 -21.58
C ASP M 364 71.81 -100.26 -20.10
N TYR M 365 72.20 -99.27 -19.29
CA TYR M 365 72.11 -99.32 -17.84
C TYR M 365 71.64 -97.96 -17.34
N ILE M 366 71.19 -97.91 -16.10
CA ILE M 366 70.75 -96.65 -15.49
C ILE M 366 71.57 -96.44 -14.23
N PHE M 367 71.75 -95.18 -13.85
CA PHE M 367 72.29 -94.87 -12.52
C PHE M 367 71.65 -93.60 -12.01
N SER M 368 71.84 -93.34 -10.71
CA SER M 368 71.38 -92.09 -10.11
C SER M 368 72.49 -91.29 -9.45
N LYS M 369 73.70 -91.87 -9.34
CA LYS M 369 74.84 -91.16 -8.79
C LYS M 369 76.11 -91.76 -9.36
N ALA M 370 77.12 -90.90 -9.55
CA ALA M 370 78.38 -91.32 -10.13
C ALA M 370 79.48 -90.37 -9.66
N ILE M 371 80.57 -90.94 -9.17
CA ILE M 371 81.77 -90.19 -8.84
C ILE M 371 82.83 -90.55 -9.88
N GLY M 372 83.32 -89.54 -10.59
CA GLY M 372 84.27 -89.76 -11.65
C GLY M 372 85.62 -89.14 -11.33
N ASP M 373 86.63 -90.01 -11.22
CA ASP M 373 88.02 -89.54 -11.00
C ASP M 373 88.66 -89.56 -12.39
N ALA M 374 89.20 -88.44 -12.86
CA ALA M 374 89.71 -88.35 -14.22
C ALA M 374 91.08 -87.70 -14.22
N GLU M 375 92.05 -88.43 -14.76
CA GLU M 375 93.36 -87.89 -15.04
C GLU M 375 93.39 -87.35 -16.46
N TRP M 376 93.68 -86.07 -16.61
CA TRP M 376 93.70 -85.44 -17.96
C TRP M 376 95.01 -85.81 -18.67
N MET P 1 -27.59 36.53 39.95
CA MET P 1 -26.51 37.47 39.66
C MET P 1 -26.52 38.54 40.75
N CYS P 2 -27.71 38.80 41.32
CA CYS P 2 -27.81 39.68 42.49
C CYS P 2 -27.02 39.13 43.66
N GLU P 3 -26.92 37.81 43.78
CA GLU P 3 -26.04 37.21 44.77
C GLU P 3 -24.58 37.39 44.39
N SER P 4 -24.26 37.25 43.10
CA SER P 4 -22.88 37.39 42.65
C SER P 4 -22.46 38.83 42.47
N TYR P 5 -23.40 39.76 42.28
CA TYR P 5 -23.05 41.18 42.31
C TYR P 5 -22.78 41.63 43.74
N SER P 6 -23.50 41.06 44.71
CA SER P 6 -23.28 41.40 46.10
C SER P 6 -21.96 40.84 46.63
N ARG P 7 -21.53 39.71 46.09
CA ARG P 7 -20.30 39.09 46.57
C ARG P 7 -19.08 39.84 46.08
N SER P 8 -19.12 40.38 44.86
CA SER P 8 -18.00 41.15 44.34
C SER P 8 -17.90 42.51 45.03
N LEU P 9 -19.02 43.05 45.50
CA LEU P 9 -18.98 44.27 46.30
C LEU P 9 -18.50 44.02 47.72
N LEU P 10 -18.62 42.80 48.22
CA LEU P 10 -18.05 42.44 49.51
C LEU P 10 -16.61 41.97 49.41
N ARG P 11 -16.05 41.87 48.21
CA ARG P 11 -14.63 41.58 48.08
C ARG P 11 -13.81 42.86 48.10
N VAL P 12 -14.29 43.90 47.42
CA VAL P 12 -13.67 45.22 47.50
C VAL P 12 -13.89 45.83 48.89
N SER P 13 -15.03 45.54 49.53
CA SER P 13 -15.25 46.05 50.88
C SER P 13 -14.39 45.35 51.92
N VAL P 14 -14.07 44.08 51.71
CA VAL P 14 -13.08 43.41 52.56
C VAL P 14 -11.70 43.96 52.30
N ALA P 15 -11.38 44.20 51.02
CA ALA P 15 -10.07 44.73 50.63
C ALA P 15 -9.87 46.17 51.05
N GLN P 16 -10.92 46.88 51.45
CA GLN P 16 -10.78 48.22 52.01
C GLN P 16 -10.63 48.20 53.53
N ILE P 17 -10.98 47.08 54.17
CA ILE P 17 -10.69 46.93 55.60
C ILE P 17 -9.29 46.38 55.79
N CYS P 18 -8.87 45.44 54.93
CA CYS P 18 -7.54 44.86 55.05
C CYS P 18 -6.45 45.81 54.56
N GLN P 19 -6.80 46.83 53.78
CA GLN P 19 -5.82 47.83 53.35
C GLN P 19 -5.68 48.94 54.38
N ALA P 20 -6.79 49.35 54.99
CA ALA P 20 -6.80 50.44 55.95
C ALA P 20 -6.10 50.09 57.27
N LEU P 21 -5.76 48.81 57.46
CA LEU P 21 -5.16 48.36 58.75
C LEU P 21 -3.73 47.84 58.55
N GLY P 22 -3.11 48.09 57.39
CA GLY P 22 -1.69 47.73 57.21
C GLY P 22 -1.39 46.50 56.39
N TRP P 23 -2.37 45.68 56.01
CA TRP P 23 -2.04 44.55 55.11
C TRP P 23 -1.68 45.18 53.76
N ASP P 24 -0.54 44.80 53.18
CA ASP P 24 -0.12 45.50 51.93
C ASP P 24 -0.49 44.65 50.70
N SER P 25 -0.52 43.32 50.86
CA SER P 25 -0.87 42.42 49.74
C SER P 25 -1.68 41.26 50.29
N VAL P 26 -2.46 40.59 49.44
CA VAL P 26 -3.35 39.52 49.97
C VAL P 26 -3.19 38.27 49.13
N GLN P 27 -3.59 37.13 49.68
CA GLN P 27 -3.59 35.89 48.93
C GLN P 27 -4.98 35.69 48.34
N LEU P 28 -5.04 35.09 47.14
CA LEU P 28 -6.32 34.92 46.47
C LEU P 28 -7.17 33.85 47.13
N SER P 29 -6.54 32.81 47.68
CA SER P 29 -7.29 31.77 48.36
C SER P 29 -7.82 32.24 49.72
N ALA P 30 -7.29 33.33 50.26
CA ALA P 30 -7.72 33.83 51.55
C ALA P 30 -8.54 35.11 51.46
N CYS P 31 -8.74 35.64 50.25
CA CYS P 31 -9.67 36.74 50.07
C CYS P 31 -11.06 36.26 49.72
N HIS P 32 -11.16 35.11 49.05
CA HIS P 32 -12.47 34.50 48.81
C HIS P 32 -13.04 33.89 50.06
N LEU P 33 -12.22 33.55 51.04
CA LEU P 33 -12.73 33.01 52.29
C LEU P 33 -13.20 34.11 53.23
N LEU P 34 -12.47 35.22 53.32
CA LEU P 34 -12.85 36.30 54.21
C LEU P 34 -14.10 37.02 53.73
N THR P 35 -14.37 37.01 52.42
CA THR P 35 -15.61 37.58 51.93
C THR P 35 -16.78 36.60 52.02
N ASP P 36 -16.52 35.34 52.34
CA ASP P 36 -17.57 34.36 52.59
C ASP P 36 -17.95 34.29 54.05
N VAL P 37 -17.09 34.73 54.94
CA VAL P 37 -17.46 34.87 56.35
C VAL P 37 -18.28 36.14 56.55
N LEU P 38 -17.96 37.20 55.79
CA LEU P 38 -18.74 38.42 55.88
C LEU P 38 -20.11 38.26 55.23
N GLN P 39 -20.21 37.41 54.20
CA GLN P 39 -21.52 37.10 53.63
C GLN P 39 -22.36 36.29 54.60
N ARG P 40 -21.72 35.43 55.41
CA ARG P 40 -22.44 34.63 56.38
C ARG P 40 -22.72 35.39 57.67
N TYR P 41 -21.90 36.39 57.99
CA TYR P 41 -22.14 37.17 59.21
C TYR P 41 -23.26 38.17 59.04
N LEU P 42 -23.40 38.75 57.84
CA LEU P 42 -24.50 39.67 57.58
C LEU P 42 -25.83 38.95 57.55
N GLN P 43 -25.84 37.68 57.18
CA GLN P 43 -27.09 36.93 57.16
C GLN P 43 -27.48 36.47 58.55
N GLN P 44 -26.50 35.97 59.33
CA GLN P 44 -26.79 35.47 60.67
C GLN P 44 -27.23 36.57 61.62
N LEU P 45 -26.71 37.79 61.44
CA LEU P 45 -27.24 38.93 62.19
C LEU P 45 -28.64 39.29 61.75
N GLY P 46 -28.86 39.36 60.44
CA GLY P 46 -30.18 39.66 59.92
C GLY P 46 -31.21 38.58 60.14
N ARG P 47 -30.77 37.32 60.29
CA ARG P 47 -31.70 36.26 60.65
C ARG P 47 -32.08 36.37 62.12
N GLY P 48 -31.12 36.73 62.96
CA GLY P 48 -31.42 36.90 64.38
C GLY P 48 -32.27 38.12 64.66
N CYS P 49 -32.10 39.18 63.85
CA CYS P 49 -32.95 40.36 63.98
C CYS P 49 -34.37 40.10 63.52
N HIS P 50 -34.57 39.09 62.67
CA HIS P 50 -35.90 38.72 62.21
C HIS P 50 -36.58 37.73 63.14
N ARG P 51 -35.81 36.84 63.75
CA ARG P 51 -36.39 35.87 64.67
C ARG P 51 -36.81 36.51 65.99
N TYR P 52 -36.09 37.54 66.44
CA TYR P 52 -36.52 38.28 67.61
C TYR P 52 -37.69 39.21 67.34
N SER P 53 -37.99 39.52 66.08
CA SER P 53 -39.17 40.31 65.79
C SER P 53 -40.41 39.44 65.73
N GLU P 54 -40.31 38.29 65.06
CA GLU P 54 -41.44 37.38 64.91
C GLU P 54 -41.85 36.73 66.23
N LEU P 55 -40.97 36.73 67.21
CA LEU P 55 -41.30 36.14 68.50
C LEU P 55 -42.28 37.01 69.28
N TYR P 56 -42.09 38.32 69.24
CA TYR P 56 -42.97 39.25 69.92
C TYR P 56 -44.14 39.69 69.06
N GLY P 57 -44.32 39.08 67.91
CA GLY P 57 -45.49 39.35 67.10
C GLY P 57 -45.22 40.09 65.81
N ARG P 58 -44.31 41.06 65.82
CA ARG P 58 -44.18 41.94 64.67
C ARG P 58 -43.40 41.26 63.55
N THR P 59 -43.59 41.80 62.34
CA THR P 59 -42.87 41.28 61.18
C THR P 59 -41.62 42.08 60.86
N ASP P 60 -41.68 43.39 60.99
CA ASP P 60 -40.53 44.25 60.72
C ASP P 60 -39.80 44.55 62.02
N PRO P 61 -38.49 44.28 62.10
CA PRO P 61 -37.76 44.50 63.35
C PRO P 61 -37.55 45.97 63.64
N ILE P 62 -37.21 46.22 64.91
CA ILE P 62 -36.94 47.56 65.41
C ILE P 62 -35.57 47.56 66.06
N LEU P 63 -35.19 48.68 66.68
CA LEU P 63 -33.87 48.83 67.26
C LEU P 63 -33.63 47.89 68.43
N ASP P 64 -34.69 47.53 69.17
CA ASP P 64 -34.53 46.63 70.32
C ASP P 64 -34.21 45.21 69.86
N ASP P 65 -34.75 44.80 68.72
CA ASP P 65 -34.45 43.48 68.18
C ASP P 65 -33.02 43.40 67.67
N VAL P 66 -32.49 44.51 67.15
CA VAL P 66 -31.08 44.55 66.77
C VAL P 66 -30.19 44.52 68.01
N GLY P 67 -30.64 45.16 69.10
CA GLY P 67 -29.88 45.08 70.34
C GLY P 67 -29.94 43.71 70.98
N GLU P 68 -31.02 42.97 70.74
CA GLU P 68 -31.12 41.62 71.27
C GLU P 68 -30.38 40.61 70.40
N ALA P 69 -30.39 40.80 69.09
CA ALA P 69 -29.67 39.91 68.19
C ALA P 69 -28.18 40.19 68.15
N PHE P 70 -27.73 41.30 68.75
CA PHE P 70 -26.30 41.53 68.89
C PHE P 70 -25.72 40.65 69.99
N GLN P 71 -26.51 40.37 71.03
CA GLN P 71 -26.06 39.55 72.14
C GLN P 71 -26.11 38.07 71.83
N LEU P 72 -26.95 37.65 70.87
CA LEU P 72 -26.94 36.23 70.46
C LEU P 72 -25.65 35.99 69.69
N MET P 73 -25.34 36.88 68.74
CA MET P 73 -24.09 36.76 67.94
C MET P 73 -22.87 37.12 68.78
N GLY P 74 -23.09 37.78 69.92
CA GLY P 74 -21.98 38.15 70.83
C GLY P 74 -21.36 39.50 70.54
N VAL P 75 -21.95 40.28 69.63
CA VAL P 75 -21.44 41.66 69.37
C VAL P 75 -21.62 42.45 70.68
N SER P 76 -20.61 43.24 71.05
CA SER P 76 -20.66 44.02 72.31
C SER P 76 -20.73 45.51 71.97
N LEU P 77 -21.75 46.21 72.47
CA LEU P 77 -21.91 47.65 72.12
C LEU P 77 -20.85 48.49 72.82
N HIS P 78 -20.16 47.92 73.82
CA HIS P 78 -19.04 48.66 74.46
C HIS P 78 -17.85 48.63 73.51
N GLU P 79 -17.66 47.51 72.79
CA GLU P 79 -16.53 47.42 71.87
C GLU P 79 -16.83 48.00 70.50
N LEU P 80 -18.09 48.34 70.21
CA LEU P 80 -18.39 49.07 68.99
C LEU P 80 -18.04 50.55 69.14
N GLU P 81 -18.09 51.08 70.36
CA GLU P 81 -17.71 52.47 70.58
C GLU P 81 -16.19 52.65 70.47
N ASP P 82 -15.42 51.62 70.83
CA ASP P 82 -13.98 51.68 70.64
C ASP P 82 -13.57 51.47 69.19
N TYR P 83 -14.48 50.97 68.35
CA TYR P 83 -14.23 50.91 66.91
C TYR P 83 -14.70 52.16 66.21
N ILE P 84 -15.77 52.80 66.70
CA ILE P 84 -16.32 53.98 66.06
C ILE P 84 -15.57 55.26 66.44
N HIS P 85 -14.68 55.18 67.42
CA HIS P 85 -13.93 56.35 67.87
C HIS P 85 -12.44 56.27 67.57
N ASN P 86 -11.86 55.07 67.51
CA ASN P 86 -10.43 54.90 67.31
C ASN P 86 -10.05 54.51 65.89
N ILE P 87 -11.04 54.24 65.02
CA ILE P 87 -10.78 53.86 63.63
C ILE P 87 -11.49 54.87 62.74
N GLU P 88 -10.79 55.28 61.67
CA GLU P 88 -11.36 56.31 60.75
C GLU P 88 -12.22 55.63 59.69
N PRO P 89 -13.33 56.25 59.26
CA PRO P 89 -14.21 55.65 58.25
C PRO P 89 -13.49 55.49 56.90
N VAL P 90 -13.76 54.40 56.20
CA VAL P 90 -13.16 54.16 54.86
C VAL P 90 -14.28 54.32 53.82
N THR P 91 -14.08 55.15 52.80
CA THR P 91 -15.16 55.43 51.82
C THR P 91 -15.09 54.45 50.66
N PHE P 92 -16.23 53.84 50.29
CA PHE P 92 -16.28 52.88 49.16
C PHE P 92 -15.93 53.63 47.86
N PRO P 93 -15.13 53.05 46.95
CA PRO P 93 -14.68 53.77 45.75
C PRO P 93 -15.76 54.27 44.76
N HIS P 94 -16.87 53.55 44.64
CA HIS P 94 -17.93 53.90 43.69
C HIS P 94 -19.27 53.50 44.29
N GLN P 95 -20.17 54.48 44.43
CA GLN P 95 -21.45 54.24 45.07
C GLN P 95 -22.37 53.40 44.18
N ILE P 96 -23.30 52.70 44.81
CA ILE P 96 -24.21 51.79 44.14
C ILE P 96 -25.64 52.18 44.52
N PRO P 97 -26.52 52.43 43.55
CA PRO P 97 -27.88 52.90 43.88
C PRO P 97 -28.79 51.86 44.51
N SER P 98 -28.96 50.71 43.85
CA SER P 98 -29.81 49.59 44.24
C SER P 98 -29.53 48.45 43.28
N PHE P 99 -29.68 47.22 43.77
CA PHE P 99 -29.38 46.09 42.91
C PHE P 99 -30.48 45.82 41.87
N PRO P 100 -31.71 45.46 42.25
CA PRO P 100 -32.72 45.08 41.28
C PRO P 100 -33.22 46.30 40.51
N VAL P 101 -32.65 46.57 39.33
CA VAL P 101 -33.19 47.69 38.50
C VAL P 101 -34.61 47.29 38.13
N SER P 102 -35.58 48.20 38.25
CA SER P 102 -36.99 47.83 38.01
C SER P 102 -37.16 47.41 36.54
N LYS P 103 -37.83 46.28 36.30
CA LYS P 103 -38.10 45.84 34.92
C LYS P 103 -39.61 45.64 34.76
N ASN P 104 -40.22 46.27 33.76
CA ASN P 104 -41.68 46.12 33.52
C ASN P 104 -41.95 44.75 32.88
N ASN P 105 -43.00 44.06 33.35
CA ASN P 105 -43.38 42.76 32.73
C ASN P 105 -43.82 43.02 31.30
N VAL P 106 -43.52 42.11 30.37
CA VAL P 106 -43.80 42.36 28.92
C VAL P 106 -45.07 41.65 28.46
N LEU P 107 -45.95 41.26 29.38
CA LEU P 107 -47.25 40.66 28.98
C LEU P 107 -47.90 41.53 27.90
N GLN P 108 -48.41 40.93 26.82
CA GLN P 108 -48.99 41.65 25.68
C GLN P 108 -50.46 41.92 25.96
N PHE P 109 -50.71 43.02 26.64
CA PHE P 109 -52.06 43.50 26.90
C PHE P 109 -52.66 44.05 25.61
N PRO P 110 -54.00 44.05 25.48
CA PRO P 110 -54.59 44.16 24.12
C PRO P 110 -54.44 45.53 23.48
N GLN P 111 -54.93 45.58 22.25
CA GLN P 111 -54.68 46.60 21.24
C GLN P 111 -55.76 46.40 20.18
N PRO P 112 -55.82 47.22 19.11
CA PRO P 112 -56.63 46.84 17.95
C PRO P 112 -56.29 45.46 17.41
N GLY P 113 -57.34 44.69 17.13
CA GLY P 113 -57.24 43.31 16.68
C GLY P 113 -58.50 42.55 17.05
N SER P 114 -58.36 41.24 17.21
CA SER P 114 -59.46 40.37 17.63
C SER P 114 -58.87 39.10 18.25
N LYS P 115 -59.76 38.19 18.64
CA LYS P 115 -59.40 36.93 19.27
C LYS P 115 -60.30 35.84 18.68
N ASP P 116 -59.99 34.56 18.94
CA ASP P 116 -60.57 33.49 18.14
C ASP P 116 -61.86 32.92 18.71
N ALA P 117 -61.77 32.17 19.82
CA ALA P 117 -63.00 31.55 20.32
C ALA P 117 -63.17 31.63 21.84
N GLU P 118 -62.09 31.34 22.57
CA GLU P 118 -62.18 31.19 24.02
C GLU P 118 -60.98 31.72 24.77
N GLU P 119 -60.01 32.33 24.09
CA GLU P 119 -58.92 33.00 24.76
C GLU P 119 -59.40 34.32 25.31
N ARG P 120 -58.88 34.70 26.47
CA ARG P 120 -59.28 35.97 27.08
C ARG P 120 -58.69 37.15 26.30
N LYS P 121 -59.18 38.34 26.60
CA LYS P 121 -58.74 39.53 25.88
C LYS P 121 -57.31 39.92 26.23
N GLU P 122 -56.88 39.61 27.46
CA GLU P 122 -55.57 40.06 27.93
C GLU P 122 -54.41 39.26 27.37
N TYR P 123 -54.66 38.18 26.64
CA TYR P 123 -53.58 37.30 26.21
C TYR P 123 -52.81 37.91 25.04
N ILE P 124 -51.79 37.19 24.60
CA ILE P 124 -50.95 37.62 23.48
C ILE P 124 -51.76 37.47 22.19
N PRO P 125 -51.65 38.38 21.23
CA PRO P 125 -52.32 38.16 19.94
C PRO P 125 -51.68 37.01 19.17
N ASP P 126 -52.52 36.25 18.48
CA ASP P 126 -52.03 35.18 17.60
C ASP P 126 -51.53 35.84 16.33
N TYR P 127 -50.24 36.20 16.35
CA TYR P 127 -49.65 36.95 15.24
C TYR P 127 -49.38 36.05 14.04
N VAL Q 843 20.88 42.02 101.84
CA VAL Q 843 20.51 41.33 103.06
C VAL Q 843 19.21 41.95 103.60
N ASN Q 844 19.02 43.25 103.34
CA ASN Q 844 17.81 43.93 103.78
C ASN Q 844 16.59 43.47 102.98
N LEU Q 845 16.77 43.15 101.70
CA LEU Q 845 15.67 42.66 100.88
C LEU Q 845 15.27 41.24 101.20
N SER Q 846 16.16 40.44 101.79
CA SER Q 846 15.90 39.02 101.99
C SER Q 846 15.06 38.75 103.23
N GLU Q 847 15.25 39.52 104.30
CA GLU Q 847 14.52 39.28 105.54
C GLU Q 847 13.21 40.05 105.59
N GLU Q 848 13.13 41.17 104.86
CA GLU Q 848 11.92 42.03 104.88
C GLU Q 848 10.85 41.47 103.94
N SER Q 849 11.22 40.58 103.01
CA SER Q 849 10.23 40.02 102.09
C SER Q 849 9.28 39.08 102.81
N ALA Q 850 9.78 38.32 103.79
CA ALA Q 850 8.95 37.38 104.53
C ALA Q 850 8.14 38.04 105.64
N ARG Q 851 8.30 39.34 105.88
CA ARG Q 851 7.50 40.02 106.88
C ARG Q 851 6.22 40.60 106.32
N ILE Q 852 6.10 40.68 105.00
CA ILE Q 852 4.84 41.06 104.38
C ILE Q 852 3.87 39.87 104.40
N LEU Q 853 4.42 38.65 104.41
CA LEU Q 853 3.61 37.44 104.40
C LEU Q 853 3.41 36.83 105.78
N ALA Q 854 4.25 37.19 106.76
CA ALA Q 854 4.10 36.63 108.10
C ALA Q 854 2.88 37.23 108.81
N THR Q 855 2.62 38.52 108.59
CA THR Q 855 1.40 39.12 109.08
C THR Q 855 0.17 38.67 108.29
N ASN Q 856 0.36 38.07 107.12
CA ASN Q 856 -0.73 37.49 106.34
C ASN Q 856 -1.07 36.07 106.79
N SER Q 857 -0.62 35.67 107.98
CA SER Q 857 -1.02 34.40 108.59
C SER Q 857 -1.44 34.58 110.04
N GLU Q 858 -1.43 35.81 110.57
CA GLU Q 858 -1.85 36.10 111.93
C GLU Q 858 -3.20 36.80 112.00
N LEU Q 859 -3.52 37.66 111.02
CA LEU Q 859 -4.77 38.42 111.04
C LEU Q 859 -5.90 37.66 110.37
N VAL Q 860 -5.72 37.32 109.09
CA VAL Q 860 -6.78 36.74 108.28
C VAL Q 860 -6.80 35.22 108.47
N GLY Q 861 -7.98 34.65 108.56
CA GLY Q 861 -8.15 33.21 108.63
C GLY Q 861 -7.75 32.62 109.96
N THR Q 862 -8.34 33.13 111.05
CA THR Q 862 -8.02 32.60 112.37
C THR Q 862 -8.68 31.25 112.60
N LEU Q 863 -10.00 31.19 112.49
CA LEU Q 863 -10.72 29.93 112.56
C LEU Q 863 -11.03 29.44 111.15
N THR Q 864 -11.04 28.12 110.99
CA THR Q 864 -11.39 27.48 109.74
C THR Q 864 -12.85 27.04 109.81
N ARG Q 865 -13.63 27.43 108.82
CA ARG Q 865 -15.05 27.14 108.78
C ARG Q 865 -15.33 26.03 107.77
N SER Q 866 -16.61 25.70 107.62
CA SER Q 866 -17.09 24.80 106.56
C SER Q 866 -18.55 25.13 106.32
N CYS Q 867 -19.17 24.38 105.41
CA CYS Q 867 -20.53 24.70 105.00
C CYS Q 867 -21.19 23.45 104.42
N LYS Q 868 -22.49 23.33 104.67
CA LYS Q 868 -23.29 22.24 104.11
C LYS Q 868 -23.77 22.67 102.73
N ASP Q 869 -22.99 22.37 101.71
CA ASP Q 869 -23.36 22.71 100.35
C ASP Q 869 -24.45 21.76 99.87
N GLU Q 870 -25.68 22.26 99.81
CA GLU Q 870 -26.79 21.47 99.32
C GLU Q 870 -26.67 21.28 97.81
N THR Q 871 -27.41 20.30 97.30
CA THR Q 871 -27.42 20.00 95.88
C THR Q 871 -28.70 20.51 95.24
N PHE Q 872 -28.69 20.57 93.92
CA PHE Q 872 -29.87 20.98 93.18
C PHE Q 872 -30.82 19.81 92.97
N LEU Q 873 -30.30 18.69 92.50
CA LEU Q 873 -31.08 17.47 92.33
C LEU Q 873 -31.18 16.74 93.68
N LEU Q 874 -31.69 15.51 93.65
CA LEU Q 874 -31.75 14.67 94.83
C LEU Q 874 -30.70 13.56 94.70
N GLN Q 875 -30.00 13.26 95.79
CA GLN Q 875 -28.81 12.43 95.72
C GLN Q 875 -29.14 10.95 95.55
N ALA Q 876 -30.13 10.46 96.28
CA ALA Q 876 -30.49 9.04 96.25
C ALA Q 876 -31.28 8.61 95.01
N PRO Q 877 -32.21 9.39 94.44
CA PRO Q 877 -32.74 8.99 93.12
C PRO Q 877 -31.72 9.07 92.01
N LEU Q 878 -30.73 9.96 92.09
CA LEU Q 878 -29.77 10.11 91.01
C LEU Q 878 -28.77 8.96 90.96
N GLN Q 879 -28.33 8.49 92.13
CA GLN Q 879 -27.32 7.42 92.16
C GLN Q 879 -27.87 6.09 91.64
N ARG Q 880 -29.17 5.84 91.85
CA ARG Q 880 -29.78 4.68 91.23
C ARG Q 880 -29.99 4.90 89.73
N ARG Q 881 -30.12 6.16 89.31
CA ARG Q 881 -30.34 6.45 87.89
C ARG Q 881 -29.06 6.28 87.09
N ILE Q 882 -27.91 6.65 87.66
CA ILE Q 882 -26.63 6.55 86.96
C ILE Q 882 -26.26 5.09 86.71
N LEU Q 883 -26.54 4.22 87.67
CA LEU Q 883 -26.18 2.81 87.53
C LEU Q 883 -27.11 2.06 86.59
N GLU Q 884 -28.27 2.63 86.24
CA GLU Q 884 -29.12 2.03 85.22
C GLU Q 884 -28.62 2.33 83.82
N ILE Q 885 -27.98 3.48 83.63
CA ILE Q 885 -27.40 3.86 82.35
C ILE Q 885 -25.97 3.33 82.21
N GLY Q 886 -25.46 2.64 83.23
CA GLY Q 886 -24.13 2.09 83.15
C GLY Q 886 -24.09 0.57 83.11
N LYS Q 887 -25.23 -0.09 83.30
CA LYS Q 887 -25.24 -1.55 83.28
C LYS Q 887 -25.05 -2.10 81.87
N LYS Q 888 -25.31 -1.29 80.84
CA LYS Q 888 -25.04 -1.72 79.47
C LYS Q 888 -23.55 -1.74 79.19
N HIS Q 889 -22.83 -0.72 79.65
CA HIS Q 889 -21.43 -0.52 79.32
C HIS Q 889 -20.49 -1.18 80.34
N GLY Q 890 -21.02 -1.98 81.26
CA GLY Q 890 -20.19 -2.70 82.20
C GLY Q 890 -19.71 -1.86 83.35
N ILE Q 891 -20.64 -1.12 83.98
CA ILE Q 891 -20.33 -0.23 85.09
C ILE Q 891 -21.13 -0.67 86.29
N THR Q 892 -20.45 -1.00 87.38
CA THR Q 892 -21.09 -1.52 88.59
C THR Q 892 -21.26 -0.43 89.65
N GLU Q 893 -20.17 0.22 90.04
CA GLU Q 893 -20.21 1.24 91.08
C GLU Q 893 -19.84 2.59 90.47
N LEU Q 894 -19.75 3.60 91.33
CA LEU Q 894 -19.37 4.94 90.91
C LEU Q 894 -18.56 5.61 92.02
N HIS Q 895 -17.70 6.52 91.62
CA HIS Q 895 -16.97 7.36 92.57
C HIS Q 895 -17.95 8.29 93.27
N PRO Q 896 -17.69 8.64 94.54
CA PRO Q 896 -18.60 9.57 95.24
C PRO Q 896 -18.57 10.99 94.68
N ASP Q 897 -17.57 11.35 93.89
CA ASP Q 897 -17.51 12.68 93.28
C ASP Q 897 -18.50 12.86 92.13
N VAL Q 898 -19.11 11.78 91.62
CA VAL Q 898 -19.84 11.85 90.37
C VAL Q 898 -21.24 12.41 90.57
N VAL Q 899 -21.91 12.03 91.66
CA VAL Q 899 -23.32 12.40 91.85
C VAL Q 899 -23.45 13.89 92.14
N SER Q 900 -22.50 14.46 92.85
CA SER Q 900 -22.50 15.90 93.06
C SER Q 900 -21.86 16.68 91.92
N TYR Q 901 -21.31 15.97 90.92
CA TYR Q 901 -20.85 16.61 89.70
C TYR Q 901 -21.96 16.73 88.67
N VAL Q 902 -22.80 15.70 88.54
CA VAL Q 902 -23.93 15.78 87.64
C VAL Q 902 -25.02 16.67 88.24
N SER Q 903 -25.13 16.72 89.56
CA SER Q 903 -26.09 17.61 90.19
C SER Q 903 -25.68 19.07 90.06
N HIS Q 904 -24.39 19.34 89.94
CA HIS Q 904 -23.91 20.66 89.61
C HIS Q 904 -23.92 20.93 88.12
N ALA Q 905 -23.91 19.88 87.29
CA ALA Q 905 -23.96 20.06 85.85
C ALA Q 905 -25.34 20.53 85.40
N THR Q 906 -26.39 19.82 85.81
CA THR Q 906 -27.74 20.20 85.41
C THR Q 906 -28.25 21.43 86.13
N GLN Q 907 -27.59 21.85 87.21
CA GLN Q 907 -27.95 23.13 87.80
C GLN Q 907 -27.45 24.28 86.94
N GLN Q 908 -26.19 24.21 86.47
CA GLN Q 908 -25.69 25.25 85.58
C GLN Q 908 -26.28 25.13 84.18
N ARG Q 909 -26.78 23.96 83.80
CA ARG Q 909 -27.42 23.81 82.50
C ARG Q 909 -28.80 24.48 82.51
N LEU Q 910 -29.60 24.21 83.53
CA LEU Q 910 -30.92 24.80 83.61
C LEU Q 910 -30.88 26.27 84.00
N GLN Q 911 -29.79 26.74 84.59
CA GLN Q 911 -29.68 28.15 84.91
C GLN Q 911 -29.36 28.99 83.69
N ASN Q 912 -28.66 28.41 82.71
CA ASN Q 912 -28.46 29.09 81.44
C ASN Q 912 -29.77 29.24 80.68
N LEU Q 913 -30.69 28.29 80.85
CA LEU Q 913 -31.95 28.32 80.12
C LEU Q 913 -32.93 29.31 80.71
N VAL Q 914 -32.94 29.46 82.05
CA VAL Q 914 -33.85 30.41 82.67
C VAL Q 914 -33.35 31.84 82.49
N GLU Q 915 -32.03 32.04 82.47
CA GLU Q 915 -31.49 33.37 82.21
C GLU Q 915 -31.73 33.83 80.77
N LYS Q 916 -31.97 32.90 79.85
CA LYS Q 916 -32.31 33.23 78.47
C LYS Q 916 -33.81 33.34 78.27
N ILE Q 917 -34.58 32.58 79.06
CA ILE Q 917 -36.03 32.71 79.05
C ILE Q 917 -36.45 34.05 79.66
N SER Q 918 -35.83 34.44 80.77
CA SER Q 918 -36.29 35.61 81.51
C SER Q 918 -35.97 36.91 80.79
N GLU Q 919 -34.91 36.93 79.98
CA GLU Q 919 -34.61 38.10 79.18
C GLU Q 919 -35.55 38.24 78.00
N THR Q 920 -36.27 37.16 77.64
CA THR Q 920 -37.24 37.16 76.55
C THR Q 920 -38.62 37.56 77.03
N ALA Q 921 -39.09 36.96 78.14
CA ALA Q 921 -40.43 37.20 78.64
C ALA Q 921 -40.63 38.61 79.17
N GLN Q 922 -39.55 39.27 79.60
CA GLN Q 922 -39.67 40.63 80.08
C GLN Q 922 -39.80 41.64 78.94
N GLN Q 923 -39.39 41.27 77.72
CA GLN Q 923 -39.61 42.13 76.57
C GLN Q 923 -41.09 42.19 76.20
N LYS Q 924 -41.84 41.11 76.49
CA LYS Q 924 -43.27 41.07 76.19
C LYS Q 924 -44.10 41.94 77.11
N ASN Q 925 -43.53 42.40 78.22
CA ASN Q 925 -44.19 43.38 79.09
C ASN Q 925 -43.83 44.81 78.73
N PHE Q 926 -43.04 45.02 77.69
CA PHE Q 926 -42.77 46.35 77.18
C PHE Q 926 -43.82 46.73 76.14
N SER Q 927 -44.20 48.00 76.17
CA SER Q 927 -45.22 48.52 75.26
C SER Q 927 -44.70 49.77 74.60
N TYR Q 928 -44.84 49.84 73.28
CA TYR Q 928 -44.50 51.04 72.52
C TYR Q 928 -45.74 51.86 72.17
N LYS Q 929 -46.90 51.49 72.71
CA LYS Q 929 -48.09 52.34 72.60
C LYS Q 929 -47.86 53.67 73.32
N ASP Q 930 -47.20 53.61 74.46
CA ASP Q 930 -47.07 54.74 75.38
C ASP Q 930 -45.62 55.19 75.51
N ASP Q 931 -44.93 55.26 74.38
CA ASP Q 931 -43.52 55.61 74.35
C ASP Q 931 -43.31 56.72 73.32
N ASP Q 932 -42.53 57.73 73.68
CA ASP Q 932 -42.04 58.69 72.71
C ASP Q 932 -40.89 58.05 71.93
N ARG Q 933 -40.50 58.73 70.85
CA ARG Q 933 -39.50 58.34 69.84
C ARG Q 933 -39.85 57.04 69.10
N TYR Q 934 -41.06 56.51 69.30
CA TYR Q 934 -41.52 55.30 68.61
C TYR Q 934 -42.91 55.58 68.07
N GLU Q 935 -43.08 55.55 66.75
CA GLU Q 935 -44.36 55.76 66.12
C GLU Q 935 -44.79 54.49 65.38
N GLN Q 936 -46.11 54.34 65.23
CA GLN Q 936 -46.68 53.12 64.69
C GLN Q 936 -46.67 53.14 63.18
N ALA Q 937 -46.23 52.03 62.56
CA ALA Q 937 -46.18 51.94 61.12
C ALA Q 937 -47.47 51.33 60.54
N SER Q 938 -47.80 50.12 60.95
CA SER Q 938 -48.93 49.42 60.34
C SER Q 938 -49.50 48.40 61.32
N ASP Q 939 -50.83 48.39 61.43
CA ASP Q 939 -51.53 47.39 62.30
C ASP Q 939 -52.50 46.52 61.48
N VAL Q 940 -52.07 45.35 61.01
CA VAL Q 940 -52.89 44.34 60.28
C VAL Q 940 -54.01 43.87 61.21
N ARG Q 941 -53.79 43.85 62.52
CA ARG Q 941 -54.83 43.31 63.45
C ARG Q 941 -56.10 44.15 63.34
N ALA Q 942 -55.98 45.49 63.35
CA ALA Q 942 -57.15 46.37 63.16
C ALA Q 942 -57.73 46.16 61.76
N GLN Q 943 -56.88 46.01 60.76
CA GLN Q 943 -57.54 45.75 59.44
C GLN Q 943 -58.40 44.47 59.49
N LEU Q 944 -57.88 43.40 60.09
CA LEU Q 944 -58.60 42.10 60.17
C LEU Q 944 -59.88 42.26 61.02
N LYS Q 945 -59.82 43.05 62.09
CA LYS Q 945 -61.03 43.32 62.93
C LYS Q 945 -62.10 44.01 62.08
N PHE Q 946 -61.73 44.98 61.25
CA PHE Q 946 -62.77 45.58 60.37
C PHE Q 946 -63.31 44.52 59.39
N PHE Q 947 -62.44 43.67 58.83
CA PHE Q 947 -63.04 42.64 57.93
C PHE Q 947 -64.01 41.75 58.71
N GLU Q 948 -63.67 41.39 59.94
CA GLU Q 948 -64.53 40.51 60.79
C GLU Q 948 -65.86 41.20 61.09
N GLN Q 949 -65.84 42.50 61.35
CA GLN Q 949 -67.10 43.26 61.59
C GLN Q 949 -67.95 43.24 60.32
N LEU Q 950 -67.33 43.41 59.14
CA LEU Q 950 -68.13 43.31 57.89
C LEU Q 950 -68.75 41.90 57.78
N ASP Q 951 -67.98 40.86 58.11
CA ASP Q 951 -68.50 39.47 58.04
C ASP Q 951 -69.67 39.27 59.02
N GLN Q 952 -69.57 39.82 60.23
CA GLN Q 952 -70.67 39.72 61.24
C GLN Q 952 -71.91 40.46 60.73
N ILE Q 953 -71.73 41.63 60.08
CA ILE Q 953 -72.90 42.35 59.50
C ILE Q 953 -73.53 41.47 58.43
N GLU Q 954 -72.72 40.80 57.60
CA GLU Q 954 -73.28 39.89 56.57
C GLU Q 954 -74.07 38.77 57.26
N LYS Q 955 -73.53 38.21 58.34
CA LYS Q 955 -74.21 37.11 59.07
C LYS Q 955 -75.54 37.62 59.62
N GLN Q 956 -75.58 38.84 60.16
CA GLN Q 956 -76.82 39.43 60.71
C GLN Q 956 -77.85 39.60 59.58
N ARG Q 957 -77.40 40.05 58.41
CA ARG Q 957 -78.34 40.19 57.26
C ARG Q 957 -78.89 38.80 56.91
N LYS Q 958 -78.02 37.78 56.90
CA LYS Q 958 -78.47 36.40 56.57
C LYS Q 958 -79.51 35.95 57.60
N ASP Q 959 -79.27 36.23 58.88
CA ASP Q 959 -80.20 35.83 59.97
C ASP Q 959 -81.54 36.53 59.78
N GLU Q 960 -81.51 37.82 59.41
CA GLU Q 960 -82.77 38.58 59.17
C GLU Q 960 -83.52 37.93 58.00
N GLN Q 961 -82.79 37.54 56.95
CA GLN Q 961 -83.42 36.88 55.79
C GLN Q 961 -84.06 35.55 56.24
N GLU Q 962 -83.37 34.79 57.09
CA GLU Q 962 -83.91 33.50 57.59
C GLU Q 962 -85.18 33.77 58.41
N ARG Q 963 -85.18 34.83 59.22
CA ARG Q 963 -86.36 35.18 60.04
C ARG Q 963 -87.53 35.53 59.12
N GLU Q 964 -87.24 36.27 58.04
CA GLU Q 964 -88.30 36.63 57.05
C GLU Q 964 -88.85 35.36 56.40
N ILE Q 965 -87.97 34.40 56.07
CA ILE Q 965 -88.41 33.12 55.45
C ILE Q 965 -89.32 32.38 56.45
N LEU Q 966 -88.94 32.40 57.73
CA LEU Q 966 -89.76 31.73 58.78
C LEU Q 966 -91.13 32.41 58.87
N MET Q 967 -91.16 33.74 58.80
CA MET Q 967 -92.44 34.50 58.86
C MET Q 967 -93.30 34.10 57.66
N ARG Q 968 -92.69 33.97 56.49
CA ARG Q 968 -93.44 33.57 55.26
C ARG Q 968 -93.96 32.14 55.43
N ARG Q 1054 -47.92 43.40 89.59
CA ARG Q 1054 -47.48 42.90 88.29
C ARG Q 1054 -46.55 41.71 88.47
N ILE Q 1055 -46.81 40.64 87.72
CA ILE Q 1055 -45.99 39.43 87.78
C ILE Q 1055 -45.82 38.89 86.37
N THR Q 1056 -44.58 38.65 85.98
CA THR Q 1056 -44.25 38.26 84.62
C THR Q 1056 -44.53 36.77 84.42
N ARG Q 1057 -45.15 36.43 83.30
CA ARG Q 1057 -45.41 35.05 82.95
C ARG Q 1057 -44.47 34.61 81.85
N VAL Q 1058 -44.32 33.28 81.71
CA VAL Q 1058 -43.44 32.67 80.72
C VAL Q 1058 -44.24 31.67 79.92
N ASN Q 1059 -44.24 31.82 78.60
CA ASN Q 1059 -44.92 30.89 77.72
C ASN Q 1059 -43.94 29.84 77.19
N LEU Q 1060 -44.49 28.80 76.57
CA LEU Q 1060 -43.64 27.79 75.94
C LEU Q 1060 -42.96 28.31 74.69
N ARG Q 1061 -43.52 29.35 74.06
CA ARG Q 1061 -42.91 29.95 72.89
C ARG Q 1061 -41.61 30.67 73.24
N ASP Q 1062 -41.47 31.14 74.48
CA ASP Q 1062 -40.21 31.72 74.93
C ASP Q 1062 -39.16 30.65 75.14
N LEU Q 1063 -39.57 29.41 75.40
CA LEU Q 1063 -38.64 28.29 75.56
C LEU Q 1063 -38.36 27.59 74.25
N ILE Q 1064 -39.32 27.59 73.32
CA ILE Q 1064 -39.09 27.05 71.98
C ILE Q 1064 -38.06 27.90 71.25
N PHE Q 1065 -38.13 29.22 71.41
CA PHE Q 1065 -37.17 30.11 70.79
C PHE Q 1065 -35.76 29.95 71.37
N CYS Q 1066 -35.68 29.68 72.67
CA CYS Q 1066 -34.38 29.46 73.30
C CYS Q 1066 -33.72 28.17 72.81
N LEU Q 1067 -34.52 27.16 72.48
CA LEU Q 1067 -33.97 25.88 72.03
C LEU Q 1067 -33.58 25.90 70.56
N GLU Q 1068 -34.22 26.74 69.74
CA GLU Q 1068 -33.98 26.71 68.31
C GLU Q 1068 -32.65 27.35 67.93
N ASN Q 1069 -32.11 28.21 68.79
CA ASN Q 1069 -30.95 29.03 68.46
C ASN Q 1069 -29.71 28.61 69.26
N GLU Q 1070 -29.48 27.31 69.43
CA GLU Q 1070 -28.41 26.85 70.29
C GLU Q 1070 -27.33 26.05 69.59
N ARG Q 1071 -27.64 25.41 68.46
CA ARG Q 1071 -26.82 24.54 67.61
C ARG Q 1071 -26.56 23.18 68.27
N GLU Q 1072 -26.84 23.05 69.56
CA GLU Q 1072 -26.85 21.74 70.21
C GLU Q 1072 -28.26 21.17 70.29
N THR Q 1073 -29.24 22.01 70.57
CA THR Q 1073 -30.63 21.60 70.69
C THR Q 1073 -31.47 22.00 69.48
N SER Q 1074 -30.85 22.52 68.43
CA SER Q 1074 -31.63 23.01 67.28
C SER Q 1074 -32.14 21.86 66.43
N HIS Q 1075 -31.25 20.98 66.00
CA HIS Q 1075 -31.65 19.77 65.28
C HIS Q 1075 -31.77 18.59 66.25
N SER Q 1076 -32.57 18.78 67.30
CA SER Q 1076 -32.70 17.80 68.35
C SER Q 1076 -34.12 17.27 68.41
N LEU Q 1077 -34.30 16.18 69.16
CA LEU Q 1077 -35.62 15.62 69.40
C LEU Q 1077 -36.39 16.36 70.47
N LEU Q 1078 -35.72 17.16 71.30
CA LEU Q 1078 -36.41 17.92 72.31
C LEU Q 1078 -37.25 19.03 71.71
N LEU Q 1079 -36.81 19.61 70.59
CA LEU Q 1079 -37.66 20.54 69.86
C LEU Q 1079 -38.81 19.85 69.15
N TYR Q 1080 -38.55 18.67 68.57
CA TYR Q 1080 -39.54 18.02 67.74
C TYR Q 1080 -40.72 17.50 68.56
N LYS Q 1081 -40.46 17.10 69.81
CA LYS Q 1081 -41.56 16.74 70.70
C LYS Q 1081 -42.27 17.97 71.25
N ALA Q 1082 -41.56 19.09 71.39
CA ALA Q 1082 -42.12 20.27 72.03
C ALA Q 1082 -42.80 21.21 71.06
N PHE Q 1083 -42.89 20.86 69.78
CA PHE Q 1083 -43.73 21.61 68.87
C PHE Q 1083 -45.18 21.16 68.92
N LEU Q 1084 -45.47 20.12 69.72
CA LEU Q 1084 -46.82 19.63 69.89
C LEU Q 1084 -47.32 19.69 71.32
N LYS Q 1085 -46.44 19.84 72.31
CA LYS Q 1085 -46.86 20.03 73.69
C LYS Q 1085 -45.86 20.88 74.45
N LEU R 202 -47.18 -28.39 60.34
CA LEU R 202 -46.69 -27.55 59.26
C LEU R 202 -45.69 -26.52 59.77
N SER R 203 -45.89 -26.07 61.01
CA SER R 203 -45.00 -25.10 61.65
C SER R 203 -43.75 -25.84 62.10
N ALA R 204 -42.69 -25.74 61.32
CA ALA R 204 -41.45 -26.46 61.59
C ALA R 204 -40.26 -25.52 61.65
N TYR R 205 -40.42 -24.36 62.29
CA TYR R 205 -39.30 -23.43 62.52
C TYR R 205 -38.74 -23.70 63.91
N ASN R 206 -37.83 -24.65 63.98
CA ASN R 206 -37.05 -24.96 65.17
C ASN R 206 -35.74 -24.15 65.11
N GLN R 207 -34.74 -24.58 65.89
CA GLN R 207 -33.33 -24.11 65.89
C GLN R 207 -33.22 -22.59 66.13
N GLN R 208 -33.62 -22.21 67.34
CA GLN R 208 -33.40 -20.86 67.84
C GLN R 208 -31.95 -20.69 68.30
N GLY R 209 -31.53 -19.43 68.39
CA GLY R 209 -30.25 -19.14 69.01
C GLY R 209 -30.28 -17.94 69.94
N ASP R 210 -30.03 -18.19 71.23
CA ASP R 210 -29.98 -17.22 72.34
C ASP R 210 -31.17 -16.27 72.36
N PRO R 211 -32.35 -16.72 72.81
CA PRO R 211 -33.57 -15.91 72.68
C PRO R 211 -33.63 -14.68 73.59
N THR R 212 -32.62 -14.42 74.42
CA THR R 212 -32.56 -13.15 75.13
C THR R 212 -31.95 -12.04 74.29
N MET R 213 -31.59 -12.31 73.04
CA MET R 213 -30.94 -11.30 72.15
C MET R 213 -31.78 -10.98 70.90
N TYR R 214 -32.99 -11.54 70.79
CA TYR R 214 -33.83 -11.33 69.59
C TYR R 214 -34.20 -9.85 69.45
N GLU R 215 -34.54 -9.21 70.57
CA GLU R 215 -34.91 -7.77 70.53
C GLU R 215 -33.71 -6.97 70.04
N GLU R 216 -32.51 -7.29 70.52
CA GLU R 216 -31.28 -6.57 70.09
C GLU R 216 -31.08 -6.76 68.59
N TYR R 217 -31.25 -7.99 68.08
CA TYR R 217 -31.01 -8.22 66.64
C TYR R 217 -32.01 -7.37 65.84
N TYR R 218 -33.29 -7.36 66.26
CA TYR R 218 -34.30 -6.60 65.48
C TYR R 218 -33.99 -5.09 65.52
N SER R 219 -33.58 -4.59 66.68
CA SER R 219 -33.26 -3.14 66.81
C SER R 219 -32.07 -2.80 65.91
N GLY R 220 -31.07 -3.68 65.85
CA GLY R 220 -29.92 -3.47 64.97
C GLY R 220 -30.33 -3.46 63.52
N LEU R 221 -31.23 -4.35 63.12
CA LEU R 221 -31.73 -4.35 61.73
C LEU R 221 -32.41 -3.00 61.46
N LYS R 222 -33.22 -2.52 62.41
CA LYS R 222 -33.93 -1.23 62.19
C LYS R 222 -32.89 -0.12 62.02
N HIS R 223 -31.84 -0.12 62.85
CA HIS R 223 -30.80 0.94 62.77
C HIS R 223 -30.08 0.89 61.42
N PHE R 224 -29.78 -0.31 60.94
CA PHE R 224 -29.11 -0.44 59.61
C PHE R 224 -30.04 0.09 58.52
N ILE R 225 -31.33 -0.22 58.60
CA ILE R 225 -32.29 0.31 57.58
C ILE R 225 -32.26 1.83 57.64
N GLU R 226 -32.24 2.40 58.84
CA GLU R 226 -32.20 3.89 58.98
C GLU R 226 -30.92 4.46 58.39
N CYS R 227 -29.75 3.84 58.61
CA CYS R 227 -28.47 4.44 58.13
C CYS R 227 -28.23 4.21 56.64
N SER R 228 -28.95 3.28 56.02
CA SER R 228 -28.84 2.97 54.57
C SER R 228 -29.38 4.13 53.72
N LEU R 229 -29.00 4.19 52.45
CA LEU R 229 -29.39 5.33 51.56
C LEU R 229 -30.89 5.44 51.34
N ASP R 230 -31.33 6.37 50.50
CA ASP R 230 -32.75 6.66 50.31
C ASP R 230 -33.43 5.73 49.32
N CYS R 231 -32.65 5.04 48.48
CA CYS R 231 -33.21 4.06 47.52
C CYS R 231 -33.34 2.69 48.20
N HIS R 232 -32.30 2.26 48.91
CA HIS R 232 -32.31 0.95 49.60
C HIS R 232 -33.37 0.88 50.71
N ARG R 233 -33.62 1.98 51.43
CA ARG R 233 -34.53 1.93 52.62
C ARG R 233 -35.91 1.39 52.23
N ALA R 234 -36.47 1.84 51.11
CA ALA R 234 -37.83 1.40 50.72
C ALA R 234 -37.82 -0.10 50.49
N GLU R 235 -36.79 -0.61 49.80
CA GLU R 235 -36.68 -2.06 49.49
C GLU R 235 -36.49 -2.87 50.77
N LEU R 236 -35.65 -2.39 51.68
CA LEU R 236 -35.33 -3.18 52.91
C LEU R 236 -36.48 -3.17 53.92
N SER R 237 -37.45 -2.28 53.74
CA SER R 237 -38.61 -2.18 54.67
C SER R 237 -39.45 -3.48 54.64
N GLN R 238 -39.58 -4.09 53.46
CA GLN R 238 -40.48 -5.28 53.36
C GLN R 238 -40.01 -6.37 54.32
N LEU R 239 -38.70 -6.47 54.58
CA LEU R 239 -38.14 -7.51 55.49
C LEU R 239 -38.72 -7.35 56.89
N PHE R 240 -39.01 -6.13 57.33
CA PHE R 240 -39.41 -5.93 58.75
C PHE R 240 -40.65 -6.76 59.11
N TYR R 241 -41.70 -6.75 58.31
CA TYR R 241 -42.90 -7.51 58.77
C TYR R 241 -42.70 -9.03 58.79
N PRO R 242 -42.22 -9.72 57.73
CA PRO R 242 -41.90 -11.15 57.81
C PRO R 242 -40.89 -11.54 58.90
N LEU R 243 -39.87 -10.72 59.12
CA LEU R 243 -38.91 -11.00 60.22
C LEU R 243 -39.66 -10.97 61.55
N PHE R 244 -40.43 -9.92 61.83
CA PHE R 244 -41.06 -9.79 63.17
C PHE R 244 -41.98 -10.98 63.44
N VAL R 245 -42.84 -11.33 62.47
CA VAL R 245 -43.81 -12.42 62.75
C VAL R 245 -43.02 -13.71 62.99
N HIS R 246 -42.02 -14.00 62.16
CA HIS R 246 -41.33 -15.30 62.33
C HIS R 246 -40.65 -15.31 63.70
N MET R 247 -39.98 -14.22 64.08
CA MET R 247 -39.23 -14.24 65.35
C MET R 247 -40.22 -14.43 66.52
N TYR R 248 -41.33 -13.71 66.51
CA TYR R 248 -42.27 -13.81 67.65
C TYR R 248 -42.81 -15.25 67.73
N LEU R 249 -43.16 -15.81 66.56
CA LEU R 249 -43.75 -17.17 66.55
C LEU R 249 -42.71 -18.17 67.05
N GLU R 250 -41.45 -18.01 66.64
CA GLU R 250 -40.36 -18.94 67.04
C GLU R 250 -40.23 -18.85 68.56
N LEU R 251 -40.24 -17.64 69.11
CA LEU R 251 -40.07 -17.48 70.57
C LEU R 251 -41.23 -18.21 71.26
N VAL R 252 -42.46 -17.96 70.81
CA VAL R 252 -43.62 -18.57 71.52
C VAL R 252 -43.50 -20.10 71.44
N TYR R 253 -43.15 -20.64 70.27
CA TYR R 253 -43.09 -22.10 70.07
C TYR R 253 -42.01 -22.75 70.94
N ASN R 254 -40.87 -22.09 71.11
CA ASN R 254 -39.77 -22.70 71.89
C ASN R 254 -40.00 -22.52 73.40
N GLN R 255 -39.69 -21.34 73.97
CA GLN R 255 -39.80 -21.18 75.45
C GLN R 255 -39.90 -19.70 75.84
N HIS R 256 -40.18 -19.42 77.13
CA HIS R 256 -40.25 -18.01 77.63
C HIS R 256 -41.21 -17.16 76.81
N GLU R 257 -42.52 -17.38 76.95
CA GLU R 257 -43.53 -16.53 76.26
C GLU R 257 -43.43 -15.09 76.79
N ASN R 258 -43.17 -14.90 78.08
CA ASN R 258 -42.98 -13.52 78.64
C ASN R 258 -42.10 -12.69 77.70
N GLU R 259 -40.92 -13.20 77.31
CA GLU R 259 -39.98 -12.47 76.42
C GLU R 259 -40.66 -12.25 75.08
N ALA R 260 -41.39 -13.25 74.60
CA ALA R 260 -42.05 -13.15 73.29
C ALA R 260 -43.05 -11.99 73.35
N LYS R 261 -43.82 -11.91 74.45
CA LYS R 261 -44.84 -10.85 74.62
C LYS R 261 -44.16 -9.47 74.68
N SER R 262 -43.04 -9.36 75.39
CA SER R 262 -42.32 -8.07 75.44
C SER R 262 -41.88 -7.67 74.02
N PHE R 263 -41.34 -8.63 73.27
CA PHE R 263 -40.85 -8.33 71.89
C PHE R 263 -42.04 -7.87 71.06
N PHE R 264 -43.17 -8.55 71.22
CA PHE R 264 -44.35 -8.22 70.40
C PHE R 264 -44.77 -6.80 70.73
N GLU R 265 -44.87 -6.45 72.00
CA GLU R 265 -45.39 -5.09 72.33
C GLU R 265 -44.41 -4.07 71.76
N LYS R 266 -43.11 -4.33 71.94
CA LYS R 266 -42.08 -3.35 71.51
C LYS R 266 -42.18 -3.10 70.00
N PHE R 267 -42.37 -4.15 69.19
CA PHE R 267 -42.36 -3.87 67.73
C PHE R 267 -43.75 -3.68 67.12
N HIS R 268 -44.82 -3.84 67.92
CA HIS R 268 -46.20 -3.75 67.39
C HIS R 268 -46.51 -2.32 66.97
N GLY R 269 -45.50 -1.45 66.97
CA GLY R 269 -45.72 -0.10 66.41
C GLY R 269 -45.01 0.10 65.08
N ASP R 270 -43.79 -0.40 64.94
CA ASP R 270 -42.98 -0.19 63.71
C ASP R 270 -43.61 -0.84 62.48
N GLN R 271 -44.38 -1.94 62.67
CA GLN R 271 -44.93 -2.68 61.50
C GLN R 271 -45.81 -1.75 60.66
N GLU R 272 -46.08 -2.11 59.41
CA GLU R 272 -46.83 -1.21 58.49
C GLU R 272 -48.27 -1.03 58.96
N CYS R 273 -48.89 0.10 58.58
CA CYS R 273 -50.27 0.41 59.04
C CYS R 273 -51.27 -0.64 58.55
N TYR R 274 -51.14 -1.11 57.30
CA TYR R 274 -52.16 -2.04 56.79
C TYR R 274 -52.19 -3.31 57.64
N TYR R 275 -51.02 -3.84 58.03
CA TYR R 275 -51.06 -4.99 58.95
C TYR R 275 -51.63 -4.46 60.27
N GLN R 276 -52.71 -5.07 60.75
CA GLN R 276 -53.35 -4.67 62.03
C GLN R 276 -54.12 -5.90 62.50
N ASP R 277 -54.87 -6.51 61.59
CA ASP R 277 -55.57 -7.79 61.92
C ASP R 277 -54.54 -8.90 62.17
N ASP R 278 -53.49 -8.94 61.35
CA ASP R 278 -52.43 -9.96 61.52
C ASP R 278 -51.78 -9.74 62.87
N LEU R 279 -51.54 -8.47 63.23
CA LEU R 279 -50.90 -8.14 64.53
C LEU R 279 -51.81 -8.61 65.68
N ARG R 280 -53.12 -8.42 65.56
CA ARG R 280 -54.07 -8.92 66.60
C ARG R 280 -54.02 -10.45 66.72
N VAL R 281 -53.96 -11.17 65.60
CA VAL R 281 -53.82 -12.66 65.71
C VAL R 281 -52.50 -13.03 66.37
N LEU R 282 -51.43 -12.29 66.06
CA LEU R 282 -50.12 -12.56 66.69
C LEU R 282 -50.23 -12.30 68.20
N SER R 283 -50.91 -11.25 68.61
CA SER R 283 -51.10 -10.99 70.06
C SER R 283 -51.84 -12.18 70.67
N SER R 284 -52.82 -12.71 69.94
CA SER R 284 -53.56 -13.91 70.43
C SER R 284 -52.67 -15.16 70.60
N LEU R 285 -51.77 -15.50 69.68
CA LEU R 285 -51.01 -16.81 69.87
C LEU R 285 -49.97 -16.83 71.01
N THR R 286 -50.38 -16.83 72.29
CA THR R 286 -49.43 -16.62 73.39
C THR R 286 -48.65 -17.88 73.76
N LYS R 287 -49.28 -19.05 73.77
CA LYS R 287 -48.64 -20.28 74.20
C LYS R 287 -48.38 -21.21 73.02
N LYS R 288 -47.58 -22.25 73.28
CA LYS R 288 -47.13 -23.17 72.24
C LYS R 288 -48.27 -24.02 71.70
N GLU R 289 -49.23 -24.39 72.55
CA GLU R 289 -50.33 -25.24 72.11
C GLU R 289 -51.31 -24.52 71.19
N HIS R 290 -51.26 -23.19 71.15
CA HIS R 290 -52.00 -22.46 70.12
C HIS R 290 -51.36 -22.64 68.75
N MET R 291 -50.05 -22.89 68.70
CA MET R 291 -49.39 -23.17 67.43
C MET R 291 -49.56 -24.62 67.01
N LYS R 292 -49.97 -25.51 67.92
CA LYS R 292 -50.20 -26.90 67.55
C LYS R 292 -51.47 -27.06 66.72
N GLY R 293 -52.38 -26.10 66.78
CA GLY R 293 -53.55 -26.09 65.93
C GLY R 293 -53.39 -25.09 64.81
N ASN R 294 -53.45 -25.61 63.57
CA ASN R 294 -53.33 -24.75 62.40
C ASN R 294 -54.59 -23.94 62.12
N GLU R 295 -55.71 -24.27 62.79
CA GLU R 295 -56.98 -23.60 62.52
C GLU R 295 -57.08 -22.23 63.17
N THR R 296 -56.18 -21.88 64.09
CA THR R 296 -56.22 -20.57 64.74
C THR R 296 -55.39 -19.55 63.96
N MET R 297 -55.70 -19.43 62.67
CA MET R 297 -55.08 -18.49 61.73
C MET R 297 -53.55 -18.69 61.68
N LEU R 298 -53.15 -19.94 61.47
CA LEU R 298 -51.74 -20.24 61.28
C LEU R 298 -51.40 -20.38 59.79
N ASP R 299 -51.69 -19.31 59.05
CA ASP R 299 -51.16 -19.12 57.71
C ASP R 299 -50.06 -18.07 57.70
N PHE R 300 -49.31 -18.00 58.79
CA PHE R 300 -48.21 -17.04 58.96
C PHE R 300 -46.89 -17.57 58.45
N ARG R 301 -46.92 -18.49 57.48
CA ARG R 301 -45.71 -19.12 56.98
C ARG R 301 -44.87 -18.13 56.18
N THR R 302 -43.62 -18.51 55.95
CA THR R 302 -42.67 -17.66 55.25
C THR R 302 -42.71 -17.81 53.74
N SER R 303 -43.55 -18.70 53.22
CA SER R 303 -43.84 -18.75 51.80
C SER R 303 -45.04 -17.89 51.43
N LYS R 304 -45.60 -17.16 52.41
CA LYS R 304 -46.72 -16.26 52.14
C LYS R 304 -46.24 -14.97 51.48
N PHE R 305 -45.05 -14.51 51.81
CA PHE R 305 -44.52 -13.25 51.31
C PHE R 305 -43.40 -13.50 50.31
N VAL R 306 -43.34 -12.67 49.28
CA VAL R 306 -42.27 -12.68 48.28
C VAL R 306 -41.58 -11.33 48.34
N LEU R 307 -40.25 -11.34 48.35
CA LEU R 307 -39.43 -10.17 48.65
C LEU R 307 -38.61 -9.79 47.42
N ARG R 308 -39.01 -8.71 46.74
CA ARG R 308 -38.32 -8.25 45.53
C ARG R 308 -37.20 -7.29 45.93
N ILE R 309 -36.06 -7.86 46.30
CA ILE R 309 -34.89 -7.09 46.73
C ILE R 309 -33.83 -7.20 45.64
N SER R 310 -33.32 -6.05 45.20
CA SER R 310 -32.32 -6.06 44.13
C SER R 310 -30.96 -6.55 44.65
N ARG R 311 -30.06 -6.81 43.71
CA ARG R 311 -28.74 -7.33 44.07
C ARG R 311 -27.89 -6.28 44.76
N ASP R 312 -28.01 -5.02 44.35
CA ASP R 312 -27.20 -3.95 44.90
C ASP R 312 -27.57 -3.66 46.35
N SER R 313 -28.83 -3.88 46.73
CA SER R 313 -29.28 -3.66 48.09
C SER R 313 -29.14 -4.89 48.97
N TYR R 314 -29.14 -6.09 48.39
CA TYR R 314 -29.10 -7.33 49.16
C TYR R 314 -27.76 -7.52 49.85
N GLN R 315 -26.68 -7.05 49.24
CA GLN R 315 -25.34 -7.29 49.78
C GLN R 315 -25.02 -6.38 50.95
N LEU R 316 -25.66 -5.22 51.04
CA LEU R 316 -25.42 -4.35 52.19
C LEU R 316 -26.15 -4.87 53.42
N LEU R 317 -27.34 -5.44 53.23
CA LEU R 317 -28.05 -6.10 54.32
C LEU R 317 -27.36 -7.40 54.72
N LYS R 318 -26.74 -8.09 53.76
CA LYS R 318 -26.05 -9.34 54.03
C LYS R 318 -24.80 -9.12 54.88
N ARG R 319 -24.06 -8.05 54.61
CA ARG R 319 -22.88 -7.74 55.40
C ARG R 319 -23.24 -7.20 56.79
N HIS R 320 -24.45 -6.70 56.97
CA HIS R 320 -24.88 -6.25 58.30
C HIS R 320 -25.12 -7.44 59.22
N LEU R 321 -25.68 -8.52 58.68
CA LEU R 321 -26.07 -9.67 59.49
C LEU R 321 -24.90 -10.60 59.81
N GLN R 322 -23.74 -10.38 59.20
CA GLN R 322 -22.55 -11.21 59.48
C GLN R 322 -21.64 -10.47 60.43
N GLU R 323 -22.01 -10.44 61.71
CA GLU R 323 -21.08 -9.98 62.72
C GLU R 323 -20.28 -11.14 63.34
N LYS R 324 -20.97 -12.16 63.85
CA LYS R 324 -20.37 -13.40 64.34
C LYS R 324 -21.46 -14.47 64.30
N GLN R 325 -21.24 -15.58 65.03
CA GLN R 325 -22.03 -16.78 64.87
C GLN R 325 -23.22 -16.83 65.82
N ASN R 326 -23.79 -15.68 66.19
CA ASN R 326 -24.97 -15.65 67.04
C ASN R 326 -26.21 -15.08 66.39
N ASN R 327 -26.10 -14.48 65.20
CA ASN R 327 -27.21 -13.75 64.59
C ASN R 327 -28.19 -14.73 63.98
N GLN R 328 -29.26 -15.03 64.71
CA GLN R 328 -30.30 -15.92 64.22
C GLN R 328 -31.17 -15.25 63.15
N ILE R 329 -31.21 -13.92 63.13
CA ILE R 329 -31.93 -13.19 62.09
C ILE R 329 -31.27 -13.36 60.72
N TRP R 330 -29.99 -13.74 60.67
CA TRP R 330 -29.37 -14.14 59.42
C TRP R 330 -29.88 -15.50 58.98
N ASN R 331 -30.18 -16.39 59.92
CA ASN R 331 -30.63 -17.74 59.62
C ASN R 331 -32.09 -17.81 59.20
N ILE R 332 -32.84 -16.71 59.31
CA ILE R 332 -34.18 -16.68 58.76
C ILE R 332 -34.13 -16.36 57.27
N VAL R 333 -33.12 -15.61 56.85
CA VAL R 333 -33.03 -15.16 55.46
C VAL R 333 -32.63 -16.32 54.55
N GLN R 334 -31.60 -17.07 54.94
CA GLN R 334 -31.08 -18.14 54.10
C GLN R 334 -31.93 -19.40 54.11
N GLU R 335 -32.84 -19.54 55.07
CA GLU R 335 -33.59 -20.77 55.25
C GLU R 335 -35.08 -20.61 55.00
N HIS R 336 -35.75 -19.67 55.67
CA HIS R 336 -37.20 -19.60 55.60
C HIS R 336 -37.70 -18.63 54.53
N LEU R 337 -37.03 -17.49 54.36
CA LEU R 337 -37.50 -16.47 53.43
C LEU R 337 -37.06 -16.78 52.01
N TYR R 338 -37.99 -16.69 51.06
CA TYR R 338 -37.68 -16.81 49.65
C TYR R 338 -37.59 -15.38 49.09
N ILE R 339 -36.37 -14.86 49.03
CA ILE R 339 -36.13 -13.51 48.56
C ILE R 339 -36.00 -13.53 47.04
N ASP R 340 -36.93 -12.87 46.36
CA ASP R 340 -36.97 -12.84 44.89
C ASP R 340 -36.00 -11.77 44.41
N ILE R 341 -34.76 -12.17 44.19
CA ILE R 341 -33.72 -11.25 43.75
C ILE R 341 -33.98 -10.87 42.29
N PHE R 342 -34.39 -9.62 42.07
CA PHE R 342 -34.52 -9.11 40.72
C PHE R 342 -33.27 -8.31 40.36
N ASP R 343 -32.87 -8.41 39.10
CA ASP R 343 -31.61 -7.83 38.65
C ASP R 343 -31.81 -6.48 37.98
N ALA R 363 -50.88 -10.00 44.27
CA ALA R 363 -51.40 -9.75 45.62
C ALA R 363 -51.22 -8.28 46.00
N LYS R 364 -52.32 -7.51 45.90
CA LYS R 364 -52.29 -6.10 46.29
C LYS R 364 -52.78 -5.96 47.74
N ARG R 365 -51.96 -6.46 48.65
CA ARG R 365 -52.27 -6.43 50.07
C ARG R 365 -51.76 -5.18 50.77
N GLU R 366 -50.98 -4.33 50.08
CA GLU R 366 -50.39 -3.16 50.71
C GLU R 366 -51.42 -2.04 50.90
N ALA R 367 -52.38 -2.25 51.81
CA ALA R 367 -53.48 -1.35 52.13
C ALA R 367 -54.33 -1.00 50.91
N ASN R 368 -54.43 -1.92 49.95
CA ASN R 368 -55.23 -1.71 48.76
C ASN R 368 -56.61 -2.33 48.86
N LYS R 369 -56.85 -3.17 49.86
CA LYS R 369 -58.17 -3.74 50.11
C LYS R 369 -58.83 -2.96 51.25
N SER R 370 -59.29 -1.75 50.92
CA SER R 370 -59.96 -0.91 51.89
C SER R 370 -61.09 -0.17 51.20
N LYS R 371 -61.93 0.49 52.00
CA LYS R 371 -63.00 1.32 51.48
C LYS R 371 -62.46 2.73 51.28
N VAL R 372 -62.51 3.21 50.04
CA VAL R 372 -62.05 4.55 49.71
C VAL R 372 -63.19 5.25 48.99
N PHE R 373 -63.66 6.37 49.56
CA PHE R 373 -64.72 7.17 48.95
C PHE R 373 -64.05 8.24 48.10
N PHE R 374 -64.01 8.02 46.78
CA PHE R 374 -63.27 8.92 45.91
C PHE R 374 -64.16 9.83 45.06
N GLY R 375 -65.45 9.55 44.95
CA GLY R 375 -66.32 10.39 44.15
C GLY R 375 -66.50 11.76 44.75
N LEU R 376 -66.83 12.73 43.90
CA LEU R 376 -66.90 14.11 44.34
C LEU R 376 -68.14 14.36 45.19
N LEU R 377 -68.11 15.46 45.93
CA LEU R 377 -69.23 15.83 46.78
C LEU R 377 -70.36 16.42 45.94
N LYS R 378 -71.52 16.57 46.56
CA LYS R 378 -72.75 16.96 45.87
C LYS R 378 -72.99 18.45 46.07
N GLU R 379 -72.81 19.23 45.00
CA GLU R 379 -73.09 20.65 45.01
C GLU R 379 -73.79 20.98 43.69
N PRO R 380 -74.99 21.60 43.73
CA PRO R 380 -75.77 21.94 42.54
C PRO R 380 -75.09 22.99 41.65
N LYS R 416 -78.73 11.85 39.79
CA LYS R 416 -77.87 10.69 39.97
C LYS R 416 -76.97 10.83 41.21
N GLN R 417 -76.94 9.78 42.03
CA GLN R 417 -76.14 9.77 43.25
C GLN R 417 -74.98 8.81 43.09
N ASP R 418 -73.86 9.14 43.74
CA ASP R 418 -72.65 8.33 43.64
C ASP R 418 -72.50 7.49 44.89
N PRO R 419 -72.32 6.17 44.79
CA PRO R 419 -72.09 5.36 46.00
C PRO R 419 -70.71 5.56 46.58
N ASN R 420 -69.74 5.99 45.78
CA ASN R 420 -68.39 6.25 46.26
C ASN R 420 -68.17 7.70 46.66
N ALA R 421 -69.23 8.46 46.80
CA ALA R 421 -69.09 9.82 47.29
C ALA R 421 -69.23 9.84 48.81
N PRO R 422 -68.30 10.44 49.53
CA PRO R 422 -68.42 10.50 50.98
C PRO R 422 -69.47 11.51 51.38
N PRO R 423 -70.06 11.38 52.57
CA PRO R 423 -71.03 12.37 53.02
C PRO R 423 -70.38 13.71 53.32
N GLN R 424 -71.20 14.76 53.23
CA GLN R 424 -70.72 16.10 53.49
C GLN R 424 -70.42 16.31 54.97
N ASN R 425 -71.11 15.58 55.84
CA ASN R 425 -70.92 15.68 57.28
C ASN R 425 -69.81 14.76 57.79
N ARG R 426 -69.02 14.17 56.90
CA ARG R 426 -67.93 13.28 57.31
C ARG R 426 -66.73 14.08 57.82
N ILE R 427 -66.13 14.88 56.96
CA ILE R 427 -65.06 15.79 57.32
C ILE R 427 -65.68 17.17 57.50
N PRO R 428 -65.42 17.87 58.61
CA PRO R 428 -66.00 19.21 58.77
C PRO R 428 -65.35 20.21 57.82
N LEU R 429 -66.08 20.57 56.79
CA LEU R 429 -65.73 21.47 55.70
C LEU R 429 -66.39 22.83 55.89
N PRO R 430 -65.76 23.91 55.45
CA PRO R 430 -66.31 25.24 55.68
C PRO R 430 -67.57 25.49 54.84
N GLU R 431 -68.31 26.51 55.26
CA GLU R 431 -69.56 26.88 54.62
C GLU R 431 -69.28 27.88 53.49
N LEU R 432 -70.20 27.95 52.53
CA LEU R 432 -70.10 28.93 51.47
C LEU R 432 -70.61 30.27 51.96
N LYS R 433 -69.85 31.34 51.61
CA LYS R 433 -70.31 32.71 51.90
C LYS R 433 -70.74 33.38 50.59
N ASP R 434 -71.23 34.61 50.64
CA ASP R 434 -71.74 35.31 49.44
C ASP R 434 -70.62 35.51 48.40
N SER R 435 -69.43 35.87 48.87
CA SER R 435 -68.29 36.08 47.95
C SER R 435 -67.98 34.77 47.23
N ASP R 436 -67.98 33.67 47.97
CA ASP R 436 -67.71 32.34 47.37
C ASP R 436 -68.78 32.04 46.33
N LYS R 437 -70.04 32.34 46.63
CA LYS R 437 -71.15 32.11 45.66
C LYS R 437 -70.95 32.93 44.37
N LEU R 438 -70.56 34.20 44.50
CA LEU R 438 -70.31 35.03 43.29
C LEU R 438 -69.14 34.44 42.49
N ASP R 439 -68.10 33.97 43.20
CA ASP R 439 -66.93 33.37 42.52
C ASP R 439 -67.42 32.15 41.74
N LYS R 440 -68.29 31.34 42.35
CA LYS R 440 -68.83 30.13 41.69
C LYS R 440 -69.65 30.51 40.45
N ILE R 441 -70.46 31.57 40.51
CA ILE R 441 -71.21 32.02 39.30
C ILE R 441 -70.23 32.46 38.17
N MET R 442 -69.17 33.19 38.53
CA MET R 442 -68.19 33.57 37.48
C MET R 442 -67.57 32.30 36.89
N ASN R 443 -67.26 31.34 37.75
CA ASN R 443 -66.63 30.08 37.28
C ASN R 443 -67.59 29.36 36.36
N MET R 444 -68.90 29.37 36.66
CA MET R 444 -69.93 28.73 35.80
C MET R 444 -70.00 29.42 34.43
N LYS R 445 -69.91 30.75 34.37
CA LYS R 445 -69.85 31.37 33.02
C LYS R 445 -68.57 30.89 32.29
N GLU R 446 -67.45 30.83 33.02
CA GLU R 446 -66.25 30.39 32.30
C GLU R 446 -66.43 28.94 31.85
N THR R 447 -67.11 28.11 32.63
CA THR R 447 -67.37 26.68 32.30
C THR R 447 -68.24 26.59 31.05
N THR R 448 -69.23 27.47 30.93
CA THR R 448 -70.02 27.51 29.68
C THR R 448 -69.10 27.82 28.51
N LYS R 449 -68.13 28.74 28.64
CA LYS R 449 -67.30 28.95 27.40
C LYS R 449 -66.20 27.89 27.16
N ARG R 450 -66.34 26.62 27.61
CA ARG R 450 -65.30 25.61 27.63
C ARG R 450 -65.24 24.86 26.30
N VAL R 451 -64.08 24.26 26.03
CA VAL R 451 -63.83 23.52 24.80
C VAL R 451 -63.53 22.06 25.13
N ARG R 452 -64.27 21.15 24.50
CA ARG R 452 -64.05 19.72 24.69
C ARG R 452 -62.85 19.30 23.86
N LEU R 453 -61.78 18.84 24.51
CA LEU R 453 -60.52 18.72 23.81
C LEU R 453 -60.42 17.45 22.98
N GLY R 454 -60.42 16.28 23.63
CA GLY R 454 -60.30 15.03 22.94
C GLY R 454 -58.97 14.86 22.22
N PRO R 455 -58.90 13.95 21.25
CA PRO R 455 -57.64 13.72 20.53
C PRO R 455 -57.48 14.49 19.23
N ASP R 456 -58.50 15.19 18.75
CA ASP R 456 -58.41 15.96 17.52
C ASP R 456 -58.34 17.46 17.74
N CYS R 457 -58.99 17.97 18.79
CA CYS R 457 -58.92 19.39 19.14
C CYS R 457 -57.88 19.53 20.26
N LEU R 458 -56.66 19.87 19.89
CA LEU R 458 -55.61 20.06 20.87
C LEU R 458 -55.68 21.47 21.45
N PRO R 459 -55.31 21.63 22.72
CA PRO R 459 -55.42 22.95 23.35
C PRO R 459 -54.28 23.88 22.95
N SER R 460 -54.52 25.18 23.14
CA SER R 460 -53.52 26.21 22.91
C SER R 460 -52.75 26.45 24.18
N ILE R 461 -51.43 26.29 24.12
CA ILE R 461 -50.57 26.37 25.28
C ILE R 461 -49.97 27.76 25.34
N CYS R 462 -50.36 28.54 26.35
CA CYS R 462 -49.68 29.76 26.70
C CYS R 462 -48.38 29.44 27.44
N PHE R 463 -47.58 30.47 27.68
CA PHE R 463 -46.31 30.25 28.37
C PHE R 463 -45.91 31.54 29.07
N TYR R 464 -45.75 31.48 30.38
CA TYR R 464 -45.33 32.63 31.19
C TYR R 464 -43.88 32.38 31.62
N THR R 465 -42.94 32.79 30.78
CA THR R 465 -41.53 32.58 31.09
C THR R 465 -41.01 33.65 32.05
N PHE R 466 -40.13 33.23 32.95
CA PHE R 466 -39.55 34.11 33.96
C PHE R 466 -38.16 34.52 33.48
N LEU R 467 -37.98 35.82 33.23
CA LEU R 467 -36.85 36.24 32.40
C LEU R 467 -35.55 36.33 33.19
N ASN R 468 -35.49 37.22 34.18
CA ASN R 468 -34.24 37.55 34.83
C ASN R 468 -34.04 36.79 36.15
N ALA R 469 -34.67 35.63 36.30
CA ALA R 469 -34.37 34.76 37.44
C ALA R 469 -33.13 33.96 37.11
N TYR R 470 -32.01 34.27 37.77
CA TYR R 470 -30.72 33.68 37.42
C TYR R 470 -30.62 32.27 38.01
N GLN R 471 -31.38 31.37 37.39
CA GLN R 471 -31.62 29.99 37.86
C GLN R 471 -32.08 29.98 39.31
N GLY R 472 -33.13 30.73 39.59
CA GLY R 472 -33.59 30.88 40.94
C GLY R 472 -35.09 30.88 41.14
N LEU R 473 -35.83 30.20 40.28
CA LEU R 473 -37.27 30.02 40.47
C LEU R 473 -37.52 28.59 40.93
N THR R 474 -38.08 28.45 42.13
CA THR R 474 -38.27 27.15 42.74
C THR R 474 -39.73 26.74 42.91
N ALA R 475 -40.69 27.67 42.82
CA ALA R 475 -42.07 27.36 43.13
C ALA R 475 -43.00 28.32 42.41
N VAL R 476 -43.97 27.77 41.66
CA VAL R 476 -44.98 28.56 40.97
C VAL R 476 -46.34 28.05 41.42
N ASP R 477 -47.32 28.95 41.49
CA ASP R 477 -48.71 28.53 41.58
C ASP R 477 -49.58 29.56 40.89
N VAL R 478 -50.60 29.09 40.18
CA VAL R 478 -51.57 29.94 39.50
C VAL R 478 -52.92 29.67 40.14
N THR R 479 -53.76 30.72 40.22
CA THR R 479 -55.07 30.60 40.84
C THR R 479 -56.02 29.77 39.97
N ASP R 480 -57.26 29.62 40.46
CA ASP R 480 -58.25 28.81 39.75
C ASP R 480 -58.72 29.54 38.50
N ASP R 481 -59.10 30.80 38.63
CA ASP R 481 -59.22 31.68 37.48
C ASP R 481 -57.87 32.39 37.30
N SER R 482 -57.31 32.26 36.10
CA SER R 482 -55.92 32.63 35.86
C SER R 482 -55.76 34.15 35.85
N SER R 483 -55.75 34.73 37.06
CA SER R 483 -55.58 36.15 37.22
C SER R 483 -54.46 36.53 38.18
N LEU R 484 -53.70 35.55 38.69
CA LEU R 484 -52.61 35.80 39.62
C LEU R 484 -51.59 34.68 39.46
N ILE R 485 -50.31 35.02 39.55
CA ILE R 485 -49.23 34.05 39.47
C ILE R 485 -48.26 34.36 40.61
N ALA R 486 -48.05 33.40 41.50
CA ALA R 486 -47.02 33.53 42.51
C ALA R 486 -45.73 32.88 42.05
N GLY R 487 -44.62 33.38 42.57
CA GLY R 487 -43.33 32.81 42.24
C GLY R 487 -42.48 32.65 43.48
N GLY R 488 -42.02 31.42 43.72
CA GLY R 488 -41.19 31.18 44.87
C GLY R 488 -39.73 31.14 44.50
N PHE R 489 -38.94 32.08 45.00
CA PHE R 489 -37.59 32.28 44.52
C PHE R 489 -36.56 31.84 45.56
N ALA R 490 -35.38 31.49 45.07
CA ALA R 490 -34.32 30.94 45.90
C ALA R 490 -33.58 32.00 46.71
N ASP R 491 -33.91 33.27 46.55
CA ASP R 491 -33.40 34.34 47.37
C ASP R 491 -34.39 34.74 48.46
N SER R 492 -35.16 33.77 48.95
CA SER R 492 -36.06 33.88 50.09
C SER R 492 -37.17 34.92 49.88
N THR R 493 -37.60 35.10 48.63
CA THR R 493 -38.64 36.06 48.30
C THR R 493 -39.80 35.35 47.61
N VAL R 494 -40.99 35.90 47.82
CA VAL R 494 -42.22 35.41 47.19
C VAL R 494 -42.86 36.59 46.47
N ARG R 495 -43.01 36.47 45.16
CA ARG R 495 -43.52 37.56 44.34
C ARG R 495 -44.84 37.15 43.71
N VAL R 496 -45.80 38.07 43.74
CA VAL R 496 -47.15 37.82 43.25
C VAL R 496 -47.40 38.78 42.08
N TRP R 497 -47.68 38.21 40.91
CA TRP R 497 -47.89 38.97 39.69
C TRP R 497 -49.36 38.94 39.29
N SER R 498 -49.84 40.06 38.75
CA SER R 498 -51.14 40.10 38.10
C SER R 498 -50.93 39.84 36.61
N VAL R 499 -51.70 38.90 36.07
CA VAL R 499 -51.60 38.56 34.64
C VAL R 499 -52.86 39.06 33.95
N THR R 500 -53.43 40.13 34.47
CA THR R 500 -54.67 40.73 34.04
C THR R 500 -54.47 42.24 34.16
N PRO R 501 -55.08 43.05 33.27
CA PRO R 501 -54.94 44.52 33.41
C PRO R 501 -55.51 45.08 34.71
N LYS R 502 -56.34 44.35 35.44
CA LYS R 502 -56.68 44.72 36.80
C LYS R 502 -55.43 44.62 37.67
N LYS R 503 -55.14 45.68 38.40
CA LYS R 503 -53.89 45.76 39.15
C LYS R 503 -54.06 45.23 40.56
N LEU R 504 -52.93 45.05 41.25
CA LEU R 504 -52.90 44.55 42.61
C LEU R 504 -53.00 45.70 43.59
N ARG R 505 -53.98 45.64 44.49
CA ARG R 505 -54.25 46.72 45.41
C ARG R 505 -54.33 46.19 46.84
N SER R 506 -53.80 46.96 47.78
CA SER R 506 -53.93 46.67 49.19
C SER R 506 -55.14 47.40 49.76
N VAL R 507 -55.55 46.98 50.96
CA VAL R 507 -56.66 47.63 51.65
C VAL R 507 -56.13 48.82 52.43
N LYS R 508 -57.04 49.69 52.87
CA LYS R 508 -56.65 50.90 53.60
C LYS R 508 -56.05 50.54 54.95
N GLN R 509 -55.39 51.54 55.55
CA GLN R 509 -54.94 51.34 56.95
C GLN R 509 -56.16 51.49 57.86
N ALA R 510 -56.01 51.33 59.18
CA ALA R 510 -57.19 51.30 60.07
C ALA R 510 -58.05 52.56 60.02
N SER R 511 -57.45 53.76 60.06
CA SER R 511 -58.28 54.99 60.12
C SER R 511 -59.10 55.10 58.83
N ASP R 512 -58.46 54.83 57.70
CA ASP R 512 -59.15 54.92 56.39
C ASP R 512 -60.26 53.88 56.32
N LEU R 513 -60.02 52.67 56.84
CA LEU R 513 -61.06 51.62 56.85
C LEU R 513 -62.24 52.10 57.70
N SER R 514 -61.97 52.73 58.84
CA SER R 514 -63.06 53.25 59.71
C SER R 514 -63.86 54.32 58.94
N LEU R 515 -63.19 55.21 58.21
CA LEU R 515 -63.94 56.29 57.52
C LEU R 515 -65.05 55.70 56.64
N ILE R 516 -64.75 54.66 55.85
CA ILE R 516 -65.76 54.09 54.90
C ILE R 516 -66.94 53.45 55.64
N ASP R 517 -68.15 53.62 55.12
CA ASP R 517 -69.37 53.08 55.78
C ASP R 517 -69.64 51.65 55.32
N LYS R 518 -69.91 50.74 56.27
CA LYS R 518 -70.17 49.31 55.94
C LYS R 518 -71.57 49.12 55.34
N GLU R 519 -71.81 47.98 54.68
CA GLU R 519 -73.15 47.64 54.11
C GLU R 519 -73.69 48.76 53.21
N SER R 520 -72.87 49.27 52.28
CA SER R 520 -73.31 50.35 51.36
C SER R 520 -73.46 49.81 49.92
N ASP R 521 -73.35 48.50 49.71
CA ASP R 521 -73.54 47.87 48.36
C ASP R 521 -72.45 48.34 47.40
N ASP R 522 -71.19 48.37 47.86
CA ASP R 522 -70.02 48.83 47.05
C ASP R 522 -68.80 48.86 48.00
N VAL R 523 -68.96 48.29 49.20
CA VAL R 523 -67.90 48.35 50.25
C VAL R 523 -66.60 47.66 49.82
N LEU R 524 -66.68 46.52 49.14
CA LEU R 524 -65.40 45.83 48.80
C LEU R 524 -64.61 46.75 47.88
N GLU R 525 -65.29 47.39 46.92
CA GLU R 525 -64.63 48.32 45.97
C GLU R 525 -64.05 49.50 46.74
N ARG R 526 -64.80 50.02 47.72
CA ARG R 526 -64.24 51.13 48.56
C ARG R 526 -63.00 50.74 49.36
N ILE R 527 -62.91 49.52 49.91
CA ILE R 527 -61.78 49.14 50.84
C ILE R 527 -60.37 49.05 50.23
N MET R 528 -60.12 49.17 48.93
CA MET R 528 -58.83 49.06 48.26
C MET R 528 -58.12 50.41 48.19
N ASP R 529 -56.89 50.45 48.71
CA ASP R 529 -56.08 51.64 48.71
C ASP R 529 -55.50 51.87 47.32
N GLU R 530 -55.85 53.01 46.73
CA GLU R 530 -55.44 53.33 45.36
C GLU R 530 -53.98 53.75 45.24
N LYS R 531 -53.30 54.06 46.34
CA LYS R 531 -51.91 54.52 46.25
C LYS R 531 -50.97 53.39 45.92
N THR R 532 -51.20 52.20 46.48
CA THR R 532 -50.37 51.02 46.24
C THR R 532 -51.07 50.16 45.21
N ALA R 533 -50.83 50.46 43.94
CA ALA R 533 -51.50 49.81 42.83
C ALA R 533 -50.49 49.21 41.86
N SER R 534 -49.52 48.50 42.39
CA SER R 534 -48.49 47.88 41.57
C SER R 534 -49.04 46.65 40.86
N GLU R 535 -48.26 46.16 39.89
CA GLU R 535 -48.52 44.88 39.24
C GLU R 535 -47.58 43.79 39.73
N LEU R 536 -46.82 44.06 40.78
CA LEU R 536 -45.91 43.09 41.38
C LEU R 536 -45.78 43.46 42.85
N LYS R 537 -46.08 42.51 43.73
CA LYS R 537 -46.04 42.74 45.17
C LYS R 537 -45.08 41.74 45.79
N ILE R 538 -43.88 42.21 46.14
CA ILE R 538 -42.87 41.34 46.72
C ILE R 538 -43.18 41.11 48.19
N LEU R 539 -43.05 39.86 48.63
CA LEU R 539 -43.35 39.47 50.00
C LEU R 539 -42.09 38.91 50.64
N TYR R 540 -41.69 39.50 51.76
CA TYR R 540 -40.52 39.08 52.52
C TYR R 540 -40.97 38.43 53.83
N GLY R 541 -40.13 37.55 54.36
CA GLY R 541 -40.52 36.81 55.55
C GLY R 541 -39.96 35.41 55.64
N HIS R 542 -39.32 34.93 54.58
CA HIS R 542 -38.67 33.64 54.61
C HIS R 542 -37.16 33.82 54.76
N SER R 543 -36.51 32.81 55.34
CA SER R 543 -35.08 32.81 55.52
C SER R 543 -34.36 31.80 54.64
N GLY R 544 -35.04 31.25 53.65
CA GLY R 544 -34.43 30.29 52.76
C GLY R 544 -35.21 30.18 51.48
N PRO R 545 -34.72 29.40 50.52
CA PRO R 545 -35.43 29.20 49.25
C PRO R 545 -36.81 28.58 49.43
N VAL R 546 -37.83 29.34 49.07
CA VAL R 546 -39.21 28.90 49.19
C VAL R 546 -39.54 27.91 48.08
N TYR R 547 -40.00 26.72 48.46
CA TYR R 547 -40.04 25.55 47.59
C TYR R 547 -41.44 25.12 47.21
N GLY R 548 -42.47 25.77 47.74
CA GLY R 548 -43.82 25.43 47.36
C GLY R 548 -44.78 26.54 47.68
N ALA R 549 -45.57 26.96 46.71
CA ALA R 549 -46.58 27.98 46.91
C ALA R 549 -47.93 27.44 46.47
N SER R 550 -48.99 28.01 47.03
CA SER R 550 -50.34 27.60 46.69
C SER R 550 -51.32 28.68 47.11
N PHE R 551 -52.17 29.10 46.18
CA PHE R 551 -53.20 30.06 46.52
C PHE R 551 -54.36 29.38 47.22
N SER R 552 -55.32 30.17 47.63
CA SER R 552 -56.57 29.69 48.20
C SER R 552 -57.71 29.97 47.24
N PRO R 553 -58.75 29.12 47.21
CA PRO R 553 -59.81 29.28 46.20
C PRO R 553 -60.63 30.55 46.31
N ASP R 554 -60.58 31.27 47.44
CA ASP R 554 -61.21 32.58 47.53
C ASP R 554 -60.27 33.71 47.15
N ARG R 555 -59.09 33.38 46.63
CA ARG R 555 -58.07 34.27 46.07
C ARG R 555 -57.46 35.24 47.08
N ASN R 556 -57.76 35.09 48.36
CA ASN R 556 -56.90 35.61 49.41
C ASN R 556 -55.96 34.47 49.78
N TYR R 557 -55.18 34.65 50.85
CA TYR R 557 -54.49 33.57 51.58
C TYR R 557 -53.52 32.78 50.70
N LEU R 558 -52.45 33.44 50.29
CA LEU R 558 -51.34 32.71 49.67
C LEU R 558 -50.58 31.95 50.74
N LEU R 559 -50.11 30.75 50.40
CA LEU R 559 -49.23 29.96 51.24
C LEU R 559 -47.86 29.86 50.62
N SER R 560 -46.86 29.59 51.46
CA SER R 560 -45.50 29.36 50.99
C SER R 560 -44.77 28.54 52.04
N SER R 561 -43.71 27.88 51.59
CA SER R 561 -42.98 26.95 52.45
C SER R 561 -41.54 26.88 51.99
N SER R 562 -40.60 27.18 52.88
CA SER R 562 -39.20 27.28 52.53
C SER R 562 -38.38 26.27 53.32
N GLU R 563 -37.05 26.35 53.17
CA GLU R 563 -36.15 25.41 53.79
C GLU R 563 -35.73 25.83 55.20
N ASP R 564 -36.30 26.90 55.74
CA ASP R 564 -36.10 27.24 57.14
C ASP R 564 -37.11 26.54 58.05
N GLY R 565 -37.90 25.62 57.50
CA GLY R 565 -38.79 24.80 58.28
C GLY R 565 -40.15 25.39 58.55
N THR R 566 -40.42 26.61 58.11
CA THR R 566 -41.70 27.26 58.40
C THR R 566 -42.58 27.27 57.17
N VAL R 567 -43.86 27.54 57.42
CA VAL R 567 -44.89 27.65 56.40
C VAL R 567 -45.68 28.90 56.72
N ARG R 568 -45.69 29.86 55.81
CA ARG R 568 -46.27 31.16 56.09
C ARG R 568 -47.58 31.35 55.33
N LEU R 569 -48.53 32.00 55.96
CA LEU R 569 -49.84 32.30 55.38
C LEU R 569 -49.88 33.78 55.07
N TRP R 570 -49.57 34.14 53.83
CA TRP R 570 -49.62 35.52 53.40
C TRP R 570 -51.06 35.92 53.11
N SER R 571 -51.43 37.13 53.49
CA SER R 571 -52.70 37.67 53.07
C SER R 571 -52.56 38.27 51.68
N LEU R 572 -53.66 38.31 50.94
CA LEU R 572 -53.70 38.99 49.65
C LEU R 572 -54.67 40.16 49.66
N GLN R 573 -55.00 40.67 50.84
CA GLN R 573 -55.67 41.94 51.02
C GLN R 573 -54.78 42.97 51.66
N THR R 574 -53.97 42.57 52.63
CA THR R 574 -52.97 43.46 53.22
C THR R 574 -51.58 43.23 52.65
N PHE R 575 -51.37 42.10 51.97
CA PHE R 575 -50.09 41.68 51.38
C PHE R 575 -48.97 41.63 52.41
N THR R 576 -49.30 41.19 53.62
CA THR R 576 -48.33 40.93 54.67
C THR R 576 -48.58 39.54 55.23
N CYS R 577 -47.56 38.98 55.86
CA CYS R 577 -47.68 37.66 56.45
C CYS R 577 -48.59 37.69 57.68
N LEU R 578 -49.28 36.58 57.92
CA LEU R 578 -50.21 36.47 59.02
C LEU R 578 -49.76 35.48 60.08
N VAL R 579 -49.51 34.21 59.70
CA VAL R 579 -49.06 33.19 60.64
C VAL R 579 -47.81 32.53 60.06
N GLY R 580 -46.96 32.02 60.93
CA GLY R 580 -45.86 31.16 60.51
C GLY R 580 -45.91 29.83 61.23
N TYR R 581 -46.11 28.74 60.50
CA TYR R 581 -46.43 27.44 61.10
C TYR R 581 -45.13 26.66 61.29
N LYS R 582 -44.71 26.53 62.54
CA LYS R 582 -43.37 26.07 62.90
C LYS R 582 -43.35 24.59 63.30
N GLY R 583 -44.13 23.74 62.65
CA GLY R 583 -44.10 22.32 62.97
C GLY R 583 -42.81 21.61 62.62
N HIS R 584 -42.43 21.63 61.35
CA HIS R 584 -41.19 21.00 60.92
C HIS R 584 -39.98 21.79 61.41
N ASN R 585 -38.88 21.09 61.63
CA ASN R 585 -37.58 21.72 61.80
C ASN R 585 -36.76 21.71 60.53
N TYR R 586 -37.13 20.88 59.57
CA TYR R 586 -36.40 20.59 58.36
C TYR R 586 -37.11 21.24 57.17
N PRO R 587 -36.46 21.33 56.01
CA PRO R 587 -37.10 21.92 54.82
C PRO R 587 -38.44 21.31 54.45
N VAL R 588 -39.40 22.17 54.15
CA VAL R 588 -40.74 21.77 53.73
C VAL R 588 -40.78 21.86 52.21
N TRP R 589 -40.93 20.72 51.55
CA TRP R 589 -40.78 20.66 50.11
C TRP R 589 -42.02 21.06 49.33
N ASP R 590 -43.21 20.94 49.92
CA ASP R 590 -44.43 21.30 49.21
C ASP R 590 -45.51 21.68 50.20
N THR R 591 -46.44 22.51 49.74
CA THR R 591 -47.62 22.86 50.51
C THR R 591 -48.76 23.14 49.55
N GLN R 592 -50.00 22.93 50.03
CA GLN R 592 -51.17 23.10 49.19
C GLN R 592 -52.40 23.20 50.08
N PHE R 593 -53.30 24.13 49.75
CA PHE R 593 -54.60 24.19 50.38
C PHE R 593 -55.48 23.01 49.97
N SER R 594 -56.56 22.86 50.73
CA SER R 594 -57.69 22.06 50.32
C SER R 594 -58.40 22.73 49.15
N PRO R 595 -59.12 21.96 48.32
CA PRO R 595 -59.95 22.60 47.29
C PRO R 595 -61.11 23.43 47.83
N TYR R 596 -61.47 23.28 49.10
CA TYR R 596 -62.50 24.08 49.74
C TYR R 596 -61.94 25.17 50.64
N GLY R 597 -60.63 25.17 50.89
CA GLY R 597 -59.95 26.36 51.34
C GLY R 597 -59.86 26.59 52.83
N TYR R 598 -59.91 25.54 53.64
CA TYR R 598 -59.73 25.70 55.07
C TYR R 598 -58.51 24.93 55.59
N TYR R 599 -58.37 23.67 55.20
CA TYR R 599 -57.23 22.87 55.60
C TYR R 599 -56.10 23.05 54.60
N PHE R 600 -54.89 22.69 55.03
CA PHE R 600 -53.78 22.56 54.10
C PHE R 600 -52.81 21.52 54.63
N VAL R 601 -51.96 21.04 53.74
CA VAL R 601 -51.06 19.93 54.00
C VAL R 601 -49.66 20.39 53.59
N SER R 602 -48.64 19.93 54.31
CA SER R 602 -47.28 20.40 54.05
C SER R 602 -46.30 19.29 54.39
N GLY R 603 -45.79 18.61 53.37
CA GLY R 603 -44.79 17.59 53.56
C GLY R 603 -43.38 18.12 53.49
N GLY R 604 -42.50 17.56 54.31
CA GLY R 604 -41.16 18.07 54.43
C GLY R 604 -40.06 17.04 54.49
N HIS R 605 -38.85 17.49 54.85
CA HIS R 605 -37.68 16.60 54.89
C HIS R 605 -37.70 15.66 56.09
N ASP R 606 -38.52 15.94 57.10
CA ASP R 606 -38.61 15.09 58.28
C ASP R 606 -39.49 13.87 58.08
N ARG R 607 -39.84 13.55 56.83
CA ARG R 607 -40.51 12.32 56.39
C ARG R 607 -41.92 12.17 56.95
N VAL R 608 -42.54 13.26 57.39
CA VAL R 608 -43.96 13.24 57.68
C VAL R 608 -44.62 14.26 56.79
N ALA R 609 -45.95 14.33 56.84
CA ALA R 609 -46.71 15.34 56.10
C ALA R 609 -47.86 15.75 56.98
N ARG R 610 -47.78 16.92 57.58
CA ARG R 610 -48.77 17.33 58.55
C ARG R 610 -50.00 17.89 57.84
N LEU R 611 -51.10 17.99 58.59
CA LEU R 611 -52.33 18.60 58.09
C LEU R 611 -52.76 19.69 59.05
N TRP R 612 -52.86 20.92 58.57
CA TRP R 612 -53.15 22.09 59.36
C TRP R 612 -54.54 22.61 59.00
N ALA R 613 -54.96 23.70 59.66
CA ALA R 613 -56.33 24.17 59.46
C ALA R 613 -56.52 25.67 59.42
N THR R 614 -55.44 26.47 59.36
CA THR R 614 -55.45 27.94 59.46
C THR R 614 -56.13 28.48 60.73
N ASP R 615 -56.29 27.65 61.76
CA ASP R 615 -56.82 28.08 63.04
C ASP R 615 -56.01 27.59 64.22
N HIS R 616 -55.25 26.52 64.05
CA HIS R 616 -54.47 25.91 65.10
C HIS R 616 -53.00 26.01 64.71
N TYR R 617 -52.18 26.46 65.65
CA TYR R 617 -50.74 26.59 65.44
C TYR R 617 -50.02 25.25 65.43
N GLN R 618 -50.72 24.15 65.70
CA GLN R 618 -50.30 22.77 65.68
C GLN R 618 -51.10 22.00 64.64
N PRO R 619 -50.56 20.93 64.05
CA PRO R 619 -51.29 20.20 63.02
C PRO R 619 -52.46 19.42 63.58
N LEU R 620 -53.38 19.06 62.69
CA LEU R 620 -54.51 18.22 63.04
C LEU R 620 -54.20 16.75 62.85
N ARG R 621 -53.54 16.41 61.75
CA ARG R 621 -53.14 15.05 61.45
C ARG R 621 -51.67 15.05 61.05
N ILE R 622 -50.97 13.99 61.42
CA ILE R 622 -49.59 13.78 61.01
C ILE R 622 -49.52 12.48 60.24
N PHE R 623 -49.18 12.57 58.96
CA PHE R 623 -49.18 11.41 58.06
C PHE R 623 -47.76 10.87 57.99
N ALA R 624 -47.44 9.94 58.89
CA ALA R 624 -46.08 9.46 59.11
C ALA R 624 -46.00 7.99 58.70
N GLY R 625 -45.73 7.74 57.43
CA GLY R 625 -45.49 6.38 56.99
C GLY R 625 -44.30 6.24 56.06
N HIS R 626 -43.81 7.36 55.55
CA HIS R 626 -42.77 7.33 54.53
C HIS R 626 -41.41 7.05 55.15
N LEU R 627 -40.46 6.68 54.30
CA LEU R 627 -39.14 6.29 54.76
C LEU R 627 -38.01 7.21 54.31
N ALA R 628 -38.23 8.03 53.28
CA ALA R 628 -37.15 8.85 52.73
C ALA R 628 -37.41 10.34 52.88
N ASP R 629 -38.56 10.82 52.41
CA ASP R 629 -38.94 12.22 52.46
C ASP R 629 -40.45 12.28 52.26
N VAL R 630 -40.97 13.49 52.04
CA VAL R 630 -42.25 13.72 51.38
C VAL R 630 -42.00 14.87 50.42
N ASN R 631 -41.91 14.56 49.13
CA ASN R 631 -41.57 15.59 48.15
C ASN R 631 -42.79 16.45 47.80
N CYS R 632 -43.88 15.81 47.42
CA CYS R 632 -45.06 16.51 46.92
C CYS R 632 -46.32 15.95 47.58
N THR R 633 -47.19 16.84 48.04
CA THR R 633 -48.46 16.48 48.65
C THR R 633 -49.60 17.02 47.80
N ARG R 634 -50.70 16.27 47.74
CA ARG R 634 -51.87 16.70 47.00
C ARG R 634 -53.12 16.38 47.79
N PHE R 635 -54.15 17.19 47.59
CA PHE R 635 -55.48 16.91 48.12
C PHE R 635 -56.33 16.24 47.06
N HIS R 636 -57.17 15.32 47.51
CA HIS R 636 -58.23 14.80 46.65
C HIS R 636 -59.27 15.89 46.41
N PRO R 637 -60.00 15.82 45.30
CA PRO R 637 -61.14 16.74 45.12
C PRO R 637 -62.24 16.62 46.17
N ASN R 638 -62.33 15.50 46.88
CA ASN R 638 -63.16 15.42 48.08
C ASN R 638 -62.60 16.27 49.20
N SER R 639 -61.28 16.46 49.22
CA SER R 639 -60.48 16.89 50.39
C SER R 639 -60.71 15.99 51.59
N ASN R 640 -61.00 14.71 51.34
CA ASN R 640 -61.08 13.69 52.38
C ASN R 640 -59.88 12.77 52.36
N TYR R 641 -59.09 12.80 51.31
CA TYR R 641 -57.90 11.98 51.19
C TYR R 641 -56.75 12.86 50.72
N VAL R 642 -55.54 12.47 51.09
CA VAL R 642 -54.33 13.24 50.79
C VAL R 642 -53.30 12.28 50.22
N ALA R 643 -52.79 12.59 49.03
CA ALA R 643 -51.75 11.80 48.39
C ALA R 643 -50.40 12.49 48.56
N THR R 644 -49.43 11.76 49.11
CA THR R 644 -48.08 12.27 49.35
C THR R 644 -47.06 11.37 48.66
N GLY R 645 -46.70 11.71 47.44
CA GLY R 645 -45.57 11.06 46.80
C GLY R 645 -44.27 11.52 47.42
N SER R 646 -43.26 10.66 47.35
CA SER R 646 -42.08 10.85 48.17
C SER R 646 -40.85 10.29 47.48
N ALA R 647 -39.72 10.37 48.18
CA ALA R 647 -38.40 10.06 47.64
C ALA R 647 -37.97 8.62 47.90
N ASP R 648 -38.83 7.79 48.48
CA ASP R 648 -38.57 6.36 48.57
C ASP R 648 -39.19 5.60 47.42
N ARG R 649 -39.42 6.27 46.29
CA ARG R 649 -40.02 5.72 45.08
C ARG R 649 -41.40 5.12 45.33
N THR R 650 -42.12 5.65 46.33
CA THR R 650 -43.47 5.21 46.65
C THR R 650 -44.38 6.43 46.72
N VAL R 651 -45.68 6.17 46.69
CA VAL R 651 -46.69 7.20 46.84
C VAL R 651 -47.89 6.60 47.55
N ARG R 652 -48.34 7.25 48.61
CA ARG R 652 -49.39 6.74 49.47
C ARG R 652 -50.59 7.66 49.46
N LEU R 653 -51.76 7.10 49.72
CA LEU R 653 -52.96 7.86 50.00
C LEU R 653 -53.19 7.84 51.51
N TRP R 654 -53.58 8.98 52.06
CA TRP R 654 -53.89 9.06 53.48
C TRP R 654 -55.37 9.39 53.63
N ASP R 655 -55.85 9.30 54.86
CA ASP R 655 -57.23 9.60 55.18
C ASP R 655 -57.23 10.78 56.15
N VAL R 656 -57.97 11.84 55.79
CA VAL R 656 -58.01 13.04 56.62
C VAL R 656 -58.74 12.76 57.93
N LEU R 657 -59.86 12.05 57.86
CA LEU R 657 -60.39 11.42 59.05
C LEU R 657 -59.47 10.29 59.47
N ASN R 658 -59.21 10.19 60.77
CA ASN R 658 -58.55 9.09 61.49
C ASN R 658 -57.13 8.76 61.00
N GLY R 659 -56.54 9.55 60.10
CA GLY R 659 -55.11 9.52 59.83
C GLY R 659 -54.51 8.27 59.23
N ASN R 660 -55.31 7.27 58.90
CA ASN R 660 -54.78 5.97 58.49
C ASN R 660 -54.19 6.02 57.08
N CYS R 661 -53.34 5.06 56.70
CA CYS R 661 -52.84 5.01 55.29
C CYS R 661 -53.73 4.07 54.47
N VAL R 662 -54.47 4.59 53.49
CA VAL R 662 -55.47 3.75 52.76
C VAL R 662 -54.97 3.19 51.43
N ARG R 663 -53.77 3.54 50.96
CA ARG R 663 -53.21 2.89 49.72
C ARG R 663 -51.71 3.10 49.63
N ILE R 664 -51.00 2.22 48.93
CA ILE R 664 -49.52 2.32 48.77
C ILE R 664 -49.17 1.88 47.35
N PHE R 665 -48.79 2.80 46.47
CA PHE R 665 -48.43 2.51 45.09
C PHE R 665 -46.92 2.46 44.97
N THR R 666 -46.40 1.31 44.53
CA THR R 666 -44.96 1.10 44.38
C THR R 666 -44.68 0.72 42.93
N GLY R 667 -44.40 1.73 42.09
CA GLY R 667 -44.12 1.45 40.70
C GLY R 667 -42.94 2.17 40.10
N HIS R 668 -42.39 3.17 40.80
CA HIS R 668 -41.41 4.05 40.19
C HIS R 668 -40.00 3.51 40.38
N LYS R 669 -39.06 4.13 39.67
CA LYS R 669 -37.64 3.84 39.81
C LYS R 669 -36.85 5.09 40.16
N GLY R 670 -37.53 6.11 40.67
CA GLY R 670 -36.89 7.33 41.11
C GLY R 670 -37.77 8.07 42.08
N PRO R 671 -37.23 9.12 42.72
CA PRO R 671 -38.04 9.93 43.64
C PRO R 671 -39.15 10.69 42.92
N ILE R 672 -40.38 10.54 43.43
CA ILE R 672 -41.55 11.17 42.83
C ILE R 672 -41.49 12.67 43.07
N HIS R 673 -41.61 13.45 41.99
CA HIS R 673 -41.56 14.89 42.09
C HIS R 673 -42.83 15.58 41.63
N SER R 674 -43.82 14.85 41.15
CA SER R 674 -45.04 15.48 40.66
C SER R 674 -46.22 14.55 40.87
N LEU R 675 -47.37 15.15 41.18
CA LEU R 675 -48.60 14.43 41.43
C LEU R 675 -49.76 15.25 40.89
N THR R 676 -50.82 14.56 40.49
CA THR R 676 -52.06 15.21 40.12
C THR R 676 -53.19 14.20 40.23
N PHE R 677 -54.41 14.72 40.36
CA PHE R 677 -55.61 13.91 40.43
C PHE R 677 -56.47 14.15 39.20
N SER R 678 -57.06 13.09 38.68
CA SER R 678 -58.07 13.24 37.63
C SER R 678 -59.30 13.92 38.21
N PRO R 679 -59.98 14.79 37.45
CA PRO R 679 -61.04 15.64 38.03
C PRO R 679 -62.30 14.89 38.45
N ASN R 680 -62.48 13.63 38.08
CA ASN R 680 -63.59 12.86 38.59
C ASN R 680 -63.25 12.12 39.88
N GLY R 681 -61.97 11.95 40.19
CA GLY R 681 -61.54 11.38 41.45
C GLY R 681 -61.10 9.93 41.37
N ARG R 682 -61.26 9.28 40.22
CA ARG R 682 -60.96 7.86 40.14
C ARG R 682 -59.47 7.58 40.02
N PHE R 683 -58.70 8.49 39.44
CA PHE R 683 -57.33 8.18 39.05
C PHE R 683 -56.34 9.15 39.68
N LEU R 684 -55.07 8.91 39.40
CA LEU R 684 -53.96 9.62 40.04
C LEU R 684 -52.72 9.35 39.21
N ALA R 685 -51.97 10.41 38.88
CA ALA R 685 -50.79 10.30 38.03
C ALA R 685 -49.58 10.86 38.76
N THR R 686 -48.47 10.13 38.69
CA THR R 686 -47.23 10.55 39.33
C THR R 686 -46.15 10.75 38.28
N GLY R 687 -45.00 11.23 38.73
CA GLY R 687 -43.85 11.45 37.86
C GLY R 687 -42.58 11.54 38.68
N ALA R 688 -41.49 10.99 38.17
CA ALA R 688 -40.27 10.85 38.97
C ALA R 688 -39.07 11.21 38.12
N THR R 689 -37.88 11.06 38.71
CA THR R 689 -36.64 11.46 38.07
C THR R 689 -36.22 10.52 36.94
N ASP R 690 -36.85 9.36 36.79
CA ASP R 690 -36.55 8.48 35.67
C ASP R 690 -37.20 8.95 34.37
N GLY R 691 -38.05 9.97 34.42
CA GLY R 691 -38.75 10.42 33.23
C GLY R 691 -39.86 9.48 32.85
N ARG R 692 -40.87 9.36 33.71
CA ARG R 692 -41.93 8.39 33.50
C ARG R 692 -43.17 8.84 34.26
N VAL R 693 -44.32 8.72 33.61
CA VAL R 693 -45.60 9.05 34.20
C VAL R 693 -46.39 7.76 34.35
N LEU R 694 -46.76 7.43 35.59
CA LEU R 694 -47.49 6.21 35.91
C LEU R 694 -48.89 6.59 36.34
N LEU R 695 -49.90 6.01 35.69
CA LEU R 695 -51.29 6.27 36.02
C LEU R 695 -51.77 5.17 36.95
N TRP R 696 -52.41 5.57 38.06
CA TRP R 696 -52.95 4.63 39.03
C TRP R 696 -54.47 4.76 39.10
N ASP R 697 -55.11 3.68 39.53
CA ASP R 697 -56.52 3.68 39.87
C ASP R 697 -56.65 3.70 41.38
N ILE R 698 -57.42 4.66 41.90
CA ILE R 698 -57.52 4.77 43.39
C ILE R 698 -58.43 3.66 43.90
N GLY R 699 -59.53 3.35 43.21
CA GLY R 699 -60.47 2.34 43.74
C GLY R 699 -59.83 0.99 43.93
N HIS R 700 -59.08 0.52 42.93
CA HIS R 700 -58.31 -0.74 43.09
C HIS R 700 -56.86 -0.31 42.91
N GLY R 701 -55.97 -0.66 43.82
CA GLY R 701 -54.60 -0.09 43.71
C GLY R 701 -53.79 -0.78 42.66
N LEU R 702 -54.12 -0.53 41.39
CA LEU R 702 -53.40 -1.17 40.27
C LEU R 702 -52.89 -0.08 39.33
N MET R 703 -51.67 -0.22 38.84
CA MET R 703 -51.15 0.74 37.83
C MET R 703 -51.85 0.45 36.50
N VAL R 704 -52.81 1.28 36.12
CA VAL R 704 -53.56 1.07 34.87
C VAL R 704 -52.89 1.67 33.63
N GLY R 705 -51.76 2.34 33.79
CA GLY R 705 -51.06 2.86 32.63
C GLY R 705 -49.61 3.15 32.94
N GLU R 706 -48.89 3.51 31.88
CA GLU R 706 -47.49 3.91 31.98
C GLU R 706 -47.15 4.73 30.75
N LEU R 707 -46.75 5.98 30.97
CA LEU R 707 -46.48 6.92 29.89
C LEU R 707 -44.99 7.21 29.89
N LYS R 708 -44.29 6.71 28.86
CA LYS R 708 -42.83 6.65 28.89
C LYS R 708 -42.16 7.50 27.82
N GLY R 709 -42.66 8.72 27.63
CA GLY R 709 -42.10 9.58 26.60
C GLY R 709 -40.93 10.46 27.02
N HIS R 710 -40.95 10.92 28.28
CA HIS R 710 -40.04 11.97 28.73
C HIS R 710 -38.61 11.46 28.85
N THR R 711 -37.72 12.39 29.14
CA THR R 711 -36.28 12.12 29.29
C THR R 711 -35.77 12.43 30.68
N ASP R 712 -36.10 13.60 31.22
CA ASP R 712 -35.64 14.05 32.51
C ASP R 712 -36.79 14.08 33.50
N THR R 713 -36.54 14.64 34.68
CA THR R 713 -37.48 14.63 35.80
C THR R 713 -38.78 15.35 35.46
N VAL R 714 -39.89 14.62 35.55
CA VAL R 714 -41.21 15.20 35.27
C VAL R 714 -41.59 16.02 36.49
N CYS R 715 -41.33 17.32 36.44
CA CYS R 715 -41.56 18.22 37.57
C CYS R 715 -42.92 18.89 37.51
N SER R 716 -43.78 18.52 36.57
CA SER R 716 -45.08 19.16 36.45
C SER R 716 -46.05 18.21 35.78
N LEU R 717 -47.23 18.06 36.39
CA LEU R 717 -48.28 17.19 35.89
C LEU R 717 -49.62 17.87 36.12
N ARG R 718 -50.50 17.78 35.13
CA ARG R 718 -51.84 18.34 35.26
C ARG R 718 -52.78 17.65 34.31
N PHE R 719 -53.95 17.27 34.80
CA PHE R 719 -55.02 16.76 33.95
C PHE R 719 -55.77 17.94 33.33
N SER R 720 -56.79 17.64 32.54
CA SER R 720 -57.61 18.69 31.94
C SER R 720 -58.63 19.16 32.96
N ARG R 721 -59.59 19.98 32.52
CA ARG R 721 -60.62 20.46 33.42
C ARG R 721 -61.81 19.53 33.50
N ASP R 722 -62.10 18.80 32.41
CA ASP R 722 -63.09 17.75 32.43
C ASP R 722 -62.50 16.36 32.43
N GLY R 723 -61.18 16.24 32.30
CA GLY R 723 -60.53 14.96 32.22
C GLY R 723 -60.26 14.46 30.83
N GLU R 724 -60.17 15.35 29.84
CA GLU R 724 -59.96 14.92 28.47
C GLU R 724 -58.52 14.50 28.23
N ILE R 725 -57.56 15.38 28.52
CA ILE R 725 -56.16 15.10 28.26
C ILE R 725 -55.36 15.27 29.55
N LEU R 726 -54.14 14.72 29.53
CA LEU R 726 -53.18 14.87 30.61
C LEU R 726 -51.95 15.58 30.07
N ALA R 727 -51.53 16.63 30.77
CA ALA R 727 -50.38 17.44 30.35
C ALA R 727 -49.22 17.22 31.31
N SER R 728 -48.01 17.17 30.76
CA SER R 728 -46.84 16.80 31.56
C SER R 728 -45.63 17.58 31.07
N GLY R 729 -45.12 18.47 31.91
CA GLY R 729 -43.90 19.21 31.62
C GLY R 729 -42.77 18.72 32.50
N SER R 730 -41.55 18.79 31.97
CA SER R 730 -40.40 18.19 32.62
C SER R 730 -39.20 19.11 32.46
N MET R 731 -38.03 18.61 32.87
CA MET R 731 -36.75 19.28 32.64
C MET R 731 -36.16 18.96 31.27
N ASP R 732 -36.88 18.20 30.46
CA ASP R 732 -36.54 17.91 29.06
C ASP R 732 -36.93 19.07 28.14
N ASN R 733 -37.52 20.12 28.71
CA ASN R 733 -38.05 21.31 28.02
C ASN R 733 -39.12 20.90 26.99
N THR R 734 -40.10 20.13 27.46
CA THR R 734 -41.21 19.67 26.66
C THR R 734 -42.52 19.85 27.42
N VAL R 735 -43.61 19.99 26.68
CA VAL R 735 -44.96 19.96 27.24
C VAL R 735 -45.72 18.93 26.41
N ARG R 736 -45.78 17.69 26.89
CA ARG R 736 -46.48 16.64 26.19
C ARG R 736 -47.92 16.55 26.66
N LEU R 737 -48.82 16.30 25.73
CA LEU R 737 -50.24 16.13 26.02
C LEU R 737 -50.61 14.68 25.73
N TRP R 738 -50.96 13.94 26.77
CA TRP R 738 -51.35 12.54 26.63
C TRP R 738 -52.87 12.46 26.47
N ASP R 739 -53.40 11.25 26.49
CA ASP R 739 -54.83 11.01 26.36
C ASP R 739 -55.36 10.45 27.66
N ALA R 740 -56.25 11.20 28.32
CA ALA R 740 -56.86 10.77 29.56
C ALA R 740 -58.20 10.07 29.35
N ILE R 741 -58.46 9.59 28.14
CA ILE R 741 -59.62 8.77 27.84
C ILE R 741 -59.22 7.40 27.32
N LYS R 742 -58.23 7.35 26.41
CA LYS R 742 -57.80 6.09 25.82
C LYS R 742 -57.10 5.19 26.84
N ALA R 743 -56.46 5.77 27.85
CA ALA R 743 -55.78 4.98 28.87
C ALA R 743 -56.71 4.54 29.99
N PHE R 744 -57.91 5.11 30.09
CA PHE R 744 -58.76 4.94 31.26
C PHE R 744 -60.11 4.32 30.90
N GLU R 745 -60.08 3.25 30.10
CA GLU R 745 -61.31 2.58 29.66
C GLU R 745 -61.67 1.39 30.55
N ASP R 746 -61.35 1.44 31.83
CA ASP R 746 -61.71 0.41 32.79
C ASP R 746 -62.67 0.97 33.84
N LEU R 747 -63.63 1.77 33.35
CA LEU R 747 -64.54 2.49 34.28
C LEU R 747 -65.83 1.71 34.55
N GLU R 748 -65.99 1.27 35.79
CA GLU R 748 -67.20 0.59 36.24
C GLU R 748 -67.32 0.67 37.77
N THR R 754 -62.49 -8.02 38.94
CA THR R 754 -61.32 -8.61 38.29
C THR R 754 -60.80 -9.79 39.10
N ALA R 755 -60.57 -9.54 40.40
CA ALA R 755 -60.16 -10.52 41.41
C ALA R 755 -58.84 -11.23 41.06
N THR R 756 -57.96 -10.57 40.31
CA THR R 756 -56.67 -11.14 39.95
C THR R 756 -55.48 -10.33 40.45
N GLY R 757 -55.52 -9.01 40.33
CA GLY R 757 -54.40 -8.16 40.68
C GLY R 757 -53.55 -7.70 39.52
N HIS R 758 -53.98 -7.91 38.28
CA HIS R 758 -53.21 -7.51 37.13
C HIS R 758 -54.16 -7.18 35.98
N ILE R 759 -53.66 -6.43 35.01
CA ILE R 759 -54.51 -5.84 33.97
C ILE R 759 -53.91 -6.11 32.59
N ASN R 760 -52.69 -6.67 32.58
CA ASN R 760 -51.95 -7.09 31.38
C ASN R 760 -51.71 -5.91 30.43
N LEU R 761 -50.90 -4.98 30.91
CA LEU R 761 -50.65 -3.74 30.17
C LEU R 761 -49.76 -3.98 28.97
N PRO R 762 -50.19 -3.58 27.77
CA PRO R 762 -49.26 -3.51 26.63
C PRO R 762 -48.49 -2.20 26.62
N GLU R 763 -47.70 -1.96 25.58
CA GLU R 763 -46.98 -0.70 25.40
C GLU R 763 -47.71 0.07 24.29
N ASN R 764 -48.28 1.23 24.65
CA ASN R 764 -49.20 1.94 23.77
C ASN R 764 -48.98 3.45 23.78
N SER R 765 -47.74 3.91 23.93
CA SER R 765 -47.44 5.33 24.03
C SER R 765 -47.26 6.02 22.68
N GLN R 766 -47.84 5.45 21.62
CA GLN R 766 -47.98 6.16 20.35
C GLN R 766 -49.42 6.50 20.03
N GLU R 767 -50.38 5.78 20.59
CA GLU R 767 -51.79 6.09 20.48
C GLU R 767 -52.30 6.88 21.67
N LEU R 768 -51.41 7.19 22.64
CA LEU R 768 -51.72 8.03 23.78
C LEU R 768 -51.09 9.41 23.67
N LEU R 769 -49.87 9.49 23.16
CA LEU R 769 -49.21 10.77 22.98
C LEU R 769 -49.83 11.54 21.83
N LEU R 770 -50.11 12.83 22.05
CA LEU R 770 -50.81 13.59 20.99
C LEU R 770 -49.83 14.60 20.42
N GLY R 771 -49.39 15.56 21.24
CA GLY R 771 -48.41 16.55 20.77
C GLY R 771 -47.28 16.75 21.74
N THR R 772 -46.04 16.75 21.25
CA THR R 772 -44.88 17.06 22.12
C THR R 772 -44.43 18.47 21.76
N TYR R 773 -44.47 19.40 22.71
CA TYR R 773 -44.13 20.80 22.35
C TYR R 773 -42.82 21.22 23.02
N MET R 774 -41.78 21.44 22.23
CA MET R 774 -40.45 21.82 22.76
C MET R 774 -40.47 23.27 23.24
N THR R 775 -39.69 23.59 24.27
CA THR R 775 -39.61 24.98 24.79
C THR R 775 -38.19 25.51 24.61
N LYS R 776 -38.01 26.83 24.56
CA LYS R 776 -36.67 27.40 24.27
C LYS R 776 -35.77 27.36 25.50
N SER R 777 -35.04 26.26 25.68
CA SER R 777 -34.04 26.16 26.77
C SER R 777 -34.64 26.44 28.15
N THR R 778 -35.95 26.23 28.31
CA THR R 778 -36.61 26.50 29.56
C THR R 778 -37.41 25.28 30.03
N PRO R 779 -37.19 24.81 31.26
CA PRO R 779 -38.01 23.74 31.81
C PRO R 779 -39.43 24.22 32.11
N VAL R 780 -40.32 23.26 32.27
CA VAL R 780 -41.72 23.56 32.51
C VAL R 780 -42.08 23.26 33.96
N VAL R 781 -42.00 24.28 34.81
CA VAL R 781 -42.13 24.07 36.25
C VAL R 781 -43.58 23.86 36.65
N HIS R 782 -44.49 24.60 36.04
CA HIS R 782 -45.91 24.53 36.39
C HIS R 782 -46.74 24.32 35.15
N LEU R 783 -47.86 23.62 35.33
CA LEU R 783 -48.86 23.45 34.27
C LEU R 783 -50.23 23.72 34.85
N HIS R 784 -51.06 24.38 34.07
CA HIS R 784 -52.35 24.83 34.57
C HIS R 784 -53.35 24.89 33.43
N PHE R 785 -54.57 24.43 33.70
CA PHE R 785 -55.69 24.59 32.79
C PHE R 785 -56.64 25.63 33.37
N THR R 786 -57.11 26.54 32.52
CA THR R 786 -58.04 27.56 32.97
C THR R 786 -59.44 26.94 33.05
N ARG R 787 -60.46 27.74 33.39
CA ARG R 787 -61.83 27.26 33.36
C ARG R 787 -62.26 26.86 31.96
N ARG R 788 -61.69 27.52 30.95
CA ARG R 788 -61.66 27.02 29.59
C ARG R 788 -60.37 26.24 29.42
N ASN R 789 -60.42 25.13 28.69
CA ASN R 789 -59.29 24.20 28.65
C ASN R 789 -58.15 24.80 27.84
N LEU R 790 -57.40 25.69 28.50
CA LEU R 790 -56.31 26.44 27.89
C LEU R 790 -55.09 26.26 28.78
N VAL R 791 -54.03 25.70 28.23
CA VAL R 791 -52.86 25.36 29.02
C VAL R 791 -52.06 26.64 29.29
N LEU R 792 -51.62 26.80 30.53
CA LEU R 792 -50.65 27.81 30.92
C LEU R 792 -49.37 27.11 31.36
N ALA R 793 -48.32 27.87 31.60
CA ALA R 793 -47.06 27.28 32.04
C ALA R 793 -46.27 28.31 32.84
N ALA R 794 -45.02 27.97 33.13
CA ALA R 794 -44.13 28.83 33.91
C ALA R 794 -42.71 28.48 33.57
N GLY R 795 -41.90 29.49 33.23
CA GLY R 795 -40.68 29.21 32.52
C GLY R 795 -39.37 29.03 33.25
N ALA R 796 -38.92 30.06 33.99
CA ALA R 796 -37.53 30.16 34.49
C ALA R 796 -36.52 29.92 33.37
N TYR R 797 -36.52 30.83 32.40
CA TYR R 797 -35.66 30.73 31.22
C TYR R 797 -34.19 30.72 31.57
N SER R 798 -33.54 29.58 31.37
CA SER R 798 -32.14 29.41 31.72
C SER R 798 -31.33 29.06 30.48
N PRO R 799 -30.54 29.99 29.93
CA PRO R 799 -29.79 29.75 28.69
C PRO R 799 -28.64 28.77 28.89
N LEU S 9 -21.44 -1.30 40.48
CA LEU S 9 -21.54 -2.73 40.77
C LEU S 9 -21.27 -3.01 42.25
N SER S 10 -20.21 -2.40 42.76
CA SER S 10 -19.78 -2.60 44.14
C SER S 10 -19.83 -1.30 44.92
N ASN S 11 -19.73 -1.43 46.23
CA ASN S 11 -19.63 -0.29 47.14
C ASN S 11 -18.28 0.36 46.96
N THR S 12 -18.26 1.57 46.41
CA THR S 12 -17.03 2.29 46.13
C THR S 12 -16.74 3.28 47.27
N VAL S 13 -15.53 3.21 47.80
CA VAL S 13 -15.11 4.04 48.93
C VAL S 13 -13.82 4.75 48.56
N LEU S 14 -13.45 5.73 49.40
CA LEU S 14 -12.15 6.36 49.27
C LEU S 14 -11.04 5.36 49.59
N PRO S 15 -9.87 5.50 48.97
CA PRO S 15 -8.81 4.50 49.19
C PRO S 15 -8.24 4.56 50.59
N SER S 16 -7.80 3.40 51.08
CA SER S 16 -7.24 3.31 52.42
C SER S 16 -5.88 3.98 52.52
N GLU S 17 -5.16 4.12 51.41
CA GLU S 17 -3.88 4.83 51.41
C GLU S 17 -4.06 6.33 51.41
N SER S 18 -5.27 6.83 51.20
CA SER S 18 -5.55 8.25 51.35
C SER S 18 -5.75 8.65 52.81
N MET S 19 -5.92 7.69 53.70
CA MET S 19 -6.04 7.97 55.13
C MET S 19 -4.72 7.87 55.88
N LYS S 20 -3.73 7.19 55.31
CA LYS S 20 -2.38 7.24 55.86
C LYS S 20 -1.75 8.60 55.62
N VAL S 21 -2.04 9.21 54.46
CA VAL S 21 -1.54 10.53 54.13
C VAL S 21 -2.17 11.58 55.04
N VAL S 22 -3.47 11.44 55.31
CA VAL S 22 -4.18 12.38 56.16
C VAL S 22 -3.71 12.26 57.61
N ALA S 23 -3.44 11.03 58.05
CA ALA S 23 -3.01 10.80 59.43
C ALA S 23 -1.60 11.31 59.71
N GLU S 24 -0.81 11.57 58.68
CA GLU S 24 0.51 12.15 58.89
C GLU S 24 0.50 13.67 58.83
N SER S 25 -0.56 14.28 58.30
CA SER S 25 -0.79 15.71 58.54
C SER S 25 -1.12 15.97 59.99
N MET S 26 -1.70 14.99 60.67
CA MET S 26 -2.05 15.08 62.07
C MET S 26 -0.83 14.88 62.98
N GLY S 27 0.07 13.98 62.58
CA GLY S 27 1.24 13.70 63.39
C GLY S 27 1.30 12.25 63.82
N ILE S 28 0.37 11.44 63.34
CA ILE S 28 0.31 10.03 63.69
C ILE S 28 1.28 9.28 62.80
N ALA S 29 2.32 8.70 63.39
CA ALA S 29 3.41 8.11 62.62
C ALA S 29 3.00 6.81 61.95
N GLN S 30 2.52 5.86 62.73
CA GLN S 30 2.15 4.54 62.22
C GLN S 30 0.68 4.27 62.52
N ILE S 31 -0.11 4.05 61.47
CA ILE S 31 -1.52 3.72 61.57
C ILE S 31 -1.74 2.39 60.86
N GLN S 32 -2.31 1.42 61.59
CA GLN S 32 -2.46 0.08 61.06
C GLN S 32 -3.61 0.01 60.06
N GLU S 33 -3.55 -0.98 59.19
CA GLU S 33 -4.43 -1.07 58.03
C GLU S 33 -5.88 -1.37 58.40
N GLU S 34 -6.14 -1.90 59.60
CA GLU S 34 -7.51 -2.11 60.02
C GLU S 34 -8.13 -0.82 60.54
N THR S 35 -7.31 0.12 61.00
CA THR S 35 -7.80 1.45 61.37
C THR S 35 -8.11 2.28 60.14
N CYS S 36 -7.26 2.17 59.11
CA CYS S 36 -7.48 2.90 57.86
C CYS S 36 -8.72 2.40 57.13
N GLN S 37 -9.03 1.11 57.22
CA GLN S 37 -10.28 0.61 56.68
C GLN S 37 -11.46 1.09 57.50
N LEU S 38 -11.27 1.28 58.81
CA LEU S 38 -12.32 1.79 59.68
C LEU S 38 -12.61 3.26 59.43
N LEU S 39 -11.63 4.01 58.90
CA LEU S 39 -11.82 5.44 58.65
C LEU S 39 -12.52 5.67 57.32
N THR S 40 -12.18 4.91 56.29
CA THR S 40 -12.60 5.22 54.94
C THR S 40 -13.98 4.70 54.58
N ASP S 41 -14.54 3.76 55.35
CA ASP S 41 -15.92 3.35 55.10
C ASP S 41 -16.90 4.21 55.87
N GLU S 42 -16.41 5.08 56.74
CA GLU S 42 -17.24 6.08 57.41
C GLU S 42 -17.25 7.40 56.65
N VAL S 43 -16.09 7.85 56.17
CA VAL S 43 -16.05 9.12 55.47
C VAL S 43 -16.63 8.99 54.06
N SER S 44 -16.56 7.81 53.44
CA SER S 44 -17.26 7.60 52.18
C SER S 44 -18.72 7.28 52.39
N TYR S 45 -19.12 6.99 53.62
CA TYR S 45 -20.54 6.87 53.94
C TYR S 45 -21.17 8.24 54.15
N ARG S 46 -20.43 9.18 54.74
CA ARG S 46 -20.95 10.53 54.92
C ARG S 46 -20.85 11.38 53.66
N ILE S 47 -20.02 10.97 52.70
CA ILE S 47 -20.01 11.66 51.42
C ILE S 47 -21.26 11.32 50.62
N LYS S 48 -21.68 10.05 50.65
CA LYS S 48 -22.87 9.63 49.93
C LYS S 48 -24.16 10.15 50.55
N GLU S 49 -24.14 10.56 51.81
CA GLU S 49 -25.32 11.14 52.42
C GLU S 49 -25.44 12.64 52.20
N ILE S 50 -24.36 13.30 51.79
CA ILE S 50 -24.42 14.70 51.37
C ILE S 50 -24.41 14.80 49.84
N ALA S 51 -23.96 13.75 49.15
CA ALA S 51 -24.15 13.70 47.71
C ALA S 51 -25.63 13.56 47.36
N GLN S 52 -26.37 12.79 48.14
CA GLN S 52 -27.77 12.54 47.84
C GLN S 52 -28.71 13.57 48.46
N ASP S 53 -28.25 14.35 49.45
CA ASP S 53 -29.06 15.44 49.98
C ASP S 53 -28.78 16.77 49.30
N ALA S 54 -27.63 16.92 48.64
CA ALA S 54 -27.46 18.05 47.73
C ALA S 54 -28.34 17.88 46.51
N LEU S 55 -28.54 16.63 46.06
CA LEU S 55 -29.41 16.32 44.94
C LEU S 55 -30.88 16.55 45.23
N LYS S 56 -31.26 16.75 46.49
CA LYS S 56 -32.65 17.07 46.80
C LYS S 56 -32.92 18.56 46.74
N PHE S 57 -31.88 19.39 46.76
CA PHE S 57 -32.04 20.81 46.48
C PHE S 57 -31.81 21.12 45.01
N MET S 58 -31.12 20.24 44.29
CA MET S 58 -30.99 20.35 42.84
C MET S 58 -32.29 19.99 42.11
N HIS S 59 -33.09 19.13 42.71
CA HIS S 59 -34.32 18.65 42.09
C HIS S 59 -35.54 19.45 42.51
N MET S 60 -35.64 19.79 43.80
CA MET S 60 -36.79 20.55 44.26
C MET S 60 -36.67 22.01 43.85
N GLY S 61 -35.49 22.59 43.99
CA GLY S 61 -35.19 23.82 43.28
C GLY S 61 -34.65 23.46 41.93
N LYS S 62 -35.47 23.61 40.87
CA LYS S 62 -35.27 22.94 39.60
C LYS S 62 -34.06 23.49 38.84
N ARG S 63 -32.92 22.80 38.89
CA ARG S 63 -31.68 23.37 38.41
C ARG S 63 -30.87 22.46 37.49
N GLN S 64 -30.93 21.14 37.66
CA GLN S 64 -30.14 20.09 37.00
C GLN S 64 -28.65 20.41 36.80
N LYS S 65 -28.03 21.08 37.77
CA LYS S 65 -26.63 21.46 37.62
C LYS S 65 -25.78 21.06 38.81
N LEU S 66 -26.38 21.05 40.01
CA LEU S 66 -25.72 20.81 41.30
C LEU S 66 -24.59 21.82 41.53
N THR S 67 -25.02 23.07 41.73
CA THR S 67 -24.11 24.12 42.14
C THR S 67 -23.60 23.87 43.56
N THR S 68 -22.59 24.64 43.96
CA THR S 68 -21.99 24.46 45.27
C THR S 68 -22.83 25.03 46.39
N SER S 69 -23.92 25.75 46.09
CA SER S 69 -24.87 26.14 47.11
C SER S 69 -25.86 25.04 47.44
N ASP S 70 -25.82 23.93 46.71
CA ASP S 70 -26.63 22.77 47.04
C ASP S 70 -25.97 21.94 48.14
N ILE S 71 -24.65 21.81 48.09
CA ILE S 71 -23.92 21.09 49.12
C ILE S 71 -23.92 21.89 50.42
N ASP S 72 -23.83 23.22 50.31
CA ASP S 72 -23.86 24.07 51.49
C ASP S 72 -25.24 24.10 52.14
N TYR S 73 -26.29 23.87 51.37
CA TYR S 73 -27.61 23.68 51.95
C TYR S 73 -27.78 22.32 52.59
N ALA S 74 -26.96 21.34 52.21
CA ALA S 74 -27.04 20.02 52.80
C ALA S 74 -26.14 19.85 54.01
N LEU S 75 -24.98 20.52 54.03
CA LEU S 75 -24.17 20.55 55.24
C LEU S 75 -24.88 21.32 56.34
N LYS S 76 -25.67 22.33 55.98
CA LYS S 76 -26.52 23.02 56.94
C LYS S 76 -27.62 22.11 57.45
N LEU S 77 -28.01 21.11 56.66
CA LEU S 77 -29.06 20.18 57.03
C LEU S 77 -28.55 19.07 57.94
N LYS S 78 -27.28 18.71 57.84
CA LYS S 78 -26.70 17.67 58.67
C LYS S 78 -26.00 18.20 59.92
N ASN S 79 -26.18 19.50 60.22
CA ASN S 79 -25.70 20.26 61.37
C ASN S 79 -24.19 20.53 61.32
N VAL S 80 -23.48 20.00 60.34
CA VAL S 80 -22.03 20.13 60.29
C VAL S 80 -21.67 21.54 59.80
N GLU S 81 -20.54 22.07 60.28
CA GLU S 81 -20.12 23.44 60.02
C GLU S 81 -19.87 23.64 58.53
N PRO S 82 -20.22 24.81 57.97
CA PRO S 82 -20.07 25.02 56.53
C PRO S 82 -18.62 25.09 56.08
N LEU S 83 -18.44 24.97 54.77
CA LEU S 83 -17.14 25.05 54.12
C LEU S 83 -17.02 26.43 53.49
N TYR S 84 -16.12 27.25 54.01
CA TYR S 84 -16.04 28.66 53.64
C TYR S 84 -15.17 28.84 52.41
N GLY S 85 -15.66 29.61 51.45
CA GLY S 85 -14.88 30.01 50.31
C GLY S 85 -15.05 29.21 49.06
N PHE S 86 -16.27 28.71 48.77
CA PHE S 86 -16.52 27.89 47.60
C PHE S 86 -17.63 28.47 46.73
N HIS S 87 -17.96 29.75 46.91
CA HIS S 87 -18.93 30.43 46.07
C HIS S 87 -18.27 31.37 45.06
N ALA S 88 -16.96 31.55 45.16
CA ALA S 88 -16.25 32.37 44.19
C ALA S 88 -16.04 31.60 42.90
N GLN S 89 -15.86 32.34 41.81
CA GLN S 89 -15.75 31.76 40.48
C GLN S 89 -14.40 31.08 40.30
N GLU S 90 -14.35 29.79 40.58
CA GLU S 90 -13.14 29.00 40.44
C GLU S 90 -13.41 27.77 39.59
N PHE S 91 -12.45 26.85 39.55
CA PHE S 91 -12.50 25.64 38.73
C PHE S 91 -11.71 24.57 39.47
N ILE S 92 -11.24 23.56 38.75
CA ILE S 92 -10.48 22.47 39.33
C ILE S 92 -9.02 22.46 38.86
N PRO S 93 -8.11 23.25 39.50
CA PRO S 93 -6.69 23.13 39.16
C PRO S 93 -5.92 22.22 40.12
N PHE S 94 -4.95 21.48 39.59
CA PHE S 94 -4.07 20.66 40.40
C PHE S 94 -2.66 20.75 39.81
N ARG S 95 -1.66 20.70 40.68
CA ARG S 95 -0.28 20.89 40.29
C ARG S 95 0.56 19.71 40.77
N PHE S 96 1.15 19.00 39.82
CA PHE S 96 1.90 17.78 40.10
C PHE S 96 3.28 18.10 40.64
N ALA S 97 3.68 17.39 41.70
CA ALA S 97 5.02 17.49 42.27
C ALA S 97 5.68 16.11 42.20
N SER S 98 6.77 16.02 41.43
CA SER S 98 7.40 14.73 41.19
C SER S 98 8.18 14.27 42.42
N GLY S 99 9.23 15.00 42.77
CA GLY S 99 9.97 14.71 43.99
C GLY S 99 10.86 13.49 43.91
N GLY S 100 11.59 13.26 45.00
CA GLY S 100 12.51 12.14 45.08
C GLY S 100 11.88 10.91 45.69
N GLY S 101 10.67 10.56 45.25
CA GLY S 101 9.98 9.39 45.75
C GLY S 101 8.65 9.67 46.41
N ARG S 102 8.24 10.92 46.55
CA ARG S 102 6.98 11.29 47.18
C ARG S 102 6.12 12.01 46.15
N GLU S 103 5.12 11.32 45.62
CA GLU S 103 4.29 11.81 44.52
C GLU S 103 3.00 12.39 45.09
N LEU S 104 2.70 13.64 44.74
CA LEU S 104 1.55 14.34 45.32
C LEU S 104 1.07 15.42 44.37
N TYR S 105 -0.06 16.02 44.74
CA TYR S 105 -0.70 17.11 44.01
C TYR S 105 -1.09 18.19 45.00
N PHE S 106 -0.97 19.45 44.61
CA PHE S 106 -1.32 20.54 45.52
C PHE S 106 -2.02 21.64 44.73
N TYR S 107 -2.20 22.80 45.36
CA TYR S 107 -2.99 23.87 44.78
C TYR S 107 -2.18 24.91 44.03
N GLU S 108 -1.03 25.32 44.58
CA GLU S 108 -0.22 26.44 44.09
C GLU S 108 -1.07 27.72 44.04
N GLU S 109 -1.44 28.17 45.23
CA GLU S 109 -2.20 29.39 45.37
C GLU S 109 -1.35 30.60 44.99
N LYS S 110 -2.01 31.64 44.52
CA LYS S 110 -1.35 32.85 44.05
C LYS S 110 -1.81 34.04 44.89
N GLU S 111 -1.09 35.14 44.75
CA GLU S 111 -1.34 36.36 45.51
C GLU S 111 -1.76 37.48 44.57
N VAL S 112 -2.25 38.56 45.15
CA VAL S 112 -2.67 39.73 44.40
C VAL S 112 -2.56 40.94 45.32
N ASP S 113 -2.06 42.05 44.79
CA ASP S 113 -1.94 43.26 45.58
C ASP S 113 -3.32 43.80 45.92
N LEU S 114 -3.46 44.32 47.15
CA LEU S 114 -4.76 44.68 47.68
C LEU S 114 -5.39 45.85 46.96
N SER S 115 -4.57 46.77 46.43
CA SER S 115 -5.13 47.90 45.69
C SER S 115 -5.63 47.52 44.30
N ASP S 116 -5.33 46.31 43.82
CA ASP S 116 -5.85 45.83 42.56
C ASP S 116 -7.15 45.03 42.73
N ILE S 117 -7.67 44.94 43.94
CA ILE S 117 -9.05 44.53 44.16
C ILE S 117 -9.94 45.71 44.55
N ILE S 118 -9.36 46.76 45.12
CA ILE S 118 -10.12 47.98 45.37
C ILE S 118 -10.39 48.70 44.07
N ASN S 119 -9.52 48.53 43.08
CA ASN S 119 -9.63 49.20 41.79
C ASN S 119 -9.84 48.20 40.66
N THR S 120 -10.70 47.22 40.88
CA THR S 120 -11.11 46.33 39.80
C THR S 120 -12.29 46.95 39.05
N PRO S 121 -12.45 46.67 37.75
CA PRO S 121 -13.66 47.10 37.06
C PRO S 121 -14.87 46.35 37.57
N LEU S 122 -15.86 47.11 38.04
CA LEU S 122 -17.07 46.51 38.58
C LEU S 122 -17.90 45.86 37.49
N PRO S 123 -18.50 44.70 37.76
CA PRO S 123 -19.45 44.12 36.80
C PRO S 123 -20.73 44.93 36.74
N ARG S 124 -21.52 44.65 35.70
CA ARG S 124 -22.75 45.40 35.45
C ARG S 124 -23.85 44.97 36.42
N VAL S 125 -24.72 45.93 36.72
CA VAL S 125 -25.78 45.76 37.72
C VAL S 125 -26.79 44.72 37.23
N PRO S 126 -27.28 43.85 38.09
CA PRO S 126 -28.25 42.84 37.66
C PRO S 126 -29.63 43.43 37.43
N LEU S 127 -30.47 42.64 36.77
CA LEU S 127 -31.84 43.00 36.46
C LEU S 127 -32.80 42.25 37.37
N ASP S 128 -33.97 42.83 37.57
CA ASP S 128 -34.99 42.23 38.43
C ASP S 128 -35.84 41.26 37.64
N VAL S 129 -36.44 40.31 38.36
CA VAL S 129 -37.27 39.29 37.75
C VAL S 129 -38.54 39.91 37.21
N CYS S 130 -38.83 39.67 35.93
CA CYS S 130 -40.06 40.11 35.29
C CYS S 130 -40.66 38.94 34.54
N LEU S 131 -41.90 39.11 34.12
CA LEU S 131 -42.66 38.07 33.48
C LEU S 131 -42.79 38.35 31.99
N LYS S 132 -42.91 37.29 31.20
CA LYS S 132 -43.11 37.44 29.76
C LYS S 132 -44.04 36.34 29.28
N ALA S 133 -45.06 36.73 28.52
CA ALA S 133 -46.05 35.82 27.99
C ALA S 133 -45.83 35.66 26.49
N HIS S 134 -45.93 34.42 26.00
CA HIS S 134 -45.85 34.14 24.58
C HIS S 134 -46.54 32.82 24.29
N TRP S 135 -47.09 32.70 23.09
CA TRP S 135 -47.77 31.47 22.71
C TRP S 135 -46.75 30.38 22.40
N LEU S 136 -46.98 29.19 22.96
CA LEU S 136 -46.14 28.04 22.69
C LEU S 136 -46.72 27.15 21.60
N SER S 137 -48.04 26.97 21.59
CA SER S 137 -48.72 26.24 20.53
C SER S 137 -50.08 26.87 20.35
N ILE S 138 -50.47 27.12 19.10
CA ILE S 138 -51.76 27.74 18.82
C ILE S 138 -52.66 26.74 18.11
N GLU S 139 -53.43 25.98 18.90
CA GLU S 139 -54.39 24.96 18.46
C GLU S 139 -53.74 23.86 17.61
N GLY S 140 -52.45 23.65 17.77
CA GLY S 140 -51.71 22.80 16.86
C GLY S 140 -50.21 22.94 17.03
N CYS S 141 -49.51 23.18 15.92
CA CYS S 141 -48.06 23.28 15.96
C CYS S 141 -47.64 24.64 16.52
N GLN S 142 -46.35 24.75 16.81
CA GLN S 142 -45.80 25.95 17.43
C GLN S 142 -45.69 27.08 16.41
N PRO S 143 -45.88 28.32 16.84
CA PRO S 143 -45.62 29.46 15.96
C PRO S 143 -44.12 29.70 15.79
N ALA S 144 -43.77 30.39 14.70
CA ALA S 144 -42.38 30.71 14.41
C ALA S 144 -42.00 32.09 14.94
N ILE S 145 -42.27 32.32 16.22
CA ILE S 145 -41.87 33.54 16.91
C ILE S 145 -40.48 33.27 17.50
N PRO S 146 -39.63 34.28 17.74
CA PRO S 146 -38.26 34.00 18.19
C PRO S 146 -38.13 33.50 19.62
N GLU S 147 -39.23 33.36 20.36
CA GLU S 147 -39.20 32.74 21.68
C GLU S 147 -39.27 31.22 21.61
N ASN S 148 -39.36 30.65 20.42
CA ASN S 148 -39.47 29.22 20.20
C ASN S 148 -38.17 28.66 19.61
N PRO S 149 -37.96 27.35 19.65
CA PRO S 149 -36.90 26.76 18.84
C PRO S 149 -37.20 26.93 17.36
N PRO S 150 -36.10 27.02 16.59
CA PRO S 150 -36.16 27.22 15.16
C PRO S 150 -37.02 26.25 14.35
N PRO S 151 -36.86 24.89 14.41
CA PRO S 151 -37.73 24.11 13.53
C PRO S 151 -39.00 23.62 14.24
N HIS S 214 -10.37 6.90 -20.43
CA HIS S 214 -11.16 5.91 -19.64
C HIS S 214 -12.44 6.60 -19.19
N GLU S 215 -12.34 7.86 -18.77
CA GLU S 215 -13.54 8.63 -18.39
C GLU S 215 -13.94 9.50 -19.58
N LEU S 216 -15.21 9.47 -19.96
CA LEU S 216 -15.66 10.17 -21.17
C LEU S 216 -15.43 11.67 -21.04
N SER S 217 -15.02 12.34 -22.11
CA SER S 217 -14.78 13.80 -22.11
C SER S 217 -16.13 14.47 -21.94
N VAL S 218 -16.18 15.76 -21.67
CA VAL S 218 -17.49 16.37 -21.38
C VAL S 218 -18.36 16.34 -22.63
N GLU S 219 -17.82 16.59 -23.82
CA GLU S 219 -18.58 16.48 -25.09
C GLU S 219 -19.34 15.17 -25.13
N GLN S 220 -18.64 14.02 -25.10
CA GLN S 220 -19.32 12.74 -25.24
C GLN S 220 -20.06 12.34 -23.98
N GLN S 221 -19.71 12.89 -22.82
CA GLN S 221 -20.54 12.70 -21.63
C GLN S 221 -21.91 13.37 -21.82
N LEU S 222 -21.92 14.57 -22.40
CA LEU S 222 -23.17 15.25 -22.69
C LEU S 222 -23.94 14.53 -23.79
N TYR S 223 -23.23 14.01 -24.79
CA TYR S 223 -23.89 13.24 -25.87
C TYR S 223 -24.52 11.97 -25.33
N TYR S 224 -23.81 11.28 -24.42
CA TYR S 224 -24.35 10.08 -23.79
C TYR S 224 -25.58 10.39 -22.96
N LYS S 225 -25.54 11.49 -22.21
CA LYS S 225 -26.67 11.88 -21.37
C LYS S 225 -27.90 12.22 -22.22
N GLU S 226 -27.72 13.01 -23.28
CA GLU S 226 -28.84 13.41 -24.11
C GLU S 226 -29.41 12.25 -24.88
N ILE S 227 -28.55 11.36 -25.38
CA ILE S 227 -29.02 10.23 -26.18
C ILE S 227 -29.75 9.21 -25.30
N THR S 228 -29.25 8.95 -24.09
CA THR S 228 -29.93 8.00 -23.22
C THR S 228 -31.23 8.57 -22.66
N GLU S 229 -31.24 9.85 -22.29
CA GLU S 229 -32.51 10.42 -21.82
C GLU S 229 -33.49 10.72 -22.93
N ALA S 230 -33.07 10.67 -24.19
CA ALA S 230 -34.04 10.82 -25.26
C ALA S 230 -34.80 9.52 -25.53
N CYS S 231 -34.28 8.39 -25.07
CA CYS S 231 -34.90 7.09 -25.27
C CYS S 231 -35.52 6.55 -23.97
N VAL S 232 -36.04 7.43 -23.13
CA VAL S 232 -36.76 6.99 -21.94
C VAL S 232 -38.25 7.26 -22.04
N GLY S 233 -38.69 8.12 -22.94
CA GLY S 233 -40.09 8.18 -23.24
C GLY S 233 -40.80 9.49 -22.98
N SER S 234 -40.10 10.61 -23.08
CA SER S 234 -40.80 11.88 -22.91
C SER S 234 -41.59 12.23 -24.16
N CYS S 235 -40.95 12.13 -25.34
CA CYS S 235 -41.70 12.26 -26.58
C CYS S 235 -41.07 11.36 -27.64
N GLU S 236 -41.85 11.12 -28.71
CA GLU S 236 -41.48 10.14 -29.73
C GLU S 236 -40.53 10.73 -30.77
N ALA S 237 -40.64 12.02 -31.06
CA ALA S 237 -39.83 12.62 -32.12
C ALA S 237 -38.36 12.73 -31.72
N LYS S 238 -38.09 13.12 -30.47
CA LYS S 238 -36.72 13.12 -29.97
C LYS S 238 -36.15 11.72 -29.90
N ARG S 239 -36.99 10.73 -29.63
CA ARG S 239 -36.57 9.33 -29.65
C ARG S 239 -36.18 8.90 -31.06
N ALA S 240 -36.96 9.29 -32.06
CA ALA S 240 -36.65 8.90 -33.43
C ALA S 240 -35.39 9.57 -33.92
N GLU S 241 -35.16 10.82 -33.51
CA GLU S 241 -33.91 11.48 -33.88
C GLU S 241 -32.72 10.92 -33.13
N ALA S 242 -32.92 10.46 -31.89
CA ALA S 242 -31.83 9.83 -31.15
C ALA S 242 -31.47 8.47 -31.74
N LEU S 243 -32.46 7.71 -32.18
CA LEU S 243 -32.17 6.42 -32.80
C LEU S 243 -31.56 6.59 -34.17
N GLN S 244 -31.97 7.62 -34.92
CA GLN S 244 -31.31 7.96 -36.16
C GLN S 244 -29.94 8.58 -35.97
N SER S 245 -29.64 9.07 -34.77
CA SER S 245 -28.27 9.45 -34.46
C SER S 245 -27.43 8.22 -34.19
N ILE S 246 -27.91 7.31 -33.33
CA ILE S 246 -27.18 6.09 -32.99
C ILE S 246 -26.91 5.25 -34.23
N ALA S 247 -27.88 5.17 -35.13
CA ALA S 247 -27.71 4.33 -36.31
C ALA S 247 -26.76 4.94 -37.34
N THR S 248 -26.61 6.27 -37.37
CA THR S 248 -25.91 6.92 -38.49
C THR S 248 -24.86 7.92 -38.01
N ASP S 249 -24.09 7.59 -36.98
CA ASP S 249 -22.94 8.44 -36.69
C ASP S 249 -21.64 7.68 -36.81
N PRO S 250 -20.54 8.36 -37.21
CA PRO S 250 -19.28 7.64 -37.48
C PRO S 250 -18.39 7.40 -36.27
N GLY S 251 -18.52 8.18 -35.21
CA GLY S 251 -17.51 8.11 -34.16
C GLY S 251 -17.96 7.68 -32.79
N LEU S 252 -18.93 6.76 -32.72
CA LEU S 252 -19.63 6.51 -31.44
C LEU S 252 -18.89 5.42 -30.66
N TYR S 253 -17.70 5.03 -31.11
CA TYR S 253 -16.88 4.09 -30.33
C TYR S 253 -16.37 4.86 -29.10
N GLN S 254 -15.98 4.16 -28.04
CA GLN S 254 -15.54 4.83 -26.79
C GLN S 254 -16.80 5.20 -26.02
N MET S 255 -17.96 4.90 -26.61
CA MET S 255 -19.26 5.12 -25.93
C MET S 255 -20.06 3.86 -26.21
N LEU S 256 -19.49 2.93 -26.98
CA LEU S 256 -20.19 1.65 -27.03
C LEU S 256 -20.26 0.85 -25.72
N PRO S 257 -19.23 0.78 -24.86
CA PRO S 257 -19.41 0.02 -23.60
C PRO S 257 -20.43 0.64 -22.68
N ARG S 258 -20.55 1.96 -22.68
CA ARG S 258 -21.56 2.63 -21.86
C ARG S 258 -22.96 2.30 -22.35
N PHE S 259 -23.16 2.26 -23.67
CA PHE S 259 -24.46 1.91 -24.22
C PHE S 259 -24.82 0.46 -23.96
N SER S 260 -23.83 -0.42 -24.03
CA SER S 260 -24.10 -1.83 -23.75
C SER S 260 -24.45 -2.04 -22.29
N THR S 261 -23.76 -1.34 -21.39
CA THR S 261 -24.06 -1.44 -19.96
C THR S 261 -25.43 -0.88 -19.65
N PHE S 262 -25.76 0.27 -20.25
CA PHE S 262 -27.06 0.90 -20.09
C PHE S 262 -28.19 -0.01 -20.54
N ILE S 263 -28.02 -0.65 -21.70
CA ILE S 263 -29.06 -1.50 -22.26
C ILE S 263 -29.24 -2.76 -21.41
N SER S 264 -28.14 -3.41 -21.04
CA SER S 264 -28.24 -4.66 -20.29
C SER S 264 -28.79 -4.44 -18.88
N GLU S 265 -28.34 -3.38 -18.20
CA GLU S 265 -28.90 -3.05 -16.90
C GLU S 265 -30.34 -2.59 -16.99
N GLY S 266 -30.72 -1.90 -18.07
CA GLY S 266 -32.10 -1.47 -18.20
C GLY S 266 -33.05 -2.61 -18.46
N VAL S 267 -32.61 -3.61 -19.24
CA VAL S 267 -33.41 -4.82 -19.40
C VAL S 267 -33.45 -5.63 -18.11
N ARG S 268 -32.39 -5.58 -17.30
CA ARG S 268 -32.45 -6.21 -15.97
C ARG S 268 -33.45 -5.50 -15.06
N VAL S 269 -33.56 -4.17 -15.14
CA VAL S 269 -34.47 -3.39 -14.28
C VAL S 269 -35.94 -3.65 -14.62
N ASN S 270 -36.23 -4.38 -15.69
CA ASN S 270 -37.59 -4.87 -15.94
C ASN S 270 -38.10 -5.82 -14.84
N VAL S 271 -37.21 -6.50 -14.12
CA VAL S 271 -37.70 -7.43 -13.10
C VAL S 271 -38.28 -6.69 -11.90
N VAL S 272 -37.74 -5.51 -11.58
CA VAL S 272 -38.32 -4.69 -10.51
C VAL S 272 -39.59 -3.99 -10.99
N GLN S 273 -39.60 -3.50 -12.23
CA GLN S 273 -40.77 -2.85 -12.80
C GLN S 273 -41.04 -3.42 -14.17
N ASN S 274 -42.11 -4.22 -14.30
CA ASN S 274 -42.41 -4.88 -15.57
C ASN S 274 -42.99 -3.87 -16.57
N ASN S 275 -42.11 -3.03 -17.10
CA ASN S 275 -42.48 -2.00 -18.05
C ASN S 275 -42.25 -2.54 -19.46
N LEU S 276 -43.34 -2.75 -20.19
CA LEU S 276 -43.24 -3.20 -21.57
C LEU S 276 -42.68 -2.10 -22.46
N ALA S 277 -43.04 -0.84 -22.18
CA ALA S 277 -42.71 0.26 -23.08
C ALA S 277 -41.21 0.53 -23.08
N LEU S 278 -40.59 0.57 -21.89
CA LEU S 278 -39.16 0.80 -21.81
C LEU S 278 -38.36 -0.36 -22.38
N LEU S 279 -38.91 -1.57 -22.36
CA LEU S 279 -38.24 -2.69 -23.02
C LEU S 279 -38.33 -2.58 -24.53
N ILE S 280 -39.46 -2.09 -25.06
CA ILE S 280 -39.56 -1.83 -26.49
C ILE S 280 -38.59 -0.75 -26.90
N TYR S 281 -38.39 0.25 -26.04
CA TYR S 281 -37.45 1.33 -26.34
C TYR S 281 -36.01 0.82 -26.32
N LEU S 282 -35.68 -0.07 -25.38
CA LEU S 282 -34.33 -0.63 -25.34
C LEU S 282 -34.07 -1.58 -26.50
N MET S 283 -35.09 -2.32 -26.95
CA MET S 283 -34.91 -3.17 -28.12
C MET S 283 -34.79 -2.36 -29.39
N ARG S 284 -35.40 -1.19 -29.47
CA ARG S 284 -35.21 -0.32 -30.63
C ARG S 284 -33.86 0.35 -30.50
N MET S 285 -33.32 0.51 -29.30
CA MET S 285 -31.94 1.01 -29.13
C MET S 285 -30.93 -0.01 -29.63
N VAL S 286 -31.15 -1.29 -29.35
CA VAL S 286 -30.28 -2.35 -29.85
C VAL S 286 -30.37 -2.46 -31.37
N LYS S 287 -31.59 -2.39 -31.90
CA LYS S 287 -31.79 -2.45 -33.35
C LYS S 287 -31.16 -1.26 -34.05
N ALA S 288 -31.11 -0.10 -33.40
CA ALA S 288 -30.39 1.04 -33.96
C ALA S 288 -28.88 0.89 -33.84
N LEU S 289 -28.41 0.23 -32.77
CA LEU S 289 -26.97 0.00 -32.63
C LEU S 289 -26.45 -0.99 -33.66
N MET S 290 -27.30 -1.91 -34.10
CA MET S 290 -26.87 -2.90 -35.08
C MET S 290 -26.73 -2.31 -36.48
N ASP S 291 -27.50 -1.28 -36.80
CA ASP S 291 -27.50 -0.70 -38.14
C ASP S 291 -26.36 0.29 -38.37
N ASN S 292 -25.51 0.51 -37.38
CA ASN S 292 -24.40 1.43 -37.54
C ASN S 292 -23.28 0.76 -38.31
N PRO S 293 -22.87 1.28 -39.47
CA PRO S 293 -21.80 0.62 -40.23
C PRO S 293 -20.43 0.79 -39.61
N THR S 294 -20.21 1.85 -38.85
CA THR S 294 -18.86 2.17 -38.41
C THR S 294 -18.44 1.38 -37.18
N LEU S 295 -19.34 1.16 -36.24
CA LEU S 295 -18.98 0.49 -35.00
C LEU S 295 -19.20 -1.00 -35.10
N TYR S 296 -18.25 -1.76 -34.55
CA TYR S 296 -18.25 -3.21 -34.59
C TYR S 296 -18.64 -3.74 -33.22
N LEU S 297 -19.76 -4.44 -33.15
CA LEU S 297 -20.30 -4.92 -31.90
C LEU S 297 -19.79 -6.31 -31.53
N GLU S 298 -18.68 -6.74 -32.11
CA GLU S 298 -18.18 -8.09 -31.84
C GLU S 298 -17.66 -8.23 -30.42
N LYS S 299 -17.05 -7.17 -29.88
CA LYS S 299 -16.49 -7.25 -28.54
C LYS S 299 -17.54 -7.06 -27.45
N TYR S 300 -18.73 -6.61 -27.80
CA TYR S 300 -19.76 -6.30 -26.81
C TYR S 300 -21.04 -7.10 -27.04
N VAL S 301 -21.01 -8.12 -27.89
CA VAL S 301 -22.22 -8.85 -28.22
C VAL S 301 -22.60 -9.81 -27.11
N HIS S 302 -21.66 -10.16 -26.22
CA HIS S 302 -21.92 -11.04 -25.10
C HIS S 302 -22.81 -10.40 -24.05
N GLU S 303 -22.95 -9.08 -24.08
CA GLU S 303 -23.86 -8.35 -23.22
C GLU S 303 -25.22 -8.13 -23.85
N LEU S 304 -25.27 -7.94 -25.16
CA LEU S 304 -26.53 -7.65 -25.84
C LEU S 304 -27.30 -8.93 -26.17
N ILE S 305 -26.62 -10.07 -26.29
CA ILE S 305 -27.34 -11.33 -26.52
C ILE S 305 -28.25 -11.72 -25.36
N PRO S 306 -27.82 -11.73 -24.09
CA PRO S 306 -28.78 -12.12 -23.03
C PRO S 306 -29.82 -11.07 -22.73
N ALA S 307 -29.63 -9.81 -23.12
CA ALA S 307 -30.67 -8.81 -22.95
C ALA S 307 -31.84 -9.06 -23.90
N VAL S 308 -31.53 -9.31 -25.17
CA VAL S 308 -32.56 -9.66 -26.14
C VAL S 308 -33.16 -11.03 -25.81
N MET S 309 -32.35 -11.93 -25.28
CA MET S 309 -32.86 -13.23 -24.85
C MET S 309 -33.83 -13.08 -23.68
N THR S 310 -33.53 -12.18 -22.75
CA THR S 310 -34.44 -11.86 -21.65
C THR S 310 -35.73 -11.25 -22.16
N CYS S 311 -35.65 -10.41 -23.19
CA CYS S 311 -36.88 -9.91 -23.81
C CYS S 311 -37.64 -10.98 -24.58
N ILE S 312 -37.00 -12.09 -24.94
CA ILE S 312 -37.72 -13.15 -25.63
C ILE S 312 -38.35 -14.16 -24.68
N VAL S 313 -37.54 -14.82 -23.84
CA VAL S 313 -37.99 -16.02 -23.15
C VAL S 313 -38.35 -15.76 -21.68
N SER S 314 -38.50 -14.51 -21.27
CA SER S 314 -39.04 -14.33 -19.93
C SER S 314 -40.55 -14.46 -19.94
N ARG S 315 -41.15 -14.68 -18.77
CA ARG S 315 -42.61 -15.02 -18.77
C ARG S 315 -43.49 -13.81 -18.49
N GLN S 316 -43.11 -12.95 -17.56
CA GLN S 316 -43.88 -11.73 -17.33
C GLN S 316 -43.17 -10.59 -18.01
N LEU S 317 -43.65 -10.21 -19.18
CA LEU S 317 -43.16 -9.05 -19.92
C LEU S 317 -44.06 -7.85 -19.74
N CYS S 318 -45.15 -8.01 -19.01
CA CYS S 318 -46.25 -7.05 -18.95
C CYS S 318 -46.48 -6.62 -17.51
N LEU S 319 -47.23 -5.51 -17.33
CA LEU S 319 -47.64 -5.15 -15.95
C LEU S 319 -49.05 -5.72 -15.83
N ARG S 320 -49.90 -5.46 -16.81
CA ARG S 320 -51.21 -6.15 -16.84
C ARG S 320 -51.06 -7.26 -17.86
N PRO S 321 -50.92 -8.54 -17.49
CA PRO S 321 -50.61 -9.57 -18.45
C PRO S 321 -51.64 -9.70 -19.58
N ASP S 322 -52.91 -9.57 -19.25
CA ASP S 322 -53.97 -9.81 -20.28
C ASP S 322 -54.02 -8.80 -21.44
N VAL S 323 -53.83 -7.51 -21.18
CA VAL S 323 -54.04 -6.52 -22.27
C VAL S 323 -52.72 -6.06 -22.94
N ASP S 324 -51.59 -6.17 -22.24
CA ASP S 324 -50.30 -5.68 -22.82
C ASP S 324 -49.86 -6.65 -23.92
N ASN S 325 -49.51 -6.13 -25.10
CA ASN S 325 -49.07 -6.99 -26.23
C ASN S 325 -47.59 -7.28 -26.03
N HIS S 326 -47.27 -8.12 -25.05
CA HIS S 326 -45.86 -8.55 -24.86
C HIS S 326 -45.54 -9.31 -26.12
N TRP S 327 -46.57 -9.77 -26.81
CA TRP S 327 -46.34 -10.61 -27.99
C TRP S 327 -45.46 -9.87 -29.00
N ALA S 328 -45.64 -8.57 -29.24
CA ALA S 328 -44.78 -7.92 -30.26
C ALA S 328 -43.34 -7.78 -29.79
N LEU S 329 -43.10 -7.37 -28.56
CA LEU S 329 -41.71 -7.35 -28.09
C LEU S 329 -41.19 -8.76 -28.21
N ARG S 330 -42.05 -9.76 -28.45
CA ARG S 330 -41.49 -11.09 -28.63
C ARG S 330 -40.97 -11.29 -30.05
N ASP S 331 -41.80 -11.03 -31.05
CA ASP S 331 -41.33 -11.26 -32.42
C ASP S 331 -40.34 -10.20 -32.89
N PHE S 332 -40.39 -8.99 -32.32
CA PHE S 332 -39.36 -7.98 -32.63
C PHE S 332 -38.01 -8.40 -32.10
N ALA S 333 -37.95 -8.87 -30.85
CA ALA S 333 -36.68 -9.32 -30.29
C ALA S 333 -36.24 -10.65 -30.91
N ALA S 334 -37.17 -11.45 -31.42
CA ALA S 334 -36.79 -12.67 -32.11
C ALA S 334 -36.14 -12.36 -33.46
N ARG S 335 -36.70 -11.40 -34.19
CA ARG S 335 -36.09 -10.92 -35.42
C ARG S 335 -34.72 -10.31 -35.14
N LEU S 336 -34.61 -9.61 -34.00
CA LEU S 336 -33.35 -9.01 -33.59
C LEU S 336 -32.29 -10.06 -33.30
N VAL S 337 -32.67 -11.17 -32.65
CA VAL S 337 -31.65 -12.15 -32.32
C VAL S 337 -31.29 -13.00 -33.55
N ALA S 338 -32.22 -13.13 -34.50
CA ALA S 338 -31.87 -13.77 -35.76
C ALA S 338 -30.88 -12.92 -36.54
N GLN S 339 -31.02 -11.60 -36.46
CA GLN S 339 -30.04 -10.72 -37.09
C GLN S 339 -28.71 -10.75 -36.34
N ILE S 340 -28.75 -10.85 -35.01
CA ILE S 340 -27.51 -10.81 -34.23
C ILE S 340 -26.74 -12.11 -34.35
N CYS S 341 -27.39 -13.20 -34.74
CA CYS S 341 -26.66 -14.42 -35.02
C CYS S 341 -26.53 -14.70 -36.50
N LYS S 342 -27.02 -13.81 -37.35
CA LYS S 342 -26.63 -13.87 -38.76
C LYS S 342 -25.33 -13.09 -39.00
N HIS S 343 -25.21 -11.93 -38.37
CA HIS S 343 -24.07 -11.05 -38.61
C HIS S 343 -22.83 -11.46 -37.83
N PHE S 344 -22.98 -12.20 -36.74
CA PHE S 344 -21.87 -12.40 -35.81
C PHE S 344 -21.53 -13.85 -35.53
N SER S 345 -22.32 -14.81 -35.98
CA SER S 345 -22.01 -16.21 -35.71
C SER S 345 -20.83 -16.65 -36.54
N THR S 346 -19.78 -17.10 -35.87
CA THR S 346 -18.60 -17.67 -36.51
C THR S 346 -18.39 -19.01 -35.81
N THR S 347 -17.61 -19.89 -36.43
CA THR S 347 -17.42 -21.22 -35.87
C THR S 347 -16.59 -21.18 -34.58
N THR S 348 -15.83 -20.12 -34.37
CA THR S 348 -15.21 -19.90 -33.06
C THR S 348 -16.21 -19.37 -32.05
N ASN S 349 -17.22 -18.63 -32.50
CA ASN S 349 -18.19 -18.04 -31.59
C ASN S 349 -19.17 -19.09 -31.06
N ASN S 350 -19.74 -19.89 -31.97
CA ASN S 350 -20.86 -20.79 -31.71
C ASN S 350 -22.05 -20.05 -31.09
N ILE S 351 -22.36 -18.89 -31.67
CA ILE S 351 -23.47 -18.09 -31.18
C ILE S 351 -24.80 -18.77 -31.53
N GLN S 352 -24.97 -19.14 -32.80
CA GLN S 352 -26.26 -19.65 -33.28
C GLN S 352 -26.57 -21.01 -32.69
N SER S 353 -25.57 -21.87 -32.54
CA SER S 353 -25.81 -23.20 -31.99
C SER S 353 -26.16 -23.13 -30.52
N ARG S 354 -25.53 -22.20 -29.81
CA ARG S 354 -25.79 -21.99 -28.37
C ARG S 354 -27.11 -21.27 -28.14
N ILE S 355 -27.63 -20.48 -29.08
CA ILE S 355 -28.94 -19.84 -29.02
C ILE S 355 -30.05 -20.83 -29.36
N THR S 356 -29.86 -21.62 -30.42
CA THR S 356 -30.76 -22.74 -30.71
C THR S 356 -30.84 -23.76 -29.60
N LYS S 357 -29.73 -24.01 -28.88
CA LYS S 357 -29.81 -25.00 -27.81
C LYS S 357 -30.61 -24.47 -26.62
N THR S 358 -30.47 -23.19 -26.30
CA THR S 358 -31.28 -22.61 -25.21
C THR S 358 -32.75 -22.57 -25.59
N PHE S 359 -33.07 -22.15 -26.82
CA PHE S 359 -34.46 -22.15 -27.30
C PHE S 359 -35.04 -23.56 -27.32
N THR S 360 -34.24 -24.55 -27.72
CA THR S 360 -34.73 -25.91 -27.86
C THR S 360 -35.00 -26.54 -26.50
N LYS S 361 -34.06 -26.43 -25.56
CA LYS S 361 -34.33 -27.00 -24.26
C LYS S 361 -35.32 -26.18 -23.44
N SER S 362 -35.63 -24.94 -23.86
CA SER S 362 -36.77 -24.26 -23.27
C SER S 362 -38.09 -24.69 -23.90
N TRP S 363 -38.07 -25.14 -25.15
CA TRP S 363 -39.32 -25.52 -25.79
C TRP S 363 -39.72 -26.97 -25.52
N VAL S 364 -38.77 -27.90 -25.65
CA VAL S 364 -39.07 -29.33 -25.48
C VAL S 364 -39.43 -29.63 -24.03
N ASP S 365 -38.85 -28.91 -23.08
CA ASP S 365 -39.10 -29.14 -21.66
C ASP S 365 -40.48 -28.66 -21.29
N GLU S 366 -41.24 -29.53 -20.62
CA GLU S 366 -42.56 -29.23 -20.14
C GLU S 366 -42.41 -28.34 -18.90
N LYS S 367 -43.53 -27.88 -18.35
CA LYS S 367 -43.71 -26.90 -17.24
C LYS S 367 -43.42 -25.48 -17.69
N THR S 368 -43.05 -25.26 -18.94
CA THR S 368 -42.73 -23.90 -19.37
C THR S 368 -44.03 -23.15 -19.71
N PRO S 369 -44.13 -21.89 -19.31
CA PRO S 369 -45.35 -21.13 -19.58
C PRO S 369 -45.53 -20.85 -21.07
N TRP S 370 -46.76 -20.52 -21.43
CA TRP S 370 -47.11 -20.28 -22.83
C TRP S 370 -46.43 -19.05 -23.40
N THR S 371 -46.08 -18.08 -22.55
CA THR S 371 -45.32 -16.93 -23.01
C THR S 371 -43.89 -17.32 -23.39
N THR S 372 -43.21 -18.08 -22.54
CA THR S 372 -41.84 -18.45 -22.87
C THR S 372 -41.79 -19.49 -23.98
N ARG S 373 -42.80 -20.36 -24.10
CA ARG S 373 -42.89 -21.22 -25.26
C ARG S 373 -43.16 -20.42 -26.52
N TYR S 374 -43.96 -19.35 -26.42
CA TYR S 374 -44.16 -18.46 -27.56
C TYR S 374 -42.85 -17.81 -27.99
N GLY S 375 -42.06 -17.36 -27.02
CA GLY S 375 -40.77 -16.76 -27.34
C GLY S 375 -39.80 -17.74 -27.97
N SER S 376 -39.78 -18.98 -27.46
CA SER S 376 -38.91 -20.02 -28.02
C SER S 376 -39.30 -20.35 -29.45
N ILE S 377 -40.60 -20.54 -29.70
CA ILE S 377 -41.07 -20.85 -31.06
C ILE S 377 -40.83 -19.67 -31.99
N ALA S 378 -40.95 -18.43 -31.48
CA ALA S 378 -40.76 -17.25 -32.31
C ALA S 378 -39.30 -17.09 -32.73
N GLY S 379 -38.37 -17.28 -31.80
CA GLY S 379 -36.96 -17.20 -32.16
C GLY S 379 -36.52 -18.32 -33.08
N LEU S 380 -36.92 -19.56 -32.77
CA LEU S 380 -36.60 -20.71 -33.61
C LEU S 380 -37.19 -20.56 -35.01
N ALA S 381 -38.36 -19.96 -35.13
CA ALA S 381 -38.95 -19.79 -36.44
C ALA S 381 -38.42 -18.58 -37.18
N GLU S 382 -37.79 -17.63 -36.49
CA GLU S 382 -37.12 -16.56 -37.20
C GLU S 382 -35.69 -16.92 -37.60
N LEU S 383 -35.14 -18.03 -37.08
CA LEU S 383 -33.80 -18.42 -37.49
C LEU S 383 -33.77 -18.90 -38.94
N GLY S 384 -34.75 -19.66 -39.39
CA GLY S 384 -34.81 -20.04 -40.78
C GLY S 384 -35.65 -21.27 -41.01
N HIS S 385 -35.54 -21.79 -42.23
CA HIS S 385 -36.39 -22.87 -42.71
C HIS S 385 -35.90 -24.23 -42.23
N ASP S 386 -34.58 -24.44 -42.21
CA ASP S 386 -34.07 -25.75 -41.82
C ASP S 386 -34.18 -25.98 -40.32
N VAL S 387 -34.11 -24.91 -39.53
CA VAL S 387 -34.37 -24.98 -38.10
C VAL S 387 -35.79 -25.43 -37.80
N ILE S 388 -36.79 -24.85 -38.49
CA ILE S 388 -38.15 -25.31 -38.24
C ILE S 388 -38.41 -26.66 -38.87
N LYS S 389 -37.60 -27.09 -39.83
CA LYS S 389 -37.67 -28.46 -40.29
C LYS S 389 -37.21 -29.43 -39.20
N THR S 390 -36.07 -29.16 -38.57
CA THR S 390 -35.49 -30.13 -37.66
C THR S 390 -35.71 -29.82 -36.18
N LEU S 391 -36.39 -28.72 -35.83
CA LEU S 391 -36.76 -28.51 -34.43
C LEU S 391 -38.27 -28.45 -34.23
N ILE S 392 -39.00 -27.69 -35.04
CA ILE S 392 -40.42 -27.48 -34.77
C ILE S 392 -41.24 -28.70 -35.18
N LEU S 393 -41.03 -29.20 -36.39
CA LEU S 393 -41.80 -30.31 -36.96
C LEU S 393 -41.79 -31.66 -36.23
N PRO S 394 -40.75 -32.05 -35.47
CA PRO S 394 -40.92 -33.25 -34.62
C PRO S 394 -41.95 -33.10 -33.51
N ARG S 395 -42.11 -31.91 -32.93
CA ARG S 395 -43.02 -31.72 -31.81
C ARG S 395 -44.36 -31.12 -32.23
N LEU S 396 -44.78 -31.36 -33.47
CA LEU S 396 -46.09 -30.93 -33.92
C LEU S 396 -47.23 -31.62 -33.17
N GLN S 397 -46.99 -32.82 -32.65
CA GLN S 397 -47.94 -33.51 -31.77
C GLN S 397 -48.22 -32.72 -30.50
N GLN S 398 -47.29 -31.84 -30.07
CA GLN S 398 -47.52 -30.94 -28.95
C GLN S 398 -48.72 -30.02 -29.17
N GLU S 399 -49.06 -29.74 -30.44
CA GLU S 399 -50.29 -29.00 -30.74
C GLU S 399 -51.53 -29.68 -30.16
N GLY S 400 -51.57 -31.01 -30.17
CA GLY S 400 -52.65 -31.73 -29.51
C GLY S 400 -52.70 -31.44 -28.02
N GLU S 401 -51.54 -31.43 -27.36
CA GLU S 401 -51.45 -31.03 -25.96
C GLU S 401 -51.87 -29.58 -25.77
N ARG S 402 -51.67 -28.75 -26.79
CA ARG S 402 -52.18 -27.39 -26.71
C ARG S 402 -53.69 -27.37 -26.86
N ILE S 403 -54.22 -28.15 -27.80
CA ILE S 403 -55.66 -28.06 -28.08
C ILE S 403 -56.48 -28.82 -27.05
N ARG S 404 -55.81 -29.61 -26.20
CA ARG S 404 -56.36 -30.10 -24.94
C ARG S 404 -56.89 -28.96 -24.09
N SER S 405 -56.21 -27.82 -24.06
CA SER S 405 -56.57 -26.71 -23.18
C SER S 405 -57.22 -25.56 -23.94
N VAL S 406 -57.65 -25.77 -25.19
CA VAL S 406 -58.26 -24.71 -25.99
C VAL S 406 -59.68 -25.08 -26.38
N LEU S 407 -59.85 -26.19 -27.09
CA LEU S 407 -61.19 -26.64 -27.46
C LEU S 407 -61.98 -27.15 -26.27
N ASP S 408 -61.30 -27.51 -25.18
CA ASP S 408 -61.99 -28.10 -24.00
C ASP S 408 -61.24 -27.76 -22.71
N GLY S 409 -61.51 -26.60 -22.13
CA GLY S 409 -60.85 -26.21 -20.87
C GLY S 409 -61.84 -26.08 -19.73
N PRO S 410 -61.60 -26.72 -18.56
CA PRO S 410 -62.49 -26.58 -17.41
C PRO S 410 -62.53 -25.10 -16.98
N VAL S 411 -61.38 -24.43 -16.98
CA VAL S 411 -61.34 -22.97 -16.64
C VAL S 411 -61.19 -22.19 -17.95
N LEU S 412 -62.25 -21.50 -18.38
CA LEU S 412 -62.18 -20.70 -19.61
C LEU S 412 -61.67 -19.28 -19.34
N SER S 413 -62.02 -18.71 -18.19
CA SER S 413 -61.70 -17.30 -17.90
C SER S 413 -60.28 -17.08 -17.38
N ASN S 414 -59.38 -18.07 -17.49
CA ASN S 414 -57.99 -17.85 -17.13
C ASN S 414 -57.26 -17.15 -18.26
N ILE S 415 -55.94 -17.00 -18.10
CA ILE S 415 -55.13 -16.25 -19.11
C ILE S 415 -54.36 -17.22 -20.02
N ASP S 416 -54.54 -18.53 -19.82
CA ASP S 416 -53.85 -19.52 -20.66
C ASP S 416 -54.42 -19.61 -22.07
N ARG S 417 -55.67 -19.20 -22.29
CA ARG S 417 -56.31 -19.42 -23.58
C ARG S 417 -55.80 -18.45 -24.64
N ILE S 418 -55.63 -17.17 -24.29
CA ILE S 418 -55.12 -16.19 -25.24
C ILE S 418 -53.67 -16.50 -25.61
N GLY S 419 -52.86 -16.93 -24.63
CA GLY S 419 -51.49 -17.30 -24.94
C GLY S 419 -51.40 -18.59 -25.73
N ALA S 420 -52.30 -19.54 -25.45
CA ALA S 420 -52.32 -20.79 -26.20
C ALA S 420 -52.73 -20.58 -27.65
N ASP S 421 -53.72 -19.72 -27.92
CA ASP S 421 -54.09 -19.63 -29.33
C ASP S 421 -53.19 -18.64 -30.06
N HIS S 422 -52.46 -17.79 -29.31
CA HIS S 422 -51.36 -17.04 -29.92
C HIS S 422 -50.22 -17.97 -30.34
N VAL S 423 -49.86 -18.91 -29.46
CA VAL S 423 -48.88 -19.95 -29.78
C VAL S 423 -49.33 -20.77 -30.99
N GLN S 424 -50.61 -21.10 -31.03
CA GLN S 424 -51.20 -21.86 -32.14
C GLN S 424 -51.09 -21.09 -33.46
N SER S 425 -51.45 -19.80 -33.43
CA SER S 425 -51.44 -18.99 -34.64
C SER S 425 -50.03 -18.81 -35.18
N LEU S 426 -49.06 -18.54 -34.28
CA LEU S 426 -47.66 -18.45 -34.69
C LEU S 426 -47.15 -19.76 -35.25
N LEU S 427 -47.54 -20.88 -34.62
CA LEU S 427 -47.08 -22.20 -35.05
C LEU S 427 -47.58 -22.55 -36.44
N LEU S 428 -48.86 -22.30 -36.70
CA LEU S 428 -49.38 -22.70 -38.01
C LEU S 428 -48.99 -21.68 -39.09
N LYS S 429 -48.77 -20.41 -38.72
CA LYS S 429 -48.25 -19.43 -39.68
C LYS S 429 -46.83 -19.79 -40.11
N HIS S 430 -45.99 -20.25 -39.18
CA HIS S 430 -44.62 -20.57 -39.56
C HIS S 430 -44.48 -21.97 -40.14
N CYS S 431 -45.38 -22.89 -39.80
CA CYS S 431 -45.31 -24.23 -40.34
C CYS S 431 -46.10 -24.39 -41.64
N ALA S 432 -46.84 -23.37 -42.08
CA ALA S 432 -47.45 -23.45 -43.40
C ALA S 432 -46.46 -23.43 -44.57
N PRO S 433 -45.40 -22.58 -44.63
CA PRO S 433 -44.45 -22.75 -45.74
C PRO S 433 -43.57 -23.98 -45.61
N VAL S 434 -43.33 -24.47 -44.39
CA VAL S 434 -42.59 -25.72 -44.21
C VAL S 434 -43.42 -26.89 -44.72
N LEU S 435 -44.74 -26.84 -44.52
CA LEU S 435 -45.60 -27.85 -45.11
C LEU S 435 -45.71 -27.66 -46.62
N ALA S 436 -45.59 -26.43 -47.10
CA ALA S 436 -45.59 -26.21 -48.54
C ALA S 436 -44.30 -26.65 -49.21
N LYS S 437 -43.22 -26.81 -48.45
CA LYS S 437 -41.94 -27.20 -49.03
C LYS S 437 -41.78 -28.71 -49.13
N LEU S 438 -42.30 -29.47 -48.17
CA LEU S 438 -42.02 -30.89 -48.06
C LEU S 438 -43.29 -31.74 -48.12
N ARG S 439 -44.16 -31.44 -49.08
CA ARG S 439 -45.37 -32.25 -49.26
C ARG S 439 -45.81 -32.27 -50.71
N PRO S 440 -46.89 -32.97 -51.04
CA PRO S 440 -47.38 -32.99 -52.42
C PRO S 440 -48.07 -31.69 -52.77
N PRO S 441 -48.32 -31.44 -54.06
CA PRO S 441 -48.97 -30.19 -54.45
C PRO S 441 -50.46 -30.25 -54.22
N PRO S 442 -51.05 -31.46 -54.22
CA PRO S 442 -52.51 -31.58 -54.03
C PRO S 442 -52.98 -31.16 -52.64
N ASP S 443 -52.44 -31.82 -51.61
CA ASP S 443 -52.78 -31.61 -50.19
C ASP S 443 -54.28 -31.74 -49.94
N ASN S 444 -54.80 -32.93 -50.19
CA ASN S 444 -56.25 -33.13 -50.16
C ASN S 444 -56.78 -33.24 -48.74
N GLN S 445 -56.24 -34.21 -47.98
CA GLN S 445 -56.56 -34.37 -46.53
C GLN S 445 -55.28 -34.29 -45.67
N ASP S 446 -54.32 -33.43 -46.06
CA ASP S 446 -53.08 -33.24 -45.25
C ASP S 446 -53.48 -32.66 -43.89
N ALA S 447 -54.51 -31.80 -43.87
CA ALA S 447 -54.98 -31.21 -42.61
C ALA S 447 -55.47 -32.34 -41.70
N TYR S 448 -56.24 -33.28 -42.24
CA TYR S 448 -56.74 -34.43 -41.44
C TYR S 448 -55.54 -35.22 -40.95
N ARG S 449 -54.54 -35.41 -41.83
CA ARG S 449 -53.29 -36.12 -41.47
C ARG S 449 -52.50 -35.26 -40.46
N ALA S 450 -52.67 -33.94 -40.54
CA ALA S 450 -51.98 -33.01 -39.60
C ALA S 450 -52.65 -33.07 -38.23
N GLU S 451 -52.15 -32.30 -37.27
CA GLU S 451 -52.70 -32.36 -35.88
C GLU S 451 -53.84 -31.36 -35.75
N PHE S 452 -55.05 -31.83 -35.45
CA PHE S 452 -56.21 -30.93 -35.20
C PHE S 452 -56.85 -30.49 -36.52
N GLY S 453 -56.23 -30.82 -37.67
CA GLY S 453 -56.84 -30.50 -38.97
C GLY S 453 -56.82 -29.02 -39.30
N SER S 454 -56.10 -28.22 -38.50
CA SER S 454 -56.09 -26.75 -38.69
C SER S 454 -54.79 -26.36 -39.39
N LEU S 455 -53.66 -26.86 -38.86
CA LEU S 455 -52.33 -26.67 -39.50
C LEU S 455 -52.45 -27.01 -40.99
N GLY S 456 -53.16 -28.09 -41.34
CA GLY S 456 -53.36 -28.46 -42.75
C GLY S 456 -54.16 -27.41 -43.51
N PRO S 457 -55.22 -26.82 -42.91
CA PRO S 457 -55.94 -25.75 -43.60
C PRO S 457 -54.99 -24.57 -43.83
N LEU S 458 -54.16 -24.26 -42.83
CA LEU S 458 -53.20 -23.13 -42.96
C LEU S 458 -52.23 -23.44 -44.10
N LEU S 459 -51.79 -24.70 -44.22
CA LEU S 459 -50.86 -25.13 -45.29
C LEU S 459 -51.52 -24.95 -46.66
N CYS S 460 -52.81 -25.29 -46.76
CA CYS S 460 -53.55 -25.10 -48.03
C CYS S 460 -53.57 -23.60 -48.35
N SER S 461 -53.83 -22.78 -47.32
CA SER S 461 -53.85 -21.31 -47.53
C SER S 461 -52.47 -20.85 -48.00
N GLN S 462 -51.40 -21.40 -47.43
CA GLN S 462 -50.00 -21.04 -47.77
C GLN S 462 -49.70 -21.42 -49.22
N VAL S 463 -50.15 -22.60 -49.65
CA VAL S 463 -49.93 -23.04 -51.07
C VAL S 463 -50.67 -22.05 -51.96
N VAL S 464 -51.88 -21.64 -51.58
CA VAL S 464 -52.66 -20.66 -52.38
C VAL S 464 -51.87 -19.35 -52.46
N LYS S 465 -51.29 -18.92 -51.34
CA LYS S 465 -50.52 -17.65 -51.29
C LYS S 465 -49.30 -17.76 -52.20
N ALA S 466 -48.63 -18.91 -52.19
CA ALA S 466 -47.44 -19.13 -53.03
C ALA S 466 -47.85 -19.06 -54.50
N ARG S 467 -49.00 -19.65 -54.84
CA ARG S 467 -49.51 -19.60 -56.24
C ARG S 467 -49.76 -18.14 -56.62
N ALA S 468 -50.35 -17.37 -55.70
CA ALA S 468 -50.64 -15.94 -55.96
C ALA S 468 -49.32 -15.19 -56.18
N GLN S 469 -48.29 -15.49 -55.38
CA GLN S 469 -46.97 -14.83 -55.52
C GLN S 469 -46.37 -15.18 -56.89
N ALA S 470 -46.51 -16.43 -57.31
CA ALA S 470 -45.97 -16.87 -58.62
C ALA S 470 -46.71 -16.11 -59.73
N ALA S 471 -48.03 -15.94 -59.59
CA ALA S 471 -48.83 -15.19 -60.59
C ALA S 471 -48.34 -13.75 -60.64
N LEU S 472 -48.07 -13.15 -59.48
CA LEU S 472 -47.58 -11.75 -59.41
C LEU S 472 -46.23 -11.67 -60.13
N GLN S 473 -45.36 -12.66 -59.90
CA GLN S 473 -44.03 -12.68 -60.57
C GLN S 473 -44.21 -12.78 -62.08
N MET T 12 -5.43 15.55 38.64
CA MET T 12 -6.36 14.68 39.35
C MET T 12 -5.63 13.63 40.19
N PRO T 13 -5.65 13.79 41.50
CA PRO T 13 -5.12 12.74 42.38
C PRO T 13 -6.05 11.55 42.45
N LYS T 14 -5.58 10.51 43.13
CA LYS T 14 -6.31 9.24 43.18
C LYS T 14 -7.57 9.32 44.02
N ASP T 15 -7.71 10.34 44.86
CA ASP T 15 -8.92 10.52 45.66
C ASP T 15 -9.88 11.54 45.06
N ALA T 16 -9.44 12.31 44.07
CA ALA T 16 -10.37 13.08 43.24
C ALA T 16 -10.85 12.28 42.04
N GLN T 17 -10.07 11.30 41.61
CA GLN T 17 -10.54 10.34 40.61
C GLN T 17 -11.56 9.38 41.18
N MET T 18 -11.53 9.17 42.50
CA MET T 18 -12.50 8.32 43.19
C MET T 18 -13.71 9.11 43.69
N MET T 19 -13.58 10.43 43.81
CA MET T 19 -14.72 11.26 44.21
C MET T 19 -15.71 11.44 43.07
N ALA T 20 -15.22 11.42 41.83
CA ALA T 20 -16.13 11.45 40.69
C ALA T 20 -16.87 10.13 40.52
N GLN T 21 -16.23 9.03 40.94
CA GLN T 21 -16.88 7.72 40.89
C GLN T 21 -18.02 7.61 41.89
N ILE T 22 -17.88 8.27 43.04
CA ILE T 22 -18.92 8.22 44.07
C ILE T 22 -20.15 9.00 43.62
N LEU T 23 -19.95 10.18 43.03
CA LEU T 23 -21.07 10.97 42.55
C LEU T 23 -21.72 10.33 41.32
N LYS T 24 -20.93 9.66 40.49
CA LYS T 24 -21.50 8.95 39.34
C LYS T 24 -22.30 7.73 39.79
N ASP T 25 -21.89 7.10 40.89
CA ASP T 25 -22.65 5.97 41.44
C ASP T 25 -23.98 6.41 42.03
N MET T 26 -24.10 7.68 42.42
CA MET T 26 -25.38 8.26 42.82
C MET T 26 -26.11 8.72 41.56
N GLY T 27 -27.16 9.52 41.73
CA GLY T 27 -27.86 10.05 40.57
C GLY T 27 -27.32 11.38 40.08
N ILE T 28 -26.02 11.57 40.20
CA ILE T 28 -25.35 12.83 39.84
C ILE T 28 -24.52 12.56 38.60
N THR T 29 -25.04 12.94 37.44
CA THR T 29 -24.28 12.84 36.19
C THR T 29 -23.72 14.18 35.75
N GLU T 30 -24.39 15.28 36.07
CA GLU T 30 -23.96 16.62 35.67
C GLU T 30 -23.76 17.45 36.93
N TYR T 31 -22.50 17.71 37.28
CA TYR T 31 -22.16 18.52 38.44
C TYR T 31 -21.21 19.63 38.03
N GLU T 32 -21.12 20.65 38.87
CA GLU T 32 -20.12 21.68 38.70
C GLU T 32 -18.74 21.10 38.99
N PRO T 33 -17.68 21.61 38.33
CA PRO T 33 -16.34 21.11 38.62
C PRO T 33 -15.78 21.60 39.95
N ARG T 34 -16.42 22.59 40.59
CA ARG T 34 -16.03 23.02 41.92
C ARG T 34 -16.44 22.05 43.01
N VAL T 35 -17.34 21.13 42.69
CA VAL T 35 -17.89 20.19 43.68
C VAL T 35 -16.83 19.22 44.17
N ILE T 36 -15.96 18.76 43.25
CA ILE T 36 -14.92 17.80 43.61
C ILE T 36 -13.87 18.45 44.51
N ASN T 37 -13.61 19.74 44.33
CA ASN T 37 -12.76 20.46 45.27
C ASN T 37 -13.44 20.68 46.61
N GLN T 38 -14.78 20.67 46.64
CA GLN T 38 -15.49 20.85 47.90
C GLN T 38 -15.62 19.54 48.65
N MET T 39 -15.86 18.44 47.94
CA MET T 39 -16.01 17.14 48.58
C MET T 39 -14.68 16.54 49.04
N LEU T 40 -13.55 17.13 48.66
CA LEU T 40 -12.26 16.76 49.20
C LEU T 40 -11.88 17.58 50.42
N GLU T 41 -12.41 18.79 50.55
CA GLU T 41 -12.20 19.57 51.76
C GLU T 41 -13.08 19.07 52.90
N PHE T 42 -14.27 18.59 52.58
CA PHE T 42 -15.11 17.96 53.60
C PHE T 42 -14.52 16.63 54.06
N ALA T 43 -13.95 15.86 53.13
CA ALA T 43 -13.35 14.58 53.48
C ALA T 43 -12.01 14.74 54.17
N PHE T 44 -11.35 15.87 54.04
CA PHE T 44 -10.16 16.14 54.83
C PHE T 44 -10.52 16.69 56.21
N ARG T 45 -11.60 17.46 56.31
CA ARG T 45 -11.99 18.00 57.59
C ARG T 45 -12.60 16.94 58.49
N TYR T 46 -13.19 15.90 57.90
CA TYR T 46 -13.84 14.87 58.69
C TYR T 46 -12.84 13.92 59.34
N VAL T 47 -11.86 13.44 58.56
CA VAL T 47 -10.88 12.50 59.09
C VAL T 47 -9.93 13.20 60.07
N THR T 48 -9.67 14.48 59.88
CA THR T 48 -8.87 15.21 60.85
C THR T 48 -9.68 15.78 62.00
N THR T 49 -10.98 15.49 62.07
CA THR T 49 -11.76 15.73 63.27
C THR T 49 -12.01 14.44 64.04
N ILE T 50 -12.13 13.32 63.34
CA ILE T 50 -12.19 12.02 64.00
C ILE T 50 -10.86 11.69 64.66
N LEU T 51 -9.75 11.91 63.94
CA LEU T 51 -8.43 11.69 64.50
C LEU T 51 -8.05 12.75 65.54
N ASP T 52 -8.71 13.90 65.52
CA ASP T 52 -8.62 14.82 66.66
C ASP T 52 -9.16 14.16 67.92
N ASP T 53 -10.40 13.67 67.85
CA ASP T 53 -11.05 13.06 69.01
C ASP T 53 -10.44 11.72 69.35
N ALA T 54 -9.85 11.03 68.37
CA ALA T 54 -9.20 9.75 68.65
C ALA T 54 -7.86 9.90 69.34
N LYS T 55 -7.29 11.11 69.33
CA LYS T 55 -6.10 11.38 70.13
C LYS T 55 -6.44 11.87 71.53
N ILE T 56 -7.62 12.47 71.70
CA ILE T 56 -8.07 12.85 73.03
C ILE T 56 -8.45 11.62 73.83
N TYR T 57 -9.00 10.61 73.16
CA TYR T 57 -9.45 9.40 73.84
C TYR T 57 -8.32 8.41 74.09
N SER T 58 -7.24 8.49 73.30
CA SER T 58 -6.08 7.65 73.57
C SER T 58 -5.33 8.11 74.80
N SER T 59 -5.26 9.43 75.01
CA SER T 59 -4.61 9.96 76.20
C SER T 59 -5.49 9.84 77.43
N HIS T 60 -6.80 9.73 77.26
CA HIS T 60 -7.71 9.56 78.39
C HIS T 60 -7.65 8.16 78.95
N ALA T 61 -7.44 7.16 78.10
CA ALA T 61 -7.18 5.80 78.54
C ALA T 61 -5.70 5.55 78.81
N LYS T 62 -4.86 6.56 78.55
CA LYS T 62 -3.43 6.56 78.86
C LYS T 62 -2.68 5.44 78.13
N LYS T 63 -2.77 5.47 76.80
CA LYS T 63 -2.02 4.57 75.95
C LYS T 63 -1.09 5.38 75.07
N ALA T 64 -0.20 4.68 74.35
CA ALA T 64 0.87 5.33 73.61
C ALA T 64 0.41 5.78 72.22
N THR T 65 -0.08 4.84 71.43
CA THR T 65 -0.48 5.12 70.05
C THR T 65 -1.98 5.39 69.99
N VAL T 66 -2.50 5.47 68.77
CA VAL T 66 -3.93 5.57 68.52
C VAL T 66 -4.35 4.23 67.93
N ASP T 67 -5.03 3.41 68.75
CA ASP T 67 -5.47 2.09 68.31
C ASP T 67 -6.79 2.21 67.57
N ALA T 68 -7.28 1.07 67.07
CA ALA T 68 -8.51 1.08 66.28
C ALA T 68 -9.75 1.24 67.15
N ASP T 69 -9.67 0.86 68.42
CA ASP T 69 -10.81 1.05 69.31
C ASP T 69 -10.98 2.50 69.74
N ASP T 70 -9.94 3.32 69.56
CA ASP T 70 -10.07 4.75 69.80
C ASP T 70 -10.76 5.44 68.63
N VAL T 71 -10.42 5.05 67.41
CA VAL T 71 -11.06 5.60 66.23
C VAL T 71 -12.50 5.10 66.12
N ARG T 72 -12.76 3.88 66.59
CA ARG T 72 -14.13 3.35 66.59
C ARG T 72 -15.01 4.11 67.57
N LEU T 73 -14.46 4.56 68.70
CA LEU T 73 -15.24 5.39 69.61
C LEU T 73 -15.39 6.80 69.07
N ALA T 74 -14.34 7.34 68.44
CA ALA T 74 -14.39 8.70 67.91
C ALA T 74 -15.36 8.83 66.75
N ILE T 75 -15.61 7.75 66.02
CA ILE T 75 -16.65 7.75 65.00
C ILE T 75 -18.03 7.79 65.65
N GLN T 76 -18.25 6.95 66.66
CA GLN T 76 -19.57 6.79 67.23
C GLN T 76 -19.95 7.91 68.20
N CYS T 77 -18.97 8.56 68.80
CA CYS T 77 -19.24 9.63 69.76
C CYS T 77 -19.32 11.00 69.10
N ARG T 78 -19.29 11.06 67.78
CA ARG T 78 -19.59 12.29 67.06
C ARG T 78 -20.48 12.00 65.85
N ALA T 79 -21.41 11.07 66.03
CA ALA T 79 -22.53 10.88 65.13
C ALA T 79 -23.82 11.41 65.71
N ASP T 80 -23.74 12.16 66.82
CA ASP T 80 -24.88 12.74 67.49
C ASP T 80 -24.91 14.27 67.45
N GLN T 81 -23.75 14.91 67.37
CA GLN T 81 -23.65 16.37 67.30
C GLN T 81 -23.20 16.86 65.94
N SER T 82 -22.25 16.19 65.31
CA SER T 82 -21.75 16.64 64.01
C SER T 82 -22.67 16.22 62.87
N PHE T 83 -23.33 15.07 62.99
CA PHE T 83 -24.19 14.52 61.96
C PHE T 83 -25.48 13.97 62.55
N THR T 84 -26.17 14.80 63.32
CA THR T 84 -27.46 14.41 63.90
C THR T 84 -28.48 14.13 62.80
N SER T 85 -29.39 13.22 63.09
CA SER T 85 -30.25 12.60 62.11
C SER T 85 -31.66 13.19 62.16
N PRO T 86 -32.42 13.07 61.08
CA PRO T 86 -33.87 13.26 61.18
C PRO T 86 -34.48 12.17 62.04
N PRO T 87 -35.64 12.42 62.65
CA PRO T 87 -36.15 11.48 63.68
C PRO T 87 -36.53 10.14 63.08
N PRO T 88 -36.37 9.05 63.84
CA PRO T 88 -36.54 7.71 63.28
C PRO T 88 -38.01 7.38 63.03
N ARG T 89 -38.21 6.28 62.29
CA ARG T 89 -39.56 5.90 61.87
C ARG T 89 -40.38 5.36 63.04
N ASP T 90 -39.73 4.77 64.03
CA ASP T 90 -40.45 4.27 65.20
C ASP T 90 -40.91 5.36 66.15
N PHE T 91 -40.34 6.56 66.03
CA PHE T 91 -40.71 7.70 66.85
C PHE T 91 -41.77 8.56 66.18
N LEU T 92 -41.69 8.70 64.86
CA LEU T 92 -42.68 9.49 64.11
C LEU T 92 -44.02 8.79 64.02
N LEU T 93 -44.06 7.46 64.15
CA LEU T 93 -45.31 6.73 64.18
C LEU T 93 -46.03 6.89 65.51
N ASP T 94 -45.29 6.91 66.61
CA ASP T 94 -45.91 7.06 67.92
C ASP T 94 -46.37 8.48 68.20
N ILE T 95 -45.66 9.47 67.65
CA ILE T 95 -46.08 10.86 67.78
C ILE T 95 -47.33 11.13 66.96
N ALA T 96 -47.43 10.49 65.80
CA ALA T 96 -48.57 10.72 64.92
C ALA T 96 -49.83 10.03 65.44
N ARG T 97 -49.70 8.78 65.90
CA ARG T 97 -50.88 7.98 66.21
C ARG T 97 -51.55 8.37 67.52
N GLN T 98 -50.97 9.28 68.31
CA GLN T 98 -51.71 9.93 69.37
C GLN T 98 -52.25 11.29 68.94
N ARG T 99 -51.61 11.92 67.95
CA ARG T 99 -52.14 13.13 67.33
C ARG T 99 -53.31 12.81 66.40
N ASN T 100 -53.27 11.66 65.74
CA ASN T 100 -54.31 11.26 64.79
C ASN T 100 -55.53 10.63 65.45
N GLN T 101 -55.67 10.72 66.77
CA GLN T 101 -56.81 10.13 67.44
C GLN T 101 -57.80 11.14 68.00
N THR T 102 -57.38 12.37 68.26
CA THR T 102 -58.32 13.40 68.62
C THR T 102 -59.15 13.77 67.38
N PRO T 103 -60.44 14.00 67.54
CA PRO T 103 -61.29 14.29 66.38
C PRO T 103 -61.03 15.67 65.82
N LEU T 104 -61.44 15.85 64.57
CA LEU T 104 -61.39 17.18 63.97
C LEU T 104 -62.47 18.05 64.58
N PRO T 105 -62.16 19.28 64.97
CA PRO T 105 -63.19 20.16 65.55
C PRO T 105 -64.14 20.67 64.48
N LEU T 106 -65.23 21.26 64.96
CA LEU T 106 -66.21 21.85 64.07
C LEU T 106 -65.88 23.33 63.84
N ILE T 107 -66.53 23.91 62.83
CA ILE T 107 -66.23 25.26 62.37
C ILE T 107 -67.41 26.17 62.69
N LYS T 108 -67.11 27.33 63.27
CA LYS T 108 -68.13 28.36 63.43
C LYS T 108 -68.54 28.89 62.06
N PRO T 109 -69.82 29.28 61.90
CA PRO T 109 -70.31 29.65 60.56
C PRO T 109 -69.72 30.94 59.99
N TYR T 110 -69.68 32.01 60.78
CA TYR T 110 -69.22 33.31 60.30
C TYR T 110 -68.20 33.87 61.29
N SER T 111 -66.92 33.64 61.03
CA SER T 111 -65.85 34.15 61.86
C SER T 111 -64.87 35.02 61.08
N GLY T 112 -65.21 35.41 59.85
CA GLY T 112 -64.37 36.27 59.05
C GLY T 112 -63.06 35.62 58.67
N PRO T 113 -61.96 36.34 58.87
CA PRO T 113 -60.63 35.70 58.75
C PRO T 113 -60.42 34.72 59.88
N ARG T 114 -60.17 33.47 59.54
CA ARG T 114 -59.91 32.41 60.50
C ARG T 114 -58.41 32.35 60.76
N LEU T 115 -58.02 32.57 62.01
CA LEU T 115 -56.62 32.72 62.37
C LEU T 115 -56.41 32.14 63.77
N PRO T 116 -55.17 31.80 64.13
CA PRO T 116 -54.86 31.41 65.51
C PRO T 116 -55.07 32.55 66.51
N PRO T 117 -54.92 32.29 67.81
CA PRO T 117 -54.90 33.41 68.77
C PRO T 117 -53.70 34.33 68.54
N ASP T 118 -53.83 35.55 69.08
CA ASP T 118 -52.98 36.67 68.69
C ASP T 118 -51.52 36.51 69.09
N ARG T 119 -51.21 35.60 69.99
CA ARG T 119 -49.81 35.38 70.38
C ARG T 119 -49.12 34.35 69.49
N TYR T 120 -49.83 33.76 68.53
CA TYR T 120 -49.21 32.85 67.57
C TYR T 120 -49.18 33.38 66.16
N CYS T 121 -49.92 34.44 65.86
CA CYS T 121 -49.91 35.06 64.54
C CYS T 121 -48.81 36.10 64.46
N LEU T 122 -48.66 36.70 63.28
CA LEU T 122 -47.71 37.77 63.07
C LEU T 122 -48.36 39.14 62.94
N THR T 123 -49.64 39.23 63.29
CA THR T 123 -50.34 40.52 63.30
C THR T 123 -50.00 41.26 64.60
N ALA T 124 -49.39 42.43 64.46
CA ALA T 124 -48.90 43.19 65.61
C ALA T 124 -48.77 44.64 65.16
N PRO T 125 -48.82 45.61 66.10
CA PRO T 125 -48.80 47.02 65.71
C PRO T 125 -47.54 47.50 65.01
N ASN T 126 -46.40 46.83 65.17
CA ASN T 126 -45.23 46.92 64.28
C ASN T 126 -44.66 48.34 64.18
N TYR T 127 -44.08 48.78 65.30
CA TYR T 127 -43.68 50.18 65.45
C TYR T 127 -42.39 50.46 64.69
N ARG T 128 -41.97 51.73 64.74
CA ARG T 128 -40.70 52.17 64.17
C ARG T 128 -40.27 53.46 64.86
N LEU T 129 -38.99 53.78 64.72
CA LEU T 129 -38.40 54.91 65.43
C LEU T 129 -38.82 56.23 64.79
N LYS T 130 -39.03 57.23 65.64
CA LYS T 130 -39.25 58.59 65.16
C LYS T 130 -37.94 59.13 64.62
N SER T 131 -37.88 59.38 63.31
CA SER T 131 -36.67 59.91 62.68
C SER T 131 -36.55 61.38 63.03
N LEU T 132 -36.00 61.65 64.20
CA LEU T 132 -35.84 63.01 64.68
C LEU T 132 -34.56 63.62 64.14
N THR U 114 -30.80 54.87 76.91
CA THR U 114 -30.82 53.66 76.04
C THR U 114 -29.49 53.54 75.31
N PRO U 115 -28.69 52.48 75.58
CA PRO U 115 -27.36 52.36 74.98
C PRO U 115 -27.46 52.27 73.45
N LEU U 116 -28.41 51.49 72.94
CA LEU U 116 -28.53 51.32 71.46
C LEU U 116 -28.84 52.68 70.84
N VAL U 117 -29.75 53.44 71.46
CA VAL U 117 -30.13 54.78 70.92
C VAL U 117 -28.90 55.70 70.94
N ASP U 118 -28.12 55.66 72.02
CA ASP U 118 -26.92 56.53 72.11
C ASP U 118 -25.93 56.14 71.02
N PHE U 119 -25.77 54.84 70.79
CA PHE U 119 -24.84 54.37 69.74
C PHE U 119 -25.33 54.83 68.37
N LEU U 120 -26.64 54.79 68.13
CA LEU U 120 -27.22 55.27 66.84
C LEU U 120 -26.94 56.78 66.68
N MET U 121 -27.05 57.53 67.77
CA MET U 121 -26.71 58.98 67.73
C MET U 121 -25.23 59.16 67.35
N GLN U 122 -24.33 58.36 67.94
CA GLN U 122 -22.89 58.46 67.57
C GLN U 122 -22.73 58.09 66.09
N LEU U 123 -23.44 57.07 65.61
CA LEU U 123 -23.36 56.59 64.21
C LEU U 123 -23.80 57.70 63.26
N GLU U 124 -24.76 58.54 63.66
CA GLU U 124 -25.19 59.70 62.82
C GLU U 124 -24.01 60.46 62.21
N ASP U 125 -22.77 59.96 62.29
CA ASP U 125 -21.56 60.52 61.63
C ASP U 125 -20.78 59.44 60.87
N TYR U 126 -20.63 58.24 61.45
CA TYR U 126 -19.78 57.19 60.82
C TYR U 126 -20.48 56.63 59.57
N THR U 127 -19.73 56.45 58.48
CA THR U 127 -20.30 55.81 57.27
C THR U 127 -19.58 54.48 57.08
N PRO U 128 -20.28 53.33 57.03
CA PRO U 128 -19.59 52.03 56.95
C PRO U 128 -19.04 51.71 55.55
N THR U 129 -18.01 50.86 55.47
CA THR U 129 -17.45 50.47 54.18
C THR U 129 -18.46 49.66 53.37
N ILE U 130 -19.18 48.76 54.03
CA ILE U 130 -20.19 47.94 53.36
C ILE U 130 -21.36 48.84 52.98
N PRO U 131 -21.73 48.89 51.71
CA PRO U 131 -22.81 49.80 51.30
C PRO U 131 -24.17 49.32 51.77
N ASP U 132 -25.14 50.23 51.71
CA ASP U 132 -26.47 49.93 52.21
C ASP U 132 -27.24 49.01 51.28
N ALA U 133 -26.93 48.99 50.00
CA ALA U 133 -27.60 48.06 49.10
C ALA U 133 -27.10 46.64 49.28
N VAL U 134 -25.82 46.47 49.64
CA VAL U 134 -25.30 45.14 49.91
C VAL U 134 -25.89 44.58 51.19
N THR U 135 -25.85 45.37 52.27
CA THR U 135 -26.43 44.93 53.53
C THR U 135 -27.95 44.80 53.42
N GLY U 136 -28.59 45.75 52.75
CA GLY U 136 -30.04 45.70 52.58
C GLY U 136 -30.54 44.56 51.71
N TYR U 137 -29.65 43.92 50.97
CA TYR U 137 -29.98 42.70 50.24
C TYR U 137 -29.83 41.46 51.11
N TYR U 138 -28.81 41.41 51.96
CA TYR U 138 -28.60 40.25 52.80
C TYR U 138 -29.57 40.19 53.96
N LEU U 139 -30.22 41.30 54.30
CA LEU U 139 -31.36 41.24 55.19
C LEU U 139 -32.61 40.78 54.47
N ASN U 140 -32.68 40.95 53.15
CA ASN U 140 -33.84 40.50 52.39
C ASN U 140 -33.87 38.99 52.26
N ARG U 141 -32.68 38.37 52.10
CA ARG U 141 -32.59 36.92 52.14
C ARG U 141 -32.80 36.37 53.54
N ALA U 142 -32.56 37.19 54.57
CA ALA U 142 -32.73 36.76 55.95
C ALA U 142 -34.17 36.90 56.43
N GLY U 143 -34.98 37.72 55.78
CA GLY U 143 -36.40 37.68 56.07
C GLY U 143 -37.14 38.98 56.24
N PHE U 144 -36.51 40.13 55.99
CA PHE U 144 -37.24 41.39 56.12
C PHE U 144 -36.65 42.43 55.18
N GLU U 145 -37.50 43.38 54.81
CA GLU U 145 -37.06 44.56 54.06
C GLU U 145 -36.81 45.68 55.05
N ALA U 146 -35.55 46.11 55.14
CA ALA U 146 -35.16 47.12 56.13
C ALA U 146 -35.70 48.48 55.70
N SER U 147 -36.67 48.99 56.45
CA SER U 147 -37.29 50.27 56.12
C SER U 147 -36.45 51.44 56.64
N ASP U 148 -36.06 51.39 57.91
CA ASP U 148 -35.27 52.45 58.50
C ASP U 148 -33.81 52.29 58.08
N PRO U 149 -33.21 53.28 57.41
CA PRO U 149 -31.82 53.15 56.98
C PRO U 149 -30.78 53.35 58.07
N ARG U 150 -31.18 53.27 59.35
CA ARG U 150 -30.17 53.34 60.44
C ARG U 150 -29.91 51.93 60.94
N ILE U 151 -30.91 51.05 60.88
CA ILE U 151 -30.74 49.62 61.29
C ILE U 151 -29.74 48.98 60.33
N ILE U 152 -29.85 49.30 59.04
CA ILE U 152 -28.91 48.75 58.02
C ILE U 152 -27.52 49.22 58.44
N ARG U 153 -27.39 50.50 58.80
CA ARG U 153 -26.06 51.06 59.16
C ARG U 153 -25.50 50.32 60.37
N LEU U 154 -26.31 50.08 61.41
CA LEU U 154 -25.78 49.42 62.61
C LEU U 154 -25.32 48.02 62.23
N ILE U 155 -26.12 47.29 61.45
CA ILE U 155 -25.72 45.89 61.15
C ILE U 155 -24.41 45.90 60.34
N SER U 156 -24.31 46.83 59.39
CA SER U 156 -23.11 46.89 58.52
C SER U 156 -21.90 47.21 59.39
N LEU U 157 -22.02 48.14 60.33
CA LEU U 157 -20.91 48.52 61.23
C LEU U 157 -20.50 47.33 62.10
N ALA U 158 -21.46 46.56 62.61
CA ALA U 158 -21.10 45.36 63.40
C ALA U 158 -20.30 44.38 62.53
N ALA U 159 -20.75 44.15 61.30
CA ALA U 159 -20.05 43.21 60.41
C ALA U 159 -18.63 43.74 60.12
N GLN U 160 -18.52 45.05 59.91
CA GLN U 160 -17.21 45.66 59.57
C GLN U 160 -16.28 45.46 60.76
N LYS U 161 -16.77 45.66 61.98
CA LYS U 161 -15.94 45.47 63.19
C LYS U 161 -15.49 44.01 63.23
N PHE U 162 -16.38 43.06 62.97
CA PHE U 162 -15.92 41.65 63.07
C PHE U 162 -14.80 41.40 62.05
N ILE U 163 -15.00 41.85 60.81
CA ILE U 163 -13.94 41.52 59.80
C ILE U 163 -12.64 42.21 60.20
N SER U 164 -12.73 43.44 60.68
CA SER U 164 -11.51 44.21 61.05
C SER U 164 -10.78 43.50 62.17
N ASP U 165 -11.50 43.01 63.18
CA ASP U 165 -10.87 42.29 64.32
C ASP U 165 -10.17 41.05 63.77
N ILE U 166 -10.84 40.27 62.91
CA ILE U 166 -10.11 39.05 62.46
C ILE U 166 -8.83 39.48 61.73
N ALA U 167 -8.93 40.47 60.86
CA ALA U 167 -7.75 40.85 60.06
C ALA U 167 -6.63 41.39 60.96
N ASN U 168 -6.96 42.18 61.97
CA ASN U 168 -5.96 42.77 62.89
C ASN U 168 -5.29 41.67 63.72
N ASP U 169 -6.05 40.65 64.16
CA ASP U 169 -5.42 39.52 64.87
C ASP U 169 -4.44 38.81 63.93
N ALA U 170 -4.84 38.63 62.67
CA ALA U 170 -3.91 38.01 61.71
C ALA U 170 -2.64 38.86 61.56
N LEU U 171 -2.79 40.19 61.47
CA LEU U 171 -1.63 41.08 61.28
C LEU U 171 -0.73 40.96 62.50
N GLN U 172 -1.32 40.89 63.70
CA GLN U 172 -0.53 40.77 64.95
C GLN U 172 0.25 39.45 64.95
N HIS U 173 -0.36 38.33 64.55
CA HIS U 173 0.44 37.08 64.46
C HIS U 173 1.60 37.29 63.47
N CYS U 174 1.29 37.91 62.34
CA CYS U 174 2.35 38.07 61.31
C CYS U 174 3.49 38.93 61.86
N LYS U 175 3.18 40.03 62.55
CA LYS U 175 4.23 40.93 63.11
C LYS U 175 5.03 40.18 64.16
N MET U 176 4.35 39.38 64.98
CA MET U 176 5.01 38.59 66.05
C MET U 176 6.03 37.63 65.44
N LYS U 177 5.76 37.01 64.28
CA LYS U 177 6.83 36.09 63.76
C LYS U 177 8.18 36.78 63.42
N GLY U 178 8.79 37.59 64.32
CA GLY U 178 9.99 38.33 64.04
C GLY U 178 10.10 39.58 64.91
N LYS U 189 11.17 40.78 56.20
CA LYS U 189 9.89 40.26 56.68
C LYS U 189 9.00 41.38 57.21
N ASP U 190 9.62 42.50 57.55
CA ASP U 190 8.92 43.64 58.13
C ASP U 190 8.54 44.70 57.11
N ARG U 191 8.53 44.36 55.81
CA ARG U 191 8.24 45.37 54.80
C ARG U 191 6.80 45.29 54.31
N LYS U 192 6.40 44.14 53.78
CA LYS U 192 5.06 43.96 53.22
C LYS U 192 4.43 42.72 53.83
N TYR U 193 3.26 42.90 54.42
CA TYR U 193 2.56 41.84 55.13
C TYR U 193 1.53 41.21 54.21
N THR U 194 1.71 39.93 53.89
CA THR U 194 0.81 39.19 53.01
C THR U 194 -0.21 38.43 53.85
N LEU U 195 -1.49 38.54 53.50
CA LEU U 195 -2.55 37.83 54.21
C LEU U 195 -2.57 36.37 53.75
N THR U 196 -1.59 35.62 54.24
CA THR U 196 -1.46 34.21 53.93
C THR U 196 -2.42 33.44 54.84
N MET U 197 -2.81 32.24 54.41
CA MET U 197 -3.66 31.36 55.22
C MET U 197 -3.01 30.95 56.53
N GLU U 198 -1.68 30.98 56.64
CA GLU U 198 -1.00 30.64 57.89
C GLU U 198 -1.24 31.65 58.99
N ASP U 199 -1.64 32.88 58.64
CA ASP U 199 -1.97 33.89 59.64
C ASP U 199 -3.45 34.05 59.87
N LEU U 200 -4.28 33.69 58.89
CA LEU U 200 -5.72 33.82 59.02
C LEU U 200 -6.37 32.64 59.71
N THR U 201 -5.83 31.42 59.53
CA THR U 201 -6.43 30.22 60.09
C THR U 201 -6.31 30.15 61.62
N PRO U 202 -5.18 30.52 62.27
CA PRO U 202 -5.25 30.66 63.73
C PRO U 202 -6.02 31.88 64.19
N ALA U 203 -6.12 32.93 63.37
CA ALA U 203 -6.86 34.12 63.78
C ALA U 203 -8.36 33.93 63.67
N LEU U 204 -8.83 32.97 62.90
CA LEU U 204 -10.25 32.70 62.79
C LEU U 204 -10.75 31.80 63.91
N SER U 205 -9.88 30.96 64.46
CA SER U 205 -10.28 30.00 65.49
C SER U 205 -10.62 30.66 66.81
N GLU U 206 -10.21 31.91 67.03
CA GLU U 206 -10.61 32.62 68.24
C GLU U 206 -12.09 32.98 68.21
N TYR U 207 -12.65 33.10 67.03
CA TYR U 207 -14.09 33.18 66.82
C TYR U 207 -14.55 31.82 66.33
N GLY U 208 -15.83 31.71 65.96
CA GLY U 208 -16.36 30.42 65.61
C GLY U 208 -16.22 30.05 64.15
N ILE U 209 -15.03 30.22 63.59
CA ILE U 209 -14.75 29.83 62.22
C ILE U 209 -13.55 28.89 62.26
N ASN U 210 -13.79 27.62 61.96
CA ASN U 210 -12.77 26.57 62.05
C ASN U 210 -12.54 26.03 60.64
N VAL U 211 -11.66 26.67 59.89
CA VAL U 211 -11.31 26.14 58.58
C VAL U 211 -10.22 25.08 58.75
N LYS U 212 -10.15 24.16 57.80
CA LYS U 212 -9.12 23.12 57.80
C LYS U 212 -8.84 22.80 56.34
N LYS U 213 -7.82 23.46 55.80
CA LYS U 213 -7.54 23.29 54.39
C LYS U 213 -6.53 22.16 54.18
N PRO U 214 -6.72 21.34 53.16
CA PRO U 214 -5.75 20.27 52.89
C PRO U 214 -4.54 20.80 52.13
N HIS U 215 -3.47 20.01 52.20
CA HIS U 215 -2.36 20.15 51.28
C HIS U 215 -1.97 18.76 50.79
N TYR U 216 -1.13 18.74 49.77
CA TYR U 216 -0.45 17.57 49.19
C TYR U 216 -1.40 16.38 48.99
N PHE U 217 -2.36 16.58 48.09
CA PHE U 217 -3.27 15.50 47.70
C PHE U 217 -2.49 14.39 47.01
N THR U 218 -2.52 13.20 47.60
CA THR U 218 -1.70 12.11 47.09
C THR U 218 -2.33 11.45 45.86
N SER V 114 -11.73 54.13 107.53
CA SER V 114 -11.99 53.70 108.90
C SER V 114 -10.87 52.79 109.42
N GLU V 115 -11.22 51.84 110.26
CA GLU V 115 -10.25 50.91 110.83
C GLU V 115 -10.33 49.51 110.22
N GLU V 116 -11.39 49.21 109.48
CA GLU V 116 -11.46 47.98 108.70
C GLU V 116 -11.09 48.21 107.24
N GLN V 117 -11.41 49.39 106.70
CA GLN V 117 -11.03 49.73 105.34
C GLN V 117 -9.51 49.84 105.19
N LEU V 118 -8.82 50.28 106.23
CA LEU V 118 -7.36 50.33 106.17
C LEU V 118 -6.74 48.94 106.30
N ASN V 119 -7.39 48.04 107.04
CA ASN V 119 -6.91 46.66 107.09
C ASN V 119 -7.24 45.91 105.81
N ARG V 120 -8.39 46.22 105.19
CA ARG V 120 -8.76 45.55 103.95
C ARG V 120 -7.91 46.02 102.79
N TYR V 121 -7.57 47.31 102.76
CA TYR V 121 -6.68 47.84 101.72
C TYR V 121 -5.26 47.31 101.89
N GLU V 122 -4.87 46.94 103.12
CA GLU V 122 -3.57 46.32 103.33
C GLU V 122 -3.52 44.93 102.72
N MET V 123 -4.59 44.15 102.86
CA MET V 123 -4.63 42.81 102.30
C MET V 123 -4.87 42.82 100.79
N TYR V 124 -5.47 43.88 100.26
CA TYR V 124 -5.71 43.97 98.82
C TYR V 124 -4.40 44.15 98.06
N ARG V 125 -3.40 44.77 98.68
CA ARG V 125 -2.14 45.06 98.03
C ARG V 125 -1.03 44.07 98.38
N ARG V 126 -0.93 43.66 99.65
CA ARG V 126 0.20 42.86 100.09
C ARG V 126 0.08 41.39 99.70
N SER V 127 -1.12 40.92 99.37
CA SER V 127 -1.33 39.50 99.08
C SER V 127 -0.91 39.16 97.66
N ALA V 128 -0.25 38.01 97.52
CA ALA V 128 0.22 37.55 96.22
C ALA V 128 0.44 36.05 96.26
N PHE V 129 0.33 35.42 95.10
CA PHE V 129 0.77 34.05 94.96
C PHE V 129 2.30 34.00 94.97
N PRO V 130 2.90 32.99 95.59
CA PRO V 130 4.36 32.95 95.67
C PRO V 130 5.00 32.60 94.34
N LYS V 131 6.07 33.32 93.99
CA LYS V 131 6.78 33.08 92.74
C LYS V 131 7.53 31.76 92.75
N ALA V 132 7.84 31.20 93.92
CA ALA V 132 8.56 29.94 93.99
C ALA V 132 7.69 28.74 93.65
N ALA V 133 6.36 28.91 93.61
CA ALA V 133 5.45 27.82 93.28
C ALA V 133 4.85 27.91 91.89
N ILE V 134 4.61 29.12 91.39
CA ILE V 134 4.07 29.28 90.05
C ILE V 134 5.13 28.97 89.00
N LYS V 135 6.39 29.32 89.28
CA LYS V 135 7.50 28.91 88.42
C LYS V 135 7.67 27.39 88.43
N ARG V 136 7.31 26.74 89.54
CA ARG V 136 7.24 25.28 89.55
C ARG V 136 5.99 24.79 88.81
N LEU V 137 4.92 25.57 88.82
CA LEU V 137 3.67 25.15 88.22
C LEU V 137 3.66 25.34 86.70
N ILE V 138 4.23 26.44 86.21
CA ILE V 138 4.26 26.67 84.77
C ILE V 138 5.24 25.71 84.09
N GLN V 139 6.41 25.49 84.72
CA GLN V 139 7.42 24.62 84.14
C GLN V 139 7.00 23.15 84.09
N SER V 140 6.01 22.76 84.88
CA SER V 140 5.40 21.44 84.74
C SER V 140 4.47 21.36 83.54
N ILE V 141 4.17 22.48 82.88
CA ILE V 141 3.33 22.49 81.71
C ILE V 141 4.14 22.69 80.44
N THR V 142 5.17 23.54 80.49
CA THR V 142 6.00 23.75 79.31
C THR V 142 6.91 22.56 79.07
N GLY V 143 7.70 22.19 80.06
CA GLY V 143 8.62 21.09 79.91
C GLY V 143 10.05 21.45 80.21
N THR V 144 10.50 22.65 79.81
CA THR V 144 11.90 23.01 79.99
C THR V 144 12.13 24.16 80.97
N SER V 145 11.63 25.37 80.71
CA SER V 145 12.03 26.56 81.46
C SER V 145 11.18 27.74 81.03
N VAL V 146 10.99 28.67 81.97
CA VAL V 146 10.41 29.99 81.70
C VAL V 146 11.36 31.05 82.24
N SER V 147 10.94 32.30 82.11
CA SER V 147 11.74 33.44 82.55
C SER V 147 11.07 34.14 83.73
N GLN V 148 11.83 35.02 84.38
CA GLN V 148 11.32 35.72 85.55
C GLN V 148 10.24 36.73 85.19
N ASN V 149 10.31 37.32 84.00
CA ASN V 149 9.30 38.30 83.62
C ASN V 149 8.01 37.64 83.14
N VAL V 150 8.02 36.32 82.93
CA VAL V 150 6.81 35.57 82.69
C VAL V 150 6.07 35.30 84.00
N VAL V 151 6.83 34.85 85.01
CA VAL V 151 6.28 34.51 86.31
C VAL V 151 5.76 35.76 87.02
N ILE V 152 6.40 36.91 86.79
CA ILE V 152 5.93 38.16 87.37
C ILE V 152 4.59 38.57 86.77
N ALA V 153 4.41 38.37 85.47
CA ALA V 153 3.14 38.70 84.83
C ALA V 153 2.07 37.66 85.16
N MET V 154 2.43 36.37 85.12
CA MET V 154 1.44 35.32 85.34
C MET V 154 0.98 35.28 86.81
N SER V 155 1.81 35.72 87.73
CA SER V 155 1.35 35.88 89.11
C SER V 155 0.48 37.12 89.28
N GLY V 156 0.50 38.04 88.33
CA GLY V 156 -0.25 39.26 88.43
C GLY V 156 -1.61 39.18 87.75
N ILE V 157 -1.68 38.40 86.67
CA ILE V 157 -2.96 38.23 85.98
C ILE V 157 -3.90 37.37 86.83
N SER V 158 -3.34 36.39 87.54
CA SER V 158 -4.15 35.51 88.36
C SER V 158 -4.69 36.20 89.60
N LYS V 159 -4.08 37.31 90.03
CA LYS V 159 -4.66 38.11 91.09
C LYS V 159 -5.83 38.96 90.56
N VAL V 160 -5.73 39.42 89.30
CA VAL V 160 -6.86 40.11 88.68
C VAL V 160 -8.01 39.13 88.45
N PHE V 161 -7.69 37.88 88.11
CA PHE V 161 -8.73 36.90 87.83
C PHE V 161 -9.46 36.47 89.09
N VAL V 162 -8.74 36.38 90.21
CA VAL V 162 -9.39 36.15 91.50
C VAL V 162 -10.24 37.35 91.87
N GLY V 163 -9.74 38.56 91.64
CA GLY V 163 -10.53 39.75 91.82
C GLY V 163 -11.64 39.93 90.81
N GLU V 164 -11.60 39.19 89.70
CA GLU V 164 -12.73 39.18 88.78
C GLU V 164 -13.86 38.29 89.31
N VAL V 165 -13.52 37.25 90.06
CA VAL V 165 -14.53 36.31 90.56
C VAL V 165 -15.13 36.79 91.88
N VAL V 166 -14.29 37.21 92.84
CA VAL V 166 -14.78 37.58 94.17
C VAL V 166 -15.59 38.87 94.11
N GLU V 167 -15.18 39.83 93.28
CA GLU V 167 -15.97 41.05 93.10
C GLU V 167 -17.28 40.77 92.39
N GLU V 168 -17.36 39.68 91.63
CA GLU V 168 -18.58 39.27 90.97
C GLU V 168 -19.35 38.21 91.75
N ALA V 169 -18.68 37.41 92.58
CA ALA V 169 -19.40 36.53 93.50
C ALA V 169 -20.03 37.27 94.65
N LEU V 170 -19.55 38.48 94.96
CA LEU V 170 -20.23 39.33 95.92
C LEU V 170 -21.36 40.13 95.28
N ASP V 171 -21.46 40.10 93.95
CA ASP V 171 -22.64 40.62 93.27
C ASP V 171 -23.74 39.58 93.23
N VAL V 172 -23.38 38.30 93.18
CA VAL V 172 -24.36 37.23 93.27
C VAL V 172 -24.97 37.19 94.68
N CYS V 173 -24.14 37.36 95.70
CA CYS V 173 -24.61 37.32 97.08
C CYS V 173 -25.45 38.55 97.43
N GLU V 174 -25.12 39.71 96.85
CA GLU V 174 -25.92 40.90 97.10
C GLU V 174 -27.23 40.86 96.31
N LYS V 175 -27.25 40.15 95.18
CA LYS V 175 -28.48 40.00 94.42
C LYS V 175 -29.47 39.10 95.17
N TRP V 176 -28.99 37.97 95.65
CA TRP V 176 -29.83 37.09 96.47
C TRP V 176 -29.90 37.65 97.89
N GLY V 177 -30.65 36.98 98.76
CA GLY V 177 -30.83 37.47 100.11
C GLY V 177 -29.91 36.86 101.15
N GLU V 178 -28.60 36.95 100.94
CA GLU V 178 -27.63 36.34 101.84
C GLU V 178 -26.64 37.38 102.35
N MET V 179 -25.72 36.93 103.21
CA MET V 179 -24.79 37.88 103.89
C MET V 179 -23.38 37.77 103.28
N PRO V 180 -22.36 38.52 103.78
CA PRO V 180 -20.98 38.45 103.28
C PRO V 180 -20.26 37.08 103.29
N PRO V 181 -20.43 36.16 104.27
CA PRO V 181 -19.75 34.86 104.18
C PRO V 181 -20.10 34.25 102.83
N LEU V 182 -19.10 33.78 102.10
CA LEU V 182 -19.38 33.30 100.71
C LEU V 182 -19.54 31.79 100.65
N GLN V 183 -20.77 31.30 100.46
CA GLN V 183 -21.02 29.90 100.23
C GLN V 183 -20.60 29.54 98.81
N PRO V 184 -20.36 28.24 98.54
CA PRO V 184 -20.09 27.82 97.16
C PRO V 184 -21.24 28.04 96.18
N LYS V 185 -22.46 28.29 96.64
CA LYS V 185 -23.56 28.63 95.73
C LYS V 185 -23.27 29.92 94.99
N HIS V 186 -22.67 30.90 95.66
CA HIS V 186 -22.28 32.14 95.02
C HIS V 186 -21.01 32.00 94.18
N MET V 187 -20.28 30.89 94.30
CA MET V 187 -19.05 30.70 93.57
C MET V 187 -19.23 29.88 92.29
N ARG V 188 -20.12 28.89 92.28
CA ARG V 188 -20.45 28.24 91.02
C ARG V 188 -21.26 29.16 90.12
N GLU V 189 -22.09 30.02 90.73
CA GLU V 189 -22.83 31.02 89.97
C GLU V 189 -21.90 32.11 89.46
N ALA V 190 -20.79 32.34 90.14
CA ALA V 190 -19.83 33.35 89.68
C ALA V 190 -19.11 32.89 88.42
N VAL V 191 -18.73 31.62 88.36
CA VAL V 191 -18.10 31.08 87.16
C VAL V 191 -19.09 30.93 86.03
N ARG V 192 -20.38 30.74 86.35
CA ARG V 192 -21.39 30.62 85.30
C ARG V 192 -21.64 31.95 84.62
N ARG V 193 -21.74 33.04 85.39
CA ARG V 193 -22.00 34.34 84.79
C ARG V 193 -20.76 34.89 84.08
N LEU V 194 -19.56 34.53 84.56
CA LEU V 194 -18.34 34.98 83.89
C LEU V 194 -18.13 34.25 82.58
N LYS V 195 -18.52 32.98 82.51
CA LYS V 195 -18.32 32.21 81.28
C LYS V 195 -19.29 32.63 80.18
N SER V 196 -20.48 33.11 80.56
CA SER V 196 -21.44 33.56 79.56
C SER V 196 -21.05 34.90 78.95
N LYS V 197 -20.14 35.64 79.57
CA LYS V 197 -19.57 36.85 79.00
C LYS V 197 -18.17 36.61 78.43
N GLY V 198 -17.80 35.34 78.22
CA GLY V 198 -16.54 35.01 77.59
C GLY V 198 -15.30 35.25 78.43
N GLN V 199 -15.45 35.54 79.72
CA GLN V 199 -14.29 35.89 80.54
C GLN V 199 -13.46 34.68 80.93
N ILE V 200 -14.06 33.50 80.99
CA ILE V 200 -13.35 32.31 81.43
C ILE V 200 -12.99 31.47 80.22
N PRO V 201 -11.71 31.42 79.82
CA PRO V 201 -11.36 30.74 78.56
C PRO V 201 -11.20 29.24 78.70
N ASN V 202 -11.82 28.50 77.79
CA ASN V 202 -11.69 27.04 77.73
C ASN V 202 -11.19 26.67 76.33
N SER V 203 -9.99 26.12 76.27
CA SER V 203 -9.37 25.75 75.00
C SER V 203 -9.63 24.29 74.63
N LYS V 204 -10.71 23.70 75.14
CA LYS V 204 -11.08 22.33 74.80
C LYS V 204 -12.48 22.24 74.21
N HIS V 205 -13.13 23.38 73.99
CA HIS V 205 -14.45 23.43 73.37
C HIS V 205 -14.33 24.18 72.05
N LYS V 206 -14.30 23.45 70.95
CA LYS V 206 -14.25 24.04 69.62
C LYS V 206 -15.60 24.63 69.29
N LYS V 207 -15.73 25.96 69.44
CA LYS V 207 -17.02 26.61 69.25
C LYS V 207 -17.27 26.90 67.77
N ILE V 208 -18.55 27.10 67.45
CA ILE V 208 -19.01 27.31 66.08
C ILE V 208 -20.11 28.35 66.13
N ILE V 209 -19.94 29.47 65.42
CA ILE V 209 -20.93 30.53 65.45
C ILE V 209 -21.95 30.45 64.33
N PHE V 210 -21.62 29.81 63.21
CA PHE V 210 -22.51 29.73 62.06
C PHE V 210 -23.28 28.43 62.09
N PHE V 211 -24.60 28.52 62.17
CA PHE V 211 -25.45 27.33 62.10
C PHE V 211 -26.74 27.64 61.36
N ASN W 55 -38.84 7.96 92.34
CA ASN W 55 -37.50 8.00 91.75
C ASN W 55 -37.38 9.09 90.70
N GLN W 56 -37.62 10.33 91.11
CA GLN W 56 -37.38 11.49 90.27
C GLN W 56 -36.30 12.34 90.94
N VAL W 57 -35.52 13.04 90.12
CA VAL W 57 -34.34 13.75 90.60
C VAL W 57 -34.62 15.23 90.82
N LEU W 58 -35.59 15.79 90.12
CA LEU W 58 -35.97 17.19 90.30
C LEU W 58 -37.44 17.27 90.64
N THR W 59 -37.78 18.13 91.61
CA THR W 59 -39.01 17.98 92.37
C THR W 59 -39.89 19.22 92.40
N LYS W 60 -39.73 20.13 91.43
CA LYS W 60 -40.60 21.29 91.18
C LYS W 60 -40.64 22.32 92.33
N LYS W 61 -39.85 22.12 93.37
CA LYS W 61 -39.55 23.14 94.36
C LYS W 61 -38.12 23.62 94.25
N LYS W 62 -37.20 22.72 93.92
CA LYS W 62 -35.86 23.13 93.55
C LYS W 62 -35.85 23.86 92.21
N LEU W 63 -36.79 23.52 91.33
CA LEU W 63 -36.90 24.23 90.06
C LEU W 63 -37.50 25.62 90.27
N GLN W 64 -38.45 25.76 91.20
CA GLN W 64 -39.10 27.04 91.43
C GLN W 64 -38.13 28.04 92.07
N ASP W 65 -37.25 27.56 92.95
CA ASP W 65 -36.22 28.42 93.50
C ASP W 65 -35.15 28.77 92.48
N LEU W 66 -34.99 27.94 91.45
CA LEU W 66 -34.07 28.27 90.36
C LEU W 66 -34.60 29.40 89.50
N VAL W 67 -35.92 29.58 89.47
CA VAL W 67 -36.51 30.73 88.79
C VAL W 67 -36.56 31.94 89.71
N ARG W 68 -36.77 31.71 91.01
CA ARG W 68 -36.84 32.80 91.98
C ARG W 68 -35.50 33.48 92.20
N GLU W 69 -34.39 32.77 91.95
CA GLU W 69 -33.07 33.38 92.08
C GLU W 69 -32.71 34.24 90.89
N VAL W 70 -33.43 34.14 89.77
CA VAL W 70 -33.14 34.93 88.59
C VAL W 70 -33.94 36.22 88.63
N ASP W 71 -35.26 36.09 88.62
CA ASP W 71 -36.16 37.22 88.77
C ASP W 71 -37.32 36.79 89.67
N PRO W 72 -37.42 37.33 90.88
CA PRO W 72 -38.41 36.80 91.85
C PRO W 72 -39.86 37.09 91.51
N ASN W 73 -40.14 37.94 90.51
CA ASN W 73 -41.51 38.23 90.10
C ASN W 73 -41.85 37.52 88.79
N GLU W 74 -41.37 36.30 88.61
CA GLU W 74 -41.54 35.57 87.36
C GLU W 74 -42.10 34.18 87.64
N GLN W 75 -43.10 33.78 86.86
CA GLN W 75 -43.70 32.47 86.95
C GLN W 75 -43.41 31.67 85.68
N LEU W 76 -43.41 30.35 85.82
CA LEU W 76 -43.43 29.46 84.67
C LEU W 76 -44.82 28.85 84.51
N ASP W 77 -45.14 28.46 83.29
CA ASP W 77 -46.44 27.78 83.04
C ASP W 77 -46.24 26.28 83.20
N GLU W 78 -47.32 25.52 83.24
CA GLU W 78 -47.19 24.05 83.46
C GLU W 78 -46.38 23.48 82.30
N ASP W 79 -46.66 23.93 81.07
CA ASP W 79 -45.97 23.38 79.89
C ASP W 79 -44.47 23.66 80.02
N VAL W 80 -44.10 24.90 80.40
CA VAL W 80 -42.66 25.26 80.49
C VAL W 80 -42.03 24.39 81.58
N GLU W 81 -42.70 24.22 82.71
CA GLU W 81 -42.08 23.45 83.82
C GLU W 81 -41.83 22.01 83.35
N GLU W 82 -42.83 21.42 82.69
CA GLU W 82 -42.67 20.00 82.25
C GLU W 82 -41.51 19.93 81.26
N MET W 83 -41.44 20.89 80.34
CA MET W 83 -40.38 20.84 79.30
C MET W 83 -39.00 21.00 79.96
N LEU W 84 -38.88 21.87 80.96
CA LEU W 84 -37.59 22.06 81.67
C LEU W 84 -37.20 20.78 82.41
N LEU W 85 -38.17 20.12 83.04
CA LEU W 85 -37.84 18.83 83.70
C LEU W 85 -37.35 17.83 82.64
N GLN W 86 -38.02 17.80 81.48
CA GLN W 86 -37.63 16.84 80.41
C GLN W 86 -36.21 17.16 79.93
N ILE W 87 -35.89 18.45 79.77
CA ILE W 87 -34.53 18.87 79.30
C ILE W 87 -33.49 18.42 80.32
N ALA W 88 -33.79 18.60 81.62
CA ALA W 88 -32.83 18.16 82.66
C ALA W 88 -32.62 16.66 82.55
N ASP W 89 -33.71 15.90 82.40
CA ASP W 89 -33.57 14.42 82.36
C ASP W 89 -32.73 14.03 81.15
N ASP W 90 -32.97 14.68 80.00
CA ASP W 90 -32.23 14.32 78.76
C ASP W 90 -30.74 14.64 78.93
N PHE W 91 -30.42 15.79 79.55
CA PHE W 91 -29.01 16.18 79.75
C PHE W 91 -28.37 15.10 80.63
N ILE W 92 -29.06 14.71 81.71
CA ILE W 92 -28.42 13.73 82.63
C ILE W 92 -28.16 12.47 81.82
N GLU W 93 -29.15 12.01 81.05
CA GLU W 93 -28.96 10.71 80.35
C GLU W 93 -27.78 10.82 79.39
N SER W 94 -27.70 11.88 78.59
CA SER W 94 -26.62 11.96 77.57
C SER W 94 -25.25 11.98 78.27
N VAL W 95 -25.14 12.81 79.32
CA VAL W 95 -23.80 12.94 79.97
C VAL W 95 -23.44 11.57 80.53
N VAL W 96 -24.40 10.91 81.19
CA VAL W 96 -24.06 9.62 81.85
C VAL W 96 -23.64 8.61 80.76
N THR W 97 -24.37 8.51 79.65
CA THR W 97 -24.00 7.49 78.64
C THR W 97 -22.60 7.79 78.13
N ALA W 98 -22.31 9.05 77.81
CA ALA W 98 -20.97 9.31 77.22
C ALA W 98 -19.86 9.01 78.24
N ALA W 99 -20.09 9.39 79.49
CA ALA W 99 -19.06 9.17 80.53
C ALA W 99 -18.85 7.67 80.68
N CYS W 100 -19.93 6.89 80.65
CA CYS W 100 -19.85 5.42 80.80
C CYS W 100 -19.08 4.84 79.63
N GLN W 101 -19.29 5.34 78.42
CA GLN W 101 -18.49 4.84 77.26
C GLN W 101 -17.00 5.16 77.48
N LEU W 102 -16.67 6.36 77.95
CA LEU W 102 -15.23 6.67 78.24
C LEU W 102 -14.68 5.74 79.34
N ALA W 103 -15.48 5.44 80.37
CA ALA W 103 -15.05 4.55 81.46
C ALA W 103 -14.81 3.14 80.90
N ARG W 104 -15.68 2.66 80.01
CA ARG W 104 -15.53 1.32 79.41
C ARG W 104 -14.23 1.34 78.61
N HIS W 105 -13.94 2.46 77.95
CA HIS W 105 -12.68 2.62 77.18
C HIS W 105 -11.44 2.54 78.08
N ARG W 106 -11.46 3.16 79.27
CA ARG W 106 -10.29 3.05 80.20
C ARG W 106 -10.12 1.63 80.76
N LYS W 107 -10.78 0.61 80.20
CA LYS W 107 -10.87 -0.78 80.69
C LYS W 107 -11.13 -0.83 82.20
N SER W 108 -11.97 0.07 82.67
CA SER W 108 -12.37 0.11 84.07
C SER W 108 -13.87 -0.06 84.18
N SER W 109 -14.35 -0.31 85.40
CA SER W 109 -15.79 -0.55 85.62
C SER W 109 -16.33 0.46 86.65
N THR W 110 -15.56 1.51 86.93
CA THR W 110 -16.00 2.55 87.90
C THR W 110 -16.06 3.88 87.15
N LEU W 111 -17.16 4.63 87.31
CA LEU W 111 -17.24 5.97 86.66
C LEU W 111 -16.55 6.97 87.57
N GLU W 112 -15.36 7.44 87.20
CA GLU W 112 -14.67 8.44 88.03
C GLU W 112 -15.17 9.84 87.64
N VAL W 113 -14.62 10.89 88.24
CA VAL W 113 -15.02 12.27 87.84
C VAL W 113 -14.14 12.74 86.69
N LYS W 114 -13.16 11.96 86.24
CA LYS W 114 -12.23 12.45 85.18
C LYS W 114 -12.85 12.31 83.80
N ASP W 115 -13.93 11.53 83.67
CA ASP W 115 -14.57 11.35 82.38
C ASP W 115 -15.97 11.91 82.30
N VAL W 116 -16.54 12.38 83.42
CA VAL W 116 -17.64 13.33 83.34
C VAL W 116 -17.10 14.72 83.08
N GLN W 117 -15.82 14.97 83.41
CA GLN W 117 -15.17 16.22 83.05
C GLN W 117 -14.99 16.34 81.54
N LEU W 118 -14.47 15.29 80.91
CA LEU W 118 -14.07 15.37 79.50
C LEU W 118 -15.27 15.46 78.57
N HIS W 119 -16.44 15.01 78.99
CA HIS W 119 -17.59 15.16 78.09
C HIS W 119 -18.21 16.54 78.20
N LEU W 120 -18.26 17.13 79.40
CA LEU W 120 -18.86 18.45 79.55
C LEU W 120 -17.97 19.54 78.99
N GLU W 121 -16.65 19.39 79.11
CA GLU W 121 -15.74 20.40 78.59
C GLU W 121 -15.74 20.40 77.07
N ARG W 122 -15.66 19.21 76.46
CA ARG W 122 -15.49 19.13 75.01
C ARG W 122 -16.77 19.45 74.27
N GLN W 123 -17.93 19.11 74.84
CA GLN W 123 -19.19 19.28 74.13
C GLN W 123 -20.05 20.38 74.71
N TRP W 124 -20.25 20.40 76.03
CA TRP W 124 -21.25 21.27 76.64
C TRP W 124 -20.67 22.58 77.17
N ASN W 125 -19.35 22.76 77.12
CA ASN W 125 -18.63 23.97 77.55
C ASN W 125 -18.93 24.29 79.01
N MET W 126 -18.66 23.31 79.88
CA MET W 126 -18.89 23.42 81.31
C MET W 126 -17.67 22.97 82.06
N TRP W 127 -17.13 23.84 82.90
CA TRP W 127 -16.06 23.52 83.83
C TRP W 127 -16.64 23.68 85.22
N ILE W 128 -16.81 22.58 85.94
CA ILE W 128 -17.33 22.60 87.30
C ILE W 128 -16.14 22.72 88.23
N PRO W 129 -15.98 23.84 88.94
CA PRO W 129 -14.69 24.17 89.57
C PRO W 129 -14.27 23.30 90.75
N GLY W 130 -15.12 23.17 91.75
CA GLY W 130 -14.66 22.73 93.06
C GLY W 130 -14.37 21.26 93.28
N PHE W 131 -13.65 20.63 92.36
CA PHE W 131 -13.34 19.21 92.48
C PHE W 131 -11.87 18.89 92.38
N GLY W 132 -11.13 19.57 91.52
CA GLY W 132 -9.69 19.37 91.43
C GLY W 132 -9.27 18.14 90.66
N SER W 133 -8.20 18.26 89.88
CA SER W 133 -7.69 17.15 89.09
C SER W 133 -6.24 16.88 89.48
N GLU W 134 -5.63 15.89 88.81
CA GLU W 134 -4.21 15.67 88.93
C GLU W 134 -3.46 16.69 88.08
N GLU W 135 -2.16 16.79 88.33
CA GLU W 135 -1.33 17.75 87.60
C GLU W 135 -1.21 17.32 86.14
N ILE W 136 -1.56 18.23 85.24
CA ILE W 136 -1.55 17.95 83.81
C ILE W 136 -0.12 17.76 83.34
N ARG W 137 0.12 16.69 82.57
CA ARG W 137 1.42 16.34 82.03
C ARG W 137 1.94 17.44 81.10
N PRO W 138 3.26 17.52 80.89
CA PRO W 138 3.82 18.52 79.97
C PRO W 138 3.26 18.39 78.56
N TYR W 139 2.72 19.49 78.07
CA TYR W 139 1.89 19.52 76.87
C TYR W 139 2.74 19.23 75.64
N LYS W 140 2.46 18.11 74.99
CA LYS W 140 3.12 17.81 73.72
C LYS W 140 2.53 18.68 72.63
N LYS W 141 3.40 19.38 71.90
CA LYS W 141 2.98 20.44 71.00
C LYS W 141 2.78 19.94 69.57
N ALA W 142 3.80 19.37 68.96
CA ALA W 142 3.73 18.95 67.56
C ALA W 142 4.52 17.66 67.39
N CYS W 143 3.80 16.58 67.10
CA CYS W 143 4.48 15.29 66.82
C CYS W 143 4.51 15.14 65.31
N THR W 144 4.84 16.23 64.59
CA THR W 144 4.79 16.18 63.11
C THR W 144 5.71 15.06 62.66
N THR W 145 5.23 14.19 61.77
CA THR W 145 6.03 13.00 61.39
C THR W 145 7.02 13.36 60.28
N GLU W 146 7.95 12.44 59.98
CA GLU W 146 8.94 12.64 58.94
C GLU W 146 8.32 12.70 57.54
N ALA W 147 7.24 11.93 57.34
CA ALA W 147 6.57 11.92 56.03
C ALA W 147 5.90 13.25 55.74
N HIS W 148 5.43 13.96 56.76
CA HIS W 148 4.91 15.31 56.55
C HIS W 148 6.04 16.32 56.41
N LYS W 149 7.17 16.09 57.08
CA LYS W 149 8.31 17.00 56.95
C LYS W 149 8.98 16.92 55.59
N GLN W 150 8.73 15.85 54.83
CA GLN W 150 9.33 15.68 53.52
C GLN W 150 8.35 15.94 52.38
N ARG W 151 7.04 15.79 52.63
CA ARG W 151 6.06 16.14 51.61
C ARG W 151 5.79 17.64 51.59
N MET W 152 5.77 18.29 52.76
CA MET W 152 5.63 19.73 52.82
C MET W 152 6.90 20.46 52.39
N ALA W 153 8.05 19.77 52.41
CA ALA W 153 9.28 20.28 51.82
C ALA W 153 9.36 20.04 50.32
N LEU W 154 8.25 19.64 49.70
CA LEU W 154 8.10 19.59 48.26
C LEU W 154 7.12 20.63 47.74
N ILE W 155 6.21 21.13 48.58
CA ILE W 155 5.35 22.23 48.20
C ILE W 155 6.16 23.51 48.04
N ARG W 156 7.14 23.72 48.92
CA ARG W 156 7.99 24.90 48.81
C ARG W 156 9.05 24.75 47.72
N LYS W 157 9.45 23.52 47.41
CA LYS W 157 10.49 23.30 46.40
C LYS W 157 9.99 23.62 45.00
N THR W 158 8.70 23.40 44.74
CA THR W 158 8.12 23.77 43.46
C THR W 158 7.74 25.25 43.41
N THR W 159 7.43 25.83 44.57
CA THR W 159 6.89 27.18 44.61
C THR W 159 7.97 28.23 44.37
N LYS W 160 9.11 28.13 45.05
CA LYS W 160 10.17 29.11 44.85
C LYS W 160 11.28 28.63 43.94
N LYS W 161 11.40 27.32 43.70
CA LYS W 161 12.44 26.78 42.83
C LYS W 161 11.83 25.88 41.76
N ARG X 28 -3.52 15.63 94.29
CA ARG X 28 -2.97 16.97 94.47
C ARG X 28 -3.30 17.53 95.83
N LYS X 29 -2.33 18.25 96.43
CA LYS X 29 -2.60 18.96 97.70
C LYS X 29 -3.08 20.37 97.33
N ARG X 30 -3.27 21.26 98.31
CA ARG X 30 -3.63 22.66 97.97
C ARG X 30 -2.37 23.52 98.11
N LEU X 31 -1.90 24.10 97.00
CA LEU X 31 -0.68 24.97 97.03
C LEU X 31 -1.07 26.42 97.25
N PHE X 32 -2.38 26.73 97.18
CA PHE X 32 -2.86 28.12 97.43
C PHE X 32 -4.02 28.04 98.43
N SER X 33 -3.71 27.72 99.69
CA SER X 33 -4.76 27.63 100.73
C SER X 33 -4.68 28.86 101.63
N LYS X 34 -3.47 29.26 102.04
CA LYS X 34 -3.31 30.39 102.93
C LYS X 34 -3.19 31.69 102.16
N GLU X 35 -2.66 31.64 100.94
CA GLU X 35 -2.50 32.86 100.14
C GLU X 35 -3.84 33.37 99.63
N LEU X 36 -4.73 32.46 99.26
CA LEU X 36 -6.01 32.84 98.69
C LEU X 36 -6.97 33.39 99.73
N ARG X 37 -6.77 33.06 101.01
CA ARG X 37 -7.63 33.62 102.05
C ARG X 37 -7.31 35.08 102.31
N CYS X 38 -6.06 35.49 102.12
CA CYS X 38 -5.72 36.91 102.19
C CYS X 38 -6.29 37.67 101.01
N MET X 39 -6.39 37.02 99.85
CA MET X 39 -6.85 37.72 98.65
C MET X 39 -8.35 37.93 98.66
N MET X 40 -9.12 36.95 99.16
CA MET X 40 -10.57 37.11 99.24
C MET X 40 -10.94 38.19 100.25
N TYR X 41 -10.21 38.27 101.37
CA TYR X 41 -10.35 39.41 102.28
C TYR X 41 -9.99 40.72 101.60
N GLY X 42 -9.05 40.69 100.64
CA GLY X 42 -8.69 41.89 99.91
C GLY X 42 -9.76 42.39 98.97
N PHE X 43 -10.72 41.55 98.60
CA PHE X 43 -11.78 41.96 97.70
C PHE X 43 -13.16 41.92 98.35
N GLY X 44 -13.22 41.86 99.68
CA GLY X 44 -14.45 42.11 100.40
C GLY X 44 -15.18 40.90 100.94
N ASP X 45 -14.54 39.73 101.03
CA ASP X 45 -15.28 38.52 101.40
C ASP X 45 -15.56 38.46 102.89
N ASP X 46 -14.50 38.27 103.70
CA ASP X 46 -14.51 38.07 105.14
C ASP X 46 -13.08 37.94 105.60
N GLN X 47 -12.89 37.99 106.92
CA GLN X 47 -11.63 37.59 107.50
C GLN X 47 -11.50 36.07 107.59
N ASN X 48 -12.61 35.36 107.61
CA ASN X 48 -12.62 33.89 107.73
C ASN X 48 -13.54 33.30 106.68
N PRO X 49 -13.05 33.09 105.46
CA PRO X 49 -13.88 32.44 104.43
C PRO X 49 -14.05 30.96 104.69
N TYR X 50 -14.93 30.35 103.88
CA TYR X 50 -15.16 28.88 103.98
C TYR X 50 -14.12 28.09 103.20
N THR X 51 -13.77 26.91 103.73
CA THR X 51 -12.73 26.08 103.09
C THR X 51 -13.18 25.67 101.68
N GLU X 52 -14.46 25.32 101.50
CA GLU X 52 -14.96 24.88 100.17
C GLU X 52 -14.83 26.03 99.16
N SER X 53 -15.16 27.26 99.56
CA SER X 53 -15.01 28.42 98.66
C SER X 53 -13.53 28.64 98.30
N VAL X 54 -12.66 28.50 99.31
CA VAL X 54 -11.20 28.66 99.01
C VAL X 54 -10.80 27.58 97.99
N ASP X 55 -11.31 26.35 98.15
CA ASP X 55 -10.99 25.23 97.24
C ASP X 55 -11.47 25.53 95.81
N ILE X 56 -12.68 26.06 95.68
CA ILE X 56 -13.21 26.41 94.33
C ILE X 56 -12.26 27.46 93.73
N LEU X 57 -11.87 28.46 94.52
CA LEU X 57 -11.02 29.53 93.93
C LEU X 57 -9.67 28.94 93.50
N GLU X 58 -9.09 28.05 94.30
CA GLU X 58 -7.77 27.46 93.97
C GLU X 58 -7.88 26.65 92.67
N ASP X 59 -8.94 25.87 92.53
CA ASP X 59 -9.13 25.06 91.29
C ASP X 59 -9.26 26.02 90.10
N LEU X 60 -10.02 27.10 90.26
CA LEU X 60 -10.20 28.06 89.15
C LEU X 60 -8.84 28.64 88.76
N VAL X 61 -8.03 29.03 89.75
CA VAL X 61 -6.71 29.66 89.44
C VAL X 61 -5.86 28.64 88.68
N ILE X 62 -5.83 27.39 89.15
CA ILE X 62 -4.94 26.41 88.45
C ILE X 62 -5.43 26.25 87.00
N GLU X 63 -6.74 26.15 86.80
CA GLU X 63 -7.26 25.92 85.42
C GLU X 63 -6.91 27.13 84.55
N PHE X 64 -7.05 28.35 85.08
CA PHE X 64 -6.76 29.58 84.30
C PHE X 64 -5.28 29.56 83.90
N ILE X 65 -4.40 29.25 84.86
CA ILE X 65 -2.95 29.28 84.54
C ILE X 65 -2.69 28.24 83.45
N THR X 66 -3.27 27.04 83.57
CA THR X 66 -2.99 25.97 82.57
C THR X 66 -3.47 26.41 81.18
N GLU X 67 -4.68 26.99 81.10
CA GLU X 67 -5.22 27.38 79.78
C GLU X 67 -4.31 28.45 79.19
N MET X 68 -3.91 29.42 80.00
CA MET X 68 -3.10 30.52 79.44
C MET X 68 -1.78 29.91 78.93
N THR X 69 -1.19 29.00 79.70
CA THR X 69 0.11 28.42 79.29
C THR X 69 -0.03 27.63 77.99
N HIS X 70 -1.08 26.82 77.82
CA HIS X 70 -1.24 26.11 76.52
C HIS X 70 -1.41 27.11 75.37
N LYS X 71 -2.25 28.13 75.56
CA LYS X 71 -2.43 29.02 74.39
C LYS X 71 -1.10 29.71 74.08
N ALA X 72 -0.34 30.09 75.10
CA ALA X 72 0.95 30.79 74.91
C ALA X 72 1.94 29.88 74.19
N MET X 73 1.97 28.60 74.54
CA MET X 73 2.86 27.65 73.83
C MET X 73 2.45 27.58 72.36
N SER X 74 1.15 27.51 72.04
CA SER X 74 0.72 27.51 70.62
C SER X 74 1.11 28.81 69.91
N ILE X 75 0.70 29.97 70.44
CA ILE X 75 0.96 31.29 69.77
C ILE X 75 2.45 31.63 69.87
N GLY X 76 2.95 32.50 68.97
CA GLY X 76 4.37 32.91 68.99
C GLY X 76 5.32 31.75 68.84
N ARG X 77 6.40 31.72 69.64
CA ARG X 77 7.41 30.65 69.50
C ARG X 77 6.84 29.35 70.05
N GLN X 78 6.74 28.33 69.20
CA GLN X 78 6.11 27.06 69.64
C GLN X 78 6.97 26.45 70.76
N GLY X 79 6.33 26.02 71.86
CA GLY X 79 7.06 25.35 72.96
C GLY X 79 7.73 26.32 73.91
N ARG X 80 7.57 27.62 73.71
CA ARG X 80 8.12 28.61 74.66
C ARG X 80 7.01 29.58 75.09
N VAL X 81 6.90 29.85 76.39
CA VAL X 81 5.88 30.84 76.86
C VAL X 81 6.64 32.13 77.17
N GLN X 82 6.32 33.21 76.46
CA GLN X 82 7.07 34.49 76.66
C GLN X 82 6.11 35.57 77.15
N VAL X 83 6.63 36.70 77.59
CA VAL X 83 5.80 37.84 78.08
C VAL X 83 5.02 38.38 76.90
N GLU X 84 5.61 38.42 75.71
CA GLU X 84 4.93 38.98 74.51
C GLU X 84 3.68 38.15 74.20
N ASP X 85 3.81 36.82 74.23
CA ASP X 85 2.66 35.91 73.96
C ASP X 85 1.60 36.15 75.03
N ILE X 86 2.02 36.26 76.29
CA ILE X 86 1.03 36.43 77.37
C ILE X 86 0.27 37.75 77.14
N VAL X 87 0.99 38.80 76.74
CA VAL X 87 0.38 40.14 76.48
C VAL X 87 -0.60 40.06 75.31
N PHE X 88 -0.25 39.37 74.22
CA PHE X 88 -1.24 39.25 73.12
C PHE X 88 -2.47 38.52 73.65
N LEU X 89 -2.28 37.45 74.43
CA LEU X 89 -3.45 36.67 74.90
C LEU X 89 -4.34 37.57 75.76
N ILE X 90 -3.76 38.43 76.61
CA ILE X 90 -4.61 39.20 77.56
C ILE X 90 -5.05 40.54 76.96
N ARG X 91 -4.70 40.84 75.70
CA ARG X 91 -4.99 42.16 75.09
C ARG X 91 -6.48 42.52 75.14
N LYS X 92 -7.37 41.56 74.88
CA LYS X 92 -8.82 41.88 74.82
C LYS X 92 -9.35 42.37 76.17
N ASP X 93 -8.94 41.77 77.28
CA ASP X 93 -9.54 42.12 78.60
C ASP X 93 -8.82 43.35 79.16
N PRO X 94 -9.49 44.50 79.37
CA PRO X 94 -8.81 45.72 79.81
C PRO X 94 -8.16 45.68 81.19
N ARG X 95 -8.86 45.13 82.19
CA ARG X 95 -8.34 45.16 83.58
C ARG X 95 -7.03 44.37 83.69
N LYS X 96 -6.97 43.21 83.05
CA LYS X 96 -5.77 42.34 83.18
C LYS X 96 -4.61 42.94 82.38
N PHE X 97 -4.89 43.50 81.20
CA PHE X 97 -3.83 44.07 80.31
C PHE X 97 -3.16 45.24 81.04
N ALA X 98 -3.99 46.08 81.67
CA ALA X 98 -3.45 47.27 82.38
C ALA X 98 -2.52 46.79 83.49
N ARG X 99 -2.94 45.78 84.25
CA ARG X 99 -2.11 45.29 85.37
C ARG X 99 -0.79 44.75 84.81
N VAL X 100 -0.82 43.98 83.72
CA VAL X 100 0.46 43.41 83.23
C VAL X 100 1.37 44.59 82.86
N LYS X 101 0.83 45.57 82.14
CA LYS X 101 1.72 46.67 81.69
C LYS X 101 2.29 47.38 82.92
N ASP X 102 1.45 47.66 83.91
CA ASP X 102 1.92 48.42 85.09
C ASP X 102 3.02 47.62 85.79
N LEU X 103 2.81 46.32 85.99
CA LEU X 103 3.82 45.52 86.72
C LEU X 103 5.12 45.55 85.93
N LEU X 104 5.07 45.35 84.61
CA LEU X 104 6.35 45.30 83.87
C LEU X 104 7.07 46.66 83.99
N THR X 105 6.32 47.76 83.84
CA THR X 105 6.97 49.09 83.86
C THR X 105 7.58 49.33 85.24
N MET X 106 6.85 48.97 86.30
CA MET X 106 7.34 49.20 87.68
C MET X 106 8.58 48.36 87.91
N ASN X 107 8.62 47.13 87.38
CA ASN X 107 9.79 46.23 87.54
C ASN X 107 11.00 46.89 86.87
N GLU X 108 10.79 47.42 85.66
CA GLU X 108 11.92 48.08 84.97
C GLU X 108 12.40 49.26 85.82
N GLU X 109 11.46 50.04 86.36
CA GLU X 109 11.83 51.23 87.18
C GLU X 109 12.61 50.81 88.42
N LEU X 110 12.19 49.75 89.09
CA LEU X 110 12.88 49.28 90.33
C LEU X 110 14.29 48.80 89.97
N LYS X 111 14.42 48.10 88.84
CA LYS X 111 15.77 47.64 88.40
C LYS X 111 16.64 48.89 88.17
N ARG X 112 16.08 49.92 87.53
CA ARG X 112 16.85 51.16 87.27
C ARG X 112 17.27 51.80 88.59
N ALA X 113 16.37 51.84 89.57
CA ALA X 113 16.67 52.44 90.90
C ALA X 113 17.79 51.66 91.57
N ARG X 114 17.75 50.33 91.49
CA ARG X 114 18.83 49.49 92.09
C ARG X 114 20.15 49.80 91.39
#